data_7MK5
#
_entry.id   7MK5
#
_cell.length_a   94.331
_cell.length_b   190.230
_cell.length_c   169.884
_cell.angle_alpha   90.000
_cell.angle_beta   93.612
_cell.angle_gamma   90.000
#
_symmetry.space_group_name_H-M   'P 1 21 1'
#
loop_
_entity.id
_entity.type
_entity.pdbx_description
1 polymer 'ATP-dependent Clp protease proteolytic subunit'
2 non-polymer (4S)-2-METHYL-2,4-PENTANEDIOL
3 non-polymer 'ACETATE ION'
4 non-polymer '4-[(1E)-3-{[(2E,4E,6E,8S)-8-hydroxy-4-methyldeca-2,4,6-trienoyl]amino}-3-oxoprop-1-en-1-yl]azete-1(2H)-carboxylic acid'
5 water water
#
_entity_poly.entity_id   1
_entity_poly.type   'polypeptide(L)'
_entity_poly.pdbx_seq_one_letter_code
;ALVPMVIEQTSRGERSFDIYSRLLKERVIFLTGQVEDHMANLIVAQMLFLEAENPEKDIYLYINSPGGVITAGMSIYDTM
QFIKPDVSTICMGQAASMGAFLLTAGAKGKRFCLPNSRVMIHQPLGGYQGQATDIEIHAREILKVKGRMNELMALHTGQS
LEQIERDTERDRFLSAPEAVEYGLVDSILTHRN
;
_entity_poly.pdbx_strand_id   A,B,C,D,E,F,G,H,I,J,K,L,M,N,O,P,Q,R,S,T,U,V,W,X,Y,Z,a,b
#
loop_
_chem_comp.id
_chem_comp.type
_chem_comp.name
_chem_comp.formula
ACT non-polymer 'ACETATE ION' 'C2 H3 O2 -1'
MPD non-polymer (4S)-2-METHYL-2,4-PENTANEDIOL 'C6 H14 O2'
ZGV non-polymer '4-[(1E)-3-{[(2E,4E,6E,8S)-8-hydroxy-4-methyldeca-2,4,6-trienoyl]amino}-3-oxoprop-1-en-1-yl]azete-1(2H)-carboxylic acid' 'C18 H22 N2 O5'
#
# COMPACT_ATOMS: atom_id res chain seq x y z
N LEU A 2 -2.84 52.88 21.71
CA LEU A 2 -2.93 52.01 22.87
C LEU A 2 -4.37 51.57 23.13
N VAL A 3 -5.08 51.22 22.06
CA VAL A 3 -6.42 50.66 22.15
C VAL A 3 -7.33 51.59 22.95
N PRO A 4 -7.78 52.71 22.37
CA PRO A 4 -8.66 53.61 23.12
C PRO A 4 -10.00 52.95 23.41
N MET A 5 -10.54 53.25 24.59
CA MET A 5 -11.79 52.70 25.08
C MET A 5 -12.89 53.75 25.03
N VAL A 6 -14.13 53.27 25.04
CA VAL A 6 -15.30 54.15 25.03
C VAL A 6 -16.24 53.77 26.17
N PHE A 17 -15.27 49.00 26.11
CA PHE A 17 -15.99 49.20 24.86
C PHE A 17 -15.07 49.03 23.65
N ASP A 18 -13.82 49.49 23.78
CA ASP A 18 -12.85 49.43 22.68
C ASP A 18 -13.32 50.29 21.52
N ILE A 19 -12.39 50.74 20.67
CA ILE A 19 -12.74 51.63 19.57
C ILE A 19 -13.05 50.85 18.30
N TYR A 20 -12.21 49.86 17.95
CA TYR A 20 -12.49 49.05 16.77
C TYR A 20 -13.80 48.28 16.92
N SER A 21 -14.19 47.96 18.16
CA SER A 21 -15.46 47.29 18.38
C SER A 21 -16.62 48.26 18.20
N ARG A 22 -16.43 49.54 18.53
CA ARG A 22 -17.48 50.52 18.33
C ARG A 22 -17.73 50.79 16.84
N LEU A 23 -16.65 50.82 16.03
CA LEU A 23 -16.82 51.01 14.60
C LEU A 23 -17.26 49.75 13.89
N LEU A 24 -17.06 48.58 14.50
CA LEU A 24 -17.58 47.35 13.91
C LEU A 24 -19.09 47.35 13.97
N LYS A 25 -19.67 47.87 15.06
CA LYS A 25 -21.11 48.00 15.14
C LYS A 25 -21.66 48.91 14.05
N GLU A 26 -20.84 49.81 13.51
CA GLU A 26 -21.20 50.66 12.39
C GLU A 26 -20.88 50.03 11.06
N ARG A 27 -20.50 48.74 11.05
CA ARG A 27 -20.22 47.99 9.82
C ARG A 27 -18.95 48.47 9.14
N VAL A 28 -17.91 48.73 9.92
CA VAL A 28 -16.62 49.19 9.41
C VAL A 28 -15.56 48.17 9.82
N ILE A 29 -14.87 47.61 8.83
CA ILE A 29 -13.77 46.67 9.06
C ILE A 29 -12.49 47.29 8.52
N PHE A 30 -11.39 47.06 9.22
CA PHE A 30 -10.08 47.61 8.87
C PHE A 30 -9.16 46.46 8.44
N LEU A 31 -8.63 46.57 7.22
CA LEU A 31 -7.59 45.67 6.73
C LEU A 31 -6.28 46.45 6.80
N THR A 32 -5.43 46.08 7.76
CA THR A 32 -4.24 46.85 8.08
C THR A 32 -2.99 45.99 8.08
N GLY A 33 -1.92 46.53 7.49
CA GLY A 33 -0.64 45.86 7.54
C GLY A 33 -0.49 44.76 6.51
N GLN A 34 0.33 43.77 6.85
CA GLN A 34 0.58 42.63 5.97
C GLN A 34 -0.58 41.66 6.07
N VAL A 35 -0.94 41.08 4.93
CA VAL A 35 -2.04 40.12 4.87
C VAL A 35 -1.50 38.71 5.14
N GLU A 36 -2.11 38.02 6.09
CA GLU A 36 -1.69 36.67 6.46
C GLU A 36 -2.88 35.95 7.06
N ASP A 37 -2.70 34.64 7.27
CA ASP A 37 -3.82 33.76 7.61
C ASP A 37 -4.62 34.27 8.81
N HIS A 38 -3.93 34.80 9.83
CA HIS A 38 -4.61 35.11 11.08
C HIS A 38 -5.33 36.45 11.03
N MET A 39 -4.65 37.51 10.56
CA MET A 39 -5.34 38.78 10.40
C MET A 39 -6.46 38.65 9.38
N ALA A 40 -6.29 37.79 8.38
CA ALA A 40 -7.33 37.60 7.37
C ALA A 40 -8.49 36.80 7.96
N ASN A 41 -8.20 35.78 8.76
CA ASN A 41 -9.27 35.04 9.42
C ASN A 41 -10.10 35.95 10.32
N LEU A 42 -9.43 36.90 10.97
CA LEU A 42 -10.16 37.86 11.81
C LEU A 42 -11.07 38.75 10.96
N ILE A 43 -10.62 39.13 9.76
CA ILE A 43 -11.48 39.91 8.87
C ILE A 43 -12.66 39.08 8.40
N VAL A 44 -12.42 37.80 8.07
CA VAL A 44 -13.50 36.93 7.64
C VAL A 44 -14.56 36.81 8.74
N ALA A 45 -14.12 36.68 9.99
CA ALA A 45 -15.06 36.55 11.09
C ALA A 45 -15.94 37.78 11.23
N GLN A 46 -15.35 38.97 11.06
CA GLN A 46 -16.14 40.19 11.18
C GLN A 46 -17.18 40.28 10.07
N MET A 47 -16.81 39.89 8.84
CA MET A 47 -17.77 39.93 7.74
C MET A 47 -18.92 38.97 7.98
N LEU A 48 -18.62 37.75 8.44
CA LEU A 48 -19.69 36.80 8.73
C LEU A 48 -20.57 37.32 9.87
N PHE A 49 -19.97 37.98 10.86
CA PHE A 49 -20.75 38.54 11.97
C PHE A 49 -21.69 39.63 11.49
N LEU A 50 -21.17 40.60 10.72
CA LEU A 50 -22.01 41.68 10.23
C LEU A 50 -23.15 41.16 9.37
N GLU A 51 -22.88 40.15 8.54
CA GLU A 51 -23.93 39.52 7.76
C GLU A 51 -25.03 39.00 8.67
N ALA A 52 -24.63 38.37 9.78
CA ALA A 52 -25.61 37.80 10.71
C ALA A 52 -26.47 38.90 11.33
N GLU A 53 -25.87 40.07 11.60
CA GLU A 53 -26.64 41.14 12.23
C GLU A 53 -27.67 41.74 11.27
N ASN A 54 -27.33 41.82 9.99
CA ASN A 54 -28.26 42.38 8.99
C ASN A 54 -27.74 42.10 7.58
N PRO A 55 -28.28 41.11 6.88
CA PRO A 55 -27.74 40.76 5.55
C PRO A 55 -28.02 41.78 4.46
N GLU A 56 -28.65 42.91 4.77
CA GLU A 56 -28.92 43.94 3.77
C GLU A 56 -27.89 45.07 3.80
N LYS A 57 -27.65 45.64 4.97
CA LYS A 57 -26.72 46.76 5.09
C LYS A 57 -25.36 46.40 4.51
N ASP A 58 -24.66 47.39 3.99
CA ASP A 58 -23.39 47.14 3.41
C ASP A 58 -22.30 47.13 4.42
N ILE A 59 -21.20 46.51 4.05
CA ILE A 59 -20.02 46.44 4.91
C ILE A 59 -18.94 47.31 4.28
N TYR A 60 -18.13 47.93 5.14
CA TYR A 60 -17.15 48.93 4.72
C TYR A 60 -15.76 48.46 5.14
N LEU A 61 -14.91 48.18 4.15
CA LEU A 61 -13.58 47.62 4.37
C LEU A 61 -12.52 48.64 3.97
N TYR A 62 -11.89 49.26 4.96
CA TYR A 62 -10.74 50.13 4.71
C TYR A 62 -9.49 49.29 4.49
N ILE A 63 -8.68 49.67 3.50
CA ILE A 63 -7.52 48.91 3.09
C ILE A 63 -6.30 49.80 3.13
N ASN A 64 -5.30 49.41 3.94
CA ASN A 64 -3.98 50.05 3.98
C ASN A 64 -2.96 48.92 4.20
N SER A 65 -2.45 48.36 3.10
CA SER A 65 -1.61 47.17 3.17
C SER A 65 -0.54 47.15 2.09
N PRO A 66 0.67 46.68 2.40
CA PRO A 66 1.71 46.53 1.36
C PRO A 66 1.73 45.17 0.68
N GLY A 67 0.77 44.30 0.95
CA GLY A 67 0.69 42.98 0.35
C GLY A 67 0.67 41.88 1.38
N GLY A 68 0.70 40.65 0.88
CA GLY A 68 0.72 39.50 1.76
C GLY A 68 0.45 38.22 0.99
N VAL A 69 0.12 37.17 1.74
CA VAL A 69 -0.06 35.86 1.14
C VAL A 69 -1.33 35.84 0.31
N ILE A 70 -1.30 35.10 -0.80
CA ILE A 70 -2.45 35.01 -1.70
C ILE A 70 -3.56 34.17 -1.08
N THR A 71 -3.23 32.97 -0.61
CA THR A 71 -4.27 32.13 -0.01
C THR A 71 -5.01 32.89 1.09
N ALA A 72 -4.26 33.58 1.96
CA ALA A 72 -4.90 34.37 3.01
C ALA A 72 -5.81 35.44 2.41
N GLY A 73 -5.35 36.13 1.37
CA GLY A 73 -6.19 37.14 0.75
C GLY A 73 -7.41 36.55 0.07
N MET A 74 -7.27 35.37 -0.54
CA MET A 74 -8.38 34.75 -1.22
C MET A 74 -9.44 34.22 -0.25
N SER A 75 -9.07 33.93 1.00
CA SER A 75 -10.09 33.61 1.99
C SER A 75 -10.99 34.81 2.24
N ILE A 76 -10.44 36.02 2.15
CA ILE A 76 -11.26 37.22 2.26
C ILE A 76 -12.08 37.42 1.00
N TYR A 77 -11.43 37.29 -0.16
CA TYR A 77 -12.12 37.51 -1.43
C TYR A 77 -13.35 36.63 -1.55
N ASP A 78 -13.19 35.33 -1.33
CA ASP A 78 -14.33 34.41 -1.45
C ASP A 78 -15.39 34.73 -0.41
N THR A 79 -15.00 35.22 0.76
CA THR A 79 -15.98 35.63 1.76
C THR A 79 -16.71 36.89 1.31
N MET A 80 -15.99 37.84 0.71
CA MET A 80 -16.62 39.05 0.21
C MET A 80 -17.71 38.74 -0.80
N GLN A 81 -17.45 37.81 -1.74
CA GLN A 81 -18.41 37.48 -2.77
C GLN A 81 -19.52 36.54 -2.27
N PHE A 82 -19.22 35.72 -1.27
CA PHE A 82 -20.18 34.71 -0.84
C PHE A 82 -21.30 35.33 0.00
N ILE A 83 -20.96 36.23 0.92
CA ILE A 83 -21.96 36.78 1.81
C ILE A 83 -22.93 37.67 1.04
N LYS A 84 -24.15 37.79 1.55
CA LYS A 84 -25.16 38.62 0.89
C LYS A 84 -24.80 40.10 0.85
N PRO A 85 -24.45 40.75 1.97
CA PRO A 85 -24.22 42.20 1.93
C PRO A 85 -23.09 42.58 0.99
N ASP A 86 -23.24 43.76 0.37
CA ASP A 86 -22.18 44.33 -0.43
C ASP A 86 -21.02 44.77 0.44
N VAL A 87 -19.80 44.51 -0.03
CA VAL A 87 -18.58 44.90 0.66
C VAL A 87 -18.00 46.09 -0.08
N SER A 88 -18.10 47.27 0.54
CA SER A 88 -17.50 48.48 0.00
C SER A 88 -16.05 48.57 0.46
N THR A 89 -15.16 48.91 -0.47
CA THR A 89 -13.72 48.99 -0.20
C THR A 89 -13.27 50.44 -0.31
N ILE A 90 -12.46 50.87 0.65
CA ILE A 90 -11.91 52.22 0.68
C ILE A 90 -10.40 52.09 0.86
N CYS A 91 -9.64 52.63 -0.09
CA CYS A 91 -8.19 52.59 -0.02
C CYS A 91 -7.68 53.91 0.56
N MET A 92 -6.97 53.83 1.68
CA MET A 92 -6.34 54.98 2.30
C MET A 92 -4.87 54.65 2.49
N GLY A 93 -4.00 55.59 2.12
CA GLY A 93 -2.57 55.35 2.20
C GLY A 93 -2.03 54.58 1.02
N GLN A 94 -2.08 53.26 1.08
CA GLN A 94 -1.63 52.43 -0.03
C GLN A 94 -2.39 51.11 -0.05
N ALA A 95 -2.42 50.50 -1.22
CA ALA A 95 -3.00 49.16 -1.40
C ALA A 95 -2.13 48.45 -2.44
N ALA A 96 -1.19 47.64 -1.98
CA ALA A 96 -0.27 46.97 -2.89
C ALA A 96 -0.59 45.48 -3.02
N SER A 97 -0.05 44.85 -4.07
CA SER A 97 -0.39 43.46 -4.43
C SER A 97 -1.75 42.90 -3.89
N MET A 98 -1.76 42.14 -2.80
CA MET A 98 -3.03 41.61 -2.30
C MET A 98 -3.98 42.69 -1.78
N GLY A 99 -3.45 43.80 -1.26
CA GLY A 99 -4.31 44.91 -0.89
C GLY A 99 -4.98 45.51 -2.11
N ALA A 100 -4.25 45.68 -3.20
CA ALA A 100 -4.81 46.24 -4.44
C ALA A 100 -5.87 45.37 -5.17
N PHE A 101 -5.94 44.08 -4.87
CA PHE A 101 -6.89 43.17 -5.49
C PHE A 101 -8.18 43.20 -4.69
N LEU A 102 -8.03 43.07 -3.37
CA LEU A 102 -9.17 43.17 -2.47
C LEU A 102 -9.81 44.52 -2.72
N LEU A 103 -8.99 45.55 -2.97
CA LEU A 103 -9.59 46.86 -3.24
C LEU A 103 -10.50 46.80 -4.45
N THR A 104 -10.01 46.23 -5.55
CA THR A 104 -10.79 46.16 -6.79
C THR A 104 -11.87 45.08 -6.74
N ALA A 105 -11.79 44.13 -5.81
CA ALA A 105 -12.81 43.10 -5.68
C ALA A 105 -14.05 43.60 -4.94
N GLY A 106 -14.05 44.84 -4.49
CA GLY A 106 -15.21 45.39 -3.79
C GLY A 106 -16.42 45.45 -4.69
N ALA A 107 -17.57 45.65 -4.06
CA ALA A 107 -18.83 45.72 -4.78
C ALA A 107 -18.76 46.79 -5.86
N LYS A 108 -19.15 46.42 -7.07
CA LYS A 108 -19.13 47.35 -8.20
C LYS A 108 -19.88 48.63 -7.84
N GLY A 109 -19.25 49.76 -8.09
CA GLY A 109 -19.81 51.06 -7.81
C GLY A 109 -19.53 51.58 -6.41
N LYS A 110 -18.92 50.77 -5.57
CA LYS A 110 -18.62 51.18 -4.22
C LYS A 110 -17.14 51.03 -3.85
N ARG A 111 -16.27 51.00 -4.84
CA ARG A 111 -14.82 50.92 -4.64
C ARG A 111 -14.25 52.32 -4.73
N PHE A 112 -13.43 52.70 -3.75
CA PHE A 112 -13.00 54.08 -3.64
C PHE A 112 -11.52 54.17 -3.29
N CYS A 113 -10.89 55.25 -3.77
CA CYS A 113 -9.57 55.66 -3.34
C CYS A 113 -9.66 57.04 -2.72
N LEU A 114 -8.80 57.31 -1.75
CA LEU A 114 -8.68 58.66 -1.24
C LEU A 114 -7.74 59.46 -2.14
N PRO A 115 -7.83 60.78 -2.12
CA PRO A 115 -7.17 61.58 -3.18
C PRO A 115 -5.69 61.27 -3.37
N ASN A 116 -4.96 61.03 -2.27
CA ASN A 116 -3.53 60.78 -2.33
C ASN A 116 -3.20 59.33 -2.01
N SER A 117 -4.15 58.43 -2.27
CA SER A 117 -3.89 57.00 -2.11
C SER A 117 -2.94 56.51 -3.20
N ARG A 118 -2.39 55.33 -2.97
CA ARG A 118 -1.46 54.70 -3.90
C ARG A 118 -1.85 53.24 -4.06
N VAL A 119 -1.85 52.77 -5.30
CA VAL A 119 -2.11 51.37 -5.61
C VAL A 119 -0.90 50.83 -6.36
N MET A 120 -0.43 49.65 -5.96
CA MET A 120 0.68 48.99 -6.62
C MET A 120 0.30 47.55 -6.93
N ILE A 121 0.60 47.12 -8.16
CA ILE A 121 0.29 45.77 -8.61
C ILE A 121 1.52 45.12 -9.21
N HIS A 122 1.61 43.80 -9.10
CA HIS A 122 2.66 43.02 -9.74
C HIS A 122 2.23 41.57 -9.79
N GLN A 123 3.05 40.74 -10.42
CA GLN A 123 2.77 39.32 -10.51
C GLN A 123 3.21 38.63 -9.22
N PRO A 124 2.82 37.37 -9.02
CA PRO A 124 3.13 36.68 -7.77
C PRO A 124 4.61 36.48 -7.55
N LEU A 125 4.98 36.38 -6.26
CA LEU A 125 6.32 35.99 -5.86
C LEU A 125 6.23 34.62 -5.20
N GLY A 126 7.33 33.89 -5.22
CA GLY A 126 7.33 32.58 -4.60
C GLY A 126 8.72 31.99 -4.57
N GLY A 127 8.78 30.73 -4.13
CA GLY A 127 10.05 30.04 -4.05
C GLY A 127 9.93 28.65 -3.47
N TYR A 128 10.86 27.77 -3.85
CA TYR A 128 10.85 26.40 -3.35
C TYR A 128 12.25 25.84 -3.48
N GLN A 129 12.60 24.95 -2.56
CA GLN A 129 13.84 24.18 -2.62
C GLN A 129 13.48 22.71 -2.61
N GLY A 130 14.20 21.91 -3.38
CA GLY A 130 14.01 20.48 -3.37
C GLY A 130 14.42 19.86 -4.69
N GLN A 131 13.96 18.65 -4.92
CA GLN A 131 14.25 17.88 -6.11
C GLN A 131 13.58 18.47 -7.32
N ALA A 132 14.18 18.30 -8.50
CA ALA A 132 13.66 18.88 -9.73
C ALA A 132 12.20 18.48 -9.95
N THR A 133 11.85 17.24 -9.64
CA THR A 133 10.46 16.80 -9.79
C THR A 133 9.52 17.66 -8.95
N ASP A 134 9.88 17.89 -7.69
CA ASP A 134 9.06 18.74 -6.83
C ASP A 134 9.05 20.17 -7.32
N ILE A 135 10.16 20.64 -7.88
CA ILE A 135 10.22 22.01 -8.39
C ILE A 135 9.22 22.21 -9.52
N GLU A 136 9.10 21.22 -10.40
CA GLU A 136 8.15 21.35 -11.51
C GLU A 136 6.72 21.45 -10.99
N ILE A 137 6.41 20.70 -9.94
CA ILE A 137 5.05 20.73 -9.38
C ILE A 137 4.72 22.13 -8.87
N HIS A 138 5.64 22.71 -8.09
CA HIS A 138 5.40 24.02 -7.50
C HIS A 138 5.54 25.14 -8.53
N ALA A 139 6.44 25.00 -9.49
CA ALA A 139 6.54 25.98 -10.56
C ALA A 139 5.27 25.97 -11.41
N ARG A 140 4.75 24.78 -11.72
CA ARG A 140 3.51 24.71 -12.48
C ARG A 140 2.35 25.32 -11.70
N GLU A 141 2.29 25.06 -10.39
CA GLU A 141 1.15 25.52 -9.60
C GLU A 141 1.14 27.05 -9.50
N ILE A 142 2.29 27.65 -9.24
CA ILE A 142 2.32 29.11 -9.10
C ILE A 142 1.95 29.79 -10.42
N LEU A 143 2.24 29.14 -11.54
CA LEU A 143 1.80 29.70 -12.82
C LEU A 143 0.29 29.57 -13.00
N LYS A 144 -0.32 28.52 -12.44
CA LYS A 144 -1.77 28.44 -12.43
C LYS A 144 -2.39 29.53 -11.56
N VAL A 145 -1.78 29.77 -10.39
CA VAL A 145 -2.27 30.85 -9.52
C VAL A 145 -2.17 32.18 -10.25
N LYS A 146 -1.01 32.47 -10.83
CA LYS A 146 -0.85 33.70 -11.60
C LYS A 146 -1.94 33.82 -12.65
N GLY A 147 -2.29 32.71 -13.29
CA GLY A 147 -3.33 32.76 -14.31
C GLY A 147 -4.68 33.15 -13.74
N ARG A 148 -5.11 32.48 -12.67
CA ARG A 148 -6.39 32.80 -12.07
C ARG A 148 -6.39 34.22 -11.51
N MET A 149 -5.26 34.69 -10.99
CA MET A 149 -5.20 36.04 -10.45
C MET A 149 -5.41 37.06 -11.57
N ASN A 150 -4.76 36.85 -12.72
CA ASN A 150 -4.96 37.75 -13.85
C ASN A 150 -6.40 37.65 -14.36
N GLU A 151 -6.98 36.44 -14.34
CA GLU A 151 -8.37 36.27 -14.75
C GLU A 151 -9.29 37.10 -13.86
N LEU A 152 -9.15 36.96 -12.54
CA LEU A 152 -9.99 37.69 -11.61
C LEU A 152 -9.73 39.20 -11.70
N MET A 153 -8.46 39.59 -11.82
CA MET A 153 -8.10 41.00 -11.96
C MET A 153 -8.75 41.61 -13.19
N ALA A 154 -8.71 40.90 -14.32
CA ALA A 154 -9.33 41.40 -15.53
C ALA A 154 -10.84 41.52 -15.38
N LEU A 155 -11.45 40.59 -14.65
CA LEU A 155 -12.91 40.57 -14.51
C LEU A 155 -13.40 41.78 -13.70
N HIS A 156 -12.74 42.08 -12.59
CA HIS A 156 -13.24 43.15 -11.72
C HIS A 156 -12.91 44.54 -12.22
N THR A 157 -11.81 44.68 -12.97
CA THR A 157 -11.40 46.00 -13.45
C THR A 157 -12.03 46.36 -14.79
N GLY A 158 -12.46 45.37 -15.57
CA GLY A 158 -12.91 45.61 -16.93
C GLY A 158 -11.80 45.60 -17.95
N GLN A 159 -10.56 45.51 -17.52
CA GLN A 159 -9.43 45.38 -18.43
C GLN A 159 -9.43 44.01 -19.08
N SER A 160 -8.68 43.89 -20.18
CA SER A 160 -8.47 42.60 -20.81
C SER A 160 -7.47 41.78 -20.02
N LEU A 161 -7.58 40.46 -20.14
CA LEU A 161 -6.60 39.59 -19.47
C LEU A 161 -5.19 39.87 -19.96
N GLU A 162 -5.04 40.11 -21.27
CA GLU A 162 -3.72 40.39 -21.81
C GLU A 162 -3.16 41.70 -21.25
N GLN A 163 -4.02 42.66 -20.94
CA GLN A 163 -3.55 43.95 -20.42
C GLN A 163 -3.06 43.80 -18.99
N ILE A 164 -3.84 43.12 -18.15
CA ILE A 164 -3.40 42.85 -16.78
C ILE A 164 -2.07 42.12 -16.79
N GLU A 165 -1.89 41.20 -17.72
CA GLU A 165 -0.62 40.47 -17.82
C GLU A 165 0.53 41.43 -18.10
N ARG A 166 0.39 42.27 -19.14
CA ARG A 166 1.47 43.17 -19.51
C ARG A 166 1.77 44.20 -18.43
N ASP A 167 0.81 44.48 -17.55
CA ASP A 167 0.99 45.52 -16.54
C ASP A 167 1.46 44.97 -15.19
N THR A 168 1.36 43.67 -14.97
CA THR A 168 1.81 43.07 -13.70
C THR A 168 3.13 42.31 -13.84
N GLU A 169 3.67 42.17 -15.05
CA GLU A 169 4.96 41.48 -15.19
C GLU A 169 6.03 42.14 -14.34
N ARG A 170 5.98 43.47 -14.23
CA ARG A 170 6.86 44.22 -13.35
C ARG A 170 6.00 45.20 -12.56
N ASP A 171 6.56 45.66 -11.44
CA ASP A 171 5.84 46.58 -10.56
C ASP A 171 5.21 47.72 -11.36
N ARG A 172 4.01 48.10 -10.95
CA ARG A 172 3.25 49.17 -11.60
C ARG A 172 2.52 49.96 -10.52
N PHE A 173 2.87 51.24 -10.39
CA PHE A 173 2.21 52.13 -9.44
C PHE A 173 1.11 52.91 -10.13
N LEU A 174 0.00 53.11 -9.43
CA LEU A 174 -1.13 53.88 -9.93
C LEU A 174 -1.56 54.89 -8.90
N SER A 175 -1.75 56.14 -9.33
CA SER A 175 -2.31 57.17 -8.47
C SER A 175 -3.82 56.98 -8.32
N ALA A 176 -4.40 57.76 -7.41
CA ALA A 176 -5.86 57.70 -7.22
C ALA A 176 -6.60 57.96 -8.52
N PRO A 177 -6.32 59.03 -9.27
CA PRO A 177 -7.00 59.19 -10.57
C PRO A 177 -6.62 58.12 -11.60
N GLU A 178 -5.37 57.65 -11.58
CA GLU A 178 -5.00 56.57 -12.50
C GLU A 178 -5.78 55.29 -12.20
N ALA A 179 -6.14 55.07 -10.94
CA ALA A 179 -6.85 53.85 -10.56
C ALA A 179 -8.30 53.85 -10.98
N VAL A 180 -8.93 55.02 -11.12
CA VAL A 180 -10.32 55.05 -11.56
C VAL A 180 -10.42 54.77 -13.06
N GLU A 181 -9.43 55.23 -13.84
CA GLU A 181 -9.44 54.97 -15.27
C GLU A 181 -9.11 53.51 -15.56
N TYR A 182 -8.03 53.00 -14.96
CA TYR A 182 -7.65 51.61 -15.13
C TYR A 182 -8.76 50.66 -14.75
N GLY A 183 -9.69 51.09 -13.89
CA GLY A 183 -10.81 50.27 -13.49
C GLY A 183 -10.70 49.63 -12.11
N LEU A 184 -9.63 49.90 -11.38
CA LEU A 184 -9.47 49.29 -10.06
C LEU A 184 -10.52 49.79 -9.09
N VAL A 185 -10.87 51.07 -9.16
CA VAL A 185 -11.81 51.69 -8.23
C VAL A 185 -12.76 52.56 -9.02
N ASP A 186 -13.89 52.92 -8.39
CA ASP A 186 -14.96 53.63 -9.09
C ASP A 186 -14.82 55.14 -9.03
N SER A 187 -14.45 55.71 -7.90
CA SER A 187 -14.31 57.15 -7.79
C SER A 187 -13.38 57.48 -6.63
N ILE A 188 -13.16 58.78 -6.40
CA ILE A 188 -12.30 59.27 -5.34
C ILE A 188 -13.15 60.07 -4.36
N LEU A 189 -13.04 59.74 -3.07
CA LEU A 189 -13.66 60.51 -2.01
C LEU A 189 -12.69 61.61 -1.57
N THR A 190 -13.04 62.86 -1.86
CA THR A 190 -12.23 64.00 -1.45
C THR A 190 -12.75 64.62 -0.16
N HIS A 191 -14.03 65.02 -0.14
CA HIS A 191 -14.68 65.54 1.05
C HIS A 191 -16.00 64.81 1.24
N ARG A 192 -16.44 64.71 2.49
CA ARG A 192 -17.64 63.94 2.81
C ARG A 192 -18.89 64.72 2.41
N ASN A 193 -19.78 64.05 1.67
CA ASN A 193 -21.06 64.64 1.28
C ASN A 193 -20.91 66.04 0.72
N VAL B 3 -6.13 40.92 20.49
CA VAL B 3 -6.69 41.98 19.68
C VAL B 3 -7.96 41.64 18.89
N PRO B 4 -8.58 40.47 19.14
CA PRO B 4 -9.91 40.24 18.56
C PRO B 4 -10.88 41.33 18.98
N MET B 5 -11.80 41.66 18.07
CA MET B 5 -12.75 42.72 18.31
C MET B 5 -13.87 42.23 19.22
N VAL B 6 -14.24 43.06 20.19
CA VAL B 6 -15.19 42.68 21.23
C VAL B 6 -16.60 43.13 20.82
N ILE B 7 -17.61 42.51 21.43
CA ILE B 7 -18.99 42.95 21.27
C ILE B 7 -19.66 42.98 22.64
N PHE B 17 -18.39 39.04 25.46
CA PHE B 17 -18.00 38.12 24.40
C PHE B 17 -16.86 38.70 23.58
N ASP B 18 -16.40 37.94 22.58
CA ASP B 18 -15.48 38.40 21.56
C ASP B 18 -16.05 37.98 20.21
N ILE B 19 -15.36 38.33 19.13
CA ILE B 19 -15.89 38.00 17.82
C ILE B 19 -15.95 36.49 17.61
N TYR B 20 -14.87 35.78 17.95
CA TYR B 20 -14.88 34.34 17.78
C TYR B 20 -15.89 33.65 18.69
N SER B 21 -16.18 34.23 19.85
CA SER B 21 -17.20 33.64 20.72
C SER B 21 -18.60 33.90 20.21
N ARG B 22 -18.87 35.14 19.77
CA ARG B 22 -20.18 35.43 19.17
C ARG B 22 -20.40 34.55 17.95
N LEU B 23 -19.34 34.20 17.24
CA LEU B 23 -19.46 33.26 16.15
C LEU B 23 -19.52 31.81 16.63
N LEU B 24 -19.10 31.54 17.87
CA LEU B 24 -19.24 30.20 18.43
C LEU B 24 -20.69 29.90 18.83
N LYS B 25 -21.42 30.92 19.30
CA LYS B 25 -22.84 30.78 19.58
C LYS B 25 -23.64 30.40 18.34
N GLU B 26 -23.03 30.47 17.15
CA GLU B 26 -23.64 30.00 15.92
C GLU B 26 -23.10 28.65 15.47
N ARG B 27 -22.33 27.97 16.32
CA ARG B 27 -21.76 26.66 16.00
C ARG B 27 -20.74 26.74 14.87
N VAL B 28 -19.90 27.78 14.89
CA VAL B 28 -18.86 27.98 13.90
C VAL B 28 -17.51 27.94 14.61
N ILE B 29 -16.63 27.03 14.17
CA ILE B 29 -15.29 26.89 14.72
C ILE B 29 -14.29 27.17 13.61
N PHE B 30 -13.17 27.78 13.98
CA PHE B 30 -12.15 28.21 13.04
C PHE B 30 -10.87 27.44 13.26
N LEU B 31 -10.42 26.73 12.23
CA LEU B 31 -9.12 26.05 12.23
C LEU B 31 -8.21 26.84 11.28
N THR B 32 -7.32 27.63 11.86
CA THR B 32 -6.48 28.56 11.12
C THR B 32 -5.04 28.38 11.54
N GLY B 33 -4.13 28.45 10.56
CA GLY B 33 -2.72 28.34 10.84
C GLY B 33 -2.26 26.90 10.97
N GLN B 34 -1.00 26.74 11.34
CA GLN B 34 -0.41 25.40 11.44
C GLN B 34 -1.10 24.60 12.53
N VAL B 35 -1.28 23.31 12.26
CA VAL B 35 -1.94 22.42 13.21
C VAL B 35 -0.91 21.92 14.22
N GLU B 36 -1.25 22.01 15.50
CA GLU B 36 -0.36 21.58 16.57
C GLU B 36 -1.21 21.27 17.80
N ASP B 37 -0.56 20.69 18.81
CA ASP B 37 -1.28 20.14 19.95
C ASP B 37 -2.22 21.16 20.59
N HIS B 38 -1.76 22.41 20.73
CA HIS B 38 -2.52 23.38 21.51
C HIS B 38 -3.69 23.97 20.73
N MET B 39 -3.44 24.45 19.50
CA MET B 39 -4.55 24.98 18.71
C MET B 39 -5.58 23.91 18.41
N ALA B 40 -5.14 22.65 18.27
CA ALA B 40 -6.08 21.56 18.04
C ALA B 40 -6.89 21.28 19.30
N ASN B 41 -6.25 21.30 20.46
CA ASN B 41 -6.96 21.03 21.70
C ASN B 41 -8.11 22.01 21.92
N LEU B 42 -7.90 23.30 21.58
CA LEU B 42 -8.98 24.28 21.72
C LEU B 42 -10.13 23.91 20.80
N ILE B 43 -9.83 23.43 19.58
CA ILE B 43 -10.90 23.03 18.67
C ILE B 43 -11.68 21.87 19.27
N VAL B 44 -10.98 20.90 19.87
CA VAL B 44 -11.67 19.79 20.53
C VAL B 44 -12.56 20.32 21.63
N ALA B 45 -12.05 21.26 22.45
CA ALA B 45 -12.88 21.82 23.51
C ALA B 45 -14.13 22.48 22.94
N GLN B 46 -13.99 23.21 21.84
CA GLN B 46 -15.15 23.88 21.25
C GLN B 46 -16.17 22.86 20.75
N MET B 47 -15.71 21.78 20.13
CA MET B 47 -16.63 20.76 19.63
C MET B 47 -17.37 20.08 20.78
N LEU B 48 -16.65 19.74 21.85
CA LEU B 48 -17.29 19.13 23.00
C LEU B 48 -18.29 20.07 23.64
N PHE B 49 -17.99 21.37 23.66
CA PHE B 49 -18.91 22.35 24.23
C PHE B 49 -20.18 22.46 23.40
N LEU B 50 -20.04 22.57 22.07
CA LEU B 50 -21.21 22.71 21.22
C LEU B 50 -22.08 21.47 21.27
N GLU B 51 -21.48 20.28 21.38
CA GLU B 51 -22.26 19.07 21.54
C GLU B 51 -23.12 19.16 22.79
N ALA B 52 -22.57 19.69 23.89
CA ALA B 52 -23.33 19.80 25.12
C ALA B 52 -24.47 20.79 24.99
N GLU B 53 -24.25 21.89 24.26
CA GLU B 53 -25.31 22.87 24.07
C GLU B 53 -26.46 22.30 23.25
N ASN B 54 -26.15 21.48 22.24
CA ASN B 54 -27.16 20.88 21.39
C ASN B 54 -26.55 19.75 20.60
N PRO B 55 -26.81 18.48 20.97
CA PRO B 55 -26.19 17.36 20.25
C PRO B 55 -26.76 17.14 18.85
N GLU B 56 -27.82 17.85 18.47
CA GLU B 56 -28.53 17.59 17.22
C GLU B 56 -28.20 18.57 16.12
N LYS B 57 -27.86 19.82 16.46
CA LYS B 57 -27.56 20.82 15.44
C LYS B 57 -26.14 20.64 14.93
N ASP B 58 -25.95 20.88 13.63
CA ASP B 58 -24.66 20.67 13.00
C ASP B 58 -23.64 21.70 13.51
N ILE B 59 -22.37 21.35 13.31
CA ILE B 59 -21.24 22.23 13.62
C ILE B 59 -20.50 22.52 12.31
N TYR B 60 -20.01 23.76 12.18
CA TYR B 60 -19.34 24.22 10.97
C TYR B 60 -17.89 24.55 11.29
N LEU B 61 -16.97 23.91 10.57
CA LEU B 61 -15.53 24.05 10.80
C LEU B 61 -14.89 24.66 9.56
N TYR B 62 -14.50 25.93 9.67
CA TYR B 62 -13.72 26.58 8.62
C TYR B 62 -12.24 26.18 8.72
N ILE B 63 -11.63 25.92 7.56
CA ILE B 63 -10.27 25.40 7.50
C ILE B 63 -9.45 26.27 6.56
N ASN B 64 -8.40 26.89 7.10
CA ASN B 64 -7.40 27.61 6.30
C ASN B 64 -6.04 27.29 6.96
N SER B 65 -5.38 26.24 6.47
CA SER B 65 -4.17 25.75 7.10
C SER B 65 -3.18 25.18 6.09
N PRO B 66 -1.89 25.44 6.26
CA PRO B 66 -0.88 24.84 5.38
C PRO B 66 -0.33 23.50 5.88
N GLY B 67 -0.88 22.94 6.94
CA GLY B 67 -0.46 21.65 7.46
C GLY B 67 -0.08 21.75 8.93
N GLY B 68 0.42 20.62 9.44
CA GLY B 68 0.84 20.57 10.83
C GLY B 68 1.10 19.14 11.27
N VAL B 69 1.08 18.94 12.58
CA VAL B 69 1.39 17.64 13.18
C VAL B 69 0.23 16.68 12.97
N ILE B 70 0.55 15.41 12.72
CA ILE B 70 -0.49 14.41 12.47
C ILE B 70 -1.23 14.09 13.77
N THR B 71 -0.48 13.76 14.83
CA THR B 71 -1.12 13.38 16.09
C THR B 71 -2.10 14.45 16.55
N ALA B 72 -1.69 15.72 16.48
CA ALA B 72 -2.59 16.80 16.86
C ALA B 72 -3.82 16.84 15.96
N GLY B 73 -3.64 16.67 14.66
CA GLY B 73 -4.77 16.68 13.75
C GLY B 73 -5.73 15.53 13.98
N MET B 74 -5.21 14.36 14.37
CA MET B 74 -6.06 13.20 14.58
C MET B 74 -6.90 13.34 15.85
N SER B 75 -6.44 14.13 16.82
CA SER B 75 -7.29 14.41 17.97
C SER B 75 -8.55 15.15 17.57
N ILE B 76 -8.47 15.97 16.52
CA ILE B 76 -9.67 16.62 15.98
C ILE B 76 -10.51 15.61 15.20
N TYR B 77 -9.85 14.81 14.36
CA TYR B 77 -10.57 13.81 13.57
C TYR B 77 -11.37 12.89 14.47
N ASP B 78 -10.72 12.33 15.50
CA ASP B 78 -11.43 11.43 16.41
C ASP B 78 -12.55 12.15 17.15
N THR B 79 -12.39 13.45 17.44
CA THR B 79 -13.45 14.18 18.10
C THR B 79 -14.63 14.42 17.16
N MET B 80 -14.37 14.78 15.90
CA MET B 80 -15.47 14.94 14.95
C MET B 80 -16.27 13.66 14.83
N GLN B 81 -15.60 12.51 14.76
CA GLN B 81 -16.31 11.24 14.62
C GLN B 81 -17.00 10.84 15.92
N PHE B 82 -16.50 11.34 17.06
CA PHE B 82 -17.02 10.91 18.36
C PHE B 82 -18.30 11.65 18.72
N ILE B 83 -18.37 12.95 18.46
CA ILE B 83 -19.54 13.73 18.84
C ILE B 83 -20.71 13.39 17.92
N LYS B 84 -21.91 13.47 18.47
CA LYS B 84 -23.12 13.17 17.69
C LYS B 84 -23.32 14.13 16.52
N PRO B 85 -23.28 15.45 16.73
CA PRO B 85 -23.62 16.36 15.62
C PRO B 85 -22.71 16.19 14.42
N ASP B 86 -23.28 16.39 13.24
CA ASP B 86 -22.50 16.41 12.01
C ASP B 86 -21.57 17.61 11.99
N VAL B 87 -20.37 17.41 11.49
CA VAL B 87 -19.35 18.44 11.39
C VAL B 87 -19.20 18.80 9.92
N SER B 88 -19.77 19.94 9.53
CA SER B 88 -19.58 20.45 8.17
C SER B 88 -18.27 21.21 8.09
N THR B 89 -17.48 20.92 7.05
CA THR B 89 -16.17 21.52 6.87
C THR B 89 -16.18 22.46 5.66
N ILE B 90 -15.63 23.65 5.84
CA ILE B 90 -15.54 24.66 4.78
C ILE B 90 -14.08 25.05 4.62
N CYS B 91 -13.55 24.90 3.42
CA CYS B 91 -12.17 25.28 3.12
C CYS B 91 -12.16 26.65 2.46
N MET B 92 -11.51 27.62 3.10
CA MET B 92 -11.32 28.94 2.54
C MET B 92 -9.83 29.24 2.50
N GLY B 93 -9.37 29.77 1.36
CA GLY B 93 -7.95 30.01 1.19
C GLY B 93 -7.23 28.77 0.73
N GLN B 94 -6.77 27.95 1.68
CA GLN B 94 -6.11 26.70 1.35
C GLN B 94 -6.34 25.70 2.48
N ALA B 95 -6.16 24.42 2.14
CA ALA B 95 -6.23 23.34 3.13
C ALA B 95 -5.21 22.29 2.69
N ALA B 96 -4.02 22.32 3.30
CA ALA B 96 -2.97 21.39 2.95
C ALA B 96 -2.72 20.37 4.07
N SER B 97 -1.76 19.47 3.86
CA SER B 97 -1.57 18.27 4.70
C SER B 97 -2.72 17.89 5.69
N MET B 98 -2.53 18.02 7.01
CA MET B 98 -3.56 17.59 7.94
C MET B 98 -4.82 18.44 7.83
N GLY B 99 -4.66 19.68 7.35
CA GLY B 99 -5.83 20.50 7.09
C GLY B 99 -6.69 19.93 5.98
N ALA B 100 -6.04 19.33 4.97
CA ALA B 100 -6.80 18.68 3.90
C ALA B 100 -7.44 17.39 4.39
N PHE B 101 -6.79 16.69 5.32
CA PHE B 101 -7.36 15.46 5.87
C PHE B 101 -8.63 15.76 6.65
N LEU B 102 -8.60 16.78 7.52
CA LEU B 102 -9.78 17.13 8.30
C LEU B 102 -10.87 17.72 7.41
N LEU B 103 -10.49 18.38 6.32
CA LEU B 103 -11.49 18.89 5.38
C LEU B 103 -12.38 17.77 4.87
N THR B 104 -11.77 16.66 4.43
CA THR B 104 -12.54 15.55 3.88
C THR B 104 -13.17 14.67 4.95
N ALA B 105 -12.76 14.79 6.21
CA ALA B 105 -13.35 14.01 7.28
C ALA B 105 -14.70 14.57 7.73
N GLY B 106 -15.15 15.66 7.13
CA GLY B 106 -16.44 16.23 7.46
C GLY B 106 -17.58 15.31 7.09
N ALA B 107 -18.75 15.65 7.61
CA ALA B 107 -19.96 14.84 7.36
C ALA B 107 -20.21 14.67 5.87
N LYS B 108 -20.56 13.45 5.48
CA LYS B 108 -20.95 13.17 4.10
C LYS B 108 -22.00 14.15 3.62
N GLY B 109 -21.72 14.81 2.50
CA GLY B 109 -22.66 15.73 1.90
C GLY B 109 -22.50 17.18 2.33
N LYS B 110 -21.64 17.45 3.31
CA LYS B 110 -21.55 18.79 3.91
C LYS B 110 -20.11 19.29 3.95
N ARG B 111 -19.26 18.83 3.04
CA ARG B 111 -17.90 19.33 2.89
C ARG B 111 -17.85 20.28 1.70
N PHE B 112 -17.23 21.43 1.89
CA PHE B 112 -17.32 22.50 0.89
C PHE B 112 -15.97 23.18 0.67
N CYS B 113 -15.81 23.70 -0.54
CA CYS B 113 -14.74 24.63 -0.89
C CYS B 113 -15.33 25.92 -1.42
N LEU B 114 -14.64 27.03 -1.17
CA LEU B 114 -14.99 28.29 -1.80
C LEU B 114 -14.39 28.34 -3.20
N PRO B 115 -14.92 29.22 -4.07
CA PRO B 115 -14.58 29.12 -5.50
C PRO B 115 -13.08 29.12 -5.77
N ASN B 116 -12.30 29.89 -5.03
CA ASN B 116 -10.86 30.00 -5.23
C ASN B 116 -10.07 29.36 -4.09
N SER B 117 -10.66 28.38 -3.42
CA SER B 117 -9.91 27.61 -2.44
C SER B 117 -8.90 26.70 -3.14
N ARG B 118 -7.93 26.21 -2.37
CA ARG B 118 -6.91 25.32 -2.89
C ARG B 118 -6.60 24.24 -1.88
N VAL B 119 -6.48 23.00 -2.36
CA VAL B 119 -6.19 21.85 -1.51
C VAL B 119 -4.89 21.21 -2.00
N MET B 120 -4.05 20.81 -1.05
CA MET B 120 -2.78 20.16 -1.36
C MET B 120 -2.65 18.91 -0.50
N ILE B 121 -2.29 17.79 -1.14
CA ILE B 121 -2.11 16.51 -0.46
C ILE B 121 -0.70 16.02 -0.71
N HIS B 122 -0.16 15.30 0.27
CA HIS B 122 1.15 14.68 0.14
C HIS B 122 1.31 13.69 1.28
N GLN B 123 2.33 12.85 1.19
CA GLN B 123 2.56 11.82 2.18
C GLN B 123 3.14 12.44 3.45
N PRO B 124 3.17 11.70 4.55
CA PRO B 124 3.69 12.25 5.80
C PRO B 124 5.17 12.58 5.72
N LEU B 125 5.58 13.52 6.56
CA LEU B 125 6.99 13.87 6.73
C LEU B 125 7.40 13.55 8.16
N GLY B 126 8.69 13.35 8.38
CA GLY B 126 9.16 13.05 9.72
C GLY B 126 10.67 13.02 9.79
N GLY B 127 11.16 12.54 10.93
CA GLY B 127 12.59 12.43 11.14
C GLY B 127 12.95 11.92 12.52
N TYR B 128 14.12 11.28 12.63
CA TYR B 128 14.59 10.77 13.92
C TYR B 128 16.11 10.65 13.86
N GLN B 129 16.73 10.83 15.03
CA GLN B 129 18.15 10.62 15.22
C GLN B 129 18.36 9.64 16.36
N GLY B 130 19.31 8.73 16.18
CA GLY B 130 19.65 7.81 17.25
C GLY B 130 20.27 6.54 16.70
N GLN B 131 20.28 5.51 17.54
CA GLN B 131 20.86 4.23 17.19
C GLN B 131 20.09 3.57 16.05
N ALA B 132 20.80 2.76 15.27
CA ALA B 132 20.17 2.07 14.15
C ALA B 132 18.96 1.27 14.59
N THR B 133 19.04 0.64 15.77
CA THR B 133 17.88 -0.09 16.29
C THR B 133 16.71 0.84 16.52
N ASP B 134 16.95 1.99 17.17
CA ASP B 134 15.89 2.97 17.37
C ASP B 134 15.41 3.52 16.03
N ILE B 135 16.31 3.67 15.07
CA ILE B 135 15.92 4.16 13.75
C ILE B 135 14.90 3.21 13.11
N GLU B 136 15.16 1.91 13.19
CA GLU B 136 14.22 0.94 12.63
C GLU B 136 12.86 1.04 13.29
N ILE B 137 12.83 1.31 14.60
CA ILE B 137 11.57 1.39 15.32
C ILE B 137 10.75 2.57 14.81
N HIS B 138 11.37 3.74 14.71
CA HIS B 138 10.64 4.93 14.30
C HIS B 138 10.31 4.95 12.81
N ALA B 139 11.19 4.40 11.98
CA ALA B 139 10.88 4.30 10.56
C ALA B 139 9.70 3.36 10.33
N ARG B 140 9.63 2.27 11.08
CA ARG B 140 8.48 1.38 10.96
C ARG B 140 7.20 2.07 11.38
N GLU B 141 7.28 3.01 12.32
CA GLU B 141 6.08 3.65 12.84
C GLU B 141 5.54 4.70 11.86
N ILE B 142 6.42 5.52 11.31
CA ILE B 142 5.96 6.54 10.37
C ILE B 142 5.35 5.88 9.14
N LEU B 143 5.82 4.68 8.79
CA LEU B 143 5.23 3.96 7.67
C LEU B 143 3.85 3.41 8.03
N LYS B 144 3.67 2.94 9.26
CA LYS B 144 2.34 2.54 9.70
C LYS B 144 1.39 3.73 9.64
N VAL B 145 1.84 4.88 10.13
CA VAL B 145 1.02 6.09 10.06
C VAL B 145 0.69 6.42 8.61
N LYS B 146 1.71 6.39 7.74
CA LYS B 146 1.45 6.62 6.32
C LYS B 146 0.40 5.65 5.80
N GLY B 147 0.47 4.39 6.21
CA GLY B 147 -0.51 3.42 5.77
C GLY B 147 -1.90 3.74 6.27
N ARG B 148 -2.02 4.07 7.55
CA ARG B 148 -3.33 4.35 8.12
C ARG B 148 -3.93 5.63 7.54
N MET B 149 -3.11 6.68 7.40
CA MET B 149 -3.60 7.92 6.80
C MET B 149 -4.07 7.69 5.37
N ASN B 150 -3.31 6.90 4.59
CA ASN B 150 -3.74 6.59 3.23
C ASN B 150 -5.05 5.83 3.24
N GLU B 151 -5.20 4.90 4.19
CA GLU B 151 -6.43 4.12 4.28
C GLU B 151 -7.63 5.01 4.56
N LEU B 152 -7.52 5.90 5.55
CA LEU B 152 -8.63 6.80 5.87
C LEU B 152 -8.92 7.75 4.72
N MET B 153 -7.89 8.20 4.01
CA MET B 153 -8.12 9.06 2.86
C MET B 153 -8.90 8.34 1.76
N ALA B 154 -8.49 7.11 1.45
CA ALA B 154 -9.24 6.33 0.47
C ALA B 154 -10.69 6.17 0.92
N LEU B 155 -10.91 6.11 2.22
CA LEU B 155 -12.25 5.87 2.73
C LEU B 155 -13.15 7.08 2.44
N HIS B 156 -12.68 8.28 2.77
CA HIS B 156 -13.53 9.47 2.70
C HIS B 156 -13.66 10.02 1.29
N THR B 157 -12.71 9.74 0.40
CA THR B 157 -12.75 10.23 -0.96
C THR B 157 -13.42 9.25 -1.91
N GLY B 158 -13.54 7.99 -1.54
CA GLY B 158 -14.03 6.97 -2.45
C GLY B 158 -12.99 6.43 -3.41
N GLN B 159 -11.79 7.02 -3.42
CA GLN B 159 -10.71 6.54 -4.25
C GLN B 159 -10.14 5.24 -3.70
N SER B 160 -9.46 4.49 -4.58
CA SER B 160 -8.79 3.28 -4.14
C SER B 160 -7.58 3.63 -3.30
N LEU B 161 -7.14 2.66 -2.48
CA LEU B 161 -5.93 2.88 -1.69
C LEU B 161 -4.72 3.09 -2.60
N GLU B 162 -4.60 2.29 -3.67
CA GLU B 162 -3.50 2.47 -4.60
C GLU B 162 -3.47 3.90 -5.14
N GLN B 163 -4.64 4.45 -5.49
CA GLN B 163 -4.68 5.79 -6.04
C GLN B 163 -4.24 6.82 -5.01
N ILE B 164 -4.71 6.71 -3.77
CA ILE B 164 -4.26 7.62 -2.72
C ILE B 164 -2.75 7.52 -2.56
N GLU B 165 -2.22 6.29 -2.59
CA GLU B 165 -0.79 6.10 -2.47
C GLU B 165 -0.05 6.74 -3.63
N ARG B 166 -0.58 6.59 -4.85
CA ARG B 166 0.13 7.01 -6.05
C ARG B 166 0.06 8.52 -6.27
N ASP B 167 -0.97 9.19 -5.74
CA ASP B 167 -1.11 10.63 -5.91
C ASP B 167 -0.49 11.42 -4.76
N THR B 168 -0.22 10.77 -3.63
CA THR B 168 0.33 11.46 -2.46
C THR B 168 1.82 11.26 -2.28
N GLU B 169 2.45 10.40 -3.10
CA GLU B 169 3.90 10.22 -3.00
C GLU B 169 4.64 11.55 -3.14
N ARG B 170 4.07 12.45 -3.89
CA ARG B 170 4.64 13.77 -4.06
C ARG B 170 3.55 14.80 -3.92
N ASP B 171 3.92 16.03 -3.62
CA ASP B 171 2.96 17.12 -3.46
C ASP B 171 2.06 17.21 -4.68
N ARG B 172 0.75 17.32 -4.45
CA ARG B 172 -0.20 17.54 -5.51
C ARG B 172 -1.21 18.59 -5.08
N PHE B 173 -1.51 19.52 -5.99
CA PHE B 173 -2.44 20.61 -5.73
C PHE B 173 -3.76 20.34 -6.46
N LEU B 174 -4.87 20.68 -5.79
CA LEU B 174 -6.20 20.53 -6.35
C LEU B 174 -6.94 21.86 -6.24
N SER B 175 -7.50 22.32 -7.35
CA SER B 175 -8.38 23.48 -7.30
C SER B 175 -9.71 23.08 -6.67
N ALA B 176 -10.54 24.08 -6.40
CA ALA B 176 -11.87 23.79 -5.84
C ALA B 176 -12.65 22.83 -6.71
N PRO B 177 -12.81 23.05 -8.03
CA PRO B 177 -13.51 22.06 -8.84
C PRO B 177 -12.81 20.71 -8.89
N GLU B 178 -11.49 20.70 -8.93
CA GLU B 178 -10.76 19.43 -8.93
C GLU B 178 -10.99 18.66 -7.64
N ALA B 179 -11.15 19.37 -6.52
CA ALA B 179 -11.38 18.70 -5.24
C ALA B 179 -12.74 18.00 -5.21
N VAL B 180 -13.69 18.47 -6.01
CA VAL B 180 -14.97 17.78 -6.10
C VAL B 180 -14.81 16.45 -6.83
N GLU B 181 -14.30 16.49 -8.06
CA GLU B 181 -14.17 15.26 -8.84
C GLU B 181 -13.15 14.29 -8.27
N TYR B 182 -12.42 14.68 -7.23
CA TYR B 182 -11.52 13.78 -6.53
C TYR B 182 -12.15 13.16 -5.28
N GLY B 183 -13.14 13.83 -4.69
CA GLY B 183 -13.83 13.32 -3.53
C GLY B 183 -13.45 14.01 -2.24
N LEU B 184 -12.52 14.97 -2.31
CA LEU B 184 -12.10 15.70 -1.11
C LEU B 184 -13.25 16.50 -0.53
N VAL B 185 -14.07 17.09 -1.41
CA VAL B 185 -15.19 17.94 -1.01
C VAL B 185 -16.40 17.53 -1.85
N ASP B 186 -17.59 17.88 -1.35
CA ASP B 186 -18.83 17.47 -1.96
C ASP B 186 -19.35 18.49 -2.97
N SER B 187 -19.22 19.77 -2.67
CA SER B 187 -19.69 20.82 -3.58
C SER B 187 -18.91 22.09 -3.28
N ILE B 188 -19.18 23.13 -4.08
CA ILE B 188 -18.52 24.43 -3.94
C ILE B 188 -19.55 25.45 -3.50
N LEU B 189 -19.20 26.22 -2.47
CA LEU B 189 -19.99 27.34 -2.00
C LEU B 189 -19.62 28.57 -2.83
N THR B 190 -20.59 29.14 -3.54
CA THR B 190 -20.36 30.34 -4.33
C THR B 190 -21.06 31.56 -3.71
N HIS B 191 -22.38 31.64 -3.81
CA HIS B 191 -23.13 32.75 -3.23
C HIS B 191 -24.16 32.20 -2.24
N ARG B 192 -24.43 32.97 -1.20
CA ARG B 192 -25.33 32.54 -0.14
C ARG B 192 -26.78 32.73 -0.58
N VAL C 3 -8.48 31.13 23.19
CA VAL C 3 -9.18 31.57 24.38
C VAL C 3 -10.49 32.27 24.02
N PRO C 4 -11.52 31.50 23.63
CA PRO C 4 -12.81 32.11 23.29
C PRO C 4 -13.45 32.77 24.52
N MET C 5 -13.19 34.06 24.67
CA MET C 5 -13.58 34.79 25.86
C MET C 5 -15.10 34.87 25.98
N VAL C 6 -15.56 35.15 27.21
CA VAL C 6 -16.98 35.25 27.51
C VAL C 6 -17.22 36.49 28.37
N PHE C 17 -12.85 34.64 31.07
CA PHE C 17 -13.53 33.35 31.20
C PHE C 17 -13.56 32.63 29.85
N ASP C 18 -12.48 31.89 29.56
CA ASP C 18 -12.33 31.23 28.27
C ASP C 18 -13.18 29.97 28.18
N ILE C 19 -12.86 29.10 27.23
CA ILE C 19 -13.64 27.90 26.99
C ILE C 19 -13.20 26.77 27.91
N TYR C 20 -11.90 26.66 28.16
CA TYR C 20 -11.41 25.66 29.09
C TYR C 20 -12.04 25.82 30.47
N SER C 21 -12.42 27.04 30.82
CA SER C 21 -13.10 27.27 32.10
C SER C 21 -14.54 26.78 32.04
N ARG C 22 -15.21 26.99 30.90
CA ARG C 22 -16.56 26.45 30.73
C ARG C 22 -16.59 24.95 30.95
N LEU C 23 -15.63 24.22 30.35
CA LEU C 23 -15.59 22.77 30.49
C LEU C 23 -15.06 22.31 31.84
N LEU C 24 -14.37 23.18 32.59
CA LEU C 24 -14.00 22.81 33.95
C LEU C 24 -15.24 22.72 34.83
N LYS C 25 -16.24 23.56 34.57
CA LYS C 25 -17.53 23.46 35.26
C LYS C 25 -18.23 22.14 34.95
N GLU C 26 -17.76 21.40 33.94
CA GLU C 26 -18.28 20.07 33.64
C GLU C 26 -17.31 18.97 34.07
N ARG C 27 -16.27 19.31 34.86
CA ARG C 27 -15.33 18.34 35.39
C ARG C 27 -14.47 17.71 34.31
N VAL C 28 -14.00 18.53 33.36
CA VAL C 28 -13.14 18.07 32.28
C VAL C 28 -11.85 18.89 32.33
N ILE C 29 -10.72 18.20 32.46
CA ILE C 29 -9.41 18.81 32.48
C ILE C 29 -8.64 18.31 31.27
N PHE C 30 -7.84 19.21 30.66
CA PHE C 30 -7.07 18.90 29.46
C PHE C 30 -5.59 18.90 29.82
N LEU C 31 -4.93 17.76 29.56
CA LEU C 31 -3.49 17.63 29.70
C LEU C 31 -2.87 17.64 28.31
N THR C 32 -2.23 18.74 27.94
CA THR C 32 -1.76 18.95 26.58
C THR C 32 -0.29 19.39 26.58
N GLY C 33 0.48 18.82 25.65
CA GLY C 33 1.86 19.24 25.47
C GLY C 33 2.79 18.59 26.48
N GLN C 34 4.02 19.11 26.50
CA GLN C 34 5.01 18.61 27.45
C GLN C 34 4.52 18.81 28.88
N VAL C 35 4.75 17.81 29.71
CA VAL C 35 4.37 17.88 31.12
C VAL C 35 5.56 18.43 31.90
N GLU C 36 5.30 19.44 32.73
CA GLU C 36 6.34 20.07 33.52
C GLU C 36 5.71 20.64 34.78
N ASP C 37 6.56 21.07 35.71
CA ASP C 37 6.10 21.39 37.06
C ASP C 37 4.92 22.36 37.05
N HIS C 38 4.93 23.33 36.14
CA HIS C 38 3.92 24.39 36.21
C HIS C 38 2.59 23.95 35.60
N MET C 39 2.61 23.38 34.40
CA MET C 39 1.37 22.87 33.84
C MET C 39 0.83 21.72 34.67
N ALA C 40 1.71 20.94 35.30
CA ALA C 40 1.25 19.83 36.13
C ALA C 40 0.63 20.33 37.43
N ASN C 41 1.27 21.31 38.06
CA ASN C 41 0.69 21.92 39.26
C ASN C 41 -0.67 22.52 38.94
N LEU C 42 -0.83 23.07 37.74
CA LEU C 42 -2.11 23.61 37.32
C LEU C 42 -3.17 22.51 37.21
N ILE C 43 -2.77 21.31 36.75
CA ILE C 43 -3.69 20.18 36.69
C ILE C 43 -4.05 19.72 38.10
N VAL C 44 -3.07 19.68 39.01
CA VAL C 44 -3.34 19.27 40.38
C VAL C 44 -4.35 20.22 41.02
N ALA C 45 -4.18 21.52 40.79
CA ALA C 45 -5.09 22.49 41.39
C ALA C 45 -6.51 22.28 40.88
N GLN C 46 -6.66 21.97 39.59
CA GLN C 46 -8.00 21.73 39.05
C GLN C 46 -8.61 20.48 39.66
N MET C 47 -7.82 19.42 39.81
CA MET C 47 -8.34 18.19 40.41
C MET C 47 -8.72 18.40 41.87
N LEU C 48 -7.90 19.13 42.63
CA LEU C 48 -8.26 19.44 44.01
C LEU C 48 -9.51 20.32 44.07
N PHE C 49 -9.66 21.24 43.13
CA PHE C 49 -10.85 22.09 43.10
C PHE C 49 -12.10 21.28 42.82
N LEU C 50 -12.08 20.44 41.80
CA LEU C 50 -13.25 19.65 41.44
C LEU C 50 -13.66 18.74 42.60
N GLU C 51 -12.67 18.16 43.30
CA GLU C 51 -13.00 17.35 44.47
C GLU C 51 -13.79 18.15 45.49
N ALA C 52 -13.38 19.39 45.75
CA ALA C 52 -14.06 20.20 46.75
C ALA C 52 -15.51 20.49 46.36
N GLU C 53 -15.77 20.69 45.06
CA GLU C 53 -17.13 20.99 44.65
C GLU C 53 -18.03 19.76 44.74
N ASN C 54 -17.50 18.57 44.51
CA ASN C 54 -18.28 17.35 44.58
C ASN C 54 -17.36 16.13 44.58
N PRO C 55 -17.08 15.55 45.75
CA PRO C 55 -16.12 14.43 45.81
C PRO C 55 -16.65 13.11 45.26
N GLU C 56 -17.90 13.05 44.79
CA GLU C 56 -18.46 11.79 44.31
C GLU C 56 -18.51 11.69 42.78
N LYS C 57 -18.60 12.81 42.06
CA LYS C 57 -18.66 12.77 40.61
C LYS C 57 -17.28 12.55 40.01
N ASP C 58 -17.23 11.73 38.96
CA ASP C 58 -15.97 11.43 38.31
C ASP C 58 -15.36 12.69 37.67
N ILE C 59 -14.04 12.65 37.50
CA ILE C 59 -13.30 13.68 36.79
C ILE C 59 -12.79 13.08 35.48
N TYR C 60 -12.71 13.92 34.45
CA TYR C 60 -12.40 13.51 33.09
C TYR C 60 -11.14 14.23 32.64
N LEU C 61 -10.06 13.49 32.44
CA LEU C 61 -8.75 14.03 32.09
C LEU C 61 -8.38 13.58 30.68
N TYR C 62 -8.49 14.50 29.73
CA TYR C 62 -8.02 14.25 28.37
C TYR C 62 -6.50 14.41 28.30
N ILE C 63 -5.85 13.52 27.58
CA ILE C 63 -4.40 13.46 27.53
C ILE C 63 -3.96 13.48 26.07
N ASN C 64 -3.17 14.50 25.70
CA ASN C 64 -2.51 14.60 24.39
C ASN C 64 -1.14 15.21 24.67
N SER C 65 -0.15 14.35 24.90
CA SER C 65 1.17 14.80 25.33
C SER C 65 2.27 13.94 24.75
N PRO C 66 3.40 14.54 24.36
CA PRO C 66 4.56 13.76 23.90
C PRO C 66 5.54 13.38 25.00
N GLY C 67 5.23 13.63 26.26
CA GLY C 67 6.11 13.30 27.37
C GLY C 67 6.44 14.52 28.20
N GLY C 68 7.31 14.32 29.18
CA GLY C 68 7.74 15.42 30.02
C GLY C 68 8.50 14.92 31.24
N VAL C 69 8.63 15.81 32.22
CA VAL C 69 9.44 15.53 33.40
C VAL C 69 8.75 14.47 34.25
N ILE C 70 9.54 13.61 34.88
CA ILE C 70 8.98 12.54 35.70
C ILE C 70 8.37 13.12 36.96
N THR C 71 9.11 13.95 37.68
CA THR C 71 8.62 14.55 38.91
C THR C 71 7.30 15.28 38.68
N ALA C 72 7.23 16.08 37.62
CA ALA C 72 6.00 16.79 37.31
C ALA C 72 4.84 15.84 37.06
N GLY C 73 5.08 14.77 36.30
CA GLY C 73 4.01 13.83 36.02
C GLY C 73 3.54 13.09 37.25
N MET C 74 4.48 12.76 38.16
CA MET C 74 4.10 12.03 39.36
C MET C 74 3.31 12.88 40.34
N SER C 75 3.47 14.21 40.31
CA SER C 75 2.62 15.07 41.11
C SER C 75 1.16 14.96 40.69
N ILE C 76 0.92 14.71 39.39
CA ILE C 76 -0.43 14.46 38.92
C ILE C 76 -0.89 13.07 39.35
N TYR C 77 -0.02 12.08 39.18
CA TYR C 77 -0.38 10.70 39.52
C TYR C 77 -0.83 10.60 40.97
N ASP C 78 -0.01 11.12 41.90
CA ASP C 78 -0.37 11.02 43.31
C ASP C 78 -1.65 11.77 43.62
N THR C 79 -1.92 12.86 42.91
CA THR C 79 -3.18 13.59 43.13
C THR C 79 -4.36 12.78 42.62
N MET C 80 -4.21 12.13 41.46
CA MET C 80 -5.30 11.30 40.94
C MET C 80 -5.66 10.20 41.93
N GLN C 81 -4.66 9.58 42.54
CA GLN C 81 -4.93 8.49 43.47
C GLN C 81 -5.44 9.01 44.81
N PHE C 82 -5.08 10.24 45.17
CA PHE C 82 -5.41 10.77 46.49
C PHE C 82 -6.87 11.21 46.58
N ILE C 83 -7.37 11.92 45.56
CA ILE C 83 -8.71 12.48 45.64
C ILE C 83 -9.75 11.37 45.57
N LYS C 84 -10.85 11.56 46.29
CA LYS C 84 -11.92 10.57 46.29
C LYS C 84 -12.49 10.31 44.90
N PRO C 85 -12.87 11.31 44.12
CA PRO C 85 -13.47 11.03 42.81
C PRO C 85 -12.53 10.23 41.92
N ASP C 86 -13.11 9.34 41.13
CA ASP C 86 -12.36 8.63 40.10
C ASP C 86 -11.98 9.56 38.97
N VAL C 87 -10.75 9.43 38.49
CA VAL C 87 -10.25 10.22 37.38
C VAL C 87 -10.23 9.33 36.15
N SER C 88 -11.15 9.56 35.23
CA SER C 88 -11.17 8.86 33.97
C SER C 88 -10.23 9.54 32.99
N THR C 89 -9.42 8.74 32.29
CA THR C 89 -8.41 9.26 31.37
C THR C 89 -8.82 8.93 29.94
N ILE C 90 -8.70 9.92 29.05
CA ILE C 90 -9.04 9.76 27.64
C ILE C 90 -7.85 10.24 26.82
N CYS C 91 -7.33 9.36 25.97
CA CYS C 91 -6.19 9.68 25.12
C CYS C 91 -6.70 10.07 23.74
N MET C 92 -6.40 11.30 23.32
CA MET C 92 -6.71 11.78 21.98
C MET C 92 -5.42 12.28 21.35
N GLY C 93 -5.17 11.87 20.11
CA GLY C 93 -3.94 12.22 19.44
C GLY C 93 -2.81 11.28 19.82
N GLN C 94 -2.10 11.59 20.91
CA GLN C 94 -1.04 10.72 21.37
C GLN C 94 -0.83 10.88 22.88
N ALA C 95 -0.26 9.84 23.48
CA ALA C 95 0.12 9.86 24.89
C ALA C 95 1.43 9.08 25.01
N ALA C 96 2.55 9.79 25.02
CA ALA C 96 3.86 9.15 25.09
C ALA C 96 4.50 9.37 26.45
N SER C 97 5.60 8.66 26.71
CA SER C 97 6.25 8.64 28.03
C SER C 97 5.31 8.82 29.26
N MET C 98 5.40 9.95 29.96
CA MET C 98 4.61 10.15 31.17
C MET C 98 3.12 10.33 30.86
N GLY C 99 2.81 10.82 29.67
CA GLY C 99 1.42 10.88 29.26
C GLY C 99 0.79 9.51 29.19
N ALA C 100 1.55 8.52 28.73
CA ALA C 100 1.06 7.14 28.74
C ALA C 100 0.96 6.62 30.17
N PHE C 101 1.90 7.01 31.04
CA PHE C 101 1.86 6.58 32.42
C PHE C 101 0.61 7.10 33.13
N LEU C 102 0.31 8.39 32.95
CA LEU C 102 -0.87 8.96 33.59
C LEU C 102 -2.15 8.44 32.95
N LEU C 103 -2.11 8.15 31.65
CA LEU C 103 -3.26 7.54 30.99
C LEU C 103 -3.66 6.24 31.67
N THR C 104 -2.68 5.38 31.94
CA THR C 104 -2.94 4.08 32.56
C THR C 104 -3.25 4.20 34.04
N ALA C 105 -2.91 5.32 34.67
CA ALA C 105 -3.20 5.50 36.09
C ALA C 105 -4.64 5.90 36.37
N GLY C 106 -5.47 6.06 35.34
CA GLY C 106 -6.86 6.40 35.54
C GLY C 106 -7.61 5.30 36.28
N ALA C 107 -8.79 5.67 36.76
CA ALA C 107 -9.62 4.72 37.49
C ALA C 107 -9.90 3.50 36.63
N LYS C 108 -9.84 2.32 37.24
CA LYS C 108 -10.03 1.09 36.50
C LYS C 108 -11.38 1.08 35.80
N GLY C 109 -11.41 0.55 34.59
CA GLY C 109 -12.62 0.48 33.78
C GLY C 109 -13.02 1.77 33.12
N LYS C 110 -12.32 2.88 33.39
CA LYS C 110 -12.69 4.18 32.85
C LYS C 110 -11.50 4.83 32.14
N ARG C 111 -10.57 4.02 31.64
CA ARG C 111 -9.45 4.49 30.83
C ARG C 111 -9.77 4.20 29.37
N PHE C 112 -9.60 5.20 28.51
CA PHE C 112 -10.04 5.10 27.13
C PHE C 112 -9.02 5.64 26.16
N CYS C 113 -9.02 5.06 24.95
CA CYS C 113 -8.32 5.59 23.80
C CYS C 113 -9.34 5.85 22.69
N LEU C 114 -9.09 6.88 21.89
CA LEU C 114 -9.90 7.09 20.70
C LEU C 114 -9.39 6.24 19.55
N PRO C 115 -10.23 5.99 18.54
CA PRO C 115 -9.90 4.95 17.55
C PRO C 115 -8.53 5.11 16.92
N ASN C 116 -8.12 6.35 16.63
CA ASN C 116 -6.86 6.63 15.95
C ASN C 116 -5.85 7.29 16.88
N SER C 117 -5.98 7.05 18.18
CA SER C 117 -4.99 7.54 19.13
C SER C 117 -3.70 6.74 18.98
N ARG C 118 -2.67 7.15 19.73
CA ARG C 118 -1.33 6.60 19.58
C ARG C 118 -0.64 6.67 20.94
N VAL C 119 0.08 5.61 21.29
CA VAL C 119 0.72 5.51 22.58
C VAL C 119 2.15 5.02 22.39
N MET C 120 3.08 5.65 23.10
CA MET C 120 4.49 5.26 23.10
C MET C 120 4.96 5.10 24.54
N ILE C 121 5.71 4.03 24.79
CA ILE C 121 6.29 3.77 26.09
C ILE C 121 7.79 3.55 25.94
N HIS C 122 8.54 3.97 26.94
CA HIS C 122 9.98 3.75 26.99
C HIS C 122 10.46 3.95 28.43
N GLN C 123 11.74 3.72 28.66
CA GLN C 123 12.33 3.86 29.98
C GLN C 123 12.69 5.32 30.25
N PRO C 124 13.00 5.65 31.51
CA PRO C 124 13.29 7.05 31.86
C PRO C 124 14.55 7.58 31.18
N LEU C 125 14.60 8.89 31.03
CA LEU C 125 15.77 9.58 30.53
C LEU C 125 16.39 10.43 31.64
N GLY C 126 17.68 10.70 31.50
CA GLY C 126 18.35 11.52 32.50
C GLY C 126 19.75 11.89 32.06
N GLY C 127 20.46 12.53 32.98
CA GLY C 127 21.83 12.95 32.75
C GLY C 127 22.42 13.74 33.91
N TYR C 128 23.74 13.73 34.06
CA TYR C 128 24.36 14.44 35.18
C TYR C 128 25.82 14.74 34.85
N GLN C 129 26.30 15.87 35.39
CA GLN C 129 27.71 16.23 35.35
C GLN C 129 28.21 16.43 36.77
N GLY C 130 29.43 16.01 37.04
CA GLY C 130 30.07 16.24 38.31
C GLY C 130 31.12 15.18 38.58
N GLN C 131 31.52 15.05 39.83
CA GLN C 131 32.51 14.10 40.23
C GLN C 131 31.97 12.70 40.16
N ALA C 132 32.83 11.72 39.97
CA ALA C 132 32.40 10.33 39.80
C ALA C 132 31.51 9.89 40.96
N THR C 133 31.84 10.31 42.19
CA THR C 133 31.01 9.97 43.33
C THR C 133 29.58 10.49 43.15
N ASP C 134 29.45 11.75 42.71
CA ASP C 134 28.12 12.29 42.45
C ASP C 134 27.45 11.56 41.29
N ILE C 135 28.21 11.15 40.29
CA ILE C 135 27.62 10.41 39.16
C ILE C 135 27.00 9.11 39.66
N GLU C 136 27.69 8.43 40.58
CA GLU C 136 27.15 7.18 41.13
C GLU C 136 25.85 7.44 41.89
N ILE C 137 25.80 8.54 42.64
CA ILE C 137 24.60 8.85 43.43
C ILE C 137 23.41 9.07 42.50
N HIS C 138 23.59 9.87 41.45
CA HIS C 138 22.49 10.19 40.55
C HIS C 138 22.16 9.05 39.61
N ALA C 139 23.16 8.27 39.19
CA ALA C 139 22.88 7.10 38.36
C ALA C 139 22.05 6.07 39.12
N ARG C 140 22.43 5.78 40.36
CA ARG C 140 21.67 4.83 41.16
C ARG C 140 20.26 5.32 41.44
N GLU C 141 20.02 6.63 41.37
CA GLU C 141 18.69 7.15 41.65
C GLU C 141 17.76 6.97 40.46
N ILE C 142 18.22 7.30 39.25
CA ILE C 142 17.36 7.17 38.08
C ILE C 142 16.98 5.71 37.85
N LEU C 143 17.86 4.79 38.23
CA LEU C 143 17.52 3.37 38.14
C LEU C 143 16.46 3.00 39.18
N LYS C 144 16.61 3.50 40.41
CA LYS C 144 15.55 3.37 41.40
C LYS C 144 14.22 3.85 40.83
N VAL C 145 14.24 4.98 40.12
CA VAL C 145 13.02 5.50 39.51
C VAL C 145 12.51 4.53 38.45
N LYS C 146 13.42 4.06 37.57
CA LYS C 146 13.02 3.09 36.56
C LYS C 146 12.34 1.89 37.19
N GLY C 147 12.86 1.40 38.31
CA GLY C 147 12.22 0.29 38.99
C GLY C 147 10.86 0.69 39.56
N ARG C 148 10.80 1.88 40.16
CA ARG C 148 9.53 2.39 40.68
C ARG C 148 8.50 2.49 39.56
N MET C 149 8.91 2.97 38.39
CA MET C 149 7.96 3.18 37.30
C MET C 149 7.50 1.87 36.68
N ASN C 150 8.43 0.94 36.45
CA ASN C 150 8.04 -0.35 35.89
C ASN C 150 7.12 -1.10 36.84
N GLU C 151 7.38 -1.01 38.15
CA GLU C 151 6.48 -1.64 39.12
C GLU C 151 5.08 -1.07 39.01
N LEU C 152 4.98 0.27 38.99
CA LEU C 152 3.67 0.90 38.93
C LEU C 152 2.96 0.59 37.61
N MET C 153 3.69 0.63 36.50
CA MET C 153 3.10 0.27 35.21
C MET C 153 2.63 -1.18 35.22
N ALA C 154 3.44 -2.08 35.79
CA ALA C 154 3.02 -3.48 35.88
C ALA C 154 1.74 -3.61 36.72
N LEU C 155 1.61 -2.78 37.75
CA LEU C 155 0.43 -2.82 38.60
C LEU C 155 -0.82 -2.37 37.85
N HIS C 156 -0.73 -1.28 37.10
CA HIS C 156 -1.91 -0.73 36.45
C HIS C 156 -2.28 -1.47 35.17
N THR C 157 -1.31 -2.06 34.47
CA THR C 157 -1.57 -2.74 33.21
C THR C 157 -1.95 -4.21 33.37
N GLY C 158 -1.54 -4.84 34.47
CA GLY C 158 -1.73 -6.26 34.65
C GLY C 158 -0.62 -7.12 34.07
N GLN C 159 0.31 -6.53 33.33
CA GLN C 159 1.47 -7.27 32.86
C GLN C 159 2.40 -7.60 34.03
N SER C 160 3.30 -8.54 33.79
CA SER C 160 4.34 -8.86 34.77
C SER C 160 5.43 -7.78 34.73
N LEU C 161 6.15 -7.66 35.85
CA LEU C 161 7.23 -6.69 35.90
C LEU C 161 8.25 -6.97 34.80
N GLU C 162 8.59 -8.25 34.60
CA GLU C 162 9.58 -8.61 33.60
C GLU C 162 9.13 -8.20 32.20
N GLN C 163 7.84 -8.32 31.91
CA GLN C 163 7.34 -7.92 30.60
C GLN C 163 7.47 -6.42 30.41
N ILE C 164 7.07 -5.63 31.41
CA ILE C 164 7.23 -4.18 31.33
C ILE C 164 8.69 -3.83 31.11
N GLU C 165 9.60 -4.57 31.76
CA GLU C 165 11.02 -4.29 31.63
C GLU C 165 11.49 -4.48 30.19
N ARG C 166 11.05 -5.56 29.53
CA ARG C 166 11.53 -5.85 28.18
C ARG C 166 10.94 -4.90 27.15
N ASP C 167 9.70 -4.47 27.34
CA ASP C 167 9.02 -3.62 26.36
C ASP C 167 9.36 -2.15 26.51
N THR C 168 9.99 -1.73 27.59
CA THR C 168 10.34 -0.33 27.80
C THR C 168 11.83 -0.06 27.58
N GLU C 169 12.63 -1.11 27.33
CA GLU C 169 14.05 -0.90 27.07
C GLU C 169 14.26 0.04 25.89
N ARG C 170 13.41 -0.05 24.88
CA ARG C 170 13.43 0.86 23.75
C ARG C 170 12.02 1.32 23.42
N ASP C 171 11.93 2.46 22.75
CA ASP C 171 10.64 3.03 22.39
C ASP C 171 9.76 1.96 21.73
N ARG C 172 8.50 1.91 22.14
CA ARG C 172 7.55 0.94 21.63
C ARG C 172 6.21 1.62 21.41
N PHE C 173 5.74 1.60 20.15
CA PHE C 173 4.47 2.21 19.81
C PHE C 173 3.35 1.17 19.86
N LEU C 174 2.20 1.59 20.36
CA LEU C 174 1.01 0.75 20.41
C LEU C 174 -0.16 1.54 19.84
N SER C 175 -0.91 0.91 18.93
CA SER C 175 -2.12 1.53 18.44
C SER C 175 -3.21 1.47 19.49
N ALA C 176 -4.32 2.15 19.21
CA ALA C 176 -5.45 2.12 20.14
C ALA C 176 -5.91 0.71 20.47
N PRO C 177 -6.16 -0.17 19.49
CA PRO C 177 -6.52 -1.56 19.86
C PRO C 177 -5.38 -2.31 20.54
N GLU C 178 -4.13 -2.04 20.16
CA GLU C 178 -3.00 -2.66 20.84
C GLU C 178 -2.90 -2.19 22.29
N ALA C 179 -3.36 -0.96 22.58
CA ALA C 179 -3.26 -0.43 23.93
C ALA C 179 -4.26 -1.10 24.86
N VAL C 180 -5.37 -1.61 24.34
CA VAL C 180 -6.33 -2.33 25.17
C VAL C 180 -5.81 -3.71 25.52
N GLU C 181 -5.28 -4.43 24.52
CA GLU C 181 -4.81 -5.79 24.76
C GLU C 181 -3.63 -5.81 25.72
N TYR C 182 -2.72 -4.85 25.60
CA TYR C 182 -1.58 -4.79 26.52
C TYR C 182 -1.99 -4.40 27.93
N GLY C 183 -3.14 -3.72 28.09
CA GLY C 183 -3.66 -3.37 29.40
C GLY C 183 -3.53 -1.92 29.85
N LEU C 184 -2.97 -1.02 29.03
CA LEU C 184 -2.86 0.38 29.46
C LEU C 184 -4.22 1.03 29.60
N VAL C 185 -5.17 0.67 28.73
CA VAL C 185 -6.50 1.28 28.74
C VAL C 185 -7.52 0.14 28.74
N ASP C 186 -8.73 0.49 29.10
CA ASP C 186 -9.79 -0.49 29.30
C ASP C 186 -10.57 -0.76 28.03
N SER C 187 -10.87 0.28 27.26
CA SER C 187 -11.65 0.12 26.04
C SER C 187 -11.36 1.28 25.10
N ILE C 188 -12.06 1.29 23.97
CA ILE C 188 -11.96 2.33 22.95
C ILE C 188 -13.28 3.07 22.95
N LEU C 189 -13.22 4.40 22.90
CA LEU C 189 -14.43 5.21 22.89
C LEU C 189 -15.05 5.24 21.51
N THR C 190 -16.37 5.04 21.47
CA THR C 190 -17.14 5.03 20.24
C THR C 190 -18.48 5.69 20.52
N HIS C 191 -18.81 6.72 19.74
CA HIS C 191 -20.16 7.27 19.75
C HIS C 191 -20.51 7.85 21.12
N VAL D 3 -4.40 29.24 32.76
CA VAL D 3 -5.02 29.93 33.88
C VAL D 3 -6.54 29.76 33.84
N PRO D 4 -7.03 28.58 34.21
CA PRO D 4 -8.47 28.36 34.21
C PRO D 4 -9.16 29.19 35.29
N MET D 5 -10.43 29.48 35.07
CA MET D 5 -11.19 30.39 35.92
C MET D 5 -12.50 29.74 36.34
N VAL D 6 -12.98 30.01 37.52
CA VAL D 6 -14.30 29.61 37.95
C VAL D 6 -15.24 30.85 37.85
N ILE D 7 -16.50 30.79 38.12
CA ILE D 7 -17.45 31.88 38.31
C ILE D 7 -17.85 31.93 39.79
N PHE D 17 -13.05 32.75 39.00
CA PHE D 17 -12.23 33.94 39.22
C PHE D 17 -10.81 33.48 39.53
N ASP D 18 -10.17 32.84 38.55
CA ASP D 18 -8.87 32.21 38.71
C ASP D 18 -8.99 31.02 39.68
N ILE D 19 -8.13 30.03 39.51
CA ILE D 19 -8.21 28.82 40.32
C ILE D 19 -7.32 28.91 41.55
N TYR D 20 -6.08 29.39 41.39
CA TYR D 20 -5.19 29.51 42.54
C TYR D 20 -5.77 30.45 43.59
N SER D 21 -6.58 31.42 43.17
CA SER D 21 -7.23 32.31 44.12
C SER D 21 -8.37 31.59 44.84
N ARG D 22 -9.13 30.76 44.12
CA ARG D 22 -10.23 30.03 44.74
C ARG D 22 -9.71 29.09 45.82
N LEU D 23 -8.60 28.39 45.55
CA LEU D 23 -8.04 27.51 46.56
C LEU D 23 -7.37 28.28 47.69
N LEU D 24 -7.04 29.55 47.48
CA LEU D 24 -6.53 30.38 48.57
C LEU D 24 -7.60 30.69 49.60
N LYS D 25 -8.88 30.64 49.22
CA LYS D 25 -9.94 30.80 50.21
C LYS D 25 -10.04 29.57 51.12
N GLU D 26 -9.74 28.39 50.58
CA GLU D 26 -9.64 27.18 51.38
C GLU D 26 -8.29 27.06 52.07
N ARG D 27 -7.48 28.12 52.02
CA ARG D 27 -6.23 28.21 52.77
C ARG D 27 -5.17 27.26 52.20
N VAL D 28 -5.06 27.22 50.88
CA VAL D 28 -4.11 26.35 50.19
C VAL D 28 -3.16 27.25 49.40
N ILE D 29 -1.87 27.11 49.67
CA ILE D 29 -0.83 27.86 48.99
C ILE D 29 0.05 26.89 48.22
N PHE D 30 0.47 27.30 47.03
CA PHE D 30 1.32 26.49 46.16
C PHE D 30 2.70 27.10 46.06
N LEU D 31 3.71 26.33 46.45
CA LEU D 31 5.11 26.68 46.25
C LEU D 31 5.62 25.85 45.09
N THR D 32 5.80 26.49 43.93
CA THR D 32 6.10 25.78 42.69
C THR D 32 7.31 26.41 42.02
N GLY D 33 8.20 25.55 41.52
CA GLY D 33 9.34 25.99 40.75
C GLY D 33 10.50 26.46 41.61
N GLN D 34 11.47 27.07 40.93
CA GLN D 34 12.67 27.56 41.60
C GLN D 34 12.29 28.62 42.64
N VAL D 35 12.98 28.58 43.77
CA VAL D 35 12.72 29.48 44.89
C VAL D 35 13.54 30.75 44.69
N GLU D 36 12.88 31.91 44.73
CA GLU D 36 13.57 33.18 44.56
C GLU D 36 12.78 34.27 45.24
N ASP D 37 13.41 35.45 45.34
CA ASP D 37 12.88 36.51 46.19
C ASP D 37 11.43 36.85 45.88
N HIS D 38 11.06 36.85 44.60
CA HIS D 38 9.74 37.35 44.23
C HIS D 38 8.65 36.31 44.44
N MET D 39 8.86 35.09 43.96
CA MET D 39 7.88 34.03 44.21
C MET D 39 7.75 33.75 45.70
N ALA D 40 8.85 33.89 46.44
CA ALA D 40 8.81 33.66 47.88
C ALA D 40 8.09 34.80 48.60
N ASN D 41 8.34 36.05 48.18
CA ASN D 41 7.62 37.17 48.78
C ASN D 41 6.12 37.02 48.54
N LEU D 42 5.73 36.48 47.39
CA LEU D 42 4.32 36.22 47.13
C LEU D 42 3.76 35.18 48.10
N ILE D 43 4.56 34.17 48.43
CA ILE D 43 4.15 33.19 49.43
C ILE D 43 4.00 33.84 50.80
N VAL D 44 4.94 34.74 51.14
CA VAL D 44 4.86 35.44 52.41
C VAL D 44 3.57 36.25 52.49
N ALA D 45 3.21 36.92 51.39
CA ALA D 45 2.00 37.74 51.37
C ALA D 45 0.76 36.89 51.58
N GLN D 46 0.70 35.72 50.95
CA GLN D 46 -0.46 34.86 51.13
C GLN D 46 -0.56 34.35 52.57
N MET D 47 0.57 34.00 53.17
CA MET D 47 0.55 33.53 54.56
C MET D 47 0.10 34.63 55.50
N LEU D 48 0.63 35.84 55.33
CA LEU D 48 0.23 36.97 56.17
C LEU D 48 -1.26 37.27 55.99
N PHE D 49 -1.75 37.15 54.75
CA PHE D 49 -3.17 37.39 54.48
C PHE D 49 -4.05 36.36 55.17
N LEU D 50 -3.74 35.08 55.00
CA LEU D 50 -4.58 34.04 55.60
C LEU D 50 -4.60 34.17 57.12
N GLU D 51 -3.47 34.52 57.72
CA GLU D 51 -3.42 34.74 59.17
C GLU D 51 -4.40 35.81 59.61
N ALA D 52 -4.45 36.93 58.89
CA ALA D 52 -5.31 38.03 59.31
C ALA D 52 -6.78 37.65 59.26
N GLU D 53 -7.19 36.88 58.25
CA GLU D 53 -8.60 36.52 58.15
C GLU D 53 -8.99 35.48 59.19
N ASN D 54 -8.07 34.62 59.60
CA ASN D 54 -8.37 33.61 60.60
C ASN D 54 -7.08 33.03 61.17
N PRO D 55 -6.63 33.49 62.34
CA PRO D 55 -5.37 32.98 62.89
C PRO D 55 -5.48 31.57 63.46
N GLU D 56 -6.69 31.11 63.77
CA GLU D 56 -6.85 29.81 64.42
C GLU D 56 -6.63 28.66 63.45
N LYS D 57 -7.04 28.82 62.20
CA LYS D 57 -7.10 27.70 61.26
C LYS D 57 -5.74 27.44 60.61
N ASP D 58 -5.53 26.18 60.25
CA ASP D 58 -4.27 25.75 59.65
C ASP D 58 -4.12 26.31 58.25
N ILE D 59 -2.87 26.42 57.81
CA ILE D 59 -2.52 26.81 56.45
C ILE D 59 -1.91 25.60 55.75
N TYR D 60 -2.15 25.51 54.45
CA TYR D 60 -1.78 24.35 53.64
C TYR D 60 -0.84 24.80 52.53
N LEU D 61 0.42 24.36 52.60
CA LEU D 61 1.47 24.75 51.66
C LEU D 61 1.92 23.53 50.87
N TYR D 62 1.50 23.46 49.61
CA TYR D 62 2.01 22.45 48.70
C TYR D 62 3.38 22.86 48.17
N ILE D 63 4.29 21.89 48.12
CA ILE D 63 5.68 22.13 47.75
C ILE D 63 6.05 21.21 46.61
N ASN D 64 6.41 21.80 45.47
CA ASN D 64 6.94 21.07 44.31
C ASN D 64 8.03 21.97 43.73
N SER D 65 9.27 21.78 44.21
CA SER D 65 10.35 22.68 43.84
C SER D 65 11.67 21.95 43.72
N PRO D 66 12.51 22.29 42.74
CA PRO D 66 13.84 21.69 42.65
C PRO D 66 14.94 22.44 43.40
N GLY D 67 14.59 23.47 44.15
CA GLY D 67 15.55 24.24 44.91
C GLY D 67 15.49 25.71 44.57
N GLY D 68 16.39 26.46 45.19
CA GLY D 68 16.47 27.88 44.94
C GLY D 68 17.34 28.58 45.96
N VAL D 69 17.19 29.90 46.02
CA VAL D 69 18.04 30.74 46.85
C VAL D 69 17.74 30.53 48.34
N ILE D 70 18.78 30.62 49.16
CA ILE D 70 18.65 30.45 50.60
C ILE D 70 17.91 31.63 51.20
N THR D 71 18.36 32.84 50.89
CA THR D 71 17.74 34.05 51.42
C THR D 71 16.24 34.07 51.14
N ALA D 72 15.86 33.77 49.90
CA ALA D 72 14.44 33.73 49.56
C ALA D 72 13.70 32.68 50.38
N GLY D 73 14.30 31.50 50.56
CA GLY D 73 13.64 30.47 51.34
C GLY D 73 13.48 30.82 52.80
N MET D 74 14.47 31.50 53.38
CA MET D 74 14.38 31.85 54.79
C MET D 74 13.32 32.91 55.05
N SER D 75 13.00 33.74 54.06
CA SER D 75 11.88 34.65 54.21
C SER D 75 10.58 33.88 54.38
N ILE D 76 10.47 32.71 53.74
CA ILE D 76 9.31 31.85 53.94
C ILE D 76 9.39 31.14 55.30
N TYR D 77 10.56 30.59 55.62
CA TYR D 77 10.70 29.83 56.86
C TYR D 77 10.34 30.70 58.07
N ASP D 78 10.95 31.88 58.17
CA ASP D 78 10.67 32.73 59.32
C ASP D 78 9.21 33.16 59.35
N THR D 79 8.59 33.33 58.19
CA THR D 79 7.16 33.68 58.17
C THR D 79 6.31 32.52 58.64
N MET D 80 6.68 31.29 58.26
CA MET D 80 5.93 30.12 58.71
C MET D 80 5.94 30.01 60.23
N GLN D 81 7.10 30.22 60.85
CA GLN D 81 7.20 30.07 62.30
C GLN D 81 6.63 31.26 63.04
N PHE D 82 6.64 32.44 62.42
CA PHE D 82 6.21 33.66 63.10
C PHE D 82 4.69 33.75 63.19
N ILE D 83 3.99 33.40 62.11
CA ILE D 83 2.54 33.55 62.11
C ILE D 83 1.91 32.57 63.09
N LYS D 84 0.76 32.96 63.64
CA LYS D 84 0.06 32.12 64.59
C LYS D 84 -0.38 30.78 63.99
N PRO D 85 -1.16 30.76 62.92
CA PRO D 85 -1.65 29.48 62.40
C PRO D 85 -0.53 28.51 62.06
N ASP D 86 -0.79 27.23 62.29
CA ASP D 86 0.14 26.19 61.87
C ASP D 86 0.13 26.08 60.35
N VAL D 87 1.32 25.91 59.76
CA VAL D 87 1.47 25.75 58.33
C VAL D 87 1.76 24.27 58.08
N SER D 88 0.79 23.57 57.50
CA SER D 88 0.98 22.18 57.10
C SER D 88 1.64 22.15 55.74
N THR D 89 2.65 21.31 55.58
CA THR D 89 3.42 21.21 54.35
C THR D 89 3.12 19.89 53.67
N ILE D 90 2.91 19.95 52.36
CA ILE D 90 2.57 18.79 51.55
C ILE D 90 3.54 18.74 50.37
N CYS D 91 4.27 17.65 50.25
CA CYS D 91 5.23 17.47 49.16
C CYS D 91 4.59 16.64 48.06
N MET D 92 4.46 17.22 46.87
CA MET D 92 3.97 16.53 45.69
C MET D 92 4.99 16.67 44.57
N GLY D 93 5.31 15.57 43.90
CA GLY D 93 6.32 15.59 42.87
C GLY D 93 7.72 15.46 43.44
N GLN D 94 8.32 16.58 43.82
CA GLN D 94 9.63 16.56 44.43
C GLN D 94 9.79 17.78 45.34
N ALA D 95 10.72 17.67 46.28
CA ALA D 95 11.08 18.79 47.16
C ALA D 95 12.59 18.68 47.37
N ALA D 96 13.36 19.44 46.60
CA ALA D 96 14.81 19.40 46.68
C ALA D 96 15.36 20.67 47.32
N SER D 97 16.65 20.68 47.63
CA SER D 97 17.29 21.79 48.36
C SER D 97 16.37 22.58 49.35
N MET D 98 16.07 23.84 49.06
CA MET D 98 15.28 24.67 49.98
C MET D 98 13.83 24.20 50.03
N GLY D 99 13.37 23.60 48.94
CA GLY D 99 12.04 23.02 48.94
C GLY D 99 11.90 21.92 49.97
N ALA D 100 12.95 21.12 50.14
CA ALA D 100 12.95 20.11 51.20
C ALA D 100 13.06 20.77 52.57
N PHE D 101 13.84 21.84 52.68
CA PHE D 101 14.01 22.52 53.96
C PHE D 101 12.69 23.11 54.45
N LEU D 102 11.96 23.79 53.56
CA LEU D 102 10.69 24.38 53.95
C LEU D 102 9.63 23.31 54.20
N LEU D 103 9.73 22.18 53.50
CA LEU D 103 8.83 21.07 53.75
C LEU D 103 8.89 20.63 55.20
N THR D 104 10.11 20.47 55.73
CA THR D 104 10.30 20.01 57.10
C THR D 104 9.97 21.08 58.12
N ALA D 105 9.90 22.35 57.72
CA ALA D 105 9.59 23.42 58.68
C ALA D 105 8.11 23.51 59.03
N GLY D 106 7.26 22.68 58.43
CA GLY D 106 5.85 22.69 58.76
C GLY D 106 5.61 22.29 60.21
N ALA D 107 4.40 22.58 60.66
CA ALA D 107 4.02 22.24 62.03
C ALA D 107 4.20 20.74 62.27
N LYS D 108 4.70 20.40 63.46
CA LYS D 108 4.91 19.00 63.80
C LYS D 108 3.59 18.25 63.76
N GLY D 109 3.64 17.05 63.18
CA GLY D 109 2.44 16.25 62.98
C GLY D 109 1.65 16.58 61.74
N LYS D 110 2.04 17.61 61.00
CA LYS D 110 1.29 18.05 59.82
C LYS D 110 2.21 18.17 58.60
N ARG D 111 3.32 17.43 58.59
CA ARG D 111 4.20 17.36 57.42
C ARG D 111 3.92 16.07 56.67
N PHE D 112 3.74 16.19 55.36
CA PHE D 112 3.27 15.04 54.57
C PHE D 112 4.04 14.94 53.26
N CYS D 113 4.20 13.70 52.80
CA CYS D 113 4.65 13.38 51.46
C CYS D 113 3.58 12.55 50.76
N LEU D 114 3.47 12.71 49.45
CA LEU D 114 2.63 11.82 48.69
C LEU D 114 3.38 10.53 48.38
N PRO D 115 2.67 9.44 48.07
CA PRO D 115 3.34 8.13 48.05
C PRO D 115 4.58 8.08 47.15
N ASN D 116 4.54 8.73 45.99
CA ASN D 116 5.66 8.69 45.06
C ASN D 116 6.37 10.05 44.97
N SER D 117 6.32 10.83 46.05
CA SER D 117 7.10 12.05 46.10
C SER D 117 8.59 11.72 46.24
N ARG D 118 9.43 12.74 46.09
CA ARG D 118 10.87 12.58 46.19
C ARG D 118 11.45 13.80 46.90
N VAL D 119 12.45 13.61 47.75
CA VAL D 119 13.08 14.72 48.47
C VAL D 119 14.60 14.59 48.45
N MET D 120 15.31 15.50 47.80
CA MET D 120 16.76 15.43 47.74
C MET D 120 17.38 16.47 48.69
N ILE D 121 18.48 16.11 49.37
CA ILE D 121 19.11 17.04 50.30
C ILE D 121 20.61 17.17 50.06
N HIS D 122 21.19 18.37 50.25
CA HIS D 122 22.61 18.55 50.02
C HIS D 122 23.06 19.78 50.79
N GLN D 123 24.34 20.06 50.75
CA GLN D 123 24.88 21.21 51.48
C GLN D 123 24.67 22.47 50.65
N PRO D 124 24.91 23.65 51.25
CA PRO D 124 24.70 24.89 50.50
C PRO D 124 25.65 25.00 49.32
N LEU D 125 25.22 25.73 48.31
CA LEU D 125 26.05 26.05 47.15
C LEU D 125 26.32 27.55 47.13
N GLY D 126 27.43 27.93 46.50
CA GLY D 126 27.76 29.34 46.42
C GLY D 126 28.94 29.56 45.50
N GLY D 127 29.36 30.83 45.44
CA GLY D 127 30.49 31.20 44.62
C GLY D 127 30.74 32.69 44.63
N TYR D 128 31.99 33.10 44.40
CA TYR D 128 32.35 34.51 44.43
C TYR D 128 33.65 34.70 43.65
N GLN D 129 33.75 35.85 43.01
CA GLN D 129 35.00 36.32 42.39
C GLN D 129 35.38 37.64 43.03
N GLY D 130 36.67 37.85 43.22
CA GLY D 130 37.14 39.10 43.74
C GLY D 130 38.48 38.93 44.43
N GLN D 131 38.80 39.93 45.25
CA GLN D 131 40.06 39.92 45.97
C GLN D 131 40.08 38.78 47.00
N ALA D 132 41.30 38.33 47.33
CA ALA D 132 41.45 37.26 48.30
C ALA D 132 40.81 37.62 49.64
N THR D 133 40.98 38.88 50.07
CA THR D 133 40.35 39.32 51.31
C THR D 133 38.83 39.17 51.24
N ASP D 134 38.24 39.58 50.12
CA ASP D 134 36.79 39.43 49.95
C ASP D 134 36.40 37.95 49.88
N ILE D 135 37.24 37.11 49.28
CA ILE D 135 36.94 35.69 49.20
C ILE D 135 36.84 35.08 50.60
N GLU D 136 37.74 35.49 51.50
CA GLU D 136 37.69 34.95 52.86
C GLU D 136 36.41 35.37 53.56
N ILE D 137 35.94 36.60 53.32
CA ILE D 137 34.72 37.07 53.96
C ILE D 137 33.52 36.23 53.51
N HIS D 138 33.41 35.98 52.21
CA HIS D 138 32.28 35.23 51.70
C HIS D 138 32.42 33.74 52.00
N ALA D 139 33.65 33.21 52.02
CA ALA D 139 33.83 31.83 52.42
C ALA D 139 33.41 31.61 53.87
N ARG D 140 33.70 32.59 54.74
CA ARG D 140 33.26 32.47 56.12
C ARG D 140 31.74 32.48 56.21
N GLU D 141 31.09 33.37 55.47
CA GLU D 141 29.64 33.51 55.60
C GLU D 141 28.91 32.26 55.12
N ILE D 142 29.33 31.72 53.97
CA ILE D 142 28.67 30.54 53.43
C ILE D 142 28.83 29.35 54.37
N LEU D 143 29.93 29.29 55.11
CA LEU D 143 30.10 28.22 56.09
C LEU D 143 29.19 28.44 57.29
N LYS D 144 29.00 29.70 57.70
CA LYS D 144 28.02 29.97 58.76
C LYS D 144 26.62 29.61 58.31
N VAL D 145 26.26 29.94 57.07
CA VAL D 145 24.95 29.56 56.54
C VAL D 145 24.79 28.05 56.62
N LYS D 146 25.80 27.30 56.13
CA LYS D 146 25.77 25.85 56.20
C LYS D 146 25.55 25.37 57.64
N GLY D 147 26.21 26.02 58.60
CA GLY D 147 26.04 25.63 59.98
C GLY D 147 24.62 25.84 60.49
N ARG D 148 24.05 27.02 60.22
CA ARG D 148 22.72 27.32 60.71
C ARG D 148 21.67 26.41 60.08
N MET D 149 21.83 26.09 58.80
CA MET D 149 20.86 25.22 58.14
C MET D 149 20.90 23.82 58.73
N ASN D 150 22.10 23.27 58.95
CA ASN D 150 22.19 21.94 59.54
C ASN D 150 21.61 21.93 60.94
N GLU D 151 21.82 23.00 61.70
CA GLU D 151 21.24 23.11 63.03
C GLU D 151 19.72 23.06 62.96
N LEU D 152 19.13 23.88 62.09
CA LEU D 152 17.67 23.87 61.94
C LEU D 152 17.20 22.53 61.40
N MET D 153 17.95 21.96 60.45
CA MET D 153 17.62 20.64 59.93
C MET D 153 17.60 19.60 61.04
N ALA D 154 18.61 19.60 61.90
CA ALA D 154 18.65 18.65 63.01
C ALA D 154 17.51 18.91 63.99
N LEU D 155 17.14 20.17 64.20
CA LEU D 155 16.09 20.49 65.15
C LEU D 155 14.74 19.97 64.69
N HIS D 156 14.42 20.14 63.41
CA HIS D 156 13.09 19.76 62.92
C HIS D 156 12.96 18.27 62.68
N THR D 157 14.05 17.59 62.34
CA THR D 157 13.99 16.15 62.08
C THR D 157 14.17 15.31 63.34
N GLY D 158 14.79 15.85 64.39
CA GLY D 158 15.16 15.08 65.54
C GLY D 158 16.51 14.42 65.41
N GLN D 159 17.15 14.51 64.25
CA GLN D 159 18.48 13.98 64.04
C GLN D 159 19.51 14.80 64.82
N SER D 160 20.69 14.19 64.98
CA SER D 160 21.82 14.89 65.57
C SER D 160 22.45 15.82 64.54
N LEU D 161 23.14 16.84 65.02
CA LEU D 161 23.84 17.74 64.11
C LEU D 161 24.88 16.99 63.31
N GLU D 162 25.53 15.99 63.92
CA GLU D 162 26.58 15.25 63.24
C GLU D 162 26.03 14.40 62.10
N GLN D 163 24.80 13.89 62.24
CA GLN D 163 24.21 13.10 61.18
C GLN D 163 23.82 13.98 60.00
N ILE D 164 23.18 15.12 60.26
CA ILE D 164 22.84 16.04 59.19
C ILE D 164 24.08 16.45 58.42
N GLU D 165 25.20 16.64 59.13
CA GLU D 165 26.45 16.98 58.48
C GLU D 165 26.90 15.84 57.57
N ARG D 166 26.81 14.60 58.06
CA ARG D 166 27.23 13.45 57.28
C ARG D 166 26.41 13.30 56.01
N ASP D 167 25.10 13.52 56.09
CA ASP D 167 24.17 13.19 55.02
C ASP D 167 23.99 14.31 54.01
N THR D 168 24.43 15.53 54.30
CA THR D 168 24.26 16.64 53.39
C THR D 168 25.55 17.02 52.66
N GLU D 169 26.67 16.38 52.98
CA GLU D 169 27.91 16.69 52.28
C GLU D 169 27.77 16.47 50.78
N ARG D 170 27.06 15.42 50.41
CA ARG D 170 26.84 15.09 49.03
C ARG D 170 25.35 14.93 48.78
N ASP D 171 24.84 15.07 47.53
CA ASP D 171 23.44 14.86 47.22
C ASP D 171 22.96 13.53 47.79
N ARG D 172 21.74 13.50 48.32
CA ARG D 172 21.19 12.28 48.90
C ARG D 172 19.68 12.22 48.65
N PHE D 173 19.25 11.46 47.65
CA PHE D 173 17.82 11.35 47.36
C PHE D 173 17.10 10.58 48.45
N LEU D 174 15.81 10.85 48.63
CA LEU D 174 15.02 10.18 49.65
C LEU D 174 13.59 9.91 49.14
N SER D 175 13.07 8.70 49.38
CA SER D 175 11.72 8.36 48.96
C SER D 175 10.71 8.89 49.98
N ALA D 176 9.42 8.79 49.62
CA ALA D 176 8.39 9.21 50.56
C ALA D 176 8.48 8.47 51.87
N PRO D 177 8.55 7.14 51.91
CA PRO D 177 8.74 6.45 53.20
C PRO D 177 10.10 6.72 53.84
N GLU D 178 11.16 6.89 53.04
CA GLU D 178 12.45 7.21 53.64
C GLU D 178 12.41 8.57 54.33
N ALA D 179 11.56 9.48 53.87
CA ALA D 179 11.51 10.80 54.49
C ALA D 179 10.81 10.75 55.84
N VAL D 180 9.91 9.80 56.06
CA VAL D 180 9.30 9.68 57.38
C VAL D 180 10.27 9.01 58.35
N GLU D 181 11.06 8.05 57.87
CA GLU D 181 12.06 7.42 58.72
C GLU D 181 13.11 8.43 59.17
N TYR D 182 13.69 9.15 58.22
CA TYR D 182 14.72 10.12 58.53
C TYR D 182 14.19 11.26 59.40
N GLY D 183 12.89 11.51 59.37
CA GLY D 183 12.29 12.55 60.18
C GLY D 183 11.90 13.82 59.46
N LEU D 184 12.10 13.89 58.14
CA LEU D 184 11.76 15.12 57.42
C LEU D 184 10.26 15.39 57.45
N VAL D 185 9.44 14.34 57.43
CA VAL D 185 7.99 14.47 57.38
C VAL D 185 7.38 13.54 58.41
N ASP D 186 6.11 13.79 58.73
CA ASP D 186 5.42 13.06 59.78
C ASP D 186 4.72 11.81 59.26
N SER D 187 4.07 11.89 58.10
CA SER D 187 3.33 10.77 57.55
C SER D 187 3.20 10.94 56.05
N ILE D 188 2.54 9.98 55.41
CA ILE D 188 2.30 9.97 53.97
C ILE D 188 0.80 10.06 53.74
N LEU D 189 0.39 10.95 52.84
CA LEU D 189 -1.00 11.05 52.44
C LEU D 189 -1.30 10.00 51.39
N THR D 190 -2.18 9.06 51.72
CA THR D 190 -2.57 7.98 50.81
C THR D 190 -4.10 7.90 50.80
N HIS D 191 -4.69 8.44 49.73
CA HIS D 191 -6.14 8.47 49.54
C HIS D 191 -6.88 9.30 50.59
N ARG D 192 -8.07 9.77 50.22
CA ARG D 192 -8.87 10.66 51.04
C ARG D 192 -10.02 9.88 51.68
N LEU E 2 1.56 34.91 38.04
CA LEU E 2 0.20 35.25 38.45
C LEU E 2 0.19 35.70 39.91
N VAL E 3 -0.71 36.62 40.24
CA VAL E 3 -0.89 37.12 41.60
C VAL E 3 -2.32 36.80 42.03
N PRO E 4 -2.53 36.06 43.12
CA PRO E 4 -3.90 35.68 43.48
C PRO E 4 -4.78 36.90 43.79
N MET E 5 -6.08 36.69 43.65
CA MET E 5 -7.08 37.72 43.90
C MET E 5 -7.73 37.52 45.26
N VAL E 6 -8.38 38.57 45.75
CA VAL E 6 -9.11 38.52 47.01
C VAL E 6 -10.36 39.39 46.92
N PHE E 17 -9.36 42.24 43.58
CA PHE E 17 -8.17 43.06 43.71
C PHE E 17 -6.95 42.19 44.04
N ASP E 18 -5.75 42.73 43.89
CA ASP E 18 -4.54 41.98 44.14
C ASP E 18 -4.35 41.59 45.58
N ILE E 19 -3.47 40.67 45.81
CA ILE E 19 -3.14 40.25 47.17
C ILE E 19 -2.37 41.37 47.87
N TYR E 20 -1.43 41.97 47.16
CA TYR E 20 -0.67 43.08 47.71
C TYR E 20 -1.56 44.28 47.97
N SER E 21 -2.69 44.38 47.26
CA SER E 21 -3.58 45.52 47.45
C SER E 21 -4.36 45.43 48.76
N ARG E 22 -4.68 44.22 49.22
CA ARG E 22 -5.39 44.15 50.49
C ARG E 22 -4.45 44.32 51.68
N LEU E 23 -3.22 43.78 51.60
CA LEU E 23 -2.26 44.05 52.66
C LEU E 23 -1.84 45.52 52.64
N LEU E 24 -2.05 46.22 51.53
CA LEU E 24 -1.84 47.66 51.49
C LEU E 24 -2.91 48.37 52.30
N LYS E 25 -4.15 47.92 52.19
CA LYS E 25 -5.22 48.40 53.07
C LYS E 25 -4.87 48.14 54.53
N GLU E 26 -4.02 47.16 54.82
CA GLU E 26 -3.52 46.89 56.16
C GLU E 26 -2.23 47.66 56.45
N ARG E 27 -1.84 48.60 55.58
CA ARG E 27 -0.69 49.47 55.81
C ARG E 27 0.62 48.69 55.69
N VAL E 28 0.69 47.77 54.73
CA VAL E 28 1.86 46.92 54.52
C VAL E 28 2.38 47.12 53.10
N ILE E 29 3.66 47.46 52.99
CA ILE E 29 4.33 47.61 51.70
C ILE E 29 5.48 46.60 51.66
N PHE E 30 5.72 46.06 50.47
CA PHE E 30 6.74 45.02 50.25
C PHE E 30 7.82 45.58 49.33
N LEU E 31 9.07 45.57 49.79
CA LEU E 31 10.24 45.95 49.00
C LEU E 31 11.03 44.69 48.68
N THR E 32 10.93 44.22 47.44
CA THR E 32 11.52 42.95 47.05
C THR E 32 12.38 43.13 45.81
N GLY E 33 13.52 42.43 45.79
CA GLY E 33 14.40 42.43 44.65
C GLY E 33 15.29 43.66 44.58
N GLN E 34 15.93 43.80 43.41
CA GLN E 34 16.76 44.97 43.14
C GLN E 34 15.97 46.25 43.33
N VAL E 35 16.58 47.23 43.98
CA VAL E 35 15.96 48.54 44.15
C VAL E 35 16.42 49.41 42.98
N GLU E 36 15.45 50.07 42.34
CA GLU E 36 15.73 50.89 41.18
C GLU E 36 14.61 51.91 41.04
N ASP E 37 14.80 52.86 40.13
CA ASP E 37 13.93 54.02 40.07
C ASP E 37 12.45 53.65 40.03
N HIS E 38 12.09 52.62 39.26
CA HIS E 38 10.68 52.35 39.04
C HIS E 38 10.02 51.61 40.21
N MET E 39 10.61 50.50 40.65
CA MET E 39 10.04 49.79 41.79
C MET E 39 10.10 50.64 43.05
N ALA E 40 11.13 51.49 43.17
CA ALA E 40 11.23 52.37 44.33
C ALA E 40 10.18 53.47 44.26
N ASN E 41 9.98 54.05 43.08
CA ASN E 41 8.95 55.06 42.91
C ASN E 41 7.58 54.51 43.29
N LEU E 42 7.33 53.23 42.99
CA LEU E 42 6.08 52.60 43.39
C LEU E 42 5.96 52.54 44.91
N ILE E 43 7.06 52.28 45.61
CA ILE E 43 7.02 52.26 47.06
C ILE E 43 6.71 53.65 47.60
N VAL E 44 7.29 54.68 47.00
CA VAL E 44 6.98 56.05 47.39
C VAL E 44 5.49 56.33 47.19
N ALA E 45 4.93 55.89 46.06
CA ALA E 45 3.52 56.11 45.79
C ALA E 45 2.64 55.46 46.85
N GLN E 46 2.99 54.24 47.26
CA GLN E 46 2.21 53.57 48.30
C GLN E 46 2.31 54.30 49.62
N MET E 47 3.50 54.80 49.96
CA MET E 47 3.68 55.53 51.21
C MET E 47 2.87 56.82 51.21
N LEU E 48 2.90 57.56 50.10
CA LEU E 48 2.12 58.79 50.01
C LEU E 48 0.63 58.49 50.11
N PHE E 49 0.20 57.36 49.56
CA PHE E 49 -1.21 56.97 49.62
C PHE E 49 -1.62 56.67 51.06
N LEU E 50 -0.80 55.90 51.78
CA LEU E 50 -1.14 55.54 53.16
C LEU E 50 -1.15 56.77 54.07
N GLU E 51 -0.20 57.69 53.87
CA GLU E 51 -0.22 58.93 54.64
C GLU E 51 -1.51 59.71 54.43
N ALA E 52 -1.97 59.79 53.18
CA ALA E 52 -3.18 60.53 52.88
C ALA E 52 -4.40 59.86 53.53
N GLU E 53 -4.42 58.53 53.56
CA GLU E 53 -5.55 57.83 54.16
C GLU E 53 -5.59 58.05 55.67
N ASN E 54 -4.43 58.06 56.32
CA ASN E 54 -4.36 58.27 57.76
C ASN E 54 -2.92 58.58 58.16
N PRO E 55 -2.59 59.83 58.47
CA PRO E 55 -1.18 60.16 58.76
C PRO E 55 -0.66 59.62 60.07
N GLU E 56 -1.52 59.26 61.02
CA GLU E 56 -1.05 58.89 62.36
C GLU E 56 -0.75 57.41 62.50
N LYS E 57 -1.43 56.55 61.73
CA LYS E 57 -1.22 55.11 61.84
C LYS E 57 0.08 54.71 61.17
N ASP E 58 0.77 53.73 61.76
CA ASP E 58 2.07 53.32 61.27
C ASP E 58 1.98 52.63 59.91
N ILE E 59 3.12 52.61 59.22
CA ILE E 59 3.29 51.90 57.96
C ILE E 59 4.33 50.81 58.17
N TYR E 60 4.12 49.67 57.53
CA TYR E 60 5.00 48.51 57.68
C TYR E 60 5.66 48.21 56.34
N LEU E 61 6.99 48.23 56.31
CA LEU E 61 7.77 48.02 55.10
C LEU E 61 8.61 46.76 55.28
N TYR E 62 8.21 45.68 54.63
CA TYR E 62 9.01 44.47 54.61
C TYR E 62 10.13 44.63 53.57
N ILE E 63 11.33 44.18 53.93
CA ILE E 63 12.52 44.39 53.11
C ILE E 63 13.19 43.04 52.88
N ASN E 64 13.28 42.63 51.61
CA ASN E 64 14.06 41.47 51.19
C ASN E 64 14.72 41.86 49.87
N SER E 65 15.94 42.39 49.95
CA SER E 65 16.60 42.95 48.78
C SER E 65 18.10 42.73 48.83
N PRO E 66 18.75 42.42 47.70
CA PRO E 66 20.21 42.31 47.67
C PRO E 66 20.95 43.60 47.35
N GLY E 67 20.26 44.72 47.23
CA GLY E 67 20.87 46.00 46.93
C GLY E 67 20.24 46.62 45.69
N GLY E 68 20.82 47.74 45.27
CA GLY E 68 20.34 48.42 44.08
C GLY E 68 20.95 49.80 43.95
N VAL E 69 20.28 50.66 43.19
CA VAL E 69 20.80 51.99 42.91
C VAL E 69 20.64 52.86 44.14
N ILE E 70 21.64 53.70 44.39
CA ILE E 70 21.60 54.55 45.59
C ILE E 70 20.51 55.61 45.44
N THR E 71 20.52 56.31 44.31
CA THR E 71 19.53 57.35 44.07
C THR E 71 18.12 56.83 44.27
N ALA E 72 17.83 55.64 43.73
CA ALA E 72 16.51 55.05 43.90
C ALA E 72 16.23 54.77 45.38
N GLY E 73 17.22 54.26 46.10
CA GLY E 73 17.01 53.99 47.52
C GLY E 73 16.76 55.26 48.32
N MET E 74 17.43 56.36 47.96
CA MET E 74 17.27 57.58 48.72
C MET E 74 15.93 58.25 48.49
N SER E 75 15.29 58.01 47.34
CA SER E 75 13.93 58.52 47.15
C SER E 75 12.97 57.90 48.15
N ILE E 76 13.22 56.65 48.54
CA ILE E 76 12.42 56.01 49.59
C ILE E 76 12.81 56.55 50.95
N TYR E 77 14.11 56.67 51.23
CA TYR E 77 14.57 57.16 52.52
C TYR E 77 13.95 58.53 52.82
N ASP E 78 14.08 59.47 51.89
CA ASP E 78 13.53 60.80 52.12
C ASP E 78 12.01 60.76 52.27
N THR E 79 11.34 59.83 51.59
CA THR E 79 9.89 59.71 51.76
C THR E 79 9.54 59.18 53.15
N MET E 80 10.26 58.16 53.61
CA MET E 80 10.04 57.67 54.98
C MET E 80 10.25 58.81 55.98
N GLN E 81 11.30 59.59 55.79
CA GLN E 81 11.61 60.66 56.75
C GLN E 81 10.62 61.81 56.62
N PHE E 82 10.02 61.99 55.44
CA PHE E 82 9.22 63.17 55.16
C PHE E 82 7.79 63.04 55.69
N ILE E 83 7.17 61.88 55.51
CA ILE E 83 5.77 61.71 55.91
C ILE E 83 5.65 61.64 57.42
N LYS E 84 4.50 62.09 57.93
CA LYS E 84 4.29 62.01 59.38
C LYS E 84 4.27 60.59 59.90
N PRO E 85 3.55 59.63 59.32
CA PRO E 85 3.47 58.30 59.93
C PRO E 85 4.84 57.67 60.05
N ASP E 86 5.04 56.96 61.16
CA ASP E 86 6.25 56.16 61.33
C ASP E 86 6.24 54.98 60.37
N VAL E 87 7.41 54.66 59.84
CA VAL E 87 7.59 53.55 58.91
C VAL E 87 8.33 52.46 59.66
N SER E 88 7.61 51.41 60.05
CA SER E 88 8.24 50.25 60.66
C SER E 88 8.79 49.36 59.54
N THR E 89 10.04 48.93 59.69
CA THR E 89 10.72 48.12 58.69
C THR E 89 10.96 46.72 59.22
N ILE E 90 10.68 45.73 58.38
CA ILE E 90 10.83 44.32 58.70
C ILE E 90 11.76 43.70 57.68
N CYS E 91 12.85 43.09 58.15
CA CYS E 91 13.81 42.42 57.29
C CYS E 91 13.51 40.92 57.31
N MET E 92 13.14 40.38 56.15
CA MET E 92 12.94 38.95 55.97
C MET E 92 13.82 38.47 54.83
N GLY E 93 14.50 37.35 55.03
CA GLY E 93 15.43 36.85 54.05
C GLY E 93 16.77 37.54 54.17
N GLN E 94 16.95 38.67 53.49
CA GLN E 94 18.18 39.43 53.61
C GLN E 94 17.87 40.89 53.35
N ALA E 95 18.80 41.75 53.80
CA ALA E 95 18.75 43.18 53.55
C ALA E 95 20.20 43.60 53.33
N ALA E 96 20.62 43.66 52.07
CA ALA E 96 22.00 44.00 51.74
C ALA E 96 22.10 45.39 51.13
N SER E 97 23.32 45.87 50.93
CA SER E 97 23.59 47.24 50.50
C SER E 97 22.46 48.29 50.79
N MET E 98 21.69 48.67 49.79
CA MET E 98 20.68 49.72 49.97
C MET E 98 19.50 49.22 50.81
N GLY E 99 19.27 47.90 50.77
CA GLY E 99 18.23 47.32 51.60
C GLY E 99 18.55 47.42 53.09
N ALA E 100 19.83 47.29 53.44
CA ALA E 100 20.22 47.42 54.83
C ALA E 100 20.11 48.87 55.30
N PHE E 101 20.36 49.82 54.39
CA PHE E 101 20.24 51.23 54.75
C PHE E 101 18.80 51.60 55.08
N LEU E 102 17.87 51.22 54.21
CA LEU E 102 16.47 51.56 54.45
C LEU E 102 15.94 50.84 55.69
N LEU E 103 16.44 49.64 55.96
CA LEU E 103 16.04 48.93 57.17
C LEU E 103 16.33 49.76 58.42
N THR E 104 17.54 50.30 58.53
CA THR E 104 17.90 51.05 59.73
C THR E 104 17.31 52.45 59.74
N ALA E 105 16.82 52.95 58.60
CA ALA E 105 16.19 54.26 58.55
C ALA E 105 14.76 54.22 59.06
N GLY E 106 14.26 53.06 59.47
CA GLY E 106 12.92 52.96 60.01
C GLY E 106 12.80 53.69 61.34
N ALA E 107 11.55 53.89 61.75
CA ALA E 107 11.29 54.61 62.99
C ALA E 107 12.02 53.95 64.15
N LYS E 108 12.83 54.74 64.86
CA LYS E 108 13.52 54.24 66.04
C LYS E 108 12.53 53.58 66.99
N GLY E 109 12.82 52.33 67.35
CA GLY E 109 11.93 51.53 68.16
C GLY E 109 11.04 50.60 67.38
N LYS E 110 10.99 50.74 66.05
CA LYS E 110 10.07 49.97 65.22
C LYS E 110 10.79 49.34 64.03
N ARG E 111 12.08 49.06 64.19
CA ARG E 111 12.85 48.32 63.19
C ARG E 111 13.02 46.89 63.67
N PHE E 112 12.81 45.93 62.76
CA PHE E 112 12.79 44.53 63.15
C PHE E 112 13.52 43.65 62.15
N CYS E 113 14.08 42.57 62.67
CA CYS E 113 14.62 41.46 61.88
C CYS E 113 13.90 40.18 62.27
N LEU E 114 13.75 39.27 61.32
CA LEU E 114 13.27 37.93 61.62
C LEU E 114 14.44 37.06 62.10
N PRO E 115 14.15 35.96 62.80
CA PRO E 115 15.22 35.23 63.50
C PRO E 115 16.38 34.82 62.62
N ASN E 116 16.13 34.44 61.37
CA ASN E 116 17.16 33.97 60.45
C ASN E 116 17.40 34.96 59.31
N SER E 117 17.12 36.23 59.54
CA SER E 117 17.46 37.24 58.54
C SER E 117 18.97 37.41 58.47
N ARG E 118 19.43 38.05 57.39
CA ARG E 118 20.85 38.31 57.20
C ARG E 118 20.98 39.70 56.61
N VAL E 119 21.91 40.49 57.14
CA VAL E 119 22.13 41.87 56.72
C VAL E 119 23.56 42.01 56.23
N MET E 120 23.74 42.73 55.12
CA MET E 120 25.07 42.98 54.57
C MET E 120 25.25 44.45 54.26
N ILE E 121 26.40 45.00 54.69
CA ILE E 121 26.74 46.39 54.47
C ILE E 121 28.07 46.46 53.74
N HIS E 122 28.23 47.50 52.92
CA HIS E 122 29.49 47.76 52.23
C HIS E 122 29.43 49.18 51.69
N GLN E 123 30.57 49.68 51.25
CA GLN E 123 30.66 51.06 50.77
C GLN E 123 30.04 51.16 49.38
N PRO E 124 29.79 52.38 48.91
CA PRO E 124 29.17 52.53 47.59
C PRO E 124 30.06 52.03 46.47
N LEU E 125 29.42 51.61 45.39
CA LEU E 125 30.11 51.20 44.18
C LEU E 125 29.72 52.12 43.03
N GLY E 126 30.56 52.16 42.00
CA GLY E 126 30.26 52.99 40.87
C GLY E 126 31.23 52.73 39.73
N GLY E 127 31.17 53.62 38.75
CA GLY E 127 32.06 53.51 37.60
C GLY E 127 31.82 54.61 36.60
N TYR E 128 32.85 54.97 35.82
CA TYR E 128 32.70 56.00 34.82
C TYR E 128 33.74 55.81 33.73
N GLN E 129 33.37 56.23 32.52
CA GLN E 129 34.27 56.29 31.38
C GLN E 129 34.22 57.70 30.84
N GLY E 130 35.37 58.27 30.51
CA GLY E 130 35.41 59.58 29.91
C GLY E 130 36.71 60.26 30.23
N GLN E 131 36.56 61.65 30.38
CA GLN E 131 37.72 62.58 30.47
C GLN E 131 38.34 62.56 31.76
N ALA E 132 39.68 62.56 31.83
CA ALA E 132 40.20 62.64 33.19
C ALA E 132 39.51 63.77 33.95
N THR E 133 39.21 64.88 33.26
CA THR E 133 38.48 65.96 33.89
C THR E 133 37.11 65.49 34.38
N ASP E 134 36.37 64.80 33.50
CA ASP E 134 35.07 64.26 33.89
C ASP E 134 35.21 63.18 34.96
N ILE E 135 36.28 62.39 34.88
CA ILE E 135 36.49 61.33 35.88
C ILE E 135 36.63 61.95 37.27
N GLU E 136 37.41 63.02 37.39
CA GLU E 136 37.56 63.66 38.69
C GLU E 136 36.23 64.15 39.21
N ILE E 137 35.36 64.64 38.32
CA ILE E 137 34.06 65.15 38.74
C ILE E 137 33.23 64.03 39.33
N HIS E 138 33.14 62.89 38.62
CA HIS E 138 32.31 61.78 39.06
C HIS E 138 32.95 61.03 40.22
N ALA E 139 34.27 60.89 40.23
CA ALA E 139 34.93 60.28 41.37
C ALA E 139 34.77 61.14 42.63
N ARG E 140 34.64 62.45 42.45
CA ARG E 140 34.46 63.35 43.57
C ARG E 140 33.03 63.30 44.11
N GLU E 141 32.04 63.07 43.25
CA GLU E 141 30.67 62.98 43.71
C GLU E 141 30.43 61.68 44.49
N ILE E 142 30.93 60.56 43.98
CA ILE E 142 30.70 59.27 44.63
C ILE E 142 31.33 59.24 46.01
N LEU E 143 32.42 59.99 46.21
CA LEU E 143 33.03 60.05 47.54
C LEU E 143 32.17 60.86 48.51
N LYS E 144 31.54 61.93 48.02
CA LYS E 144 30.59 62.66 48.86
C LYS E 144 29.40 61.78 49.23
N VAL E 145 28.85 61.05 48.26
CA VAL E 145 27.74 60.14 48.55
C VAL E 145 28.14 59.16 49.64
N LYS E 146 29.33 58.58 49.51
CA LYS E 146 29.86 57.72 50.56
C LYS E 146 29.89 58.46 51.89
N GLY E 147 30.23 59.74 51.87
CA GLY E 147 30.27 60.51 53.10
C GLY E 147 28.90 60.69 53.72
N ARG E 148 27.93 61.07 52.91
CA ARG E 148 26.57 61.25 53.44
C ARG E 148 25.98 59.91 53.87
N MET E 149 26.25 58.88 53.11
CA MET E 149 25.75 57.56 53.45
C MET E 149 26.27 57.09 54.81
N ASN E 150 27.56 57.30 55.05
CA ASN E 150 28.14 56.92 56.35
C ASN E 150 27.57 57.78 57.48
N GLU E 151 27.40 59.07 57.24
CA GLU E 151 26.83 59.93 58.26
C GLU E 151 25.43 59.50 58.64
N LEU E 152 24.58 59.27 57.63
CA LEU E 152 23.21 58.85 57.89
C LEU E 152 23.16 57.50 58.60
N MET E 153 24.06 56.59 58.22
CA MET E 153 24.14 55.30 58.89
C MET E 153 24.55 55.49 60.34
N ALA E 154 25.56 56.33 60.59
CA ALA E 154 25.96 56.62 61.95
C ALA E 154 24.82 57.26 62.74
N LEU E 155 23.99 58.06 62.07
CA LEU E 155 22.91 58.75 62.76
C LEU E 155 21.86 57.76 63.24
N HIS E 156 21.47 56.83 62.37
CA HIS E 156 20.37 55.91 62.69
C HIS E 156 20.82 54.75 63.58
N THR E 157 22.10 54.40 63.55
CA THR E 157 22.60 53.29 64.35
C THR E 157 23.16 53.71 65.70
N GLY E 158 23.52 54.99 65.86
CA GLY E 158 24.20 55.43 67.04
C GLY E 158 25.70 55.19 67.03
N GLN E 159 26.21 54.50 66.01
CA GLN E 159 27.64 54.30 65.88
C GLN E 159 28.32 55.59 65.47
N SER E 160 29.62 55.69 65.75
CA SER E 160 30.37 56.85 65.32
C SER E 160 30.60 56.82 63.82
N LEU E 161 30.85 58.00 63.25
CA LEU E 161 31.20 58.06 61.83
C LEU E 161 32.49 57.30 61.56
N GLU E 162 33.42 57.32 62.51
CA GLU E 162 34.68 56.61 62.36
C GLU E 162 34.48 55.11 62.29
N GLN E 163 33.47 54.59 63.01
CA GLN E 163 33.22 53.16 63.01
C GLN E 163 32.50 52.70 61.75
N ILE E 164 31.50 53.46 61.31
CA ILE E 164 30.78 53.11 60.08
C ILE E 164 31.75 53.03 58.91
N GLU E 165 32.74 53.94 58.87
CA GLU E 165 33.69 53.94 57.76
C GLU E 165 34.48 52.64 57.71
N ARG E 166 34.97 52.16 58.85
CA ARG E 166 35.81 50.97 58.85
C ARG E 166 35.03 49.72 58.51
N ASP E 167 33.82 49.59 59.06
CA ASP E 167 33.04 48.36 58.85
C ASP E 167 32.46 48.26 57.46
N THR E 168 32.41 49.37 56.70
CA THR E 168 31.82 49.35 55.36
C THR E 168 32.86 49.34 54.25
N GLU E 169 34.14 49.47 54.58
CA GLU E 169 35.17 49.44 53.54
C GLU E 169 35.08 48.17 52.71
N ARG E 170 34.77 47.05 53.36
CA ARG E 170 34.60 45.78 52.68
C ARG E 170 33.31 45.12 53.17
N ASP E 171 32.83 44.19 52.34
CA ASP E 171 31.60 43.47 52.66
C ASP E 171 31.66 42.92 54.09
N ARG E 172 30.56 43.09 54.81
CA ARG E 172 30.44 42.56 56.17
C ARG E 172 29.01 42.08 56.39
N PHE E 173 28.89 40.82 56.80
CA PHE E 173 27.60 40.20 57.06
C PHE E 173 27.27 40.25 58.54
N LEU E 174 26.00 40.52 58.85
CA LEU E 174 25.52 40.57 60.22
C LEU E 174 24.30 39.67 60.38
N SER E 175 24.31 38.82 61.40
CA SER E 175 23.13 38.04 61.74
C SER E 175 22.08 38.94 62.41
N ALA E 176 20.88 38.40 62.59
CA ALA E 176 19.83 39.17 63.24
C ALA E 176 20.25 39.66 64.62
N PRO E 177 20.73 38.80 65.53
CA PRO E 177 21.21 39.34 66.83
C PRO E 177 22.37 40.30 66.67
N GLU E 178 23.28 40.02 65.73
CA GLU E 178 24.36 40.97 65.47
C GLU E 178 23.82 42.30 64.97
N ALA E 179 22.74 42.26 64.18
CA ALA E 179 22.13 43.50 63.70
C ALA E 179 21.49 44.26 64.85
N VAL E 180 21.06 43.57 65.90
CA VAL E 180 20.51 44.24 67.08
C VAL E 180 21.62 44.94 67.85
N GLU E 181 22.76 44.28 68.01
CA GLU E 181 23.83 44.84 68.83
C GLU E 181 24.53 46.00 68.12
N TYR E 182 24.68 45.90 66.80
CA TYR E 182 25.34 46.96 66.04
C TYR E 182 24.47 48.21 65.95
N GLY E 183 23.15 48.06 66.08
CA GLY E 183 22.24 49.18 66.07
C GLY E 183 21.41 49.33 64.80
N LEU E 184 21.58 48.45 63.81
CA LEU E 184 20.78 48.60 62.60
C LEU E 184 19.30 48.39 62.89
N VAL E 185 18.99 47.46 63.80
CA VAL E 185 17.62 47.07 64.09
C VAL E 185 17.44 47.03 65.60
N ASP E 186 16.20 47.15 66.04
CA ASP E 186 15.87 47.31 67.44
C ASP E 186 15.64 46.00 68.17
N SER E 187 14.97 45.04 67.55
CA SER E 187 14.71 43.75 68.18
C SER E 187 14.43 42.73 67.09
N ILE E 188 14.24 41.48 67.49
CA ILE E 188 13.95 40.38 66.58
C ILE E 188 12.52 39.90 66.82
N LEU E 189 11.74 39.81 65.76
CA LEU E 189 10.40 39.26 65.82
C LEU E 189 10.48 37.75 65.61
N THR E 190 10.07 36.97 66.60
CA THR E 190 10.06 35.52 66.48
C THR E 190 8.66 34.92 66.41
N HIS E 191 7.77 35.30 67.34
CA HIS E 191 6.41 34.77 67.35
C HIS E 191 5.44 35.91 67.60
N ARG E 192 4.36 35.93 66.82
CA ARG E 192 3.38 37.01 66.94
C ARG E 192 2.72 36.98 68.31
N ASN E 193 2.73 38.13 68.98
CA ASN E 193 2.15 38.24 70.31
C ASN E 193 0.63 38.32 70.23
N VAL F 3 1.49 47.04 40.48
CA VAL F 3 0.52 48.11 40.34
C VAL F 3 -0.72 47.81 41.19
N PRO F 4 -0.61 47.99 42.51
CA PRO F 4 -1.76 47.70 43.39
C PRO F 4 -2.93 48.66 43.15
N MET F 5 -4.03 48.43 43.88
CA MET F 5 -5.24 49.22 43.72
C MET F 5 -5.40 50.24 44.84
N PHE F 17 -8.30 50.87 42.54
CA PHE F 17 -8.43 51.97 41.59
C PHE F 17 -7.05 52.34 41.00
N ASP F 18 -6.15 51.36 40.98
CA ASP F 18 -4.75 51.59 40.62
C ASP F 18 -4.13 52.59 41.60
N ILE F 19 -2.80 52.58 41.73
CA ILE F 19 -2.16 53.45 42.70
C ILE F 19 -1.80 54.80 42.07
N TYR F 20 -1.15 54.80 40.91
CA TYR F 20 -0.82 56.07 40.26
C TYR F 20 -2.08 56.82 39.83
N SER F 21 -3.18 56.13 39.67
CA SER F 21 -4.41 56.77 39.30
C SER F 21 -5.07 57.34 40.49
N ARG F 22 -4.90 56.68 41.61
CA ARG F 22 -5.43 57.23 42.86
C ARG F 22 -4.72 58.52 43.23
N LEU F 23 -3.39 58.56 43.07
CA LEU F 23 -2.66 59.78 43.39
C LEU F 23 -2.89 60.85 42.33
N LEU F 24 -3.35 60.46 41.13
CA LEU F 24 -3.75 61.43 40.12
C LEU F 24 -5.04 62.14 40.50
N LYS F 25 -5.88 61.51 41.34
CA LYS F 25 -7.04 62.20 41.87
C LYS F 25 -6.65 63.30 42.84
N GLU F 26 -5.55 63.11 43.57
CA GLU F 26 -4.94 64.17 44.36
C GLU F 26 -4.07 65.10 43.53
N ARG F 27 -4.06 64.92 42.21
CA ARG F 27 -3.42 65.84 41.27
C ARG F 27 -1.89 65.70 41.32
N VAL F 28 -1.44 64.45 41.36
CA VAL F 28 -0.01 64.12 41.46
C VAL F 28 0.42 63.33 40.24
N ILE F 29 1.44 63.82 39.56
CA ILE F 29 2.03 63.17 38.39
C ILE F 29 3.47 62.80 38.75
N PHE F 30 3.90 61.64 38.27
CA PHE F 30 5.25 61.13 38.53
C PHE F 30 6.05 61.11 37.24
N LEU F 31 7.19 61.79 37.26
CA LEU F 31 8.17 61.73 36.17
C LEU F 31 9.32 60.84 36.65
N THR F 32 9.37 59.61 36.13
CA THR F 32 10.29 58.61 36.63
C THR F 32 11.05 57.97 35.47
N GLY F 33 12.36 57.81 35.66
CA GLY F 33 13.18 57.13 34.69
C GLY F 33 13.58 58.02 33.53
N GLN F 34 14.00 57.39 32.45
CA GLN F 34 14.46 58.10 31.31
C GLN F 34 13.31 58.86 30.69
N VAL F 35 13.55 60.09 30.29
CA VAL F 35 12.57 60.94 29.62
C VAL F 35 12.59 60.60 28.13
N GLU F 36 11.42 60.31 27.57
CA GLU F 36 11.30 59.99 26.16
C GLU F 36 9.89 60.34 25.70
N ASP F 37 9.70 60.31 24.38
CA ASP F 37 8.48 60.85 23.79
C ASP F 37 7.22 60.26 24.42
N HIS F 38 7.23 58.97 24.72
CA HIS F 38 6.00 58.29 25.14
C HIS F 38 5.69 58.54 26.60
N MET F 39 6.66 58.35 27.49
CA MET F 39 6.44 58.68 28.89
C MET F 39 6.17 60.17 29.07
N ALA F 40 6.79 61.00 28.24
CA ALA F 40 6.56 62.44 28.33
C ALA F 40 5.19 62.81 27.79
N ASN F 41 4.79 62.19 26.69
CA ASN F 41 3.45 62.42 26.16
C ASN F 41 2.37 62.02 27.17
N LEU F 42 2.63 60.97 27.95
CA LEU F 42 1.69 60.56 28.98
C LEU F 42 1.59 61.62 30.08
N ILE F 43 2.71 62.26 30.43
CA ILE F 43 2.66 63.34 31.41
C ILE F 43 1.87 64.52 30.87
N VAL F 44 2.04 64.84 29.59
CA VAL F 44 1.28 65.93 29.00
C VAL F 44 -0.21 65.64 29.08
N ALA F 45 -0.60 64.38 28.83
CA ALA F 45 -2.01 64.02 28.91
C ALA F 45 -2.55 64.20 30.33
N GLN F 46 -1.77 63.82 31.33
CA GLN F 46 -2.22 63.99 32.71
C GLN F 46 -2.34 65.47 33.08
N MET F 47 -1.39 66.28 32.63
CA MET F 47 -1.41 67.71 32.95
C MET F 47 -2.61 68.38 32.30
N LEU F 48 -2.87 68.07 31.02
CA LEU F 48 -4.04 68.62 30.36
C LEU F 48 -5.31 68.13 31.03
N PHE F 49 -5.31 66.87 31.48
CA PHE F 49 -6.48 66.29 32.13
C PHE F 49 -6.75 66.99 33.46
N LEU F 50 -5.71 67.13 34.30
CA LEU F 50 -5.88 67.80 35.59
C LEU F 50 -6.31 69.25 35.39
N GLU F 51 -5.77 69.92 34.36
CA GLU F 51 -6.20 71.28 34.06
C GLU F 51 -7.71 71.34 33.83
N ALA F 52 -8.27 70.35 33.12
CA ALA F 52 -9.69 70.38 32.78
C ALA F 52 -10.57 70.24 34.02
N GLU F 53 -10.17 69.37 34.97
CA GLU F 53 -10.98 69.13 36.17
C GLU F 53 -10.98 70.31 37.13
N ASN F 54 -9.87 71.05 37.17
CA ASN F 54 -9.74 72.18 38.08
C ASN F 54 -8.58 73.07 37.58
N PRO F 55 -8.90 74.13 36.85
CA PRO F 55 -7.83 74.98 36.29
C PRO F 55 -7.11 75.82 37.32
N GLU F 56 -7.70 76.01 38.50
CA GLU F 56 -7.12 76.90 39.51
C GLU F 56 -6.21 76.16 40.50
N LYS F 57 -6.38 74.86 40.67
CA LYS F 57 -5.67 74.11 41.68
C LYS F 57 -4.31 73.65 41.16
N ASP F 58 -3.32 73.66 42.06
CA ASP F 58 -1.94 73.37 41.67
C ASP F 58 -1.78 71.91 41.25
N ILE F 59 -0.77 71.67 40.41
CA ILE F 59 -0.38 70.32 40.02
C ILE F 59 0.99 70.01 40.61
N TYR F 60 1.19 68.75 40.97
CA TYR F 60 2.35 68.31 41.73
C TYR F 60 3.10 67.25 40.91
N LEU F 61 4.32 67.59 40.49
CA LEU F 61 5.12 66.72 39.64
C LEU F 61 6.36 66.25 40.40
N TYR F 62 6.34 65.00 40.85
CA TYR F 62 7.53 64.39 41.43
C TYR F 62 8.48 63.95 40.32
N ILE F 63 9.77 64.22 40.50
CA ILE F 63 10.77 63.98 39.47
C ILE F 63 11.88 63.12 40.04
N ASN F 64 12.09 61.95 39.43
CA ASN F 64 13.22 61.07 39.75
C ASN F 64 13.69 60.49 38.41
N SER F 65 14.67 61.16 37.80
CA SER F 65 15.08 60.83 36.44
C SER F 65 16.57 61.01 36.24
N PRO F 66 17.24 60.12 35.47
CA PRO F 66 18.66 60.27 35.18
C PRO F 66 18.92 61.02 33.90
N GLY F 67 17.91 61.24 33.10
CA GLY F 67 18.03 62.00 31.89
C GLY F 67 17.29 61.52 30.69
N GLY F 68 17.27 62.30 29.63
CA GLY F 68 16.61 61.84 28.45
C GLY F 68 16.61 62.73 27.26
N VAL F 69 15.74 62.45 26.32
CA VAL F 69 15.66 63.18 25.09
C VAL F 69 15.18 64.57 25.34
N ILE F 70 15.68 65.55 24.60
CA ILE F 70 15.31 66.92 24.82
C ILE F 70 13.97 67.29 24.27
N THR F 71 13.70 66.98 23.02
CA THR F 71 12.41 67.27 22.44
C THR F 71 11.28 66.70 23.29
N ALA F 72 11.43 65.46 23.75
CA ALA F 72 10.42 64.88 24.61
C ALA F 72 10.26 65.69 25.90
N GLY F 73 11.38 66.10 26.50
CA GLY F 73 11.29 66.88 27.73
C GLY F 73 10.67 68.25 27.51
N MET F 74 10.95 68.87 26.38
CA MET F 74 10.42 70.20 26.12
C MET F 74 8.92 70.18 25.87
N SER F 75 8.37 69.04 25.41
CA SER F 75 6.92 68.93 25.32
C SER F 75 6.27 69.04 26.69
N ILE F 76 6.96 68.58 27.73
CA ILE F 76 6.46 68.74 29.09
C ILE F 76 6.61 70.20 29.52
N TYR F 77 7.78 70.78 29.27
CA TYR F 77 8.04 72.15 29.68
C TYR F 77 6.99 73.10 29.11
N ASP F 78 6.77 73.03 27.79
CA ASP F 78 5.80 73.94 27.16
C ASP F 78 4.40 73.70 27.70
N THR F 79 4.07 72.46 28.05
CA THR F 79 2.76 72.18 28.65
C THR F 79 2.69 72.75 30.06
N MET F 80 3.77 72.63 30.83
CA MET F 80 3.80 73.18 32.18
C MET F 80 3.52 74.68 32.16
N GLN F 81 4.15 75.41 31.24
CA GLN F 81 3.98 76.86 31.18
C GLN F 81 2.67 77.25 30.52
N PHE F 82 2.15 76.41 29.62
CA PHE F 82 0.97 76.77 28.85
C PHE F 82 -0.31 76.67 29.68
N ILE F 83 -0.46 75.61 30.48
CA ILE F 83 -1.71 75.41 31.20
C ILE F 83 -1.87 76.48 32.28
N LYS F 84 -3.13 76.63 32.75
CA LYS F 84 -3.41 77.61 33.79
C LYS F 84 -2.78 77.22 35.13
N PRO F 85 -3.01 76.00 35.64
CA PRO F 85 -2.50 75.68 36.98
C PRO F 85 -0.99 75.82 37.10
N ASP F 86 -0.55 76.23 38.27
CA ASP F 86 0.88 76.20 38.59
C ASP F 86 1.31 74.75 38.76
N VAL F 87 2.46 74.41 38.23
CA VAL F 87 3.02 73.06 38.33
C VAL F 87 4.13 73.12 39.35
N SER F 88 3.90 72.57 40.54
CA SER F 88 4.91 72.47 41.58
C SER F 88 5.73 71.21 41.35
N THR F 89 7.05 71.35 41.44
CA THR F 89 7.98 70.26 41.18
C THR F 89 8.66 69.81 42.47
N ILE F 90 8.76 68.50 42.64
CA ILE F 90 9.38 67.88 43.81
C ILE F 90 10.45 66.92 43.32
N CYS F 91 11.68 67.12 43.75
CA CYS F 91 12.78 66.25 43.35
C CYS F 91 13.01 65.23 44.46
N MET F 92 12.87 63.94 44.11
CA MET F 92 13.16 62.85 45.02
C MET F 92 14.16 61.92 44.33
N GLY F 93 15.19 61.52 45.06
CA GLY F 93 16.23 60.69 44.48
C GLY F 93 17.25 61.49 43.71
N GLN F 94 16.99 61.73 42.42
CA GLN F 94 17.88 62.56 41.63
C GLN F 94 17.08 63.20 40.50
N ALA F 95 17.66 64.19 39.88
CA ALA F 95 17.07 64.85 38.76
C ALA F 95 18.23 65.26 37.90
N ALA F 96 18.65 64.37 37.01
CA ALA F 96 19.81 64.64 36.18
C ALA F 96 19.43 65.00 34.76
N SER F 97 20.37 65.66 34.08
CA SER F 97 20.20 66.11 32.70
C SER F 97 18.76 66.81 32.46
N MET F 98 17.76 66.20 31.84
CA MET F 98 16.53 66.91 31.60
C MET F 98 15.63 67.14 32.82
N GLY F 99 15.63 66.20 33.81
CA GLY F 99 14.83 66.14 35.00
C GLY F 99 15.11 67.36 35.84
N ALA F 100 16.34 67.83 35.79
CA ALA F 100 16.76 69.00 36.49
C ALA F 100 16.25 70.19 35.74
N PHE F 101 16.15 70.09 34.44
CA PHE F 101 15.61 71.16 33.68
C PHE F 101 14.14 71.35 34.00
N LEU F 102 13.38 70.27 34.01
CA LEU F 102 11.96 70.37 34.32
C LEU F 102 11.72 70.71 35.79
N LEU F 103 12.62 70.26 36.69
CA LEU F 103 12.51 70.64 38.09
C LEU F 103 12.53 72.16 38.25
N THR F 104 13.47 72.82 37.59
CA THR F 104 13.61 74.26 37.71
C THR F 104 12.51 75.02 36.98
N ALA F 105 11.79 74.36 36.08
CA ALA F 105 10.69 74.99 35.37
C ALA F 105 9.42 75.08 36.19
N GLY F 106 9.41 74.56 37.40
CA GLY F 106 8.22 74.64 38.24
C GLY F 106 7.88 76.08 38.59
N ALA F 107 6.65 76.27 39.05
CA ALA F 107 6.19 77.59 39.46
C ALA F 107 7.12 78.15 40.53
N LYS F 108 7.51 79.41 40.39
CA LYS F 108 8.48 79.98 41.30
C LYS F 108 7.86 80.09 42.70
N GLY F 109 8.60 79.61 43.69
CA GLY F 109 8.10 79.47 45.04
C GLY F 109 7.51 78.11 45.36
N LYS F 110 7.36 77.24 44.36
CA LYS F 110 6.77 75.92 44.55
C LYS F 110 7.66 74.82 43.99
N ARG F 111 8.97 75.07 43.90
CA ARG F 111 9.94 74.06 43.51
C ARG F 111 10.67 73.56 44.75
N PHE F 112 10.77 72.24 44.88
CA PHE F 112 11.27 71.64 46.11
C PHE F 112 12.24 70.51 45.82
N CYS F 113 13.20 70.34 46.72
CA CYS F 113 14.07 69.18 46.78
C CYS F 113 13.89 68.51 48.13
N LEU F 114 14.04 67.19 48.15
CA LEU F 114 14.09 66.47 49.41
C LEU F 114 15.52 66.50 49.95
N PRO F 115 15.69 66.29 51.26
CA PRO F 115 16.98 66.60 51.89
C PRO F 115 18.17 65.93 51.23
N ASN F 116 18.02 64.69 50.78
CA ASN F 116 19.13 63.94 50.19
C ASN F 116 18.95 63.72 48.69
N SER F 117 18.21 64.59 48.02
CA SER F 117 18.11 64.53 46.57
C SER F 117 19.40 65.01 45.93
N ARG F 118 19.65 64.51 44.73
CA ARG F 118 20.80 64.92 43.92
C ARG F 118 20.29 65.63 42.67
N VAL F 119 21.06 66.59 42.18
CA VAL F 119 20.77 67.27 40.93
C VAL F 119 22.05 67.37 40.12
N MET F 120 22.00 67.09 38.83
CA MET F 120 23.16 67.14 38.01
C MET F 120 22.82 67.86 36.74
N ILE F 121 23.68 68.75 36.27
CA ILE F 121 23.36 69.44 35.04
C ILE F 121 24.52 69.40 34.10
N HIS F 122 24.26 69.45 32.80
CA HIS F 122 25.30 69.45 31.79
C HIS F 122 24.78 70.02 30.49
N GLN F 123 25.62 70.16 29.47
CA GLN F 123 25.16 70.70 28.20
C GLN F 123 24.57 69.64 27.32
N PRO F 124 23.89 70.03 26.25
CA PRO F 124 23.32 69.00 25.43
C PRO F 124 24.30 68.12 24.71
N LEU F 125 23.93 66.87 24.52
CA LEU F 125 24.70 65.94 23.76
C LEU F 125 23.98 65.70 22.48
N GLY F 126 24.60 65.01 21.50
CA GLY F 126 24.05 64.69 20.20
C GLY F 126 25.03 63.92 19.34
N GLY F 127 24.64 63.74 18.08
CA GLY F 127 25.48 63.05 17.12
C GLY F 127 24.84 62.90 15.76
N TYR F 128 25.65 62.81 14.71
CA TYR F 128 25.13 62.68 13.36
C TYR F 128 26.20 62.07 12.46
N GLN F 129 25.74 61.30 11.48
CA GLN F 129 26.58 60.79 10.39
C GLN F 129 26.03 61.25 9.06
N GLY F 130 26.93 61.57 8.14
CA GLY F 130 26.54 61.94 6.79
C GLY F 130 27.58 62.84 6.16
N GLN F 131 27.15 63.51 5.10
CA GLN F 131 28.01 64.43 4.37
C GLN F 131 28.35 65.65 5.22
N ALA F 132 29.47 66.30 4.88
CA ALA F 132 29.89 67.49 5.61
C ALA F 132 28.82 68.55 5.61
N THR F 133 28.12 68.72 4.48
CA THR F 133 27.05 69.71 4.40
C THR F 133 25.97 69.41 5.44
N ASP F 134 25.53 68.15 5.53
CA ASP F 134 24.54 67.80 6.54
C ASP F 134 25.09 67.93 7.95
N ILE F 135 26.38 67.63 8.14
CA ILE F 135 26.98 67.73 9.48
C ILE F 135 26.89 69.17 9.99
N GLU F 136 27.17 70.14 9.12
CA GLU F 136 27.10 71.54 9.55
C GLU F 136 25.68 71.91 9.95
N ILE F 137 24.69 71.41 9.20
CA ILE F 137 23.30 71.72 9.52
C ILE F 137 22.94 71.20 10.90
N HIS F 138 23.31 69.95 11.20
CA HIS F 138 22.96 69.37 12.48
C HIS F 138 23.83 69.91 13.61
N ALA F 139 25.10 70.22 13.33
CA ALA F 139 25.94 70.86 14.33
C ALA F 139 25.42 72.26 14.65
N ARG F 140 25.00 73.00 13.63
CA ARG F 140 24.45 74.34 13.86
C ARG F 140 23.18 74.29 14.67
N GLU F 141 22.35 73.26 14.45
CA GLU F 141 21.07 73.18 15.15
C GLU F 141 21.25 72.86 16.63
N ILE F 142 22.11 71.90 16.94
CA ILE F 142 22.31 71.54 18.35
C ILE F 142 22.90 72.71 19.12
N LEU F 143 23.69 73.55 18.44
CA LEU F 143 24.21 74.75 19.09
C LEU F 143 23.10 75.78 19.30
N LYS F 144 22.08 75.77 18.45
CA LYS F 144 20.93 76.65 18.69
C LYS F 144 20.07 76.12 19.83
N VAL F 145 19.91 74.79 19.93
CA VAL F 145 19.20 74.20 21.05
C VAL F 145 19.92 74.54 22.35
N LYS F 146 21.23 74.35 22.37
CA LYS F 146 22.04 74.69 23.56
C LYS F 146 21.79 76.12 24.00
N GLY F 147 21.69 77.05 23.04
CA GLY F 147 21.46 78.44 23.41
C GLY F 147 20.13 78.65 24.10
N ARG F 148 19.05 78.15 23.48
CA ARG F 148 17.74 78.25 24.12
C ARG F 148 17.72 77.51 25.45
N MET F 149 18.43 76.39 25.53
CA MET F 149 18.52 75.66 26.78
C MET F 149 19.07 76.54 27.89
N ASN F 150 20.16 77.26 27.60
CA ASN F 150 20.77 78.14 28.59
C ASN F 150 19.92 79.39 28.84
N GLU F 151 19.28 79.93 27.80
CA GLU F 151 18.45 81.11 27.97
C GLU F 151 17.31 80.84 28.95
N LEU F 152 16.58 79.75 28.75
CA LEU F 152 15.46 79.44 29.64
C LEU F 152 15.96 79.13 31.04
N MET F 153 17.07 78.40 31.14
CA MET F 153 17.65 78.06 32.45
C MET F 153 17.99 79.32 33.23
N ALA F 154 18.59 80.31 32.57
CA ALA F 154 18.95 81.55 33.26
C ALA F 154 17.71 82.26 33.78
N LEU F 155 16.61 82.21 33.03
CA LEU F 155 15.40 82.90 33.46
C LEU F 155 14.81 82.26 34.72
N HIS F 156 14.78 80.92 34.78
CA HIS F 156 14.15 80.25 35.90
C HIS F 156 15.04 80.22 37.14
N THR F 157 16.36 80.21 36.96
CA THR F 157 17.28 80.17 38.09
C THR F 157 17.64 81.56 38.61
N GLY F 158 17.53 82.59 37.77
CA GLY F 158 18.00 83.91 38.11
C GLY F 158 19.46 84.13 37.82
N GLN F 159 20.18 83.08 37.42
CA GLN F 159 21.57 83.23 37.04
C GLN F 159 21.69 84.00 35.73
N SER F 160 22.90 84.49 35.47
CA SER F 160 23.18 85.13 34.20
C SER F 160 23.36 84.09 33.11
N LEU F 161 23.09 84.50 31.86
CA LEU F 161 23.28 83.59 30.73
C LEU F 161 24.72 83.11 30.64
N GLU F 162 25.68 83.93 31.06
CA GLU F 162 27.08 83.51 31.02
C GLU F 162 27.42 82.53 32.13
N GLN F 163 26.76 82.64 33.29
CA GLN F 163 27.00 81.69 34.37
C GLN F 163 26.47 80.31 33.98
N ILE F 164 25.26 80.25 33.42
CA ILE F 164 24.71 78.97 32.98
C ILE F 164 25.63 78.32 31.95
N GLU F 165 26.22 79.12 31.08
CA GLU F 165 27.15 78.59 30.09
C GLU F 165 28.35 77.94 30.76
N ARG F 166 28.88 78.57 31.80
CA ARG F 166 30.10 78.08 32.45
C ARG F 166 29.84 76.82 33.27
N ASP F 167 28.62 76.65 33.78
CA ASP F 167 28.31 75.54 34.68
C ASP F 167 27.78 74.31 33.98
N THR F 168 27.37 74.43 32.72
CA THR F 168 26.84 73.27 31.99
C THR F 168 27.84 72.71 30.98
N GLU F 169 28.98 73.36 30.86
CA GLU F 169 29.97 72.93 29.96
C GLU F 169 30.40 71.57 30.38
N ARG F 170 30.41 71.28 31.66
CA ARG F 170 30.75 69.94 32.07
C ARG F 170 29.79 69.53 33.15
N ASP F 171 29.73 68.24 33.38
CA ASP F 171 28.87 67.69 34.38
C ASP F 171 29.05 68.35 35.73
N ARG F 172 27.99 68.92 36.29
CA ARG F 172 28.07 69.60 37.57
C ARG F 172 26.99 69.04 38.49
N PHE F 173 27.41 68.56 39.66
CA PHE F 173 26.48 68.04 40.66
C PHE F 173 26.19 69.10 41.70
N LEU F 174 24.94 69.15 42.15
CA LEU F 174 24.49 70.07 43.18
C LEU F 174 23.72 69.28 44.24
N SER F 175 24.07 69.48 45.51
CA SER F 175 23.31 68.88 46.58
C SER F 175 21.98 69.63 46.75
N ALA F 176 21.11 69.08 47.59
CA ALA F 176 19.84 69.76 47.86
C ALA F 176 20.04 71.18 48.35
N PRO F 177 20.89 71.45 49.35
CA PRO F 177 21.12 72.86 49.74
C PRO F 177 21.81 73.66 48.66
N GLU F 178 22.74 73.06 47.90
CA GLU F 178 23.38 73.79 46.82
C GLU F 178 22.39 74.20 45.73
N ALA F 179 21.32 73.41 45.56
CA ALA F 179 20.33 73.74 44.53
C ALA F 179 19.47 74.92 44.95
N VAL F 180 19.32 75.14 46.26
CA VAL F 180 18.55 76.29 46.71
C VAL F 180 19.34 77.57 46.52
N GLU F 181 20.66 77.52 46.76
CA GLU F 181 21.49 78.71 46.57
C GLU F 181 21.65 79.04 45.09
N TYR F 182 21.81 78.02 44.25
CA TYR F 182 21.95 78.23 42.81
C TYR F 182 20.67 78.78 42.18
N GLY F 183 19.52 78.52 42.79
CA GLY F 183 18.25 79.01 42.27
C GLY F 183 17.43 77.96 41.56
N LEU F 184 17.90 76.72 41.49
CA LEU F 184 17.16 75.68 40.79
C LEU F 184 15.84 75.37 41.50
N VAL F 185 15.84 75.42 42.83
CA VAL F 185 14.66 75.13 43.64
C VAL F 185 14.54 76.20 44.70
N ASP F 186 13.34 76.29 45.28
CA ASP F 186 13.04 77.35 46.24
C ASP F 186 13.36 76.98 47.67
N SER F 187 13.08 75.74 48.09
CA SER F 187 13.36 75.31 49.45
C SER F 187 13.49 73.80 49.47
N ILE F 188 13.75 73.25 50.65
CA ILE F 188 13.92 71.82 50.85
C ILE F 188 12.79 71.32 51.74
N LEU F 189 12.13 70.25 51.33
CA LEU F 189 11.10 69.61 52.15
C LEU F 189 11.77 68.67 53.14
N THR F 190 11.63 68.97 54.43
CA THR F 190 12.23 68.14 55.47
C THR F 190 11.23 67.24 56.18
N HIS F 191 10.05 67.75 56.49
CA HIS F 191 9.02 66.97 57.15
C HIS F 191 7.67 67.61 56.86
N ARG F 192 6.61 66.81 57.01
CA ARG F 192 5.26 67.26 56.67
C ARG F 192 4.74 68.21 57.74
N ASN F 193 4.29 69.38 57.32
CA ASN F 193 3.83 70.43 58.24
C ASN F 193 2.52 70.03 58.92
N VAL G 3 -0.12 54.16 31.62
CA VAL G 3 -1.54 54.25 31.25
C VAL G 3 -2.43 54.29 32.49
N PRO G 4 -2.43 55.44 33.18
CA PRO G 4 -3.26 55.60 34.38
C PRO G 4 -4.74 55.85 34.05
N MET G 5 -5.61 55.79 35.06
CA MET G 5 -7.03 56.05 34.84
C MET G 5 -7.44 57.43 35.36
N PHE G 17 -11.91 55.02 30.96
CA PHE G 17 -11.09 54.62 32.10
C PHE G 17 -9.61 54.95 31.83
N ASP G 18 -9.15 54.67 30.62
CA ASP G 18 -7.82 55.05 30.19
C ASP G 18 -7.71 56.58 30.13
N ILE G 19 -6.48 57.08 30.13
CA ILE G 19 -6.28 58.53 30.12
C ILE G 19 -6.38 59.05 28.69
N TYR G 20 -5.75 58.36 27.75
CA TYR G 20 -5.92 58.76 26.34
C TYR G 20 -7.37 58.58 25.91
N SER G 21 -8.08 57.62 26.51
CA SER G 21 -9.49 57.44 26.21
C SER G 21 -10.34 58.51 26.88
N ARG G 22 -9.93 58.95 28.07
CA ARG G 22 -10.67 60.00 28.76
C ARG G 22 -10.50 61.35 28.08
N LEU G 23 -9.33 61.62 27.51
CA LEU G 23 -9.14 62.82 26.71
C LEU G 23 -9.75 62.70 25.32
N LEU G 24 -10.04 61.47 24.87
CA LEU G 24 -10.74 61.30 23.60
C LEU G 24 -12.18 61.78 23.70
N LYS G 25 -12.79 61.64 24.86
CA LYS G 25 -14.12 62.22 25.07
C LYS G 25 -14.09 63.73 24.89
N GLU G 26 -12.96 64.36 25.21
CA GLU G 26 -12.77 65.78 24.96
C GLU G 26 -12.39 66.08 23.51
N ARG G 27 -12.29 65.06 22.65
CA ARG G 27 -11.92 65.22 21.25
C ARG G 27 -10.44 65.57 21.08
N VAL G 28 -9.59 64.87 21.82
CA VAL G 28 -8.15 65.07 21.78
C VAL G 28 -7.50 63.76 21.35
N ILE G 29 -6.73 63.81 20.26
CA ILE G 29 -6.01 62.66 19.75
C ILE G 29 -4.52 62.95 19.86
N PHE G 30 -3.74 61.93 20.20
CA PHE G 30 -2.30 62.06 20.35
C PHE G 30 -1.61 61.27 19.25
N LEU G 31 -0.81 61.96 18.45
CA LEU G 31 0.08 61.34 17.46
C LEU G 31 1.49 61.39 18.03
N THR G 32 1.98 60.25 18.49
CA THR G 32 3.23 60.18 19.23
C THR G 32 4.10 59.09 18.63
N GLY G 33 5.39 59.38 18.53
CA GLY G 33 6.34 58.41 18.00
C GLY G 33 6.34 58.41 16.49
N GLN G 34 7.10 57.49 15.92
CA GLN G 34 7.17 57.42 14.46
C GLN G 34 5.85 56.89 13.89
N VAL G 35 5.50 57.39 12.71
CA VAL G 35 4.22 57.07 12.09
C VAL G 35 4.39 55.83 11.23
N GLU G 36 3.46 54.88 11.38
CA GLU G 36 3.49 53.63 10.63
C GLU G 36 2.06 53.13 10.50
N ASP G 37 1.89 52.10 9.66
CA ASP G 37 0.55 51.70 9.23
C ASP G 37 -0.39 51.48 10.41
N HIS G 38 0.11 50.90 11.50
CA HIS G 38 -0.77 50.47 12.58
C HIS G 38 -1.15 51.63 13.50
N MET G 39 -0.18 52.41 13.95
CA MET G 39 -0.50 53.57 14.79
C MET G 39 -1.35 54.58 14.02
N ALA G 40 -1.12 54.68 12.71
CA ALA G 40 -1.92 55.60 11.89
C ALA G 40 -3.35 55.09 11.73
N ASN G 41 -3.55 53.80 11.64
CA ASN G 41 -4.89 53.26 11.52
C ASN G 41 -5.77 53.64 12.70
N LEU G 42 -5.18 53.65 13.92
CA LEU G 42 -5.94 54.04 15.11
C LEU G 42 -6.28 55.53 15.13
N ILE G 43 -5.35 56.40 14.66
CA ILE G 43 -5.70 57.81 14.56
C ILE G 43 -6.86 57.97 13.57
N VAL G 44 -6.81 57.23 12.47
CA VAL G 44 -7.92 57.26 11.53
C VAL G 44 -9.19 56.79 12.23
N ALA G 45 -9.08 55.73 13.03
CA ALA G 45 -10.24 55.22 13.74
C ALA G 45 -10.78 56.25 14.73
N GLN G 46 -9.89 56.92 15.46
CA GLN G 46 -10.34 57.94 16.40
C GLN G 46 -10.99 59.10 15.69
N MET G 47 -10.43 59.51 14.55
CA MET G 47 -11.03 60.60 13.78
C MET G 47 -12.42 60.20 13.27
N LEU G 48 -12.53 58.99 12.72
CA LEU G 48 -13.82 58.53 12.23
C LEU G 48 -14.83 58.41 13.37
N PHE G 49 -14.38 57.98 14.54
CA PHE G 49 -15.28 57.87 15.68
C PHE G 49 -15.76 59.25 16.13
N LEU G 50 -14.83 60.19 16.32
CA LEU G 50 -15.22 61.52 16.75
C LEU G 50 -16.15 62.18 15.73
N GLU G 51 -15.88 61.96 14.44
CA GLU G 51 -16.78 62.48 13.41
C GLU G 51 -18.20 61.98 13.64
N ALA G 52 -18.35 60.68 13.91
CA ALA G 52 -19.68 60.11 14.11
C ALA G 52 -20.35 60.71 15.34
N GLU G 53 -19.57 61.01 16.38
CA GLU G 53 -20.16 61.53 17.61
C GLU G 53 -20.69 62.94 17.41
N ASN G 54 -20.01 63.74 16.60
CA ASN G 54 -20.46 65.10 16.35
C ASN G 54 -19.65 65.71 15.19
N PRO G 55 -20.19 65.73 13.97
CA PRO G 55 -19.39 66.23 12.84
C PRO G 55 -19.20 67.75 12.82
N GLU G 56 -19.63 68.45 13.87
CA GLU G 56 -19.53 69.89 13.90
C GLU G 56 -18.50 70.43 14.89
N LYS G 57 -18.11 69.64 15.89
CA LYS G 57 -17.10 70.07 16.86
C LYS G 57 -15.71 69.78 16.33
N ASP G 58 -14.77 70.69 16.60
CA ASP G 58 -13.41 70.53 16.11
C ASP G 58 -12.73 69.33 16.75
N ILE G 59 -11.74 68.80 16.05
CA ILE G 59 -10.88 67.73 16.56
C ILE G 59 -9.49 68.30 16.80
N TYR G 60 -8.83 67.78 17.83
CA TYR G 60 -7.56 68.31 18.34
C TYR G 60 -6.50 67.22 18.23
N LEU G 61 -5.51 67.44 17.37
CA LEU G 61 -4.46 66.46 17.10
C LEU G 61 -3.13 67.00 17.62
N TYR G 62 -2.68 66.47 18.75
CA TYR G 62 -1.35 66.79 19.26
C TYR G 62 -0.31 65.96 18.52
N ILE G 63 0.80 66.61 18.15
CA ILE G 63 1.82 66.00 17.32
C ILE G 63 3.17 66.13 18.02
N ASN G 64 3.78 64.99 18.32
CA ASN G 64 5.16 64.92 18.81
C ASN G 64 5.75 63.66 18.16
N SER G 65 6.34 63.83 16.98
CA SER G 65 6.79 62.70 16.18
C SER G 65 8.06 63.06 15.43
N PRO G 66 9.00 62.13 15.30
CA PRO G 66 10.22 62.38 14.51
C PRO G 66 10.12 62.00 13.03
N GLY G 67 8.95 61.60 12.56
CA GLY G 67 8.77 61.19 11.17
C GLY G 67 8.23 59.79 11.07
N GLY G 68 8.14 59.29 9.85
CA GLY G 68 7.67 57.94 9.64
C GLY G 68 7.38 57.67 8.18
N VAL G 69 6.63 56.60 7.95
CA VAL G 69 6.36 56.14 6.59
C VAL G 69 5.46 57.14 5.89
N ILE G 70 5.66 57.31 4.58
CA ILE G 70 4.88 58.29 3.83
C ILE G 70 3.44 57.81 3.67
N THR G 71 3.25 56.60 3.16
CA THR G 71 1.91 56.07 2.94
C THR G 71 1.09 56.08 4.22
N ALA G 72 1.68 55.62 5.33
CA ALA G 72 0.97 55.62 6.60
C ALA G 72 0.56 57.03 6.99
N GLY G 73 1.44 58.00 6.80
CA GLY G 73 1.10 59.37 7.14
C GLY G 73 0.01 59.93 6.24
N MET G 74 0.00 59.54 4.97
CA MET G 74 -0.99 60.08 4.03
C MET G 74 -2.38 59.51 4.30
N SER G 75 -2.49 58.33 4.90
CA SER G 75 -3.81 57.84 5.30
C SER G 75 -4.42 58.76 6.35
N ILE G 76 -3.58 59.38 7.18
CA ILE G 76 -4.07 60.37 8.13
C ILE G 76 -4.43 61.66 7.41
N TYR G 77 -3.55 62.10 6.50
CA TYR G 77 -3.82 63.34 5.78
C TYR G 77 -5.16 63.26 5.06
N ASP G 78 -5.38 62.21 4.27
CA ASP G 78 -6.62 62.09 3.52
C ASP G 78 -7.82 61.99 4.45
N THR G 79 -7.64 61.40 5.63
CA THR G 79 -8.74 61.34 6.60
C THR G 79 -9.02 62.72 7.20
N MET G 80 -7.97 63.48 7.49
CA MET G 80 -8.16 64.83 8.04
C MET G 80 -8.97 65.70 7.08
N GLN G 81 -8.66 65.64 5.79
CA GLN G 81 -9.32 66.49 4.82
C GLN G 81 -10.72 65.98 4.44
N PHE G 82 -10.93 64.68 4.54
CA PHE G 82 -12.21 64.11 4.07
C PHE G 82 -13.34 64.38 5.06
N ILE G 83 -13.09 64.20 6.36
CA ILE G 83 -14.16 64.34 7.34
C ILE G 83 -14.59 65.81 7.42
N LYS G 84 -15.87 66.00 7.79
CA LYS G 84 -16.42 67.34 7.89
C LYS G 84 -15.71 68.20 8.94
N PRO G 85 -15.61 67.77 10.19
CA PRO G 85 -15.05 68.66 11.22
C PRO G 85 -13.63 69.11 10.90
N ASP G 86 -13.33 70.34 11.32
CA ASP G 86 -11.96 70.85 11.22
C ASP G 86 -11.06 70.14 12.21
N VAL G 87 -9.85 69.80 11.75
CA VAL G 87 -8.84 69.13 12.57
C VAL G 87 -7.78 70.16 12.94
N SER G 88 -7.78 70.57 14.20
CA SER G 88 -6.76 71.48 14.72
C SER G 88 -5.53 70.67 15.13
N THR G 89 -4.35 71.16 14.76
CA THR G 89 -3.10 70.47 15.05
C THR G 89 -2.29 71.26 16.06
N ILE G 90 -1.70 70.56 17.04
CA ILE G 90 -0.85 71.19 18.03
C ILE G 90 0.49 70.46 18.04
N CYS G 91 1.58 71.19 17.82
CA CYS G 91 2.93 70.62 17.82
C CYS G 91 3.54 70.87 19.19
N MET G 92 3.87 69.79 19.89
CA MET G 92 4.55 69.85 21.17
C MET G 92 5.80 68.99 21.09
N GLY G 93 6.91 69.51 21.59
CA GLY G 93 8.17 68.79 21.50
C GLY G 93 8.83 68.97 20.16
N GLN G 94 8.46 68.14 19.18
CA GLN G 94 9.02 68.27 17.84
C GLN G 94 8.00 67.76 16.84
N ALA G 95 8.15 68.20 15.59
CA ALA G 95 7.36 67.70 14.47
C ALA G 95 8.30 67.61 13.28
N ALA G 96 8.86 66.42 13.04
CA ALA G 96 9.81 66.23 11.95
C ALA G 96 9.17 65.41 10.82
N SER G 97 9.87 65.23 9.72
CA SER G 97 9.31 64.66 8.48
C SER G 97 7.74 64.62 8.41
N MET G 98 7.15 63.43 8.28
CA MET G 98 5.70 63.30 8.24
C MET G 98 4.97 63.98 9.39
N GLY G 99 5.61 64.08 10.56
CA GLY G 99 5.01 64.82 11.66
C GLY G 99 4.82 66.29 11.32
N ALA G 100 5.80 66.88 10.63
CA ALA G 100 5.67 68.26 10.21
C ALA G 100 4.61 68.41 9.13
N PHE G 101 4.51 67.44 8.23
CA PHE G 101 3.51 67.53 7.15
C PHE G 101 2.09 67.54 7.72
N LEU G 102 1.80 66.64 8.66
CA LEU G 102 0.46 66.59 9.21
C LEU G 102 0.15 67.83 10.05
N LEU G 103 1.17 68.40 10.70
CA LEU G 103 0.97 69.64 11.44
C LEU G 103 0.44 70.74 10.51
N THR G 104 1.07 70.91 9.35
CA THR G 104 0.65 71.96 8.43
C THR G 104 -0.65 71.62 7.72
N ALA G 105 -1.05 70.34 7.72
CA ALA G 105 -2.29 69.93 7.09
C ALA G 105 -3.52 70.23 7.93
N GLY G 106 -3.34 70.77 9.13
CA GLY G 106 -4.47 71.12 9.96
C GLY G 106 -5.31 72.22 9.33
N ALA G 107 -6.53 72.36 9.85
CA ALA G 107 -7.43 73.38 9.35
C ALA G 107 -6.77 74.75 9.45
N LYS G 108 -6.85 75.52 8.36
CA LYS G 108 -6.26 76.85 8.36
C LYS G 108 -6.77 77.66 9.54
N GLY G 109 -5.87 78.43 10.16
CA GLY G 109 -6.19 79.19 11.35
C GLY G 109 -6.24 78.39 12.63
N LYS G 110 -6.10 77.06 12.56
CA LYS G 110 -6.18 76.20 13.75
C LYS G 110 -4.96 75.30 13.86
N ARG G 111 -3.85 75.70 13.27
CA ARG G 111 -2.58 75.02 13.40
C ARG G 111 -1.75 75.80 14.41
N PHE G 112 -1.12 75.09 15.35
CA PHE G 112 -0.43 75.73 16.45
C PHE G 112 0.90 75.06 16.75
N CYS G 113 1.85 75.88 17.20
CA CYS G 113 3.11 75.41 17.75
C CYS G 113 3.25 75.90 19.19
N LEU G 114 3.90 75.10 20.03
CA LEU G 114 4.27 75.58 21.36
C LEU G 114 5.60 76.33 21.27
N PRO G 115 5.88 77.21 22.24
CA PRO G 115 7.00 78.15 22.06
C PRO G 115 8.34 77.49 21.71
N ASN G 116 8.66 76.35 22.33
CA ASN G 116 9.95 75.71 22.10
C ASN G 116 9.81 74.41 21.32
N SER G 117 8.74 74.26 20.56
CA SER G 117 8.62 73.11 19.67
C SER G 117 9.57 73.28 18.49
N ARG G 118 9.95 72.17 17.90
CA ARG G 118 10.91 72.13 16.80
C ARG G 118 10.27 71.42 15.61
N VAL G 119 10.37 72.03 14.43
CA VAL G 119 9.88 71.43 13.20
C VAL G 119 11.07 71.20 12.28
N MET G 120 11.14 70.02 11.69
CA MET G 120 12.18 69.68 10.73
C MET G 120 11.53 69.09 9.49
N ILE G 121 11.99 69.53 8.32
CA ILE G 121 11.49 69.04 7.05
C ILE G 121 12.65 68.58 6.19
N HIS G 122 12.38 67.58 5.35
CA HIS G 122 13.36 67.10 4.38
C HIS G 122 12.60 66.37 3.28
N GLN G 123 13.33 65.96 2.26
CA GLN G 123 12.72 65.30 1.12
C GLN G 123 12.51 63.82 1.42
N PRO G 124 11.76 63.11 0.58
CA PRO G 124 11.51 61.69 0.85
C PRO G 124 12.79 60.87 0.82
N LEU G 125 12.79 59.80 1.59
CA LEU G 125 13.87 58.82 1.63
C LEU G 125 13.35 57.49 1.10
N GLY G 126 14.25 56.67 0.59
CA GLY G 126 13.83 55.39 0.06
C GLY G 126 15.01 54.51 -0.28
N GLY G 127 14.70 53.36 -0.89
CA GLY G 127 15.71 52.40 -1.30
C GLY G 127 15.12 51.16 -1.92
N TYR G 128 15.90 50.49 -2.79
CA TYR G 128 15.43 49.30 -3.48
C TYR G 128 16.62 48.48 -3.96
N GLN G 129 16.42 47.16 -4.01
CA GLN G 129 17.36 46.23 -4.62
C GLN G 129 16.63 45.48 -5.73
N GLY G 130 17.32 45.21 -6.81
CA GLY G 130 16.74 44.41 -7.89
C GLY G 130 17.37 44.73 -9.23
N GLN G 131 16.67 44.32 -10.28
CA GLN G 131 17.12 44.55 -11.65
C GLN G 131 17.08 46.03 -11.99
N ALA G 132 17.92 46.40 -12.97
CA ALA G 132 17.98 47.81 -13.38
C ALA G 132 16.62 48.32 -13.84
N THR G 133 15.87 47.50 -14.58
CA THR G 133 14.54 47.92 -15.02
C THR G 133 13.64 48.22 -13.83
N ASP G 134 13.66 47.34 -12.81
CA ASP G 134 12.88 47.59 -11.61
C ASP G 134 13.39 48.82 -10.87
N ILE G 135 14.70 49.07 -10.92
CA ILE G 135 15.26 50.26 -10.28
C ILE G 135 14.66 51.52 -10.89
N GLU G 136 14.50 51.54 -12.21
CA GLU G 136 13.94 52.72 -12.87
C GLU G 136 12.50 52.96 -12.41
N ILE G 137 11.72 51.89 -12.25
CA ILE G 137 10.32 52.04 -11.87
C ILE G 137 10.21 52.67 -10.48
N HIS G 138 10.97 52.16 -9.51
CA HIS G 138 10.83 52.64 -8.14
C HIS G 138 11.47 54.01 -7.95
N ALA G 139 12.58 54.28 -8.63
CA ALA G 139 13.14 55.63 -8.59
C ALA G 139 12.18 56.61 -9.23
N ARG G 140 11.53 56.19 -10.32
CA ARG G 140 10.51 57.02 -10.97
C ARG G 140 9.35 57.30 -10.02
N GLU G 141 9.00 56.34 -9.16
CA GLU G 141 7.83 56.50 -8.30
C GLU G 141 8.13 57.42 -7.13
N ILE G 142 9.29 57.25 -6.47
CA ILE G 142 9.59 58.09 -5.32
C ILE G 142 9.70 59.56 -5.74
N LEU G 143 10.10 59.81 -6.98
CA LEU G 143 10.12 61.18 -7.48
C LEU G 143 8.71 61.70 -7.70
N LYS G 144 7.76 60.83 -8.04
CA LYS G 144 6.36 61.26 -8.08
C LYS G 144 5.87 61.61 -6.69
N VAL G 145 6.19 60.78 -5.69
CA VAL G 145 5.83 61.07 -4.31
C VAL G 145 6.42 62.42 -3.89
N LYS G 146 7.72 62.60 -4.15
CA LYS G 146 8.37 63.87 -3.85
C LYS G 146 7.64 65.04 -4.51
N GLY G 147 7.17 64.84 -5.75
CA GLY G 147 6.47 65.91 -6.44
C GLY G 147 5.16 66.29 -5.77
N ARG G 148 4.37 65.29 -5.36
CA ARG G 148 3.11 65.60 -4.68
C ARG G 148 3.37 66.27 -3.33
N MET G 149 4.19 65.63 -2.49
CA MET G 149 4.41 66.15 -1.15
C MET G 149 4.79 67.62 -1.18
N ASN G 150 5.69 68.01 -2.09
CA ASN G 150 6.06 69.42 -2.21
C ASN G 150 4.87 70.27 -2.64
N GLU G 151 4.04 69.74 -3.55
CA GLU G 151 2.86 70.48 -3.98
C GLU G 151 1.92 70.74 -2.79
N LEU G 152 1.62 69.70 -2.02
CA LEU G 152 0.70 69.87 -0.90
C LEU G 152 1.27 70.81 0.15
N MET G 153 2.56 70.67 0.47
CA MET G 153 3.17 71.58 1.44
C MET G 153 3.08 73.02 0.96
N ALA G 154 3.37 73.27 -0.31
CA ALA G 154 3.22 74.62 -0.84
C ALA G 154 1.76 75.07 -0.77
N LEU G 155 0.83 74.13 -0.96
CA LEU G 155 -0.60 74.47 -0.94
C LEU G 155 -1.02 74.90 0.45
N HIS G 156 -0.60 74.17 1.48
CA HIS G 156 -1.04 74.45 2.84
C HIS G 156 -0.27 75.60 3.48
N THR G 157 0.98 75.82 3.09
CA THR G 157 1.80 76.85 3.70
C THR G 157 1.64 78.21 3.02
N GLY G 158 1.23 78.23 1.76
CA GLY G 158 1.22 79.45 0.98
C GLY G 158 2.53 79.77 0.31
N GLN G 159 3.58 78.99 0.59
CA GLN G 159 4.86 79.17 -0.09
C GLN G 159 4.75 78.74 -1.55
N SER G 160 5.72 79.19 -2.34
CA SER G 160 5.80 78.77 -3.73
C SER G 160 6.38 77.37 -3.80
N LEU G 161 6.03 76.65 -4.88
CA LEU G 161 6.56 75.32 -5.09
C LEU G 161 8.08 75.34 -5.20
N GLU G 162 8.63 76.29 -5.94
CA GLU G 162 10.08 76.35 -6.11
C GLU G 162 10.78 76.55 -4.78
N GLN G 163 10.11 77.16 -3.81
CA GLN G 163 10.72 77.42 -2.51
C GLN G 163 10.70 76.17 -1.64
N ILE G 164 9.58 75.44 -1.63
CA ILE G 164 9.50 74.19 -0.88
C ILE G 164 10.59 73.22 -1.34
N GLU G 165 10.85 73.18 -2.65
CA GLU G 165 11.87 72.29 -3.18
C GLU G 165 13.25 72.65 -2.66
N ARG G 166 13.66 73.92 -2.81
CA ARG G 166 14.98 74.32 -2.38
C ARG G 166 15.18 74.09 -0.88
N ASP G 167 14.12 74.23 -0.08
CA ASP G 167 14.24 74.16 1.36
C ASP G 167 14.13 72.74 1.91
N THR G 168 13.66 71.78 1.11
CA THR G 168 13.53 70.40 1.56
C THR G 168 14.60 69.48 0.97
N GLU G 169 15.45 70.00 0.07
CA GLU G 169 16.51 69.17 -0.50
C GLU G 169 17.40 68.60 0.60
N ARG G 170 17.63 69.37 1.66
CA ARG G 170 18.37 68.91 2.83
C ARG G 170 17.62 69.28 4.10
N ASP G 171 17.96 68.56 5.17
CA ASP G 171 17.31 68.77 6.46
C ASP G 171 17.28 70.26 6.81
N ARG G 172 16.09 70.75 7.13
CA ARG G 172 15.87 72.15 7.45
C ARG G 172 15.08 72.22 8.74
N PHE G 173 15.67 72.81 9.78
CA PHE G 173 15.00 73.02 11.06
C PHE G 173 14.34 74.39 11.08
N LEU G 174 13.16 74.46 11.69
CA LEU G 174 12.43 75.71 11.86
C LEU G 174 12.01 75.84 13.31
N SER G 175 12.26 77.01 13.90
CA SER G 175 11.75 77.27 15.23
C SER G 175 10.25 77.55 15.16
N ALA G 176 9.62 77.58 16.32
CA ALA G 176 8.19 77.90 16.36
C ALA G 176 7.89 79.24 15.71
N PRO G 177 8.59 80.33 16.04
CA PRO G 177 8.34 81.59 15.31
C PRO G 177 8.74 81.52 13.85
N GLU G 178 9.79 80.78 13.51
CA GLU G 178 10.14 80.62 12.09
C GLU G 178 9.05 79.88 11.34
N ALA G 179 8.29 79.03 12.04
CA ALA G 179 7.25 78.26 11.37
C ALA G 179 6.03 79.12 11.02
N VAL G 180 5.80 80.21 11.75
CA VAL G 180 4.67 81.06 11.39
C VAL G 180 4.97 81.89 10.15
N GLU G 181 6.21 82.40 10.03
CA GLU G 181 6.55 83.14 8.82
C GLU G 181 6.53 82.24 7.60
N TYR G 182 7.03 81.01 7.74
CA TYR G 182 7.09 80.10 6.60
C TYR G 182 5.71 79.60 6.21
N GLY G 183 4.76 79.60 7.15
CA GLY G 183 3.39 79.21 6.86
C GLY G 183 2.95 77.84 7.32
N LEU G 184 3.81 77.06 7.98
CA LEU G 184 3.39 75.73 8.41
C LEU G 184 2.28 75.83 9.44
N VAL G 185 2.34 76.85 10.30
CA VAL G 185 1.41 76.99 11.40
C VAL G 185 0.94 78.43 11.49
N ASP G 186 -0.18 78.61 12.19
CA ASP G 186 -0.88 79.90 12.23
C ASP G 186 -0.43 80.78 13.38
N SER G 187 -0.22 80.22 14.58
CA SER G 187 0.19 81.03 15.72
C SER G 187 0.90 80.14 16.73
N ILE G 188 1.35 80.76 17.82
CA ILE G 188 2.07 80.07 18.90
C ILE G 188 1.26 80.20 20.18
N LEU G 189 1.02 79.06 20.83
CA LEU G 189 0.40 79.03 22.16
C LEU G 189 1.49 79.17 23.22
N THR G 190 1.66 80.37 23.76
CA THR G 190 2.62 80.57 24.83
C THR G 190 1.99 80.15 26.16
N HIS G 191 1.21 81.05 26.77
CA HIS G 191 0.50 80.72 27.99
C HIS G 191 -0.98 80.50 27.69
N ARG G 192 -1.75 81.58 27.64
CA ARG G 192 -3.21 81.51 27.54
C ARG G 192 -3.82 82.79 28.11
N PHE H 17 58.28 16.81 -0.72
CA PHE H 17 57.56 18.02 -1.09
C PHE H 17 56.40 18.26 -0.14
N ASP H 18 55.57 17.22 -0.01
CA ASP H 18 54.22 17.30 0.52
C ASP H 18 53.62 15.93 0.19
N ILE H 19 52.57 15.50 0.87
CA ILE H 19 52.08 14.15 0.61
C ILE H 19 51.13 14.13 -0.57
N TYR H 20 50.18 15.08 -0.65
CA TYR H 20 49.32 15.13 -1.82
C TYR H 20 50.11 15.47 -3.07
N SER H 21 51.17 16.28 -2.94
CA SER H 21 52.02 16.60 -4.08
C SER H 21 52.96 15.45 -4.42
N ARG H 22 53.54 14.82 -3.40
CA ARG H 22 54.42 13.68 -3.63
C ARG H 22 53.73 12.60 -4.45
N LEU H 23 52.42 12.42 -4.23
CA LEU H 23 51.65 11.45 -4.99
C LEU H 23 51.21 12.00 -6.35
N LEU H 24 51.24 13.32 -6.52
CA LEU H 24 50.93 13.91 -7.82
C LEU H 24 51.99 13.59 -8.86
N LYS H 25 53.27 13.53 -8.45
CA LYS H 25 54.32 13.12 -9.38
C LYS H 25 54.16 11.69 -9.85
N GLU H 26 53.30 10.90 -9.21
CA GLU H 26 52.92 9.58 -9.68
C GLU H 26 51.54 9.56 -10.31
N ARG H 27 51.03 10.71 -10.72
CA ARG H 27 49.73 10.92 -11.35
C ARG H 27 48.50 10.45 -10.59
N VAL H 28 48.41 10.79 -9.31
CA VAL H 28 47.28 10.44 -8.45
C VAL H 28 46.66 11.75 -7.98
N ILE H 29 45.37 11.91 -8.26
CA ILE H 29 44.62 13.09 -7.85
C ILE H 29 43.54 12.66 -6.86
N PHE H 30 43.31 13.50 -5.85
CA PHE H 30 42.33 13.21 -4.81
C PHE H 30 41.18 14.21 -4.91
N LEU H 31 39.97 13.71 -5.11
CA LEU H 31 38.76 14.52 -5.05
C LEU H 31 38.07 14.19 -3.73
N THR H 32 38.15 15.10 -2.77
CA THR H 32 37.71 14.86 -1.41
C THR H 32 36.74 15.94 -0.94
N GLY H 33 35.69 15.51 -0.27
CA GLY H 33 34.75 16.44 0.32
C GLY H 33 33.72 16.95 -0.68
N GLN H 34 33.08 18.05 -0.29
CA GLN H 34 32.05 18.64 -1.13
C GLN H 34 32.65 19.16 -2.43
N VAL H 35 31.93 18.96 -3.53
CA VAL H 35 32.37 19.47 -4.82
C VAL H 35 31.91 20.92 -4.94
N GLU H 36 32.83 21.81 -5.27
CA GLU H 36 32.52 23.23 -5.42
C GLU H 36 33.55 23.85 -6.36
N ASP H 37 33.26 25.08 -6.77
CA ASP H 37 34.03 25.70 -7.85
C ASP H 37 35.54 25.67 -7.58
N HIS H 38 35.95 25.88 -6.33
CA HIS H 38 37.37 26.09 -6.05
C HIS H 38 38.13 24.77 -5.95
N MET H 39 37.60 23.81 -5.19
CA MET H 39 38.24 22.50 -5.12
C MET H 39 38.24 21.82 -6.49
N ALA H 40 37.21 22.09 -7.31
CA ALA H 40 37.14 21.48 -8.62
C ALA H 40 38.20 22.04 -9.56
N ASN H 41 38.44 23.34 -9.50
CA ASN H 41 39.49 23.93 -10.32
C ASN H 41 40.85 23.32 -9.99
N LEU H 42 41.09 23.00 -8.72
CA LEU H 42 42.35 22.34 -8.38
C LEU H 42 42.44 20.98 -9.06
N ILE H 43 41.31 20.27 -9.17
CA ILE H 43 41.28 19.02 -9.90
C ILE H 43 41.53 19.26 -11.38
N VAL H 44 40.91 20.31 -11.93
CA VAL H 44 41.12 20.65 -13.34
C VAL H 44 42.57 21.02 -13.60
N ALA H 45 43.16 21.83 -12.72
CA ALA H 45 44.54 22.26 -12.94
C ALA H 45 45.51 21.09 -12.87
N GLN H 46 45.30 20.17 -11.93
CA GLN H 46 46.18 19.01 -11.82
C GLN H 46 46.09 18.12 -13.05
N MET H 47 44.89 17.93 -13.60
CA MET H 47 44.77 17.14 -14.81
C MET H 47 45.50 17.80 -15.98
N LEU H 48 45.33 19.12 -16.14
CA LEU H 48 46.05 19.81 -17.20
C LEU H 48 47.56 19.73 -16.98
N PHE H 49 47.99 19.81 -15.72
CA PHE H 49 49.41 19.73 -15.43
C PHE H 49 49.96 18.35 -15.79
N LEU H 50 49.28 17.35 -15.30
CA LEU H 50 49.68 16.03 -15.56
C LEU H 50 49.70 15.83 -17.04
N GLU H 51 48.70 16.18 -17.80
CA GLU H 51 48.64 16.02 -19.25
C GLU H 51 49.88 16.61 -19.92
N ALA H 52 50.30 17.80 -19.48
CA ALA H 52 51.45 18.46 -20.08
C ALA H 52 52.72 17.63 -19.84
N GLU H 53 52.81 17.01 -18.66
CA GLU H 53 54.01 16.24 -18.34
C GLU H 53 54.09 14.96 -19.17
N ASN H 54 52.94 14.35 -19.49
CA ASN H 54 52.91 13.13 -20.28
C ASN H 54 51.48 12.86 -20.73
N PRO H 55 51.11 13.20 -21.97
CA PRO H 55 49.72 13.02 -22.39
C PRO H 55 49.31 11.57 -22.63
N GLU H 56 50.19 10.61 -22.43
CA GLU H 56 49.88 9.20 -22.67
C GLU H 56 49.59 8.43 -21.39
N LYS H 57 50.46 8.58 -20.38
CA LYS H 57 50.26 7.87 -19.12
C LYS H 57 48.89 8.19 -18.52
N ASP H 58 48.31 7.19 -17.87
CA ASP H 58 46.99 7.35 -17.27
C ASP H 58 47.05 8.27 -16.06
N ILE H 59 45.90 8.88 -15.75
CA ILE H 59 45.73 9.69 -14.56
C ILE H 59 44.78 8.97 -13.62
N TYR H 60 45.01 9.16 -12.32
CA TYR H 60 44.32 8.40 -11.27
C TYR H 60 43.57 9.35 -10.35
N LEU H 61 42.24 9.27 -10.36
CA LEU H 61 41.37 10.15 -9.61
C LEU H 61 40.65 9.34 -8.54
N TYR H 62 41.11 9.47 -7.29
CA TYR H 62 40.42 8.87 -6.16
C TYR H 62 39.25 9.76 -5.75
N ILE H 63 38.12 9.13 -5.44
CA ILE H 63 36.88 9.84 -5.15
C ILE H 63 36.34 9.39 -3.80
N ASN H 64 36.19 10.35 -2.88
CA ASN H 64 35.51 10.15 -1.60
C ASN H 64 34.77 11.46 -1.35
N SER H 65 33.52 11.54 -1.83
CA SER H 65 32.78 12.79 -1.80
C SER H 65 31.30 12.54 -1.58
N PRO H 66 30.62 13.37 -0.78
CA PRO H 66 29.17 13.25 -0.63
C PRO H 66 28.34 14.07 -1.60
N GLY H 67 28.95 14.71 -2.59
CA GLY H 67 28.22 15.49 -3.57
C GLY H 67 28.70 16.93 -3.62
N GLY H 68 28.01 17.71 -4.46
CA GLY H 68 28.33 19.12 -4.59
C GLY H 68 27.63 19.73 -5.79
N VAL H 69 28.13 20.90 -6.19
CA VAL H 69 27.49 21.66 -7.26
C VAL H 69 27.69 20.95 -8.60
N ILE H 70 26.68 21.05 -9.47
CA ILE H 70 26.74 20.39 -10.76
C ILE H 70 27.75 21.09 -11.67
N THR H 71 27.62 22.41 -11.83
CA THR H 71 28.52 23.13 -12.71
C THR H 71 29.97 22.88 -12.33
N ALA H 72 30.29 22.97 -11.04
CA ALA H 72 31.66 22.68 -10.60
C ALA H 72 32.04 21.26 -10.95
N GLY H 73 31.15 20.31 -10.74
CA GLY H 73 31.44 18.93 -11.08
C GLY H 73 31.58 18.73 -12.58
N MET H 74 30.77 19.45 -13.37
CA MET H 74 30.84 19.32 -14.81
C MET H 74 32.12 19.93 -15.38
N SER H 75 32.71 20.89 -14.68
CA SER H 75 34.03 21.38 -15.09
C SER H 75 35.07 20.28 -15.00
N ILE H 76 34.90 19.35 -14.05
CA ILE H 76 35.80 18.20 -13.95
C ILE H 76 35.49 17.20 -15.06
N TYR H 77 34.20 16.91 -15.27
CA TYR H 77 33.81 15.93 -16.28
C TYR H 77 34.35 16.29 -17.65
N ASP H 78 34.06 17.52 -18.11
CA ASP H 78 34.50 17.91 -19.45
C ASP H 78 36.02 17.90 -19.57
N THR H 79 36.73 18.21 -18.49
CA THR H 79 38.18 18.19 -18.54
C THR H 79 38.70 16.76 -18.64
N MET H 80 38.09 15.83 -17.90
CA MET H 80 38.51 14.43 -18.01
C MET H 80 38.35 13.93 -19.44
N GLN H 81 37.24 14.29 -20.08
CA GLN H 81 36.99 13.80 -21.44
C GLN H 81 37.84 14.55 -22.46
N PHE H 82 38.20 15.80 -22.17
CA PHE H 82 38.93 16.61 -23.14
C PHE H 82 40.41 16.22 -23.20
N ILE H 83 41.03 15.97 -22.05
CA ILE H 83 42.46 15.70 -22.03
C ILE H 83 42.73 14.35 -22.67
N LYS H 84 43.88 14.26 -23.36
CA LYS H 84 44.29 13.03 -24.01
C LYS H 84 44.33 11.86 -23.02
N PRO H 85 45.09 11.95 -21.93
CA PRO H 85 45.25 10.79 -21.05
C PRO H 85 43.93 10.26 -20.52
N ASP H 86 43.87 8.94 -20.35
CA ASP H 86 42.72 8.33 -19.69
C ASP H 86 42.73 8.67 -18.21
N VAL H 87 41.54 8.97 -17.68
CA VAL H 87 41.36 9.28 -16.28
C VAL H 87 40.70 8.07 -15.63
N SER H 88 41.47 7.34 -14.82
CA SER H 88 40.94 6.22 -14.05
C SER H 88 40.36 6.73 -12.74
N THR H 89 39.16 6.26 -12.40
CA THR H 89 38.46 6.70 -11.19
C THR H 89 38.40 5.55 -10.20
N ILE H 90 38.72 5.84 -8.93
CA ILE H 90 38.70 4.86 -7.85
C ILE H 90 37.89 5.44 -6.70
N CYS H 91 36.84 4.72 -6.29
CA CYS H 91 35.97 5.15 -5.21
C CYS H 91 36.39 4.49 -3.90
N MET H 92 36.74 5.30 -2.91
CA MET H 92 37.07 4.84 -1.57
C MET H 92 36.18 5.56 -0.57
N GLY H 93 35.60 4.81 0.36
CA GLY H 93 34.66 5.37 1.32
C GLY H 93 33.27 5.47 0.73
N GLN H 94 32.98 6.57 0.03
CA GLN H 94 31.71 6.74 -0.64
C GLN H 94 31.92 7.67 -1.83
N ALA H 95 31.01 7.58 -2.80
CA ALA H 95 30.99 8.50 -3.95
C ALA H 95 29.52 8.75 -4.27
N ALA H 96 28.98 9.85 -3.76
CA ALA H 96 27.56 10.15 -3.96
C ALA H 96 27.34 11.29 -4.94
N SER H 97 26.10 11.75 -5.08
CA SER H 97 25.66 12.62 -6.19
C SER H 97 26.70 12.86 -7.32
N MET H 98 27.30 14.04 -7.39
CA MET H 98 28.23 14.36 -8.47
C MET H 98 29.51 13.54 -8.37
N GLY H 99 29.86 13.14 -7.15
CA GLY H 99 30.99 12.25 -6.98
C GLY H 99 30.74 10.91 -7.67
N ALA H 100 29.49 10.44 -7.62
CA ALA H 100 29.12 9.26 -8.38
C ALA H 100 29.15 9.55 -9.88
N PHE H 101 28.77 10.77 -10.27
CA PHE H 101 28.81 11.15 -11.68
C PHE H 101 30.23 11.08 -12.23
N LEU H 102 31.19 11.66 -11.51
CA LEU H 102 32.56 11.67 -12.01
C LEU H 102 33.20 10.28 -11.94
N LEU H 103 32.81 9.47 -10.96
CA LEU H 103 33.30 8.09 -10.90
C LEU H 103 32.97 7.35 -12.18
N THR H 104 31.72 7.48 -12.64
CA THR H 104 31.27 6.78 -13.83
C THR H 104 31.82 7.38 -15.11
N ALA H 105 32.29 8.61 -15.08
CA ALA H 105 32.85 9.25 -16.26
C ALA H 105 34.29 8.83 -16.54
N GLY H 106 34.88 7.99 -15.69
CA GLY H 106 36.25 7.55 -15.93
C GLY H 106 36.36 6.76 -17.22
N ALA H 107 37.61 6.61 -17.67
CA ALA H 107 37.88 5.86 -18.88
C ALA H 107 37.33 4.44 -18.76
N LYS H 108 36.66 3.98 -19.82
CA LYS H 108 36.02 2.69 -19.78
C LYS H 108 37.04 1.59 -19.50
N GLY H 109 36.69 0.69 -18.58
CA GLY H 109 37.56 -0.39 -18.18
C GLY H 109 38.54 -0.05 -17.08
N LYS H 110 38.61 1.22 -16.66
CA LYS H 110 39.56 1.66 -15.65
C LYS H 110 38.86 2.41 -14.53
N ARG H 111 37.57 2.12 -14.32
CA ARG H 111 36.79 2.65 -13.22
C ARG H 111 36.70 1.56 -12.16
N PHE H 112 36.91 1.95 -10.90
CA PHE H 112 37.03 0.95 -9.84
C PHE H 112 36.31 1.36 -8.56
N CYS H 113 35.86 0.34 -7.82
CA CYS H 113 35.37 0.48 -6.46
C CYS H 113 36.19 -0.39 -5.50
N LEU H 114 36.32 0.08 -4.26
CA LEU H 114 36.89 -0.73 -3.20
C LEU H 114 35.83 -1.63 -2.60
N PRO H 115 36.22 -2.72 -1.92
CA PRO H 115 35.24 -3.73 -1.53
C PRO H 115 34.05 -3.18 -0.75
N ASN H 116 34.30 -2.24 0.16
CA ASN H 116 33.26 -1.68 1.01
C ASN H 116 32.94 -0.22 0.69
N SER H 117 33.23 0.22 -0.54
CA SER H 117 32.84 1.56 -0.94
C SER H 117 31.32 1.60 -1.16
N ARG H 118 30.74 2.78 -0.99
CA ARG H 118 29.32 3.00 -1.18
C ARG H 118 29.11 4.01 -2.29
N VAL H 119 27.92 3.99 -2.87
CA VAL H 119 27.56 4.90 -3.95
C VAL H 119 26.10 5.29 -3.81
N MET H 120 25.81 6.58 -3.94
CA MET H 120 24.45 7.09 -3.87
C MET H 120 24.21 7.97 -5.09
N ILE H 121 23.04 7.80 -5.73
CA ILE H 121 22.65 8.61 -6.88
C ILE H 121 21.26 9.16 -6.61
N HIS H 122 21.00 10.35 -7.15
CA HIS H 122 19.69 10.99 -7.08
C HIS H 122 19.62 12.07 -8.15
N GLN H 123 18.45 12.67 -8.30
CA GLN H 123 18.24 13.71 -9.30
C GLN H 123 18.75 15.04 -8.80
N PRO H 124 18.84 16.05 -9.67
CA PRO H 124 19.36 17.35 -9.25
C PRO H 124 18.47 18.02 -8.21
N LEU H 125 19.09 18.85 -7.39
CA LEU H 125 18.41 19.69 -6.42
C LEU H 125 18.61 21.16 -6.79
N GLY H 126 17.68 22.00 -6.33
CA GLY H 126 17.79 23.42 -6.62
C GLY H 126 16.76 24.21 -5.85
N GLY H 127 16.70 25.50 -6.16
CA GLY H 127 15.75 26.39 -5.54
C GLY H 127 15.91 27.82 -6.01
N TYR H 128 14.83 28.60 -5.97
CA TYR H 128 14.90 29.98 -6.43
C TYR H 128 13.73 30.75 -5.82
N GLN H 129 13.96 32.04 -5.55
CA GLN H 129 12.91 32.96 -5.14
C GLN H 129 12.82 34.08 -6.15
N GLY H 130 11.62 34.56 -6.41
CA GLY H 130 11.43 35.70 -7.28
C GLY H 130 10.05 35.67 -7.90
N GLN H 131 9.92 36.45 -8.97
CA GLN H 131 8.66 36.52 -9.69
C GLN H 131 8.34 35.19 -10.37
N ALA H 132 7.05 34.98 -10.62
CA ALA H 132 6.62 33.74 -11.26
C ALA H 132 7.32 33.56 -12.61
N THR H 133 7.50 34.64 -13.36
CA THR H 133 8.17 34.55 -14.65
C THR H 133 9.60 34.02 -14.49
N ASP H 134 10.34 34.57 -13.52
CA ASP H 134 11.70 34.08 -13.28
C ASP H 134 11.69 32.66 -12.73
N ILE H 135 10.69 32.29 -11.94
CA ILE H 135 10.62 30.94 -11.43
C ILE H 135 10.50 29.95 -12.57
N GLU H 136 9.69 30.29 -13.57
CA GLU H 136 9.53 29.43 -14.74
C GLU H 136 10.85 29.27 -15.48
N ILE H 137 11.63 30.35 -15.58
CA ILE H 137 12.89 30.31 -16.31
C ILE H 137 13.86 29.33 -15.65
N HIS H 138 14.02 29.43 -14.34
CA HIS H 138 14.98 28.58 -13.65
C HIS H 138 14.48 27.15 -13.47
N ALA H 139 13.18 26.97 -13.27
CA ALA H 139 12.63 25.62 -13.20
C ALA H 139 12.78 24.90 -14.53
N ARG H 140 12.72 25.64 -15.65
CA ARG H 140 12.90 25.05 -16.97
C ARG H 140 14.35 24.68 -17.22
N GLU H 141 15.29 25.44 -16.62
CA GLU H 141 16.71 25.13 -16.81
C GLU H 141 17.12 23.89 -16.02
N ILE H 142 16.66 23.77 -14.77
CA ILE H 142 17.05 22.63 -13.96
C ILE H 142 16.49 21.33 -14.56
N LEU H 143 15.34 21.41 -15.23
CA LEU H 143 14.85 20.23 -15.93
C LEU H 143 15.68 19.93 -17.16
N LYS H 144 16.26 20.95 -17.79
CA LYS H 144 17.18 20.71 -18.90
C LYS H 144 18.48 20.09 -18.40
N VAL H 145 18.98 20.58 -17.27
CA VAL H 145 20.18 19.96 -16.68
C VAL H 145 19.90 18.51 -16.32
N LYS H 146 18.78 18.27 -15.64
CA LYS H 146 18.41 16.90 -15.27
C LYS H 146 18.41 15.99 -16.49
N GLY H 147 17.92 16.50 -17.63
CA GLY H 147 17.92 15.69 -18.85
C GLY H 147 19.31 15.35 -19.32
N ARG H 148 20.16 16.38 -19.48
CA ARG H 148 21.53 16.14 -19.93
C ARG H 148 22.28 15.27 -18.92
N MET H 149 22.05 15.47 -17.63
CA MET H 149 22.72 14.67 -16.62
C MET H 149 22.33 13.19 -16.73
N ASN H 150 21.03 12.91 -16.91
CA ASN H 150 20.60 11.53 -17.09
C ASN H 150 21.13 10.94 -18.39
N GLU H 151 21.18 11.74 -19.45
CA GLU H 151 21.72 11.26 -20.72
C GLU H 151 23.15 10.78 -20.57
N LEU H 152 23.99 11.60 -19.91
CA LEU H 152 25.39 11.21 -19.73
C LEU H 152 25.51 9.93 -18.91
N MET H 153 24.68 9.80 -17.87
CA MET H 153 24.68 8.58 -17.07
C MET H 153 24.35 7.35 -17.90
N ALA H 154 23.33 7.45 -18.77
CA ALA H 154 22.98 6.30 -19.60
C ALA H 154 24.13 5.93 -20.54
N LEU H 155 24.87 6.94 -21.02
CA LEU H 155 25.96 6.67 -21.94
C LEU H 155 27.09 5.90 -21.28
N HIS H 156 27.48 6.30 -20.06
CA HIS H 156 28.63 5.70 -19.41
C HIS H 156 28.30 4.37 -18.74
N THR H 157 27.08 4.19 -18.26
CA THR H 157 26.71 2.96 -17.57
C THR H 157 26.21 1.89 -18.50
N GLY H 158 25.71 2.25 -19.68
CA GLY H 158 25.06 1.31 -20.56
C GLY H 158 23.59 1.10 -20.28
N GLN H 159 23.06 1.67 -19.20
CA GLN H 159 21.64 1.59 -18.92
C GLN H 159 20.83 2.38 -19.93
N SER H 160 19.54 2.08 -20.01
CA SER H 160 18.63 2.85 -20.84
C SER H 160 18.27 4.16 -20.13
N LEU H 161 17.92 5.17 -20.91
CA LEU H 161 17.54 6.45 -20.32
C LEU H 161 16.33 6.28 -19.42
N GLU H 162 15.41 5.37 -19.77
CA GLU H 162 14.24 5.15 -18.94
C GLU H 162 14.63 4.60 -17.58
N GLN H 163 15.62 3.72 -17.53
CA GLN H 163 16.02 3.12 -16.26
C GLN H 163 16.69 4.16 -15.37
N ILE H 164 17.61 4.96 -15.94
CA ILE H 164 18.25 6.02 -15.17
C ILE H 164 17.19 6.97 -14.60
N GLU H 165 16.17 7.27 -15.40
CA GLU H 165 15.10 8.16 -14.94
C GLU H 165 14.37 7.57 -13.75
N ARG H 166 14.09 6.27 -13.78
CA ARG H 166 13.36 5.65 -12.68
C ARG H 166 14.21 5.59 -11.42
N ASP H 167 15.51 5.31 -11.56
CA ASP H 167 16.37 5.07 -10.41
C ASP H 167 16.89 6.33 -9.75
N THR H 168 16.78 7.49 -10.40
CA THR H 168 17.28 8.74 -9.82
C THR H 168 16.18 9.64 -9.28
N GLU H 169 14.91 9.27 -9.46
CA GLU H 169 13.83 10.09 -8.93
C GLU H 169 13.97 10.28 -7.42
N ARG H 170 14.43 9.25 -6.71
CA ARG H 170 14.73 9.32 -5.29
C ARG H 170 16.07 8.69 -5.00
N ASP H 171 16.64 9.07 -3.86
CA ASP H 171 17.94 8.58 -3.44
C ASP H 171 18.01 7.06 -3.55
N ARG H 172 19.14 6.57 -4.04
CA ARG H 172 19.32 5.14 -4.29
C ARG H 172 20.76 4.77 -4.02
N PHE H 173 20.99 3.84 -3.10
CA PHE H 173 22.33 3.41 -2.71
C PHE H 173 22.70 2.14 -3.46
N LEU H 174 23.98 2.05 -3.84
CA LEU H 174 24.53 0.88 -4.51
C LEU H 174 25.80 0.45 -3.79
N SER H 175 25.90 -0.85 -3.49
CA SER H 175 27.12 -1.40 -2.93
C SER H 175 28.18 -1.55 -4.02
N ALA H 176 29.40 -1.89 -3.59
CA ALA H 176 30.47 -2.12 -4.55
C ALA H 176 30.10 -3.18 -5.59
N PRO H 177 29.62 -4.37 -5.19
CA PRO H 177 29.19 -5.33 -6.22
C PRO H 177 27.96 -4.87 -7.00
N GLU H 178 27.04 -4.15 -6.37
CA GLU H 178 25.90 -3.61 -7.11
C GLU H 178 26.34 -2.57 -8.13
N ALA H 179 27.45 -1.88 -7.87
CA ALA H 179 27.90 -0.84 -8.80
C ALA H 179 28.53 -1.44 -10.05
N VAL H 180 29.10 -2.64 -9.96
CA VAL H 180 29.64 -3.29 -11.15
C VAL H 180 28.50 -3.85 -12.01
N GLU H 181 27.45 -4.35 -11.37
CA GLU H 181 26.31 -4.87 -12.12
C GLU H 181 25.56 -3.75 -12.83
N TYR H 182 25.28 -2.66 -12.10
CA TYR H 182 24.54 -1.54 -12.67
C TYR H 182 25.32 -0.86 -13.78
N GLY H 183 26.64 -0.99 -13.80
CA GLY H 183 27.45 -0.39 -14.83
C GLY H 183 28.20 0.86 -14.42
N LEU H 184 28.08 1.28 -13.15
CA LEU H 184 28.80 2.48 -12.72
C LEU H 184 30.31 2.27 -12.77
N VAL H 185 30.75 1.05 -12.50
CA VAL H 185 32.16 0.72 -12.35
C VAL H 185 32.47 -0.56 -13.12
N ASP H 186 33.76 -0.75 -13.42
CA ASP H 186 34.20 -1.89 -14.23
C ASP H 186 34.54 -3.12 -13.40
N SER H 187 35.21 -2.93 -12.27
CA SER H 187 35.61 -4.04 -11.42
C SER H 187 35.82 -3.54 -10.00
N ILE H 188 36.16 -4.47 -9.10
CA ILE H 188 36.39 -4.18 -7.70
C ILE H 188 37.85 -4.48 -7.39
N LEU H 189 38.54 -3.52 -6.78
CA LEU H 189 39.89 -3.73 -6.27
C LEU H 189 39.81 -4.32 -4.87
N THR H 190 40.53 -5.42 -4.65
CA THR H 190 40.60 -6.04 -3.32
C THR H 190 42.02 -6.01 -2.78
N HIS H 191 42.97 -6.67 -3.45
CA HIS H 191 44.37 -6.65 -3.05
C HIS H 191 45.22 -6.23 -4.25
N ARG H 192 46.35 -5.58 -3.96
CA ARG H 192 47.26 -5.14 -5.02
C ARG H 192 48.09 -6.30 -5.51
N ASN H 193 48.15 -6.47 -6.83
CA ASN H 193 48.90 -7.56 -7.44
C ASN H 193 48.52 -8.91 -6.85
N LEU I 2 51.25 23.94 18.67
CA LEU I 2 51.98 24.08 17.41
C LEU I 2 52.88 22.87 17.20
N VAL I 3 53.19 22.56 15.94
CA VAL I 3 53.94 21.34 15.60
C VAL I 3 55.44 21.58 15.76
N PRO I 4 56.13 20.81 16.60
CA PRO I 4 57.59 20.97 16.72
C PRO I 4 58.26 20.43 15.46
N MET I 5 59.00 21.31 14.78
CA MET I 5 59.68 20.84 13.57
C MET I 5 60.98 20.12 13.93
N VAL I 6 61.62 19.56 12.91
CA VAL I 6 62.86 18.81 13.10
C VAL I 6 63.61 18.72 11.79
N ASP I 18 59.03 18.98 10.16
CA ASP I 18 57.88 18.54 10.95
C ASP I 18 58.22 17.26 11.71
N ILE I 19 57.51 16.97 12.79
CA ILE I 19 57.80 15.80 13.61
C ILE I 19 57.03 14.58 13.09
N TYR I 20 55.75 14.76 12.76
CA TYR I 20 54.98 13.67 12.19
C TYR I 20 55.57 13.23 10.85
N SER I 21 56.23 14.15 10.14
CA SER I 21 56.88 13.79 8.89
C SER I 21 58.16 13.01 9.15
N ARG I 22 58.94 13.41 10.17
CA ARG I 22 60.15 12.67 10.50
C ARG I 22 59.83 11.26 10.97
N LEU I 23 58.65 11.06 11.56
CA LEU I 23 58.19 9.71 11.90
C LEU I 23 57.54 9.02 10.72
N LEU I 24 57.14 9.76 9.68
CA LEU I 24 56.62 9.13 8.47
C LEU I 24 57.72 8.41 7.71
N LYS I 25 58.98 8.81 7.89
CA LYS I 25 60.10 8.07 7.32
C LYS I 25 60.37 6.78 8.08
N GLU I 26 59.81 6.62 9.28
CA GLU I 26 59.88 5.38 10.03
C GLU I 26 58.63 4.53 9.83
N ARG I 27 57.76 4.89 8.88
CA ARG I 27 56.55 4.12 8.58
C ARG I 27 55.57 4.12 9.76
N VAL I 28 55.40 5.28 10.38
CA VAL I 28 54.48 5.43 11.51
C VAL I 28 53.45 6.49 11.14
N ILE I 29 52.18 6.11 11.17
CA ILE I 29 51.08 7.01 10.89
C ILE I 29 50.23 7.13 12.14
N PHE I 30 49.73 8.33 12.41
CA PHE I 30 48.93 8.61 13.59
C PHE I 30 47.51 8.93 13.15
N LEU I 31 46.55 8.17 13.66
CA LEU I 31 45.13 8.43 13.47
C LEU I 31 44.60 9.02 14.78
N THR I 32 44.34 10.32 14.78
CA THR I 32 44.00 11.05 15.99
C THR I 32 42.73 11.87 15.77
N GLY I 33 41.86 11.87 16.78
CA GLY I 33 40.66 12.67 16.74
C GLY I 33 39.52 12.02 15.99
N GLN I 34 38.49 12.83 15.73
CA GLN I 34 37.32 12.36 15.01
C GLN I 34 37.68 12.05 13.56
N VAL I 35 37.33 10.84 13.11
CA VAL I 35 37.63 10.43 11.74
C VAL I 35 36.59 11.03 10.81
N GLU I 36 37.06 11.66 9.73
CA GLU I 36 36.20 12.29 8.76
C GLU I 36 36.91 12.30 7.42
N ASP I 37 36.17 12.66 6.36
CA ASP I 37 36.65 12.46 5.01
C ASP I 37 38.04 13.03 4.77
N HIS I 38 38.34 14.19 5.38
CA HIS I 38 39.58 14.89 5.05
C HIS I 38 40.78 14.31 5.77
N MET I 39 40.68 14.11 7.08
CA MET I 39 41.77 13.48 7.82
C MET I 39 41.98 12.04 7.37
N ALA I 40 40.90 11.35 6.98
CA ALA I 40 41.02 9.96 6.54
C ALA I 40 41.68 9.89 5.18
N ASN I 41 41.32 10.80 4.27
CA ASN I 41 41.96 10.82 2.96
C ASN I 41 43.46 11.01 3.09
N LEU I 42 43.89 11.82 4.07
CA LEU I 42 45.31 11.98 4.36
C LEU I 42 45.95 10.69 4.85
N ILE I 43 45.22 9.89 5.64
CA ILE I 43 45.76 8.62 6.10
C ILE I 43 45.95 7.67 4.91
N VAL I 44 45.01 7.68 3.97
CA VAL I 44 45.17 6.87 2.76
C VAL I 44 46.40 7.31 1.99
N ALA I 45 46.62 8.63 1.89
CA ALA I 45 47.77 9.14 1.15
C ALA I 45 49.09 8.69 1.78
N GLN I 46 49.18 8.72 3.10
CA GLN I 46 50.41 8.26 3.75
C GLN I 46 50.62 6.77 3.54
N MET I 47 49.55 5.97 3.62
CA MET I 47 49.69 4.53 3.37
C MET I 47 50.10 4.25 1.94
N LEU I 48 49.49 4.92 0.97
CA LEU I 48 49.89 4.73 -0.42
C LEU I 48 51.34 5.19 -0.64
N PHE I 49 51.74 6.28 0.02
CA PHE I 49 53.11 6.75 -0.12
C PHE I 49 54.10 5.73 0.45
N LEU I 50 53.84 5.25 1.67
CA LEU I 50 54.74 4.29 2.28
C LEU I 50 54.80 3.00 1.46
N GLU I 51 53.67 2.56 0.92
CA GLU I 51 53.67 1.38 0.06
C GLU I 51 54.61 1.58 -1.12
N ALA I 52 54.56 2.75 -1.75
CA ALA I 52 55.39 2.99 -2.93
C ALA I 52 56.87 2.93 -2.58
N GLU I 53 57.24 3.42 -1.39
CA GLU I 53 58.65 3.41 -1.01
C GLU I 53 59.13 1.99 -0.71
N ASN I 54 58.27 1.13 -0.18
CA ASN I 54 58.66 -0.24 0.11
C ASN I 54 57.43 -1.11 0.40
N PRO I 55 56.96 -1.90 -0.58
CA PRO I 55 55.74 -2.69 -0.34
C PRO I 55 55.95 -3.88 0.59
N GLU I 56 57.16 -4.11 1.10
CA GLU I 56 57.42 -5.27 1.94
C GLU I 56 57.57 -4.95 3.42
N LYS I 57 57.75 -3.68 3.78
CA LYS I 57 57.97 -3.30 5.17
C LYS I 57 56.66 -2.96 5.84
N ASP I 58 56.51 -3.36 7.11
CA ASP I 58 55.27 -3.16 7.81
C ASP I 58 55.01 -1.69 8.13
N ILE I 59 53.73 -1.35 8.24
CA ILE I 59 53.29 0.00 8.58
C ILE I 59 52.72 -0.04 9.99
N TYR I 60 52.89 1.08 10.71
CA TYR I 60 52.56 1.20 12.12
C TYR I 60 51.53 2.32 12.25
N LEU I 61 50.32 1.97 12.62
CA LEU I 61 49.21 2.92 12.70
C LEU I 61 48.78 3.05 14.16
N TYR I 62 49.16 4.16 14.79
CA TYR I 62 48.68 4.47 16.13
C TYR I 62 47.28 5.05 16.05
N ILE I 63 46.40 4.60 16.94
CA ILE I 63 45.00 4.96 16.92
C ILE I 63 44.61 5.51 18.28
N ASN I 64 44.15 6.76 18.30
CA ASN I 64 43.59 7.39 19.51
C ASN I 64 42.43 8.27 19.03
N SER I 65 41.23 7.69 19.01
CA SER I 65 40.07 8.37 18.43
C SER I 65 38.79 8.05 19.17
N PRO I 66 37.90 9.02 19.35
CA PRO I 66 36.59 8.74 19.96
C PRO I 66 35.48 8.36 18.98
N GLY I 67 35.80 8.16 17.71
CA GLY I 67 34.82 7.78 16.70
C GLY I 67 34.81 8.75 15.54
N GLY I 68 33.88 8.50 14.62
CA GLY I 68 33.74 9.37 13.47
C GLY I 68 32.86 8.76 12.39
N VAL I 69 32.95 9.32 11.19
CA VAL I 69 32.10 8.93 10.08
C VAL I 69 32.47 7.53 9.60
N ILE I 70 31.46 6.78 9.16
CA ILE I 70 31.69 5.40 8.74
C ILE I 70 32.40 5.38 7.38
N THR I 71 31.85 6.09 6.39
CA THR I 71 32.44 6.08 5.06
C THR I 71 33.90 6.50 5.10
N ALA I 72 34.22 7.56 5.84
CA ALA I 72 35.60 7.99 5.98
C ALA I 72 36.46 6.89 6.59
N GLY I 73 35.95 6.22 7.62
CA GLY I 73 36.70 5.15 8.23
C GLY I 73 36.88 3.95 7.30
N MET I 74 35.85 3.65 6.50
CA MET I 74 35.95 2.51 5.59
C MET I 74 36.89 2.79 4.42
N SER I 75 37.10 4.05 4.07
CA SER I 75 38.13 4.37 3.07
C SER I 75 39.51 3.98 3.59
N ILE I 76 39.72 4.09 4.91
CA ILE I 76 40.97 3.63 5.51
C ILE I 76 41.00 2.11 5.55
N TYR I 77 39.90 1.49 5.98
CA TYR I 77 39.86 0.04 6.08
C TYR I 77 40.20 -0.62 4.75
N ASP I 78 39.51 -0.23 3.68
CA ASP I 78 39.76 -0.85 2.38
C ASP I 78 41.18 -0.58 1.91
N THR I 79 41.75 0.57 2.28
CA THR I 79 43.13 0.86 1.90
C THR I 79 44.10 -0.04 2.67
N MET I 80 43.85 -0.26 3.96
CA MET I 80 44.71 -1.14 4.74
C MET I 80 44.76 -2.53 4.15
N GLN I 81 43.61 -3.05 3.71
CA GLN I 81 43.55 -4.40 3.18
C GLN I 81 44.12 -4.51 1.78
N PHE I 82 44.07 -3.44 1.01
CA PHE I 82 44.47 -3.50 -0.39
C PHE I 82 45.98 -3.49 -0.56
N ILE I 83 46.69 -2.67 0.20
CA ILE I 83 48.14 -2.55 0.03
C ILE I 83 48.83 -3.84 0.45
N LYS I 84 50.03 -4.06 -0.11
CA LYS I 84 50.78 -5.27 0.20
C LYS I 84 51.29 -5.28 1.65
N PRO I 85 51.94 -4.23 2.14
CA PRO I 85 52.51 -4.31 3.49
C PRO I 85 51.45 -4.53 4.56
N ASP I 86 51.83 -5.27 5.60
CA ASP I 86 50.96 -5.41 6.76
C ASP I 86 50.90 -4.09 7.51
N VAL I 87 49.69 -3.74 7.95
CA VAL I 87 49.46 -2.54 8.75
C VAL I 87 49.20 -2.99 10.17
N SER I 88 50.18 -2.75 11.05
CA SER I 88 50.01 -3.03 12.47
C SER I 88 49.31 -1.85 13.14
N THR I 89 48.34 -2.15 13.99
CA THR I 89 47.54 -1.14 14.66
C THR I 89 47.90 -1.11 16.14
N ILE I 90 48.07 0.09 16.68
CA ILE I 90 48.42 0.31 18.08
C ILE I 90 47.40 1.26 18.68
N CYS I 91 46.72 0.83 19.73
CA CYS I 91 45.75 1.65 20.42
C CYS I 91 46.41 2.27 21.66
N MET I 92 46.46 3.60 21.69
CA MET I 92 46.97 4.34 22.83
C MET I 92 45.90 5.33 23.28
N GLY I 93 45.65 5.39 24.58
CA GLY I 93 44.59 6.24 25.08
C GLY I 93 43.25 5.55 24.98
N GLN I 94 42.58 5.70 23.83
CA GLN I 94 41.32 5.02 23.60
C GLN I 94 41.14 4.81 22.10
N ALA I 95 40.27 3.87 21.77
CA ALA I 95 39.88 3.59 20.39
C ALA I 95 38.38 3.29 20.41
N ALA I 96 37.57 4.29 20.09
CA ALA I 96 36.11 4.12 20.15
C ALA I 96 35.53 4.01 18.74
N SER I 97 34.22 3.93 18.63
CA SER I 97 33.51 3.58 17.38
C SER I 97 34.41 3.08 16.21
N MET I 98 34.42 3.79 15.09
CA MET I 98 35.21 3.42 13.93
C MET I 98 36.70 3.28 14.23
N GLY I 99 37.19 3.99 15.25
CA GLY I 99 38.57 3.82 15.63
C GLY I 99 38.87 2.41 16.13
N ALA I 100 37.93 1.83 16.88
CA ALA I 100 38.09 0.44 17.30
C ALA I 100 37.98 -0.52 16.13
N PHE I 101 37.14 -0.19 15.15
CA PHE I 101 36.99 -1.05 13.97
C PHE I 101 38.31 -1.15 13.21
N LEU I 102 38.98 -0.02 12.99
CA LEU I 102 40.24 -0.05 12.26
C LEU I 102 41.33 -0.73 13.08
N LEU I 103 41.26 -0.64 14.41
CA LEU I 103 42.20 -1.36 15.26
C LEU I 103 42.16 -2.86 14.97
N THR I 104 40.96 -3.43 14.91
CA THR I 104 40.84 -4.87 14.67
C THR I 104 41.13 -5.25 13.23
N ALA I 105 41.08 -4.29 12.31
CA ALA I 105 41.38 -4.56 10.91
C ALA I 105 42.87 -4.65 10.64
N GLY I 106 43.70 -4.45 11.66
CA GLY I 106 45.13 -4.57 11.46
C GLY I 106 45.54 -5.97 11.05
N ALA I 107 46.77 -6.06 10.55
CA ALA I 107 47.29 -7.35 10.11
C ALA I 107 47.27 -8.36 11.24
N LYS I 108 46.78 -9.57 10.93
CA LYS I 108 46.82 -10.71 11.82
C LYS I 108 48.06 -10.73 12.70
N GLY I 109 47.87 -10.75 14.01
CA GLY I 109 48.99 -10.92 14.92
C GLY I 109 49.78 -9.66 15.23
N LYS I 110 49.43 -8.57 14.56
CA LYS I 110 50.10 -7.29 14.71
C LYS I 110 49.15 -6.18 15.19
N ARG I 111 48.16 -6.53 15.96
CA ARG I 111 47.27 -5.57 16.59
C ARG I 111 47.60 -5.51 18.07
N PHE I 112 47.75 -4.30 18.61
CA PHE I 112 48.24 -4.12 19.96
C PHE I 112 47.43 -3.06 20.69
N CYS I 113 47.35 -3.22 22.01
CA CYS I 113 46.86 -2.20 22.92
C CYS I 113 47.97 -1.86 23.91
N LEU I 114 47.98 -0.61 24.37
CA LEU I 114 48.85 -0.26 25.47
C LEU I 114 48.19 -0.66 26.78
N PRO I 115 48.96 -0.80 27.85
CA PRO I 115 48.42 -1.43 29.07
C PRO I 115 47.12 -0.82 29.57
N ASN I 116 46.98 0.50 29.48
CA ASN I 116 45.81 1.20 29.99
C ASN I 116 44.95 1.77 28.88
N SER I 117 45.00 1.16 27.69
CA SER I 117 44.12 1.57 26.61
C SER I 117 42.68 1.19 26.90
N ARG I 118 41.76 1.87 26.21
CA ARG I 118 40.34 1.62 26.33
C ARG I 118 39.74 1.48 24.93
N VAL I 119 38.95 0.42 24.74
CA VAL I 119 38.28 0.16 23.47
C VAL I 119 36.78 0.26 23.69
N MET I 120 36.09 0.92 22.78
CA MET I 120 34.63 1.04 22.82
C MET I 120 34.04 0.62 21.49
N ILE I 121 32.99 -0.18 21.55
CA ILE I 121 32.24 -0.63 20.38
C ILE I 121 30.77 -0.33 20.64
N HIS I 122 30.06 -0.02 19.56
CA HIS I 122 28.61 0.18 19.60
C HIS I 122 28.09 0.05 18.17
N GLN I 123 26.77 0.12 18.02
CA GLN I 123 26.16 0.00 16.72
C GLN I 123 26.21 1.35 16.00
N PRO I 124 25.90 1.36 14.70
CA PRO I 124 25.97 2.62 13.94
C PRO I 124 24.95 3.64 14.43
N LEU I 125 25.29 4.91 14.23
CA LEU I 125 24.39 6.02 14.51
C LEU I 125 24.00 6.73 13.22
N GLY I 126 22.85 7.37 13.23
CA GLY I 126 22.40 8.09 12.07
C GLY I 126 21.14 8.87 12.35
N GLY I 127 20.59 9.46 11.29
CA GLY I 127 19.37 10.22 11.39
C GLY I 127 19.01 10.84 10.05
N TYR I 128 17.72 11.09 9.82
CA TYR I 128 17.30 11.67 8.55
C TYR I 128 15.95 12.34 8.72
N GLN I 129 15.73 13.41 7.96
CA GLN I 129 14.44 14.08 7.86
C GLN I 129 14.00 14.09 6.41
N GLY I 130 12.71 13.95 6.19
CA GLY I 130 12.14 14.05 4.86
C GLY I 130 10.84 13.27 4.77
N GLN I 131 10.43 13.01 3.54
CA GLN I 131 9.21 12.26 3.30
C GLN I 131 9.38 10.81 3.76
N ALA I 132 8.26 10.17 4.07
CA ALA I 132 8.31 8.80 4.55
C ALA I 132 9.00 7.88 3.56
N THR I 133 8.77 8.10 2.27
CA THR I 133 9.44 7.28 1.26
C THR I 133 10.95 7.39 1.38
N ASP I 134 11.47 8.62 1.48
CA ASP I 134 12.90 8.83 1.65
C ASP I 134 13.39 8.28 2.98
N ILE I 135 12.57 8.36 4.03
CA ILE I 135 12.97 7.85 5.34
C ILE I 135 13.24 6.36 5.27
N GLU I 136 12.39 5.62 4.57
CA GLU I 136 12.59 4.18 4.44
C GLU I 136 13.89 3.86 3.72
N ILE I 137 14.24 4.66 2.71
CA ILE I 137 15.45 4.41 1.93
C ILE I 137 16.68 4.52 2.83
N HIS I 138 16.77 5.61 3.61
CA HIS I 138 17.95 5.80 4.45
C HIS I 138 17.93 4.91 5.68
N ALA I 139 16.74 4.63 6.23
CA ALA I 139 16.67 3.69 7.34
C ALA I 139 17.10 2.30 6.89
N ARG I 140 16.84 1.95 5.64
CA ARG I 140 17.25 0.63 5.14
C ARG I 140 18.75 0.57 4.91
N GLU I 141 19.35 1.68 4.46
CA GLU I 141 20.77 1.67 4.16
C GLU I 141 21.60 1.53 5.44
N ILE I 142 21.24 2.27 6.49
CA ILE I 142 22.00 2.17 7.74
C ILE I 142 21.88 0.78 8.32
N LEU I 143 20.75 0.10 8.07
CA LEU I 143 20.61 -1.28 8.52
C LEU I 143 21.51 -2.21 7.71
N LYS I 144 21.66 -1.94 6.41
CA LYS I 144 22.65 -2.67 5.63
C LYS I 144 24.06 -2.39 6.15
N VAL I 145 24.38 -1.11 6.38
CA VAL I 145 25.68 -0.75 6.92
C VAL I 145 25.91 -1.47 8.24
N LYS I 146 24.93 -1.39 9.15
CA LYS I 146 25.04 -2.09 10.43
C LYS I 146 25.32 -3.57 10.23
N GLY I 147 24.65 -4.19 9.26
CA GLY I 147 24.87 -5.60 9.02
C GLY I 147 26.28 -5.90 8.54
N ARG I 148 26.82 -5.03 7.70
CA ARG I 148 28.14 -5.29 7.13
C ARG I 148 29.24 -5.07 8.15
N MET I 149 29.03 -4.08 9.02
CA MET I 149 30.02 -3.79 10.06
C MET I 149 30.14 -4.95 11.04
N ASN I 150 29.00 -5.53 11.44
CA ASN I 150 29.02 -6.67 12.34
C ASN I 150 29.69 -7.89 11.69
N GLU I 151 29.46 -8.09 10.39
CA GLU I 151 30.12 -9.18 9.69
C GLU I 151 31.63 -9.02 9.73
N LEU I 152 32.12 -7.82 9.39
CA LEU I 152 33.56 -7.59 9.38
C LEU I 152 34.14 -7.72 10.79
N MET I 153 33.43 -7.22 11.79
CA MET I 153 33.88 -7.38 13.17
C MET I 153 33.99 -8.85 13.54
N ALA I 154 32.99 -9.66 13.18
CA ALA I 154 33.04 -11.08 13.48
C ALA I 154 34.20 -11.76 12.76
N LEU I 155 34.51 -11.31 11.55
CA LEU I 155 35.59 -11.94 10.79
C LEU I 155 36.94 -11.69 11.44
N HIS I 156 37.20 -10.45 11.86
CA HIS I 156 38.51 -10.08 12.38
C HIS I 156 38.70 -10.50 13.84
N THR I 157 37.63 -10.56 14.62
CA THR I 157 37.75 -10.94 16.02
C THR I 157 37.62 -12.44 16.26
N GLY I 158 36.97 -13.17 15.35
CA GLY I 158 36.67 -14.55 15.56
C GLY I 158 35.40 -14.82 16.33
N GLN I 159 34.76 -13.78 16.85
CA GLN I 159 33.48 -13.95 17.52
C GLN I 159 32.40 -14.30 16.51
N SER I 160 31.28 -14.82 17.02
CA SER I 160 30.13 -15.10 16.18
C SER I 160 29.38 -13.82 15.84
N LEU I 161 28.68 -13.84 14.70
CA LEU I 161 27.87 -12.70 14.32
C LEU I 161 26.78 -12.42 15.36
N GLU I 162 26.22 -13.50 15.93
CA GLU I 162 25.23 -13.32 17.00
C GLU I 162 25.84 -12.59 18.19
N GLN I 163 27.09 -12.91 18.53
CA GLN I 163 27.71 -12.30 19.70
C GLN I 163 28.01 -10.83 19.46
N ILE I 164 28.57 -10.49 18.30
CA ILE I 164 28.86 -9.10 17.98
C ILE I 164 27.59 -8.26 18.06
N GLU I 165 26.47 -8.80 17.56
CA GLU I 165 25.21 -8.08 17.59
C GLU I 165 24.75 -7.82 19.02
N ARG I 166 24.89 -8.81 19.91
CA ARG I 166 24.55 -8.58 21.30
C ARG I 166 25.43 -7.50 21.91
N ASP I 167 26.73 -7.53 21.61
CA ASP I 167 27.69 -6.65 22.25
C ASP I 167 27.70 -5.24 21.68
N THR I 168 27.08 -5.01 20.50
CA THR I 168 27.07 -3.68 19.90
C THR I 168 25.72 -2.98 19.99
N GLU I 169 24.67 -3.64 20.47
CA GLU I 169 23.37 -2.98 20.58
C GLU I 169 23.47 -1.73 21.45
N ARG I 170 24.25 -1.80 22.53
CA ARG I 170 24.52 -0.65 23.38
C ARG I 170 26.02 -0.57 23.65
N ASP I 171 26.45 0.62 24.04
CA ASP I 171 27.86 0.86 24.31
C ASP I 171 28.44 -0.22 25.21
N ARG I 172 29.60 -0.75 24.81
CA ARG I 172 30.32 -1.73 25.61
C ARG I 172 31.78 -1.31 25.67
N PHE I 173 32.32 -1.27 26.89
CA PHE I 173 33.71 -0.89 27.11
C PHE I 173 34.55 -2.15 27.36
N LEU I 174 35.76 -2.15 26.81
CA LEU I 174 36.70 -3.24 27.01
C LEU I 174 38.06 -2.68 27.40
N SER I 175 38.63 -3.21 28.46
CA SER I 175 40.01 -2.86 28.81
C SER I 175 40.96 -3.56 27.84
N ALA I 176 42.25 -3.21 27.94
CA ALA I 176 43.25 -3.85 27.11
C ALA I 176 43.23 -5.38 27.24
N PRO I 177 43.25 -5.96 28.44
CA PRO I 177 43.14 -7.43 28.52
C PRO I 177 41.79 -7.95 28.04
N GLU I 178 40.70 -7.21 28.25
CA GLU I 178 39.42 -7.66 27.72
C GLU I 178 39.43 -7.66 26.20
N ALA I 179 40.23 -6.79 25.58
CA ALA I 179 40.28 -6.72 24.12
C ALA I 179 41.07 -7.87 23.52
N VAL I 180 42.03 -8.43 24.24
CA VAL I 180 42.77 -9.57 23.71
C VAL I 180 41.94 -10.84 23.83
N GLU I 181 41.23 -11.01 24.94
CA GLU I 181 40.40 -12.19 25.13
C GLU I 181 39.19 -12.20 24.20
N TYR I 182 38.79 -11.03 23.70
CA TYR I 182 37.66 -10.91 22.80
C TYR I 182 38.04 -11.07 21.35
N GLY I 183 39.31 -10.84 21.01
CA GLY I 183 39.78 -10.93 19.65
C GLY I 183 39.99 -9.60 18.97
N LEU I 184 39.73 -8.49 19.66
CA LEU I 184 39.94 -7.17 19.07
C LEU I 184 41.42 -6.92 18.85
N VAL I 185 42.26 -7.43 19.75
CA VAL I 185 43.70 -7.22 19.73
C VAL I 185 44.40 -8.55 19.96
N ASP I 186 45.66 -8.62 19.56
CA ASP I 186 46.43 -9.86 19.66
C ASP I 186 47.19 -9.96 20.97
N SER I 187 47.79 -8.87 21.42
CA SER I 187 48.55 -8.86 22.66
C SER I 187 48.63 -7.42 23.15
N ILE I 188 49.30 -7.23 24.29
CA ILE I 188 49.46 -5.90 24.89
C ILE I 188 50.94 -5.54 24.88
N LEU I 189 51.24 -4.34 24.40
CA LEU I 189 52.60 -3.80 24.45
C LEU I 189 52.82 -3.16 25.82
N THR I 190 53.75 -3.72 26.59
CA THR I 190 54.01 -3.24 27.95
C THR I 190 55.34 -2.48 28.01
N HIS I 191 56.46 -3.14 27.78
CA HIS I 191 57.76 -2.49 27.70
C HIS I 191 58.44 -2.92 26.40
N ARG I 192 59.55 -2.26 26.09
CA ARG I 192 60.20 -2.41 24.80
C ARG I 192 61.42 -3.31 24.94
N ASN I 193 61.49 -4.33 24.09
CA ASN I 193 62.64 -5.23 24.00
C ASN I 193 63.17 -5.63 25.39
N VAL J 3 57.32 30.40 18.51
CA VAL J 3 57.24 31.37 17.43
C VAL J 3 58.63 31.82 16.98
N PRO J 4 59.52 32.15 17.95
CA PRO J 4 60.85 32.63 17.57
C PRO J 4 61.63 31.60 16.76
N MET J 5 61.77 31.84 15.46
CA MET J 5 62.46 30.91 14.56
C MET J 5 63.96 31.18 14.67
N VAL J 6 64.60 30.48 15.60
CA VAL J 6 66.04 30.62 15.80
C VAL J 6 66.79 30.20 14.52
N PHE J 17 65.95 26.00 14.09
CA PHE J 17 64.70 26.68 13.73
C PHE J 17 63.59 26.29 14.69
N ASP J 18 62.78 27.28 15.09
CA ASP J 18 61.78 27.12 16.15
C ASP J 18 62.47 26.80 17.47
N ILE J 19 62.10 27.50 18.54
CA ILE J 19 62.77 27.30 19.82
C ILE J 19 62.41 25.95 20.42
N TYR J 20 61.12 25.58 20.38
CA TYR J 20 60.71 24.29 20.91
C TYR J 20 61.36 23.15 20.15
N SER J 21 61.72 23.37 18.89
CA SER J 21 62.41 22.34 18.13
C SER J 21 63.88 22.24 18.56
N ARG J 22 64.52 23.38 18.81
CA ARG J 22 65.91 23.36 19.26
C ARG J 22 66.02 22.72 20.63
N LEU J 23 65.04 22.97 21.50
CA LEU J 23 65.05 22.33 22.82
C LEU J 23 64.73 20.85 22.74
N LEU J 24 64.08 20.41 21.65
CA LEU J 24 63.83 18.98 21.48
C LEU J 24 65.12 18.24 21.14
N LYS J 25 66.02 18.87 20.39
CA LYS J 25 67.34 18.29 20.17
C LYS J 25 68.06 18.00 21.48
N GLU J 26 67.69 18.68 22.55
CA GLU J 26 68.23 18.43 23.88
C GLU J 26 67.35 17.52 24.72
N ARG J 27 66.36 16.86 24.09
CA ARG J 27 65.51 15.88 24.77
C ARG J 27 64.62 16.53 25.82
N VAL J 28 64.05 17.69 25.48
CA VAL J 28 63.15 18.42 26.38
C VAL J 28 61.80 18.55 25.68
N ILE J 29 60.75 18.07 26.35
CA ILE J 29 59.38 18.15 25.85
C ILE J 29 58.56 18.97 26.84
N PHE J 30 57.60 19.73 26.31
CA PHE J 30 56.77 20.62 27.10
C PHE J 30 55.32 20.15 27.04
N LEU J 31 54.73 19.86 28.20
CA LEU J 31 53.31 19.53 28.32
C LEU J 31 52.65 20.74 28.98
N THR J 32 51.95 21.53 28.18
CA THR J 32 51.41 22.81 28.62
C THR J 32 49.92 22.91 28.29
N GLY J 33 49.17 23.49 29.21
CA GLY J 33 47.76 23.73 29.00
C GLY J 33 46.93 22.48 29.23
N GLN J 34 45.68 22.56 28.76
CA GLN J 34 44.77 21.43 28.86
C GLN J 34 45.30 20.26 28.06
N VAL J 35 45.33 19.08 28.66
CA VAL J 35 45.78 17.88 27.96
C VAL J 35 44.59 17.31 27.18
N GLU J 36 44.82 17.01 25.91
CA GLU J 36 43.76 16.54 25.02
C GLU J 36 44.42 15.79 23.88
N ASP J 37 43.58 15.14 23.06
CA ASP J 37 44.06 14.19 22.08
C ASP J 37 45.19 14.76 21.21
N HIS J 38 45.05 16.01 20.78
CA HIS J 38 46.00 16.54 19.79
C HIS J 38 47.31 16.96 20.44
N MET J 39 47.25 17.79 21.49
CA MET J 39 48.48 18.17 22.17
C MET J 39 49.18 16.96 22.77
N ALA J 40 48.40 15.97 23.23
CA ALA J 40 48.98 14.75 23.78
C ALA J 40 49.63 13.91 22.69
N ASN J 41 48.97 13.81 21.53
CA ASN J 41 49.55 13.07 20.40
C ASN J 41 50.91 13.62 20.02
N LEU J 42 51.07 14.95 20.10
CA LEU J 42 52.38 15.54 19.83
C LEU J 42 53.42 15.09 20.84
N ILE J 43 53.04 14.98 22.11
CA ILE J 43 54.00 14.54 23.12
C ILE J 43 54.42 13.09 22.86
N VAL J 44 53.46 12.23 22.49
CA VAL J 44 53.81 10.85 22.15
C VAL J 44 54.78 10.83 20.98
N ALA J 45 54.51 11.63 19.96
CA ALA J 45 55.39 11.69 18.81
C ALA J 45 56.80 12.12 19.20
N GLN J 46 56.90 13.11 20.10
CA GLN J 46 58.21 13.56 20.54
C GLN J 46 58.94 12.48 21.33
N MET J 47 58.21 11.76 22.19
CA MET J 47 58.83 10.70 22.97
C MET J 47 59.32 9.57 22.07
N LEU J 48 58.49 9.15 21.11
CA LEU J 48 58.90 8.10 20.18
C LEU J 48 60.08 8.55 19.34
N PHE J 49 60.11 9.83 18.95
CA PHE J 49 61.22 10.33 18.15
C PHE J 49 62.51 10.35 18.95
N LEU J 50 62.46 10.84 20.19
CA LEU J 50 63.66 10.88 21.02
C LEU J 50 64.18 9.49 21.33
N GLU J 51 63.27 8.53 21.55
CA GLU J 51 63.70 7.15 21.78
C GLU J 51 64.52 6.63 20.61
N ALA J 52 64.08 6.92 19.38
CA ALA J 52 64.80 6.43 18.21
C ALA J 52 66.19 7.05 18.10
N GLU J 53 66.31 8.33 18.47
CA GLU J 53 67.61 9.00 18.40
C GLU J 53 68.59 8.38 19.39
N ASN J 54 68.11 8.01 20.58
CA ASN J 54 68.95 7.42 21.61
C ASN J 54 68.09 6.74 22.66
N PRO J 55 67.98 5.41 22.65
CA PRO J 55 67.13 4.74 23.65
C PRO J 55 67.68 4.76 25.06
N GLU J 56 68.89 5.29 25.27
CA GLU J 56 69.55 5.27 26.57
C GLU J 56 69.48 6.60 27.30
N LYS J 57 69.66 7.71 26.59
CA LYS J 57 69.63 9.03 27.23
C LYS J 57 68.23 9.35 27.74
N ASP J 58 68.17 10.01 28.89
CA ASP J 58 66.89 10.35 29.50
C ASP J 58 66.16 11.41 28.69
N ILE J 59 64.85 11.51 28.93
CA ILE J 59 63.99 12.52 28.34
C ILE J 59 63.43 13.37 29.46
N TYR J 60 63.31 14.68 29.22
CA TYR J 60 62.88 15.64 30.23
C TYR J 60 61.55 16.24 29.81
N LEU J 61 60.54 16.08 30.64
CA LEU J 61 59.17 16.51 30.35
C LEU J 61 58.74 17.57 31.37
N TYR J 62 58.68 18.83 30.92
CA TYR J 62 58.15 19.90 31.74
C TYR J 62 56.62 19.87 31.72
N ILE J 63 56.02 20.09 32.89
CA ILE J 63 54.57 19.97 33.06
C ILE J 63 54.04 21.26 33.69
N ASN J 64 53.16 21.95 32.96
CA ASN J 64 52.40 23.09 33.49
C ASN J 64 51.01 22.97 32.88
N SER J 65 50.10 22.31 33.60
CA SER J 65 48.78 21.99 33.07
C SER J 65 47.74 22.06 34.17
N PRO J 66 46.57 22.62 33.88
CA PRO J 66 45.46 22.61 34.85
C PRO J 66 44.54 21.39 34.76
N GLY J 67 44.87 20.42 33.92
CA GLY J 67 44.10 19.20 33.77
C GLY J 67 43.68 18.98 32.33
N GLY J 68 42.89 17.93 32.14
CA GLY J 68 42.40 17.60 30.81
C GLY J 68 41.79 16.22 30.77
N VAL J 69 41.71 15.68 29.56
CA VAL J 69 41.07 14.39 29.33
C VAL J 69 41.96 13.27 29.84
N ILE J 70 41.35 12.26 30.45
CA ILE J 70 42.12 11.13 30.98
C ILE J 70 42.68 10.29 29.85
N THR J 71 41.81 9.87 28.92
CA THR J 71 42.27 9.03 27.82
C THR J 71 43.44 9.66 27.11
N ALA J 72 43.37 10.97 26.84
CA ALA J 72 44.49 11.66 26.21
C ALA J 72 45.72 11.61 27.09
N GLY J 73 45.55 11.82 28.40
CA GLY J 73 46.68 11.74 29.32
C GLY J 73 47.26 10.35 29.41
N MET J 74 46.42 9.32 29.31
CA MET J 74 46.92 7.95 29.44
C MET J 74 47.73 7.52 28.24
N SER J 75 47.49 8.12 27.07
CA SER J 75 48.33 7.83 25.92
C SER J 75 49.76 8.29 26.16
N ILE J 76 49.94 9.35 26.95
CA ILE J 76 51.29 9.79 27.31
C ILE J 76 51.88 8.85 28.36
N TYR J 77 51.10 8.50 29.38
CA TYR J 77 51.60 7.62 30.44
C TYR J 77 52.11 6.31 29.87
N ASP J 78 51.29 5.64 29.05
CA ASP J 78 51.70 4.35 28.50
C ASP J 78 52.92 4.49 27.60
N THR J 79 53.07 5.62 26.92
CA THR J 79 54.27 5.85 26.13
C THR J 79 55.48 6.08 27.02
N MET J 80 55.32 6.84 28.10
CA MET J 80 56.41 7.04 29.05
C MET J 80 56.90 5.72 29.60
N GLN J 81 55.98 4.83 29.97
CA GLN J 81 56.35 3.55 30.57
C GLN J 81 56.90 2.58 29.54
N PHE J 82 56.50 2.73 28.27
CA PHE J 82 56.85 1.75 27.25
C PHE J 82 58.26 1.96 26.70
N ILE J 83 58.65 3.21 26.47
CA ILE J 83 59.93 3.50 25.84
C ILE J 83 61.08 3.20 26.80
N LYS J 84 62.22 2.82 26.23
CA LYS J 84 63.39 2.50 27.04
C LYS J 84 63.87 3.67 27.89
N PRO J 85 64.10 4.86 27.32
CA PRO J 85 64.68 5.94 28.14
C PRO J 85 63.78 6.32 29.31
N ASP J 86 64.42 6.65 30.43
CA ASP J 86 63.70 7.21 31.57
C ASP J 86 63.20 8.61 31.21
N VAL J 87 61.98 8.92 31.65
CA VAL J 87 61.36 10.21 31.41
C VAL J 87 61.32 10.95 32.74
N SER J 88 62.20 11.94 32.88
CA SER J 88 62.19 12.80 34.06
C SER J 88 61.11 13.86 33.89
N THR J 89 60.32 14.07 34.94
CA THR J 89 59.20 15.01 34.91
C THR J 89 59.52 16.19 35.82
N ILE J 90 59.30 17.40 35.32
CA ILE J 90 59.54 18.62 36.07
C ILE J 90 58.26 19.43 36.10
N CYS J 91 57.79 19.77 37.29
CA CYS J 91 56.58 20.57 37.46
C CYS J 91 56.98 22.02 37.67
N MET J 92 56.55 22.90 36.76
CA MET J 92 56.74 24.33 36.88
C MET J 92 55.37 25.00 36.81
N GLY J 93 55.12 25.93 37.72
CA GLY J 93 53.83 26.58 37.78
C GLY J 93 52.81 25.76 38.57
N GLN J 94 52.11 24.86 37.89
CA GLN J 94 51.15 23.99 38.56
C GLN J 94 51.05 22.69 37.78
N ALA J 95 50.55 21.66 38.46
CA ALA J 95 50.28 20.36 37.83
C ALA J 95 49.03 19.78 38.48
N ALA J 96 47.88 19.99 37.86
CA ALA J 96 46.61 19.48 38.40
C ALA J 96 46.07 18.34 37.53
N SER J 97 44.86 17.87 37.82
CA SER J 97 44.33 16.60 37.29
C SER J 97 45.39 15.65 36.56
N MET J 98 45.28 15.48 35.23
CA MET J 98 46.22 14.63 34.49
C MET J 98 47.66 15.10 34.55
N GLY J 99 47.87 16.40 34.78
CA GLY J 99 49.23 16.90 34.93
C GLY J 99 49.91 16.33 36.16
N ALA J 100 49.17 16.17 37.25
CA ALA J 100 49.73 15.55 38.44
C ALA J 100 49.96 14.05 38.23
N PHE J 101 49.10 13.41 37.43
CA PHE J 101 49.27 12.00 37.14
C PHE J 101 50.55 11.75 36.33
N LEU J 102 50.75 12.51 35.26
CA LEU J 102 51.95 12.33 34.45
C LEU J 102 53.19 12.78 35.20
N LEU J 103 53.08 13.79 36.05
CA LEU J 103 54.21 14.21 36.86
C LEU J 103 54.75 13.06 37.70
N THR J 104 53.87 12.38 38.43
CA THR J 104 54.30 11.30 39.30
C THR J 104 54.60 10.01 38.54
N ALA J 105 54.17 9.90 37.29
CA ALA J 105 54.47 8.75 36.47
C ALA J 105 55.88 8.79 35.91
N GLY J 106 56.65 9.84 36.20
CA GLY J 106 58.02 9.92 35.76
C GLY J 106 58.88 8.86 36.42
N ALA J 107 60.16 8.72 36.04
CA ALA J 107 61.05 7.70 36.55
C ALA J 107 61.25 7.86 38.03
N LYS J 108 61.22 6.73 38.76
CA LYS J 108 61.40 6.72 40.20
C LYS J 108 62.82 7.23 40.47
N GLY J 109 62.94 8.37 41.13
CA GLY J 109 64.23 8.97 41.40
C GLY J 109 64.51 10.11 40.42
N LYS J 110 63.57 10.39 39.51
CA LYS J 110 63.79 11.45 38.53
C LYS J 110 62.58 12.36 38.29
N ARG J 111 61.73 12.57 39.25
CA ARG J 111 60.57 13.44 39.26
C ARG J 111 60.89 14.66 40.11
N PHE J 112 60.53 15.85 39.62
CA PHE J 112 60.93 17.09 40.28
C PHE J 112 59.80 18.11 40.30
N CYS J 113 59.82 18.96 41.33
CA CYS J 113 59.01 20.16 41.43
C CYS J 113 59.92 21.37 41.59
N LEU J 114 59.49 22.51 41.09
CA LEU J 114 60.17 23.77 41.38
C LEU J 114 59.70 24.31 42.73
N PRO J 115 60.50 25.18 43.35
CA PRO J 115 60.22 25.56 44.75
C PRO J 115 58.80 26.06 44.98
N ASN J 116 58.23 26.79 44.03
CA ASN J 116 56.90 27.38 44.16
C ASN J 116 55.89 26.69 43.25
N SER J 117 56.12 25.42 42.93
CA SER J 117 55.14 24.65 42.19
C SER J 117 53.90 24.39 43.05
N ARG J 118 52.83 24.00 42.39
CA ARG J 118 51.56 23.69 43.04
C ARG J 118 51.00 22.45 42.37
N VAL J 119 50.56 21.49 43.18
CA VAL J 119 49.98 20.25 42.67
C VAL J 119 48.59 20.09 43.26
N MET J 120 47.64 19.68 42.42
CA MET J 120 46.27 19.43 42.85
C MET J 120 45.85 18.06 42.34
N ILE J 121 45.25 17.26 43.21
CA ILE J 121 44.76 15.94 42.85
C ILE J 121 43.27 15.89 43.17
N HIS J 122 42.53 15.10 42.40
CA HIS J 122 41.10 14.91 42.62
C HIS J 122 40.67 13.71 41.79
N GLN J 123 39.46 13.24 42.08
CA GLN J 123 38.92 12.08 41.39
C GLN J 123 38.45 12.47 39.99
N PRO J 124 38.19 11.49 39.13
CA PRO J 124 37.76 11.82 37.76
C PRO J 124 36.41 12.52 37.73
N LEU J 125 36.22 13.28 36.67
CA LEU J 125 34.95 13.94 36.37
C LEU J 125 34.39 13.41 35.06
N GLY J 126 33.09 13.56 34.89
CA GLY J 126 32.47 13.08 33.67
C GLY J 126 31.03 13.53 33.57
N GLY J 127 30.32 12.95 32.61
CA GLY J 127 28.92 13.25 32.40
C GLY J 127 28.33 12.48 31.24
N TYR J 128 27.02 12.22 31.28
CA TYR J 128 26.39 11.51 30.19
C TYR J 128 24.89 11.84 30.16
N GLN J 129 24.33 11.82 28.95
CA GLN J 129 22.90 11.96 28.74
C GLN J 129 22.41 10.78 27.91
N GLY J 130 21.27 10.22 28.28
CA GLY J 130 20.65 9.16 27.52
C GLY J 130 19.76 8.30 28.39
N GLN J 131 19.45 7.12 27.87
CA GLN J 131 18.59 6.18 28.58
C GLN J 131 19.26 5.68 29.86
N ALA J 132 18.42 5.35 30.85
CA ALA J 132 18.91 4.86 32.13
C ALA J 132 19.84 3.67 31.93
N THR J 133 19.52 2.80 30.97
CA THR J 133 20.40 1.67 30.66
C THR J 133 21.77 2.16 30.23
N ASP J 134 21.81 3.13 29.30
CA ASP J 134 23.09 3.69 28.85
C ASP J 134 23.80 4.42 29.99
N ILE J 135 23.03 5.09 30.86
CA ILE J 135 23.64 5.78 32.00
C ILE J 135 24.37 4.79 32.88
N GLU J 136 23.75 3.64 33.17
CA GLU J 136 24.39 2.62 33.97
C GLU J 136 25.68 2.14 33.31
N ILE J 137 25.68 2.06 31.97
CA ILE J 137 26.87 1.59 31.27
C ILE J 137 28.02 2.58 31.45
N HIS J 138 27.76 3.86 31.23
CA HIS J 138 28.82 4.86 31.30
C HIS J 138 29.21 5.21 32.73
N ALA J 139 28.24 5.23 33.65
CA ALA J 139 28.55 5.48 35.04
C ALA J 139 29.41 4.38 35.64
N ARG J 140 29.25 3.14 35.17
CA ARG J 140 30.12 2.07 35.65
C ARG J 140 31.52 2.19 35.05
N GLU J 141 31.64 2.70 33.84
CA GLU J 141 32.95 2.84 33.23
C GLU J 141 33.79 3.90 33.95
N ILE J 142 33.19 5.05 34.23
CA ILE J 142 33.96 6.11 34.89
C ILE J 142 34.41 5.66 36.27
N LEU J 143 33.65 4.78 36.92
CA LEU J 143 34.07 4.25 38.20
C LEU J 143 35.23 3.27 38.03
N LYS J 144 35.25 2.51 36.93
CA LYS J 144 36.39 1.67 36.63
C LYS J 144 37.64 2.52 36.43
N VAL J 145 37.51 3.63 35.68
CA VAL J 145 38.64 4.53 35.47
C VAL J 145 39.14 5.06 36.81
N LYS J 146 38.22 5.52 37.67
CA LYS J 146 38.60 6.00 38.98
C LYS J 146 39.39 4.94 39.74
N GLY J 147 38.99 3.67 39.64
CA GLY J 147 39.71 2.62 40.33
C GLY J 147 41.13 2.45 39.82
N ARG J 148 41.31 2.45 38.50
CA ARG J 148 42.63 2.25 37.93
C ARG J 148 43.54 3.44 38.20
N MET J 149 43.00 4.67 38.10
CA MET J 149 43.81 5.84 38.38
C MET J 149 44.31 5.84 39.83
N ASN J 150 43.42 5.52 40.77
CA ASN J 150 43.82 5.44 42.16
C ASN J 150 44.85 4.32 42.38
N GLU J 151 44.67 3.20 41.69
CA GLU J 151 45.64 2.11 41.79
C GLU J 151 47.00 2.56 41.27
N LEU J 152 47.02 3.23 40.11
CA LEU J 152 48.28 3.74 39.57
C LEU J 152 48.89 4.79 40.50
N MET J 153 48.04 5.60 41.15
CA MET J 153 48.54 6.57 42.11
C MET J 153 49.23 5.87 43.28
N ALA J 154 48.60 4.84 43.83
CA ALA J 154 49.21 4.10 44.93
C ALA J 154 50.54 3.49 44.51
N LEU J 155 50.62 3.05 43.25
CA LEU J 155 51.85 2.41 42.77
C LEU J 155 53.00 3.40 42.70
N HIS J 156 52.75 4.58 42.12
CA HIS J 156 53.82 5.53 41.85
C HIS J 156 54.18 6.36 43.07
N THR J 157 53.24 6.55 44.00
CA THR J 157 53.51 7.35 45.20
C THR J 157 53.95 6.51 46.39
N GLY J 158 53.67 5.21 46.39
CA GLY J 158 53.90 4.39 47.55
C GLY J 158 52.82 4.45 48.60
N GLN J 159 51.83 5.31 48.42
CA GLN J 159 50.71 5.36 49.34
C GLN J 159 49.83 4.14 49.18
N SER J 160 49.04 3.85 50.22
CA SER J 160 48.10 2.75 50.14
C SER J 160 46.94 3.12 49.20
N LEU J 161 46.27 2.08 48.69
CA LEU J 161 45.09 2.32 47.86
C LEU J 161 44.02 3.05 48.66
N GLU J 162 43.84 2.67 49.92
CA GLU J 162 42.83 3.30 50.77
C GLU J 162 43.14 4.79 50.98
N GLN J 163 44.42 5.15 51.01
CA GLN J 163 44.80 6.54 51.29
C GLN J 163 44.55 7.44 50.08
N ILE J 164 44.94 6.98 48.89
CA ILE J 164 44.71 7.77 47.68
C ILE J 164 43.22 8.08 47.54
N GLU J 165 42.37 7.11 47.83
CA GLU J 165 40.93 7.31 47.71
C GLU J 165 40.44 8.38 48.67
N ARG J 166 40.86 8.31 49.94
CA ARG J 166 40.36 9.24 50.93
C ARG J 166 40.80 10.68 50.64
N ASP J 167 41.96 10.85 50.00
CA ASP J 167 42.48 12.19 49.75
C ASP J 167 42.05 12.76 48.39
N THR J 168 41.54 11.93 47.49
CA THR J 168 41.13 12.38 46.17
C THR J 168 39.63 12.57 46.03
N GLU J 169 38.84 12.21 47.05
CA GLU J 169 37.40 12.41 46.97
C GLU J 169 37.05 13.86 46.69
N ARG J 170 37.83 14.79 47.23
CA ARG J 170 37.66 16.21 46.98
C ARG J 170 39.00 16.84 46.64
N ASP J 171 38.93 17.99 45.96
CA ASP J 171 40.14 18.69 45.57
C ASP J 171 41.10 18.84 46.73
N ARG J 172 42.37 18.49 46.49
CA ARG J 172 43.41 18.56 47.51
C ARG J 172 44.65 19.20 46.90
N PHE J 173 45.03 20.35 47.44
CA PHE J 173 46.23 21.05 47.01
C PHE J 173 47.46 20.57 47.78
N LEU J 174 48.57 20.44 47.07
CA LEU J 174 49.85 20.08 47.67
C LEU J 174 50.90 21.07 47.23
N SER J 175 51.63 21.64 48.19
CA SER J 175 52.77 22.47 47.87
C SER J 175 53.94 21.60 47.39
N ALA J 176 54.97 22.26 46.87
CA ALA J 176 56.14 21.52 46.41
C ALA J 176 56.73 20.62 47.49
N PRO J 177 57.03 21.11 48.69
CA PRO J 177 57.49 20.19 49.74
C PRO J 177 56.45 19.16 50.12
N GLU J 178 55.16 19.54 50.13
CA GLU J 178 54.11 18.58 50.45
C GLU J 178 54.05 17.46 49.43
N ALA J 179 54.31 17.77 48.16
CA ALA J 179 54.29 16.73 47.14
C ALA J 179 55.44 15.75 47.30
N VAL J 180 56.56 16.20 47.87
CA VAL J 180 57.67 15.29 48.12
C VAL J 180 57.34 14.35 49.27
N GLU J 181 56.80 14.89 50.36
CA GLU J 181 56.44 14.06 51.50
C GLU J 181 55.36 13.05 51.12
N TYR J 182 54.46 13.41 50.22
CA TYR J 182 53.35 12.53 49.85
C TYR J 182 53.77 11.44 48.88
N GLY J 183 54.84 11.65 48.10
CA GLY J 183 55.35 10.66 47.18
C GLY J 183 55.06 10.94 45.72
N LEU J 184 54.51 12.09 45.42
CA LEU J 184 54.20 12.49 44.07
C LEU J 184 55.43 12.76 43.26
N VAL J 185 56.41 13.36 43.89
CA VAL J 185 57.67 13.63 43.24
C VAL J 185 58.78 13.23 44.20
N ASP J 186 60.02 13.29 43.76
CA ASP J 186 61.10 12.87 44.62
C ASP J 186 61.86 13.95 45.29
N SER J 187 62.08 15.04 44.59
CA SER J 187 62.83 16.12 45.17
C SER J 187 62.41 17.43 44.54
N ILE J 188 62.98 18.53 45.01
CA ILE J 188 62.68 19.82 44.47
C ILE J 188 63.93 20.40 43.82
N LEU J 189 63.84 20.86 42.59
CA LEU J 189 64.93 21.53 41.88
C LEU J 189 64.91 23.00 42.27
N THR J 190 65.98 23.46 42.91
CA THR J 190 66.06 24.84 43.36
C THR J 190 67.07 25.70 42.62
N HIS J 191 68.32 25.23 42.45
CA HIS J 191 69.36 26.14 41.95
C HIS J 191 70.41 25.45 41.08
N ARG J 192 70.06 24.37 40.39
CA ARG J 192 70.98 23.71 39.48
C ARG J 192 72.33 23.45 40.16
N ASN J 193 73.41 23.97 39.60
CA ASN J 193 74.75 23.72 40.14
C ASN J 193 75.70 24.86 39.80
N VAL K 3 55.66 41.24 11.54
CA VAL K 3 57.02 40.93 11.93
C VAL K 3 58.01 41.37 10.86
N PRO K 4 58.93 42.29 11.20
CA PRO K 4 59.93 42.68 10.21
C PRO K 4 60.81 41.50 9.81
N MET K 5 61.02 40.56 10.73
CA MET K 5 61.83 39.36 10.47
C MET K 5 63.18 39.70 9.86
N ASP K 18 64.02 36.64 11.67
CA ASP K 18 62.98 37.22 12.53
C ASP K 18 63.62 38.29 13.41
N ILE K 19 62.80 39.21 13.92
CA ILE K 19 63.34 40.31 14.73
C ILE K 19 63.45 39.93 16.19
N TYR K 20 62.40 39.28 16.75
CA TYR K 20 62.51 38.82 18.13
C TYR K 20 63.61 37.78 18.27
N SER K 21 63.90 37.04 17.21
CA SER K 21 64.99 36.07 17.23
C SER K 21 66.35 36.76 17.12
N ARG K 22 66.46 37.78 16.26
CA ARG K 22 67.71 38.52 16.16
C ARG K 22 68.10 39.12 17.50
N LEU K 23 67.11 39.59 18.28
CA LEU K 23 67.38 40.05 19.63
C LEU K 23 67.53 38.91 20.62
N LEU K 24 67.06 37.70 20.27
CA LEU K 24 67.30 36.55 21.14
C LEU K 24 68.76 36.14 21.12
N LYS K 25 69.45 36.33 19.98
CA LYS K 25 70.87 36.05 19.94
C LYS K 25 71.66 37.03 20.80
N GLU K 26 71.12 38.23 21.03
CA GLU K 26 71.69 39.18 21.97
C GLU K 26 71.14 38.98 23.39
N ARG K 27 70.42 37.88 23.64
CA ARG K 27 69.96 37.52 24.98
C ARG K 27 68.90 38.49 25.49
N VAL K 28 67.93 38.83 24.64
CA VAL K 28 66.86 39.74 25.00
C VAL K 28 65.54 38.99 24.87
N ILE K 29 64.78 38.94 25.96
CA ILE K 29 63.47 38.31 26.02
C ILE K 29 62.44 39.38 26.32
N PHE K 30 61.27 39.29 25.68
CA PHE K 30 60.21 40.26 25.86
C PHE K 30 59.00 39.59 26.53
N LEU K 31 58.59 40.11 27.68
CA LEU K 31 57.38 39.70 28.35
C LEU K 31 56.31 40.76 28.10
N THR K 32 55.35 40.46 27.23
CA THR K 32 54.39 41.46 26.76
C THR K 32 52.97 40.93 26.89
N GLY K 33 52.07 41.79 27.36
CA GLY K 33 50.67 41.45 27.45
C GLY K 33 50.30 40.65 28.68
N GLN K 34 49.12 40.05 28.63
CA GLN K 34 48.64 39.22 29.73
C GLN K 34 49.54 38.02 29.92
N VAL K 35 49.79 37.68 31.19
CA VAL K 35 50.59 36.51 31.53
C VAL K 35 49.65 35.31 31.61
N GLU K 36 50.01 34.23 30.91
CA GLU K 36 49.22 33.02 30.90
C GLU K 36 50.13 31.84 30.55
N ASP K 37 49.59 30.63 30.72
CA ASP K 37 50.43 29.44 30.67
C ASP K 37 51.25 29.37 29.38
N HIS K 38 50.67 29.78 28.25
CA HIS K 38 51.32 29.54 26.97
C HIS K 38 52.41 30.57 26.68
N MET K 39 52.10 31.86 26.83
CA MET K 39 53.13 32.88 26.66
C MET K 39 54.23 32.73 27.69
N ALA K 40 53.88 32.27 28.90
CA ALA K 40 54.89 32.08 29.93
C ALA K 40 55.79 30.90 29.62
N ASN K 41 55.20 29.81 29.12
CA ASN K 41 56.00 28.66 28.71
C ASN K 41 57.00 29.06 27.63
N LEU K 42 56.59 29.95 26.72
CA LEU K 42 57.52 30.44 25.71
C LEU K 42 58.66 31.24 26.35
N ILE K 43 58.35 32.01 27.40
CA ILE K 43 59.39 32.74 28.11
C ILE K 43 60.33 31.76 28.80
N VAL K 44 59.78 30.72 29.42
CA VAL K 44 60.63 29.72 30.06
C VAL K 44 61.53 29.04 29.04
N ALA K 45 60.99 28.72 27.87
CA ALA K 45 61.79 28.06 26.84
C ALA K 45 62.95 28.93 26.39
N GLN K 46 62.73 30.23 26.23
CA GLN K 46 63.81 31.12 25.82
C GLN K 46 64.89 31.19 26.89
N MET K 47 64.49 31.24 28.16
CA MET K 47 65.48 31.25 29.23
C MET K 47 66.31 29.97 29.24
N LEU K 48 65.66 28.82 29.07
CA LEU K 48 66.41 27.58 29.00
C LEU K 48 67.33 27.57 27.78
N PHE K 49 66.87 28.12 26.66
CA PHE K 49 67.70 28.17 25.46
C PHE K 49 68.90 29.07 25.65
N LEU K 50 68.69 30.29 26.16
CA LEU K 50 69.82 31.20 26.37
C LEU K 50 70.82 30.62 27.35
N GLU K 51 70.37 29.89 28.34
CA GLU K 51 71.28 29.27 29.28
C GLU K 51 72.21 28.32 28.54
N ALA K 52 71.65 27.49 27.69
CA ALA K 52 72.39 26.52 26.95
C ALA K 52 73.37 27.15 26.04
N GLU K 53 73.08 28.33 25.56
CA GLU K 53 74.00 28.97 24.68
C GLU K 53 75.21 29.46 25.47
N ASN K 54 74.98 30.03 26.64
CA ASN K 54 76.05 30.56 27.48
C ASN K 54 75.55 30.64 28.92
N PRO K 55 75.90 29.68 29.79
CA PRO K 55 75.35 29.68 31.16
C PRO K 55 75.92 30.77 32.06
N GLU K 56 76.88 31.56 31.58
CA GLU K 56 77.54 32.56 32.42
C GLU K 56 77.01 33.97 32.21
N LYS K 57 76.45 34.26 31.05
CA LYS K 57 76.13 35.62 30.66
C LYS K 57 74.73 36.01 31.10
N ASP K 58 74.52 37.31 31.31
CA ASP K 58 73.25 37.79 31.81
C ASP K 58 72.16 37.67 30.75
N ILE K 59 70.92 37.56 31.21
CA ILE K 59 69.74 37.57 30.36
C ILE K 59 68.97 38.85 30.65
N TYR K 60 68.32 39.38 29.62
CA TYR K 60 67.68 40.69 29.66
C TYR K 60 66.20 40.50 29.35
N LEU K 61 65.36 40.74 30.36
CA LEU K 61 63.92 40.50 30.27
C LEU K 61 63.19 41.84 30.36
N TYR K 62 62.69 42.29 29.20
CA TYR K 62 61.83 43.47 29.17
C TYR K 62 60.42 43.06 29.57
N ILE K 63 59.79 43.89 30.40
CA ILE K 63 58.48 43.57 30.97
C ILE K 63 57.53 44.72 30.69
N ASN K 64 56.43 44.42 29.99
CA ASN K 64 55.33 45.37 29.78
C ASN K 64 54.04 44.54 29.82
N SER K 65 53.43 44.46 31.00
CA SER K 65 52.29 43.58 31.20
C SER K 65 51.29 44.20 32.18
N PRO K 66 49.99 44.05 31.93
CA PRO K 66 48.97 44.51 32.88
C PRO K 66 48.55 43.48 33.92
N GLY K 67 49.21 42.32 33.97
CA GLY K 67 48.91 41.28 34.92
C GLY K 67 48.59 39.96 34.25
N GLY K 68 48.26 38.99 35.08
CA GLY K 68 47.91 37.67 34.56
C GLY K 68 47.87 36.63 35.66
N VAL K 69 47.93 35.37 35.23
CA VAL K 69 47.79 34.23 36.13
C VAL K 69 49.03 34.11 37.01
N ILE K 70 48.83 33.68 38.26
CA ILE K 70 49.95 33.51 39.17
C ILE K 70 50.76 32.27 38.80
N THR K 71 50.10 31.13 38.64
CA THR K 71 50.81 29.89 38.34
C THR K 71 51.68 30.06 37.11
N ALA K 72 51.12 30.64 36.04
CA ALA K 72 51.90 30.88 34.84
C ALA K 72 53.08 31.79 35.14
N GLY K 73 52.85 32.85 35.92
CA GLY K 73 53.94 33.74 36.26
C GLY K 73 54.99 33.08 37.13
N MET K 74 54.56 32.20 38.03
CA MET K 74 55.52 31.56 38.93
C MET K 74 56.38 30.54 38.20
N SER K 75 55.89 29.98 37.09
CA SER K 75 56.74 29.13 36.28
C SER K 75 57.90 29.91 35.69
N ILE K 76 57.69 31.20 35.40
CA ILE K 76 58.77 32.06 34.95
C ILE K 76 59.70 32.39 36.11
N TYR K 77 59.12 32.75 37.26
CA TYR K 77 59.92 33.08 38.44
C TYR K 77 60.84 31.92 38.81
N ASP K 78 60.30 30.71 38.92
CA ASP K 78 61.11 29.57 39.30
C ASP K 78 62.20 29.27 38.27
N THR K 79 61.95 29.57 37.00
CA THR K 79 62.98 29.35 35.99
C THR K 79 64.12 30.34 36.13
N MET K 80 63.81 31.62 36.40
CA MET K 80 64.86 32.61 36.58
C MET K 80 65.78 32.25 37.74
N GLN K 81 65.22 31.76 38.84
CA GLN K 81 66.05 31.45 40.00
C GLN K 81 66.85 30.18 39.78
N PHE K 82 66.34 29.25 38.96
CA PHE K 82 66.98 27.96 38.77
C PHE K 82 68.18 28.05 37.82
N ILE K 83 68.04 28.79 36.71
CA ILE K 83 69.10 28.82 35.71
C ILE K 83 70.31 29.56 36.26
N LYS K 84 71.50 29.13 35.82
CA LYS K 84 72.73 29.78 36.27
C LYS K 84 72.76 31.26 35.96
N PRO K 85 72.51 31.71 34.73
CA PRO K 85 72.69 33.14 34.43
C PRO K 85 71.76 34.02 35.25
N ASP K 86 72.27 35.20 35.60
CA ASP K 86 71.45 36.22 36.22
C ASP K 86 70.47 36.80 35.20
N VAL K 87 69.23 37.01 35.63
CA VAL K 87 68.19 37.58 34.78
C VAL K 87 67.97 39.02 35.19
N SER K 88 68.41 39.96 34.34
CA SER K 88 68.17 41.37 34.55
C SER K 88 66.82 41.75 33.99
N THR K 89 66.06 42.52 34.75
CA THR K 89 64.70 42.91 34.39
C THR K 89 64.62 44.40 34.11
N ILE K 90 63.94 44.75 33.02
CA ILE K 90 63.75 46.14 32.61
C ILE K 90 62.25 46.37 32.38
N CYS K 91 61.68 47.33 33.09
CA CYS K 91 60.26 47.66 32.99
C CYS K 91 60.08 48.82 32.02
N MET K 92 59.33 48.58 30.95
CA MET K 92 58.98 49.62 29.98
C MET K 92 57.47 49.68 29.85
N GLY K 93 56.92 50.89 29.86
CA GLY K 93 55.49 51.07 29.79
C GLY K 93 54.85 50.92 31.15
N GLN K 94 54.52 49.68 31.53
CA GLN K 94 53.97 49.40 32.84
C GLN K 94 54.28 47.95 33.21
N ALA K 95 54.26 47.68 34.50
CA ALA K 95 54.43 46.32 35.01
C ALA K 95 53.46 46.19 36.19
N ALA K 96 52.29 45.63 35.92
CA ALA K 96 51.25 45.50 36.95
C ALA K 96 51.09 44.06 37.40
N SER K 97 50.19 43.82 38.34
CA SER K 97 50.09 42.55 39.06
C SER K 97 51.29 41.57 38.95
N MET K 98 51.19 40.56 38.10
CA MET K 98 52.21 39.51 38.05
C MET K 98 53.46 39.99 37.31
N GLY K 99 53.28 40.94 36.39
CA GLY K 99 54.42 41.53 35.72
C GLY K 99 55.33 42.27 36.68
N ALA K 100 54.74 42.93 37.68
CA ALA K 100 55.54 43.61 38.69
C ALA K 100 56.28 42.60 39.57
N PHE K 101 55.64 41.46 39.86
CA PHE K 101 56.30 40.45 40.69
C PHE K 101 57.57 39.96 40.02
N LEU K 102 57.49 39.66 38.72
CA LEU K 102 58.66 39.18 38.00
C LEU K 102 59.70 40.28 37.83
N LEU K 103 59.27 41.54 37.74
CA LEU K 103 60.20 42.66 37.66
C LEU K 103 61.12 42.68 38.88
N THR K 104 60.55 42.58 40.07
CA THR K 104 61.34 42.64 41.30
C THR K 104 62.09 41.34 41.57
N ALA K 105 61.73 40.24 40.91
CA ALA K 105 62.44 38.97 41.09
C ALA K 105 63.76 38.91 40.32
N GLY K 106 64.10 39.96 39.58
CA GLY K 106 65.36 39.97 38.86
C GLY K 106 66.55 39.93 39.79
N ALA K 107 67.71 39.65 39.18
CA ALA K 107 68.95 39.57 39.95
C ALA K 107 69.18 40.86 40.73
N LYS K 108 69.44 40.73 42.03
CA LYS K 108 69.71 41.88 42.87
C LYS K 108 70.77 42.77 42.22
N GLY K 109 70.43 44.05 42.06
CA GLY K 109 71.31 45.00 41.42
C GLY K 109 71.16 45.13 39.91
N LYS K 110 70.33 44.28 39.29
CA LYS K 110 70.13 44.29 37.85
C LYS K 110 68.66 44.41 37.48
N ARG K 111 67.87 44.99 38.37
CA ARG K 111 66.47 45.29 38.14
C ARG K 111 66.35 46.78 37.80
N PHE K 112 65.59 47.09 36.75
CA PHE K 112 65.54 48.47 36.26
C PHE K 112 64.13 48.90 35.87
N CYS K 113 63.88 50.20 36.04
CA CYS K 113 62.71 50.88 35.50
C CYS K 113 63.15 51.99 34.56
N LEU K 114 62.34 52.24 33.53
CA LEU K 114 62.56 53.40 32.68
C LEU K 114 61.91 54.63 33.29
N PRO K 115 62.35 55.83 32.89
CA PRO K 115 61.96 57.04 33.64
C PRO K 115 60.46 57.21 33.80
N ASN K 116 59.68 56.88 32.77
CA ASN K 116 58.23 57.07 32.80
C ASN K 116 57.47 55.74 32.87
N SER K 117 58.12 54.71 33.41
CA SER K 117 57.44 53.45 33.64
C SER K 117 56.43 53.60 34.78
N ARG K 118 55.56 52.59 34.91
CA ARG K 118 54.57 52.55 35.97
C ARG K 118 54.53 51.13 36.53
N VAL K 119 54.32 51.01 37.84
CA VAL K 119 54.20 49.73 38.51
C VAL K 119 52.97 49.75 39.39
N MET K 120 52.21 48.65 39.35
CA MET K 120 51.03 48.48 40.19
C MET K 120 51.14 47.17 40.94
N ILE K 121 50.81 47.19 42.23
CA ILE K 121 50.83 46.00 43.07
C ILE K 121 49.47 45.86 43.73
N HIS K 122 49.06 44.61 43.94
CA HIS K 122 47.83 44.31 44.66
C HIS K 122 47.89 42.84 45.07
N GLN K 123 46.88 42.42 45.82
CA GLN K 123 46.81 41.04 46.29
C GLN K 123 46.22 40.15 45.21
N PRO K 124 46.29 38.83 45.38
CA PRO K 124 45.77 37.92 44.34
C PRO K 124 44.27 38.04 44.17
N LEU K 125 43.83 37.70 42.96
CA LEU K 125 42.41 37.60 42.63
C LEU K 125 42.07 36.15 42.36
N GLY K 126 40.80 35.81 42.54
CA GLY K 126 40.37 34.44 42.30
C GLY K 126 38.87 34.33 42.39
N GLY K 127 38.40 33.08 42.31
CA GLY K 127 36.99 32.80 42.41
C GLY K 127 36.67 31.34 42.23
N TYR K 128 35.55 30.88 42.77
CA TYR K 128 35.18 29.46 42.65
C TYR K 128 33.67 29.30 42.86
N GLN K 129 33.12 28.31 42.18
CA GLN K 129 31.75 27.87 42.37
C GLN K 129 31.71 26.41 42.80
N GLY K 130 30.79 26.09 43.71
CA GLY K 130 30.59 24.71 44.09
C GLY K 130 30.04 24.59 45.50
N GLN K 131 30.16 23.39 46.05
CA GLN K 131 29.69 23.11 47.40
C GLN K 131 30.53 23.86 48.43
N ALA K 132 29.92 24.10 49.59
CA ALA K 132 30.60 24.84 50.64
C ALA K 132 31.90 24.16 51.06
N THR K 133 31.90 22.82 51.13
CA THR K 133 33.12 22.11 51.47
C THR K 133 34.21 22.42 50.45
N ASP K 134 33.88 22.34 49.16
CA ASP K 134 34.85 22.67 48.13
C ASP K 134 35.20 24.15 48.14
N ILE K 135 34.23 25.00 48.47
CA ILE K 135 34.51 26.43 48.57
C ILE K 135 35.56 26.68 49.66
N GLU K 136 35.45 25.97 50.75
CA GLU K 136 36.39 26.15 51.84
C GLU K 136 37.80 25.74 51.44
N ILE K 137 37.93 24.67 50.64
CA ILE K 137 39.25 24.19 50.23
C ILE K 137 39.98 25.22 49.38
N HIS K 138 39.28 25.79 48.40
CA HIS K 138 39.92 26.71 47.46
C HIS K 138 40.18 28.08 48.10
N ALA K 139 39.30 28.54 48.98
CA ALA K 139 39.55 29.79 49.68
C ALA K 139 40.75 29.66 50.63
N ARG K 140 40.93 28.49 51.24
CA ARG K 140 42.10 28.28 52.08
C ARG K 140 43.38 28.20 51.25
N GLU K 141 43.27 27.79 49.98
CA GLU K 141 44.44 27.73 49.12
C GLU K 141 44.83 29.12 48.62
N ILE K 142 43.86 29.93 48.20
CA ILE K 142 44.20 31.25 47.69
C ILE K 142 44.85 32.11 48.77
N LEU K 143 44.48 31.88 50.03
CA LEU K 143 45.13 32.60 51.12
C LEU K 143 46.56 32.10 51.33
N LYS K 144 46.77 30.79 51.23
CA LYS K 144 48.14 30.27 51.23
C LYS K 144 48.96 30.92 50.12
N VAL K 145 48.37 31.09 48.93
CA VAL K 145 49.06 31.75 47.83
C VAL K 145 49.34 33.21 48.18
N LYS K 146 48.31 33.91 48.66
CA LYS K 146 48.48 35.30 49.08
C LYS K 146 49.62 35.42 50.09
N GLY K 147 49.71 34.48 51.02
CA GLY K 147 50.76 34.54 52.02
C GLY K 147 52.14 34.39 51.41
N ARG K 148 52.30 33.45 50.47
CA ARG K 148 53.61 33.16 49.91
C ARG K 148 54.13 34.35 49.08
N MET K 149 53.30 34.87 48.16
CA MET K 149 53.71 36.03 47.36
C MET K 149 54.12 37.19 48.25
N ASN K 150 53.35 37.47 49.32
CA ASN K 150 53.75 38.55 50.20
C ASN K 150 55.12 38.26 50.81
N GLU K 151 55.38 36.99 51.15
CA GLU K 151 56.68 36.61 51.66
C GLU K 151 57.77 36.88 50.62
N LEU K 152 57.55 36.41 49.39
CA LEU K 152 58.54 36.60 48.34
C LEU K 152 58.70 38.08 48.01
N MET K 153 57.59 38.84 47.98
CA MET K 153 57.66 40.28 47.77
C MET K 153 58.54 40.95 48.82
N ALA K 154 58.35 40.58 50.09
CA ALA K 154 59.17 41.12 51.15
C ALA K 154 60.62 40.72 50.98
N LEU K 155 60.86 39.52 50.46
CA LEU K 155 62.23 39.03 50.29
C LEU K 155 62.98 39.86 49.25
N HIS K 156 62.34 40.12 48.11
CA HIS K 156 63.04 40.78 47.02
C HIS K 156 63.14 42.29 47.20
N THR K 157 62.17 42.90 47.88
CA THR K 157 62.18 44.34 48.08
C THR K 157 62.92 44.76 49.35
N GLY K 158 63.05 43.87 50.32
CA GLY K 158 63.58 44.23 51.61
C GLY K 158 62.57 44.79 52.58
N GLN K 159 61.34 45.03 52.13
CA GLN K 159 60.30 45.49 53.02
C GLN K 159 59.91 44.37 53.99
N SER K 160 59.24 44.76 55.07
CA SER K 160 58.72 43.79 56.02
C SER K 160 57.47 43.12 55.46
N LEU K 161 57.20 41.90 55.95
CA LEU K 161 55.99 41.20 55.56
C LEU K 161 54.75 41.99 55.97
N GLU K 162 54.83 42.75 57.07
CA GLU K 162 53.70 43.57 57.49
C GLU K 162 53.46 44.71 56.52
N GLN K 163 54.52 45.28 55.95
CA GLN K 163 54.37 46.39 55.02
C GLN K 163 53.80 45.92 53.69
N ILE K 164 54.31 44.80 53.17
CA ILE K 164 53.79 44.26 51.91
C ILE K 164 52.29 43.98 52.04
N GLU K 165 51.86 43.47 53.19
CA GLU K 165 50.44 43.20 53.40
C GLU K 165 49.63 44.47 53.31
N ARG K 166 50.09 45.52 54.00
CA ARG K 166 49.34 46.78 54.06
C ARG K 166 49.30 47.46 52.70
N ASP K 167 50.39 47.37 51.94
CA ASP K 167 50.47 48.08 50.68
C ASP K 167 49.83 47.32 49.52
N THR K 168 49.54 46.03 49.69
CA THR K 168 48.95 45.23 48.63
C THR K 168 47.47 44.92 48.84
N GLU K 169 46.90 45.31 49.99
CA GLU K 169 45.47 45.06 50.21
C GLU K 169 44.63 45.71 49.11
N ARG K 170 45.04 46.88 48.64
CA ARG K 170 44.39 47.54 47.52
C ARG K 170 45.42 47.99 46.51
N ASP K 171 44.96 48.18 45.27
CA ASP K 171 45.82 48.61 44.20
C ASP K 171 46.64 49.81 44.63
N ARG K 172 47.95 49.74 44.40
CA ARG K 172 48.84 50.87 44.66
C ARG K 172 49.75 51.06 43.46
N PHE K 173 49.79 52.28 42.95
CA PHE K 173 50.62 52.63 41.80
C PHE K 173 51.93 53.23 42.30
N LEU K 174 53.02 52.90 41.62
CA LEU K 174 54.32 53.45 41.95
C LEU K 174 54.97 53.98 40.68
N SER K 175 55.47 55.22 40.75
CA SER K 175 56.23 55.76 39.63
C SER K 175 57.62 55.12 39.61
N ALA K 176 58.37 55.40 38.55
CA ALA K 176 59.71 54.85 38.44
C ALA K 176 60.58 55.19 39.66
N PRO K 177 60.69 56.45 40.09
CA PRO K 177 61.44 56.73 41.32
C PRO K 177 60.79 56.16 42.57
N GLU K 178 59.45 56.11 42.63
CA GLU K 178 58.82 55.51 43.80
C GLU K 178 59.16 54.04 43.93
N ALA K 179 59.43 53.37 42.81
CA ALA K 179 59.78 51.95 42.85
C ALA K 179 61.20 51.71 43.34
N VAL K 180 62.11 52.67 43.15
CA VAL K 180 63.47 52.48 43.67
C VAL K 180 63.50 52.69 45.18
N GLU K 181 62.67 53.60 45.70
CA GLU K 181 62.63 53.81 47.15
C GLU K 181 61.93 52.63 47.84
N TYR K 182 60.87 52.10 47.24
CA TYR K 182 60.15 50.99 47.82
C TYR K 182 60.97 49.70 47.81
N GLY K 183 61.92 49.59 46.89
CA GLY K 183 62.77 48.43 46.81
C GLY K 183 62.43 47.45 45.70
N LEU K 184 61.40 47.75 44.90
CA LEU K 184 61.04 46.84 43.82
C LEU K 184 62.15 46.76 42.78
N VAL K 185 62.82 47.89 42.53
CA VAL K 185 63.87 47.98 41.52
C VAL K 185 65.05 48.75 42.09
N ASP K 186 66.20 48.58 41.46
CA ASP K 186 67.45 49.13 41.98
C ASP K 186 67.74 50.54 41.46
N SER K 187 67.53 50.80 40.17
CA SER K 187 67.83 52.11 39.61
C SER K 187 66.99 52.33 38.36
N ILE K 188 67.18 53.48 37.73
CA ILE K 188 66.45 53.89 36.53
C ILE K 188 67.41 54.03 35.37
N LEU K 189 67.06 53.44 34.22
CA LEU K 189 67.79 53.67 32.99
C LEU K 189 67.30 54.96 32.33
N THR K 190 68.19 55.93 32.18
CA THR K 190 67.83 57.17 31.49
C THR K 190 68.33 57.15 30.06
N HIS K 191 69.65 57.27 29.89
CA HIS K 191 70.27 57.33 28.57
C HIS K 191 71.60 56.59 28.62
N ARG K 192 72.08 56.21 27.45
CA ARG K 192 73.36 55.53 27.33
C ARG K 192 74.51 56.54 27.39
N VAL L 3 51.73 42.56 1.53
CA VAL L 3 53.11 42.44 1.99
C VAL L 3 53.98 41.96 0.83
N PRO L 4 54.31 42.87 -0.09
CA PRO L 4 55.14 42.48 -1.25
C PRO L 4 56.52 42.02 -0.82
N MET L 5 56.83 40.76 -1.15
CA MET L 5 58.07 40.12 -0.72
C MET L 5 59.12 40.31 -1.82
N VAL L 6 60.01 41.28 -1.61
CA VAL L 6 61.07 41.55 -2.57
C VAL L 6 62.43 41.32 -1.92
N ASP L 18 60.53 40.64 2.38
CA ASP L 18 59.48 41.55 2.86
C ASP L 18 59.86 42.99 2.54
N ILE L 19 58.88 43.88 2.48
CA ILE L 19 59.14 45.27 2.13
C ILE L 19 59.46 46.10 3.36
N TYR L 20 58.70 45.94 4.45
CA TYR L 20 59.01 46.64 5.68
C TYR L 20 60.37 46.22 6.21
N SER L 21 60.86 45.08 5.77
CA SER L 21 62.14 44.59 6.22
C SER L 21 63.28 45.25 5.47
N ARG L 22 63.05 45.59 4.21
CA ARG L 22 64.07 46.28 3.42
C ARG L 22 64.19 47.74 3.84
N LEU L 23 63.08 48.38 4.19
CA LEU L 23 63.16 49.73 4.74
C LEU L 23 63.69 49.75 6.17
N LEU L 24 63.67 48.60 6.86
CA LEU L 24 64.25 48.55 8.19
C LEU L 24 65.78 48.67 8.13
N LYS L 25 66.42 47.99 7.17
CA LYS L 25 67.87 48.11 7.04
C LYS L 25 68.28 49.47 6.48
N GLU L 26 67.33 50.28 6.03
CA GLU L 26 67.54 51.70 5.80
C GLU L 26 67.14 52.54 7.01
N ARG L 27 66.91 51.89 8.15
CA ARG L 27 66.66 52.56 9.42
C ARG L 27 65.32 53.31 9.41
N VAL L 28 64.29 52.68 8.84
CA VAL L 28 62.96 53.27 8.77
C VAL L 28 61.97 52.33 9.46
N ILE L 29 61.28 52.85 10.45
CA ILE L 29 60.25 52.13 11.19
C ILE L 29 58.92 52.82 10.96
N PHE L 30 57.85 52.03 10.84
CA PHE L 30 56.51 52.54 10.60
C PHE L 30 55.66 52.31 11.84
N LEU L 31 55.12 53.39 12.39
CA LEU L 31 54.16 53.34 13.49
C LEU L 31 52.79 53.61 12.87
N THR L 32 51.99 52.56 12.73
CA THR L 32 50.75 52.62 11.97
C THR L 32 49.62 52.03 12.81
N GLY L 33 48.47 52.69 12.77
CA GLY L 33 47.29 52.20 13.44
C GLY L 33 47.29 52.51 14.92
N GLN L 34 46.30 51.96 15.60
CA GLN L 34 46.18 52.13 17.03
C GLN L 34 47.45 51.64 17.71
N VAL L 35 47.91 52.38 18.72
CA VAL L 35 49.08 51.98 19.48
C VAL L 35 48.62 51.17 20.69
N GLU L 36 49.23 50.01 20.89
CA GLU L 36 48.89 49.10 21.97
C GLU L 36 50.12 48.28 22.31
N ASP L 37 50.02 47.52 23.40
CA ASP L 37 51.22 46.91 23.99
C ASP L 37 52.03 46.13 22.96
N HIS L 38 51.35 45.42 22.06
CA HIS L 38 52.07 44.48 21.19
C HIS L 38 52.70 45.18 19.98
N MET L 39 51.93 46.03 19.29
CA MET L 39 52.52 46.76 18.16
C MET L 39 53.65 47.67 18.62
N ALA L 40 53.55 48.20 19.84
CA ALA L 40 54.59 49.09 20.35
C ALA L 40 55.85 48.30 20.70
N ASN L 41 55.69 47.12 21.31
CA ASN L 41 56.84 46.28 21.59
C ASN L 41 57.58 45.92 20.31
N LEU L 42 56.84 45.74 19.21
CA LEU L 42 57.49 45.48 17.93
C LEU L 42 58.31 46.68 17.48
N ILE L 43 57.83 47.90 17.74
CA ILE L 43 58.61 49.08 17.42
C ILE L 43 59.85 49.17 18.30
N VAL L 44 59.71 48.86 19.59
CA VAL L 44 60.85 48.91 20.49
C VAL L 44 61.93 47.95 20.03
N ALA L 45 61.53 46.76 19.58
CA ALA L 45 62.51 45.79 19.11
C ALA L 45 63.26 46.33 17.91
N GLN L 46 62.55 47.00 17.00
CA GLN L 46 63.20 47.59 15.83
C GLN L 46 64.17 48.70 16.24
N MET L 47 63.78 49.52 17.22
CA MET L 47 64.65 50.59 17.69
C MET L 47 65.91 50.01 18.34
N LEU L 48 65.75 49.00 19.20
CA LEU L 48 66.91 48.37 19.82
C LEU L 48 67.79 47.70 18.78
N PHE L 49 67.18 47.10 17.77
CA PHE L 49 67.96 46.44 16.71
C PHE L 49 68.78 47.46 15.94
N LEU L 50 68.16 48.56 15.50
CA LEU L 50 68.89 49.56 14.74
C LEU L 50 70.02 50.16 15.58
N GLU L 51 69.79 50.38 16.87
CA GLU L 51 70.85 50.85 17.75
C GLU L 51 72.04 49.90 17.75
N ALA L 52 71.77 48.59 17.82
CA ALA L 52 72.86 47.62 17.90
C ALA L 52 73.70 47.63 16.64
N GLU L 53 73.09 47.82 15.47
CA GLU L 53 73.85 47.81 14.23
C GLU L 53 74.71 49.05 14.08
N ASN L 54 74.25 50.19 14.58
CA ASN L 54 75.00 51.45 14.48
C ASN L 54 74.40 52.48 15.43
N PRO L 55 74.98 52.69 16.61
CA PRO L 55 74.39 53.64 17.57
C PRO L 55 74.54 55.11 17.17
N GLU L 56 75.19 55.40 16.03
CA GLU L 56 75.45 56.77 15.64
C GLU L 56 74.48 57.29 14.59
N LYS L 57 73.99 56.43 13.70
CA LYS L 57 73.15 56.87 12.60
C LYS L 57 71.70 57.03 13.05
N ASP L 58 71.01 57.98 12.41
CA ASP L 58 69.67 58.35 12.82
C ASP L 58 68.67 57.24 12.48
N ILE L 59 67.57 57.22 13.24
CA ILE L 59 66.44 56.32 12.99
C ILE L 59 65.26 57.16 12.51
N TYR L 60 64.46 56.56 11.63
CA TYR L 60 63.37 57.24 10.94
C TYR L 60 62.06 56.53 11.27
N LEU L 61 61.19 57.20 12.01
CA LEU L 61 59.93 56.62 12.47
C LEU L 61 58.78 57.39 11.83
N TYR L 62 58.14 56.78 10.84
CA TYR L 62 56.92 57.34 10.26
C TYR L 62 55.74 57.06 11.17
N ILE L 63 54.87 58.06 11.33
CA ILE L 63 53.77 58.00 12.28
C ILE L 63 52.47 58.30 11.55
N ASN L 64 51.54 57.33 11.57
CA ASN L 64 50.18 57.51 11.09
C ASN L 64 49.29 56.70 12.02
N SER L 65 48.77 57.35 13.06
CA SER L 65 48.03 56.68 14.12
C SER L 65 46.89 57.55 14.61
N PRO L 66 45.73 56.96 14.92
CA PRO L 66 44.62 57.73 15.49
C PRO L 66 44.60 57.77 17.02
N GLY L 67 45.62 57.25 17.69
CA GLY L 67 45.70 57.23 19.13
C GLY L 67 45.91 55.82 19.64
N GLY L 68 45.94 55.71 20.96
CA GLY L 68 46.11 54.41 21.57
C GLY L 68 46.40 54.52 23.06
N VAL L 69 46.92 53.42 23.61
CA VAL L 69 47.15 53.32 25.04
C VAL L 69 48.30 54.22 25.45
N ILE L 70 48.20 54.81 26.64
CA ILE L 70 49.27 55.68 27.11
C ILE L 70 50.49 54.85 27.48
N THR L 71 50.29 53.82 28.28
CA THR L 71 51.40 52.96 28.71
C THR L 71 52.15 52.41 27.51
N ALA L 72 51.43 51.91 26.50
CA ALA L 72 52.08 51.36 25.32
C ALA L 72 52.94 52.40 24.62
N GLY L 73 52.43 53.63 24.48
CA GLY L 73 53.20 54.67 23.82
C GLY L 73 54.43 55.08 24.59
N MET L 74 54.34 55.09 25.92
CA MET L 74 55.49 55.50 26.73
C MET L 74 56.60 54.45 26.70
N SER L 75 56.27 53.19 26.41
CA SER L 75 57.32 52.20 26.18
C SER L 75 58.13 52.59 24.96
N ILE L 76 57.50 53.21 23.97
CA ILE L 76 58.24 53.72 22.81
C ILE L 76 59.02 54.97 23.20
N TYR L 77 58.37 55.89 23.93
CA TYR L 77 59.02 57.13 24.31
C TYR L 77 60.32 56.87 25.07
N ASP L 78 60.27 56.05 26.12
CA ASP L 78 61.46 55.79 26.91
C ASP L 78 62.55 55.13 26.08
N THR L 79 62.18 54.31 25.09
CA THR L 79 63.19 53.71 24.22
C THR L 79 63.80 54.77 23.31
N MET L 80 62.98 55.70 22.81
CA MET L 80 63.49 56.79 21.99
C MET L 80 64.54 57.58 22.74
N GLN L 81 64.28 57.88 24.02
CA GLN L 81 65.22 58.65 24.84
C GLN L 81 66.42 57.84 25.30
N PHE L 82 66.26 56.52 25.45
CA PHE L 82 67.35 55.72 26.01
C PHE L 82 68.44 55.43 24.98
N ILE L 83 68.06 55.07 23.76
CA ILE L 83 69.05 54.66 22.76
C ILE L 83 69.89 55.84 22.31
N LYS L 84 71.14 55.56 21.96
CA LYS L 84 72.04 56.63 21.49
C LYS L 84 71.52 57.33 20.24
N PRO L 85 71.16 56.64 19.17
CA PRO L 85 70.81 57.35 17.93
C PRO L 85 69.60 58.27 18.12
N ASP L 86 69.63 59.39 17.41
CA ASP L 86 68.48 60.29 17.34
C ASP L 86 67.37 59.65 16.52
N VAL L 87 66.14 59.80 16.99
CA VAL L 87 64.97 59.26 16.31
C VAL L 87 64.26 60.43 15.63
N SER L 88 64.34 60.48 14.31
CA SER L 88 63.60 61.48 13.55
C SER L 88 62.19 61.00 13.29
N THR L 89 61.22 61.87 13.50
CA THR L 89 59.80 61.54 13.36
C THR L 89 59.20 62.26 12.16
N ILE L 90 58.44 61.53 11.36
CA ILE L 90 57.77 62.08 10.19
C ILE L 90 56.29 61.71 10.30
N CYS L 91 55.44 62.73 10.30
CA CYS L 91 54.00 62.54 10.41
C CYS L 91 53.40 62.56 9.02
N MET L 92 52.76 61.45 8.64
CA MET L 92 52.07 61.33 7.35
C MET L 92 50.63 60.91 7.61
N GLY L 93 49.69 61.57 6.94
CA GLY L 93 48.28 61.29 7.15
C GLY L 93 47.74 62.00 8.37
N GLN L 94 47.87 61.37 9.53
CA GLN L 94 47.45 61.99 10.79
C GLN L 94 48.29 61.42 11.93
N ALA L 95 48.36 62.18 13.01
CA ALA L 95 49.04 61.76 14.24
C ALA L 95 48.19 62.33 15.38
N ALA L 96 47.32 61.50 15.93
CA ALA L 96 46.42 61.95 16.98
C ALA L 96 46.85 61.39 18.33
N SER L 97 46.24 61.91 19.40
CA SER L 97 46.58 61.54 20.77
C SER L 97 48.03 61.03 21.05
N MET L 98 48.19 59.79 21.50
CA MET L 98 49.51 59.29 21.86
C MET L 98 50.44 59.31 20.65
N GLY L 99 49.86 59.21 19.46
CA GLY L 99 50.67 59.34 18.25
C GLY L 99 51.27 60.72 18.11
N ALA L 100 50.52 61.76 18.48
CA ALA L 100 51.05 63.11 18.46
C ALA L 100 52.14 63.29 19.52
N PHE L 101 52.01 62.62 20.65
CA PHE L 101 53.03 62.68 21.68
C PHE L 101 54.37 62.17 21.15
N LEU L 102 54.33 61.04 20.44
CA LEU L 102 55.56 60.46 19.90
C LEU L 102 56.11 61.30 18.75
N LEU L 103 55.24 61.94 17.97
CA LEU L 103 55.71 62.82 16.91
C LEU L 103 56.57 63.95 17.48
N THR L 104 56.07 64.62 18.52
CA THR L 104 56.78 65.73 19.13
C THR L 104 57.94 65.25 20.00
N ALA L 105 57.99 63.97 20.35
CA ALA L 105 59.09 63.44 21.15
C ALA L 105 60.34 63.15 20.33
N GLY L 106 60.30 63.37 19.02
CA GLY L 106 61.48 63.15 18.19
C GLY L 106 62.61 64.11 18.52
N ALA L 107 63.79 63.76 18.03
CA ALA L 107 64.97 64.58 18.25
C ALA L 107 64.74 65.99 17.74
N LYS L 108 65.04 66.98 18.59
CA LYS L 108 64.76 68.37 18.25
C LYS L 108 65.48 68.75 16.96
N GLY L 109 64.74 69.39 16.05
CA GLY L 109 65.23 69.71 14.73
C GLY L 109 65.02 68.63 13.69
N LYS L 110 64.52 67.46 14.08
CA LYS L 110 64.30 66.36 13.17
C LYS L 110 62.88 65.81 13.28
N ARG L 111 61.95 66.65 13.73
CA ARG L 111 60.53 66.32 13.79
C ARG L 111 59.85 66.97 12.60
N PHE L 112 59.04 66.22 11.87
CA PHE L 112 58.50 66.69 10.60
C PHE L 112 57.03 66.34 10.43
N CYS L 113 56.33 67.21 9.70
CA CYS L 113 55.00 66.96 9.21
C CYS L 113 55.00 67.07 7.68
N LEU L 114 54.17 66.27 7.03
CA LEU L 114 53.95 66.45 5.60
C LEU L 114 52.90 67.54 5.37
N PRO L 115 52.87 68.13 4.19
CA PRO L 115 52.05 69.35 3.99
C PRO L 115 50.59 69.20 4.40
N ASN L 116 49.98 68.05 4.15
CA ASN L 116 48.57 67.82 4.45
C ASN L 116 48.40 66.88 5.64
N SER L 117 49.39 66.85 6.52
CA SER L 117 49.28 66.09 7.75
C SER L 117 48.28 66.75 8.69
N ARG L 118 47.76 65.94 9.62
CA ARG L 118 46.84 66.40 10.64
C ARG L 118 47.36 65.94 12.00
N VAL L 119 47.22 66.79 13.00
CA VAL L 119 47.60 66.45 14.37
C VAL L 119 46.46 66.85 15.29
N MET L 120 46.09 65.96 16.20
CA MET L 120 45.08 66.25 17.22
C MET L 120 45.63 65.85 18.57
N ILE L 121 45.39 66.71 19.56
CA ILE L 121 45.84 66.50 20.93
C ILE L 121 44.63 66.60 21.84
N HIS L 122 44.66 65.84 22.93
CA HIS L 122 43.63 65.92 23.95
C HIS L 122 44.16 65.30 25.23
N GLN L 123 43.37 65.39 26.28
CA GLN L 123 43.74 64.85 27.57
C GLN L 123 43.46 63.35 27.61
N PRO L 124 43.98 62.65 28.61
CA PRO L 124 43.73 61.21 28.69
C PRO L 124 42.27 60.90 28.96
N LEU L 125 41.83 59.74 28.45
CA LEU L 125 40.55 59.15 28.77
C LEU L 125 40.80 57.87 29.54
N GLY L 126 39.82 57.46 30.32
CA GLY L 126 39.99 56.25 31.10
C GLY L 126 38.68 55.84 31.70
N GLY L 127 38.76 54.84 32.58
CA GLY L 127 37.57 54.36 33.27
C GLY L 127 37.85 53.22 34.22
N TYR L 128 37.00 53.09 35.23
CA TYR L 128 37.16 52.05 36.23
C TYR L 128 35.81 51.79 36.88
N GLN L 129 35.60 50.54 37.29
CA GLN L 129 34.45 50.14 38.07
C GLN L 129 34.95 49.51 39.37
N GLY L 130 34.26 49.77 40.46
CA GLY L 130 34.61 49.15 41.73
C GLY L 130 34.15 50.00 42.90
N GLN L 131 34.73 49.69 44.06
CA GLN L 131 34.40 50.40 45.28
C GLN L 131 34.87 51.86 45.21
N ALA L 132 34.22 52.70 46.00
CA ALA L 132 34.57 54.12 46.00
C ALA L 132 36.04 54.31 46.37
N THR L 133 36.53 53.54 47.33
CA THR L 133 37.95 53.63 47.71
C THR L 133 38.84 53.32 46.52
N ASP L 134 38.54 52.23 45.80
CA ASP L 134 39.33 51.88 44.62
C ASP L 134 39.19 52.91 43.52
N ILE L 135 38.02 53.52 43.36
CA ILE L 135 37.85 54.54 42.33
C ILE L 135 38.78 55.73 42.59
N GLU L 136 38.89 56.15 43.84
CA GLU L 136 39.77 57.27 44.15
C GLU L 136 41.22 56.94 43.81
N ILE L 137 41.64 55.69 44.06
CA ILE L 137 43.00 55.29 43.74
C ILE L 137 43.26 55.43 42.25
N HIS L 138 42.33 54.91 41.43
CA HIS L 138 42.51 54.96 39.99
C HIS L 138 42.23 56.35 39.44
N ALA L 139 41.30 57.08 40.04
CA ALA L 139 41.05 58.46 39.63
C ALA L 139 42.28 59.32 39.92
N ARG L 140 42.85 59.19 41.12
CA ARG L 140 44.08 59.92 41.43
C ARG L 140 45.18 59.59 40.44
N GLU L 141 45.30 58.30 40.07
CA GLU L 141 46.40 57.89 39.21
C GLU L 141 46.27 58.49 37.82
N ILE L 142 45.06 58.44 37.24
CA ILE L 142 44.89 58.98 35.90
C ILE L 142 45.14 60.47 35.89
N LEU L 143 44.88 61.15 37.01
CA LEU L 143 45.19 62.58 37.09
C LEU L 143 46.69 62.80 37.17
N LYS L 144 47.43 61.90 37.83
CA LYS L 144 48.88 61.99 37.81
C LYS L 144 49.42 61.72 36.40
N VAL L 145 48.77 60.83 35.65
CA VAL L 145 49.16 60.60 34.27
C VAL L 145 48.92 61.86 33.45
N LYS L 146 47.72 62.44 33.57
CA LYS L 146 47.41 63.68 32.87
C LYS L 146 48.43 64.76 33.18
N GLY L 147 48.82 64.87 34.45
CA GLY L 147 49.82 65.87 34.81
C GLY L 147 51.18 65.58 34.20
N ARG L 148 51.57 64.31 34.18
CA ARG L 148 52.86 63.95 33.59
C ARG L 148 52.86 64.19 32.09
N MET L 149 51.83 63.70 31.39
CA MET L 149 51.73 63.94 29.96
C MET L 149 51.80 65.43 29.64
N ASN L 150 51.12 66.26 30.43
CA ASN L 150 51.17 67.70 30.21
C ASN L 150 52.58 68.24 30.40
N GLU L 151 53.31 67.73 31.38
CA GLU L 151 54.67 68.22 31.64
C GLU L 151 55.60 67.99 30.46
N LEU L 152 55.66 66.73 29.98
CA LEU L 152 56.56 66.42 28.85
C LEU L 152 56.13 67.16 27.60
N MET L 153 54.84 67.25 27.35
CA MET L 153 54.34 68.01 26.21
C MET L 153 54.88 69.43 26.24
N ALA L 154 54.84 70.05 27.41
CA ALA L 154 55.40 71.39 27.55
C ALA L 154 56.90 71.38 27.27
N LEU L 155 57.57 70.31 27.62
CA LEU L 155 58.99 70.22 27.41
C LEU L 155 59.34 70.22 25.93
N HIS L 156 58.68 69.36 25.16
CA HIS L 156 59.07 69.14 23.77
C HIS L 156 58.54 70.23 22.85
N THR L 157 57.41 70.85 23.21
CA THR L 157 56.82 71.89 22.39
C THR L 157 57.35 73.27 22.72
N GLY L 158 57.86 73.47 23.94
CA GLY L 158 58.25 74.78 24.41
C GLY L 158 57.12 75.62 24.97
N GLN L 159 55.89 75.15 24.88
CA GLN L 159 54.76 75.85 25.47
C GLN L 159 54.82 75.78 27.00
N SER L 160 54.07 76.67 27.63
CA SER L 160 53.95 76.62 29.08
C SER L 160 53.01 75.49 29.48
N LEU L 161 53.23 74.94 30.68
CA LEU L 161 52.37 73.89 31.16
C LEU L 161 50.93 74.36 31.30
N GLU L 162 50.71 75.66 31.46
CA GLU L 162 49.35 76.20 31.45
C GLU L 162 48.73 76.11 30.07
N GLN L 163 49.49 76.49 29.04
CA GLN L 163 48.96 76.46 27.68
C GLN L 163 48.60 75.03 27.27
N ILE L 164 49.50 74.09 27.53
CA ILE L 164 49.22 72.69 27.20
C ILE L 164 47.96 72.22 27.93
N GLU L 165 47.78 72.65 29.19
CA GLU L 165 46.59 72.26 29.92
C GLU L 165 45.32 72.81 29.28
N ARG L 166 45.37 74.05 28.79
CA ARG L 166 44.16 74.65 28.23
C ARG L 166 43.83 74.06 26.86
N ASP L 167 44.85 73.82 26.04
CA ASP L 167 44.62 73.34 24.69
C ASP L 167 44.28 71.86 24.62
N THR L 168 44.52 71.09 25.69
CA THR L 168 44.25 69.66 25.69
C THR L 168 43.01 69.27 26.48
N GLU L 169 42.36 70.20 27.18
CA GLU L 169 41.14 69.86 27.91
C GLU L 169 40.09 69.30 26.96
N ARG L 170 40.03 69.83 25.74
CA ARG L 170 39.17 69.32 24.69
C ARG L 170 39.97 69.14 23.41
N ASP L 171 39.47 68.27 22.55
CA ASP L 171 40.13 67.98 21.28
C ASP L 171 40.46 69.27 20.54
N ARG L 172 41.72 69.38 20.10
CA ARG L 172 42.16 70.46 19.22
C ARG L 172 42.92 69.87 18.05
N PHE L 173 42.55 70.28 16.84
CA PHE L 173 43.25 69.87 15.62
C PHE L 173 44.36 70.86 15.26
N LEU L 174 45.45 70.34 14.74
CA LEU L 174 46.56 71.15 14.25
C LEU L 174 46.92 70.75 12.83
N SER L 175 46.97 71.74 11.94
CA SER L 175 47.50 71.50 10.60
C SER L 175 49.02 71.45 10.66
N ALA L 176 49.63 71.07 9.54
CA ALA L 176 51.08 71.03 9.49
C ALA L 176 51.72 72.37 9.85
N PRO L 177 51.34 73.50 9.25
CA PRO L 177 51.94 74.77 9.67
C PRO L 177 51.59 75.15 11.10
N GLU L 178 50.39 74.83 11.57
CA GLU L 178 50.05 75.10 12.96
C GLU L 178 50.91 74.27 13.91
N ALA L 179 51.34 73.09 13.46
CA ALA L 179 52.18 72.24 14.31
C ALA L 179 53.60 72.78 14.40
N VAL L 180 54.02 73.54 13.40
CA VAL L 180 55.34 74.16 13.45
C VAL L 180 55.32 75.35 14.40
N GLU L 181 54.34 76.25 14.25
CA GLU L 181 54.26 77.41 15.12
C GLU L 181 54.00 77.02 16.57
N TYR L 182 53.27 75.93 16.78
CA TYR L 182 52.97 75.48 18.13
C TYR L 182 54.16 74.82 18.81
N GLY L 183 55.10 74.29 18.04
CA GLY L 183 56.27 73.65 18.57
C GLY L 183 56.24 72.14 18.56
N LEU L 184 55.14 71.53 18.08
CA LEU L 184 55.07 70.08 18.02
C LEU L 184 56.06 69.52 17.00
N VAL L 185 56.30 70.24 15.91
CA VAL L 185 57.15 69.80 14.83
C VAL L 185 58.08 70.95 14.44
N ASP L 186 59.19 70.60 13.79
CA ASP L 186 60.21 71.59 13.47
C ASP L 186 60.00 72.24 12.09
N SER L 187 59.64 71.45 11.09
CA SER L 187 59.45 71.99 9.74
C SER L 187 58.52 71.05 8.97
N ILE L 188 58.23 71.42 7.73
CA ILE L 188 57.35 70.66 6.85
C ILE L 188 58.17 70.14 5.69
N LEU L 189 58.04 68.86 5.38
CA LEU L 189 58.65 68.28 4.21
C LEU L 189 57.76 68.55 3.01
N THR L 190 58.35 68.93 1.88
CA THR L 190 57.55 69.30 0.71
C THR L 190 58.01 68.58 -0.55
N HIS L 191 59.31 68.65 -0.85
CA HIS L 191 59.85 67.97 -2.02
C HIS L 191 61.29 67.58 -1.74
N ARG L 192 61.75 66.55 -2.43
CA ARG L 192 63.10 66.03 -2.23
C ARG L 192 64.04 66.54 -3.33
N VAL M 3 48.01 34.28 -4.19
CA VAL M 3 49.16 34.97 -4.79
C VAL M 3 50.09 33.95 -5.44
N PRO M 4 49.93 33.69 -6.73
CA PRO M 4 50.79 32.73 -7.41
C PRO M 4 52.22 33.23 -7.52
N MET M 5 53.17 32.30 -7.39
CA MET M 5 54.58 32.63 -7.46
C MET M 5 54.96 33.05 -8.88
N PHE M 17 57.91 33.86 -6.70
CA PHE M 17 58.09 34.59 -5.45
C PHE M 17 57.08 35.74 -5.40
N ASP M 18 55.81 35.38 -5.29
CA ASP M 18 54.68 36.30 -5.36
C ASP M 18 54.65 37.02 -6.70
N ILE M 19 53.46 37.44 -7.12
CA ILE M 19 53.28 38.10 -8.41
C ILE M 19 53.39 39.62 -8.29
N TYR M 20 52.75 40.19 -7.26
CA TYR M 20 52.80 41.63 -7.06
C TYR M 20 54.24 42.09 -6.80
N SER M 21 55.07 41.22 -6.23
CA SER M 21 56.47 41.59 -6.00
C SER M 21 57.24 41.59 -7.31
N ARG M 22 56.89 40.71 -8.25
CA ARG M 22 57.50 40.75 -9.57
C ARG M 22 57.13 42.01 -10.34
N LEU M 23 55.90 42.50 -10.15
CA LEU M 23 55.51 43.73 -10.80
C LEU M 23 56.01 44.96 -10.05
N LEU M 24 56.38 44.81 -8.77
CA LEU M 24 57.01 45.91 -8.06
C LEU M 24 58.42 46.14 -8.58
N LYS M 25 59.07 45.10 -9.10
CA LYS M 25 60.36 45.26 -9.75
C LYS M 25 60.26 46.07 -11.03
N GLU M 26 59.07 46.18 -11.61
CA GLU M 26 58.82 47.01 -12.78
C GLU M 26 58.23 48.37 -12.42
N ARG M 27 58.32 48.77 -11.15
CA ARG M 27 57.84 50.08 -10.69
C ARG M 27 56.33 50.22 -10.86
N VAL M 28 55.60 49.16 -10.53
CA VAL M 28 54.14 49.15 -10.64
C VAL M 28 53.58 48.83 -9.25
N ILE M 29 52.74 49.72 -8.74
CA ILE M 29 52.09 49.55 -7.45
C ILE M 29 50.58 49.47 -7.69
N PHE M 30 49.91 48.64 -6.92
CA PHE M 30 48.47 48.45 -7.04
C PHE M 30 47.78 49.01 -5.80
N LEU M 31 46.90 49.99 -6.01
CA LEU M 31 46.02 50.51 -4.97
C LEU M 31 44.63 49.96 -5.25
N THR M 32 44.22 48.98 -4.46
CA THR M 32 43.01 48.21 -4.74
C THR M 32 42.12 48.17 -3.51
N GLY M 33 40.83 48.35 -3.73
CA GLY M 33 39.85 48.22 -2.67
C GLY M 33 39.74 49.45 -1.80
N GLN M 34 39.10 49.25 -0.65
CA GLN M 34 38.95 50.33 0.32
C GLN M 34 40.31 50.84 0.77
N VAL M 35 40.43 52.16 0.88
CA VAL M 35 41.67 52.78 1.33
C VAL M 35 41.60 52.98 2.84
N GLU M 36 42.64 52.53 3.55
CA GLU M 36 42.71 52.64 4.99
C GLU M 36 44.18 52.67 5.40
N ASP M 37 44.41 52.96 6.68
CA ASP M 37 45.76 53.27 7.14
C ASP M 37 46.77 52.19 6.73
N HIS M 38 46.39 50.92 6.81
CA HIS M 38 47.36 49.84 6.64
C HIS M 38 47.64 49.54 5.18
N MET M 39 46.59 49.40 4.36
CA MET M 39 46.82 49.24 2.92
C MET M 39 47.48 50.49 2.36
N ALA M 40 47.19 51.65 2.94
CA ALA M 40 47.79 52.90 2.48
C ALA M 40 49.25 52.98 2.88
N ASN M 41 49.57 52.56 4.11
CA ASN M 41 50.97 52.51 4.53
C ASN M 41 51.78 51.57 3.65
N LEU M 42 51.17 50.48 3.20
CA LEU M 42 51.88 49.55 2.33
C LEU M 42 52.27 50.23 1.01
N ILE M 43 51.39 51.09 0.49
CA ILE M 43 51.69 51.82 -0.73
C ILE M 43 52.81 52.84 -0.50
N VAL M 44 52.79 53.53 0.65
CA VAL M 44 53.83 54.50 0.95
C VAL M 44 55.20 53.82 0.99
N ALA M 45 55.27 52.64 1.64
CA ALA M 45 56.55 51.94 1.73
C ALA M 45 57.04 51.55 0.34
N GLN M 46 56.13 51.12 -0.54
CA GLN M 46 56.53 50.76 -1.90
C GLN M 46 57.05 51.98 -2.65
N MET M 47 56.41 53.14 -2.47
CA MET M 47 56.88 54.35 -3.13
C MET M 47 58.26 54.75 -2.64
N LEU M 48 58.49 54.70 -1.32
CA LEU M 48 59.81 55.03 -0.80
C LEU M 48 60.87 54.06 -1.29
N PHE M 49 60.52 52.77 -1.40
CA PHE M 49 61.47 51.78 -1.87
C PHE M 49 61.85 52.05 -3.32
N LEU M 50 60.86 52.24 -4.18
CA LEU M 50 61.15 52.50 -5.60
C LEU M 50 61.95 53.77 -5.78
N GLU M 51 61.63 54.82 -5.01
CA GLU M 51 62.42 56.04 -5.05
C GLU M 51 63.88 55.74 -4.68
N ALA M 52 64.09 54.95 -3.63
CA ALA M 52 65.45 54.65 -3.21
C ALA M 52 66.19 53.87 -4.29
N GLU M 53 65.48 52.99 -4.99
CA GLU M 53 66.10 52.19 -6.03
C GLU M 53 66.47 53.04 -7.24
N ASN M 54 65.67 54.08 -7.53
CA ASN M 54 65.92 54.97 -8.67
C ASN M 54 65.06 56.22 -8.56
N PRO M 55 65.61 57.35 -8.15
CA PRO M 55 64.77 58.55 -7.97
C PRO M 55 64.26 59.17 -9.26
N GLU M 56 64.83 58.82 -10.41
CA GLU M 56 64.44 59.45 -11.67
C GLU M 56 63.44 58.63 -12.48
N LYS M 57 63.45 57.31 -12.35
CA LYS M 57 62.51 56.49 -13.10
C LYS M 57 61.12 56.55 -12.46
N ASP M 58 60.11 56.56 -13.31
CA ASP M 58 58.74 56.86 -12.92
C ASP M 58 58.10 55.67 -12.23
N ILE M 59 57.10 55.98 -11.41
CA ILE M 59 56.30 54.98 -10.70
C ILE M 59 54.90 54.95 -11.29
N TYR M 60 54.31 53.75 -11.30
CA TYR M 60 53.05 53.47 -11.97
C TYR M 60 52.08 52.93 -10.94
N LEU M 61 51.02 53.70 -10.67
CA LEU M 61 50.04 53.38 -9.63
C LEU M 61 48.70 53.09 -10.28
N TYR M 62 48.32 51.81 -10.34
CA TYR M 62 46.99 51.42 -10.76
C TYR M 62 46.00 51.63 -9.62
N ILE M 63 44.83 52.18 -9.93
CA ILE M 63 43.85 52.54 -8.93
C ILE M 63 42.51 51.90 -9.29
N ASN M 64 42.01 51.05 -8.40
CA ASN M 64 40.66 50.48 -8.51
C ASN M 64 40.11 50.44 -7.08
N SER M 65 39.40 51.50 -6.68
CA SER M 65 38.96 51.64 -5.29
C SER M 65 37.62 52.33 -5.20
N PRO M 66 36.74 51.89 -4.31
CA PRO M 66 35.47 52.60 -4.09
C PRO M 66 35.49 53.68 -3.02
N GLY M 67 36.66 54.02 -2.48
CA GLY M 67 36.78 55.06 -1.49
C GLY M 67 37.45 54.57 -0.22
N GLY M 68 37.54 55.47 0.75
CA GLY M 68 38.13 55.12 2.03
C GLY M 68 38.40 56.35 2.87
N VAL M 69 39.23 56.17 3.89
CA VAL M 69 39.49 57.24 4.86
C VAL M 69 40.29 58.34 4.18
N ILE M 70 40.05 59.58 4.59
CA ILE M 70 40.71 60.72 3.97
C ILE M 70 42.18 60.78 4.40
N THR M 71 42.44 60.74 5.71
CA THR M 71 43.82 60.82 6.20
C THR M 71 44.69 59.74 5.57
N ALA M 72 44.19 58.50 5.53
CA ALA M 72 44.95 57.42 4.93
C ALA M 72 45.29 57.73 3.48
N GLY M 73 44.33 58.26 2.73
CA GLY M 73 44.61 58.61 1.34
C GLY M 73 45.59 59.76 1.23
N MET M 74 45.51 60.72 2.14
CA MET M 74 46.41 61.88 2.07
C MET M 74 47.85 61.51 2.44
N SER M 75 48.05 60.44 3.21
CA SER M 75 49.41 59.96 3.44
C SER M 75 50.05 59.49 2.14
N ILE M 76 49.25 58.95 1.23
CA ILE M 76 49.77 58.59 -0.10
C ILE M 76 49.98 59.85 -0.93
N TYR M 77 49.01 60.77 -0.89
CA TYR M 77 49.12 61.99 -1.68
C TYR M 77 50.41 62.73 -1.36
N ASP M 78 50.67 62.98 -0.08
CA ASP M 78 51.89 63.68 0.30
C ASP M 78 53.13 62.90 -0.10
N THR M 79 53.04 61.56 -0.10
CA THR M 79 54.17 60.74 -0.51
C THR M 79 54.44 60.86 -2.01
N MET M 80 53.38 60.88 -2.82
CA MET M 80 53.55 61.06 -4.25
C MET M 80 54.24 62.38 -4.55
N GLN M 81 53.86 63.44 -3.86
CA GLN M 81 54.43 64.76 -4.13
C GLN M 81 55.85 64.90 -3.57
N PHE M 82 56.17 64.18 -2.51
CA PHE M 82 57.47 64.35 -1.88
C PHE M 82 58.58 63.63 -2.65
N ILE M 83 58.33 62.40 -3.10
CA ILE M 83 59.38 61.63 -3.75
C ILE M 83 59.71 62.25 -5.09
N LYS M 84 61.00 62.21 -5.46
CA LYS M 84 61.44 62.75 -6.73
C LYS M 84 60.70 62.16 -7.94
N PRO M 85 60.62 60.83 -8.09
CA PRO M 85 60.03 60.29 -9.33
C PRO M 85 58.60 60.76 -9.53
N ASP M 86 58.24 60.91 -10.81
CA ASP M 86 56.86 61.19 -11.17
C ASP M 86 55.99 59.94 -10.92
N VAL M 87 54.81 60.17 -10.37
CA VAL M 87 53.85 59.10 -10.10
C VAL M 87 52.75 59.18 -11.14
N SER M 88 52.75 58.23 -12.08
CA SER M 88 51.69 58.11 -13.05
C SER M 88 50.57 57.25 -12.48
N THR M 89 49.33 57.70 -12.65
CA THR M 89 48.16 57.01 -12.12
C THR M 89 47.34 56.42 -13.26
N ILE M 90 46.90 55.19 -13.09
CA ILE M 90 46.10 54.48 -14.08
C ILE M 90 44.84 53.97 -13.38
N CYS M 91 43.68 54.39 -13.87
CA CYS M 91 42.41 53.99 -13.28
C CYS M 91 41.85 52.81 -14.07
N MET M 92 41.64 51.68 -13.39
CA MET M 92 41.02 50.50 -13.98
C MET M 92 39.84 50.10 -13.11
N GLY M 93 38.71 49.82 -13.75
CA GLY M 93 37.50 49.50 -13.02
C GLY M 93 36.75 50.73 -12.56
N GLN M 94 37.12 51.26 -11.39
CA GLN M 94 36.50 52.47 -10.86
C GLN M 94 37.49 53.17 -9.94
N ALA M 95 37.27 54.48 -9.77
CA ALA M 95 38.07 55.29 -8.85
C ALA M 95 37.12 56.29 -8.19
N ALA M 96 36.66 55.96 -6.98
CA ALA M 96 35.70 56.82 -6.29
C ALA M 96 36.35 57.53 -5.09
N SER M 97 35.53 58.21 -4.30
CA SER M 97 35.99 59.15 -3.25
C SER M 97 37.52 59.50 -3.22
N MET M 98 38.30 58.86 -2.36
CA MET M 98 39.74 59.11 -2.27
C MET M 98 40.55 58.50 -3.41
N GLY M 99 40.03 57.44 -4.03
CA GLY M 99 40.70 56.89 -5.19
C GLY M 99 40.74 57.87 -6.35
N ALA M 100 39.68 58.65 -6.53
CA ALA M 100 39.67 59.68 -7.57
C ALA M 100 40.63 60.82 -7.23
N PHE M 101 40.73 61.17 -5.95
CA PHE M 101 41.64 62.23 -5.54
C PHE M 101 43.08 61.85 -5.87
N LEU M 102 43.46 60.60 -5.53
CA LEU M 102 44.82 60.16 -5.81
C LEU M 102 45.05 59.96 -7.31
N LEU M 103 44.02 59.55 -8.04
CA LEU M 103 44.12 59.47 -9.49
C LEU M 103 44.46 60.83 -10.08
N THR M 104 43.75 61.88 -9.63
CA THR M 104 43.97 63.22 -10.15
C THR M 104 45.24 63.85 -9.64
N ALA M 105 45.82 63.33 -8.56
CA ALA M 105 47.08 63.85 -8.03
C ALA M 105 48.30 63.35 -8.80
N GLY M 106 48.12 62.51 -9.81
CA GLY M 106 49.25 62.02 -10.57
C GLY M 106 49.96 63.13 -11.30
N ALA M 107 51.17 62.82 -11.75
CA ALA M 107 51.98 63.79 -12.49
C ALA M 107 51.23 64.30 -13.70
N LYS M 108 51.31 65.61 -13.92
CA LYS M 108 50.65 66.23 -15.06
C LYS M 108 51.10 65.56 -16.36
N GLY M 109 50.12 65.09 -17.14
CA GLY M 109 50.39 64.43 -18.39
C GLY M 109 50.52 62.93 -18.28
N LYS M 110 50.46 62.39 -17.08
CA LYS M 110 50.64 60.97 -16.83
C LYS M 110 49.51 60.38 -16.01
N ARG M 111 48.32 60.99 -16.07
CA ARG M 111 47.12 60.45 -15.45
C ARG M 111 46.23 59.84 -16.53
N PHE M 112 45.77 58.61 -16.30
CA PHE M 112 45.06 57.86 -17.32
C PHE M 112 43.84 57.18 -16.73
N CYS M 113 42.82 57.03 -17.56
CA CYS M 113 41.68 56.17 -17.30
C CYS M 113 41.64 55.13 -18.41
N LEU M 114 41.19 53.93 -18.05
CA LEU M 114 40.95 52.93 -19.07
C LEU M 114 39.58 53.15 -19.70
N PRO M 115 39.36 52.63 -20.91
CA PRO M 115 38.19 53.08 -21.67
C PRO M 115 36.85 52.96 -20.96
N ASN M 116 36.64 51.89 -20.19
CA ASN M 116 35.36 51.69 -19.51
C ASN M 116 35.44 51.83 -18.01
N SER M 117 36.45 52.54 -17.50
CA SER M 117 36.49 52.85 -16.08
C SER M 117 35.45 53.91 -15.75
N ARG M 118 35.16 54.04 -14.46
CA ARG M 118 34.26 55.06 -13.96
C ARG M 118 34.98 55.84 -12.86
N VAL M 119 34.54 57.08 -12.66
CA VAL M 119 35.05 57.93 -11.59
C VAL M 119 33.87 58.56 -10.88
N MET M 120 33.93 58.57 -9.54
CA MET M 120 32.91 59.16 -8.70
C MET M 120 33.55 60.13 -7.73
N ILE M 121 32.96 61.32 -7.60
CA ILE M 121 33.42 62.36 -6.69
C ILE M 121 32.25 62.79 -5.83
N HIS M 122 32.55 63.16 -4.59
CA HIS M 122 31.57 63.70 -3.67
C HIS M 122 32.32 64.40 -2.54
N GLN M 123 31.58 65.03 -1.65
CA GLN M 123 32.19 65.75 -0.54
C GLN M 123 32.55 64.79 0.58
N PRO M 124 33.32 65.24 1.57
CA PRO M 124 33.72 64.34 2.65
C PRO M 124 32.54 63.86 3.48
N LEU M 125 32.71 62.68 4.07
CA LEU M 125 31.75 62.08 4.99
C LEU M 125 32.35 62.01 6.38
N GLY M 126 31.49 61.98 7.39
CA GLY M 126 31.98 61.94 8.75
C GLY M 126 30.86 61.72 9.75
N GLY M 127 31.23 61.82 11.02
CA GLY M 127 30.27 61.67 12.10
C GLY M 127 30.91 61.76 13.48
N TYR M 128 30.12 62.19 14.48
CA TYR M 128 30.65 62.32 15.83
C TYR M 128 29.50 62.28 16.83
N GLN M 129 29.78 61.74 18.02
CA GLN M 129 28.87 61.80 19.16
C GLN M 129 29.59 62.45 20.33
N GLY M 130 28.88 63.27 21.09
CA GLY M 130 29.45 63.86 22.27
C GLY M 130 28.76 65.17 22.64
N GLN M 131 29.43 65.94 23.48
CA GLN M 131 28.92 67.21 23.93
C GLN M 131 28.85 68.21 22.79
N ALA M 132 27.96 69.20 22.95
CA ALA M 132 27.79 70.22 21.92
C ALA M 132 29.10 70.94 21.64
N THR M 133 29.88 71.23 22.68
CA THR M 133 31.17 71.89 22.49
C THR M 133 32.10 71.05 21.62
N ASP M 134 32.18 69.75 21.90
CA ASP M 134 33.00 68.87 21.08
C ASP M 134 32.44 68.71 19.67
N ILE M 135 31.12 68.72 19.53
CA ILE M 135 30.52 68.59 18.20
C ILE M 135 30.94 69.74 17.30
N GLU M 136 30.95 70.95 17.83
CA GLU M 136 31.33 72.11 17.02
C GLU M 136 32.78 71.98 16.55
N ILE M 137 33.64 71.44 17.40
CA ILE M 137 35.06 71.29 17.05
C ILE M 137 35.21 70.35 15.86
N HIS M 138 34.57 69.18 15.91
CA HIS M 138 34.70 68.22 14.83
C HIS M 138 33.90 68.62 13.61
N ALA M 139 32.72 69.23 13.81
CA ALA M 139 31.95 69.72 12.68
C ALA M 139 32.69 70.84 11.95
N ARG M 140 33.54 71.57 12.67
CA ARG M 140 34.32 72.63 12.03
C ARG M 140 35.57 72.06 11.35
N GLU M 141 36.21 71.06 11.97
CA GLU M 141 37.39 70.46 11.35
C GLU M 141 37.03 69.82 10.02
N ILE M 142 35.92 69.09 9.96
CA ILE M 142 35.54 68.44 8.71
C ILE M 142 35.27 69.46 7.62
N LEU M 143 34.79 70.65 8.01
CA LEU M 143 34.58 71.71 7.04
C LEU M 143 35.90 72.26 6.53
N LYS M 144 36.87 72.45 7.42
CA LYS M 144 38.23 72.76 6.99
C LYS M 144 38.73 71.73 6.00
N VAL M 145 38.66 70.45 6.38
CA VAL M 145 39.09 69.37 5.50
C VAL M 145 38.42 69.49 4.14
N LYS M 146 37.10 69.68 4.13
CA LYS M 146 36.38 69.84 2.88
C LYS M 146 36.97 70.95 2.03
N GLY M 147 37.32 72.07 2.66
CA GLY M 147 37.92 73.17 1.91
C GLY M 147 39.26 72.81 1.32
N ARG M 148 40.14 72.22 2.13
CA ARG M 148 41.47 71.86 1.65
C ARG M 148 41.38 70.86 0.50
N MET M 149 40.51 69.86 0.62
CA MET M 149 40.32 68.91 -0.45
C MET M 149 39.83 69.60 -1.72
N ASN M 150 38.86 70.51 -1.60
CA ASN M 150 38.36 71.22 -2.76
C ASN M 150 39.44 72.10 -3.37
N GLU M 151 40.26 72.73 -2.53
CA GLU M 151 41.36 73.55 -3.03
C GLU M 151 42.33 72.72 -3.83
N LEU M 152 42.77 71.59 -3.28
CA LEU M 152 43.74 70.74 -3.97
C LEU M 152 43.13 70.16 -5.25
N MET M 153 41.86 69.74 -5.20
CA MET M 153 41.20 69.22 -6.40
C MET M 153 41.17 70.26 -7.49
N ALA M 154 40.84 71.51 -7.15
CA ALA M 154 40.84 72.57 -8.17
C ALA M 154 42.22 72.75 -8.77
N LEU M 155 43.27 72.60 -7.96
CA LEU M 155 44.62 72.78 -8.47
C LEU M 155 44.99 71.71 -9.49
N HIS M 156 44.66 70.45 -9.22
CA HIS M 156 45.10 69.37 -10.09
C HIS M 156 44.24 69.24 -11.35
N THR M 157 42.96 69.59 -11.27
CA THR M 157 42.07 69.44 -12.43
C THR M 157 42.06 70.66 -13.33
N GLY M 158 42.38 71.84 -12.80
CA GLY M 158 42.22 73.08 -13.52
C GLY M 158 40.85 73.70 -13.38
N GLN M 159 39.90 73.01 -12.75
CA GLN M 159 38.59 73.59 -12.49
C GLN M 159 38.73 74.71 -11.46
N SER M 160 37.72 75.58 -11.41
CA SER M 160 37.68 76.61 -10.39
C SER M 160 37.22 76.02 -9.06
N LEU M 161 37.63 76.68 -7.97
CA LEU M 161 37.20 76.24 -6.64
C LEU M 161 35.67 76.28 -6.52
N GLU M 162 35.03 77.28 -7.11
CA GLU M 162 33.58 77.33 -7.08
C GLU M 162 32.99 76.09 -7.76
N GLN M 163 33.61 75.63 -8.85
CA GLN M 163 33.07 74.51 -9.60
C GLN M 163 33.22 73.21 -8.82
N ILE M 164 34.40 72.97 -8.24
CA ILE M 164 34.59 71.77 -7.43
C ILE M 164 33.57 71.72 -6.30
N GLU M 165 33.28 72.88 -5.70
CA GLU M 165 32.29 72.95 -4.62
C GLU M 165 30.90 72.58 -5.14
N ARG M 166 30.54 73.08 -6.33
CA ARG M 166 29.22 72.81 -6.87
C ARG M 166 29.05 71.34 -7.24
N ASP M 167 30.09 70.72 -7.78
CA ASP M 167 29.98 69.38 -8.34
C ASP M 167 30.21 68.26 -7.33
N THR M 168 30.73 68.57 -6.14
CA THR M 168 31.01 67.57 -5.13
C THR M 168 29.98 67.56 -4.00
N GLU M 169 29.02 68.49 -4.01
CA GLU M 169 27.99 68.49 -2.98
C GLU M 169 27.24 67.17 -2.95
N ARG M 170 27.00 66.58 -4.12
CA ARG M 170 26.34 65.29 -4.21
C ARG M 170 27.13 64.40 -5.16
N ASP M 171 26.94 63.10 -5.02
CA ASP M 171 27.64 62.14 -5.87
C ASP M 171 27.51 62.53 -7.34
N ARG M 172 28.64 62.57 -8.04
CA ARG M 172 28.65 62.79 -9.49
C ARG M 172 29.53 61.73 -10.13
N PHE M 173 28.97 60.97 -11.05
CA PHE M 173 29.73 60.00 -11.83
C PHE M 173 30.29 60.64 -13.10
N LEU M 174 31.50 60.24 -13.46
CA LEU M 174 32.16 60.71 -14.67
C LEU M 174 32.68 59.50 -15.43
N SER M 175 32.38 59.44 -16.73
CA SER M 175 32.93 58.40 -17.58
C SER M 175 34.40 58.70 -17.90
N ALA M 176 35.06 57.72 -18.52
CA ALA M 176 36.45 57.93 -18.92
C ALA M 176 36.62 59.15 -19.80
N PRO M 177 35.85 59.32 -20.89
CA PRO M 177 35.97 60.56 -21.67
C PRO M 177 35.52 61.81 -20.90
N GLU M 178 34.51 61.69 -20.04
CA GLU M 178 34.11 62.83 -19.23
C GLU M 178 35.20 63.24 -18.26
N ALA M 179 36.01 62.28 -17.81
CA ALA M 179 37.07 62.57 -16.85
C ALA M 179 38.26 63.28 -17.51
N VAL M 180 38.47 63.09 -18.81
CA VAL M 180 39.56 63.80 -19.46
C VAL M 180 39.19 65.26 -19.69
N GLU M 181 37.91 65.54 -19.97
CA GLU M 181 37.51 66.92 -20.20
C GLU M 181 37.33 67.68 -18.88
N TYR M 182 37.01 66.97 -17.80
CA TYR M 182 36.94 67.59 -16.48
C TYR M 182 38.31 67.90 -15.92
N GLY M 183 39.32 67.14 -16.34
CA GLY M 183 40.67 67.34 -15.83
C GLY M 183 41.14 66.24 -14.90
N LEU M 184 40.30 65.28 -14.57
CA LEU M 184 40.76 64.26 -13.65
C LEU M 184 41.89 63.45 -14.24
N VAL M 185 41.81 63.07 -15.51
CA VAL M 185 42.93 62.39 -16.14
C VAL M 185 43.36 63.18 -17.38
N ASP M 186 44.52 62.84 -17.92
CA ASP M 186 45.04 63.52 -19.11
C ASP M 186 44.60 62.85 -20.40
N SER M 187 44.57 61.51 -20.46
CA SER M 187 44.20 60.81 -21.67
C SER M 187 43.66 59.43 -21.31
N ILE M 188 43.29 58.67 -22.34
CA ILE M 188 42.71 57.34 -22.19
C ILE M 188 43.66 56.32 -22.79
N LEU M 189 43.95 55.26 -22.04
CA LEU M 189 44.73 54.13 -22.54
C LEU M 189 43.80 53.16 -23.27
N THR M 190 43.93 53.09 -24.60
CA THR M 190 43.08 52.18 -25.37
C THR M 190 43.83 50.88 -25.65
N HIS M 191 44.84 50.94 -26.53
CA HIS M 191 45.67 49.79 -26.85
C HIS M 191 47.13 50.15 -26.65
N ARG M 192 47.98 49.13 -26.64
CA ARG M 192 49.41 49.32 -26.46
C ARG M 192 50.14 49.26 -27.81
N VAL N 3 47.49 24.66 -4.11
CA VAL N 3 48.11 24.18 -2.87
C VAL N 3 49.14 23.08 -3.11
N PRO N 4 48.91 22.19 -4.10
CA PRO N 4 49.91 21.15 -4.36
C PRO N 4 51.22 21.70 -4.89
N MET N 5 52.19 21.90 -4.00
CA MET N 5 53.47 22.48 -4.38
C MET N 5 54.23 21.55 -5.32
N VAL N 6 54.05 21.75 -6.62
CA VAL N 6 54.71 20.94 -7.63
C VAL N 6 56.21 20.88 -7.36
N PHE N 17 56.85 25.50 -9.08
CA PHE N 17 56.35 25.13 -7.76
C PHE N 17 55.03 25.87 -7.54
N ASP N 18 54.14 25.28 -6.73
CA ASP N 18 52.72 25.61 -6.74
C ASP N 18 52.13 25.12 -8.06
N ILE N 19 50.83 24.86 -8.12
CA ILE N 19 50.23 24.32 -9.34
C ILE N 19 49.73 25.42 -10.25
N TYR N 20 49.00 26.40 -9.70
CA TYR N 20 48.50 27.49 -10.53
C TYR N 20 49.63 28.33 -11.13
N SER N 21 50.76 28.44 -10.42
CA SER N 21 51.89 29.17 -10.97
C SER N 21 52.60 28.36 -12.05
N ARG N 22 52.69 27.05 -11.85
CA ARG N 22 53.29 26.18 -12.86
C ARG N 22 52.58 26.33 -14.20
N LEU N 23 51.25 26.47 -14.17
CA LEU N 23 50.47 26.71 -15.38
C LEU N 23 50.49 28.17 -15.82
N LEU N 24 50.86 29.10 -14.94
CA LEU N 24 51.04 30.47 -15.39
C LEU N 24 52.26 30.58 -16.28
N LYS N 25 53.24 29.69 -16.11
CA LYS N 25 54.37 29.59 -17.02
C LYS N 25 53.98 28.98 -18.35
N GLU N 26 52.73 28.54 -18.50
CA GLU N 26 52.17 28.19 -19.80
C GLU N 26 51.17 29.22 -20.28
N ARG N 27 51.15 30.41 -19.65
CA ARG N 27 50.27 31.51 -20.05
C ARG N 27 48.80 31.14 -19.85
N VAL N 28 48.50 30.51 -18.72
CA VAL N 28 47.14 30.08 -18.37
C VAL N 28 46.73 30.77 -17.09
N ILE N 29 45.62 31.51 -17.15
CA ILE N 29 45.07 32.22 -16.01
C ILE N 29 43.69 31.64 -15.71
N PHE N 30 43.35 31.54 -14.43
CA PHE N 30 42.09 30.98 -13.98
C PHE N 30 41.25 32.07 -13.32
N LEU N 31 40.05 32.31 -13.86
CA LEU N 31 39.07 33.21 -13.27
C LEU N 31 37.99 32.34 -12.63
N THR N 32 38.01 32.24 -11.31
CA THR N 32 37.18 31.31 -10.58
C THR N 32 36.42 32.02 -9.47
N GLY N 33 35.14 31.67 -9.32
CA GLY N 33 34.34 32.21 -8.25
C GLY N 33 33.78 33.58 -8.57
N GLN N 34 33.27 34.22 -7.52
CA GLN N 34 32.73 35.57 -7.67
C GLN N 34 33.79 36.51 -8.20
N VAL N 35 33.38 37.44 -9.05
CA VAL N 35 34.25 38.50 -9.53
C VAL N 35 34.15 39.68 -8.56
N GLU N 36 35.31 40.14 -8.09
CA GLU N 36 35.36 41.27 -7.16
C GLU N 36 36.72 41.93 -7.30
N ASP N 37 36.85 43.10 -6.67
CA ASP N 37 38.00 43.96 -6.93
C ASP N 37 39.33 43.23 -6.74
N HIS N 38 39.42 42.36 -5.73
CA HIS N 38 40.72 41.79 -5.39
C HIS N 38 41.08 40.60 -6.28
N MET N 39 40.16 39.66 -6.46
CA MET N 39 40.44 38.54 -7.37
C MET N 39 40.65 39.05 -8.79
N ALA N 40 39.98 40.13 -9.17
CA ALA N 40 40.14 40.67 -10.52
C ALA N 40 41.50 41.35 -10.66
N ASN N 41 41.92 42.09 -9.63
CA ASN N 41 43.24 42.71 -9.66
C ASN N 41 44.33 41.66 -9.80
N LEU N 42 44.15 40.50 -9.18
CA LEU N 42 45.12 39.41 -9.34
C LEU N 42 45.15 38.93 -10.78
N ILE N 43 43.98 38.88 -11.44
CA ILE N 43 43.92 38.50 -12.84
C ILE N 43 44.58 39.56 -13.71
N VAL N 44 44.35 40.84 -13.39
CA VAL N 44 45.01 41.92 -14.14
C VAL N 44 46.51 41.81 -14.01
N ALA N 45 47.00 41.51 -12.80
CA ALA N 45 48.44 41.43 -12.59
C ALA N 45 49.05 40.32 -13.43
N GLN N 46 48.37 39.18 -13.54
CA GLN N 46 48.88 38.07 -14.34
C GLN N 46 48.92 38.44 -15.82
N MET N 47 47.88 39.13 -16.31
CA MET N 47 47.85 39.53 -17.71
C MET N 47 48.97 40.51 -18.03
N LEU N 48 49.17 41.51 -17.17
CA LEU N 48 50.26 42.46 -17.37
C LEU N 48 51.61 41.77 -17.29
N PHE N 49 51.74 40.80 -16.39
CA PHE N 49 53.00 40.06 -16.29
C PHE N 49 53.26 39.24 -17.56
N LEU N 50 52.26 38.48 -18.01
CA LEU N 50 52.43 37.66 -19.20
C LEU N 50 52.76 38.52 -20.42
N GLU N 51 52.12 39.68 -20.53
CA GLU N 51 52.46 40.61 -21.61
C GLU N 51 53.93 40.96 -21.56
N ALA N 52 54.45 41.23 -20.36
CA ALA N 52 55.86 41.61 -20.23
C ALA N 52 56.79 40.47 -20.64
N GLU N 53 56.42 39.24 -20.30
CA GLU N 53 57.29 38.10 -20.63
C GLU N 53 57.29 37.79 -22.11
N ASN N 54 56.17 38.01 -22.79
CA ASN N 54 56.08 37.72 -24.22
C ASN N 54 54.83 38.38 -24.79
N PRO N 55 54.95 39.54 -25.44
CA PRO N 55 53.74 40.22 -25.93
C PRO N 55 53.11 39.55 -27.14
N GLU N 56 53.73 38.51 -27.68
CA GLU N 56 53.24 37.87 -28.91
C GLU N 56 52.42 36.62 -28.64
N LYS N 57 52.79 35.80 -27.66
CA LYS N 57 52.11 34.54 -27.44
C LYS N 57 50.75 34.78 -26.78
N ASP N 58 49.76 34.00 -27.21
CA ASP N 58 48.41 34.13 -26.68
C ASP N 58 48.37 33.83 -25.19
N ILE N 59 47.38 34.41 -24.52
CA ILE N 59 47.12 34.13 -23.11
C ILE N 59 45.79 33.38 -23.01
N TYR N 60 45.72 32.49 -22.02
CA TYR N 60 44.62 31.53 -21.88
C TYR N 60 43.94 31.75 -20.54
N LEU N 61 42.69 32.19 -20.58
CA LEU N 61 41.92 32.51 -19.38
C LEU N 61 40.75 31.54 -19.26
N TYR N 62 40.87 30.58 -18.35
CA TYR N 62 39.75 29.70 -18.05
C TYR N 62 38.78 30.42 -17.12
N ILE N 63 37.49 30.27 -17.39
CA ILE N 63 36.44 31.00 -16.70
C ILE N 63 35.41 30.03 -16.15
N ASN N 64 35.22 30.06 -14.83
CA ASN N 64 34.13 29.32 -14.16
C ASN N 64 33.65 30.23 -13.03
N SER N 65 32.64 31.06 -13.31
CA SER N 65 32.20 32.08 -12.38
C SER N 65 30.69 32.30 -12.43
N PRO N 66 30.05 32.50 -11.28
CA PRO N 66 28.62 32.80 -11.26
C PRO N 66 28.26 34.29 -11.33
N GLY N 67 29.24 35.16 -11.51
CA GLY N 67 29.01 36.59 -11.60
C GLY N 67 29.81 37.36 -10.56
N GLY N 68 29.59 38.67 -10.54
CA GLY N 68 30.26 39.52 -9.59
C GLY N 68 30.07 40.99 -9.94
N VAL N 69 30.92 41.82 -9.33
CA VAL N 69 30.79 43.26 -9.48
C VAL N 69 31.14 43.66 -10.91
N ILE N 70 30.45 44.67 -11.44
CA ILE N 70 30.67 45.09 -12.82
C ILE N 70 32.01 45.80 -12.95
N THR N 71 32.25 46.83 -12.12
CA THR N 71 33.50 47.58 -12.22
C THR N 71 34.71 46.65 -12.14
N ALA N 72 34.69 45.73 -11.17
CA ALA N 72 35.81 44.78 -11.05
C ALA N 72 35.96 43.95 -12.31
N GLY N 73 34.86 43.50 -12.90
CA GLY N 73 34.94 42.74 -14.13
C GLY N 73 35.44 43.56 -15.29
N MET N 74 35.07 44.85 -15.33
CA MET N 74 35.51 45.71 -16.43
C MET N 74 36.99 46.04 -16.33
N SER N 75 37.58 45.99 -15.13
CA SER N 75 39.03 46.13 -15.02
C SER N 75 39.74 45.00 -15.75
N ILE N 76 39.12 43.81 -15.80
CA ILE N 76 39.67 42.72 -16.58
C ILE N 76 39.44 42.98 -18.07
N TYR N 77 38.22 43.39 -18.42
CA TYR N 77 37.90 43.61 -19.83
C TYR N 77 38.86 44.61 -20.46
N ASP N 78 39.04 45.77 -19.83
CA ASP N 78 39.92 46.79 -20.39
C ASP N 78 41.35 46.29 -20.49
N THR N 79 41.78 45.43 -19.57
CA THR N 79 43.14 44.91 -19.64
C THR N 79 43.31 43.90 -20.78
N MET N 80 42.31 43.03 -20.99
CA MET N 80 42.40 42.09 -22.10
C MET N 80 42.53 42.83 -23.42
N GLN N 81 41.76 43.89 -23.61
CA GLN N 81 41.79 44.63 -24.87
C GLN N 81 43.02 45.52 -24.98
N PHE N 82 43.58 45.96 -23.84
CA PHE N 82 44.70 46.88 -23.89
C PHE N 82 46.01 46.18 -24.23
N ILE N 83 46.27 45.03 -23.62
CA ILE N 83 47.55 44.36 -23.84
C ILE N 83 47.61 43.82 -25.26
N LYS N 84 48.82 43.79 -25.81
CA LYS N 84 48.99 43.31 -27.18
C LYS N 84 48.59 41.85 -27.35
N PRO N 85 48.93 40.93 -26.45
CA PRO N 85 48.55 39.53 -26.66
C PRO N 85 47.04 39.35 -26.72
N ASP N 86 46.61 38.43 -27.57
CA ASP N 86 45.22 38.01 -27.61
C ASP N 86 44.92 37.14 -26.39
N VAL N 87 43.75 37.34 -25.79
CA VAL N 87 43.31 36.57 -24.64
C VAL N 87 42.24 35.59 -25.11
N SER N 88 42.61 34.31 -25.17
CA SER N 88 41.65 33.26 -25.49
C SER N 88 40.93 32.85 -24.22
N THR N 89 39.61 32.70 -24.32
CA THR N 89 38.78 32.41 -23.15
C THR N 89 38.24 30.98 -23.23
N ILE N 90 38.27 30.30 -22.08
CA ILE N 90 37.78 28.93 -21.95
C ILE N 90 36.73 28.90 -20.86
N CYS N 91 35.51 28.50 -21.23
CA CYS N 91 34.41 28.40 -20.27
C CYS N 91 34.30 26.94 -19.84
N MET N 92 34.52 26.69 -18.55
CA MET N 92 34.36 25.37 -17.97
C MET N 92 33.41 25.48 -16.78
N GLY N 93 32.47 24.56 -16.70
CA GLY N 93 31.47 24.61 -15.64
C GLY N 93 30.34 25.55 -15.99
N GLN N 94 30.51 26.84 -15.67
CA GLN N 94 29.52 27.85 -16.00
C GLN N 94 30.20 29.19 -16.15
N ALA N 95 29.54 30.09 -16.87
CA ALA N 95 29.98 31.47 -17.04
C ALA N 95 28.72 32.34 -16.99
N ALA N 96 28.45 32.90 -15.82
CA ALA N 96 27.24 33.70 -15.64
C ALA N 96 27.56 35.18 -15.53
N SER N 97 26.53 36.02 -15.50
CA SER N 97 26.68 37.48 -15.49
C SER N 97 28.02 38.05 -16.06
N MET N 98 28.85 38.63 -15.20
CA MET N 98 30.17 39.12 -15.65
C MET N 98 31.09 38.04 -16.20
N GLY N 99 30.92 36.80 -15.74
CA GLY N 99 31.70 35.71 -16.31
C GLY N 99 31.39 35.49 -17.78
N ALA N 100 30.12 35.62 -18.15
CA ALA N 100 29.74 35.51 -19.56
C ALA N 100 30.25 36.69 -20.36
N PHE N 101 30.25 37.89 -19.76
CA PHE N 101 30.74 39.08 -20.46
C PHE N 101 32.20 38.93 -20.84
N LEU N 102 33.03 38.49 -19.88
CA LEU N 102 34.45 38.32 -20.15
C LEU N 102 34.71 37.14 -21.08
N LEU N 103 33.86 36.09 -21.02
CA LEU N 103 34.02 34.97 -21.94
C LEU N 103 33.96 35.44 -23.39
N THR N 104 32.93 36.22 -23.72
CA THR N 104 32.76 36.72 -25.08
C THR N 104 33.72 37.86 -25.41
N ALA N 105 34.34 38.48 -24.42
CA ALA N 105 35.29 39.55 -24.69
C ALA N 105 36.63 39.02 -25.16
N GLY N 106 36.79 37.69 -25.23
CA GLY N 106 38.02 37.12 -25.73
C GLY N 106 38.26 37.45 -27.19
N ALA N 107 39.50 37.25 -27.62
CA ALA N 107 39.85 37.52 -29.01
C ALA N 107 38.95 36.72 -29.93
N LYS N 108 38.41 37.39 -30.95
CA LYS N 108 37.50 36.72 -31.87
C LYS N 108 38.19 35.55 -32.55
N GLY N 109 37.49 34.42 -32.62
CA GLY N 109 38.04 33.19 -33.16
C GLY N 109 38.74 32.32 -32.14
N LYS N 110 38.89 32.78 -30.90
CA LYS N 110 39.59 32.03 -29.86
C LYS N 110 38.76 31.93 -28.59
N ARG N 111 37.44 32.01 -28.72
CA ARG N 111 36.52 31.83 -27.60
C ARG N 111 35.92 30.44 -27.69
N PHE N 112 35.90 29.73 -26.56
CA PHE N 112 35.53 28.32 -26.55
C PHE N 112 34.61 28.00 -25.39
N CYS N 113 33.75 27.01 -25.60
CA CYS N 113 32.97 26.39 -24.55
C CYS N 113 33.32 24.90 -24.48
N LEU N 114 33.26 24.35 -23.28
CA LEU N 114 33.36 22.91 -23.13
C LEU N 114 31.98 22.30 -23.35
N PRO N 115 31.92 21.00 -23.68
CA PRO N 115 30.65 20.44 -24.17
C PRO N 115 29.46 20.68 -23.27
N ASN N 116 29.64 20.59 -21.94
CA ASN N 116 28.55 20.77 -20.99
C ASN N 116 28.70 22.05 -20.17
N SER N 117 29.38 23.05 -20.72
CA SER N 117 29.43 24.34 -20.05
C SER N 117 28.07 25.02 -20.12
N ARG N 118 27.90 26.05 -19.30
CA ARG N 118 26.62 26.74 -19.18
C ARG N 118 26.87 28.24 -19.10
N VAL N 119 26.21 28.99 -19.97
CA VAL N 119 26.31 30.44 -20.00
C VAL N 119 24.97 31.04 -19.59
N MET N 120 25.01 32.03 -18.72
CA MET N 120 23.81 32.75 -18.28
C MET N 120 24.05 34.24 -18.45
N ILE N 121 23.07 34.94 -19.01
CA ILE N 121 23.15 36.38 -19.20
C ILE N 121 21.91 37.04 -18.62
N HIS N 122 22.09 38.25 -18.11
CA HIS N 122 20.99 39.07 -17.61
C HIS N 122 21.48 40.51 -17.52
N GLN N 123 20.58 41.41 -17.16
CA GLN N 123 20.89 42.82 -17.05
C GLN N 123 21.54 43.13 -15.70
N PRO N 124 22.07 44.34 -15.53
CA PRO N 124 22.74 44.68 -14.27
C PRO N 124 21.79 44.69 -13.08
N LEU N 125 22.36 44.44 -11.91
CA LEU N 125 21.67 44.51 -10.62
C LEU N 125 22.25 45.66 -9.81
N GLY N 126 21.46 46.17 -8.87
CA GLY N 126 21.95 47.25 -8.05
C GLY N 126 21.01 47.58 -6.90
N GLY N 127 21.35 48.65 -6.19
CA GLY N 127 20.55 49.12 -5.08
C GLY N 127 21.16 50.30 -4.37
N TYR N 128 20.33 51.13 -3.74
CA TYR N 128 20.80 52.32 -3.03
C TYR N 128 19.77 52.73 -2.00
N GLN N 129 20.27 53.31 -0.90
CA GLN N 129 19.44 53.95 0.12
C GLN N 129 19.86 55.40 0.25
N GLY N 130 18.90 56.28 0.45
CA GLY N 130 19.20 57.68 0.68
C GLY N 130 18.04 58.55 0.24
N GLN N 131 18.35 59.83 0.07
CA GLN N 131 17.37 60.82 -0.36
C GLN N 131 16.96 60.59 -1.81
N ALA N 132 15.76 61.06 -2.15
CA ALA N 132 15.25 60.87 -3.50
C ALA N 132 16.21 61.45 -4.54
N THR N 133 16.80 62.60 -4.25
CA THR N 133 17.75 63.19 -5.18
C THR N 133 18.92 62.26 -5.46
N ASP N 134 19.50 61.69 -4.40
CA ASP N 134 20.58 60.74 -4.58
C ASP N 134 20.11 59.49 -5.30
N ILE N 135 18.86 59.07 -5.06
CA ILE N 135 18.34 57.88 -5.71
C ILE N 135 18.34 58.06 -7.23
N GLU N 136 17.94 59.25 -7.69
CA GLU N 136 17.94 59.51 -9.13
C GLU N 136 19.35 59.49 -9.70
N ILE N 137 20.33 60.01 -8.95
CA ILE N 137 21.70 60.05 -9.44
C ILE N 137 22.23 58.65 -9.68
N HIS N 138 22.02 57.76 -8.72
CA HIS N 138 22.52 56.39 -8.86
C HIS N 138 21.69 55.59 -9.85
N ALA N 139 20.39 55.88 -9.94
CA ALA N 139 19.56 55.21 -10.93
C ALA N 139 19.98 55.58 -12.35
N ARG N 140 20.18 56.87 -12.61
CA ARG N 140 20.66 57.27 -13.93
C ARG N 140 21.99 56.62 -14.26
N GLU N 141 22.81 56.37 -13.24
CA GLU N 141 24.14 55.80 -13.49
C GLU N 141 24.05 54.33 -13.87
N ILE N 142 23.25 53.55 -13.13
CA ILE N 142 23.16 52.13 -13.43
C ILE N 142 22.52 51.92 -14.80
N LEU N 143 21.63 52.83 -15.21
CA LEU N 143 21.05 52.72 -16.56
C LEU N 143 22.09 53.04 -17.62
N LYS N 144 22.92 54.05 -17.38
CA LYS N 144 24.04 54.31 -18.28
C LYS N 144 24.96 53.09 -18.37
N VAL N 145 25.11 52.35 -17.27
CA VAL N 145 25.91 51.12 -17.31
C VAL N 145 25.18 50.05 -18.12
N LYS N 146 23.91 49.88 -17.81
CA LYS N 146 23.09 48.91 -18.47
C LYS N 146 23.18 49.13 -19.94
N GLY N 147 23.06 50.39 -20.47
CA GLY N 147 23.14 50.74 -21.87
C GLY N 147 24.52 50.51 -22.46
N ARG N 148 25.57 50.68 -21.66
CA ARG N 148 26.93 50.51 -22.15
C ARG N 148 27.31 49.05 -22.21
N MET N 149 26.89 48.25 -21.23
CA MET N 149 27.17 46.81 -21.27
C MET N 149 26.48 46.17 -22.47
N ASN N 150 25.23 46.55 -22.73
CA ASN N 150 24.52 45.99 -23.88
C ASN N 150 25.22 46.37 -25.19
N GLU N 151 25.79 47.57 -25.27
CA GLU N 151 26.48 47.98 -26.48
C GLU N 151 27.66 47.06 -26.78
N LEU N 152 28.54 46.86 -25.77
CA LEU N 152 29.70 45.99 -25.98
C LEU N 152 29.29 44.55 -26.24
N MET N 153 28.28 44.06 -25.54
CA MET N 153 27.81 42.70 -25.81
C MET N 153 27.42 42.57 -27.27
N ALA N 154 26.70 43.57 -27.80
CA ALA N 154 26.33 43.53 -29.21
C ALA N 154 27.57 43.57 -30.10
N LEU N 155 28.59 44.30 -29.68
CA LEU N 155 29.80 44.42 -30.50
C LEU N 155 30.54 43.08 -30.59
N HIS N 156 30.67 42.38 -29.46
CA HIS N 156 31.47 41.15 -29.44
C HIS N 156 30.72 39.95 -29.99
N THR N 157 29.39 39.92 -29.83
CA THR N 157 28.60 38.78 -30.26
C THR N 157 28.12 38.87 -31.71
N GLY N 158 28.04 40.08 -32.26
CA GLY N 158 27.43 40.28 -33.56
C GLY N 158 25.94 40.48 -33.55
N GLN N 159 25.29 40.29 -32.40
CA GLN N 159 23.87 40.57 -32.28
C GLN N 159 23.62 42.07 -32.35
N SER N 160 22.36 42.41 -32.61
CA SER N 160 21.94 43.81 -32.60
C SER N 160 21.75 44.29 -31.17
N LEU N 161 21.86 45.61 -30.99
CA LEU N 161 21.63 46.19 -29.68
C LEU N 161 20.23 45.87 -29.17
N GLU N 162 19.25 45.77 -30.07
CA GLU N 162 17.89 45.48 -29.66
C GLU N 162 17.76 44.04 -29.18
N GLN N 163 18.46 43.12 -29.85
CA GLN N 163 18.42 41.73 -29.43
C GLN N 163 19.07 41.56 -28.06
N ILE N 164 20.23 42.17 -27.85
CA ILE N 164 20.90 42.09 -26.55
C ILE N 164 19.98 42.64 -25.46
N GLU N 165 19.26 43.72 -25.76
CA GLU N 165 18.34 44.29 -24.77
C GLU N 165 17.22 43.30 -24.44
N ARG N 166 16.53 42.81 -25.46
CA ARG N 166 15.43 41.88 -25.22
C ARG N 166 15.87 40.67 -24.42
N ASP N 167 17.06 40.14 -24.72
CA ASP N 167 17.51 38.88 -24.16
C ASP N 167 18.12 39.00 -22.77
N THR N 168 18.46 40.21 -22.32
CA THR N 168 19.05 40.40 -21.00
C THR N 168 18.08 40.98 -19.98
N GLU N 169 16.86 41.28 -20.39
CA GLU N 169 15.87 41.82 -19.48
C GLU N 169 15.55 40.86 -18.39
N ARG N 170 15.65 39.58 -18.69
CA ARG N 170 15.41 38.52 -17.71
C ARG N 170 16.48 37.45 -17.89
N ASP N 171 16.71 36.66 -16.83
CA ASP N 171 17.65 35.55 -16.90
C ASP N 171 17.38 34.70 -18.13
N ARG N 172 18.44 34.44 -18.91
CA ARG N 172 18.36 33.54 -20.05
C ARG N 172 19.60 32.65 -20.03
N PHE N 173 19.40 31.34 -20.00
CA PHE N 173 20.48 30.38 -20.03
C PHE N 173 20.77 29.94 -21.46
N LEU N 174 22.06 29.71 -21.75
CA LEU N 174 22.50 29.23 -23.04
C LEU N 174 23.43 28.05 -22.84
N SER N 175 23.16 26.96 -23.56
CA SER N 175 24.03 25.80 -23.55
C SER N 175 25.28 26.08 -24.37
N ALA N 176 26.23 25.14 -24.29
CA ALA N 176 27.45 25.27 -25.09
C ALA N 176 27.14 25.45 -26.57
N PRO N 177 26.32 24.60 -27.21
CA PRO N 177 25.98 24.84 -28.61
C PRO N 177 25.16 26.11 -28.82
N GLU N 178 24.27 26.46 -27.89
CA GLU N 178 23.52 27.70 -28.05
C GLU N 178 24.43 28.92 -28.02
N ALA N 179 25.57 28.82 -27.32
CA ALA N 179 26.47 29.96 -27.21
C ALA N 179 27.23 30.24 -28.50
N VAL N 180 27.44 29.21 -29.33
CA VAL N 180 28.15 29.45 -30.59
C VAL N 180 27.26 30.15 -31.59
N GLU N 181 25.96 29.83 -31.61
CA GLU N 181 25.05 30.46 -32.57
C GLU N 181 24.68 31.87 -32.17
N TYR N 182 24.58 32.14 -30.86
CA TYR N 182 24.29 33.49 -30.40
C TYR N 182 25.48 34.41 -30.60
N GLY N 183 26.69 33.86 -30.70
CA GLY N 183 27.88 34.66 -30.86
C GLY N 183 28.71 34.81 -29.62
N LEU N 184 28.28 34.22 -28.50
CA LEU N 184 29.05 34.34 -27.27
C LEU N 184 30.41 33.66 -27.37
N VAL N 185 30.49 32.55 -28.10
CA VAL N 185 31.71 31.77 -28.19
C VAL N 185 31.90 31.39 -29.65
N ASP N 186 33.13 31.02 -30.01
CA ASP N 186 33.44 30.72 -31.40
C ASP N 186 33.23 29.26 -31.75
N SER N 187 33.61 28.35 -30.87
CA SER N 187 33.48 26.92 -31.12
C SER N 187 33.45 26.20 -29.77
N ILE N 188 33.34 24.88 -29.83
CA ILE N 188 33.30 24.04 -28.64
C ILE N 188 34.55 23.17 -28.64
N LEU N 189 35.26 23.16 -27.51
CA LEU N 189 36.39 22.27 -27.32
C LEU N 189 35.88 20.90 -26.88
N THR N 190 36.38 19.85 -27.50
CA THR N 190 35.91 18.50 -27.16
C THR N 190 37.04 17.51 -26.96
N HIS N 191 38.09 17.56 -27.77
CA HIS N 191 39.23 16.67 -27.62
C HIS N 191 40.50 17.43 -28.01
N ARG N 192 41.64 16.76 -27.86
CA ARG N 192 42.93 17.37 -28.10
C ARG N 192 43.90 16.38 -28.74
N LEU O 2 -2.96 -36.13 -40.56
CA LEU O 2 -1.76 -36.25 -39.72
C LEU O 2 -0.58 -35.60 -40.44
N VAL O 3 0.37 -35.07 -39.67
CA VAL O 3 1.47 -34.29 -40.22
C VAL O 3 2.25 -35.13 -41.23
N PRO O 4 2.23 -34.79 -42.51
CA PRO O 4 3.01 -35.57 -43.48
C PRO O 4 4.51 -35.31 -43.32
N MET O 5 5.29 -36.25 -43.82
CA MET O 5 6.75 -36.21 -43.73
C MET O 5 7.34 -36.10 -45.13
N VAL O 6 8.65 -36.19 -45.23
CA VAL O 6 9.33 -36.20 -46.53
C VAL O 6 10.79 -36.60 -46.35
N ASP O 18 9.52 -34.34 -41.12
CA ASP O 18 8.33 -33.55 -40.83
C ASP O 18 8.25 -32.37 -41.80
N ILE O 19 7.03 -31.83 -42.00
CA ILE O 19 6.86 -30.75 -42.95
C ILE O 19 7.02 -29.40 -42.28
N TYR O 20 6.41 -29.22 -41.11
CA TYR O 20 6.63 -27.97 -40.36
C TYR O 20 8.08 -27.84 -39.94
N SER O 21 8.78 -28.96 -39.74
CA SER O 21 10.19 -28.90 -39.38
C SER O 21 11.05 -28.49 -40.57
N ARG O 22 10.80 -29.08 -41.74
CA ARG O 22 11.55 -28.68 -42.93
C ARG O 22 11.31 -27.21 -43.24
N LEU O 23 10.09 -26.71 -42.98
CA LEU O 23 9.83 -25.29 -43.19
C LEU O 23 10.45 -24.43 -42.11
N LEU O 24 10.77 -25.02 -40.95
CA LEU O 24 11.50 -24.28 -39.92
C LEU O 24 12.94 -24.07 -40.32
N LYS O 25 13.55 -25.05 -41.00
CA LYS O 25 14.88 -24.88 -41.54
C LYS O 25 14.94 -23.79 -42.60
N GLU O 26 13.79 -23.38 -43.14
CA GLU O 26 13.69 -22.24 -44.02
C GLU O 26 13.35 -20.95 -43.27
N ARG O 27 13.31 -21.00 -41.93
CA ARG O 27 13.04 -19.84 -41.08
C ARG O 27 11.59 -19.39 -41.18
N VAL O 28 10.67 -20.37 -41.17
CA VAL O 28 9.24 -20.10 -41.27
C VAL O 28 8.56 -20.70 -40.04
N ILE O 29 7.85 -19.86 -39.29
CA ILE O 29 7.08 -20.27 -38.12
C ILE O 29 5.62 -19.99 -38.40
N PHE O 30 4.74 -20.89 -37.94
CA PHE O 30 3.31 -20.77 -38.15
C PHE O 30 2.62 -20.52 -36.82
N LEU O 31 1.88 -19.41 -36.73
CA LEU O 31 1.05 -19.10 -35.58
C LEU O 31 -0.41 -19.38 -35.94
N THR O 32 -0.97 -20.45 -35.39
CA THR O 32 -2.28 -20.95 -35.77
C THR O 32 -3.13 -21.20 -34.53
N GLY O 33 -4.40 -20.83 -34.62
CA GLY O 33 -5.36 -21.10 -33.56
C GLY O 33 -5.32 -20.08 -32.44
N GLN O 34 -6.03 -20.41 -31.37
CA GLN O 34 -6.09 -19.52 -30.21
C GLN O 34 -4.71 -19.37 -29.60
N VAL O 35 -4.31 -18.14 -29.33
CA VAL O 35 -3.03 -17.89 -28.69
C VAL O 35 -3.15 -18.22 -27.20
N GLU O 36 -2.23 -19.04 -26.70
CA GLU O 36 -2.24 -19.44 -25.30
C GLU O 36 -0.82 -19.77 -24.89
N ASP O 37 -0.63 -19.94 -23.57
CA ASP O 37 0.71 -20.01 -23.03
C ASP O 37 1.58 -21.07 -23.71
N HIS O 38 1.00 -22.22 -24.05
CA HIS O 38 1.81 -23.33 -24.54
C HIS O 38 2.14 -23.21 -26.01
N MET O 39 1.12 -22.95 -26.85
CA MET O 39 1.38 -22.75 -28.28
C MET O 39 2.25 -21.52 -28.51
N ALA O 40 2.11 -20.50 -27.67
CA ALA O 40 2.96 -19.32 -27.79
C ALA O 40 4.38 -19.63 -27.31
N ASN O 41 4.50 -20.40 -26.23
CA ASN O 41 5.82 -20.82 -25.78
C ASN O 41 6.53 -21.61 -26.87
N LEU O 42 5.78 -22.39 -27.63
CA LEU O 42 6.37 -23.13 -28.75
C LEU O 42 6.90 -22.18 -29.82
N ILE O 43 6.19 -21.07 -30.07
CA ILE O 43 6.67 -20.07 -31.01
C ILE O 43 7.91 -19.38 -30.45
N VAL O 44 7.91 -19.07 -29.16
CA VAL O 44 9.09 -18.44 -28.57
C VAL O 44 10.30 -19.34 -28.71
N ALA O 45 10.12 -20.65 -28.49
CA ALA O 45 11.23 -21.58 -28.58
C ALA O 45 11.81 -21.62 -30.00
N GLN O 46 10.94 -21.58 -31.01
CA GLN O 46 11.43 -21.59 -32.39
C GLN O 46 12.19 -20.32 -32.73
N MET O 47 11.72 -19.16 -32.26
CA MET O 47 12.40 -17.91 -32.55
C MET O 47 13.79 -17.87 -31.93
N LEU O 48 13.92 -18.29 -30.66
CA LEU O 48 15.23 -18.33 -30.03
C LEU O 48 16.16 -19.29 -30.76
N PHE O 49 15.60 -20.41 -31.26
CA PHE O 49 16.41 -21.37 -31.99
C PHE O 49 16.96 -20.78 -33.29
N LEU O 50 16.08 -20.17 -34.10
CA LEU O 50 16.52 -19.60 -35.37
C LEU O 50 17.55 -18.49 -35.13
N GLU O 51 17.38 -17.71 -34.08
CA GLU O 51 18.38 -16.71 -33.73
C GLU O 51 19.74 -17.36 -33.52
N ALA O 52 19.78 -18.49 -32.83
CA ALA O 52 21.05 -19.14 -32.56
C ALA O 52 21.72 -19.62 -33.84
N GLU O 53 20.94 -20.11 -34.80
CA GLU O 53 21.53 -20.61 -36.03
C GLU O 53 22.05 -19.48 -36.91
N ASN O 54 21.42 -18.32 -36.87
CA ASN O 54 21.83 -17.19 -37.69
C ASN O 54 21.15 -15.93 -37.18
N PRO O 55 21.84 -15.11 -36.38
CA PRO O 55 21.19 -13.92 -35.80
C PRO O 55 20.92 -12.80 -36.79
N GLU O 56 21.30 -12.95 -38.06
CA GLU O 56 21.14 -11.89 -39.05
C GLU O 56 19.96 -12.13 -39.98
N LYS O 57 19.79 -13.36 -40.47
CA LYS O 57 18.75 -13.64 -41.46
C LYS O 57 17.36 -13.42 -40.85
N ASP O 58 16.44 -12.95 -41.69
CA ASP O 58 15.08 -12.67 -41.23
C ASP O 58 14.33 -13.96 -40.90
N ILE O 59 13.33 -13.83 -40.03
CA ILE O 59 12.42 -14.91 -39.69
C ILE O 59 11.05 -14.56 -40.25
N TYR O 60 10.30 -15.59 -40.64
CA TYR O 60 9.02 -15.44 -41.34
C TYR O 60 7.93 -16.09 -40.52
N LEU O 61 7.01 -15.29 -40.01
CA LEU O 61 5.94 -15.76 -39.13
C LEU O 61 4.59 -15.60 -39.81
N TYR O 62 4.01 -16.71 -40.27
CA TYR O 62 2.64 -16.70 -40.77
C TYR O 62 1.66 -16.69 -39.61
N ILE O 63 0.63 -15.86 -39.73
CA ILE O 63 -0.35 -15.65 -38.66
C ILE O 63 -1.75 -15.90 -39.21
N ASN O 64 -2.44 -16.87 -38.61
CA ASN O 64 -3.86 -17.15 -38.89
C ASN O 64 -4.49 -17.51 -37.55
N SER O 65 -5.04 -16.50 -36.86
CA SER O 65 -5.52 -16.68 -35.51
C SER O 65 -6.76 -15.84 -35.24
N PRO O 66 -7.74 -16.38 -34.52
CA PRO O 66 -8.92 -15.59 -34.13
C PRO O 66 -8.81 -14.88 -32.80
N GLY O 67 -7.65 -14.87 -32.16
CA GLY O 67 -7.44 -14.21 -30.89
C GLY O 67 -6.89 -15.17 -29.84
N GLY O 68 -6.72 -14.63 -28.64
CA GLY O 68 -6.22 -15.44 -27.55
C GLY O 68 -5.80 -14.57 -26.37
N VAL O 69 -5.00 -15.19 -25.48
CA VAL O 69 -4.60 -14.52 -24.25
C VAL O 69 -3.60 -13.42 -24.55
N ILE O 70 -3.69 -12.32 -23.78
CA ILE O 70 -2.76 -11.21 -23.99
C ILE O 70 -1.38 -11.57 -23.45
N THR O 71 -1.30 -12.01 -22.19
CA THR O 71 -0.01 -12.35 -21.60
C THR O 71 0.74 -13.35 -22.47
N ALA O 72 0.04 -14.39 -22.93
CA ALA O 72 0.68 -15.35 -23.83
C ALA O 72 1.17 -14.67 -25.10
N GLY O 73 0.35 -13.79 -25.67
CA GLY O 73 0.77 -13.07 -26.86
C GLY O 73 1.93 -12.15 -26.59
N MET O 74 1.99 -11.55 -25.41
CA MET O 74 3.05 -10.62 -25.10
C MET O 74 4.41 -11.33 -24.94
N SER O 75 4.41 -12.61 -24.60
CA SER O 75 5.64 -13.39 -24.59
C SER O 75 6.21 -13.51 -25.99
N ILE O 76 5.35 -13.56 -27.01
CA ILE O 76 5.82 -13.55 -28.39
C ILE O 76 6.30 -12.15 -28.77
N TYR O 77 5.50 -11.14 -28.44
CA TYR O 77 5.85 -9.77 -28.82
C TYR O 77 7.22 -9.38 -28.28
N ASP O 78 7.45 -9.58 -26.98
CA ASP O 78 8.73 -9.22 -26.37
C ASP O 78 9.87 -10.03 -26.95
N THR O 79 9.63 -11.28 -27.35
CA THR O 79 10.68 -12.07 -27.97
C THR O 79 11.00 -11.57 -29.38
N MET O 80 9.98 -11.17 -30.13
CA MET O 80 10.19 -10.64 -31.46
C MET O 80 11.12 -9.43 -31.43
N GLN O 81 10.93 -8.54 -30.46
CA GLN O 81 11.75 -7.34 -30.37
C GLN O 81 13.12 -7.62 -29.76
N PHE O 82 13.23 -8.66 -28.93
CA PHE O 82 14.48 -8.91 -28.23
C PHE O 82 15.52 -9.55 -29.14
N ILE O 83 15.10 -10.52 -29.95
CA ILE O 83 16.05 -11.24 -30.79
C ILE O 83 16.58 -10.32 -31.88
N LYS O 84 17.84 -10.53 -32.25
CA LYS O 84 18.46 -9.67 -33.25
C LYS O 84 17.78 -9.77 -34.62
N PRO O 85 17.37 -10.95 -35.09
CA PRO O 85 16.76 -11.01 -36.43
C PRO O 85 15.48 -10.21 -36.51
N ASP O 86 15.24 -9.62 -37.69
CA ASP O 86 13.95 -9.02 -37.97
C ASP O 86 12.93 -10.14 -38.18
N VAL O 87 11.75 -9.96 -37.61
CA VAL O 87 10.67 -10.94 -37.73
C VAL O 87 9.64 -10.37 -38.70
N SER O 88 9.57 -10.96 -39.90
CA SER O 88 8.56 -10.59 -40.89
C SER O 88 7.28 -11.37 -40.61
N THR O 89 6.15 -10.67 -40.64
CA THR O 89 4.85 -11.26 -40.35
C THR O 89 3.99 -11.29 -41.61
N ILE O 90 3.33 -12.41 -41.86
CA ILE O 90 2.45 -12.57 -43.00
C ILE O 90 1.09 -13.04 -42.48
N CYS O 91 0.05 -12.30 -42.79
CA CYS O 91 -1.31 -12.66 -42.38
C CYS O 91 -1.99 -13.39 -43.54
N MET O 92 -2.40 -14.63 -43.30
CA MET O 92 -3.15 -15.42 -44.26
C MET O 92 -4.43 -15.89 -43.59
N GLY O 93 -5.54 -15.76 -44.28
CA GLY O 93 -6.84 -16.11 -43.71
C GLY O 93 -7.40 -14.96 -42.89
N GLN O 94 -7.04 -14.91 -41.60
CA GLN O 94 -7.47 -13.81 -40.74
C GLN O 94 -6.45 -13.64 -39.63
N ALA O 95 -6.45 -12.44 -39.05
CA ALA O 95 -5.61 -12.13 -37.89
C ALA O 95 -6.45 -11.24 -36.98
N ALA O 96 -7.05 -11.84 -35.95
CA ALA O 96 -7.92 -11.09 -35.05
C ALA O 96 -7.27 -10.87 -33.70
N SER O 97 -7.94 -10.15 -32.81
CA SER O 97 -7.37 -9.61 -31.57
C SER O 97 -5.81 -9.67 -31.41
N MET O 98 -5.30 -10.66 -30.69
CA MET O 98 -3.86 -10.73 -30.42
C MET O 98 -3.09 -11.14 -31.66
N GLY O 99 -3.74 -11.90 -32.53
CA GLY O 99 -3.12 -12.22 -33.80
C GLY O 99 -2.88 -10.97 -34.63
N ALA O 100 -3.81 -10.03 -34.57
CA ALA O 100 -3.60 -8.75 -35.23
C ALA O 100 -2.51 -7.95 -34.55
N PHE O 101 -2.44 -8.02 -33.22
CA PHE O 101 -1.40 -7.29 -32.50
C PHE O 101 -0.02 -7.79 -32.92
N LEU O 102 0.18 -9.11 -32.94
CA LEU O 102 1.47 -9.66 -33.32
C LEU O 102 1.74 -9.44 -34.81
N LEU O 103 0.71 -9.38 -35.64
CA LEU O 103 0.91 -9.14 -37.06
C LEU O 103 1.63 -7.82 -37.32
N THR O 104 1.11 -6.70 -36.72
CA THR O 104 1.72 -5.39 -36.94
C THR O 104 2.99 -5.19 -36.12
N ALA O 105 3.21 -6.02 -35.10
CA ALA O 105 4.43 -5.89 -34.32
C ALA O 105 5.63 -6.35 -35.11
N GLY O 106 5.41 -6.80 -36.34
CA GLY O 106 6.51 -7.23 -37.17
C GLY O 106 7.47 -6.09 -37.50
N ALA O 107 8.64 -6.48 -37.98
CA ALA O 107 9.67 -5.50 -38.35
C ALA O 107 9.13 -4.52 -39.39
N LYS O 108 9.54 -3.27 -39.27
CA LYS O 108 9.08 -2.23 -40.18
C LYS O 108 9.36 -2.63 -41.63
N GLY O 109 8.35 -2.48 -42.47
CA GLY O 109 8.50 -2.75 -43.89
C GLY O 109 8.40 -4.20 -44.29
N LYS O 110 8.28 -5.12 -43.33
CA LYS O 110 8.24 -6.55 -43.63
C LYS O 110 7.01 -7.21 -43.03
N ARG O 111 5.94 -6.43 -42.84
CA ARG O 111 4.65 -6.94 -42.41
C ARG O 111 3.75 -7.02 -43.63
N PHE O 112 3.06 -8.15 -43.79
CA PHE O 112 2.31 -8.39 -45.03
C PHE O 112 0.95 -8.99 -44.73
N CYS O 113 -0.01 -8.67 -45.59
CA CYS O 113 -1.29 -9.34 -45.67
C CYS O 113 -1.42 -9.94 -47.06
N LEU O 114 -2.10 -11.07 -47.16
CA LEU O 114 -2.42 -11.64 -48.46
C LEU O 114 -3.68 -10.97 -49.00
N PRO O 115 -3.91 -11.05 -50.32
CA PRO O 115 -4.94 -10.20 -50.93
C PRO O 115 -6.29 -10.27 -50.26
N ASN O 116 -6.71 -11.46 -49.81
CA ASN O 116 -8.01 -11.64 -49.19
C ASN O 116 -7.90 -11.92 -47.70
N SER O 117 -6.83 -11.46 -47.07
CA SER O 117 -6.71 -11.57 -45.63
C SER O 117 -7.68 -10.63 -44.95
N ARG O 118 -7.95 -10.91 -43.68
CA ARG O 118 -8.85 -10.11 -42.87
C ARG O 118 -8.19 -9.82 -41.53
N VAL O 119 -8.49 -8.66 -40.97
CA VAL O 119 -7.92 -8.23 -39.70
C VAL O 119 -9.03 -7.66 -38.85
N MET O 120 -9.04 -8.04 -37.56
CA MET O 120 -9.99 -7.49 -36.60
C MET O 120 -9.23 -6.98 -35.40
N ILE O 121 -9.60 -5.79 -34.94
CA ILE O 121 -9.02 -5.17 -33.75
C ILE O 121 -10.17 -4.81 -32.83
N HIS O 122 -9.91 -4.90 -31.53
CA HIS O 122 -10.88 -4.47 -30.53
C HIS O 122 -10.12 -4.29 -29.21
N GLN O 123 -10.83 -3.83 -28.20
CA GLN O 123 -10.23 -3.62 -26.89
C GLN O 123 -10.15 -4.94 -26.14
N PRO O 124 -9.42 -4.98 -25.04
CA PRO O 124 -9.30 -6.23 -24.29
C PRO O 124 -10.62 -6.69 -23.71
N LEU O 125 -10.72 -7.99 -23.49
CA LEU O 125 -11.85 -8.62 -22.83
C LEU O 125 -11.37 -9.20 -21.50
N GLY O 126 -12.29 -9.36 -20.56
CA GLY O 126 -11.89 -9.92 -19.28
C GLY O 126 -13.09 -10.23 -18.41
N GLY O 127 -12.78 -10.63 -17.18
CA GLY O 127 -13.80 -10.95 -16.20
C GLY O 127 -13.22 -11.44 -14.89
N TYR O 128 -13.96 -11.25 -13.80
CA TYR O 128 -13.49 -11.66 -12.48
C TYR O 128 -14.69 -11.80 -11.55
N GLN O 129 -14.58 -12.74 -10.60
CA GLN O 129 -15.53 -12.90 -9.51
C GLN O 129 -14.79 -12.75 -8.20
N GLY O 130 -15.43 -12.14 -7.21
CA GLY O 130 -14.86 -12.05 -5.90
C GLY O 130 -15.39 -10.83 -5.16
N GLN O 131 -14.67 -10.48 -4.09
CA GLN O 131 -15.03 -9.35 -3.26
C GLN O 131 -14.87 -8.03 -4.03
N ALA O 132 -15.60 -7.01 -3.58
CA ALA O 132 -15.54 -5.72 -4.24
C ALA O 132 -14.12 -5.18 -4.28
N THR O 133 -13.36 -5.37 -3.19
CA THR O 133 -11.97 -4.93 -3.17
C THR O 133 -11.16 -5.61 -4.26
N ASP O 134 -11.28 -6.95 -4.38
CA ASP O 134 -10.55 -7.67 -5.41
C ASP O 134 -11.03 -7.27 -6.81
N ILE O 135 -12.32 -7.00 -6.96
CA ILE O 135 -12.83 -6.60 -8.26
C ILE O 135 -12.18 -5.30 -8.71
N GLU O 136 -12.00 -4.36 -7.77
CA GLU O 136 -11.38 -3.09 -8.10
C GLU O 136 -9.93 -3.29 -8.55
N ILE O 137 -9.23 -4.23 -7.91
CA ILE O 137 -7.84 -4.48 -8.26
C ILE O 137 -7.73 -4.96 -9.71
N HIS O 138 -8.59 -5.91 -10.09
CA HIS O 138 -8.51 -6.48 -11.43
C HIS O 138 -9.07 -5.53 -12.48
N ALA O 139 -10.11 -4.76 -12.14
CA ALA O 139 -10.63 -3.77 -13.08
C ALA O 139 -9.59 -2.70 -13.35
N ARG O 140 -8.83 -2.30 -12.33
CA ARG O 140 -7.74 -1.37 -12.53
C ARG O 140 -6.67 -1.96 -13.43
N GLU O 141 -6.45 -3.27 -13.35
CA GLU O 141 -5.36 -3.90 -14.09
C GLU O 141 -5.68 -4.02 -15.58
N ILE O 142 -6.89 -4.47 -15.90
CA ILE O 142 -7.23 -4.62 -17.32
C ILE O 142 -7.22 -3.26 -18.01
N LEU O 143 -7.53 -2.19 -17.27
CA LEU O 143 -7.44 -0.85 -17.85
C LEU O 143 -5.99 -0.45 -18.05
N LYS O 144 -5.08 -0.93 -17.18
CA LYS O 144 -3.66 -0.70 -17.39
C LYS O 144 -3.17 -1.39 -18.66
N VAL O 145 -3.60 -2.64 -18.89
CA VAL O 145 -3.18 -3.35 -20.10
C VAL O 145 -3.80 -2.70 -21.32
N LYS O 146 -5.11 -2.39 -21.26
CA LYS O 146 -5.75 -1.68 -22.35
C LYS O 146 -4.98 -0.43 -22.72
N GLY O 147 -4.50 0.30 -21.71
CA GLY O 147 -3.72 1.49 -21.98
C GLY O 147 -2.41 1.17 -22.67
N ARG O 148 -1.75 0.08 -22.25
CA ARG O 148 -0.48 -0.28 -22.86
C ARG O 148 -0.70 -0.86 -24.25
N MET O 149 -1.75 -1.66 -24.43
CA MET O 149 -2.02 -2.23 -25.73
C MET O 149 -2.29 -1.14 -26.75
N ASN O 150 -3.12 -0.15 -26.39
CA ASN O 150 -3.41 0.95 -27.30
C ASN O 150 -2.15 1.78 -27.57
N GLU O 151 -1.31 1.97 -26.55
CA GLU O 151 -0.06 2.71 -26.75
C GLU O 151 0.81 2.00 -27.77
N LEU O 152 1.01 0.69 -27.60
CA LEU O 152 1.84 -0.06 -28.53
C LEU O 152 1.23 -0.07 -29.93
N MET O 153 -0.10 -0.20 -30.01
CA MET O 153 -0.77 -0.12 -31.31
C MET O 153 -0.48 1.21 -31.97
N ALA O 154 -0.55 2.30 -31.21
CA ALA O 154 -0.23 3.61 -31.77
C ALA O 154 1.21 3.66 -32.23
N LEU O 155 2.11 2.99 -31.51
CA LEU O 155 3.52 3.02 -31.86
C LEU O 155 3.77 2.34 -33.19
N HIS O 156 3.18 1.16 -33.39
CA HIS O 156 3.47 0.36 -34.58
C HIS O 156 2.69 0.82 -35.81
N THR O 157 1.50 1.39 -35.63
CA THR O 157 0.69 1.81 -36.76
C THR O 157 0.98 3.23 -37.20
N GLY O 158 1.52 4.07 -36.32
CA GLY O 158 1.68 5.47 -36.61
C GLY O 158 0.45 6.31 -36.32
N GLN O 159 -0.66 5.67 -35.97
CA GLN O 159 -1.85 6.40 -35.59
C GLN O 159 -1.64 7.11 -34.25
N SER O 160 -2.53 8.04 -33.95
CA SER O 160 -2.52 8.70 -32.65
C SER O 160 -3.09 7.76 -31.58
N LEU O 161 -2.67 7.98 -30.34
CA LEU O 161 -3.23 7.20 -29.24
C LEU O 161 -4.74 7.39 -29.15
N GLU O 162 -5.24 8.56 -29.54
CA GLU O 162 -6.67 8.84 -29.44
C GLU O 162 -7.45 8.13 -30.55
N GLN O 163 -6.88 8.04 -31.76
CA GLN O 163 -7.54 7.31 -32.82
C GLN O 163 -7.62 5.82 -32.50
N ILE O 164 -6.52 5.24 -32.02
CA ILE O 164 -6.52 3.84 -31.64
C ILE O 164 -7.58 3.56 -30.59
N GLU O 165 -7.74 4.50 -29.63
CA GLU O 165 -8.76 4.32 -28.60
C GLU O 165 -10.16 4.31 -29.21
N ARG O 166 -10.41 5.17 -30.20
CA ARG O 166 -11.75 5.25 -30.77
C ARG O 166 -12.10 4.00 -31.57
N ASP O 167 -11.15 3.50 -32.37
CA ASP O 167 -11.44 2.41 -33.28
C ASP O 167 -11.50 1.04 -32.61
N THR O 168 -11.00 0.92 -31.37
CA THR O 168 -10.99 -0.38 -30.69
C THR O 168 -12.05 -0.51 -29.60
N GLU O 169 -12.79 0.54 -29.28
CA GLU O 169 -13.83 0.42 -28.26
C GLU O 169 -14.83 -0.66 -28.65
N ARG O 170 -15.10 -0.80 -29.94
CA ARG O 170 -15.93 -1.88 -30.46
C ARG O 170 -15.20 -2.53 -31.65
N ASP O 171 -15.59 -3.77 -31.93
CA ASP O 171 -14.98 -4.52 -33.02
C ASP O 171 -14.93 -3.71 -34.31
N ARG O 172 -13.82 -3.84 -35.03
CA ARG O 172 -13.61 -3.16 -36.30
C ARG O 172 -12.92 -4.14 -37.24
N PHE O 173 -13.59 -4.48 -38.35
CA PHE O 173 -13.02 -5.36 -39.36
C PHE O 173 -12.25 -4.55 -40.38
N LEU O 174 -11.12 -5.11 -40.83
CA LEU O 174 -10.26 -4.46 -41.81
C LEU O 174 -9.90 -5.43 -42.92
N SER O 175 -10.08 -5.01 -44.17
CA SER O 175 -9.61 -5.80 -45.29
C SER O 175 -8.10 -5.62 -45.43
N ALA O 176 -7.50 -6.43 -46.32
CA ALA O 176 -6.06 -6.31 -46.56
C ALA O 176 -5.65 -4.91 -46.98
N PRO O 177 -6.28 -4.28 -47.99
CA PRO O 177 -5.88 -2.90 -48.32
C PRO O 177 -6.20 -1.89 -47.23
N GLU O 178 -7.29 -2.06 -46.48
CA GLU O 178 -7.56 -1.14 -45.39
C GLU O 178 -6.49 -1.23 -44.30
N ALA O 179 -5.89 -2.40 -44.14
CA ALA O 179 -4.89 -2.58 -43.09
C ALA O 179 -3.57 -1.90 -43.45
N VAL O 180 -3.28 -1.74 -44.75
CA VAL O 180 -2.04 -1.07 -45.11
C VAL O 180 -2.14 0.43 -44.87
N GLU O 181 -3.34 1.02 -45.07
CA GLU O 181 -3.50 2.44 -44.84
C GLU O 181 -3.59 2.77 -43.36
N TYR O 182 -4.32 1.96 -42.60
CA TYR O 182 -4.39 2.18 -41.16
C TYR O 182 -3.02 2.08 -40.51
N GLY O 183 -2.08 1.37 -41.15
CA GLY O 183 -0.74 1.22 -40.63
C GLY O 183 -0.46 -0.11 -39.97
N LEU O 184 -1.43 -1.01 -39.93
CA LEU O 184 -1.22 -2.29 -39.28
C LEU O 184 -0.15 -3.10 -40.00
N VAL O 185 -0.12 -3.01 -41.34
CA VAL O 185 0.81 -3.76 -42.17
C VAL O 185 1.36 -2.81 -43.24
N ASP O 186 2.47 -3.20 -43.85
CA ASP O 186 3.15 -2.32 -44.79
C ASP O 186 2.66 -2.49 -46.23
N SER O 187 2.44 -3.73 -46.67
CA SER O 187 2.03 -3.97 -48.05
C SER O 187 1.30 -5.31 -48.12
N ILE O 188 0.91 -5.68 -49.34
CA ILE O 188 0.21 -6.92 -49.63
C ILE O 188 1.16 -7.78 -50.46
N LEU O 189 1.27 -9.07 -50.11
CA LEU O 189 2.09 -9.98 -50.87
C LEU O 189 1.38 -10.47 -52.12
N THR O 190 2.05 -10.31 -53.26
CA THR O 190 1.54 -10.73 -54.56
C THR O 190 2.61 -11.57 -55.24
N HIS O 191 2.23 -12.78 -55.66
CA HIS O 191 3.14 -13.71 -56.34
C HIS O 191 4.60 -13.56 -55.95
N VAL P 3 5.10 -30.54 -32.38
CA VAL P 3 6.41 -30.04 -31.96
C VAL P 3 7.46 -30.22 -33.07
N PRO P 4 8.11 -29.13 -33.47
CA PRO P 4 9.19 -29.26 -34.47
C PRO P 4 10.36 -30.01 -33.88
N MET P 5 11.25 -30.50 -34.75
CA MET P 5 12.25 -31.48 -34.32
C MET P 5 13.70 -31.18 -34.74
N VAL P 6 13.94 -30.37 -35.76
CA VAL P 6 15.27 -29.80 -35.97
C VAL P 6 16.31 -30.84 -36.38
N ILE P 7 17.37 -30.37 -37.03
CA ILE P 7 18.52 -31.19 -37.43
C ILE P 7 18.85 -32.23 -36.37
N PHE P 17 16.78 -32.61 -33.15
CA PHE P 17 15.91 -33.60 -32.52
C PHE P 17 15.10 -32.95 -31.39
N ASP P 18 13.81 -32.73 -31.67
CA ASP P 18 12.92 -31.94 -30.82
C ASP P 18 13.46 -30.52 -30.67
N ILE P 19 12.58 -29.56 -30.39
CA ILE P 19 12.98 -28.16 -30.32
C ILE P 19 13.37 -27.77 -28.90
N TYR P 20 12.56 -28.15 -27.91
CA TYR P 20 12.91 -27.87 -26.53
C TYR P 20 14.18 -28.61 -26.11
N SER P 21 14.45 -29.76 -26.74
CA SER P 21 15.68 -30.49 -26.45
C SER P 21 16.89 -29.83 -27.09
N ARG P 22 16.73 -29.29 -28.31
CA ARG P 22 17.81 -28.54 -28.92
C ARG P 22 18.16 -27.32 -28.07
N LEU P 23 17.15 -26.62 -27.56
CA LEU P 23 17.39 -25.49 -26.68
C LEU P 23 17.93 -25.93 -25.33
N LEU P 24 17.72 -27.20 -24.96
CA LEU P 24 18.30 -27.72 -23.72
C LEU P 24 19.80 -27.90 -23.84
N LYS P 25 20.29 -28.23 -25.04
CA LYS P 25 21.73 -28.31 -25.25
C LYS P 25 22.41 -26.96 -25.03
N GLU P 26 21.65 -25.87 -25.14
CA GLU P 26 22.12 -24.53 -24.85
C GLU P 26 21.81 -24.10 -23.42
N ARG P 27 21.27 -25.02 -22.61
CA ARG P 27 21.05 -24.78 -21.17
C ARG P 27 19.84 -23.87 -20.93
N VAL P 28 18.76 -24.10 -21.68
CA VAL P 28 17.54 -23.30 -21.57
C VAL P 28 16.40 -24.23 -21.20
N ILE P 29 15.73 -23.92 -20.09
CA ILE P 29 14.58 -24.66 -19.62
C ILE P 29 13.38 -23.72 -19.62
N PHE P 30 12.21 -24.24 -19.99
CA PHE P 30 10.99 -23.46 -20.06
C PHE P 30 10.01 -23.92 -18.99
N LEU P 31 9.60 -22.99 -18.11
CA LEU P 31 8.55 -23.23 -17.13
C LEU P 31 7.30 -22.51 -17.61
N THR P 32 6.33 -23.27 -18.13
CA THR P 32 5.16 -22.70 -18.78
C THR P 32 3.89 -23.33 -18.26
N GLY P 33 2.88 -22.48 -18.02
CA GLY P 33 1.57 -22.94 -17.62
C GLY P 33 1.44 -23.24 -16.13
N GLN P 34 0.38 -23.97 -15.81
CA GLN P 34 0.05 -24.30 -14.43
C GLN P 34 1.16 -25.12 -13.80
N VAL P 35 1.69 -24.64 -12.67
CA VAL P 35 2.68 -25.41 -11.93
C VAL P 35 1.99 -26.57 -11.23
N GLU P 36 2.50 -27.78 -11.45
CA GLU P 36 1.93 -28.97 -10.84
C GLU P 36 3.03 -30.02 -10.75
N ASP P 37 2.72 -31.10 -10.02
CA ASP P 37 3.75 -32.06 -9.63
C ASP P 37 4.55 -32.59 -10.83
N HIS P 38 3.87 -32.84 -11.94
CA HIS P 38 4.53 -33.56 -13.04
C HIS P 38 5.36 -32.63 -13.91
N MET P 39 4.79 -31.51 -14.34
CA MET P 39 5.57 -30.55 -15.13
C MET P 39 6.74 -29.98 -14.33
N ALA P 40 6.58 -29.87 -13.01
CA ALA P 40 7.66 -29.31 -12.20
C ALA P 40 8.82 -30.27 -12.08
N ASN P 41 8.54 -31.56 -11.86
CA ASN P 41 9.62 -32.55 -11.82
C ASN P 41 10.35 -32.63 -13.15
N LEU P 42 9.64 -32.39 -14.26
CA LEU P 42 10.31 -32.36 -15.56
C LEU P 42 11.34 -31.23 -15.60
N ILE P 43 11.02 -30.09 -14.98
CA ILE P 43 12.00 -29.01 -14.84
C ILE P 43 13.11 -29.43 -13.89
N VAL P 44 12.75 -30.13 -12.81
CA VAL P 44 13.75 -30.59 -11.86
C VAL P 44 14.77 -31.50 -12.54
N ALA P 45 14.28 -32.41 -13.39
CA ALA P 45 15.19 -33.33 -14.07
C ALA P 45 16.15 -32.60 -14.99
N GLN P 46 15.66 -31.57 -15.68
CA GLN P 46 16.51 -30.83 -16.61
C GLN P 46 17.64 -30.11 -15.87
N MET P 47 17.33 -29.53 -14.70
CA MET P 47 18.36 -28.85 -13.92
C MET P 47 19.43 -29.82 -13.46
N LEU P 48 19.02 -31.00 -12.96
CA LEU P 48 19.99 -32.00 -12.57
C LEU P 48 20.82 -32.48 -13.77
N PHE P 49 20.18 -32.60 -14.94
CA PHE P 49 20.92 -33.03 -16.12
C PHE P 49 21.95 -31.98 -16.52
N LEU P 50 21.54 -30.71 -16.61
CA LEU P 50 22.47 -29.66 -16.99
C LEU P 50 23.62 -29.54 -16.00
N GLU P 51 23.33 -29.70 -14.70
CA GLU P 51 24.39 -29.68 -13.71
C GLU P 51 25.44 -30.75 -14.02
N ALA P 52 24.98 -31.96 -14.38
CA ALA P 52 25.91 -33.04 -14.70
C ALA P 52 26.72 -32.72 -15.95
N GLU P 53 26.12 -32.06 -16.94
CA GLU P 53 26.84 -31.76 -18.17
C GLU P 53 27.94 -30.72 -17.93
N ASN P 54 27.70 -29.77 -17.04
CA ASN P 54 28.66 -28.74 -16.72
C ASN P 54 28.20 -28.00 -15.47
N PRO P 55 28.74 -28.30 -14.29
CA PRO P 55 28.25 -27.63 -13.07
C PRO P 55 28.63 -26.17 -12.96
N GLU P 56 29.45 -25.65 -13.87
CA GLU P 56 29.95 -24.29 -13.77
C GLU P 56 29.17 -23.30 -14.62
N LYS P 57 28.55 -23.74 -15.71
CA LYS P 57 27.85 -22.83 -16.60
C LYS P 57 26.43 -22.58 -16.10
N ASP P 58 25.93 -21.36 -16.37
CA ASP P 58 24.64 -20.94 -15.87
C ASP P 58 23.50 -21.67 -16.59
N ILE P 59 22.36 -21.73 -15.90
CA ILE P 59 21.12 -22.28 -16.45
C ILE P 59 20.13 -21.14 -16.66
N TYR P 60 19.31 -21.28 -17.68
CA TYR P 60 18.40 -20.23 -18.14
C TYR P 60 16.98 -20.76 -18.07
N LEU P 61 16.18 -20.18 -17.18
CA LEU P 61 14.81 -20.64 -16.93
C LEU P 61 13.83 -19.54 -17.34
N TYR P 62 13.17 -19.75 -18.47
CA TYR P 62 12.08 -18.87 -18.89
C TYR P 62 10.80 -19.23 -18.13
N ILE P 63 10.08 -18.21 -17.67
CA ILE P 63 8.91 -18.40 -16.81
C ILE P 63 7.72 -17.68 -17.43
N ASN P 64 6.67 -18.42 -17.75
CA ASN P 64 5.39 -17.86 -18.18
C ASN P 64 4.31 -18.76 -17.58
N SER P 65 3.84 -18.40 -16.39
CA SER P 65 2.92 -19.24 -15.62
C SER P 65 1.93 -18.40 -14.83
N PRO P 66 0.67 -18.80 -14.76
CA PRO P 66 -0.30 -18.09 -13.91
C PRO P 66 -0.42 -18.61 -12.48
N GLY P 67 0.43 -19.53 -12.05
CA GLY P 67 0.41 -20.05 -10.70
C GLY P 67 0.27 -21.56 -10.68
N GLY P 68 0.20 -22.08 -9.46
CA GLY P 68 0.04 -23.51 -9.29
C GLY P 68 0.29 -23.94 -7.86
N VAL P 69 0.50 -25.25 -7.70
CA VAL P 69 0.65 -25.84 -6.37
C VAL P 69 1.96 -25.39 -5.75
N ILE P 70 1.95 -25.17 -4.43
CA ILE P 70 3.15 -24.72 -3.75
C ILE P 70 4.15 -25.86 -3.64
N THR P 71 3.69 -27.02 -3.16
CA THR P 71 4.61 -28.15 -2.96
C THR P 71 5.36 -28.44 -4.26
N ALA P 72 4.63 -28.51 -5.37
CA ALA P 72 5.26 -28.72 -6.67
C ALA P 72 6.23 -27.60 -7.00
N GLY P 73 5.83 -26.36 -6.74
CA GLY P 73 6.71 -25.23 -7.01
C GLY P 73 7.94 -25.22 -6.13
N MET P 74 7.81 -25.66 -4.89
CA MET P 74 8.93 -25.68 -3.97
C MET P 74 9.96 -26.75 -4.31
N SER P 75 9.54 -27.82 -5.01
CA SER P 75 10.52 -28.78 -5.51
C SER P 75 11.43 -28.14 -6.55
N ILE P 76 10.92 -27.16 -7.29
CA ILE P 76 11.75 -26.42 -8.23
C ILE P 76 12.69 -25.47 -7.48
N TYR P 77 12.15 -24.75 -6.49
CA TYR P 77 12.94 -23.80 -5.73
C TYR P 77 14.15 -24.46 -5.08
N ASP P 78 13.92 -25.55 -4.33
CA ASP P 78 15.03 -26.20 -3.65
C ASP P 78 16.05 -26.75 -4.63
N THR P 79 15.62 -27.14 -5.83
CA THR P 79 16.57 -27.61 -6.83
C THR P 79 17.44 -26.48 -7.35
N MET P 80 16.84 -25.29 -7.56
CA MET P 80 17.63 -24.14 -8.03
C MET P 80 18.77 -23.81 -7.07
N GLN P 81 18.47 -23.78 -5.77
CA GLN P 81 19.47 -23.45 -4.76
C GLN P 81 20.42 -24.60 -4.49
N PHE P 82 19.97 -25.84 -4.72
CA PHE P 82 20.81 -26.98 -4.40
C PHE P 82 21.92 -27.19 -5.43
N ILE P 83 21.59 -27.08 -6.72
CA ILE P 83 22.58 -27.34 -7.75
C ILE P 83 23.60 -26.20 -7.76
N LYS P 84 24.83 -26.54 -8.14
CA LYS P 84 25.90 -25.53 -8.14
C LYS P 84 25.63 -24.41 -9.12
N PRO P 85 25.30 -24.67 -10.39
CA PRO P 85 25.15 -23.57 -11.35
C PRO P 85 24.15 -22.53 -10.90
N ASP P 86 24.42 -21.27 -11.25
CA ASP P 86 23.44 -20.22 -11.07
C ASP P 86 22.30 -20.42 -12.04
N VAL P 87 21.08 -20.24 -11.56
CA VAL P 87 19.88 -20.36 -12.39
C VAL P 87 19.37 -18.96 -12.65
N SER P 88 19.54 -18.49 -13.88
CA SER P 88 19.01 -17.21 -14.29
C SER P 88 17.56 -17.37 -14.71
N THR P 89 16.70 -16.47 -14.25
CA THR P 89 15.28 -16.51 -14.51
C THR P 89 14.89 -15.36 -15.42
N ILE P 90 14.07 -15.66 -16.43
CA ILE P 90 13.59 -14.69 -17.40
C ILE P 90 12.07 -14.80 -17.45
N CYS P 91 11.38 -13.69 -17.18
CA CYS P 91 9.93 -13.66 -17.17
C CYS P 91 9.43 -13.14 -18.52
N MET P 92 8.65 -13.96 -19.22
CA MET P 92 8.01 -13.57 -20.48
C MET P 92 6.51 -13.81 -20.35
N GLY P 93 5.72 -12.83 -20.79
CA GLY P 93 4.27 -12.92 -20.67
C GLY P 93 3.78 -12.51 -19.29
N GLN P 94 3.73 -13.46 -18.36
CA GLN P 94 3.37 -13.16 -16.99
C GLN P 94 3.99 -14.19 -16.07
N ALA P 95 4.10 -13.82 -14.79
CA ALA P 95 4.58 -14.71 -13.74
C ALA P 95 3.76 -14.40 -12.50
N ALA P 96 2.72 -15.20 -12.26
CA ALA P 96 1.83 -14.97 -11.13
C ALA P 96 2.09 -15.99 -10.03
N SER P 97 1.66 -15.69 -8.80
CA SER P 97 2.02 -16.48 -7.61
C SER P 97 3.30 -17.32 -7.67
N MET P 98 3.26 -18.61 -7.95
CA MET P 98 4.48 -19.41 -7.83
C MET P 98 5.46 -19.10 -8.95
N GLY P 99 4.94 -18.69 -10.10
CA GLY P 99 5.82 -18.22 -11.16
C GLY P 99 6.58 -16.99 -10.72
N ALA P 100 5.93 -16.11 -9.96
CA ALA P 100 6.61 -14.97 -9.38
C ALA P 100 7.59 -15.42 -8.28
N PHE P 101 7.21 -16.45 -7.52
CA PHE P 101 8.09 -16.96 -6.48
C PHE P 101 9.40 -17.50 -7.07
N LEU P 102 9.30 -18.31 -8.11
CA LEU P 102 10.50 -18.88 -8.73
C LEU P 102 11.28 -17.83 -9.50
N LEU P 103 10.61 -16.85 -10.09
CA LEU P 103 11.31 -15.78 -10.80
C LEU P 103 12.28 -15.05 -9.87
N THR P 104 11.80 -14.64 -8.70
CA THR P 104 12.62 -13.90 -7.76
C THR P 104 13.64 -14.77 -7.05
N ALA P 105 13.48 -16.09 -7.09
CA ALA P 105 14.45 -17.00 -6.50
C ALA P 105 15.67 -17.21 -7.38
N GLY P 106 15.70 -16.61 -8.56
CA GLY P 106 16.84 -16.74 -9.44
C GLY P 106 18.10 -16.14 -8.84
N ALA P 107 19.22 -16.47 -9.47
CA ALA P 107 20.51 -15.98 -9.01
C ALA P 107 20.52 -14.46 -8.96
N LYS P 108 21.18 -13.91 -7.94
CA LYS P 108 21.23 -12.47 -7.77
C LYS P 108 21.93 -11.85 -8.97
N GLY P 109 21.39 -10.73 -9.46
CA GLY P 109 21.93 -10.06 -10.62
C GLY P 109 21.57 -10.70 -11.94
N LYS P 110 20.88 -11.84 -11.93
CA LYS P 110 20.55 -12.56 -13.15
C LYS P 110 19.05 -12.85 -13.25
N ARG P 111 18.23 -12.04 -12.58
CA ARG P 111 16.78 -12.13 -12.69
C ARG P 111 16.30 -11.03 -13.63
N PHE P 112 15.46 -11.39 -14.59
CA PHE P 112 15.11 -10.47 -15.66
C PHE P 112 13.61 -10.53 -15.95
N CYS P 113 13.10 -9.39 -16.39
CA CYS P 113 11.77 -9.26 -16.98
C CYS P 113 11.92 -8.72 -18.39
N LEU P 114 11.03 -9.14 -19.28
CA LEU P 114 10.96 -8.53 -20.59
C LEU P 114 10.13 -7.26 -20.50
N PRO P 115 10.29 -6.34 -21.46
CA PRO P 115 9.77 -4.98 -21.24
C PRO P 115 8.30 -4.92 -20.84
N ASN P 116 7.46 -5.77 -21.41
CA ASN P 116 6.03 -5.77 -21.13
C ASN P 116 5.59 -7.02 -20.36
N SER P 117 6.50 -7.65 -19.61
CA SER P 117 6.10 -8.76 -18.78
C SER P 117 5.23 -8.24 -17.63
N ARG P 118 4.86 -9.14 -16.73
CA ARG P 118 3.81 -8.85 -15.75
C ARG P 118 3.94 -9.82 -14.60
N VAL P 119 4.08 -9.30 -13.38
CA VAL P 119 4.21 -10.12 -12.19
C VAL P 119 3.00 -9.84 -11.30
N MET P 120 2.41 -10.90 -10.76
CA MET P 120 1.31 -10.81 -9.82
C MET P 120 1.64 -11.66 -8.61
N ILE P 121 1.40 -11.12 -7.43
CA ILE P 121 1.67 -11.82 -6.19
C ILE P 121 0.43 -11.82 -5.31
N HIS P 122 0.28 -12.89 -4.53
CA HIS P 122 -0.80 -12.98 -3.55
C HIS P 122 -0.42 -14.04 -2.52
N GLN P 123 -1.25 -14.15 -1.49
CA GLN P 123 -0.99 -15.09 -0.41
C GLN P 123 -1.45 -16.49 -0.83
N PRO P 124 -1.08 -17.51 -0.05
CA PRO P 124 -1.49 -18.87 -0.39
C PRO P 124 -2.99 -19.06 -0.29
N LEU P 125 -3.51 -19.97 -1.12
CA LEU P 125 -4.88 -20.44 -1.05
C LEU P 125 -4.88 -21.92 -0.66
N GLY P 126 -6.01 -22.35 -0.14
CA GLY P 126 -6.14 -23.74 0.26
C GLY P 126 -7.57 -24.05 0.64
N GLY P 127 -7.76 -25.26 1.16
CA GLY P 127 -9.06 -25.71 1.62
C GLY P 127 -9.06 -27.13 2.13
N TYR P 128 -9.98 -27.44 3.04
CA TYR P 128 -10.05 -28.78 3.60
C TYR P 128 -11.45 -29.00 4.16
N GLN P 129 -11.91 -30.24 4.12
CA GLN P 129 -13.13 -30.67 4.76
C GLN P 129 -12.83 -31.79 5.75
N GLY P 130 -13.55 -31.81 6.86
CA GLY P 130 -13.43 -32.88 7.83
C GLY P 130 -13.84 -32.41 9.21
N GLN P 131 -13.45 -33.19 10.20
CA GLN P 131 -13.75 -32.85 11.58
C GLN P 131 -13.00 -31.59 11.99
N ALA P 132 -13.54 -30.90 12.99
CA ALA P 132 -12.91 -29.66 13.45
C ALA P 132 -11.47 -29.88 13.85
N THR P 133 -11.19 -31.02 14.50
CA THR P 133 -9.82 -31.31 14.91
C THR P 133 -8.88 -31.34 13.70
N ASP P 134 -9.29 -32.04 12.64
CA ASP P 134 -8.47 -32.07 11.43
C ASP P 134 -8.39 -30.70 10.75
N ILE P 135 -9.47 -29.91 10.83
CA ILE P 135 -9.44 -28.59 10.21
C ILE P 135 -8.36 -27.73 10.83
N GLU P 136 -8.23 -27.76 12.16
CA GLU P 136 -7.19 -26.96 12.81
C GLU P 136 -5.81 -27.41 12.38
N ILE P 137 -5.61 -28.72 12.19
CA ILE P 137 -4.29 -29.22 11.80
C ILE P 137 -3.90 -28.64 10.45
N HIS P 138 -4.82 -28.67 9.48
CA HIS P 138 -4.51 -28.15 8.15
C HIS P 138 -4.51 -26.63 8.13
N ALA P 139 -5.39 -25.99 8.90
CA ALA P 139 -5.36 -24.53 8.97
C ALA P 139 -4.06 -24.05 9.61
N ARG P 140 -3.58 -24.77 10.61
CA ARG P 140 -2.29 -24.42 11.20
C ARG P 140 -1.17 -24.56 10.19
N GLU P 141 -1.23 -25.62 9.36
CA GLU P 141 -0.15 -25.89 8.41
C GLU P 141 -0.12 -24.85 7.29
N ILE P 142 -1.27 -24.51 6.73
CA ILE P 142 -1.28 -23.54 5.63
C ILE P 142 -0.80 -22.18 6.11
N LEU P 143 -1.01 -21.87 7.40
CA LEU P 143 -0.44 -20.64 7.95
C LEU P 143 1.07 -20.76 8.11
N LYS P 144 1.59 -21.95 8.42
CA LYS P 144 3.03 -22.13 8.51
C LYS P 144 3.69 -21.89 7.16
N VAL P 145 3.16 -22.50 6.09
CA VAL P 145 3.77 -22.33 4.77
C VAL P 145 3.77 -20.85 4.39
N LYS P 146 2.63 -20.19 4.58
CA LYS P 146 2.55 -18.75 4.31
C LYS P 146 3.69 -18.01 5.02
N GLY P 147 3.98 -18.42 6.25
CA GLY P 147 5.08 -17.78 6.97
C GLY P 147 6.42 -18.03 6.32
N ARG P 148 6.70 -19.28 5.96
CA ARG P 148 7.95 -19.60 5.28
C ARG P 148 8.00 -18.98 3.90
N MET P 149 6.85 -18.86 3.23
CA MET P 149 6.84 -18.29 1.89
C MET P 149 7.10 -16.78 1.93
N ASN P 150 6.45 -16.07 2.85
CA ASN P 150 6.73 -14.64 2.99
C ASN P 150 8.16 -14.40 3.44
N GLU P 151 8.69 -15.27 4.31
CA GLU P 151 10.07 -15.15 4.74
C GLU P 151 11.01 -15.23 3.55
N LEU P 152 10.82 -16.23 2.69
CA LEU P 152 11.69 -16.38 1.52
C LEU P 152 11.54 -15.19 0.58
N MET P 153 10.31 -14.69 0.39
CA MET P 153 10.11 -13.49 -0.41
C MET P 153 10.92 -12.33 0.14
N ALA P 154 10.90 -12.15 1.46
CA ALA P 154 11.66 -11.07 2.08
C ALA P 154 13.16 -11.23 1.84
N LEU P 155 13.64 -12.49 1.85
CA LEU P 155 15.07 -12.71 1.65
C LEU P 155 15.47 -12.37 0.22
N HIS P 156 14.70 -12.81 -0.76
CA HIS P 156 15.09 -12.67 -2.16
C HIS P 156 14.80 -11.27 -2.70
N THR P 157 13.77 -10.60 -2.20
CA THR P 157 13.41 -9.28 -2.71
C THR P 157 14.11 -8.15 -1.98
N GLY P 158 14.55 -8.38 -0.74
CA GLY P 158 15.09 -7.33 0.09
C GLY P 158 14.05 -6.56 0.87
N GLN P 159 12.77 -6.79 0.62
CA GLN P 159 11.72 -6.18 1.41
C GLN P 159 11.72 -6.76 2.82
N SER P 160 11.07 -6.05 3.74
CA SER P 160 10.88 -6.57 5.09
C SER P 160 9.76 -7.60 5.09
N LEU P 161 9.82 -8.53 6.05
CA LEU P 161 8.76 -9.53 6.17
C LEU P 161 7.41 -8.87 6.43
N GLU P 162 7.38 -7.81 7.25
CA GLU P 162 6.14 -7.06 7.44
C GLU P 162 5.62 -6.54 6.10
N GLN P 163 6.52 -6.22 5.17
CA GLN P 163 6.10 -5.65 3.89
C GLN P 163 5.53 -6.71 2.97
N ILE P 164 6.19 -7.87 2.87
CA ILE P 164 5.65 -8.96 2.06
C ILE P 164 4.28 -9.35 2.56
N GLU P 165 4.07 -9.32 3.89
CA GLU P 165 2.78 -9.66 4.46
C GLU P 165 1.70 -8.71 3.96
N ARG P 166 2.01 -7.42 3.87
CA ARG P 166 1.01 -6.42 3.50
C ARG P 166 0.69 -6.45 2.01
N ASP P 167 1.70 -6.63 1.16
CA ASP P 167 1.48 -6.56 -0.28
C ASP P 167 0.89 -7.84 -0.86
N THR P 168 0.91 -8.95 -0.12
CA THR P 168 0.37 -10.21 -0.63
C THR P 168 -0.98 -10.58 -0.03
N GLU P 169 -1.50 -9.80 0.92
CA GLU P 169 -2.81 -10.10 1.47
C GLU P 169 -3.87 -10.15 0.37
N ARG P 170 -3.76 -9.28 -0.63
CA ARG P 170 -4.65 -9.29 -1.77
C ARG P 170 -3.80 -9.22 -3.03
N ASP P 171 -4.35 -9.68 -4.14
CA ASP P 171 -3.63 -9.67 -5.41
C ASP P 171 -3.00 -8.31 -5.67
N ARG P 172 -1.73 -8.32 -6.08
CA ARG P 172 -1.02 -7.09 -6.45
C ARG P 172 -0.30 -7.33 -7.76
N PHE P 173 -0.66 -6.58 -8.80
CA PHE P 173 0.00 -6.66 -10.09
C PHE P 173 1.15 -5.69 -10.13
N LEU P 174 2.27 -6.11 -10.73
CA LEU P 174 3.44 -5.27 -10.87
C LEU P 174 3.93 -5.33 -12.31
N SER P 175 4.19 -4.15 -12.88
CA SER P 175 4.77 -4.07 -14.21
C SER P 175 6.26 -4.43 -14.17
N ALA P 176 6.85 -4.55 -15.36
CA ALA P 176 8.28 -4.84 -15.44
C ALA P 176 9.13 -3.82 -14.69
N PRO P 177 8.95 -2.51 -14.91
CA PRO P 177 9.72 -1.55 -14.10
C PRO P 177 9.36 -1.60 -12.63
N GLU P 178 8.10 -1.89 -12.30
CA GLU P 178 7.72 -2.03 -10.90
C GLU P 178 8.39 -3.24 -10.26
N ALA P 179 8.71 -4.27 -11.05
CA ALA P 179 9.30 -5.48 -10.51
C ALA P 179 10.75 -5.29 -10.10
N VAL P 180 11.48 -4.38 -10.75
CA VAL P 180 12.85 -4.12 -10.32
C VAL P 180 12.86 -3.32 -9.04
N GLU P 181 11.99 -2.31 -8.94
CA GLU P 181 11.93 -1.47 -7.75
C GLU P 181 11.55 -2.29 -6.52
N TYR P 182 10.65 -3.25 -6.68
CA TYR P 182 10.22 -4.08 -5.57
C TYR P 182 11.28 -5.08 -5.16
N GLY P 183 12.21 -5.43 -6.06
CA GLY P 183 13.25 -6.38 -5.77
C GLY P 183 13.02 -7.76 -6.34
N LEU P 184 11.91 -7.96 -7.07
CA LEU P 184 11.62 -9.27 -7.64
C LEU P 184 12.63 -9.65 -8.71
N VAL P 185 13.08 -8.68 -9.50
CA VAL P 185 14.01 -8.93 -10.60
C VAL P 185 15.11 -7.87 -10.56
N ASP P 186 16.19 -8.16 -11.26
CA ASP P 186 17.37 -7.30 -11.23
C ASP P 186 17.34 -6.21 -12.30
N SER P 187 16.90 -6.55 -13.51
CA SER P 187 16.85 -5.58 -14.60
C SER P 187 15.82 -6.06 -15.61
N ILE P 188 15.68 -5.30 -16.70
CA ILE P 188 14.74 -5.61 -17.76
C ILE P 188 15.54 -5.89 -19.03
N LEU P 189 15.21 -6.99 -19.69
CA LEU P 189 15.80 -7.33 -20.99
C LEU P 189 15.07 -6.54 -22.07
N THR P 190 15.80 -5.74 -22.83
CA THR P 190 15.19 -4.94 -23.87
C THR P 190 15.69 -5.26 -25.27
N HIS P 191 16.96 -5.64 -25.43
CA HIS P 191 17.52 -5.95 -26.73
C HIS P 191 18.87 -6.63 -26.52
N ARG P 192 19.46 -7.08 -27.63
CA ARG P 192 20.83 -7.58 -27.62
C ARG P 192 21.42 -7.49 -29.03
N VAL Q 3 8.02 -34.24 -22.11
CA VAL Q 3 9.09 -35.16 -22.45
C VAL Q 3 9.99 -34.57 -23.53
N PRO Q 4 11.20 -34.12 -23.14
CA PRO Q 4 12.17 -33.69 -24.16
C PRO Q 4 12.78 -34.87 -24.89
N MET Q 5 12.16 -35.27 -26.00
CA MET Q 5 12.60 -36.47 -26.71
C MET Q 5 13.79 -36.17 -27.61
N VAL Q 6 14.67 -37.17 -27.75
CA VAL Q 6 15.77 -37.14 -28.70
C VAL Q 6 15.84 -38.54 -29.30
N ILE Q 7 15.45 -38.67 -30.57
CA ILE Q 7 15.29 -39.98 -31.19
C ILE Q 7 16.65 -40.46 -31.69
N GLU Q 8 17.03 -41.67 -31.33
CA GLU Q 8 18.28 -42.27 -31.77
C GLU Q 8 18.04 -43.06 -33.06
N PHE Q 17 13.87 -41.11 -26.64
CA PHE Q 17 14.71 -41.01 -25.45
C PHE Q 17 14.43 -39.68 -24.74
N ASP Q 18 13.71 -39.77 -23.63
CA ASP Q 18 13.30 -38.60 -22.86
C ASP Q 18 14.31 -38.32 -21.74
N ILE Q 19 14.10 -37.18 -21.06
CA ILE Q 19 14.99 -36.78 -19.99
C ILE Q 19 14.98 -37.79 -18.86
N TYR Q 20 13.81 -38.33 -18.52
CA TYR Q 20 13.74 -39.32 -17.44
C TYR Q 20 14.55 -40.56 -17.77
N SER Q 21 14.69 -40.90 -19.05
CA SER Q 21 15.55 -42.02 -19.43
C SER Q 21 17.02 -41.64 -19.34
N ARG Q 22 17.33 -40.34 -19.48
CA ARG Q 22 18.71 -39.89 -19.36
C ARG Q 22 19.22 -40.04 -17.93
N LEU Q 23 18.44 -39.55 -16.96
CA LEU Q 23 18.80 -39.67 -15.56
C LEU Q 23 18.79 -41.10 -15.06
N LEU Q 24 18.18 -42.01 -15.81
CA LEU Q 24 18.18 -43.42 -15.42
C LEU Q 24 19.57 -44.03 -15.56
N LYS Q 25 20.32 -43.62 -16.59
CA LYS Q 25 21.69 -44.10 -16.73
C LYS Q 25 22.58 -43.62 -15.59
N GLU Q 26 22.17 -42.57 -14.88
CA GLU Q 26 22.86 -42.12 -13.68
C GLU Q 26 22.24 -42.68 -12.41
N ARG Q 27 21.36 -43.66 -12.53
CA ARG Q 27 20.78 -44.37 -11.38
C ARG Q 27 19.85 -43.46 -10.57
N VAL Q 28 19.04 -42.68 -11.27
CA VAL Q 28 18.09 -41.77 -10.65
C VAL Q 28 16.69 -42.19 -11.08
N ILE Q 29 15.83 -42.46 -10.09
CA ILE Q 29 14.44 -42.84 -10.31
C ILE Q 29 13.55 -41.78 -9.69
N PHE Q 30 12.43 -41.50 -10.34
CA PHE Q 30 11.50 -40.47 -9.89
C PHE Q 30 10.17 -41.13 -9.54
N LEU Q 31 9.73 -40.94 -8.30
CA LEU Q 31 8.43 -41.41 -7.82
C LEU Q 31 7.57 -40.16 -7.68
N THR Q 32 6.65 -39.95 -8.62
CA THR Q 32 5.89 -38.73 -8.71
C THR Q 32 4.39 -39.02 -8.79
N GLY Q 33 3.61 -38.19 -8.11
CA GLY Q 33 2.17 -38.29 -8.16
C GLY Q 33 1.62 -39.36 -7.25
N GLN Q 34 0.38 -39.76 -7.53
CA GLN Q 34 -0.28 -40.78 -6.74
C GLN Q 34 0.39 -42.13 -7.00
N VAL Q 35 0.63 -42.88 -5.93
CA VAL Q 35 1.22 -44.21 -6.06
C VAL Q 35 0.10 -45.21 -6.30
N GLU Q 36 0.29 -46.05 -7.31
CA GLU Q 36 -0.72 -47.04 -7.71
C GLU Q 36 -0.01 -48.16 -8.46
N ASP Q 37 -0.75 -49.23 -8.71
CA ASP Q 37 -0.14 -50.47 -9.21
C ASP Q 37 0.73 -50.23 -10.44
N HIS Q 38 0.26 -49.39 -11.37
CA HIS Q 38 0.95 -49.28 -12.65
C HIS Q 38 2.21 -48.42 -12.54
N MET Q 39 2.10 -47.23 -11.96
CA MET Q 39 3.28 -46.39 -11.78
C MET Q 39 4.30 -47.04 -10.86
N ALA Q 40 3.84 -47.85 -9.90
CA ALA Q 40 4.78 -48.51 -8.99
C ALA Q 40 5.57 -49.60 -9.69
N ASN Q 41 4.91 -50.41 -10.51
CA ASN Q 41 5.63 -51.44 -11.25
C ASN Q 41 6.72 -50.83 -12.12
N LEU Q 42 6.50 -49.64 -12.67
CA LEU Q 42 7.56 -48.99 -13.42
C LEU Q 42 8.75 -48.70 -12.52
N ILE Q 43 8.47 -48.30 -11.28
CA ILE Q 43 9.55 -48.05 -10.31
C ILE Q 43 10.23 -49.35 -9.94
N VAL Q 44 9.45 -50.42 -9.70
CA VAL Q 44 10.05 -51.72 -9.43
C VAL Q 44 10.87 -52.18 -10.62
N ALA Q 45 10.34 -52.00 -11.83
CA ALA Q 45 11.07 -52.39 -13.03
C ALA Q 45 12.40 -51.66 -13.14
N GLN Q 46 12.40 -50.36 -12.82
CA GLN Q 46 13.63 -49.60 -12.89
C GLN Q 46 14.64 -50.08 -11.85
N MET Q 47 14.18 -50.37 -10.64
CA MET Q 47 15.10 -50.85 -9.60
C MET Q 47 15.67 -52.22 -9.97
N LEU Q 48 14.82 -53.14 -10.45
CA LEU Q 48 15.33 -54.45 -10.85
C LEU Q 48 16.30 -54.32 -12.01
N PHE Q 49 16.04 -53.40 -12.93
CA PHE Q 49 16.94 -53.19 -14.06
C PHE Q 49 18.28 -52.63 -13.60
N LEU Q 50 18.25 -51.61 -12.73
CA LEU Q 50 19.50 -51.00 -12.28
C LEU Q 50 20.33 -52.00 -11.47
N GLU Q 51 19.67 -52.85 -10.68
CA GLU Q 51 20.41 -53.89 -9.96
C GLU Q 51 21.18 -54.76 -10.94
N ALA Q 52 20.56 -55.13 -12.07
CA ALA Q 52 21.22 -55.97 -13.05
C ALA Q 52 22.40 -55.25 -13.70
N GLU Q 53 22.24 -53.95 -13.95
CA GLU Q 53 23.33 -53.19 -14.56
C GLU Q 53 24.52 -53.10 -13.61
N ASN Q 54 24.27 -52.98 -12.32
CA ASN Q 54 25.33 -52.90 -11.33
C ASN Q 54 24.77 -53.16 -9.94
N PRO Q 55 24.99 -54.34 -9.36
CA PRO Q 55 24.41 -54.62 -8.03
C PRO Q 55 25.06 -53.83 -6.91
N GLU Q 56 26.23 -53.23 -7.14
CA GLU Q 56 26.97 -52.54 -6.09
C GLU Q 56 26.57 -51.06 -5.97
N LYS Q 57 26.35 -50.40 -7.10
CA LYS Q 57 26.11 -48.96 -7.09
C LYS Q 57 24.77 -48.62 -6.46
N ASP Q 58 24.75 -47.53 -5.71
CA ASP Q 58 23.52 -47.11 -5.04
C ASP Q 58 22.51 -46.62 -6.06
N ILE Q 59 21.24 -46.58 -5.64
CA ILE Q 59 20.15 -46.04 -6.44
C ILE Q 59 19.56 -44.85 -5.70
N TYR Q 60 19.14 -43.84 -6.47
CA TYR Q 60 18.60 -42.60 -5.93
C TYR Q 60 17.14 -42.48 -6.34
N LEU Q 61 16.26 -42.37 -5.35
CA LEU Q 61 14.82 -42.30 -5.57
C LEU Q 61 14.32 -40.95 -5.08
N TYR Q 62 14.00 -40.05 -6.01
CA TYR Q 62 13.38 -38.78 -5.67
C TYR Q 62 11.88 -39.00 -5.44
N ILE Q 63 11.35 -38.35 -4.41
CA ILE Q 63 9.98 -38.58 -3.97
C ILE Q 63 9.26 -37.24 -3.88
N ASN Q 64 8.21 -37.07 -4.68
CA ASN Q 64 7.29 -35.93 -4.56
C ASN Q 64 5.89 -36.51 -4.82
N SER Q 65 5.20 -36.90 -3.75
CA SER Q 65 3.95 -37.61 -3.88
C SER Q 65 2.99 -37.25 -2.77
N PRO Q 66 1.69 -37.11 -3.07
CA PRO Q 66 0.71 -36.89 -2.01
C PRO Q 66 0.10 -38.15 -1.42
N GLY Q 67 0.57 -39.33 -1.81
CA GLY Q 67 0.09 -40.58 -1.27
C GLY Q 67 -0.41 -41.51 -2.36
N GLY Q 68 -0.98 -42.63 -1.92
CA GLY Q 68 -1.52 -43.61 -2.86
C GLY Q 68 -1.87 -44.91 -2.16
N VAL Q 69 -1.96 -45.96 -2.96
CA VAL Q 69 -2.37 -47.28 -2.46
C VAL Q 69 -1.22 -47.92 -1.71
N ILE Q 70 -1.55 -48.63 -0.62
CA ILE Q 70 -0.52 -49.26 0.20
C ILE Q 70 0.11 -50.44 -0.54
N THR Q 71 -0.72 -51.36 -1.04
CA THR Q 71 -0.18 -52.54 -1.73
C THR Q 71 0.79 -52.12 -2.82
N ALA Q 72 0.44 -51.10 -3.60
CA ALA Q 72 1.35 -50.60 -4.62
C ALA Q 72 2.63 -50.07 -4.00
N GLY Q 73 2.50 -49.30 -2.91
CA GLY Q 73 3.68 -48.78 -2.25
C GLY Q 73 4.55 -49.87 -1.64
N MET Q 74 3.92 -50.93 -1.13
CA MET Q 74 4.70 -51.99 -0.50
C MET Q 74 5.42 -52.84 -1.54
N SER Q 75 4.91 -52.89 -2.77
CA SER Q 75 5.65 -53.56 -3.84
C SER Q 75 6.96 -52.83 -4.11
N ILE Q 76 6.97 -51.50 -3.92
CA ILE Q 76 8.21 -50.75 -4.03
C ILE Q 76 9.09 -50.99 -2.81
N TYR Q 77 8.48 -50.93 -1.62
CA TYR Q 77 9.25 -51.12 -0.39
C TYR Q 77 9.98 -52.46 -0.40
N ASP Q 78 9.26 -53.54 -0.67
CA ASP Q 78 9.89 -54.85 -0.65
C ASP Q 78 11.00 -54.97 -1.69
N THR Q 79 10.85 -54.28 -2.83
CA THR Q 79 11.92 -54.30 -3.83
C THR Q 79 13.13 -53.50 -3.36
N MET Q 80 12.89 -52.33 -2.75
CA MET Q 80 14.01 -51.55 -2.21
C MET Q 80 14.82 -52.37 -1.21
N GLN Q 81 14.13 -53.09 -0.32
CA GLN Q 81 14.81 -53.85 0.71
C GLN Q 81 15.44 -55.13 0.14
N PHE Q 82 14.90 -55.64 -0.95
CA PHE Q 82 15.31 -56.94 -1.48
C PHE Q 82 16.57 -56.85 -2.34
N ILE Q 83 16.70 -55.80 -3.14
CA ILE Q 83 17.83 -55.70 -4.07
C ILE Q 83 19.11 -55.39 -3.30
N LYS Q 84 20.24 -55.82 -3.88
CA LYS Q 84 21.53 -55.58 -3.26
C LYS Q 84 21.82 -54.09 -3.08
N PRO Q 85 21.64 -53.24 -4.09
CA PRO Q 85 22.03 -51.83 -3.94
C PRO Q 85 21.26 -51.12 -2.84
N ASP Q 86 21.95 -50.23 -2.14
CA ASP Q 86 21.29 -49.30 -1.23
C ASP Q 86 20.47 -48.31 -2.05
N VAL Q 87 19.28 -47.97 -1.56
CA VAL Q 87 18.39 -47.03 -2.22
C VAL Q 87 18.36 -45.75 -1.40
N SER Q 88 19.02 -44.71 -1.89
CA SER Q 88 18.96 -43.40 -1.27
C SER Q 88 17.68 -42.69 -1.69
N THR Q 89 16.94 -42.13 -0.72
CA THR Q 89 15.67 -41.50 -1.00
C THR Q 89 15.71 -40.01 -0.66
N ILE Q 90 15.35 -39.18 -1.62
CA ILE Q 90 15.39 -37.73 -1.51
C ILE Q 90 13.98 -37.19 -1.70
N CYS Q 91 13.53 -36.40 -0.74
CA CYS Q 91 12.20 -35.80 -0.75
C CYS Q 91 12.29 -34.36 -1.27
N MET Q 92 11.60 -34.08 -2.37
CA MET Q 92 11.47 -32.75 -2.93
C MET Q 92 9.99 -32.40 -3.03
N GLY Q 93 9.62 -31.20 -2.60
CA GLY Q 93 8.23 -30.80 -2.57
C GLY Q 93 7.50 -31.29 -1.33
N GLN Q 94 6.96 -32.50 -1.39
CA GLN Q 94 6.28 -33.07 -0.23
C GLN Q 94 6.39 -34.59 -0.31
N ALA Q 95 6.16 -35.23 0.84
CA ALA Q 95 6.12 -36.69 0.93
C ALA Q 95 5.02 -37.06 1.91
N ALA Q 96 3.84 -37.37 1.39
CA ALA Q 96 2.69 -37.71 2.23
C ALA Q 96 2.36 -39.19 2.14
N SER Q 97 1.28 -39.63 2.78
CA SER Q 97 0.99 -41.05 3.03
C SER Q 97 2.14 -42.09 2.68
N MET Q 98 1.98 -42.90 1.65
CA MET Q 98 2.96 -43.91 1.29
C MET Q 98 4.27 -43.29 0.80
N GLY Q 99 4.19 -42.04 0.31
CA GLY Q 99 5.39 -41.35 -0.09
C GLY Q 99 6.32 -41.08 1.07
N ALA Q 100 5.76 -40.78 2.24
CA ALA Q 100 6.56 -40.62 3.45
C ALA Q 100 7.08 -41.98 3.93
N PHE Q 101 6.29 -43.03 3.74
CA PHE Q 101 6.71 -44.36 4.17
C PHE Q 101 7.92 -44.83 3.37
N LEU Q 102 7.87 -44.69 2.04
CA LEU Q 102 8.98 -45.12 1.20
C LEU Q 102 10.22 -44.25 1.38
N LEU Q 103 10.02 -43.01 1.78
CA LEU Q 103 11.12 -42.10 2.01
C LEU Q 103 12.07 -42.60 3.03
N THR Q 104 11.51 -43.11 4.08
CA THR Q 104 12.26 -43.61 5.22
C THR Q 104 12.74 -45.04 5.04
N ALA Q 105 12.22 -45.76 4.05
CA ALA Q 105 12.69 -47.11 3.78
C ALA Q 105 14.03 -47.10 3.05
N GLY Q 106 14.57 -45.93 2.74
CA GLY Q 106 15.87 -45.83 2.12
C GLY Q 106 16.96 -46.29 3.08
N ALA Q 107 18.14 -46.50 2.51
CA ALA Q 107 19.27 -46.96 3.30
C ALA Q 107 19.52 -46.00 4.46
N LYS Q 108 19.87 -46.56 5.61
CA LYS Q 108 20.18 -45.72 6.76
C LYS Q 108 21.39 -44.86 6.45
N GLY Q 109 21.29 -43.57 6.75
CA GLY Q 109 22.33 -42.63 6.43
C GLY Q 109 22.20 -41.97 5.07
N LYS Q 110 21.27 -42.41 4.23
CA LYS Q 110 21.14 -41.91 2.86
C LYS Q 110 19.70 -41.49 2.57
N ARG Q 111 18.95 -41.11 3.60
CA ARG Q 111 17.62 -40.54 3.46
C ARG Q 111 17.72 -39.04 3.64
N PHE Q 112 17.07 -38.28 2.76
CA PHE Q 112 17.28 -36.84 2.72
C PHE Q 112 15.98 -36.08 2.50
N CYS Q 113 15.95 -34.86 3.03
CA CYS Q 113 14.93 -33.88 2.72
C CYS Q 113 15.61 -32.63 2.15
N LEU Q 114 14.92 -31.96 1.25
CA LEU Q 114 15.37 -30.65 0.80
C LEU Q 114 14.89 -29.59 1.79
N PRO Q 115 15.51 -28.41 1.78
CA PRO Q 115 15.27 -27.46 2.89
C PRO Q 115 13.80 -27.12 3.11
N ASN Q 116 13.01 -26.97 2.05
CA ASN Q 116 11.60 -26.60 2.19
C ASN Q 116 10.65 -27.71 1.79
N SER Q 117 11.09 -28.97 1.81
CA SER Q 117 10.18 -30.08 1.64
C SER Q 117 9.34 -30.24 2.91
N ARG Q 118 8.22 -30.97 2.78
CA ARG Q 118 7.33 -31.20 3.92
C ARG Q 118 6.85 -32.64 3.87
N VAL Q 119 6.78 -33.27 5.04
CA VAL Q 119 6.37 -34.65 5.18
C VAL Q 119 5.10 -34.70 6.04
N MET Q 120 4.15 -35.52 5.63
CA MET Q 120 2.91 -35.71 6.38
C MET Q 120 2.65 -37.19 6.53
N ILE Q 121 2.32 -37.61 7.76
CA ILE Q 121 2.05 -38.99 8.09
C ILE Q 121 0.64 -39.09 8.67
N HIS Q 122 0.00 -40.24 8.44
CA HIS Q 122 -1.32 -40.51 9.00
C HIS Q 122 -1.59 -42.00 8.86
N GLN Q 123 -2.62 -42.46 9.56
CA GLN Q 123 -2.97 -43.87 9.59
C GLN Q 123 -3.63 -44.29 8.28
N PRO Q 124 -3.78 -45.60 8.05
CA PRO Q 124 -4.37 -46.06 6.80
C PRO Q 124 -5.84 -45.66 6.69
N LEU Q 125 -6.28 -45.52 5.45
CA LEU Q 125 -7.67 -45.29 5.13
C LEU Q 125 -8.18 -46.45 4.28
N GLY Q 126 -9.50 -46.63 4.30
CA GLY Q 126 -10.09 -47.70 3.53
C GLY Q 126 -11.60 -47.61 3.53
N GLY Q 127 -12.22 -48.67 3.06
CA GLY Q 127 -13.67 -48.72 3.02
C GLY Q 127 -14.19 -50.00 2.41
N TYR Q 128 -15.40 -50.40 2.81
CA TYR Q 128 -16.00 -51.62 2.27
C TYR Q 128 -17.50 -51.50 2.40
N GLN Q 129 -18.20 -52.14 1.44
CA GLN Q 129 -19.65 -52.28 1.49
C GLN Q 129 -20.00 -53.76 1.39
N GLY Q 130 -20.96 -54.20 2.18
CA GLY Q 130 -21.41 -55.57 2.08
C GLY Q 130 -22.01 -56.05 3.39
N GLN Q 131 -22.11 -57.37 3.49
CA GLN Q 131 -22.68 -58.00 4.68
C GLN Q 131 -21.79 -57.75 5.89
N ALA Q 132 -22.43 -57.72 7.06
CA ALA Q 132 -21.68 -57.46 8.29
C ALA Q 132 -20.53 -58.43 8.45
N THR Q 133 -20.72 -59.70 8.06
CA THR Q 133 -19.63 -60.67 8.15
C THR Q 133 -18.45 -60.24 7.31
N ASP Q 134 -18.69 -59.86 6.05
CA ASP Q 134 -17.60 -59.37 5.22
C ASP Q 134 -17.00 -58.09 5.79
N ILE Q 135 -17.83 -57.25 6.40
CA ILE Q 135 -17.32 -56.02 7.02
C ILE Q 135 -16.31 -56.36 8.10
N GLU Q 136 -16.62 -57.34 8.94
CA GLU Q 136 -15.68 -57.74 9.99
C GLU Q 136 -14.37 -58.23 9.40
N ILE Q 137 -14.43 -58.95 8.28
CA ILE Q 137 -13.20 -59.46 7.67
C ILE Q 137 -12.34 -58.32 7.17
N HIS Q 138 -12.94 -57.39 6.43
CA HIS Q 138 -12.15 -56.30 5.86
C HIS Q 138 -11.76 -55.29 6.93
N ALA Q 139 -12.64 -55.06 7.91
CA ALA Q 139 -12.26 -54.19 9.02
C ALA Q 139 -11.13 -54.82 9.81
N ARG Q 140 -11.09 -56.15 9.91
CA ARG Q 140 -10.03 -56.82 10.66
C ARG Q 140 -8.72 -56.81 9.89
N GLU Q 141 -8.78 -56.82 8.55
CA GLU Q 141 -7.56 -56.85 7.76
C GLU Q 141 -6.86 -55.50 7.80
N ILE Q 142 -7.60 -54.41 7.61
CA ILE Q 142 -6.99 -53.09 7.61
C ILE Q 142 -6.37 -52.79 8.96
N LEU Q 143 -6.91 -53.38 10.03
CA LEU Q 143 -6.29 -53.23 11.34
C LEU Q 143 -4.98 -54.02 11.40
N LYS Q 144 -4.93 -55.15 10.72
CA LYS Q 144 -3.67 -55.86 10.57
C LYS Q 144 -2.64 -55.02 9.83
N VAL Q 145 -3.08 -54.41 8.71
CA VAL Q 145 -2.19 -53.55 7.92
C VAL Q 145 -1.69 -52.38 8.75
N LYS Q 146 -2.59 -51.68 9.44
CA LYS Q 146 -2.19 -50.60 10.31
C LYS Q 146 -1.14 -51.07 11.31
N GLY Q 147 -1.30 -52.28 11.84
CA GLY Q 147 -0.36 -52.80 12.81
C GLY Q 147 1.04 -52.99 12.22
N ARG Q 148 1.10 -53.60 11.03
CA ARG Q 148 2.41 -53.81 10.41
C ARG Q 148 3.02 -52.49 9.96
N MET Q 149 2.21 -51.60 9.39
CA MET Q 149 2.74 -50.31 8.93
C MET Q 149 3.33 -49.52 10.10
N ASN Q 150 2.64 -49.50 11.24
CA ASN Q 150 3.18 -48.80 12.41
C ASN Q 150 4.48 -49.43 12.88
N GLU Q 151 4.56 -50.76 12.87
CA GLU Q 151 5.79 -51.44 13.27
C GLU Q 151 6.94 -51.08 12.34
N LEU Q 152 6.72 -51.14 11.02
CA LEU Q 152 7.78 -50.83 10.08
C LEU Q 152 8.25 -49.39 10.23
N MET Q 153 7.33 -48.46 10.54
CA MET Q 153 7.73 -47.08 10.78
C MET Q 153 8.62 -46.98 12.00
N ALA Q 154 8.24 -47.66 13.08
CA ALA Q 154 9.08 -47.65 14.28
C ALA Q 154 10.46 -48.21 13.99
N LEU Q 155 10.55 -49.19 13.10
CA LEU Q 155 11.84 -49.81 12.79
C LEU Q 155 12.77 -48.83 12.10
N HIS Q 156 12.28 -48.11 11.10
CA HIS Q 156 13.13 -47.25 10.28
C HIS Q 156 13.39 -45.89 10.93
N THR Q 157 12.50 -45.43 11.80
CA THR Q 157 12.67 -44.13 12.44
C THR Q 157 13.36 -44.22 13.80
N GLY Q 158 13.36 -45.39 14.43
CA GLY Q 158 13.84 -45.54 15.79
C GLY Q 158 12.83 -45.18 16.86
N GLN Q 159 11.66 -44.66 16.49
CA GLN Q 159 10.63 -44.38 17.46
C GLN Q 159 10.00 -45.67 17.97
N SER Q 160 9.37 -45.57 19.14
CA SER Q 160 8.66 -46.70 19.70
C SER Q 160 7.38 -46.97 18.91
N LEU Q 161 6.88 -48.19 19.03
CA LEU Q 161 5.62 -48.53 18.37
C LEU Q 161 4.50 -47.65 18.89
N GLU Q 162 4.52 -47.34 20.20
CA GLU Q 162 3.45 -46.55 20.79
C GLU Q 162 3.52 -45.10 20.34
N GLN Q 163 4.74 -44.56 20.18
CA GLN Q 163 4.87 -43.19 19.70
C GLN Q 163 4.30 -43.06 18.28
N ILE Q 164 4.59 -44.02 17.41
CA ILE Q 164 4.05 -44.00 16.06
C ILE Q 164 2.51 -43.98 16.12
N GLU Q 165 1.94 -44.77 17.04
CA GLU Q 165 0.48 -44.82 17.14
C GLU Q 165 -0.09 -43.45 17.50
N ARG Q 166 0.52 -42.75 18.45
CA ARG Q 166 0.02 -41.44 18.84
C ARG Q 166 0.06 -40.47 17.65
N ASP Q 167 1.16 -40.46 16.94
CA ASP Q 167 1.32 -39.50 15.89
C ASP Q 167 0.63 -39.74 14.58
N THR Q 168 0.15 -40.96 14.36
CA THR Q 168 -0.53 -41.29 13.11
C THR Q 168 -2.05 -41.37 13.26
N GLU Q 169 -2.59 -41.28 14.48
CA GLU Q 169 -4.04 -41.28 14.63
C GLU Q 169 -4.68 -40.17 13.81
N ARG Q 170 -4.01 -39.02 13.71
CA ARG Q 170 -4.46 -37.91 12.90
C ARG Q 170 -3.31 -37.37 12.06
N ASP Q 171 -3.67 -36.70 10.98
CA ASP Q 171 -2.69 -36.11 10.09
C ASP Q 171 -1.71 -35.26 10.89
N ARG Q 172 -0.42 -35.45 10.62
CA ARG Q 172 0.63 -34.69 11.29
C ARG Q 172 1.68 -34.30 10.26
N PHE Q 173 1.91 -32.98 10.13
CA PHE Q 173 2.86 -32.45 9.17
C PHE Q 173 4.22 -32.25 9.84
N LEU Q 174 5.29 -32.59 9.11
CA LEU Q 174 6.66 -32.42 9.59
C LEU Q 174 7.48 -31.68 8.57
N SER Q 175 8.19 -30.66 9.04
CA SER Q 175 9.13 -29.95 8.20
C SER Q 175 10.40 -30.78 8.00
N ALA Q 176 11.27 -30.31 7.10
CA ALA Q 176 12.54 -30.98 6.86
C ALA Q 176 13.35 -31.13 8.14
N PRO Q 177 13.60 -30.06 8.91
CA PRO Q 177 14.34 -30.26 10.18
C PRO Q 177 13.58 -31.12 11.17
N GLU Q 178 12.25 -31.00 11.22
CA GLU Q 178 11.47 -31.86 12.10
C GLU Q 178 11.58 -33.32 11.67
N ALA Q 179 11.67 -33.58 10.37
CA ALA Q 179 11.80 -34.94 9.87
C ALA Q 179 13.17 -35.53 10.20
N VAL Q 180 14.19 -34.69 10.34
CA VAL Q 180 15.52 -35.19 10.71
C VAL Q 180 15.52 -35.64 12.16
N GLU Q 181 15.09 -34.75 13.07
CA GLU Q 181 15.09 -35.09 14.49
C GLU Q 181 14.23 -36.32 14.76
N TYR Q 182 13.07 -36.42 14.13
CA TYR Q 182 12.19 -37.52 14.41
C TYR Q 182 12.67 -38.83 13.85
N GLY Q 183 13.56 -38.80 12.88
CA GLY Q 183 14.15 -40.00 12.35
C GLY Q 183 13.67 -40.42 11.00
N LEU Q 184 12.77 -39.66 10.39
CA LEU Q 184 12.28 -40.01 9.06
C LEU Q 184 13.41 -39.95 8.03
N VAL Q 185 14.31 -38.97 8.18
CA VAL Q 185 15.40 -38.73 7.23
C VAL Q 185 16.67 -38.49 8.05
N ASP Q 186 17.82 -38.66 7.39
CA ASP Q 186 19.10 -38.60 8.08
C ASP Q 186 19.67 -37.18 8.10
N SER Q 187 19.54 -36.44 7.00
CA SER Q 187 20.08 -35.09 6.93
C SER Q 187 19.30 -34.32 5.86
N ILE Q 188 19.62 -33.04 5.73
CA ILE Q 188 19.01 -32.16 4.76
C ILE Q 188 20.06 -31.75 3.74
N LEU Q 189 19.72 -31.84 2.46
CA LEU Q 189 20.58 -31.29 1.41
C LEU Q 189 20.29 -29.80 1.27
N THR Q 190 21.29 -28.98 1.56
CA THR Q 190 21.19 -27.53 1.40
C THR Q 190 22.05 -27.05 0.25
N HIS Q 191 23.35 -27.37 0.28
CA HIS Q 191 24.24 -27.12 -0.85
C HIS Q 191 24.16 -25.67 -1.30
N ARG Q 192 24.28 -24.76 -0.33
CA ARG Q 192 24.22 -23.33 -0.61
C ARG Q 192 25.58 -22.78 -1.03
N VAL R 3 7.08 -44.19 -19.82
CA VAL R 3 7.86 -45.42 -19.80
C VAL R 3 9.33 -45.13 -20.15
N PRO R 4 10.27 -45.55 -19.32
CA PRO R 4 11.68 -45.28 -19.61
C PRO R 4 12.17 -46.04 -20.84
N MET R 5 13.17 -45.46 -21.49
CA MET R 5 13.79 -46.05 -22.66
C MET R 5 15.24 -46.43 -22.36
N VAL R 6 15.83 -47.19 -23.27
CA VAL R 6 17.20 -47.67 -23.11
C VAL R 6 17.90 -47.68 -24.47
N SER R 16 18.12 -48.98 -29.22
CA SER R 16 16.99 -48.60 -28.38
C SER R 16 16.29 -49.81 -27.79
N PHE R 17 15.77 -49.65 -26.56
CA PHE R 17 15.04 -50.71 -25.89
C PHE R 17 14.04 -50.10 -24.93
N ASP R 18 12.94 -50.80 -24.72
CA ASP R 18 12.04 -50.52 -23.62
C ASP R 18 12.57 -51.20 -22.36
N ILE R 19 12.15 -50.70 -21.19
CA ILE R 19 12.61 -51.31 -19.95
C ILE R 19 11.94 -52.67 -19.75
N TYR R 20 10.62 -52.74 -19.98
CA TYR R 20 9.93 -54.02 -19.88
C TYR R 20 10.42 -54.98 -20.96
N SER R 21 10.88 -54.45 -22.10
CA SER R 21 11.45 -55.29 -23.14
C SER R 21 12.86 -55.74 -22.77
N ARG R 22 13.69 -54.81 -22.28
CA ARG R 22 15.01 -55.18 -21.81
C ARG R 22 14.93 -56.23 -20.72
N LEU R 23 13.95 -56.13 -19.83
CA LEU R 23 13.75 -57.15 -18.81
C LEU R 23 13.15 -58.44 -19.39
N LEU R 24 12.55 -58.38 -20.58
CA LEU R 24 12.01 -59.58 -21.18
C LEU R 24 13.11 -60.52 -21.65
N LYS R 25 14.19 -59.97 -22.22
CA LYS R 25 15.28 -60.84 -22.63
C LYS R 25 16.05 -61.42 -21.44
N GLU R 26 15.75 -60.97 -20.23
CA GLU R 26 16.14 -61.67 -19.01
C GLU R 26 15.06 -62.64 -18.53
N ARG R 27 14.04 -62.86 -19.37
CA ARG R 27 13.00 -63.87 -19.12
C ARG R 27 12.15 -63.49 -17.91
N VAL R 28 11.78 -62.21 -17.82
CA VAL R 28 10.97 -61.68 -16.73
C VAL R 28 9.69 -61.11 -17.33
N ILE R 29 8.54 -61.60 -16.86
CA ILE R 29 7.23 -61.12 -17.31
C ILE R 29 6.51 -60.51 -16.12
N PHE R 30 5.74 -59.46 -16.40
CA PHE R 30 5.01 -58.70 -15.37
C PHE R 30 3.52 -58.85 -15.57
N LEU R 31 2.83 -59.32 -14.53
CA LEU R 31 1.37 -59.40 -14.49
C LEU R 31 0.88 -58.32 -13.53
N THR R 32 0.33 -57.24 -14.08
CA THR R 32 -0.06 -56.08 -13.30
C THR R 32 -1.49 -55.67 -13.60
N GLY R 33 -2.23 -55.29 -12.56
CA GLY R 33 -3.56 -54.78 -12.71
C GLY R 33 -4.61 -55.88 -12.91
N GLN R 34 -5.79 -55.42 -13.32
CA GLN R 34 -6.90 -56.32 -13.58
C GLN R 34 -6.55 -57.25 -14.73
N VAL R 35 -6.71 -58.56 -14.52
CA VAL R 35 -6.42 -59.53 -15.56
C VAL R 35 -7.63 -59.63 -16.48
N GLU R 36 -7.38 -59.58 -17.79
CA GLU R 36 -8.43 -59.58 -18.78
C GLU R 36 -7.86 -60.14 -20.09
N ASP R 37 -8.75 -60.36 -21.05
CA ASP R 37 -8.38 -61.12 -22.25
C ASP R 37 -7.09 -60.57 -22.89
N HIS R 38 -6.96 -59.25 -22.98
CA HIS R 38 -5.87 -58.69 -23.77
C HIS R 38 -4.55 -58.71 -23.00
N MET R 39 -4.54 -58.21 -21.76
CA MET R 39 -3.31 -58.24 -20.98
C MET R 39 -2.86 -59.67 -20.71
N ALA R 40 -3.81 -60.60 -20.56
CA ALA R 40 -3.42 -61.99 -20.35
C ALA R 40 -2.85 -62.58 -21.63
N ASN R 41 -3.47 -62.28 -22.77
CA ASN R 41 -2.95 -62.73 -24.05
C ASN R 41 -1.52 -62.23 -24.27
N LEU R 42 -1.21 -61.02 -23.80
CA LEU R 42 0.15 -60.51 -23.92
C LEU R 42 1.12 -61.37 -23.10
N ILE R 43 0.68 -61.84 -21.92
CA ILE R 43 1.52 -62.70 -21.10
C ILE R 43 1.71 -64.05 -21.79
N VAL R 44 0.66 -64.60 -22.39
CA VAL R 44 0.77 -65.85 -23.12
C VAL R 44 1.78 -65.71 -24.26
N ALA R 45 1.73 -64.59 -24.99
CA ALA R 45 2.70 -64.36 -26.05
C ALA R 45 4.12 -64.30 -25.51
N GLN R 46 4.31 -63.65 -24.36
CA GLN R 46 5.64 -63.56 -23.77
C GLN R 46 6.13 -64.93 -23.32
N MET R 47 5.26 -65.76 -22.74
CA MET R 47 5.69 -67.08 -22.31
C MET R 47 6.08 -67.95 -23.50
N LEU R 48 5.26 -67.93 -24.55
CA LEU R 48 5.61 -68.71 -25.75
C LEU R 48 6.89 -68.20 -26.38
N PHE R 49 7.11 -66.88 -26.34
CA PHE R 49 8.33 -66.33 -26.92
C PHE R 49 9.56 -66.79 -26.14
N LEU R 50 9.51 -66.71 -24.81
CA LEU R 50 10.64 -67.14 -24.01
C LEU R 50 10.90 -68.64 -24.17
N GLU R 51 9.83 -69.43 -24.28
CA GLU R 51 10.00 -70.86 -24.55
C GLU R 51 10.76 -71.08 -25.85
N ALA R 52 10.41 -70.32 -26.90
CA ALA R 52 11.05 -70.49 -28.19
C ALA R 52 12.53 -70.09 -28.13
N GLU R 53 12.85 -69.04 -27.39
CA GLU R 53 14.24 -68.60 -27.29
C GLU R 53 15.09 -69.64 -26.56
N ASN R 54 14.53 -70.27 -25.53
CA ASN R 54 15.24 -71.27 -24.77
C ASN R 54 14.27 -72.09 -23.91
N PRO R 55 13.94 -73.32 -24.32
CA PRO R 55 12.97 -74.12 -23.56
C PRO R 55 13.50 -74.63 -22.23
N GLU R 56 14.76 -74.35 -21.88
CA GLU R 56 15.38 -74.93 -20.69
C GLU R 56 15.49 -73.97 -19.52
N LYS R 57 15.55 -72.67 -19.77
CA LYS R 57 15.74 -71.68 -18.72
C LYS R 57 14.40 -71.33 -18.10
N ASP R 58 14.41 -71.07 -16.79
CA ASP R 58 13.17 -70.74 -16.10
C ASP R 58 12.64 -69.39 -16.54
N ILE R 59 11.36 -69.17 -16.29
CA ILE R 59 10.69 -67.90 -16.56
C ILE R 59 10.22 -67.32 -15.23
N TYR R 60 10.31 -66.00 -15.11
CA TYR R 60 9.98 -65.30 -13.87
C TYR R 60 8.77 -64.42 -14.13
N LEU R 61 7.70 -64.66 -13.38
CA LEU R 61 6.43 -63.95 -13.53
C LEU R 61 6.17 -63.18 -12.24
N TYR R 62 6.37 -61.87 -12.28
CA TYR R 62 6.00 -61.02 -11.16
C TYR R 62 4.50 -60.75 -11.19
N ILE R 63 3.89 -60.81 -10.01
CA ILE R 63 2.44 -60.71 -9.90
C ILE R 63 2.11 -59.61 -8.89
N ASN R 64 1.41 -58.58 -9.35
CA ASN R 64 0.82 -57.56 -8.48
C ASN R 64 -0.54 -57.26 -9.10
N SER R 65 -1.57 -57.98 -8.66
CA SER R 65 -2.88 -57.90 -9.28
C SER R 65 -4.00 -58.04 -8.25
N PRO R 66 -5.06 -57.25 -8.38
CA PRO R 66 -6.22 -57.41 -7.48
C PRO R 66 -7.28 -58.37 -7.98
N GLY R 67 -7.06 -59.07 -9.10
CA GLY R 67 -7.99 -60.04 -9.63
C GLY R 67 -8.40 -59.72 -11.05
N GLY R 68 -9.35 -60.51 -11.55
CA GLY R 68 -9.85 -60.32 -12.89
C GLY R 68 -10.71 -61.50 -13.33
N VAL R 69 -10.87 -61.63 -14.65
CA VAL R 69 -11.74 -62.65 -15.21
C VAL R 69 -11.06 -64.01 -15.14
N ILE R 70 -11.85 -65.05 -14.87
CA ILE R 70 -11.29 -66.39 -14.72
C ILE R 70 -10.81 -66.92 -16.07
N THR R 71 -11.68 -66.90 -17.07
CA THR R 71 -11.31 -67.42 -18.38
C THR R 71 -10.01 -66.79 -18.85
N ALA R 72 -9.87 -65.47 -18.68
CA ALA R 72 -8.64 -64.80 -19.05
C ALA R 72 -7.47 -65.33 -18.23
N GLY R 73 -7.68 -65.52 -16.92
CA GLY R 73 -6.63 -66.05 -16.09
C GLY R 73 -6.23 -67.47 -16.42
N MET R 74 -7.20 -68.29 -16.84
CA MET R 74 -6.90 -69.69 -17.12
C MET R 74 -6.10 -69.86 -18.41
N SER R 75 -6.18 -68.92 -19.34
CA SER R 75 -5.31 -68.97 -20.50
C SER R 75 -3.84 -68.83 -20.08
N ILE R 76 -3.59 -68.13 -18.98
CA ILE R 76 -2.24 -68.05 -18.44
C ILE R 76 -1.87 -69.37 -17.75
N TYR R 77 -2.77 -69.90 -16.92
CA TYR R 77 -2.50 -71.13 -16.21
C TYR R 77 -2.14 -72.27 -17.16
N ASP R 78 -2.98 -72.49 -18.17
CA ASP R 78 -2.73 -73.58 -19.12
C ASP R 78 -1.42 -73.36 -19.86
N THR R 79 -1.07 -72.10 -20.14
CA THR R 79 0.20 -71.82 -20.79
C THR R 79 1.37 -72.10 -19.87
N MET R 80 1.25 -71.70 -18.59
CA MET R 80 2.31 -71.98 -17.63
C MET R 80 2.62 -73.46 -17.54
N GLN R 81 1.57 -74.29 -17.45
CA GLN R 81 1.76 -75.73 -17.33
C GLN R 81 2.15 -76.38 -18.66
N PHE R 82 1.80 -75.76 -19.78
CA PHE R 82 2.00 -76.40 -21.08
C PHE R 82 3.45 -76.25 -21.56
N ILE R 83 4.05 -75.08 -21.38
CA ILE R 83 5.39 -74.86 -21.90
C ILE R 83 6.40 -75.64 -21.07
N LYS R 84 7.48 -76.05 -21.73
CA LYS R 84 8.52 -76.81 -21.01
C LYS R 84 9.15 -76.02 -19.88
N PRO R 85 9.58 -74.77 -20.07
CA PRO R 85 10.27 -74.08 -18.97
C PRO R 85 9.37 -73.94 -17.76
N ASP R 86 9.98 -74.07 -16.57
CA ASP R 86 9.29 -73.78 -15.33
C ASP R 86 9.00 -72.29 -15.23
N VAL R 87 7.82 -71.96 -14.72
CA VAL R 87 7.40 -70.57 -14.54
C VAL R 87 7.44 -70.27 -13.05
N SER R 88 8.45 -69.52 -12.63
CA SER R 88 8.55 -69.07 -11.25
C SER R 88 7.65 -67.87 -11.06
N THR R 89 6.86 -67.88 -9.98
CA THR R 89 5.91 -66.82 -9.68
C THR R 89 6.38 -66.07 -8.44
N ILE R 90 6.38 -64.74 -8.53
CA ILE R 90 6.81 -63.88 -7.43
C ILE R 90 5.69 -62.90 -7.14
N CYS R 91 5.22 -62.89 -5.90
CA CYS R 91 4.16 -61.98 -5.49
C CYS R 91 4.77 -60.77 -4.81
N MET R 92 4.56 -59.60 -5.40
CA MET R 92 4.99 -58.32 -4.84
C MET R 92 3.77 -57.41 -4.73
N GLY R 93 3.60 -56.77 -3.59
CA GLY R 93 2.42 -55.95 -3.38
C GLY R 93 1.22 -56.76 -2.93
N GLN R 94 0.46 -57.29 -3.89
CA GLN R 94 -0.67 -58.14 -3.58
C GLN R 94 -0.90 -59.13 -4.71
N ALA R 95 -1.61 -60.20 -4.38
CA ALA R 95 -2.02 -61.21 -5.36
C ALA R 95 -3.41 -61.68 -4.95
N ALA R 96 -4.44 -61.10 -5.55
CA ALA R 96 -5.82 -61.44 -5.21
C ALA R 96 -6.51 -62.23 -6.32
N SER R 97 -7.75 -62.64 -6.07
CA SER R 97 -8.48 -63.58 -6.93
C SER R 97 -7.61 -64.41 -7.94
N MET R 98 -7.57 -64.00 -9.20
CA MET R 98 -6.79 -64.70 -10.21
C MET R 98 -5.28 -64.54 -10.01
N GLY R 99 -4.87 -63.45 -9.36
CA GLY R 99 -3.46 -63.28 -9.06
C GLY R 99 -2.93 -64.30 -8.06
N ALA R 100 -3.74 -64.64 -7.07
CA ALA R 100 -3.34 -65.68 -6.13
C ALA R 100 -3.40 -67.06 -6.77
N PHE R 101 -4.34 -67.28 -7.68
CA PHE R 101 -4.46 -68.56 -8.35
C PHE R 101 -3.24 -68.82 -9.23
N LEU R 102 -2.87 -67.84 -10.07
CA LEU R 102 -1.70 -68.01 -10.92
C LEU R 102 -0.41 -68.01 -10.12
N LEU R 103 -0.37 -67.27 -9.01
CA LEU R 103 0.80 -67.31 -8.14
C LEU R 103 1.10 -68.73 -7.70
N THR R 104 0.07 -69.46 -7.28
CA THR R 104 0.23 -70.82 -6.78
C THR R 104 0.44 -71.83 -7.89
N ALA R 105 0.14 -71.47 -9.13
CA ALA R 105 0.37 -72.36 -10.26
C ALA R 105 1.84 -72.36 -10.69
N GLY R 106 2.70 -71.59 -10.03
CA GLY R 106 4.09 -71.59 -10.36
C GLY R 106 4.75 -72.93 -10.10
N ALA R 107 5.94 -73.10 -10.65
CA ALA R 107 6.66 -74.35 -10.50
C ALA R 107 6.87 -74.67 -9.03
N LYS R 108 6.54 -75.89 -8.63
CA LYS R 108 6.73 -76.33 -7.26
C LYS R 108 8.18 -76.11 -6.84
N GLY R 109 8.37 -75.34 -5.78
CA GLY R 109 9.68 -74.96 -5.31
C GLY R 109 10.16 -73.61 -5.79
N LYS R 110 9.43 -72.96 -6.70
CA LYS R 110 9.86 -71.72 -7.32
C LYS R 110 8.75 -70.66 -7.26
N ARG R 111 7.87 -70.77 -6.28
CA ARG R 111 6.86 -69.77 -6.00
C ARG R 111 7.35 -68.94 -4.82
N PHE R 112 7.19 -67.62 -4.92
CA PHE R 112 7.75 -66.74 -3.90
C PHE R 112 6.79 -65.61 -3.56
N CYS R 113 6.90 -65.16 -2.30
CA CYS R 113 6.27 -63.93 -1.84
C CYS R 113 7.35 -63.01 -1.28
N LEU R 114 7.15 -61.71 -1.43
CA LEU R 114 8.01 -60.74 -0.76
C LEU R 114 7.55 -60.55 0.66
N PRO R 115 8.42 -60.03 1.54
CA PRO R 115 8.10 -60.08 2.98
C PRO R 115 6.77 -59.45 3.35
N ASN R 116 6.37 -58.36 2.69
CA ASN R 116 5.14 -57.66 3.01
C ASN R 116 4.09 -57.78 1.91
N SER R 117 4.13 -58.86 1.14
CA SER R 117 3.07 -59.12 0.18
C SER R 117 1.79 -59.48 0.93
N ARG R 118 0.67 -59.42 0.21
CA ARG R 118 -0.62 -59.74 0.78
C ARG R 118 -1.40 -60.55 -0.25
N VAL R 119 -2.00 -61.64 0.19
CA VAL R 119 -2.76 -62.54 -0.69
C VAL R 119 -4.19 -62.61 -0.19
N MET R 120 -5.14 -62.53 -1.11
CA MET R 120 -6.55 -62.67 -0.77
C MET R 120 -7.19 -63.65 -1.74
N ILE R 121 -7.95 -64.59 -1.20
CA ILE R 121 -8.64 -65.61 -2.00
C ILE R 121 -10.13 -65.55 -1.69
N HIS R 122 -10.93 -65.92 -2.68
CA HIS R 122 -12.38 -66.00 -2.52
C HIS R 122 -12.94 -66.80 -3.68
N GLN R 123 -14.21 -67.16 -3.56
CA GLN R 123 -14.87 -67.97 -4.57
C GLN R 123 -15.21 -67.12 -5.79
N PRO R 124 -15.56 -67.75 -6.91
CA PRO R 124 -15.86 -66.98 -8.12
C PRO R 124 -17.10 -66.10 -7.94
N LEU R 125 -17.12 -65.02 -8.70
CA LEU R 125 -18.27 -64.13 -8.78
C LEU R 125 -18.81 -64.11 -10.21
N GLY R 126 -20.07 -63.73 -10.34
CA GLY R 126 -20.69 -63.67 -11.64
C GLY R 126 -22.04 -63.02 -11.56
N GLY R 127 -22.78 -63.12 -12.68
CA GLY R 127 -24.11 -62.56 -12.74
C GLY R 127 -24.76 -62.76 -14.10
N TYR R 128 -26.08 -62.84 -14.12
CA TYR R 128 -26.80 -63.05 -15.37
C TYR R 128 -28.23 -62.53 -15.23
N GLN R 129 -28.77 -62.04 -16.33
CA GLN R 129 -30.17 -61.68 -16.43
C GLN R 129 -30.78 -62.40 -17.63
N GLY R 130 -32.00 -62.89 -17.46
CA GLY R 130 -32.70 -63.53 -18.55
C GLY R 130 -33.76 -64.47 -18.03
N GLN R 131 -34.18 -65.38 -18.90
CA GLN R 131 -35.20 -66.34 -18.55
C GLN R 131 -34.71 -67.30 -17.48
N ALA R 132 -35.64 -67.78 -16.65
CA ALA R 132 -35.27 -68.72 -15.58
C ALA R 132 -34.53 -69.91 -16.15
N THR R 133 -34.91 -70.36 -17.34
CA THR R 133 -34.20 -71.46 -17.99
C THR R 133 -32.73 -71.10 -18.21
N ASP R 134 -32.47 -69.93 -18.77
CA ASP R 134 -31.09 -69.49 -18.98
C ASP R 134 -30.37 -69.32 -17.66
N ILE R 135 -31.08 -68.85 -16.63
CA ILE R 135 -30.46 -68.67 -15.31
C ILE R 135 -29.94 -70.01 -14.79
N GLU R 136 -30.75 -71.06 -14.92
CA GLU R 136 -30.31 -72.38 -14.46
C GLU R 136 -29.05 -72.81 -15.18
N ILE R 137 -28.93 -72.48 -16.47
CA ILE R 137 -27.75 -72.88 -17.23
C ILE R 137 -26.51 -72.19 -16.71
N HIS R 138 -26.58 -70.86 -16.55
CA HIS R 138 -25.41 -70.09 -16.14
C HIS R 138 -25.08 -70.25 -14.67
N ALA R 139 -26.10 -70.40 -13.82
CA ALA R 139 -25.84 -70.66 -12.41
C ALA R 139 -25.15 -72.01 -12.23
N ARG R 140 -25.60 -73.03 -12.95
CA ARG R 140 -24.92 -74.32 -12.89
C ARG R 140 -23.49 -74.20 -13.39
N GLU R 141 -23.27 -73.45 -14.47
CA GLU R 141 -21.94 -73.36 -15.06
C GLU R 141 -20.96 -72.71 -14.11
N ILE R 142 -21.35 -71.60 -13.47
CA ILE R 142 -20.44 -70.92 -12.56
C ILE R 142 -20.11 -71.84 -11.39
N LEU R 143 -21.02 -72.75 -11.04
CA LEU R 143 -20.72 -73.71 -9.98
C LEU R 143 -19.71 -74.76 -10.44
N LYS R 144 -19.75 -75.17 -11.71
CA LYS R 144 -18.74 -76.09 -12.21
C LYS R 144 -17.34 -75.49 -12.10
N VAL R 145 -17.18 -74.24 -12.54
CA VAL R 145 -15.88 -73.60 -12.43
C VAL R 145 -15.44 -73.53 -10.98
N LYS R 146 -16.35 -73.15 -10.09
CA LYS R 146 -16.04 -73.11 -8.66
C LYS R 146 -15.47 -74.45 -8.20
N GLY R 147 -16.04 -75.55 -8.67
CA GLY R 147 -15.51 -76.86 -8.32
C GLY R 147 -14.10 -77.07 -8.87
N ARG R 148 -13.88 -76.69 -10.13
CA ARG R 148 -12.60 -76.92 -10.77
C ARG R 148 -11.51 -76.05 -10.17
N MET R 149 -11.81 -74.75 -9.91
CA MET R 149 -10.82 -73.90 -9.26
C MET R 149 -10.44 -74.43 -7.89
N ASN R 150 -11.43 -74.89 -7.12
CA ASN R 150 -11.11 -75.45 -5.81
C ASN R 150 -10.23 -76.67 -5.95
N GLU R 151 -10.52 -77.53 -6.95
CA GLU R 151 -9.69 -78.71 -7.16
C GLU R 151 -8.26 -78.34 -7.56
N LEU R 152 -8.12 -77.43 -8.52
CA LEU R 152 -6.79 -77.02 -8.95
C LEU R 152 -6.02 -76.36 -7.82
N MET R 153 -6.71 -75.59 -6.98
CA MET R 153 -6.08 -74.98 -5.82
C MET R 153 -5.59 -76.04 -4.84
N ALA R 154 -6.43 -77.05 -4.57
CA ALA R 154 -6.03 -78.14 -3.70
C ALA R 154 -4.81 -78.87 -4.25
N LEU R 155 -4.70 -78.96 -5.56
CA LEU R 155 -3.59 -79.69 -6.15
C LEU R 155 -2.27 -78.95 -5.90
N HIS R 156 -2.26 -77.64 -6.13
CA HIS R 156 -1.01 -76.87 -6.07
C HIS R 156 -0.63 -76.48 -4.65
N THR R 157 -1.59 -76.39 -3.73
CA THR R 157 -1.28 -76.02 -2.35
C THR R 157 -1.06 -77.24 -1.46
N GLY R 158 -1.56 -78.40 -1.85
CA GLY R 158 -1.52 -79.57 -1.02
C GLY R 158 -2.62 -79.62 0.02
N GLN R 159 -3.43 -78.57 0.15
CA GLN R 159 -4.54 -78.59 1.08
C GLN R 159 -5.65 -79.49 0.57
N SER R 160 -6.49 -79.96 1.50
CA SER R 160 -7.62 -80.78 1.10
C SER R 160 -8.68 -79.92 0.41
N LEU R 161 -9.51 -80.58 -0.40
CA LEU R 161 -10.59 -79.88 -1.07
C LEU R 161 -11.57 -79.30 -0.05
N GLU R 162 -11.88 -80.05 1.00
CA GLU R 162 -12.69 -79.50 2.09
C GLU R 162 -12.08 -78.21 2.62
N GLN R 163 -10.76 -78.20 2.80
CA GLN R 163 -10.09 -77.03 3.33
C GLN R 163 -10.22 -75.84 2.38
N ILE R 164 -9.93 -76.07 1.10
CA ILE R 164 -10.02 -75.00 0.10
C ILE R 164 -11.45 -74.46 0.01
N GLU R 165 -12.44 -75.34 0.05
CA GLU R 165 -13.83 -74.89 -0.09
C GLU R 165 -14.21 -73.96 1.07
N ARG R 166 -13.90 -74.37 2.30
CA ARG R 166 -14.32 -73.58 3.44
C ARG R 166 -13.60 -72.22 3.47
N ASP R 167 -12.32 -72.20 3.07
CA ASP R 167 -11.52 -70.99 3.22
C ASP R 167 -11.84 -69.94 2.16
N THR R 168 -12.49 -70.32 1.07
CA THR R 168 -12.79 -69.38 0.00
C THR R 168 -14.25 -68.95 -0.05
N GLU R 169 -15.12 -69.53 0.78
CA GLU R 169 -16.53 -69.13 0.76
C GLU R 169 -16.67 -67.62 0.96
N ARG R 170 -15.79 -67.02 1.76
CA ARG R 170 -15.78 -65.58 1.99
C ARG R 170 -14.35 -65.08 1.82
N ASP R 171 -14.23 -63.78 1.55
CA ASP R 171 -12.91 -63.19 1.40
C ASP R 171 -12.02 -63.56 2.59
N ARG R 172 -10.81 -64.00 2.29
CA ARG R 172 -9.82 -64.30 3.31
C ARG R 172 -8.47 -63.75 2.90
N PHE R 173 -7.79 -63.12 3.84
CA PHE R 173 -6.46 -62.55 3.62
C PHE R 173 -5.40 -63.44 4.25
N LEU R 174 -4.27 -63.58 3.57
CA LEU R 174 -3.14 -64.36 4.06
C LEU R 174 -1.89 -63.49 4.03
N SER R 175 -1.17 -63.44 5.14
CA SER R 175 0.14 -62.79 5.15
C SER R 175 1.15 -63.64 4.39
N ALA R 176 2.32 -63.05 4.15
CA ALA R 176 3.37 -63.79 3.46
C ALA R 176 3.71 -65.09 4.16
N PRO R 177 4.02 -65.11 5.46
CA PRO R 177 4.28 -66.41 6.12
C PRO R 177 3.07 -67.33 6.12
N GLU R 178 1.85 -66.77 6.25
CA GLU R 178 0.67 -67.61 6.22
C GLU R 178 0.50 -68.31 4.89
N ALA R 179 0.91 -67.66 3.80
CA ALA R 179 0.83 -68.29 2.49
C ALA R 179 1.82 -69.45 2.37
N VAL R 180 2.93 -69.40 3.10
CA VAL R 180 3.88 -70.50 3.08
C VAL R 180 3.32 -71.72 3.81
N GLU R 181 2.78 -71.49 5.00
CA GLU R 181 2.17 -72.58 5.76
C GLU R 181 0.95 -73.13 5.04
N TYR R 182 0.11 -72.24 4.49
CA TYR R 182 -1.09 -72.67 3.79
C TYR R 182 -0.76 -73.47 2.54
N GLY R 183 0.41 -73.24 1.96
CA GLY R 183 0.84 -73.97 0.79
C GLY R 183 0.76 -73.19 -0.50
N LEU R 184 0.32 -71.93 -0.45
CA LEU R 184 0.23 -71.16 -1.68
C LEU R 184 1.61 -70.94 -2.30
N VAL R 185 2.62 -70.78 -1.46
CA VAL R 185 3.96 -70.41 -1.88
C VAL R 185 4.97 -71.25 -1.11
N ASP R 186 6.17 -71.36 -1.68
CA ASP R 186 7.19 -72.22 -1.10
C ASP R 186 8.04 -71.49 -0.07
N SER R 187 8.38 -70.23 -0.33
CA SER R 187 9.22 -69.48 0.59
C SER R 187 9.01 -67.98 0.39
N ILE R 188 9.69 -67.20 1.23
CA ILE R 188 9.64 -65.74 1.19
C ILE R 188 11.00 -65.24 0.73
N LEU R 189 11.01 -64.33 -0.24
CA LEU R 189 12.23 -63.71 -0.71
C LEU R 189 12.58 -62.50 0.15
N THR R 190 13.72 -62.58 0.84
CA THR R 190 14.26 -61.46 1.61
C THR R 190 15.55 -60.97 0.96
N HIS R 191 16.64 -61.73 1.06
CA HIS R 191 17.89 -61.44 0.36
C HIS R 191 18.25 -59.96 0.46
N ARG R 192 18.21 -59.44 1.68
CA ARG R 192 18.46 -58.02 1.93
C ARG R 192 19.79 -57.57 1.33
N VAL S 3 2.76 -53.92 -25.12
CA VAL S 3 3.30 -54.67 -26.26
C VAL S 3 4.83 -54.51 -26.27
N PRO S 4 5.52 -55.24 -25.41
CA PRO S 4 6.99 -55.11 -25.36
C PRO S 4 7.65 -55.61 -26.64
N MET S 5 8.88 -55.16 -26.83
CA MET S 5 9.61 -55.35 -28.08
C MET S 5 10.67 -56.43 -27.93
N VAL S 6 10.98 -57.08 -29.04
CA VAL S 6 12.06 -58.06 -29.09
C VAL S 6 13.28 -57.44 -29.77
N PHE S 17 10.66 -57.22 -33.52
CA PHE S 17 10.50 -55.82 -33.11
C PHE S 17 9.06 -55.54 -32.68
N ASP S 18 8.40 -56.61 -32.28
CA ASP S 18 7.10 -56.65 -31.64
C ASP S 18 6.92 -58.12 -31.33
N ILE S 19 6.16 -58.44 -30.29
CA ILE S 19 6.07 -59.84 -29.93
C ILE S 19 4.95 -60.54 -30.68
N TYR S 20 3.77 -59.92 -30.79
CA TYR S 20 2.73 -60.58 -31.57
C TYR S 20 3.24 -60.79 -32.99
N SER S 21 4.11 -59.90 -33.47
CA SER S 21 4.75 -60.09 -34.77
C SER S 21 5.88 -61.11 -34.69
N ARG S 22 6.72 -61.06 -33.67
CA ARG S 22 7.79 -62.05 -33.51
C ARG S 22 7.22 -63.42 -33.51
N LEU S 23 5.94 -63.50 -33.14
CA LEU S 23 5.19 -64.76 -33.14
C LEU S 23 4.59 -64.95 -34.54
N LEU S 24 4.44 -63.84 -35.28
CA LEU S 24 3.90 -63.86 -36.64
C LEU S 24 4.90 -64.56 -37.57
N LYS S 25 6.17 -64.55 -37.19
CA LYS S 25 7.25 -65.20 -37.93
C LYS S 25 7.24 -66.72 -37.66
N GLU S 26 6.72 -67.11 -36.52
CA GLU S 26 6.50 -68.48 -36.12
C GLU S 26 5.15 -69.02 -36.60
N ARG S 27 4.41 -68.22 -37.38
CA ARG S 27 3.12 -68.64 -37.93
C ARG S 27 2.07 -68.84 -36.84
N VAL S 28 2.03 -67.90 -35.90
CA VAL S 28 1.07 -67.90 -34.80
C VAL S 28 0.27 -66.61 -34.88
N ILE S 29 -1.07 -66.71 -34.91
CA ILE S 29 -1.96 -65.58 -34.91
C ILE S 29 -2.82 -65.72 -33.67
N PHE S 30 -3.14 -64.62 -33.03
CA PHE S 30 -3.97 -64.63 -31.84
C PHE S 30 -5.31 -63.98 -32.11
N LEU S 31 -6.39 -64.68 -31.80
CA LEU S 31 -7.72 -64.15 -31.96
C LEU S 31 -8.09 -63.84 -30.54
N THR S 32 -8.21 -62.58 -30.18
CA THR S 32 -8.41 -62.21 -28.80
C THR S 32 -9.54 -61.22 -28.65
N GLY S 33 -10.39 -61.45 -27.64
CA GLY S 33 -11.44 -60.49 -27.35
C GLY S 33 -12.63 -60.65 -28.26
N GLN S 34 -13.47 -59.61 -28.25
CA GLN S 34 -14.63 -59.58 -29.15
C GLN S 34 -14.17 -59.62 -30.60
N VAL S 35 -14.98 -60.25 -31.44
CA VAL S 35 -14.70 -60.34 -32.87
C VAL S 35 -15.58 -59.32 -33.58
N GLU S 36 -14.95 -58.50 -34.43
CA GLU S 36 -15.65 -57.47 -35.19
C GLU S 36 -14.84 -57.19 -36.44
N ASP S 37 -15.42 -56.40 -37.34
CA ASP S 37 -14.88 -56.28 -38.69
C ASP S 37 -13.39 -55.95 -38.67
N HIS S 38 -12.95 -55.12 -37.73
CA HIS S 38 -11.60 -54.58 -37.79
C HIS S 38 -10.57 -55.56 -37.23
N MET S 39 -10.81 -56.12 -36.04
CA MET S 39 -9.89 -57.12 -35.51
C MET S 39 -9.89 -58.37 -36.38
N ALA S 40 -11.04 -58.70 -36.99
CA ALA S 40 -11.11 -59.86 -37.86
C ALA S 40 -10.38 -59.59 -39.17
N ASN S 41 -10.51 -58.37 -39.70
CA ASN S 41 -9.78 -58.02 -40.90
C ASN S 41 -8.28 -58.14 -40.70
N LEU S 42 -7.79 -57.81 -39.50
CA LEU S 42 -6.36 -57.95 -39.22
C LEU S 42 -5.93 -59.41 -39.25
N ILE S 43 -6.80 -60.31 -38.79
CA ILE S 43 -6.49 -61.73 -38.84
C ILE S 43 -6.41 -62.22 -40.28
N VAL S 44 -7.28 -61.71 -41.11
CA VAL S 44 -7.29 -62.07 -42.50
C VAL S 44 -6.03 -61.66 -43.16
N ALA S 45 -5.45 -60.55 -42.75
CA ALA S 45 -4.24 -60.09 -43.37
C ALA S 45 -3.02 -60.84 -42.89
N GLN S 46 -3.09 -61.40 -41.71
CA GLN S 46 -1.99 -62.15 -41.20
C GLN S 46 -2.01 -63.50 -41.85
N MET S 47 -3.20 -64.00 -42.11
CA MET S 47 -3.37 -65.28 -42.73
C MET S 47 -3.00 -65.21 -44.18
N LEU S 48 -3.37 -64.14 -44.84
CA LEU S 48 -3.04 -64.00 -46.23
C LEU S 48 -1.55 -63.86 -46.41
N PHE S 49 -0.93 -63.23 -45.45
CA PHE S 49 0.51 -62.99 -45.48
C PHE S 49 1.29 -64.29 -45.31
N LEU S 50 0.93 -65.08 -44.29
CA LEU S 50 1.64 -66.32 -44.05
C LEU S 50 1.50 -67.27 -45.23
N GLU S 51 0.33 -67.29 -45.87
CA GLU S 51 0.15 -68.10 -47.07
C GLU S 51 1.16 -67.72 -48.14
N ALA S 52 1.35 -66.42 -48.36
CA ALA S 52 2.27 -65.97 -49.42
C ALA S 52 3.71 -66.36 -49.11
N GLU S 53 4.11 -66.29 -47.84
CA GLU S 53 5.48 -66.63 -47.48
C GLU S 53 5.72 -68.13 -47.58
N ASN S 54 4.71 -68.95 -47.33
CA ASN S 54 4.86 -70.40 -47.39
C ASN S 54 3.49 -71.07 -47.43
N PRO S 55 3.01 -71.49 -48.60
CA PRO S 55 1.67 -72.08 -48.67
C PRO S 55 1.59 -73.48 -48.07
N GLU S 56 2.72 -74.14 -47.81
CA GLU S 56 2.71 -75.52 -47.33
C GLU S 56 2.57 -75.60 -45.81
N LYS S 57 3.39 -74.86 -45.07
CA LYS S 57 3.45 -75.02 -43.62
C LYS S 57 2.15 -74.58 -42.95
N ASP S 58 1.79 -75.20 -41.83
CA ASP S 58 0.56 -74.90 -41.10
C ASP S 58 0.54 -73.54 -40.46
N ILE S 59 -0.64 -73.04 -40.16
CA ILE S 59 -0.77 -71.77 -39.49
C ILE S 59 -1.39 -72.09 -38.14
N TYR S 60 -0.96 -71.45 -37.08
CA TYR S 60 -1.54 -71.75 -35.80
C TYR S 60 -2.36 -70.60 -35.33
N LEU S 61 -3.62 -70.85 -34.98
CA LEU S 61 -4.52 -69.78 -34.55
C LEU S 61 -5.02 -69.93 -33.14
N TYR S 62 -4.48 -69.20 -32.20
CA TYR S 62 -4.96 -69.25 -30.82
C TYR S 62 -6.26 -68.46 -30.70
N ILE S 63 -7.21 -68.98 -29.93
CA ILE S 63 -8.49 -68.36 -29.77
C ILE S 63 -8.90 -68.24 -28.33
N ASN S 64 -9.18 -67.03 -27.88
CA ASN S 64 -9.66 -66.75 -26.53
C ASN S 64 -10.67 -65.68 -26.78
N SER S 65 -11.94 -66.02 -26.92
CA SER S 65 -12.93 -65.03 -27.26
C SER S 65 -14.30 -65.24 -26.69
N PRO S 66 -14.94 -64.15 -26.21
CA PRO S 66 -16.30 -64.39 -25.70
C PRO S 66 -17.41 -64.24 -26.74
N GLY S 67 -17.08 -64.04 -28.01
CA GLY S 67 -18.06 -63.92 -29.07
C GLY S 67 -17.88 -62.64 -29.86
N GLY S 68 -18.79 -62.45 -30.81
CA GLY S 68 -18.76 -61.26 -31.63
C GLY S 68 -19.69 -61.38 -32.83
N VAL S 69 -19.46 -60.51 -33.81
CA VAL S 69 -20.32 -60.42 -34.98
C VAL S 69 -20.17 -61.66 -35.86
N ILE S 70 -21.28 -62.08 -36.47
CA ILE S 70 -21.26 -63.28 -37.31
C ILE S 70 -20.55 -62.99 -38.63
N THR S 71 -20.96 -61.92 -39.32
CA THR S 71 -20.35 -61.61 -40.61
C THR S 71 -18.84 -61.50 -40.50
N ALA S 72 -18.38 -60.79 -39.45
CA ALA S 72 -16.95 -60.64 -39.23
C ALA S 72 -16.29 -62.01 -39.02
N GLY S 73 -16.94 -62.89 -38.26
CA GLY S 73 -16.35 -64.21 -38.04
C GLY S 73 -16.27 -65.02 -39.32
N MET S 74 -17.27 -64.90 -40.19
CA MET S 74 -17.26 -65.65 -41.43
C MET S 74 -16.20 -65.11 -42.39
N SER S 75 -15.80 -63.85 -42.23
CA SER S 75 -14.67 -63.33 -42.99
C SER S 75 -13.40 -64.09 -42.67
N ILE S 76 -13.25 -64.53 -41.43
CA ILE S 76 -12.11 -65.37 -41.05
C ILE S 76 -12.30 -66.79 -41.56
N TYR S 77 -13.51 -67.34 -41.38
CA TYR S 77 -13.77 -68.72 -41.78
C TYR S 77 -13.46 -68.93 -43.25
N ASP S 78 -14.01 -68.07 -44.13
CA ASP S 78 -13.80 -68.24 -45.56
C ASP S 78 -12.33 -68.10 -45.93
N THR S 79 -11.58 -67.27 -45.21
CA THR S 79 -10.15 -67.15 -45.48
C THR S 79 -9.42 -68.40 -45.02
N MET S 80 -9.82 -68.96 -43.88
CA MET S 80 -9.18 -70.19 -43.38
C MET S 80 -9.30 -71.31 -44.40
N GLN S 81 -10.48 -71.49 -44.99
CA GLN S 81 -10.68 -72.57 -45.95
C GLN S 81 -10.08 -72.25 -47.31
N PHE S 82 -9.97 -70.97 -47.65
CA PHE S 82 -9.51 -70.58 -48.98
C PHE S 82 -8.00 -70.75 -49.12
N ILE S 83 -7.24 -70.35 -48.11
CA ILE S 83 -5.79 -70.40 -48.22
C ILE S 83 -5.32 -71.84 -48.26
N LYS S 84 -4.17 -72.07 -48.91
CA LYS S 84 -3.66 -73.43 -49.05
C LYS S 84 -3.23 -74.03 -47.70
N PRO S 85 -2.49 -73.29 -46.86
CA PRO S 85 -2.07 -73.91 -45.58
C PRO S 85 -3.24 -74.32 -44.71
N ASP S 86 -3.05 -75.41 -43.97
CA ASP S 86 -3.99 -75.80 -42.95
C ASP S 86 -3.90 -74.83 -41.78
N VAL S 87 -5.06 -74.47 -41.24
CA VAL S 87 -5.13 -73.56 -40.10
C VAL S 87 -5.45 -74.39 -38.87
N SER S 88 -4.49 -74.56 -37.97
CA SER S 88 -4.71 -75.31 -36.77
C SER S 88 -5.23 -74.35 -35.77
N THR S 89 -6.19 -74.74 -34.97
CA THR S 89 -6.75 -73.84 -34.00
C THR S 89 -6.49 -74.31 -32.60
N ILE S 90 -6.15 -73.39 -31.71
CA ILE S 90 -5.91 -73.76 -30.34
C ILE S 90 -6.78 -72.93 -29.41
N CYS S 91 -7.56 -73.53 -28.54
CA CYS S 91 -8.45 -72.78 -27.66
C CYS S 91 -7.80 -72.63 -26.29
N MET S 92 -7.59 -71.38 -25.88
CA MET S 92 -7.05 -71.07 -24.56
C MET S 92 -8.03 -70.13 -23.85
N GLY S 93 -8.34 -70.42 -22.60
CA GLY S 93 -9.29 -69.62 -21.86
C GLY S 93 -10.72 -70.02 -22.15
N GLN S 94 -11.27 -69.44 -23.22
CA GLN S 94 -12.58 -69.74 -23.69
C GLN S 94 -12.75 -69.38 -25.12
N ALA S 95 -13.68 -70.05 -25.75
CA ALA S 95 -14.03 -69.83 -27.10
C ALA S 95 -15.52 -69.96 -27.10
N ALA S 96 -16.21 -68.86 -27.18
CA ALA S 96 -17.66 -68.88 -27.21
C ALA S 96 -18.18 -68.16 -28.43
N SER S 97 -19.29 -68.63 -29.02
CA SER S 97 -20.06 -67.95 -30.09
C SER S 97 -19.11 -68.10 -31.36
N MET S 98 -18.84 -67.02 -32.08
CA MET S 98 -18.00 -67.11 -33.26
C MET S 98 -16.61 -67.66 -32.96
N GLY S 99 -16.11 -67.45 -31.74
CA GLY S 99 -14.84 -68.05 -31.38
C GLY S 99 -14.87 -69.56 -31.36
N ALA S 100 -15.96 -70.14 -30.84
CA ALA S 100 -16.12 -71.58 -30.88
C ALA S 100 -16.34 -72.07 -32.30
N PHE S 101 -17.06 -71.28 -33.11
CA PHE S 101 -17.28 -71.66 -34.51
C PHE S 101 -15.96 -71.73 -35.25
N LEU S 102 -15.10 -70.72 -35.09
CA LEU S 102 -13.82 -70.73 -35.77
C LEU S 102 -12.88 -71.79 -35.19
N LEU S 103 -13.03 -72.09 -33.90
CA LEU S 103 -12.23 -73.16 -33.29
C LEU S 103 -12.46 -74.48 -34.03
N THR S 104 -13.72 -74.84 -34.25
CA THR S 104 -14.04 -76.09 -34.91
C THR S 104 -13.79 -76.07 -36.42
N ALA S 105 -13.66 -74.88 -37.01
CA ALA S 105 -13.40 -74.77 -38.43
C ALA S 105 -11.94 -75.01 -38.78
N GLY S 106 -11.08 -75.27 -37.81
CA GLY S 106 -9.70 -75.58 -38.08
C GLY S 106 -9.57 -76.87 -38.86
N ALA S 107 -8.38 -77.07 -39.43
CA ALA S 107 -8.13 -78.28 -40.21
C ALA S 107 -8.37 -79.51 -39.36
N LYS S 108 -8.99 -80.52 -39.96
CA LYS S 108 -9.32 -81.74 -39.24
C LYS S 108 -8.06 -82.38 -38.68
N GLY S 109 -8.15 -82.81 -37.42
CA GLY S 109 -7.01 -83.37 -36.72
C GLY S 109 -6.08 -82.36 -36.10
N LYS S 110 -6.32 -81.07 -36.31
CA LYS S 110 -5.46 -80.02 -35.80
C LYS S 110 -6.26 -78.99 -35.01
N ARG S 111 -7.40 -79.39 -34.46
CA ARG S 111 -8.20 -78.56 -33.58
C ARG S 111 -7.94 -78.98 -32.14
N PHE S 112 -7.68 -78.01 -31.26
CA PHE S 112 -7.22 -78.32 -29.92
C PHE S 112 -7.90 -77.46 -28.88
N CYS S 113 -8.06 -78.03 -27.69
CA CYS S 113 -8.42 -77.30 -26.48
C CYS S 113 -7.31 -77.48 -25.45
N LEU S 114 -7.09 -76.45 -24.65
CA LEU S 114 -6.18 -76.60 -23.51
C LEU S 114 -6.95 -77.20 -22.34
N PRO S 115 -6.23 -77.79 -21.38
CA PRO S 115 -6.91 -78.66 -20.40
C PRO S 115 -8.09 -78.00 -19.71
N ASN S 116 -7.98 -76.72 -19.36
CA ASN S 116 -9.02 -76.00 -18.63
C ASN S 116 -9.69 -74.94 -19.49
N SER S 117 -9.70 -75.13 -20.81
CA SER S 117 -10.43 -74.22 -21.67
C SER S 117 -11.94 -74.41 -21.48
N ARG S 118 -12.70 -73.50 -22.06
CA ARG S 118 -14.16 -73.57 -22.03
C ARG S 118 -14.70 -73.25 -23.41
N VAL S 119 -15.86 -73.80 -23.72
CA VAL S 119 -16.54 -73.51 -24.99
C VAL S 119 -18.02 -73.29 -24.68
N MET S 120 -18.58 -72.24 -25.26
CA MET S 120 -20.00 -71.95 -25.14
C MET S 120 -20.56 -71.76 -26.54
N ILE S 121 -21.71 -72.35 -26.80
CA ILE S 121 -22.38 -72.25 -28.09
C ILE S 121 -23.80 -71.80 -27.88
N HIS S 122 -24.32 -71.06 -28.86
CA HIS S 122 -25.72 -70.63 -28.84
C HIS S 122 -26.10 -70.26 -30.26
N GLN S 123 -27.39 -69.97 -30.44
CA GLN S 123 -27.91 -69.59 -31.75
C GLN S 123 -27.64 -68.11 -32.00
N PRO S 124 -27.86 -67.64 -33.23
CA PRO S 124 -27.58 -66.24 -33.52
C PRO S 124 -28.48 -65.30 -32.73
N LEU S 125 -27.96 -64.11 -32.47
CA LEU S 125 -28.69 -63.02 -31.83
C LEU S 125 -28.90 -61.91 -32.86
N GLY S 126 -29.92 -61.10 -32.65
CA GLY S 126 -30.17 -60.02 -33.59
C GLY S 126 -31.24 -59.08 -33.10
N GLY S 127 -31.60 -58.15 -33.98
CA GLY S 127 -32.63 -57.18 -33.68
C GLY S 127 -32.81 -56.18 -34.80
N TYR S 128 -34.01 -55.60 -34.91
CA TYR S 128 -34.28 -54.63 -35.95
C TYR S 128 -35.46 -53.77 -35.53
N GLN S 129 -35.44 -52.52 -35.97
CA GLN S 129 -36.57 -51.60 -35.82
C GLN S 129 -36.99 -51.13 -37.20
N GLY S 130 -38.28 -50.98 -37.41
CA GLY S 130 -38.78 -50.42 -38.65
C GLY S 130 -40.18 -50.92 -38.93
N GLN S 131 -40.57 -50.75 -40.18
CA GLN S 131 -41.89 -51.19 -40.62
C GLN S 131 -41.97 -52.72 -40.60
N ALA S 132 -43.20 -53.22 -40.47
CA ALA S 132 -43.40 -54.66 -40.44
C ALA S 132 -42.83 -55.31 -41.68
N THR S 133 -42.99 -54.67 -42.84
CA THR S 133 -42.45 -55.22 -44.07
C THR S 133 -40.94 -55.39 -43.98
N ASP S 134 -40.24 -54.36 -43.48
CA ASP S 134 -38.80 -54.46 -43.31
C ASP S 134 -38.44 -55.51 -42.27
N ILE S 135 -39.27 -55.66 -41.24
CA ILE S 135 -38.98 -56.63 -40.19
C ILE S 135 -38.94 -58.04 -40.75
N GLU S 136 -39.88 -58.39 -41.64
CA GLU S 136 -39.88 -59.73 -42.21
C GLU S 136 -38.62 -59.98 -43.03
N ILE S 137 -38.16 -58.98 -43.77
CA ILE S 137 -36.97 -59.15 -44.60
C ILE S 137 -35.77 -59.51 -43.74
N HIS S 138 -35.58 -58.77 -42.64
CA HIS S 138 -34.45 -59.03 -41.76
C HIS S 138 -34.68 -60.29 -40.92
N ALA S 139 -35.92 -60.58 -40.56
CA ALA S 139 -36.21 -61.80 -39.84
C ALA S 139 -35.91 -63.03 -40.69
N ARG S 140 -36.31 -62.99 -41.96
CA ARG S 140 -36.00 -64.10 -42.86
C ARG S 140 -34.49 -64.30 -42.98
N GLU S 141 -33.74 -63.20 -43.07
CA GLU S 141 -32.30 -63.31 -43.32
C GLU S 141 -31.58 -63.91 -42.12
N ILE S 142 -31.90 -63.46 -40.90
CA ILE S 142 -31.23 -64.00 -39.73
C ILE S 142 -31.55 -65.48 -39.55
N LEU S 143 -32.75 -65.90 -39.97
CA LEU S 143 -33.10 -67.31 -39.91
C LEU S 143 -32.35 -68.11 -40.97
N LYS S 144 -32.08 -67.52 -42.13
CA LYS S 144 -31.20 -68.17 -43.10
C LYS S 144 -29.78 -68.29 -42.56
N VAL S 145 -29.34 -67.29 -41.80
CA VAL S 145 -28.01 -67.36 -41.20
C VAL S 145 -27.95 -68.49 -40.19
N LYS S 146 -28.94 -68.56 -39.29
CA LYS S 146 -29.00 -69.66 -38.32
C LYS S 146 -28.94 -71.00 -39.03
N GLY S 147 -29.61 -71.12 -40.17
CA GLY S 147 -29.59 -72.38 -40.89
C GLY S 147 -28.20 -72.71 -41.41
N ARG S 148 -27.53 -71.75 -42.02
CA ARG S 148 -26.18 -72.01 -42.54
C ARG S 148 -25.19 -72.24 -41.41
N MET S 149 -25.31 -71.48 -40.31
CA MET S 149 -24.43 -71.69 -39.17
C MET S 149 -24.58 -73.10 -38.62
N ASN S 150 -25.82 -73.57 -38.45
CA ASN S 150 -26.01 -74.94 -37.96
C ASN S 150 -25.52 -75.96 -38.98
N GLU S 151 -25.72 -75.70 -40.27
CA GLU S 151 -25.24 -76.61 -41.30
C GLU S 151 -23.72 -76.75 -41.24
N LEU S 152 -23.01 -75.63 -41.18
CA LEU S 152 -21.55 -75.68 -41.12
C LEU S 152 -21.08 -76.33 -39.83
N MET S 153 -21.74 -76.02 -38.71
CA MET S 153 -21.38 -76.65 -37.44
C MET S 153 -21.50 -78.17 -37.52
N ALA S 154 -22.60 -78.67 -38.10
CA ALA S 154 -22.78 -80.11 -38.20
C ALA S 154 -21.70 -80.74 -39.05
N LEU S 155 -21.27 -80.06 -40.12
CA LEU S 155 -20.25 -80.64 -40.98
C LEU S 155 -18.91 -80.73 -40.27
N HIS S 156 -18.53 -79.69 -39.52
CA HIS S 156 -17.22 -79.68 -38.89
C HIS S 156 -17.16 -80.56 -37.66
N THR S 157 -18.28 -80.73 -36.95
CA THR S 157 -18.31 -81.54 -35.75
C THR S 157 -18.63 -83.01 -36.02
N GLY S 158 -19.31 -83.31 -37.13
CA GLY S 158 -19.81 -84.63 -37.40
C GLY S 158 -21.15 -84.92 -36.78
N GLN S 159 -21.69 -84.02 -35.97
CA GLN S 159 -23.03 -84.17 -35.43
C GLN S 159 -24.06 -84.02 -36.53
N SER S 160 -25.28 -84.48 -36.24
CA SER S 160 -26.38 -84.29 -37.16
C SER S 160 -26.86 -82.84 -37.07
N LEU S 161 -27.43 -82.35 -38.16
CA LEU S 161 -27.93 -80.98 -38.15
C LEU S 161 -29.03 -80.82 -37.10
N GLU S 162 -29.80 -81.87 -36.83
CA GLU S 162 -30.82 -81.81 -35.78
C GLU S 162 -30.17 -81.63 -34.40
N GLN S 163 -29.17 -82.45 -34.09
CA GLN S 163 -28.51 -82.36 -32.79
C GLN S 163 -27.95 -80.96 -32.56
N ILE S 164 -27.28 -80.41 -33.57
CA ILE S 164 -26.73 -79.06 -33.46
C ILE S 164 -27.84 -78.05 -33.16
N GLU S 165 -29.01 -78.23 -33.78
CA GLU S 165 -30.12 -77.31 -33.58
C GLU S 165 -30.59 -77.30 -32.13
N ARG S 166 -30.89 -78.48 -31.57
CA ARG S 166 -31.46 -78.52 -30.23
C ARG S 166 -30.45 -78.13 -29.16
N ASP S 167 -29.16 -78.39 -29.41
CA ASP S 167 -28.15 -78.06 -28.41
C ASP S 167 -27.74 -76.59 -28.41
N THR S 168 -28.09 -75.84 -29.46
CA THR S 168 -27.73 -74.43 -29.56
C THR S 168 -28.91 -73.49 -29.32
N GLU S 169 -30.13 -74.02 -29.16
CA GLU S 169 -31.28 -73.16 -28.93
C GLU S 169 -31.06 -72.28 -27.71
N ARG S 170 -30.38 -72.80 -26.69
CA ARG S 170 -29.99 -72.04 -25.51
C ARG S 170 -28.51 -72.27 -25.24
N ASP S 171 -27.91 -71.32 -24.52
CA ASP S 171 -26.49 -71.41 -24.21
C ASP S 171 -26.11 -72.77 -23.67
N ARG S 172 -25.12 -73.39 -24.28
CA ARG S 172 -24.58 -74.66 -23.80
C ARG S 172 -23.08 -74.54 -23.63
N PHE S 173 -22.61 -74.87 -22.43
CA PHE S 173 -21.19 -74.87 -22.12
C PHE S 173 -20.62 -76.28 -22.27
N LEU S 174 -19.39 -76.37 -22.79
CA LEU S 174 -18.70 -77.64 -22.95
C LEU S 174 -17.32 -77.52 -22.34
N SER S 175 -16.93 -78.51 -21.53
CA SER S 175 -15.57 -78.54 -21.02
C SER S 175 -14.62 -78.99 -22.13
N ALA S 176 -13.33 -78.88 -21.85
CA ALA S 176 -12.33 -79.33 -22.83
C ALA S 176 -12.54 -80.78 -23.23
N PRO S 177 -12.67 -81.74 -22.33
CA PRO S 177 -12.97 -83.12 -22.76
C PRO S 177 -14.33 -83.26 -23.43
N GLU S 178 -15.33 -82.50 -22.99
CA GLU S 178 -16.63 -82.57 -23.64
C GLU S 178 -16.55 -82.09 -25.08
N ALA S 179 -15.60 -81.19 -25.38
CA ALA S 179 -15.48 -80.68 -26.74
C ALA S 179 -14.91 -81.74 -27.67
N VAL S 180 -14.15 -82.70 -27.12
CA VAL S 180 -13.65 -83.81 -27.93
C VAL S 180 -14.76 -84.81 -28.19
N GLU S 181 -15.51 -85.17 -27.15
CA GLU S 181 -16.60 -86.13 -27.29
C GLU S 181 -17.67 -85.61 -28.24
N TYR S 182 -17.79 -84.29 -28.38
CA TYR S 182 -18.82 -83.69 -29.21
C TYR S 182 -18.40 -83.52 -30.65
N GLY S 183 -17.08 -83.46 -30.90
CA GLY S 183 -16.55 -83.28 -32.24
C GLY S 183 -16.09 -81.87 -32.52
N LEU S 184 -16.21 -80.97 -31.55
CA LEU S 184 -15.79 -79.59 -31.76
C LEU S 184 -14.27 -79.50 -31.93
N VAL S 185 -13.52 -80.34 -31.21
CA VAL S 185 -12.06 -80.34 -31.23
C VAL S 185 -11.59 -81.78 -31.34
N ASP S 186 -10.33 -81.95 -31.76
CA ASP S 186 -9.78 -83.28 -32.00
C ASP S 186 -9.09 -83.87 -30.77
N SER S 187 -8.34 -83.07 -30.02
CA SER S 187 -7.63 -83.57 -28.85
C SER S 187 -7.36 -82.42 -27.91
N ILE S 188 -6.73 -82.73 -26.78
CA ILE S 188 -6.41 -81.75 -25.75
C ILE S 188 -4.89 -81.67 -25.59
N LEU S 189 -4.36 -80.45 -25.57
CA LEU S 189 -2.97 -80.22 -25.21
C LEU S 189 -2.85 -80.15 -23.70
N THR S 190 -1.73 -80.64 -23.17
CA THR S 190 -1.47 -80.55 -21.74
C THR S 190 -0.02 -80.13 -21.50
N HIS S 191 0.93 -80.85 -22.09
CA HIS S 191 2.34 -80.53 -21.99
C HIS S 191 2.98 -80.74 -23.36
N ARG S 192 4.32 -80.58 -23.40
CA ARG S 192 5.15 -80.63 -24.60
C ARG S 192 5.47 -79.19 -25.05
N ASN S 193 5.85 -79.02 -26.30
CA ASN S 193 6.30 -77.72 -26.82
C ASN S 193 5.21 -76.66 -26.68
N VAL T 3 -0.82 -52.08 -36.67
CA VAL T 3 -0.85 -52.59 -35.30
C VAL T 3 0.29 -53.59 -35.09
N PRO T 4 0.41 -54.61 -35.99
CA PRO T 4 1.52 -55.56 -35.85
C PRO T 4 2.66 -55.29 -36.81
N MET T 5 3.86 -55.00 -36.30
CA MET T 5 4.99 -54.69 -37.17
C MET T 5 5.43 -55.92 -37.96
N VAL T 6 6.05 -55.68 -39.11
CA VAL T 6 6.79 -56.71 -39.84
C VAL T 6 7.95 -56.05 -40.58
N ASP T 18 3.06 -51.74 -39.62
CA ASP T 18 1.81 -52.49 -39.68
C ASP T 18 1.90 -53.61 -40.71
N ILE T 19 0.94 -54.52 -40.68
CA ILE T 19 0.91 -55.64 -41.62
C ILE T 19 0.23 -55.31 -42.94
N TYR T 20 -0.63 -54.31 -42.89
CA TYR T 20 -1.32 -53.76 -44.07
C TYR T 20 -0.33 -53.14 -45.04
N SER T 21 0.87 -52.71 -44.65
CA SER T 21 1.78 -52.18 -45.69
C SER T 21 2.55 -53.31 -46.29
N ARG T 22 2.68 -54.42 -45.59
CA ARG T 22 3.31 -55.55 -46.28
C ARG T 22 2.34 -56.20 -47.26
N LEU T 23 1.03 -56.15 -46.99
CA LEU T 23 0.08 -56.62 -47.97
C LEU T 23 -0.14 -55.59 -49.08
N LEU T 24 0.17 -54.31 -48.81
CA LEU T 24 0.10 -53.30 -49.87
C LEU T 24 1.23 -53.47 -50.88
N LYS T 25 2.32 -54.07 -50.41
CA LYS T 25 3.46 -54.39 -51.22
C LYS T 25 3.05 -55.40 -52.24
N GLU T 26 2.02 -56.19 -51.94
CA GLU T 26 1.50 -57.16 -52.87
C GLU T 26 0.23 -56.73 -53.57
N ARG T 27 -0.01 -55.43 -53.67
CA ARG T 27 -1.14 -54.80 -54.32
C ARG T 27 -2.50 -55.17 -53.74
N VAL T 28 -2.58 -55.27 -52.42
CA VAL T 28 -3.83 -55.58 -51.76
C VAL T 28 -4.37 -54.43 -50.90
N ILE T 29 -5.59 -53.99 -51.14
CA ILE T 29 -6.19 -52.90 -50.36
C ILE T 29 -7.41 -53.44 -49.65
N PHE T 30 -7.64 -52.99 -48.42
CA PHE T 30 -8.75 -53.44 -47.60
C PHE T 30 -9.73 -52.30 -47.40
N LEU T 31 -10.98 -52.51 -47.82
CA LEU T 31 -12.08 -51.59 -47.53
C LEU T 31 -12.89 -52.25 -46.42
N THR T 32 -12.76 -51.74 -45.21
CA THR T 32 -13.34 -52.39 -44.02
C THR T 32 -14.12 -51.38 -43.20
N GLY T 33 -15.29 -51.81 -42.74
CA GLY T 33 -16.10 -50.99 -41.88
C GLY T 33 -16.94 -49.98 -42.64
N GLN T 34 -17.41 -48.98 -41.90
CA GLN T 34 -18.21 -47.92 -42.48
C GLN T 34 -17.36 -47.08 -43.43
N VAL T 35 -17.93 -46.76 -44.60
CA VAL T 35 -17.23 -45.95 -45.60
C VAL T 35 -17.60 -44.49 -45.38
N GLU T 36 -16.59 -43.63 -45.31
CA GLU T 36 -16.76 -42.21 -45.05
C GLU T 36 -15.59 -41.45 -45.67
N ASP T 37 -15.71 -40.13 -45.67
CA ASP T 37 -14.81 -39.28 -46.45
C ASP T 37 -13.34 -39.60 -46.19
N HIS T 38 -12.98 -39.87 -44.93
CA HIS T 38 -11.57 -39.98 -44.58
C HIS T 38 -11.00 -41.36 -44.90
N MET T 39 -11.68 -42.43 -44.50
CA MET T 39 -11.20 -43.76 -44.84
C MET T 39 -11.23 -43.98 -46.34
N ALA T 40 -12.19 -43.38 -47.04
CA ALA T 40 -12.27 -43.56 -48.49
C ALA T 40 -11.15 -42.82 -49.20
N ASN T 41 -10.84 -41.60 -48.77
CA ASN T 41 -9.70 -40.88 -49.34
C ASN T 41 -8.41 -41.65 -49.10
N LEU T 42 -8.29 -42.36 -47.98
CA LEU T 42 -7.09 -43.13 -47.72
C LEU T 42 -6.94 -44.28 -48.72
N ILE T 43 -8.07 -44.94 -49.08
CA ILE T 43 -8.02 -45.95 -50.13
C ILE T 43 -7.73 -45.32 -51.48
N VAL T 44 -8.31 -44.14 -51.76
CA VAL T 44 -7.99 -43.47 -53.01
C VAL T 44 -6.49 -43.26 -53.10
N ALA T 45 -5.86 -42.88 -51.98
CA ALA T 45 -4.42 -42.70 -51.97
C ALA T 45 -3.70 -44.01 -52.27
N GLN T 46 -4.19 -45.12 -51.71
CA GLN T 46 -3.55 -46.41 -51.96
C GLN T 46 -3.65 -46.81 -53.42
N MET T 47 -4.81 -46.57 -54.06
CA MET T 47 -4.94 -46.89 -55.48
C MET T 47 -4.00 -46.04 -56.34
N LEU T 48 -3.95 -44.73 -56.07
CA LEU T 48 -3.05 -43.87 -56.83
C LEU T 48 -1.60 -44.29 -56.64
N PHE T 49 -1.25 -44.71 -55.42
CA PHE T 49 0.12 -45.17 -55.17
C PHE T 49 0.42 -46.43 -55.98
N LEU T 50 -0.48 -47.43 -55.91
CA LEU T 50 -0.25 -48.66 -56.65
C LEU T 50 -0.19 -48.41 -58.15
N GLU T 51 -1.04 -47.51 -58.65
CA GLU T 51 -0.97 -47.16 -60.08
C GLU T 51 0.41 -46.63 -60.44
N ALA T 52 0.98 -45.76 -59.60
CA ALA T 52 2.28 -45.19 -59.90
C ALA T 52 3.38 -46.25 -59.90
N GLU T 53 3.28 -47.22 -58.99
CA GLU T 53 4.31 -48.25 -58.89
C GLU T 53 4.29 -49.20 -60.08
N ASN T 54 3.12 -49.47 -60.65
CA ASN T 54 3.01 -50.39 -61.77
C ASN T 54 1.63 -50.26 -62.41
N PRO T 55 1.50 -49.54 -63.53
CA PRO T 55 0.16 -49.37 -64.12
C PRO T 55 -0.39 -50.64 -64.76
N GLU T 56 0.38 -51.72 -64.79
CA GLU T 56 0.02 -52.93 -65.53
C GLU T 56 -0.73 -53.93 -64.65
N LYS T 57 -0.16 -54.28 -63.50
CA LYS T 57 -0.73 -55.34 -62.67
C LYS T 57 -2.13 -54.93 -62.19
N ASP T 58 -2.88 -55.87 -61.66
CA ASP T 58 -4.18 -55.57 -61.18
C ASP T 58 -4.13 -55.19 -59.75
N ILE T 59 -5.21 -54.59 -59.31
CA ILE T 59 -5.34 -54.18 -57.92
C ILE T 59 -6.43 -55.01 -57.26
N TYR T 60 -6.22 -55.31 -55.98
CA TYR T 60 -7.04 -56.24 -55.22
C TYR T 60 -7.66 -55.48 -54.06
N LEU T 61 -8.97 -55.31 -54.10
CA LEU T 61 -9.70 -54.54 -53.08
C LEU T 61 -10.63 -55.51 -52.34
N TYR T 62 -10.25 -55.89 -51.13
CA TYR T 62 -11.15 -56.66 -50.29
C TYR T 62 -12.17 -55.74 -49.65
N ILE T 63 -13.42 -56.19 -49.61
CA ILE T 63 -14.54 -55.38 -49.14
C ILE T 63 -15.29 -56.15 -48.07
N ASN T 64 -15.36 -55.56 -46.86
CA ASN T 64 -16.19 -56.07 -45.76
C ASN T 64 -16.77 -54.83 -45.09
N SER T 65 -17.95 -54.41 -45.53
CA SER T 65 -18.50 -53.15 -45.07
C SER T 65 -20.02 -53.20 -44.95
N PRO T 66 -20.60 -52.58 -43.92
CA PRO T 66 -22.06 -52.48 -43.82
C PRO T 66 -22.69 -51.25 -44.44
N GLY T 67 -21.91 -50.42 -45.14
CA GLY T 67 -22.43 -49.22 -45.78
C GLY T 67 -21.70 -47.98 -45.33
N GLY T 68 -22.17 -46.84 -45.85
CA GLY T 68 -21.57 -45.57 -45.49
C GLY T 68 -22.05 -44.44 -46.39
N VAL T 69 -21.30 -43.34 -46.37
CA VAL T 69 -21.67 -42.13 -47.08
C VAL T 69 -21.56 -42.37 -48.59
N ILE T 70 -22.47 -41.78 -49.34
CA ILE T 70 -22.52 -42.00 -50.78
C ILE T 70 -21.37 -41.28 -51.47
N THR T 71 -21.21 -39.98 -51.22
CA THR T 71 -20.14 -39.22 -51.85
C THR T 71 -18.79 -39.86 -51.61
N ALA T 72 -18.53 -40.28 -50.37
CA ALA T 72 -17.25 -40.92 -50.06
C ALA T 72 -17.05 -42.17 -50.92
N GLY T 73 -18.10 -42.96 -51.11
CA GLY T 73 -17.97 -44.15 -51.93
C GLY T 73 -17.69 -43.81 -53.38
N MET T 74 -18.28 -42.72 -53.88
CA MET T 74 -18.07 -42.37 -55.28
C MET T 74 -16.67 -41.86 -55.55
N SER T 75 -15.99 -41.32 -54.53
CA SER T 75 -14.58 -40.98 -54.72
C SER T 75 -13.76 -42.24 -54.97
N ILE T 76 -14.15 -43.37 -54.37
CA ILE T 76 -13.50 -44.63 -54.66
C ILE T 76 -13.92 -45.15 -56.04
N TYR T 77 -15.22 -45.10 -56.33
CA TYR T 77 -15.71 -45.59 -57.61
C TYR T 77 -15.01 -44.91 -58.77
N ASP T 78 -15.02 -43.58 -58.78
CA ASP T 78 -14.40 -42.86 -59.90
C ASP T 78 -12.90 -43.11 -59.98
N THR T 79 -12.25 -43.34 -58.83
CA THR T 79 -10.83 -43.63 -58.85
C THR T 79 -10.56 -45.01 -59.45
N MET T 80 -11.40 -45.99 -59.11
CA MET T 80 -11.23 -47.33 -59.67
C MET T 80 -11.30 -47.31 -61.19
N GLN T 81 -12.24 -46.54 -61.74
CA GLN T 81 -12.42 -46.51 -63.19
C GLN T 81 -11.36 -45.64 -63.87
N PHE T 82 -10.81 -44.65 -63.17
CA PHE T 82 -9.89 -43.72 -63.80
C PHE T 82 -8.51 -44.35 -63.99
N ILE T 83 -8.01 -45.06 -62.98
CA ILE T 83 -6.65 -45.58 -63.05
C ILE T 83 -6.55 -46.67 -64.11
N LYS T 84 -5.37 -46.78 -64.71
CA LYS T 84 -5.14 -47.81 -65.71
C LYS T 84 -5.35 -49.22 -65.17
N PRO T 85 -4.70 -49.63 -64.07
CA PRO T 85 -4.83 -51.03 -63.65
C PRO T 85 -6.29 -51.38 -63.34
N ASP T 86 -6.62 -52.64 -63.62
CA ASP T 86 -7.92 -53.17 -63.23
C ASP T 86 -7.97 -53.36 -61.72
N VAL T 87 -9.10 -53.01 -61.12
CA VAL T 87 -9.32 -53.18 -59.69
C VAL T 87 -10.22 -54.39 -59.50
N SER T 88 -9.64 -55.47 -59.01
CA SER T 88 -10.41 -56.67 -58.68
C SER T 88 -10.98 -56.54 -57.27
N THR T 89 -12.26 -56.87 -57.12
CA THR T 89 -12.95 -56.73 -55.85
C THR T 89 -13.27 -58.11 -55.28
N ILE T 90 -13.01 -58.29 -54.00
CA ILE T 90 -13.25 -59.55 -53.30
C ILE T 90 -14.07 -59.23 -52.06
N CYS T 91 -15.23 -59.86 -51.94
CA CYS T 91 -16.13 -59.65 -50.80
C CYS T 91 -15.92 -60.74 -49.76
N MET T 92 -15.55 -60.34 -48.55
CA MET T 92 -15.40 -61.24 -47.42
C MET T 92 -16.27 -60.73 -46.28
N GLY T 93 -17.04 -61.62 -45.66
CA GLY T 93 -17.95 -61.24 -44.60
C GLY T 93 -19.26 -60.71 -45.15
N GLN T 94 -19.34 -59.41 -45.41
CA GLN T 94 -20.53 -58.82 -45.99
C GLN T 94 -20.15 -57.58 -46.77
N ALA T 95 -21.02 -57.19 -47.69
CA ALA T 95 -20.87 -55.93 -48.44
C ALA T 95 -22.28 -55.35 -48.61
N ALA T 96 -22.64 -54.42 -47.74
CA ALA T 96 -23.98 -53.83 -47.77
C ALA T 96 -23.93 -52.41 -48.31
N SER T 97 -25.09 -51.79 -48.48
CA SER T 97 -25.20 -50.49 -49.16
C SER T 97 -24.02 -50.12 -50.14
N MET T 98 -23.26 -49.07 -49.83
CA MET T 98 -22.22 -48.60 -50.73
C MET T 98 -21.11 -49.64 -50.94
N GLY T 99 -20.93 -50.51 -49.95
CA GLY T 99 -19.95 -51.58 -50.09
C GLY T 99 -20.29 -52.55 -51.20
N ALA T 100 -21.57 -52.87 -51.37
CA ALA T 100 -21.98 -53.73 -52.46
C ALA T 100 -21.81 -53.04 -53.81
N PHE T 101 -22.04 -51.73 -53.85
CA PHE T 101 -21.86 -50.99 -55.10
C PHE T 101 -20.43 -51.07 -55.58
N LEU T 102 -19.47 -50.86 -54.67
CA LEU T 102 -18.06 -50.90 -55.06
C LEU T 102 -17.60 -52.30 -55.41
N LEU T 103 -18.20 -53.32 -54.78
CA LEU T 103 -17.89 -54.70 -55.15
C LEU T 103 -18.15 -54.94 -56.63
N THR T 104 -19.30 -54.51 -57.12
CA THR T 104 -19.68 -54.72 -58.51
C THR T 104 -18.99 -53.78 -59.48
N ALA T 105 -18.43 -52.69 -58.99
CA ALA T 105 -17.70 -51.77 -59.87
C ALA T 105 -16.32 -52.31 -60.23
N GLY T 106 -15.97 -53.49 -59.70
CA GLY T 106 -14.72 -54.11 -60.04
C GLY T 106 -14.64 -54.48 -61.52
N ALA T 107 -13.41 -54.74 -61.94
CA ALA T 107 -13.17 -55.10 -63.33
C ALA T 107 -13.98 -56.32 -63.71
N LYS T 108 -14.70 -56.22 -64.84
CA LYS T 108 -15.53 -57.32 -65.31
C LYS T 108 -14.71 -58.60 -65.39
N GLY T 109 -15.20 -59.64 -64.72
CA GLY T 109 -14.51 -60.92 -64.67
C GLY T 109 -13.61 -61.10 -63.46
N LYS T 110 -13.42 -60.06 -62.65
CA LYS T 110 -12.53 -60.11 -61.49
C LYS T 110 -13.26 -59.65 -60.23
N ARG T 111 -14.57 -59.79 -60.20
CA ARG T 111 -15.37 -59.53 -59.01
C ARG T 111 -15.72 -60.86 -58.36
N PHE T 112 -15.53 -60.95 -57.06
CA PHE T 112 -15.63 -62.23 -56.39
C PHE T 112 -16.35 -62.12 -55.06
N CYS T 113 -17.03 -63.20 -54.69
CA CYS T 113 -17.57 -63.40 -53.35
C CYS T 113 -16.93 -64.64 -52.75
N LEU T 114 -16.73 -64.62 -51.44
CA LEU T 114 -16.28 -65.80 -50.74
C LEU T 114 -17.48 -66.70 -50.45
N PRO T 115 -17.23 -67.99 -50.19
CA PRO T 115 -18.36 -68.96 -50.18
C PRO T 115 -19.49 -68.54 -49.27
N ASN T 116 -19.19 -67.94 -48.12
CA ASN T 116 -20.19 -67.55 -47.14
C ASN T 116 -20.31 -66.04 -47.02
N SER T 117 -20.01 -65.32 -48.09
CA SER T 117 -20.20 -63.88 -48.11
C SER T 117 -21.70 -63.56 -48.12
N ARG T 118 -22.00 -62.27 -48.09
CA ARG T 118 -23.38 -61.79 -48.03
C ARG T 118 -23.43 -60.38 -48.57
N VAL T 119 -24.40 -60.11 -49.44
CA VAL T 119 -24.58 -58.80 -50.05
C VAL T 119 -25.99 -58.31 -49.74
N MET T 120 -26.11 -57.04 -49.34
CA MET T 120 -27.40 -56.42 -49.11
C MET T 120 -27.44 -55.13 -49.91
N ILE T 121 -28.57 -54.87 -50.57
CA ILE T 121 -28.74 -53.68 -51.38
C ILE T 121 -30.01 -52.95 -50.94
N HIS T 122 -29.99 -51.63 -51.09
CA HIS T 122 -31.18 -50.81 -50.83
C HIS T 122 -30.97 -49.47 -51.51
N GLN T 123 -32.00 -48.63 -51.46
CA GLN T 123 -31.96 -47.32 -52.08
C GLN T 123 -31.26 -46.34 -51.16
N PRO T 124 -30.93 -45.14 -51.66
CA PRO T 124 -30.22 -44.17 -50.82
C PRO T 124 -31.06 -43.72 -49.64
N LEU T 125 -30.36 -43.32 -48.58
CA LEU T 125 -30.95 -42.73 -47.40
C LEU T 125 -30.52 -41.27 -47.28
N GLY T 126 -31.31 -40.48 -46.58
CA GLY T 126 -30.97 -39.08 -46.43
C GLY T 126 -31.87 -38.37 -45.44
N GLY T 127 -31.69 -37.06 -45.36
CA GLY T 127 -32.49 -36.24 -44.46
C GLY T 127 -32.09 -34.78 -44.46
N TYR T 128 -33.04 -33.90 -44.14
CA TYR T 128 -32.81 -32.47 -44.13
C TYR T 128 -33.89 -31.79 -43.29
N GLN T 129 -33.50 -30.73 -42.59
CA GLN T 129 -34.42 -29.80 -41.94
C GLN T 129 -34.19 -28.41 -42.51
N GLY T 130 -35.26 -27.65 -42.65
CA GLY T 130 -35.15 -26.28 -43.09
C GLY T 130 -36.44 -25.83 -43.73
N GLN T 131 -36.35 -24.72 -44.46
CA GLN T 131 -37.51 -24.17 -45.13
C GLN T 131 -37.98 -25.10 -46.25
N ALA T 132 -39.27 -24.99 -46.58
CA ALA T 132 -39.83 -25.86 -47.60
C ALA T 132 -39.10 -25.72 -48.92
N THR T 133 -38.72 -24.48 -49.28
CA THR T 133 -37.97 -24.28 -50.52
C THR T 133 -36.66 -25.05 -50.50
N ASP T 134 -35.92 -24.94 -49.40
CA ASP T 134 -34.68 -25.70 -49.27
C ASP T 134 -34.95 -27.20 -49.22
N ILE T 135 -36.08 -27.60 -48.62
CA ILE T 135 -36.43 -29.02 -48.57
C ILE T 135 -36.61 -29.58 -49.97
N GLU T 136 -37.30 -28.82 -50.84
CA GLU T 136 -37.52 -29.31 -52.19
C GLU T 136 -36.20 -29.43 -52.95
N ILE T 137 -35.27 -28.51 -52.71
CA ILE T 137 -33.98 -28.56 -53.40
C ILE T 137 -33.24 -29.84 -53.06
N HIS T 138 -33.17 -30.18 -51.76
CA HIS T 138 -32.42 -31.35 -51.33
C HIS T 138 -33.16 -32.64 -51.63
N ALA T 139 -34.50 -32.63 -51.55
CA ALA T 139 -35.25 -33.82 -51.93
C ALA T 139 -35.08 -34.10 -53.42
N ARG T 140 -35.09 -33.06 -54.25
CA ARG T 140 -34.88 -33.25 -55.67
C ARG T 140 -33.50 -33.82 -55.95
N GLU T 141 -32.50 -33.43 -55.17
CA GLU T 141 -31.14 -33.90 -55.42
C GLU T 141 -30.98 -35.37 -55.03
N ILE T 142 -31.52 -35.76 -53.87
CA ILE T 142 -31.35 -37.15 -53.43
C ILE T 142 -32.03 -38.09 -54.41
N LEU T 143 -33.09 -37.63 -55.07
CA LEU T 143 -33.72 -38.46 -56.10
C LEU T 143 -32.85 -38.55 -57.34
N LYS T 144 -32.19 -37.45 -57.72
CA LYS T 144 -31.23 -37.51 -58.82
C LYS T 144 -30.09 -38.47 -58.48
N VAL T 145 -29.56 -38.36 -57.26
CA VAL T 145 -28.55 -39.32 -56.79
C VAL T 145 -29.09 -40.74 -56.92
N LYS T 146 -30.31 -40.97 -56.43
CA LYS T 146 -30.92 -42.29 -56.56
C LYS T 146 -30.96 -42.75 -58.01
N GLY T 147 -31.29 -41.84 -58.93
CA GLY T 147 -31.34 -42.20 -60.33
C GLY T 147 -29.99 -42.61 -60.88
N ARG T 148 -28.95 -41.85 -60.54
CA ARG T 148 -27.61 -42.16 -61.06
C ARG T 148 -27.08 -43.48 -60.49
N MET T 149 -27.35 -43.75 -59.22
CA MET T 149 -26.83 -44.96 -58.60
C MET T 149 -27.47 -46.20 -59.22
N ASN T 150 -28.79 -46.18 -59.42
CA ASN T 150 -29.45 -47.33 -60.05
C ASN T 150 -28.98 -47.50 -61.48
N GLU T 151 -28.75 -46.40 -62.20
CA GLU T 151 -28.25 -46.51 -63.56
C GLU T 151 -26.89 -47.21 -63.59
N LEU T 152 -25.96 -46.77 -62.73
CA LEU T 152 -24.64 -47.40 -62.70
C LEU T 152 -24.74 -48.85 -62.25
N MET T 153 -25.60 -49.13 -61.27
CA MET T 153 -25.81 -50.49 -60.82
C MET T 153 -26.29 -51.38 -61.95
N ALA T 154 -27.24 -50.89 -62.74
CA ALA T 154 -27.70 -51.66 -63.90
C ALA T 154 -26.56 -51.87 -64.88
N LEU T 155 -25.66 -50.90 -64.99
CA LEU T 155 -24.59 -51.01 -65.96
C LEU T 155 -23.63 -52.15 -65.60
N HIS T 156 -23.26 -52.25 -64.32
CA HIS T 156 -22.25 -53.21 -63.89
C HIS T 156 -22.80 -54.63 -63.71
N THR T 157 -24.07 -54.75 -63.32
CA THR T 157 -24.67 -56.06 -63.09
C THR T 157 -25.28 -56.67 -64.34
N GLY T 158 -25.65 -55.85 -65.32
CA GLY T 158 -26.36 -56.32 -66.48
C GLY T 158 -27.86 -56.43 -66.33
N GLN T 159 -28.39 -56.21 -65.13
CA GLN T 159 -29.82 -56.19 -64.95
C GLN T 159 -30.43 -54.97 -65.63
N SER T 160 -31.73 -55.02 -65.85
CA SER T 160 -32.43 -53.86 -66.40
C SER T 160 -32.60 -52.82 -65.31
N LEU T 161 -32.72 -51.56 -65.74
CA LEU T 161 -32.93 -50.49 -64.78
C LEU T 161 -34.22 -50.69 -64.00
N GLU T 162 -35.22 -51.32 -64.63
CA GLU T 162 -36.46 -51.65 -63.92
C GLU T 162 -36.19 -52.62 -62.77
N GLN T 163 -35.39 -53.66 -63.02
CA GLN T 163 -35.16 -54.68 -62.00
C GLN T 163 -34.40 -54.12 -60.80
N ILE T 164 -33.35 -53.34 -61.06
CA ILE T 164 -32.59 -52.74 -59.97
C ILE T 164 -33.51 -51.88 -59.10
N GLU T 165 -34.45 -51.17 -59.72
CA GLU T 165 -35.37 -50.32 -58.98
C GLU T 165 -36.22 -51.15 -58.02
N ARG T 166 -36.95 -52.14 -58.55
CA ARG T 166 -37.82 -52.94 -57.71
C ARG T 166 -37.03 -53.64 -56.60
N ASP T 167 -35.79 -54.03 -56.88
CA ASP T 167 -35.04 -54.82 -55.92
C ASP T 167 -34.37 -53.97 -54.83
N THR T 168 -34.26 -52.65 -55.03
CA THR T 168 -33.63 -51.77 -54.06
C THR T 168 -34.62 -50.93 -53.28
N GLU T 169 -35.92 -51.00 -53.61
CA GLU T 169 -36.91 -50.21 -52.87
C GLU T 169 -36.89 -50.55 -51.39
N ARG T 170 -36.67 -51.82 -51.05
CA ARG T 170 -36.53 -52.26 -49.68
C ARG T 170 -35.31 -53.15 -49.58
N ASP T 171 -34.77 -53.29 -48.37
CA ASP T 171 -33.58 -54.11 -48.19
C ASP T 171 -33.75 -55.46 -48.85
N ARG T 172 -32.66 -55.97 -49.43
CA ARG T 172 -32.68 -57.23 -50.16
C ARG T 172 -31.33 -57.90 -49.95
N PHE T 173 -31.33 -59.04 -49.27
CA PHE T 173 -30.10 -59.79 -49.00
C PHE T 173 -29.88 -60.84 -50.09
N LEU T 174 -28.62 -61.01 -50.48
CA LEU T 174 -28.23 -61.99 -51.48
C LEU T 174 -27.07 -62.82 -50.95
N SER T 175 -27.16 -64.14 -51.11
CA SER T 175 -26.05 -65.00 -50.78
C SER T 175 -24.97 -64.90 -51.85
N ALA T 176 -23.81 -65.49 -51.56
CA ALA T 176 -22.73 -65.51 -52.54
C ALA T 176 -23.17 -66.12 -53.86
N PRO T 177 -23.78 -67.31 -53.89
CA PRO T 177 -24.27 -67.85 -55.17
C PRO T 177 -25.39 -67.04 -55.79
N GLU T 178 -26.27 -66.45 -54.97
CA GLU T 178 -27.31 -65.59 -55.55
C GLU T 178 -26.72 -64.36 -56.20
N ALA T 179 -25.56 -63.89 -55.73
CA ALA T 179 -24.96 -62.69 -56.28
C ALA T 179 -24.33 -62.93 -57.64
N VAL T 180 -23.89 -64.16 -57.92
CA VAL T 180 -23.36 -64.44 -59.25
C VAL T 180 -24.51 -64.60 -60.25
N GLU T 181 -25.63 -65.17 -59.80
CA GLU T 181 -26.81 -65.27 -60.65
C GLU T 181 -27.33 -63.88 -61.01
N TYR T 182 -27.53 -63.04 -59.99
CA TYR T 182 -28.06 -61.70 -60.23
C TYR T 182 -27.11 -60.84 -61.07
N GLY T 183 -25.82 -61.15 -61.07
CA GLY T 183 -24.85 -60.41 -61.85
C GLY T 183 -23.97 -59.47 -61.06
N LEU T 184 -24.13 -59.42 -59.73
CA LEU T 184 -23.29 -58.53 -58.92
C LEU T 184 -21.83 -58.92 -58.98
N VAL T 185 -21.53 -60.23 -59.00
CA VAL T 185 -20.15 -60.69 -59.02
C VAL T 185 -20.07 -61.79 -60.07
N ASP T 186 -18.84 -62.09 -60.48
CA ASP T 186 -18.63 -63.02 -61.59
C ASP T 186 -18.48 -64.47 -61.16
N SER T 187 -17.79 -64.74 -60.06
CA SER T 187 -17.61 -66.11 -59.62
C SER T 187 -17.34 -66.10 -58.11
N ILE T 188 -17.17 -67.30 -57.54
CA ILE T 188 -16.94 -67.49 -56.12
C ILE T 188 -15.55 -68.08 -55.91
N LEU T 189 -14.80 -67.51 -54.98
CA LEU T 189 -13.52 -68.08 -54.56
C LEU T 189 -13.78 -69.16 -53.51
N THR T 190 -13.68 -70.41 -53.93
CA THR T 190 -13.70 -71.54 -53.00
C THR T 190 -12.27 -71.96 -52.72
N HIS T 191 -11.61 -72.56 -53.70
CA HIS T 191 -10.21 -72.97 -53.63
C HIS T 191 -9.86 -73.45 -52.23
N ARG T 192 -10.62 -74.46 -51.79
CA ARG T 192 -10.46 -75.01 -50.45
C ARG T 192 -9.11 -75.71 -50.29
N LEU U 2 -4.52 -48.04 -41.20
CA LEU U 2 -4.44 -46.58 -41.13
C LEU U 2 -2.99 -46.12 -41.22
N VAL U 3 -2.80 -44.91 -41.76
CA VAL U 3 -1.49 -44.41 -42.16
C VAL U 3 -0.62 -45.56 -42.65
N PRO U 4 -0.95 -46.17 -43.80
CA PRO U 4 -0.11 -47.26 -44.32
C PRO U 4 1.20 -46.74 -44.87
N MET U 5 2.30 -47.31 -44.37
CA MET U 5 3.63 -46.97 -44.85
C MET U 5 3.80 -47.33 -46.33
N ASP U 18 5.07 -43.35 -44.85
CA ASP U 18 3.67 -42.91 -44.90
C ASP U 18 3.22 -42.81 -46.36
N ILE U 19 1.91 -42.91 -46.60
CA ILE U 19 1.41 -42.88 -47.97
C ILE U 19 1.09 -41.47 -48.42
N TYR U 20 0.41 -40.68 -47.58
CA TYR U 20 0.17 -39.28 -47.92
C TYR U 20 1.48 -38.53 -48.10
N SER U 21 2.53 -38.97 -47.40
CA SER U 21 3.85 -38.36 -47.59
C SER U 21 4.47 -38.81 -48.91
N ARG U 22 4.20 -40.05 -49.34
CA ARG U 22 4.74 -40.53 -50.60
C ARG U 22 4.18 -39.75 -51.78
N LEU U 23 2.85 -39.58 -51.82
CA LEU U 23 2.23 -38.81 -52.89
C LEU U 23 2.58 -37.33 -52.82
N LEU U 24 3.07 -36.86 -51.67
CA LEU U 24 3.53 -35.48 -51.58
C LEU U 24 4.78 -35.24 -52.40
N LYS U 25 5.59 -36.28 -52.64
CA LYS U 25 6.77 -36.14 -53.48
C LYS U 25 6.43 -36.25 -54.96
N GLU U 26 5.20 -36.68 -55.25
CA GLU U 26 4.67 -36.73 -56.59
C GLU U 26 3.86 -35.48 -56.89
N ARG U 27 3.86 -34.49 -55.97
CA ARG U 27 3.22 -33.18 -56.01
C ARG U 27 1.76 -33.30 -55.89
N VAL U 28 1.33 -34.11 -54.94
CA VAL U 28 -0.11 -34.33 -54.74
C VAL U 28 -0.47 -33.98 -53.30
N ILE U 29 -1.43 -33.08 -53.14
CA ILE U 29 -1.94 -32.67 -51.84
C ILE U 29 -3.42 -33.03 -51.78
N PHE U 30 -3.88 -33.45 -50.60
CA PHE U 30 -5.25 -33.89 -50.39
C PHE U 30 -5.97 -32.90 -49.46
N LEU U 31 -7.08 -32.34 -49.95
CA LEU U 31 -7.98 -31.52 -49.15
C LEU U 31 -9.22 -32.34 -48.83
N THR U 32 -9.33 -32.81 -47.59
CA THR U 32 -10.37 -33.75 -47.19
C THR U 32 -11.04 -33.28 -45.90
N GLY U 33 -12.36 -33.39 -45.85
CA GLY U 33 -13.12 -33.08 -44.66
C GLY U 33 -13.40 -31.59 -44.52
N GLN U 34 -13.93 -31.23 -43.35
CA GLN U 34 -14.19 -29.84 -43.04
C GLN U 34 -12.91 -29.02 -43.18
N VAL U 35 -13.01 -27.87 -43.84
CA VAL U 35 -11.88 -26.95 -43.94
C VAL U 35 -11.90 -26.05 -42.71
N GLU U 36 -10.76 -25.97 -42.02
CA GLU U 36 -10.63 -25.19 -40.81
C GLU U 36 -9.18 -24.77 -40.66
N ASP U 37 -8.93 -23.87 -39.71
CA ASP U 37 -7.64 -23.19 -39.63
C ASP U 37 -6.48 -24.16 -39.64
N HIS U 38 -6.61 -25.30 -38.94
CA HIS U 38 -5.47 -26.18 -38.77
C HIS U 38 -5.26 -27.09 -39.96
N MET U 39 -6.31 -27.76 -40.43
CA MET U 39 -6.15 -28.58 -41.62
C MET U 39 -5.74 -27.73 -42.82
N ALA U 40 -6.24 -26.49 -42.89
CA ALA U 40 -5.91 -25.61 -44.00
C ALA U 40 -4.48 -25.11 -43.90
N ASN U 41 -4.04 -24.75 -42.69
CA ASN U 41 -2.64 -24.34 -42.52
C ASN U 41 -1.69 -25.44 -42.95
N LEU U 42 -2.07 -26.68 -42.69
CA LEU U 42 -1.28 -27.82 -43.16
C LEU U 42 -1.24 -27.89 -44.68
N ILE U 43 -2.33 -27.52 -45.33
CA ILE U 43 -2.35 -27.50 -46.79
C ILE U 43 -1.42 -26.41 -47.31
N VAL U 44 -1.43 -25.24 -46.64
CA VAL U 44 -0.55 -24.14 -47.03
C VAL U 44 0.90 -24.56 -46.93
N ALA U 45 1.26 -25.27 -45.86
CA ALA U 45 2.64 -25.69 -45.67
C ALA U 45 3.08 -26.62 -46.80
N GLN U 46 2.21 -27.52 -47.24
CA GLN U 46 2.56 -28.39 -48.36
C GLN U 46 2.73 -27.58 -49.64
N MET U 47 1.84 -26.61 -49.87
CA MET U 47 1.95 -25.78 -51.09
C MET U 47 3.23 -24.96 -51.07
N LEU U 48 3.55 -24.34 -49.93
CA LEU U 48 4.78 -23.59 -49.83
C LEU U 48 6.00 -24.52 -49.96
N PHE U 49 5.92 -25.71 -49.40
CA PHE U 49 7.06 -26.62 -49.48
C PHE U 49 7.25 -27.15 -50.87
N LEU U 50 6.16 -27.33 -51.58
CA LEU U 50 6.24 -27.83 -52.92
C LEU U 50 6.80 -26.76 -53.80
N GLU U 51 6.48 -25.51 -53.55
CA GLU U 51 7.03 -24.45 -54.34
C GLU U 51 8.53 -24.47 -54.18
N ALA U 52 9.01 -24.62 -52.96
CA ALA U 52 10.45 -24.60 -52.70
C ALA U 52 11.16 -25.72 -53.44
N GLU U 53 10.51 -26.88 -53.57
CA GLU U 53 11.17 -28.01 -54.22
C GLU U 53 11.34 -27.78 -55.71
N ASN U 54 10.36 -27.13 -56.34
CA ASN U 54 10.43 -26.85 -57.77
C ASN U 54 9.33 -25.86 -58.14
N PRO U 55 9.63 -24.58 -58.35
CA PRO U 55 8.57 -23.61 -58.60
C PRO U 55 7.88 -23.77 -59.94
N GLU U 56 8.36 -24.63 -60.83
CA GLU U 56 7.76 -24.78 -62.15
C GLU U 56 6.74 -25.91 -62.21
N LYS U 57 7.11 -27.10 -61.77
CA LYS U 57 6.21 -28.25 -61.83
C LYS U 57 4.87 -27.92 -61.18
N ASP U 58 3.79 -28.40 -61.78
CA ASP U 58 2.45 -28.14 -61.27
C ASP U 58 2.22 -28.89 -59.96
N ILE U 59 1.28 -28.38 -59.16
CA ILE U 59 0.84 -29.01 -57.93
C ILE U 59 -0.58 -29.53 -58.13
N TYR U 60 -0.88 -30.64 -57.45
CA TYR U 60 -2.12 -31.39 -57.65
C TYR U 60 -2.88 -31.46 -56.32
N LEU U 61 -4.05 -30.83 -56.29
CA LEU U 61 -4.86 -30.73 -55.08
C LEU U 61 -6.16 -31.51 -55.29
N TYR U 62 -6.25 -32.69 -54.68
CA TYR U 62 -7.50 -33.45 -54.68
C TYR U 62 -8.44 -32.88 -53.62
N ILE U 63 -9.72 -32.75 -53.97
CA ILE U 63 -10.70 -32.10 -53.11
C ILE U 63 -11.91 -33.01 -52.92
N ASN U 64 -12.19 -33.34 -51.66
CA ASN U 64 -13.43 -34.03 -51.27
C ASN U 64 -13.83 -33.43 -49.91
N SER U 65 -14.67 -32.41 -49.94
CA SER U 65 -15.00 -31.65 -48.73
C SER U 65 -16.44 -31.19 -48.71
N PRO U 66 -17.12 -31.26 -47.56
CA PRO U 66 -18.48 -30.71 -47.46
C PRO U 66 -18.57 -29.26 -47.03
N GLY U 67 -17.46 -28.55 -46.92
CA GLY U 67 -17.45 -27.14 -46.54
C GLY U 67 -16.59 -26.88 -45.32
N GLY U 68 -16.60 -25.62 -44.91
CA GLY U 68 -15.84 -25.21 -43.74
C GLY U 68 -15.75 -23.69 -43.63
N VAL U 69 -14.80 -23.25 -42.82
CA VAL U 69 -14.65 -21.83 -42.52
C VAL U 69 -14.15 -21.08 -43.75
N ILE U 70 -14.62 -19.84 -43.93
CA ILE U 70 -14.20 -19.04 -45.07
C ILE U 70 -12.77 -18.58 -44.89
N THR U 71 -12.47 -17.96 -43.76
CA THR U 71 -11.11 -17.45 -43.52
C THR U 71 -10.07 -18.55 -43.72
N ALA U 72 -10.32 -19.72 -43.13
CA ALA U 72 -9.41 -20.84 -43.32
C ALA U 72 -9.29 -21.19 -44.80
N GLY U 73 -10.42 -21.21 -45.51
CA GLY U 73 -10.38 -21.52 -46.92
C GLY U 73 -9.65 -20.46 -47.72
N MET U 74 -9.80 -19.19 -47.33
CA MET U 74 -9.15 -18.11 -48.06
C MET U 74 -7.64 -18.11 -47.87
N SER U 75 -7.16 -18.67 -46.75
CA SER U 75 -5.71 -18.84 -46.58
C SER U 75 -5.16 -19.80 -47.63
N ILE U 76 -5.96 -20.80 -48.03
CA ILE U 76 -5.54 -21.69 -49.11
C ILE U 76 -5.63 -20.98 -50.45
N TYR U 77 -6.74 -20.28 -50.70
CA TYR U 77 -6.93 -19.58 -51.97
C TYR U 77 -5.77 -18.63 -52.24
N ASP U 78 -5.45 -17.77 -51.26
CA ASP U 78 -4.36 -16.82 -51.46
C ASP U 78 -3.03 -17.53 -51.66
N THR U 79 -2.86 -18.70 -51.05
CA THR U 79 -1.62 -19.46 -51.23
C THR U 79 -1.54 -20.02 -52.64
N MET U 80 -2.65 -20.52 -53.18
CA MET U 80 -2.62 -21.03 -54.55
C MET U 80 -2.20 -19.96 -55.54
N GLN U 81 -2.72 -18.74 -55.37
CA GLN U 81 -2.42 -17.67 -56.31
C GLN U 81 -1.03 -17.09 -56.10
N PHE U 82 -0.50 -17.18 -54.87
CA PHE U 82 0.78 -16.57 -54.57
C PHE U 82 1.95 -17.40 -55.09
N ILE U 83 1.89 -18.72 -54.92
CA ILE U 83 3.02 -19.56 -55.31
C ILE U 83 3.12 -19.59 -56.83
N LYS U 84 4.36 -19.66 -57.33
CA LYS U 84 4.59 -19.75 -58.76
C LYS U 84 3.88 -20.94 -59.41
N PRO U 85 4.02 -22.17 -58.90
CA PRO U 85 3.43 -23.31 -59.61
C PRO U 85 1.92 -23.17 -59.76
N ASP U 86 1.42 -23.68 -60.88
CA ASP U 86 -0.02 -23.79 -61.07
C ASP U 86 -0.57 -24.87 -60.16
N VAL U 87 -1.73 -24.60 -59.56
CA VAL U 87 -2.40 -25.55 -58.69
C VAL U 87 -3.57 -26.14 -59.47
N SER U 88 -3.45 -27.40 -59.85
CA SER U 88 -4.54 -28.12 -60.50
C SER U 88 -5.47 -28.67 -59.44
N THR U 89 -6.77 -28.52 -59.66
CA THR U 89 -7.78 -28.93 -58.69
C THR U 89 -8.53 -30.14 -59.22
N ILE U 90 -8.73 -31.12 -58.34
CA ILE U 90 -9.40 -32.37 -58.65
C ILE U 90 -10.53 -32.59 -57.65
N CYS U 91 -11.76 -32.67 -58.16
CA CYS U 91 -12.94 -32.92 -57.32
C CYS U 91 -13.28 -34.40 -57.41
N MET U 92 -13.22 -35.09 -56.28
CA MET U 92 -13.60 -36.48 -56.18
C MET U 92 -14.61 -36.59 -55.04
N GLY U 93 -15.70 -37.30 -55.29
CA GLY U 93 -16.76 -37.41 -54.30
C GLY U 93 -17.69 -36.22 -54.33
N GLN U 94 -17.33 -35.16 -53.60
CA GLN U 94 -18.13 -33.95 -53.59
C GLN U 94 -17.23 -32.75 -53.29
N ALA U 95 -17.71 -31.57 -53.66
CA ALA U 95 -17.05 -30.30 -53.36
C ALA U 95 -18.15 -29.29 -53.07
N ALA U 96 -18.46 -29.09 -51.79
CA ALA U 96 -19.55 -28.20 -51.41
C ALA U 96 -18.99 -26.91 -50.80
N SER U 97 -19.87 -26.04 -50.33
CA SER U 97 -19.49 -24.70 -49.84
C SER U 97 -18.07 -24.16 -50.22
N MET U 98 -17.07 -24.38 -49.37
CA MET U 98 -15.72 -23.92 -49.66
C MET U 98 -14.92 -24.86 -50.54
N GLY U 99 -15.26 -26.16 -50.53
CA GLY U 99 -14.61 -27.09 -51.43
C GLY U 99 -14.85 -26.72 -52.88
N ALA U 100 -16.07 -26.26 -53.20
CA ALA U 100 -16.36 -25.81 -54.55
C ALA U 100 -15.61 -24.51 -54.86
N PHE U 101 -15.47 -23.62 -53.88
CA PHE U 101 -14.75 -22.38 -54.12
C PHE U 101 -13.29 -22.64 -54.47
N LEU U 102 -12.63 -23.50 -53.70
CA LEU U 102 -11.22 -23.79 -53.97
C LEU U 102 -11.06 -24.62 -55.25
N LEU U 103 -12.04 -25.47 -55.56
CA LEU U 103 -12.01 -26.21 -56.82
C LEU U 103 -11.96 -25.24 -58.00
N THR U 104 -12.83 -24.22 -57.96
CA THR U 104 -12.91 -23.25 -59.05
C THR U 104 -11.74 -22.29 -59.10
N ALA U 105 -10.99 -22.17 -58.00
CA ALA U 105 -9.82 -21.30 -57.94
C ALA U 105 -8.58 -21.92 -58.56
N GLY U 106 -8.67 -23.15 -59.06
CA GLY U 106 -7.51 -23.79 -59.64
C GLY U 106 -7.00 -23.05 -60.86
N ALA U 107 -5.78 -23.39 -61.25
CA ALA U 107 -5.15 -22.78 -62.42
C ALA U 107 -6.03 -22.98 -63.64
N LYS U 108 -6.22 -21.90 -64.41
CA LYS U 108 -7.11 -21.95 -65.55
C LYS U 108 -6.72 -23.07 -66.49
N GLY U 109 -7.70 -23.88 -66.89
CA GLY U 109 -7.47 -24.98 -67.80
C GLY U 109 -7.08 -26.28 -67.16
N LYS U 110 -6.88 -26.31 -65.84
CA LYS U 110 -6.42 -27.51 -65.14
C LYS U 110 -7.34 -27.88 -63.98
N ARG U 111 -8.61 -27.51 -64.08
CA ARG U 111 -9.63 -27.88 -63.09
C ARG U 111 -10.44 -29.04 -63.64
N PHE U 112 -10.65 -30.07 -62.81
CA PHE U 112 -11.26 -31.32 -63.25
C PHE U 112 -12.28 -31.81 -62.24
N CYS U 113 -13.30 -32.48 -62.76
CA CYS U 113 -14.25 -33.25 -61.97
C CYS U 113 -14.24 -34.71 -62.43
N LEU U 114 -14.48 -35.61 -61.50
CA LEU U 114 -14.69 -37.01 -61.86
C LEU U 114 -16.15 -37.23 -62.27
N PRO U 115 -16.42 -38.30 -63.02
CA PRO U 115 -17.74 -38.42 -63.67
C PRO U 115 -18.92 -38.28 -62.72
N ASN U 116 -18.83 -38.83 -61.51
CA ASN U 116 -19.92 -38.84 -60.56
C ASN U 116 -19.65 -37.92 -59.36
N SER U 117 -18.82 -36.89 -59.57
CA SER U 117 -18.60 -35.89 -58.54
C SER U 117 -19.85 -35.02 -58.40
N ARG U 118 -19.87 -34.24 -57.33
CA ARG U 118 -21.03 -33.41 -56.99
C ARG U 118 -20.52 -32.10 -56.41
N VAL U 119 -20.95 -30.99 -56.99
CA VAL U 119 -20.57 -29.66 -56.51
C VAL U 119 -21.82 -28.97 -55.98
N MET U 120 -21.68 -28.33 -54.83
CA MET U 120 -22.76 -27.57 -54.22
C MET U 120 -22.25 -26.18 -53.88
N ILE U 121 -23.05 -25.17 -54.19
CA ILE U 121 -22.72 -23.78 -53.92
C ILE U 121 -23.89 -23.15 -53.16
N HIS U 122 -23.56 -22.21 -52.29
CA HIS U 122 -24.57 -21.44 -51.55
C HIS U 122 -23.89 -20.18 -51.01
N GLN U 123 -24.67 -19.32 -50.38
CA GLN U 123 -24.12 -18.10 -49.81
C GLN U 123 -23.53 -18.40 -48.44
N PRO U 124 -22.75 -17.47 -47.89
CA PRO U 124 -22.13 -17.70 -46.58
C PRO U 124 -23.15 -17.79 -45.47
N LEU U 125 -22.78 -18.55 -44.42
CA LEU U 125 -23.55 -18.59 -43.20
C LEU U 125 -22.75 -17.99 -42.06
N GLY U 126 -23.45 -17.56 -41.02
CA GLY U 126 -22.80 -16.98 -39.87
C GLY U 126 -23.78 -16.74 -38.75
N GLY U 127 -23.31 -16.07 -37.71
CA GLY U 127 -24.14 -15.75 -36.57
C GLY U 127 -23.36 -15.01 -35.49
N TYR U 128 -24.07 -14.21 -34.70
CA TYR U 128 -23.44 -13.43 -33.64
C TYR U 128 -24.48 -13.07 -32.59
N GLN U 129 -24.02 -12.98 -31.34
CA GLN U 129 -24.82 -12.50 -30.23
C GLN U 129 -24.12 -11.30 -29.61
N GLY U 130 -24.91 -10.32 -29.17
CA GLY U 130 -24.37 -9.17 -28.48
C GLY U 130 -25.29 -7.98 -28.63
N GLN U 131 -24.73 -6.80 -28.34
CA GLN U 131 -25.51 -5.57 -28.44
C GLN U 131 -25.86 -5.29 -29.90
N ALA U 132 -26.96 -4.54 -30.08
CA ALA U 132 -27.42 -4.23 -31.43
C ALA U 132 -26.33 -3.51 -32.23
N THR U 133 -25.58 -2.62 -31.57
CA THR U 133 -24.49 -1.94 -32.25
C THR U 133 -23.46 -2.94 -32.76
N ASP U 134 -23.07 -3.89 -31.92
CA ASP U 134 -22.13 -4.92 -32.34
C ASP U 134 -22.73 -5.80 -33.42
N ILE U 135 -24.04 -6.05 -33.35
CA ILE U 135 -24.70 -6.88 -34.36
C ILE U 135 -24.55 -6.24 -35.74
N GLU U 136 -24.73 -4.92 -35.83
CA GLU U 136 -24.61 -4.24 -37.11
C GLU U 136 -23.21 -4.37 -37.68
N ILE U 137 -22.19 -4.31 -36.82
CA ILE U 137 -20.82 -4.43 -37.29
C ILE U 137 -20.58 -5.81 -37.92
N HIS U 138 -21.04 -6.86 -37.25
CA HIS U 138 -20.82 -8.21 -37.76
C HIS U 138 -21.76 -8.53 -38.92
N ALA U 139 -22.99 -8.01 -38.88
CA ALA U 139 -23.89 -8.19 -40.01
C ALA U 139 -23.36 -7.50 -41.26
N ARG U 140 -22.73 -6.34 -41.09
CA ARG U 140 -22.15 -5.66 -42.23
C ARG U 140 -20.92 -6.40 -42.76
N GLU U 141 -20.17 -7.06 -41.89
CA GLU U 141 -18.96 -7.74 -42.33
C GLU U 141 -19.30 -8.99 -43.13
N ILE U 142 -20.25 -9.79 -42.66
CA ILE U 142 -20.58 -11.03 -43.37
C ILE U 142 -21.16 -10.73 -44.74
N LEU U 143 -21.85 -9.60 -44.89
CA LEU U 143 -22.34 -9.21 -46.21
C LEU U 143 -21.18 -8.76 -47.11
N LYS U 144 -20.22 -8.01 -46.55
CA LYS U 144 -19.01 -7.68 -47.30
C LYS U 144 -18.32 -8.95 -47.80
N VAL U 145 -18.24 -9.97 -46.95
CA VAL U 145 -17.66 -11.25 -47.37
C VAL U 145 -18.46 -11.84 -48.51
N LYS U 146 -19.79 -11.91 -48.36
CA LYS U 146 -20.64 -12.42 -49.42
C LYS U 146 -20.39 -11.68 -50.73
N GLY U 147 -20.22 -10.36 -50.66
CA GLY U 147 -19.96 -9.60 -51.87
C GLY U 147 -18.62 -9.95 -52.50
N ARG U 148 -17.60 -10.14 -51.68
CA ARG U 148 -16.28 -10.48 -52.22
C ARG U 148 -16.24 -11.94 -52.68
N MET U 149 -16.93 -12.83 -51.97
CA MET U 149 -16.95 -14.23 -52.38
C MET U 149 -17.62 -14.36 -53.75
N ASN U 150 -18.75 -13.69 -53.95
CA ASN U 150 -19.42 -13.74 -55.24
C ASN U 150 -18.57 -13.11 -56.35
N GLU U 151 -17.86 -12.02 -56.03
CA GLU U 151 -16.99 -11.41 -57.03
C GLU U 151 -15.91 -12.37 -57.51
N LEU U 152 -15.22 -13.02 -56.56
CA LEU U 152 -14.14 -13.93 -56.94
C LEU U 152 -14.66 -15.13 -57.71
N MET U 153 -15.81 -15.69 -57.28
CA MET U 153 -16.40 -16.80 -58.02
C MET U 153 -16.73 -16.38 -59.46
N ALA U 154 -17.30 -15.18 -59.62
CA ALA U 154 -17.61 -14.71 -60.97
C ALA U 154 -16.34 -14.58 -61.80
N LEU U 155 -15.22 -14.19 -61.19
CA LEU U 155 -13.98 -14.02 -61.92
C LEU U 155 -13.48 -15.36 -62.45
N HIS U 156 -13.52 -16.41 -61.62
CA HIS U 156 -12.94 -17.69 -62.01
C HIS U 156 -13.83 -18.50 -62.93
N THR U 157 -15.16 -18.36 -62.81
CA THR U 157 -16.08 -19.13 -63.64
C THR U 157 -16.40 -18.46 -64.98
N GLY U 158 -16.27 -17.14 -65.06
CA GLY U 158 -16.73 -16.41 -66.22
C GLY U 158 -18.18 -15.98 -66.17
N GLN U 159 -18.92 -16.40 -65.16
CA GLN U 159 -20.29 -15.94 -65.01
C GLN U 159 -20.31 -14.46 -64.63
N SER U 160 -21.46 -13.83 -64.85
CA SER U 160 -21.65 -12.45 -64.42
C SER U 160 -21.90 -12.45 -62.91
N LEU U 161 -21.58 -11.34 -62.27
CA LEU U 161 -21.84 -11.24 -60.83
C LEU U 161 -23.32 -11.43 -60.55
N GLU U 162 -24.18 -10.78 -61.33
CA GLU U 162 -25.61 -10.92 -61.13
C GLU U 162 -26.06 -12.37 -61.19
N GLN U 163 -25.34 -13.22 -61.92
CA GLN U 163 -25.72 -14.62 -62.04
C GLN U 163 -25.26 -15.43 -60.83
N ILE U 164 -24.01 -15.24 -60.40
CA ILE U 164 -23.53 -15.94 -59.22
C ILE U 164 -24.43 -15.61 -58.03
N GLU U 165 -24.89 -14.37 -57.94
CA GLU U 165 -25.77 -13.97 -56.85
C GLU U 165 -27.08 -14.76 -56.86
N ARG U 166 -27.78 -14.76 -58.00
CA ARG U 166 -29.06 -15.45 -58.08
C ARG U 166 -28.92 -16.94 -57.74
N ASP U 167 -27.83 -17.56 -58.18
CA ASP U 167 -27.69 -19.00 -58.04
C ASP U 167 -27.22 -19.45 -56.66
N THR U 168 -26.71 -18.53 -55.83
CA THR U 168 -26.21 -18.88 -54.51
C THR U 168 -27.14 -18.47 -53.37
N GLU U 169 -28.23 -17.76 -53.65
CA GLU U 169 -29.14 -17.36 -52.57
C GLU U 169 -29.63 -18.58 -51.79
N ARG U 170 -29.84 -19.69 -52.48
CA ARG U 170 -30.17 -20.95 -51.84
C ARG U 170 -29.29 -22.05 -52.42
N ASP U 171 -29.16 -23.14 -51.66
CA ASP U 171 -28.34 -24.26 -52.08
C ASP U 171 -28.67 -24.66 -53.51
N ARG U 172 -27.64 -24.92 -54.30
CA ARG U 172 -27.81 -25.37 -55.67
C ARG U 172 -26.77 -26.44 -55.96
N PHE U 173 -27.24 -27.59 -56.43
CA PHE U 173 -26.37 -28.70 -56.77
C PHE U 173 -26.02 -28.68 -58.25
N LEU U 174 -24.77 -29.02 -58.57
CA LEU U 174 -24.30 -29.10 -59.94
C LEU U 174 -23.59 -30.43 -60.11
N SER U 175 -23.95 -31.16 -61.17
CA SER U 175 -23.26 -32.39 -61.51
C SER U 175 -21.91 -32.06 -62.18
N ALA U 176 -21.13 -33.11 -62.41
CA ALA U 176 -19.85 -32.93 -63.11
C ALA U 176 -20.04 -32.25 -64.46
N PRO U 177 -20.95 -32.69 -65.33
CA PRO U 177 -21.16 -31.96 -66.59
C PRO U 177 -21.75 -30.56 -66.38
N GLU U 178 -22.61 -30.38 -65.37
CA GLU U 178 -23.13 -29.05 -65.09
C GLU U 178 -22.03 -28.10 -64.65
N ALA U 179 -20.98 -28.62 -64.02
CA ALA U 179 -19.90 -27.77 -63.55
C ALA U 179 -19.03 -27.27 -64.71
N VAL U 180 -18.97 -28.02 -65.80
CA VAL U 180 -18.22 -27.56 -66.96
C VAL U 180 -18.97 -26.46 -67.70
N GLU U 181 -20.27 -26.68 -67.95
CA GLU U 181 -21.07 -25.67 -68.64
C GLU U 181 -21.22 -24.40 -67.80
N TYR U 182 -21.13 -24.51 -66.47
CA TYR U 182 -21.28 -23.35 -65.61
C TYR U 182 -19.98 -22.57 -65.46
N GLY U 183 -18.82 -23.21 -65.68
CA GLY U 183 -17.54 -22.57 -65.57
C GLY U 183 -16.76 -22.88 -64.31
N LEU U 184 -17.33 -23.70 -63.41
CA LEU U 184 -16.62 -24.06 -62.19
C LEU U 184 -15.38 -24.91 -62.50
N VAL U 185 -15.47 -25.75 -63.52
CA VAL U 185 -14.42 -26.69 -63.88
C VAL U 185 -14.22 -26.64 -65.38
N ASP U 186 -13.05 -27.11 -65.82
CA ASP U 186 -12.69 -27.05 -67.23
C ASP U 186 -13.12 -28.29 -68.01
N SER U 187 -12.97 -29.49 -67.44
CA SER U 187 -13.36 -30.71 -68.11
C SER U 187 -13.61 -31.79 -67.07
N ILE U 188 -13.98 -32.97 -67.55
CA ILE U 188 -14.25 -34.13 -66.71
C ILE U 188 -13.22 -35.20 -67.03
N LEU U 189 -12.57 -35.73 -66.01
CA LEU U 189 -11.63 -36.84 -66.16
C LEU U 189 -12.39 -38.16 -66.12
N THR U 190 -11.97 -39.10 -66.97
CA THR U 190 -12.65 -40.40 -67.04
C THR U 190 -11.67 -41.57 -66.97
N HIS U 191 -10.56 -41.50 -67.70
CA HIS U 191 -9.61 -42.60 -67.75
C HIS U 191 -8.20 -42.06 -67.91
N ARG U 192 -7.23 -42.97 -67.94
CA ARG U 192 -5.83 -42.62 -68.20
C ARG U 192 -5.27 -41.75 -67.08
N VAL V 3 -45.87 -29.48 5.16
CA VAL V 3 -46.53 -28.29 5.65
C VAL V 3 -47.82 -28.68 6.38
N PRO V 4 -47.79 -28.68 7.71
CA PRO V 4 -49.00 -29.04 8.47
C PRO V 4 -50.09 -28.00 8.30
N MET V 5 -51.33 -28.48 8.19
CA MET V 5 -52.49 -27.63 8.00
C MET V 5 -53.26 -27.48 9.30
N VAL V 6 -54.16 -26.50 9.32
CA VAL V 6 -55.01 -26.26 10.50
C VAL V 6 -56.45 -26.01 10.04
N PHE V 17 -55.89 -22.50 7.19
CA PHE V 17 -55.69 -23.87 6.72
C PHE V 17 -54.24 -24.06 6.27
N ASP V 18 -53.32 -23.62 7.12
CA ASP V 18 -51.88 -23.70 6.87
C ASP V 18 -51.21 -23.16 8.13
N ILE V 19 -49.95 -23.53 8.34
CA ILE V 19 -49.26 -23.13 9.56
C ILE V 19 -48.57 -21.78 9.38
N TYR V 20 -47.86 -21.58 8.27
CA TYR V 20 -47.28 -20.27 8.01
C TYR V 20 -48.36 -19.20 7.82
N SER V 21 -49.54 -19.61 7.34
CA SER V 21 -50.64 -18.65 7.20
C SER V 21 -51.26 -18.32 8.55
N ARG V 22 -51.26 -19.26 9.49
CA ARG V 22 -51.81 -18.97 10.80
C ARG V 22 -50.93 -18.01 11.57
N LEU V 23 -49.61 -18.23 11.54
CA LEU V 23 -48.68 -17.29 12.17
C LEU V 23 -48.65 -15.96 11.45
N LEU V 24 -49.08 -15.92 10.18
CA LEU V 24 -49.18 -14.64 9.49
C LEU V 24 -50.32 -13.81 10.05
N LYS V 25 -51.41 -14.44 10.49
CA LYS V 25 -52.49 -13.68 11.12
C LYS V 25 -52.01 -13.05 12.42
N GLU V 26 -51.14 -13.73 13.16
CA GLU V 26 -50.47 -13.12 14.30
C GLU V 26 -49.31 -12.22 13.89
N ARG V 27 -49.16 -11.99 12.57
CA ARG V 27 -48.28 -10.98 12.01
C ARG V 27 -46.83 -11.42 12.10
N VAL V 28 -46.56 -12.67 11.75
CA VAL V 28 -45.23 -13.25 11.80
C VAL V 28 -44.83 -13.65 10.39
N ILE V 29 -43.70 -13.13 9.93
CA ILE V 29 -43.14 -13.46 8.62
C ILE V 29 -41.81 -14.16 8.84
N PHE V 30 -41.53 -15.16 8.01
CA PHE V 30 -40.31 -15.94 8.11
C PHE V 30 -39.45 -15.68 6.88
N LEU V 31 -38.23 -15.19 7.11
CA LEU V 31 -37.23 -15.04 6.06
C LEU V 31 -36.21 -16.16 6.24
N THR V 32 -36.27 -17.16 5.37
CA THR V 32 -35.48 -18.38 5.52
C THR V 32 -34.76 -18.71 4.23
N GLY V 33 -33.49 -19.10 4.36
CA GLY V 33 -32.71 -19.53 3.22
C GLY V 33 -32.13 -18.39 2.42
N GLN V 34 -31.55 -18.76 1.28
CA GLN V 34 -30.92 -17.78 0.40
C GLN V 34 -31.92 -16.71 -0.02
N VAL V 35 -31.48 -15.45 0.02
CA VAL V 35 -32.29 -14.33 -0.41
C VAL V 35 -32.18 -14.18 -1.92
N GLU V 36 -33.33 -14.08 -2.59
CA GLU V 36 -33.36 -13.93 -4.03
C GLU V 36 -34.66 -13.22 -4.40
N ASP V 37 -34.76 -12.80 -5.66
CA ASP V 37 -35.83 -11.89 -6.07
C ASP V 37 -37.20 -12.42 -5.68
N HIS V 38 -37.40 -13.73 -5.80
CA HIS V 38 -38.74 -14.28 -5.66
C HIS V 38 -39.13 -14.48 -4.20
N MET V 39 -38.25 -15.09 -3.39
CA MET V 39 -38.57 -15.24 -1.98
C MET V 39 -38.70 -13.89 -1.28
N ALA V 40 -37.94 -12.89 -1.75
CA ALA V 40 -38.01 -11.57 -1.14
C ALA V 40 -39.32 -10.88 -1.47
N ASN V 41 -39.79 -11.02 -2.71
CA ASN V 41 -41.08 -10.44 -3.07
C ASN V 41 -42.20 -11.03 -2.21
N LEU V 42 -42.11 -12.33 -1.89
CA LEU V 42 -43.12 -12.94 -1.04
C LEU V 42 -43.12 -12.30 0.34
N ILE V 43 -41.93 -11.95 0.85
CA ILE V 43 -41.84 -11.23 2.11
C ILE V 43 -42.40 -9.82 1.96
N VAL V 44 -42.09 -9.16 0.84
CA VAL V 44 -42.62 -7.82 0.62
C VAL V 44 -44.15 -7.84 0.57
N ALA V 45 -44.72 -8.84 -0.11
CA ALA V 45 -46.17 -8.92 -0.21
C ALA V 45 -46.81 -9.09 1.17
N GLN V 46 -46.18 -9.90 2.03
CA GLN V 46 -46.72 -10.08 3.37
C GLN V 46 -46.63 -8.78 4.18
N MET V 47 -45.53 -8.03 4.03
CA MET V 47 -45.39 -6.78 4.76
C MET V 47 -46.44 -5.77 4.31
N LEU V 48 -46.64 -5.63 2.99
CA LEU V 48 -47.68 -4.74 2.50
C LEU V 48 -49.06 -5.23 2.93
N PHE V 49 -49.26 -6.55 2.95
CA PHE V 49 -50.55 -7.08 3.38
C PHE V 49 -50.80 -6.76 4.85
N LEU V 50 -49.81 -7.03 5.71
CA LEU V 50 -49.98 -6.75 7.13
C LEU V 50 -50.19 -5.26 7.37
N GLU V 51 -49.49 -4.41 6.62
CA GLU V 51 -49.70 -2.97 6.75
C GLU V 51 -51.15 -2.59 6.47
N ALA V 52 -51.72 -3.19 5.44
CA ALA V 52 -53.07 -2.91 5.01
C ALA V 52 -54.11 -3.26 6.03
N GLU V 53 -53.95 -4.39 6.68
CA GLU V 53 -54.90 -4.82 7.66
C GLU V 53 -54.84 -4.02 8.92
N ASN V 54 -53.65 -3.69 9.36
CA ASN V 54 -53.47 -2.93 10.57
C ASN V 54 -52.17 -2.21 10.49
N PRO V 55 -52.18 -0.91 10.21
CA PRO V 55 -50.87 -0.25 10.12
C PRO V 55 -50.28 0.27 11.40
N GLU V 56 -50.85 -0.02 12.55
CA GLU V 56 -50.24 0.43 13.78
C GLU V 56 -49.50 -0.65 14.53
N LYS V 57 -49.96 -1.88 14.44
CA LYS V 57 -49.35 -2.98 15.17
C LYS V 57 -48.02 -3.38 14.51
N ASP V 58 -47.16 -3.99 15.32
CA ASP V 58 -45.82 -4.36 14.87
C ASP V 58 -45.87 -5.61 13.99
N ILE V 59 -44.83 -5.72 13.14
CA ILE V 59 -44.61 -6.92 12.33
C ILE V 59 -43.35 -7.59 12.85
N TYR V 60 -43.33 -8.92 12.78
CA TYR V 60 -42.30 -9.76 13.38
C TYR V 60 -41.66 -10.59 12.27
N LEU V 61 -40.39 -10.32 12.00
CA LEU V 61 -39.66 -10.97 10.91
C LEU V 61 -38.56 -11.83 11.50
N TYR V 62 -38.75 -13.15 11.49
CA TYR V 62 -37.70 -14.08 11.87
C TYR V 62 -36.74 -14.25 10.70
N ILE V 63 -35.44 -14.26 11.00
CA ILE V 63 -34.41 -14.29 9.99
C ILE V 63 -33.49 -15.47 10.29
N ASN V 64 -33.41 -16.40 9.34
CA ASN V 64 -32.44 -17.51 9.38
C ASN V 64 -31.99 -17.73 7.94
N SER V 65 -30.91 -17.05 7.55
CA SER V 65 -30.46 -17.03 6.17
C SER V 65 -28.95 -16.96 6.09
N PRO V 66 -28.33 -17.66 5.16
CA PRO V 66 -26.87 -17.55 4.97
C PRO V 66 -26.42 -16.47 3.99
N GLY V 67 -27.33 -15.65 3.48
CA GLY V 67 -27.00 -14.58 2.56
C GLY V 67 -27.77 -14.68 1.28
N GLY V 68 -27.47 -13.76 0.36
CA GLY V 68 -28.12 -13.75 -0.93
C GLY V 68 -27.83 -12.46 -1.68
N VAL V 69 -28.65 -12.22 -2.71
CA VAL V 69 -28.45 -11.07 -3.58
C VAL V 69 -28.77 -9.79 -2.82
N ILE V 70 -28.03 -8.73 -3.14
CA ILE V 70 -28.20 -7.45 -2.46
C ILE V 70 -29.51 -6.79 -2.89
N THR V 71 -29.71 -6.64 -4.20
CA THR V 71 -30.90 -5.96 -4.68
C THR V 71 -32.19 -6.60 -4.14
N ALA V 72 -32.27 -7.93 -4.19
CA ALA V 72 -33.46 -8.60 -3.67
C ALA V 72 -33.68 -8.28 -2.20
N GLY V 73 -32.60 -8.30 -1.40
CA GLY V 73 -32.74 -7.96 0.00
C GLY V 73 -33.09 -6.50 0.21
N MET V 74 -32.57 -5.62 -0.64
CA MET V 74 -32.86 -4.19 -0.50
C MET V 74 -34.30 -3.87 -0.85
N SER V 75 -34.96 -4.68 -1.68
CA SER V 75 -36.39 -4.52 -1.86
C SER V 75 -37.14 -4.76 -0.56
N ILE V 76 -36.61 -5.65 0.29
CA ILE V 76 -37.19 -5.85 1.61
C ILE V 76 -36.83 -4.68 2.53
N TYR V 77 -35.58 -4.26 2.51
CA TYR V 77 -35.14 -3.16 3.37
C TYR V 77 -36.00 -1.92 3.14
N ASP V 78 -36.13 -1.51 1.88
CA ASP V 78 -36.92 -0.31 1.58
C ASP V 78 -38.38 -0.48 1.97
N THR V 79 -38.89 -1.71 1.89
CA THR V 79 -40.27 -1.95 2.32
C THR V 79 -40.39 -1.87 3.84
N MET V 80 -39.42 -2.42 4.57
CA MET V 80 -39.45 -2.35 6.02
C MET V 80 -39.47 -0.90 6.49
N GLN V 81 -38.66 -0.05 5.88
CA GLN V 81 -38.58 1.35 6.29
C GLN V 81 -39.76 2.15 5.80
N PHE V 82 -40.37 1.74 4.68
CA PHE V 82 -41.44 2.52 4.08
C PHE V 82 -42.78 2.35 4.80
N ILE V 83 -43.13 1.13 5.19
CA ILE V 83 -44.44 0.89 5.78
C ILE V 83 -44.51 1.52 7.17
N LYS V 84 -45.74 1.87 7.57
CA LYS V 84 -45.96 2.51 8.87
C LYS V 84 -45.51 1.64 10.03
N PRO V 85 -45.95 0.39 10.16
CA PRO V 85 -45.60 -0.38 11.36
C PRO V 85 -44.11 -0.61 11.50
N ASP V 86 -43.67 -0.67 12.75
CA ASP V 86 -42.30 -1.06 13.07
C ASP V 86 -42.10 -2.54 12.79
N VAL V 87 -40.95 -2.89 12.21
CA VAL V 87 -40.60 -4.27 11.91
C VAL V 87 -39.55 -4.73 12.91
N SER V 88 -39.95 -5.60 13.83
CA SER V 88 -39.03 -6.23 14.76
C SER V 88 -38.40 -7.44 14.10
N THR V 89 -37.08 -7.57 14.23
CA THR V 89 -36.31 -8.65 13.62
C THR V 89 -35.75 -9.55 14.70
N ILE V 90 -35.89 -10.87 14.49
CA ILE V 90 -35.43 -11.87 15.44
C ILE V 90 -34.58 -12.86 14.66
N CYS V 91 -33.34 -13.03 15.07
CA CYS V 91 -32.38 -13.92 14.43
C CYS V 91 -32.37 -15.25 15.16
N MET V 92 -32.68 -16.33 14.44
CA MET V 92 -32.61 -17.69 14.97
C MET V 92 -31.72 -18.52 14.06
N GLY V 93 -30.81 -19.28 14.63
CA GLY V 93 -29.90 -20.06 13.83
C GLY V 93 -28.72 -19.22 13.35
N GLN V 94 -28.89 -18.53 12.23
CA GLN V 94 -27.85 -17.66 11.73
C GLN V 94 -28.47 -16.54 10.89
N ALA V 95 -27.71 -15.46 10.77
CA ALA V 95 -28.07 -14.33 9.90
C ALA V 95 -26.78 -13.83 9.29
N ALA V 96 -26.49 -14.26 8.07
CA ALA V 96 -25.25 -13.89 7.40
C ALA V 96 -25.52 -12.89 6.27
N SER V 97 -24.50 -12.55 5.50
CA SER V 97 -24.56 -11.45 4.51
C SER V 97 -25.84 -10.56 4.53
N MET V 98 -26.79 -10.78 3.64
CA MET V 98 -28.01 -9.97 3.62
C MET V 98 -28.96 -10.23 4.77
N GLY V 99 -28.94 -11.45 5.32
CA GLY V 99 -29.74 -11.71 6.52
C GLY V 99 -29.29 -10.86 7.69
N ALA V 100 -27.98 -10.66 7.82
CA ALA V 100 -27.47 -9.77 8.87
C ALA V 100 -27.84 -8.31 8.58
N PHE V 101 -27.84 -7.93 7.30
CA PHE V 101 -28.23 -6.57 6.94
C PHE V 101 -29.67 -6.30 7.32
N LEU V 102 -30.58 -7.23 6.99
CA LEU V 102 -31.98 -7.03 7.32
C LEU V 102 -32.25 -7.16 8.82
N LEU V 103 -31.50 -8.01 9.50
CA LEU V 103 -31.63 -8.08 10.96
C LEU V 103 -31.36 -6.72 11.57
N THR V 104 -30.30 -6.08 11.15
CA THR V 104 -29.91 -4.79 11.67
C THR V 104 -30.80 -3.65 11.21
N ALA V 105 -31.56 -3.85 10.14
CA ALA V 105 -32.48 -2.82 9.65
C ALA V 105 -33.80 -2.80 10.40
N GLY V 106 -34.01 -3.69 11.35
CA GLY V 106 -35.25 -3.71 12.11
C GLY V 106 -35.44 -2.46 12.94
N ALA V 107 -36.68 -2.29 13.42
CA ALA V 107 -37.01 -1.12 14.22
C ALA V 107 -36.07 -1.02 15.42
N LYS V 108 -35.58 0.18 15.67
CA LYS V 108 -34.68 0.42 16.79
C LYS V 108 -35.32 -0.06 18.09
N GLY V 109 -34.55 -0.83 18.86
CA GLY V 109 -35.04 -1.37 20.10
C GLY V 109 -35.83 -2.66 19.97
N LYS V 110 -36.08 -3.13 18.75
CA LYS V 110 -36.88 -4.32 18.52
C LYS V 110 -36.13 -5.33 17.66
N ARG V 111 -34.80 -5.27 17.66
CA ARG V 111 -33.96 -6.26 16.99
C ARG V 111 -33.41 -7.21 18.03
N PHE V 112 -33.50 -8.52 17.75
CA PHE V 112 -33.16 -9.52 18.75
C PHE V 112 -32.35 -10.65 18.13
N CYS V 113 -31.50 -11.25 18.96
CA CYS V 113 -30.80 -12.49 18.67
C CYS V 113 -31.18 -13.52 19.72
N LEU V 114 -31.23 -14.78 19.32
CA LEU V 114 -31.39 -15.86 20.28
C LEU V 114 -30.02 -16.21 20.85
N PRO V 115 -29.99 -16.86 22.03
CA PRO V 115 -28.71 -16.97 22.77
C PRO V 115 -27.57 -17.52 21.94
N ASN V 116 -27.84 -18.51 21.08
CA ASN V 116 -26.80 -19.16 20.28
C ASN V 116 -26.92 -18.81 18.81
N SER V 117 -27.48 -17.65 18.49
CA SER V 117 -27.51 -17.18 17.13
C SER V 117 -26.10 -16.78 16.68
N ARG V 118 -25.89 -16.83 15.37
CA ARG V 118 -24.61 -16.48 14.76
C ARG V 118 -24.86 -15.48 13.63
N VAL V 119 -24.03 -14.45 13.58
CA VAL V 119 -24.12 -13.40 12.58
C VAL V 119 -22.78 -13.26 11.88
N MET V 120 -22.81 -13.16 10.55
CA MET V 120 -21.61 -12.94 9.76
C MET V 120 -21.83 -11.74 8.85
N ILE V 121 -20.81 -10.90 8.75
CA ILE V 121 -20.83 -9.72 7.90
C ILE V 121 -19.61 -9.75 7.00
N HIS V 122 -19.78 -9.22 5.79
CA HIS V 122 -18.67 -9.07 4.85
C HIS V 122 -19.07 -8.03 3.81
N GLN V 123 -18.14 -7.71 2.93
CA GLN V 123 -18.38 -6.72 1.89
C GLN V 123 -19.12 -7.36 0.72
N PRO V 124 -19.61 -6.56 -0.21
CA PRO V 124 -20.37 -7.13 -1.33
C PRO V 124 -19.48 -8.02 -2.19
N LEU V 125 -20.13 -8.99 -2.85
CA LEU V 125 -19.51 -9.86 -3.83
C LEU V 125 -20.10 -9.57 -5.19
N GLY V 126 -19.34 -9.88 -6.23
CA GLY V 126 -19.84 -9.64 -7.58
C GLY V 126 -18.93 -10.24 -8.62
N GLY V 127 -19.26 -9.95 -9.88
CA GLY V 127 -18.48 -10.41 -11.00
C GLY V 127 -19.09 -10.02 -12.33
N TYR V 128 -18.26 -9.90 -13.37
CA TYR V 128 -18.74 -9.49 -14.67
C TYR V 128 -17.75 -9.96 -15.73
N GLN V 129 -18.29 -10.28 -16.91
CA GLN V 129 -17.48 -10.59 -18.09
C GLN V 129 -17.85 -9.62 -19.20
N GLY V 130 -16.85 -9.20 -19.97
CA GLY V 130 -17.10 -8.35 -21.12
C GLY V 130 -15.89 -7.50 -21.43
N GLN V 131 -16.13 -6.47 -22.23
CA GLN V 131 -15.08 -5.54 -22.62
C GLN V 131 -14.62 -4.73 -21.41
N ALA V 132 -13.38 -4.24 -21.50
CA ALA V 132 -12.82 -3.45 -20.40
C ALA V 132 -13.69 -2.24 -20.10
N THR V 133 -14.26 -1.61 -21.15
CA THR V 133 -15.15 -0.49 -20.94
C THR V 133 -16.34 -0.89 -20.08
N ASP V 134 -16.96 -2.03 -20.39
CA ASP V 134 -18.08 -2.51 -19.58
C ASP V 134 -17.64 -2.87 -18.17
N ILE V 135 -16.41 -3.39 -18.01
CA ILE V 135 -15.93 -3.75 -16.68
C ILE V 135 -15.85 -2.53 -15.78
N GLU V 136 -15.35 -1.41 -16.30
CA GLU V 136 -15.25 -0.20 -15.49
C GLU V 136 -16.62 0.28 -15.06
N ILE V 137 -17.61 0.17 -15.95
CA ILE V 137 -18.97 0.59 -15.61
C ILE V 137 -19.51 -0.24 -14.45
N HIS V 138 -19.37 -1.57 -14.54
CA HIS V 138 -19.91 -2.44 -13.51
C HIS V 138 -19.05 -2.46 -12.25
N ALA V 139 -17.73 -2.39 -12.41
CA ALA V 139 -16.86 -2.31 -11.23
C ALA V 139 -17.10 -1.00 -10.47
N ARG V 140 -17.31 0.09 -11.20
CA ARG V 140 -17.65 1.35 -10.54
C ARG V 140 -18.97 1.23 -9.80
N GLU V 141 -19.92 0.46 -10.33
CA GLU V 141 -21.24 0.37 -9.71
C GLU V 141 -21.18 -0.44 -8.43
N ILE V 142 -20.50 -1.59 -8.45
CA ILE V 142 -20.45 -2.42 -7.26
C ILE V 142 -19.76 -1.69 -6.12
N LEU V 143 -18.83 -0.78 -6.45
CA LEU V 143 -18.21 0.03 -5.41
C LEU V 143 -19.20 1.06 -4.86
N LYS V 144 -20.04 1.62 -5.72
CA LYS V 144 -21.12 2.47 -5.22
C LYS V 144 -22.05 1.68 -4.31
N VAL V 145 -22.33 0.42 -4.67
CA VAL V 145 -23.15 -0.42 -3.81
C VAL V 145 -22.44 -0.64 -2.47
N LYS V 146 -21.16 -1.01 -2.52
CA LYS V 146 -20.39 -1.20 -1.30
C LYS V 146 -20.46 0.04 -0.41
N GLY V 147 -20.40 1.22 -1.01
CA GLY V 147 -20.47 2.45 -0.24
C GLY V 147 -21.78 2.63 0.49
N ARG V 148 -22.89 2.61 -0.25
CA ARG V 148 -24.19 2.83 0.37
C ARG V 148 -24.51 1.74 1.40
N MET V 149 -24.08 0.50 1.14
CA MET V 149 -24.36 -0.58 2.09
C MET V 149 -23.65 -0.33 3.42
N ASN V 150 -22.37 0.06 3.37
CA ASN V 150 -21.65 0.35 4.61
C ASN V 150 -22.24 1.58 5.30
N GLU V 151 -22.66 2.57 4.53
CA GLU V 151 -23.29 3.76 5.11
C GLU V 151 -24.54 3.36 5.89
N LEU V 152 -25.40 2.55 5.29
CA LEU V 152 -26.63 2.12 5.97
C LEU V 152 -26.30 1.29 7.21
N MET V 153 -25.31 0.39 7.11
CA MET V 153 -24.92 -0.38 8.28
C MET V 153 -24.47 0.53 9.41
N ALA V 154 -23.64 1.54 9.09
CA ALA V 154 -23.21 2.48 10.12
C ALA V 154 -24.40 3.23 10.71
N LEU V 155 -25.42 3.50 9.88
CA LEU V 155 -26.58 4.25 10.36
C LEU V 155 -27.36 3.45 11.39
N HIS V 156 -27.61 2.18 11.11
CA HIS V 156 -28.44 1.36 12.00
C HIS V 156 -27.68 0.84 13.20
N THR V 157 -26.38 0.61 13.07
CA THR V 157 -25.60 0.06 14.17
C THR V 157 -25.02 1.12 15.09
N GLY V 158 -24.87 2.35 14.61
CA GLY V 158 -24.19 3.38 15.36
C GLY V 158 -22.69 3.37 15.23
N GLN V 159 -22.12 2.39 14.55
CA GLN V 159 -20.69 2.35 14.31
C GLN V 159 -20.30 3.47 13.34
N SER V 160 -19.01 3.79 13.34
CA SER V 160 -18.49 4.78 12.42
C SER V 160 -18.34 4.17 11.02
N LEU V 161 -18.39 5.05 10.02
CA LEU V 161 -18.17 4.60 8.65
C LEU V 161 -16.80 3.96 8.50
N GLU V 162 -15.84 4.37 9.32
CA GLU V 162 -14.50 3.80 9.25
C GLU V 162 -14.50 2.35 9.73
N GLN V 163 -15.10 2.09 10.89
CA GLN V 163 -15.01 0.75 11.48
C GLN V 163 -15.77 -0.28 10.65
N ILE V 164 -16.97 0.07 10.18
CA ILE V 164 -17.72 -0.87 9.35
C ILE V 164 -16.88 -1.31 8.15
N GLU V 165 -16.13 -0.38 7.56
CA GLU V 165 -15.28 -0.73 6.43
C GLU V 165 -14.21 -1.74 6.86
N ARG V 166 -13.52 -1.44 7.97
CA ARG V 166 -12.49 -2.35 8.47
C ARG V 166 -13.07 -3.74 8.72
N ASP V 167 -14.21 -3.81 9.40
CA ASP V 167 -14.72 -5.09 9.89
C ASP V 167 -15.44 -5.91 8.83
N THR V 168 -15.80 -5.32 7.70
CA THR V 168 -16.49 -6.05 6.63
C THR V 168 -15.59 -6.37 5.45
N GLU V 169 -14.34 -5.91 5.44
CA GLU V 169 -13.45 -6.24 4.33
C GLU V 169 -13.30 -7.74 4.18
N ARG V 170 -13.33 -8.49 5.28
CA ARG V 170 -13.26 -9.93 5.27
C ARG V 170 -14.36 -10.49 6.15
N ASP V 171 -14.73 -11.75 5.91
CA ASP V 171 -15.76 -12.41 6.71
C ASP V 171 -15.44 -12.24 8.20
N ARG V 172 -16.45 -11.83 8.96
CA ARG V 172 -16.27 -11.64 10.40
C ARG V 172 -17.50 -12.17 11.11
N PHE V 173 -17.29 -13.10 12.06
CA PHE V 173 -18.37 -13.73 12.81
C PHE V 173 -18.57 -13.01 14.13
N LEU V 174 -19.84 -12.85 14.51
CA LEU V 174 -20.22 -12.23 15.77
C LEU V 174 -21.24 -13.09 16.48
N SER V 175 -20.99 -13.36 17.76
CA SER V 175 -21.93 -14.10 18.58
C SER V 175 -23.11 -13.20 18.99
N ALA V 176 -24.11 -13.80 19.64
CA ALA V 176 -25.25 -13.03 20.12
C ALA V 176 -24.84 -11.89 21.03
N PRO V 177 -24.03 -12.10 22.07
CA PRO V 177 -23.58 -10.95 22.87
C PRO V 177 -22.68 -10.00 22.09
N GLU V 178 -21.83 -10.54 21.20
CA GLU V 178 -20.99 -9.68 20.37
C GLU V 178 -21.83 -8.82 19.44
N ALA V 179 -23.00 -9.32 19.03
CA ALA V 179 -23.88 -8.56 18.16
C ALA V 179 -24.58 -7.43 18.90
N VAL V 180 -24.75 -7.56 20.22
CA VAL V 180 -25.37 -6.51 21.01
C VAL V 180 -24.41 -5.34 21.20
N GLU V 181 -23.19 -5.63 21.65
CA GLU V 181 -22.22 -4.56 21.86
C GLU V 181 -21.89 -3.85 20.55
N TYR V 182 -21.82 -4.60 19.45
CA TYR V 182 -21.46 -4.01 18.16
C TYR V 182 -22.56 -3.11 17.61
N GLY V 183 -23.81 -3.32 18.01
CA GLY V 183 -24.92 -2.51 17.57
C GLY V 183 -25.83 -3.12 16.52
N LEU V 184 -25.55 -4.34 16.06
CA LEU V 184 -26.40 -4.98 15.07
C LEU V 184 -27.76 -5.32 15.68
N VAL V 185 -27.80 -5.68 16.96
CA VAL V 185 -29.02 -6.12 17.64
C VAL V 185 -29.11 -5.39 18.98
N ASP V 186 -30.33 -5.34 19.52
CA ASP V 186 -30.58 -4.59 20.74
C ASP V 186 -30.43 -5.42 22.00
N SER V 187 -30.91 -6.66 21.99
CA SER V 187 -30.84 -7.53 23.16
C SER V 187 -30.92 -8.97 22.70
N ILE V 188 -30.88 -9.89 23.67
CA ILE V 188 -30.94 -11.32 23.41
C ILE V 188 -32.22 -11.86 24.02
N LEU V 189 -32.98 -12.62 23.23
CA LEU V 189 -34.16 -13.32 23.74
C LEU V 189 -33.69 -14.62 24.37
N THR V 190 -34.21 -14.94 25.56
CA THR V 190 -33.75 -16.14 26.24
C THR V 190 -34.88 -17.00 26.77
N HIS V 191 -36.00 -16.39 27.17
CA HIS V 191 -37.11 -17.16 27.72
C HIS V 191 -38.42 -16.38 27.56
N ARG V 192 -39.51 -17.00 28.04
CA ARG V 192 -40.86 -16.45 27.96
C ARG V 192 -41.34 -16.36 26.51
N ASN V 193 -42.64 -16.18 26.32
CA ASN V 193 -43.23 -16.17 24.98
C ASN V 193 -42.57 -15.15 24.07
N ASP W 18 -54.89 -33.82 6.99
CA ASP W 18 -53.61 -34.51 6.99
C ASP W 18 -53.44 -35.28 8.30
N ILE W 19 -52.63 -36.34 8.29
CA ILE W 19 -52.42 -37.10 9.52
C ILE W 19 -51.47 -36.35 10.45
N TYR W 20 -50.38 -35.79 9.91
CA TYR W 20 -49.46 -35.02 10.75
C TYR W 20 -50.15 -33.79 11.32
N SER W 21 -51.16 -33.25 10.63
CA SER W 21 -51.90 -32.13 11.15
C SER W 21 -52.87 -32.54 12.26
N ARG W 22 -53.38 -33.77 12.21
CA ARG W 22 -54.25 -34.26 13.28
C ARG W 22 -53.46 -34.55 14.55
N LEU W 23 -52.20 -34.96 14.40
CA LEU W 23 -51.35 -35.17 15.56
C LEU W 23 -50.79 -33.88 16.12
N LEU W 24 -50.81 -32.80 15.35
CA LEU W 24 -50.32 -31.52 15.86
C LEU W 24 -51.26 -30.94 16.90
N LYS W 25 -52.58 -31.10 16.71
CA LYS W 25 -53.51 -30.63 17.73
C LYS W 25 -53.49 -31.48 18.99
N GLU W 26 -52.72 -32.56 19.00
CA GLU W 26 -52.35 -33.28 20.22
C GLU W 26 -50.97 -32.88 20.72
N ARG W 27 -50.31 -31.93 20.05
CA ARG W 27 -49.02 -31.39 20.47
C ARG W 27 -47.87 -32.36 20.22
N VAL W 28 -47.88 -33.00 19.05
CA VAL W 28 -46.83 -33.93 18.66
C VAL W 28 -46.18 -33.41 17.40
N ILE W 29 -44.87 -33.20 17.44
CA ILE W 29 -44.08 -32.72 16.30
C ILE W 29 -43.06 -33.79 15.94
N PHE W 30 -42.79 -33.89 14.64
CA PHE W 30 -41.89 -34.88 14.08
C PHE W 30 -40.69 -34.20 13.44
N LEU W 31 -39.50 -34.54 13.92
CA LEU W 31 -38.21 -34.09 13.38
C LEU W 31 -37.60 -35.29 12.66
N THR W 32 -37.66 -35.29 11.34
CA THR W 32 -37.30 -36.46 10.54
C THR W 32 -36.31 -36.09 9.45
N GLY W 33 -35.34 -36.97 9.23
CA GLY W 33 -34.41 -36.81 8.14
C GLY W 33 -33.31 -35.82 8.46
N GLN W 34 -32.66 -35.34 7.40
CA GLN W 34 -31.65 -34.31 7.54
C GLN W 34 -32.28 -33.06 8.13
N VAL W 35 -31.61 -32.46 9.11
CA VAL W 35 -32.05 -31.18 9.66
C VAL W 35 -31.41 -30.08 8.84
N GLU W 36 -32.23 -29.13 8.39
CA GLU W 36 -31.77 -28.04 7.54
C GLU W 36 -32.76 -26.89 7.71
N ASP W 37 -32.39 -25.74 7.14
CA ASP W 37 -33.12 -24.51 7.41
C ASP W 37 -34.63 -24.69 7.21
N HIS W 38 -35.03 -25.44 6.18
CA HIS W 38 -36.45 -25.47 5.81
C HIS W 38 -37.26 -26.35 6.75
N MET W 39 -36.85 -27.61 6.92
CA MET W 39 -37.56 -28.49 7.85
C MET W 39 -37.44 -27.98 9.28
N ALA W 40 -36.32 -27.34 9.60
CA ALA W 40 -36.14 -26.79 10.95
C ALA W 40 -37.04 -25.59 11.17
N ASN W 41 -37.14 -24.70 10.19
CA ASN W 41 -38.05 -23.56 10.31
C ASN W 41 -39.47 -24.04 10.53
N LEU W 42 -39.86 -25.13 9.89
CA LEU W 42 -41.20 -25.69 10.09
C LEU W 42 -41.39 -26.14 11.53
N ILE W 43 -40.35 -26.73 12.14
CA ILE W 43 -40.45 -27.16 13.52
C ILE W 43 -40.58 -25.94 14.45
N VAL W 44 -39.84 -24.88 14.16
CA VAL W 44 -39.99 -23.65 14.94
C VAL W 44 -41.42 -23.13 14.82
N ALA W 45 -41.96 -23.13 13.59
CA ALA W 45 -43.33 -22.66 13.40
C ALA W 45 -44.33 -23.48 14.21
N GLN W 46 -44.16 -24.80 14.24
CA GLN W 46 -45.08 -25.64 15.00
C GLN W 46 -44.97 -25.37 16.49
N MET W 47 -43.76 -25.20 17.00
CA MET W 47 -43.59 -24.92 18.43
C MET W 47 -44.20 -23.58 18.81
N LEU W 48 -43.99 -22.56 18.00
CA LEU W 48 -44.59 -21.26 18.28
C LEU W 48 -46.11 -21.33 18.21
N PHE W 49 -46.65 -22.12 17.28
CA PHE W 49 -48.10 -22.24 17.16
C PHE W 49 -48.68 -22.93 18.38
N LEU W 50 -48.05 -24.03 18.81
CA LEU W 50 -48.55 -24.76 19.98
C LEU W 50 -48.45 -23.90 21.23
N GLU W 51 -47.38 -23.10 21.34
CA GLU W 51 -47.24 -22.18 22.46
C GLU W 51 -48.43 -21.23 22.52
N ALA W 52 -48.87 -20.71 21.38
CA ALA W 52 -49.99 -19.78 21.36
C ALA W 52 -51.27 -20.46 21.79
N GLU W 53 -51.49 -21.71 21.38
CA GLU W 53 -52.71 -22.41 21.75
C GLU W 53 -52.76 -22.69 23.24
N ASN W 54 -51.62 -23.02 23.84
CA ASN W 54 -51.57 -23.31 25.27
C ASN W 54 -50.13 -23.27 25.76
N PRO W 55 -49.71 -22.19 26.42
CA PRO W 55 -48.30 -22.12 26.88
C PRO W 55 -47.99 -23.04 28.05
N GLU W 56 -49.01 -23.65 28.66
CA GLU W 56 -48.78 -24.50 29.82
C GLU W 56 -48.47 -25.94 29.43
N LYS W 57 -49.32 -26.52 28.57
CA LYS W 57 -49.20 -27.94 28.26
C LYS W 57 -47.87 -28.26 27.57
N ASP W 58 -47.35 -29.45 27.86
CA ASP W 58 -46.08 -29.88 27.31
C ASP W 58 -46.17 -30.09 25.81
N ILE W 59 -45.02 -30.07 25.15
CA ILE W 59 -44.90 -30.35 23.73
C ILE W 59 -44.03 -31.59 23.55
N TYR W 60 -44.39 -32.41 22.57
CA TYR W 60 -43.73 -33.69 22.32
C TYR W 60 -43.07 -33.63 20.95
N LEU W 61 -41.76 -33.85 20.93
CA LEU W 61 -40.96 -33.80 19.70
C LEU W 61 -40.34 -35.16 19.46
N TYR W 62 -40.89 -35.91 18.50
CA TYR W 62 -40.29 -37.16 18.08
C TYR W 62 -39.10 -36.89 17.16
N ILE W 63 -38.02 -37.63 17.37
CA ILE W 63 -36.76 -37.39 16.67
C ILE W 63 -36.28 -38.69 16.05
N ASN W 64 -36.18 -38.70 14.72
CA ASN W 64 -35.53 -39.79 13.97
C ASN W 64 -34.75 -39.09 12.87
N SER W 65 -33.48 -38.77 13.14
CA SER W 65 -32.67 -37.99 12.22
C SER W 65 -31.23 -38.44 12.26
N PRO W 66 -30.54 -38.49 11.12
CA PRO W 66 -29.11 -38.81 11.11
C PRO W 66 -28.19 -37.60 11.23
N GLY W 67 -28.72 -36.40 11.43
CA GLY W 67 -27.93 -35.21 11.60
C GLY W 67 -28.29 -34.14 10.59
N GLY W 68 -27.51 -33.06 10.61
CA GLY W 68 -27.74 -31.97 9.68
C GLY W 68 -26.91 -30.75 10.07
N VAL W 69 -27.35 -29.59 9.58
CA VAL W 69 -26.60 -28.36 9.79
C VAL W 69 -26.78 -27.87 11.21
N ILE W 70 -25.71 -27.33 11.78
CA ILE W 70 -25.77 -26.87 13.17
C ILE W 70 -26.67 -25.64 13.28
N THR W 71 -26.46 -24.64 12.43
CA THR W 71 -27.26 -23.43 12.49
C THR W 71 -28.74 -23.76 12.46
N ALA W 72 -29.14 -24.65 11.56
CA ALA W 72 -30.54 -25.06 11.50
C ALA W 72 -30.95 -25.77 12.78
N GLY W 73 -30.11 -26.66 13.30
CA GLY W 73 -30.43 -27.35 14.53
C GLY W 73 -30.52 -26.40 15.71
N MET W 74 -29.66 -25.38 15.75
CA MET W 74 -29.66 -24.44 16.85
C MET W 74 -30.86 -23.51 16.80
N SER W 75 -31.44 -23.30 15.62
CA SER W 75 -32.69 -22.54 15.54
C SER W 75 -33.80 -23.28 16.26
N ILE W 76 -33.75 -24.62 16.27
CA ILE W 76 -34.71 -25.40 17.03
C ILE W 76 -34.36 -25.37 18.52
N TYR W 77 -33.08 -25.57 18.84
CA TYR W 77 -32.67 -25.59 20.25
C TYR W 77 -33.09 -24.32 20.97
N ASP W 78 -32.74 -23.16 20.43
CA ASP W 78 -33.08 -21.90 21.09
C ASP W 78 -34.59 -21.73 21.20
N THR W 79 -35.35 -22.24 20.23
CA THR W 79 -36.80 -22.16 20.31
C THR W 79 -37.32 -23.07 21.42
N MET W 80 -36.78 -24.28 21.51
CA MET W 80 -37.16 -25.20 22.58
C MET W 80 -36.96 -24.55 23.95
N GLN W 81 -35.81 -23.91 24.14
CA GLN W 81 -35.48 -23.31 25.43
C GLN W 81 -36.23 -22.01 25.68
N PHE W 82 -36.65 -21.32 24.61
CA PHE W 82 -37.25 -20.00 24.75
C PHE W 82 -38.73 -20.07 25.10
N ILE W 83 -39.45 -21.03 24.51
CA ILE W 83 -40.90 -21.09 24.69
C ILE W 83 -41.24 -21.55 26.12
N LYS W 84 -42.41 -21.10 26.59
CA LYS W 84 -42.85 -21.46 27.94
C LYS W 84 -43.05 -22.96 28.11
N PRO W 85 -43.79 -23.67 27.26
CA PRO W 85 -44.03 -25.09 27.51
C PRO W 85 -42.75 -25.91 27.46
N ASP W 86 -42.69 -26.93 28.31
CA ASP W 86 -41.61 -27.91 28.24
C ASP W 86 -41.72 -28.73 26.96
N VAL W 87 -40.57 -29.05 26.38
CA VAL W 87 -40.50 -29.82 25.15
C VAL W 87 -39.98 -31.20 25.51
N SER W 88 -40.87 -32.19 25.50
CA SER W 88 -40.48 -33.57 25.72
C SER W 88 -39.94 -34.15 24.41
N THR W 89 -38.79 -34.81 24.48
CA THR W 89 -38.13 -35.37 23.32
C THR W 89 -38.17 -36.89 23.39
N ILE W 90 -38.54 -37.50 22.27
CA ILE W 90 -38.63 -38.96 22.16
C ILE W 90 -37.79 -39.38 20.97
N CYS W 91 -36.83 -40.28 21.21
CA CYS W 91 -35.97 -40.79 20.16
C CYS W 91 -36.48 -42.13 19.66
N MET W 92 -36.86 -42.19 18.39
CA MET W 92 -37.29 -43.42 17.74
C MET W 92 -36.43 -43.67 16.52
N GLY W 93 -35.95 -44.89 16.35
CA GLY W 93 -35.07 -45.20 15.26
C GLY W 93 -33.63 -44.85 15.55
N GLN W 94 -33.26 -43.60 15.27
CA GLN W 94 -31.90 -43.13 15.54
C GLN W 94 -31.93 -41.64 15.83
N ALA W 95 -30.88 -41.18 16.51
CA ALA W 95 -30.66 -39.77 16.77
C ALA W 95 -29.17 -39.54 16.71
N ALA W 96 -28.68 -39.08 15.56
CA ALA W 96 -27.26 -38.87 15.37
C ALA W 96 -26.95 -37.37 15.32
N SER W 97 -25.68 -37.00 15.40
CA SER W 97 -25.25 -35.60 15.55
C SER W 97 -26.26 -34.56 16.07
N MET W 98 -26.85 -33.76 15.18
CA MET W 98 -27.77 -32.72 15.63
C MET W 98 -29.09 -33.31 16.13
N GLY W 99 -29.44 -34.50 15.65
CA GLY W 99 -30.61 -35.18 16.17
C GLY W 99 -30.41 -35.58 17.63
N ALA W 100 -29.20 -36.01 17.98
CA ALA W 100 -28.88 -36.31 19.36
C ALA W 100 -28.76 -35.05 20.20
N PHE W 101 -28.31 -33.95 19.58
CA PHE W 101 -28.16 -32.70 20.31
C PHE W 101 -29.53 -32.20 20.79
N LEU W 102 -30.50 -32.16 19.88
CA LEU W 102 -31.84 -31.70 20.25
C LEU W 102 -32.55 -32.68 21.18
N LEU W 103 -32.26 -33.98 21.03
CA LEU W 103 -32.83 -34.97 21.95
C LEU W 103 -32.47 -34.65 23.38
N THR W 104 -31.21 -34.34 23.64
CA THR W 104 -30.75 -34.09 25.00
C THR W 104 -31.16 -32.71 25.50
N ALA W 105 -31.57 -31.81 24.61
CA ALA W 105 -32.02 -30.47 24.99
C ALA W 105 -33.45 -30.44 25.51
N GLY W 106 -34.13 -31.58 25.56
CA GLY W 106 -35.49 -31.59 26.07
C GLY W 106 -35.56 -31.26 27.55
N ALA W 107 -36.78 -30.94 28.00
CA ALA W 107 -36.98 -30.59 29.40
C ALA W 107 -36.51 -31.72 30.30
N LYS W 108 -35.67 -31.39 31.27
CA LYS W 108 -35.14 -32.41 32.16
C LYS W 108 -36.28 -33.18 32.81
N GLY W 109 -36.14 -34.51 32.83
CA GLY W 109 -37.18 -35.39 33.29
C GLY W 109 -38.13 -35.88 32.21
N LYS W 110 -38.05 -35.30 31.01
CA LYS W 110 -39.01 -35.59 29.94
C LYS W 110 -38.30 -35.91 28.63
N ARG W 111 -37.06 -36.40 28.70
CA ARG W 111 -36.31 -36.88 27.54
C ARG W 111 -36.34 -38.40 27.55
N PHE W 112 -36.63 -39.00 26.40
CA PHE W 112 -36.84 -40.44 26.34
C PHE W 112 -36.19 -41.06 25.11
N CYS W 113 -35.83 -42.34 25.25
CA CYS W 113 -35.45 -43.20 24.15
C CYS W 113 -36.35 -44.43 24.14
N LEU W 114 -36.60 -44.98 22.96
CA LEU W 114 -37.28 -46.26 22.85
C LEU W 114 -36.28 -47.40 23.02
N PRO W 115 -36.77 -48.60 23.35
CA PRO W 115 -35.85 -49.66 23.78
C PRO W 115 -34.73 -49.96 22.79
N ASN W 116 -35.02 -49.93 21.49
CA ASN W 116 -34.04 -50.25 20.47
C ASN W 116 -33.60 -49.02 19.69
N SER W 117 -33.72 -47.84 20.30
CA SER W 117 -33.17 -46.64 19.69
C SER W 117 -31.65 -46.70 19.71
N ARG W 118 -31.04 -45.85 18.88
CA ARG W 118 -29.59 -45.79 18.79
C ARG W 118 -29.19 -44.34 18.65
N VAL W 119 -28.20 -43.93 19.44
CA VAL W 119 -27.72 -42.55 19.44
C VAL W 119 -26.24 -42.57 19.06
N MET W 120 -25.85 -41.65 18.20
CA MET W 120 -24.47 -41.49 17.78
C MET W 120 -24.11 -40.01 17.90
N ILE W 121 -22.97 -39.74 18.50
CA ILE W 121 -22.50 -38.37 18.70
C ILE W 121 -21.12 -38.24 18.07
N HIS W 122 -20.81 -37.03 17.60
CA HIS W 122 -19.48 -36.75 17.08
C HIS W 122 -19.30 -35.24 17.02
N GLN W 123 -18.06 -34.82 16.80
CA GLN W 123 -17.72 -33.41 16.81
C GLN W 123 -18.19 -32.75 15.52
N PRO W 124 -18.17 -31.42 15.47
CA PRO W 124 -18.64 -30.73 14.27
C PRO W 124 -17.77 -31.01 13.05
N LEU W 125 -18.39 -30.94 11.88
CA LEU W 125 -17.70 -31.03 10.61
C LEU W 125 -17.87 -29.72 9.85
N GLY W 126 -16.96 -29.47 8.92
CA GLY W 126 -17.04 -28.26 8.14
C GLY W 126 -16.03 -28.28 7.02
N GLY W 127 -15.88 -27.12 6.40
CA GLY W 127 -14.93 -26.98 5.32
C GLY W 127 -14.95 -25.59 4.74
N TYR W 128 -13.81 -25.17 4.17
CA TYR W 128 -13.71 -23.86 3.55
C TYR W 128 -12.63 -23.88 2.50
N GLN W 129 -12.82 -23.07 1.46
CA GLN W 129 -11.81 -22.86 0.42
C GLN W 129 -11.60 -21.37 0.29
N GLY W 130 -10.35 -20.95 0.18
CA GLY W 130 -10.05 -19.55 -0.02
C GLY W 130 -8.69 -19.20 0.54
N GLN W 131 -8.48 -17.89 0.68
CA GLN W 131 -7.18 -17.36 1.09
C GLN W 131 -6.85 -17.82 2.51
N ALA W 132 -5.54 -17.91 2.77
CA ALA W 132 -5.10 -18.32 4.10
C ALA W 132 -5.70 -17.43 5.18
N THR W 133 -5.83 -16.13 4.90
CA THR W 133 -6.45 -15.22 5.85
C THR W 133 -7.89 -15.63 6.12
N ASP W 134 -8.67 -15.86 5.06
CA ASP W 134 -10.04 -16.31 5.23
C ASP W 134 -10.11 -17.68 5.88
N ILE W 135 -9.15 -18.55 5.57
CA ILE W 135 -9.12 -19.88 6.18
C ILE W 135 -8.97 -19.75 7.68
N GLU W 136 -8.05 -18.90 8.13
CA GLU W 136 -7.83 -18.72 9.56
C GLU W 136 -9.10 -18.22 10.26
N ILE W 137 -9.87 -17.36 9.58
CA ILE W 137 -11.08 -16.83 10.18
C ILE W 137 -12.10 -17.95 10.39
N HIS W 138 -12.33 -18.76 9.36
CA HIS W 138 -13.35 -19.81 9.42
C HIS W 138 -12.91 -20.98 10.28
N ALA W 139 -11.62 -21.32 10.28
CA ALA W 139 -11.15 -22.37 11.18
C ALA W 139 -11.32 -21.96 12.63
N ARG W 140 -11.16 -20.67 12.94
CA ARG W 140 -11.39 -20.20 14.31
C ARG W 140 -12.85 -20.41 14.70
N GLU W 141 -13.77 -19.97 13.83
CA GLU W 141 -15.18 -19.99 14.17
C GLU W 141 -15.66 -21.40 14.45
N ILE W 142 -15.29 -22.36 13.59
CA ILE W 142 -15.75 -23.73 13.80
C ILE W 142 -15.23 -24.28 15.12
N LEU W 143 -14.07 -23.83 15.56
CA LEU W 143 -13.57 -24.27 16.86
C LEU W 143 -14.35 -23.62 18.00
N LYS W 144 -14.76 -22.36 17.80
CA LYS W 144 -15.65 -21.72 18.77
C LYS W 144 -16.98 -22.47 18.86
N VAL W 145 -17.55 -22.82 17.71
CA VAL W 145 -18.81 -23.58 17.70
C VAL W 145 -18.64 -24.88 18.45
N LYS W 146 -17.55 -25.61 18.15
CA LYS W 146 -17.28 -26.85 18.88
C LYS W 146 -17.25 -26.59 20.39
N GLY W 147 -16.68 -25.46 20.80
CA GLY W 147 -16.65 -25.14 22.21
C GLY W 147 -18.03 -24.93 22.79
N ARG W 148 -18.87 -24.16 22.08
CA ARG W 148 -20.21 -23.90 22.59
C ARG W 148 -21.05 -25.16 22.57
N MET W 149 -20.94 -25.96 21.50
CA MET W 149 -21.70 -27.20 21.44
C MET W 149 -21.30 -28.15 22.56
N ASN W 150 -19.98 -28.26 22.82
CA ASN W 150 -19.52 -29.10 23.91
C ASN W 150 -20.00 -28.59 25.26
N GLU W 151 -19.97 -27.26 25.45
CA GLU W 151 -20.45 -26.70 26.72
C GLU W 151 -21.93 -27.00 26.92
N LEU W 152 -22.75 -26.76 25.90
CA LEU W 152 -24.19 -27.01 26.05
C LEU W 152 -24.47 -28.49 26.27
N MET W 153 -23.72 -29.38 25.60
CA MET W 153 -23.93 -30.80 25.82
C MET W 153 -23.58 -31.19 27.26
N ALA W 154 -22.45 -30.69 27.76
CA ALA W 154 -22.09 -30.94 29.16
C ALA W 154 -23.17 -30.42 30.10
N LEU W 155 -23.85 -29.33 29.72
CA LEU W 155 -24.89 -28.77 30.57
C LEU W 155 -26.07 -29.73 30.69
N HIS W 156 -26.55 -30.25 29.57
CA HIS W 156 -27.77 -31.06 29.59
C HIS W 156 -27.53 -32.50 30.01
N THR W 157 -26.32 -33.01 29.85
CA THR W 157 -26.02 -34.39 30.23
C THR W 157 -25.48 -34.52 31.64
N GLY W 158 -24.96 -33.43 32.21
CA GLY W 158 -24.29 -33.49 33.50
C GLY W 158 -22.84 -33.94 33.44
N GLN W 159 -22.35 -34.34 32.27
CA GLN W 159 -20.95 -34.70 32.11
C GLN W 159 -20.07 -33.46 32.14
N SER W 160 -18.79 -33.69 32.41
CA SER W 160 -17.83 -32.60 32.36
C SER W 160 -17.60 -32.17 30.92
N LEU W 161 -17.10 -30.95 30.75
CA LEU W 161 -16.85 -30.45 29.40
C LEU W 161 -15.85 -31.33 28.66
N GLU W 162 -14.82 -31.81 29.35
CA GLU W 162 -13.76 -32.56 28.67
C GLU W 162 -14.02 -34.05 28.62
N GLN W 163 -15.03 -34.55 29.32
CA GLN W 163 -15.57 -35.86 28.98
C GLN W 163 -16.29 -35.81 27.64
N ILE W 164 -17.09 -34.76 27.43
CA ILE W 164 -17.78 -34.58 26.16
C ILE W 164 -16.79 -34.54 25.02
N GLU W 165 -15.65 -33.88 25.22
CA GLU W 165 -14.64 -33.77 24.17
C GLU W 165 -14.09 -35.14 23.80
N ARG W 166 -13.62 -35.90 24.80
CA ARG W 166 -13.09 -37.23 24.53
C ARG W 166 -14.10 -38.08 23.75
N ASP W 167 -15.36 -38.06 24.17
CA ASP W 167 -16.36 -38.95 23.60
C ASP W 167 -16.86 -38.50 22.24
N THR W 168 -16.65 -37.22 21.88
CA THR W 168 -17.11 -36.71 20.59
C THR W 168 -15.98 -36.51 19.58
N GLU W 169 -14.72 -36.68 19.98
CA GLU W 169 -13.62 -36.55 19.02
C GLU W 169 -13.81 -37.50 17.85
N ARG W 170 -14.35 -38.69 18.09
CA ARG W 170 -14.66 -39.64 17.05
C ARG W 170 -16.08 -40.15 17.28
N ASP W 171 -16.70 -40.66 16.21
CA ASP W 171 -18.05 -41.17 16.30
C ASP W 171 -18.18 -42.13 17.48
N ARG W 172 -19.19 -41.90 18.31
CA ARG W 172 -19.46 -42.73 19.48
C ARG W 172 -20.92 -43.12 19.48
N PHE W 173 -21.19 -44.41 19.48
CA PHE W 173 -22.56 -44.93 19.48
C PHE W 173 -22.99 -45.27 20.90
N LEU W 174 -24.24 -44.95 21.22
CA LEU W 174 -24.81 -45.26 22.52
C LEU W 174 -26.14 -46.00 22.31
N SER W 175 -26.30 -47.12 23.01
CA SER W 175 -27.58 -47.80 23.02
C SER W 175 -28.57 -47.01 23.87
N ALA W 176 -29.83 -47.43 23.82
CA ALA W 176 -30.85 -46.78 24.64
C ALA W 176 -30.49 -46.78 26.12
N PRO W 177 -30.14 -47.91 26.73
CA PRO W 177 -29.69 -47.85 28.14
C PRO W 177 -28.42 -47.06 28.32
N GLU W 178 -27.48 -47.15 27.37
CA GLU W 178 -26.26 -46.36 27.47
C GLU W 178 -26.54 -44.87 27.42
N ALA W 179 -27.56 -44.45 26.67
CA ALA W 179 -27.91 -43.04 26.61
C ALA W 179 -28.50 -42.55 27.93
N VAL W 180 -29.13 -43.44 28.69
CA VAL W 180 -29.67 -43.06 29.99
C VAL W 180 -28.54 -42.85 30.99
N GLU W 181 -27.67 -43.86 31.14
CA GLU W 181 -26.54 -43.76 32.04
C GLU W 181 -25.69 -42.53 31.73
N TYR W 182 -25.26 -42.40 30.47
CA TYR W 182 -24.41 -41.29 30.08
C TYR W 182 -25.06 -39.95 30.40
N GLY W 183 -26.38 -39.89 30.45
CA GLY W 183 -27.09 -38.66 30.81
C GLY W 183 -27.77 -37.94 29.67
N LEU W 184 -27.69 -38.43 28.43
CA LEU W 184 -28.38 -37.77 27.33
C LEU W 184 -29.89 -37.82 27.52
N VAL W 185 -30.41 -38.92 28.06
CA VAL W 185 -31.83 -39.16 28.19
C VAL W 185 -32.14 -39.62 29.61
N ASP W 186 -33.28 -39.25 30.19
CA ASP W 186 -33.73 -39.72 31.48
C ASP W 186 -34.31 -41.13 31.63
N SER W 187 -35.12 -41.63 30.71
CA SER W 187 -35.67 -42.97 30.87
C SER W 187 -36.00 -43.54 29.49
N ILE W 188 -36.41 -44.80 29.49
CA ILE W 188 -36.77 -45.55 28.29
C ILE W 188 -38.26 -45.83 28.34
N LEU W 189 -38.94 -45.55 27.23
CA LEU W 189 -40.35 -45.91 27.12
C LEU W 189 -40.48 -47.35 26.66
N THR W 190 -41.05 -48.20 27.51
CA THR W 190 -41.32 -49.60 27.17
C THR W 190 -42.83 -49.80 27.11
N HIS W 191 -43.48 -49.82 28.27
CA HIS W 191 -44.94 -49.85 28.36
C HIS W 191 -45.57 -50.84 27.39
N VAL X 3 -54.65 -41.38 -6.88
CA VAL X 3 -55.41 -42.05 -5.82
C VAL X 3 -56.89 -41.72 -5.97
N PRO X 4 -57.76 -42.73 -5.86
CA PRO X 4 -59.21 -42.45 -5.93
C PRO X 4 -59.68 -41.74 -4.67
N MET X 5 -60.48 -40.69 -4.85
CA MET X 5 -61.01 -39.91 -3.75
C MET X 5 -62.40 -40.43 -3.42
N VAL X 6 -62.53 -41.10 -2.27
CA VAL X 6 -63.82 -41.61 -1.83
C VAL X 6 -64.72 -40.45 -1.41
N PHE X 17 -62.40 -38.67 2.14
CA PHE X 17 -61.70 -38.71 0.86
C PHE X 17 -60.46 -39.60 0.96
N ASP X 18 -59.87 -39.91 -0.19
CA ASP X 18 -58.68 -40.77 -0.26
C ASP X 18 -58.99 -42.17 0.23
N ILE X 19 -58.64 -43.18 -0.58
CA ILE X 19 -58.93 -44.56 -0.22
C ILE X 19 -58.05 -45.02 0.94
N TYR X 20 -56.76 -44.66 0.91
CA TYR X 20 -55.89 -45.07 2.02
C TYR X 20 -56.35 -44.48 3.34
N SER X 21 -57.01 -43.32 3.30
CA SER X 21 -57.57 -42.73 4.52
C SER X 21 -58.83 -43.46 4.95
N ARG X 22 -59.62 -43.96 4.00
CA ARG X 22 -60.84 -44.68 4.34
C ARG X 22 -60.51 -45.96 5.10
N LEU X 23 -59.60 -46.78 4.56
CA LEU X 23 -59.20 -48.00 5.24
C LEU X 23 -58.52 -47.72 6.57
N LEU X 24 -58.06 -46.48 6.80
CA LEU X 24 -57.45 -46.17 8.09
C LEU X 24 -58.49 -46.11 9.21
N LYS X 25 -59.75 -45.81 8.88
CA LYS X 25 -60.80 -45.90 9.88
C LYS X 25 -61.14 -47.35 10.20
N GLU X 26 -61.04 -48.24 9.21
CA GLU X 26 -61.07 -49.67 9.46
C GLU X 26 -59.83 -50.16 10.21
N ARG X 27 -58.86 -49.28 10.49
CA ARG X 27 -57.67 -49.60 11.26
C ARG X 27 -56.68 -50.45 10.46
N VAL X 28 -56.50 -50.10 9.19
CA VAL X 28 -55.59 -50.83 8.30
C VAL X 28 -54.51 -49.86 7.82
N ILE X 29 -53.26 -50.22 8.06
CA ILE X 29 -52.10 -49.46 7.64
C ILE X 29 -51.31 -50.31 6.65
N PHE X 30 -50.72 -49.66 5.65
CA PHE X 30 -50.01 -50.34 4.58
C PHE X 30 -48.54 -49.96 4.65
N LEU X 31 -47.67 -50.97 4.73
CA LEU X 31 -46.22 -50.79 4.68
C LEU X 31 -45.77 -51.32 3.32
N THR X 32 -45.48 -50.41 2.40
CA THR X 32 -45.19 -50.76 1.01
C THR X 32 -43.89 -50.10 0.58
N GLY X 33 -43.11 -50.84 -0.21
CA GLY X 33 -41.88 -50.31 -0.76
C GLY X 33 -40.74 -50.35 0.25
N GLN X 34 -39.59 -49.85 -0.18
CA GLN X 34 -38.42 -49.83 0.68
C GLN X 34 -38.73 -49.08 1.97
N VAL X 35 -38.23 -49.61 3.08
CA VAL X 35 -38.42 -48.98 4.38
C VAL X 35 -37.35 -47.91 4.55
N GLU X 36 -37.78 -46.71 4.95
CA GLU X 36 -36.87 -45.58 5.12
C GLU X 36 -37.50 -44.59 6.09
N ASP X 37 -36.69 -43.62 6.52
CA ASP X 37 -37.09 -42.77 7.64
C ASP X 37 -38.47 -42.15 7.46
N HIS X 38 -38.78 -41.66 6.26
CA HIS X 38 -39.99 -40.87 6.08
C HIS X 38 -41.23 -41.75 5.99
N MET X 39 -41.20 -42.77 5.14
CA MET X 39 -42.36 -43.65 5.04
C MET X 39 -42.65 -44.35 6.37
N ALA X 40 -41.61 -44.63 7.16
CA ALA X 40 -41.83 -45.26 8.47
C ALA X 40 -42.48 -44.29 9.45
N ASN X 41 -42.04 -43.03 9.47
CA ASN X 41 -42.65 -42.06 10.35
C ASN X 41 -44.15 -41.93 10.05
N LEU X 42 -44.52 -42.05 8.77
CA LEU X 42 -45.93 -42.03 8.42
C LEU X 42 -46.65 -43.22 9.05
N ILE X 43 -45.99 -44.38 9.09
CA ILE X 43 -46.58 -45.53 9.76
C ILE X 43 -46.63 -45.31 11.26
N VAL X 44 -45.55 -44.74 11.83
CA VAL X 44 -45.55 -44.42 13.25
C VAL X 44 -46.67 -43.43 13.57
N ALA X 45 -46.82 -42.41 12.71
CA ALA X 45 -47.88 -41.43 12.92
C ALA X 45 -49.26 -42.09 12.90
N GLN X 46 -49.47 -43.03 11.97
CA GLN X 46 -50.76 -43.72 11.90
C GLN X 46 -50.99 -44.59 13.14
N MET X 47 -49.95 -45.27 13.61
CA MET X 47 -50.11 -46.13 14.78
C MET X 47 -50.47 -45.32 16.02
N LEU X 48 -49.79 -44.19 16.23
CA LEU X 48 -50.11 -43.35 17.38
C LEU X 48 -51.52 -42.77 17.27
N PHE X 49 -51.94 -42.43 16.04
CA PHE X 49 -53.28 -41.90 15.86
C PHE X 49 -54.35 -42.94 16.17
N LEU X 50 -54.18 -44.16 15.65
CA LEU X 50 -55.18 -45.20 15.89
C LEU X 50 -55.24 -45.56 17.38
N GLU X 51 -54.09 -45.59 18.06
CA GLU X 51 -54.10 -45.82 19.50
C GLU X 51 -54.94 -44.75 20.20
N ALA X 52 -54.81 -43.49 19.76
CA ALA X 52 -55.58 -42.41 20.37
C ALA X 52 -57.08 -42.59 20.11
N GLU X 53 -57.44 -43.03 18.91
CA GLU X 53 -58.85 -43.22 18.59
C GLU X 53 -59.46 -44.37 19.39
N ASN X 54 -58.70 -45.43 19.64
CA ASN X 54 -59.22 -46.56 20.39
C ASN X 54 -58.06 -47.43 20.89
N PRO X 55 -57.72 -47.35 22.18
CA PRO X 55 -56.55 -48.10 22.67
C PRO X 55 -56.74 -49.61 22.74
N GLU X 56 -57.96 -50.12 22.57
CA GLU X 56 -58.21 -51.55 22.72
C GLU X 56 -58.24 -52.29 21.38
N LYS X 57 -59.05 -51.82 20.43
CA LYS X 57 -59.19 -52.53 19.16
C LYS X 57 -57.83 -52.68 18.49
N ASP X 58 -57.66 -53.81 17.81
CA ASP X 58 -56.40 -54.15 17.16
C ASP X 58 -56.11 -53.23 15.98
N ILE X 59 -54.85 -53.21 15.58
CA ILE X 59 -54.40 -52.51 14.39
C ILE X 59 -53.85 -53.55 13.42
N TYR X 60 -54.11 -53.35 12.13
CA TYR X 60 -53.71 -54.29 11.08
C TYR X 60 -52.72 -53.60 10.16
N LEU X 61 -51.53 -54.18 10.03
CA LEU X 61 -50.44 -53.63 9.24
C LEU X 61 -50.12 -54.61 8.11
N TYR X 62 -50.53 -54.25 6.88
CA TYR X 62 -50.14 -55.02 5.72
C TYR X 62 -48.71 -54.68 5.31
N ILE X 63 -47.94 -55.70 4.96
CA ILE X 63 -46.52 -55.56 4.67
C ILE X 63 -46.24 -56.17 3.31
N ASN X 64 -45.77 -55.35 2.38
CA ASN X 64 -45.25 -55.80 1.09
C ASN X 64 -44.03 -54.91 0.80
N SER X 65 -42.85 -55.38 1.20
CA SER X 65 -41.63 -54.59 1.15
C SER X 65 -40.43 -55.45 0.81
N PRO X 66 -39.50 -54.94 -0.01
CA PRO X 66 -38.26 -55.68 -0.30
C PRO X 66 -37.11 -55.39 0.65
N GLY X 67 -37.33 -54.63 1.72
CA GLY X 67 -36.31 -54.33 2.70
C GLY X 67 -36.11 -52.85 2.87
N GLY X 68 -35.10 -52.49 3.67
CA GLY X 68 -34.79 -51.10 3.88
C GLY X 68 -33.81 -50.90 5.01
N VAL X 69 -33.80 -49.67 5.54
CA VAL X 69 -32.85 -49.28 6.57
C VAL X 69 -33.22 -49.90 7.90
N ILE X 70 -32.21 -50.28 8.68
CA ILE X 70 -32.48 -50.92 9.97
C ILE X 70 -33.09 -49.91 10.93
N THR X 71 -32.42 -48.74 11.08
CA THR X 71 -32.91 -47.73 12.01
C THR X 71 -34.35 -47.34 11.71
N ALA X 72 -34.68 -47.14 10.42
CA ALA X 72 -36.03 -46.77 10.05
C ALA X 72 -37.03 -47.85 10.44
N GLY X 73 -36.70 -49.11 10.20
CA GLY X 73 -37.60 -50.18 10.56
C GLY X 73 -37.82 -50.28 12.06
N MET X 74 -36.79 -49.98 12.86
CA MET X 74 -36.91 -50.09 14.30
C MET X 74 -37.78 -49.00 14.90
N SER X 75 -37.91 -47.85 14.23
CA SER X 75 -38.86 -46.85 14.69
C SER X 75 -40.28 -47.40 14.63
N ILE X 76 -40.56 -48.28 13.68
CA ILE X 76 -41.86 -48.94 13.62
C ILE X 76 -41.94 -50.03 14.69
N TYR X 77 -40.89 -50.84 14.82
CA TYR X 77 -40.90 -51.94 15.78
C TYR X 77 -41.18 -51.44 17.19
N ASP X 78 -40.39 -50.47 17.66
CA ASP X 78 -40.57 -49.97 19.01
C ASP X 78 -41.95 -49.33 19.18
N THR X 79 -42.49 -48.74 18.12
CA THR X 79 -43.82 -48.16 18.21
C THR X 79 -44.89 -49.24 18.36
N MET X 80 -44.78 -50.32 17.59
CA MET X 80 -45.73 -51.41 17.75
C MET X 80 -45.71 -51.96 19.16
N GLN X 81 -44.50 -52.14 19.72
CA GLN X 81 -44.40 -52.74 21.05
C GLN X 81 -44.84 -51.77 22.13
N PHE X 82 -44.74 -50.46 21.85
CA PHE X 82 -45.03 -49.45 22.87
C PHE X 82 -46.52 -49.21 23.01
N ILE X 83 -47.25 -49.17 21.89
CA ILE X 83 -48.67 -48.84 21.95
C ILE X 83 -49.44 -49.97 22.59
N LYS X 84 -50.54 -49.61 23.25
CA LYS X 84 -51.37 -50.60 23.92
C LYS X 84 -51.96 -51.63 22.96
N PRO X 85 -52.60 -51.24 21.85
CA PRO X 85 -53.25 -52.23 20.99
C PRO X 85 -52.27 -53.23 20.40
N ASP X 86 -52.74 -54.47 20.24
CA ASP X 86 -52.00 -55.48 19.51
C ASP X 86 -51.94 -55.10 18.04
N VAL X 87 -50.80 -55.36 17.41
CA VAL X 87 -50.58 -55.06 16.00
C VAL X 87 -50.57 -56.38 15.24
N SER X 88 -51.64 -56.65 14.50
CA SER X 88 -51.68 -57.81 13.63
C SER X 88 -50.98 -57.49 12.32
N THR X 89 -50.13 -58.41 11.86
CA THR X 89 -49.34 -58.23 10.65
C THR X 89 -49.80 -59.21 9.58
N ILE X 90 -49.98 -58.70 8.36
CA ILE X 90 -50.40 -59.50 7.21
C ILE X 90 -49.38 -59.28 6.10
N CYS X 91 -48.77 -60.36 5.62
CA CYS X 91 -47.80 -60.31 4.53
C CYS X 91 -48.46 -60.66 3.21
N MET X 92 -48.45 -59.72 2.26
CA MET X 92 -48.95 -59.94 0.92
C MET X 92 -47.82 -59.67 -0.05
N GLY X 93 -47.64 -60.55 -1.02
CA GLY X 93 -46.55 -60.41 -1.98
C GLY X 93 -45.26 -60.96 -1.43
N GLN X 94 -44.50 -60.11 -0.73
CA GLN X 94 -43.26 -60.53 -0.12
C GLN X 94 -42.97 -59.68 1.11
N ALA X 95 -42.10 -60.19 1.97
CA ALA X 95 -41.61 -59.46 3.15
C ALA X 95 -40.14 -59.86 3.30
N ALA X 96 -39.25 -59.04 2.76
CA ALA X 96 -37.82 -59.33 2.80
C ALA X 96 -37.14 -58.40 3.80
N SER X 97 -35.87 -58.69 4.11
CA SER X 97 -35.14 -58.00 5.17
C SER X 97 -36.00 -57.40 6.34
N MET X 98 -35.93 -56.08 6.58
CA MET X 98 -36.62 -55.48 7.72
C MET X 98 -38.14 -55.70 7.68
N GLY X 99 -38.68 -55.91 6.48
CA GLY X 99 -40.09 -56.22 6.38
C GLY X 99 -40.42 -57.55 7.03
N ALA X 100 -39.51 -58.52 6.92
CA ALA X 100 -39.70 -59.78 7.62
C ALA X 100 -39.52 -59.61 9.12
N PHE X 101 -38.63 -58.72 9.54
CA PHE X 101 -38.44 -58.47 10.97
C PHE X 101 -39.70 -57.85 11.57
N LEU X 102 -40.25 -56.85 10.90
CA LEU X 102 -41.48 -56.24 11.39
C LEU X 102 -42.66 -57.19 11.28
N LEU X 103 -42.68 -58.04 10.25
CA LEU X 103 -43.73 -59.05 10.13
C LEU X 103 -43.77 -59.95 11.37
N THR X 104 -42.61 -60.44 11.79
CA THR X 104 -42.55 -61.35 12.93
C THR X 104 -42.70 -60.62 14.26
N ALA X 105 -42.58 -59.30 14.28
CA ALA X 105 -42.79 -58.52 15.49
C ALA X 105 -44.26 -58.31 15.81
N GLY X 106 -45.18 -58.81 14.96
CA GLY X 106 -46.58 -58.67 15.24
C GLY X 106 -47.02 -59.47 16.45
N ALA X 107 -48.21 -59.14 16.95
CA ALA X 107 -48.77 -59.81 18.11
C ALA X 107 -48.88 -61.30 17.86
N LYS X 108 -48.41 -62.10 18.80
CA LYS X 108 -48.50 -63.55 18.68
C LYS X 108 -49.96 -63.96 18.53
N GLY X 109 -50.25 -64.83 17.56
CA GLY X 109 -51.55 -65.29 17.20
C GLY X 109 -52.12 -64.49 16.06
N LYS X 110 -51.53 -63.34 15.74
CA LYS X 110 -52.10 -62.41 14.77
C LYS X 110 -51.08 -62.04 13.70
N ARG X 111 -50.11 -62.90 13.45
CA ARG X 111 -49.18 -62.75 12.35
C ARG X 111 -49.61 -63.66 11.21
N PHE X 112 -49.67 -63.13 10.00
CA PHE X 112 -50.25 -63.87 8.88
C PHE X 112 -49.43 -63.67 7.61
N CYS X 113 -49.47 -64.70 6.76
CA CYS X 113 -49.00 -64.64 5.39
C CYS X 113 -50.15 -65.02 4.48
N LEU X 114 -50.17 -64.44 3.28
CA LEU X 114 -51.12 -64.87 2.27
C LEU X 114 -50.60 -66.13 1.60
N PRO X 115 -51.48 -66.90 0.96
CA PRO X 115 -51.07 -68.25 0.53
C PRO X 115 -49.81 -68.28 -0.33
N ASN X 116 -49.60 -67.28 -1.19
CA ASN X 116 -48.45 -67.24 -2.07
C ASN X 116 -47.49 -66.10 -1.71
N SER X 117 -47.48 -65.70 -0.45
CA SER X 117 -46.51 -64.72 0.03
C SER X 117 -45.11 -65.34 0.09
N ARG X 118 -44.13 -64.46 0.26
CA ARG X 118 -42.72 -64.83 0.31
C ARG X 118 -42.04 -64.06 1.43
N VAL X 119 -41.23 -64.75 2.22
CA VAL X 119 -40.45 -64.13 3.29
C VAL X 119 -38.98 -64.42 3.04
N MET X 120 -38.14 -63.41 3.21
CA MET X 120 -36.69 -63.55 3.04
C MET X 120 -35.99 -62.90 4.22
N ILE X 121 -35.01 -63.61 4.79
CA ILE X 121 -34.23 -63.12 5.93
C ILE X 121 -32.77 -63.13 5.56
N HIS X 122 -32.02 -62.19 6.13
CA HIS X 122 -30.58 -62.13 5.94
C HIS X 122 -29.98 -61.18 6.98
N GLN X 123 -28.66 -61.20 7.09
CA GLN X 123 -27.96 -60.39 8.08
C GLN X 123 -27.89 -58.94 7.64
N PRO X 124 -27.52 -58.03 8.54
CA PRO X 124 -27.47 -56.61 8.18
C PRO X 124 -26.40 -56.32 7.14
N LEU X 125 -26.63 -55.27 6.36
CA LEU X 125 -25.67 -54.77 5.39
C LEU X 125 -25.28 -53.35 5.76
N GLY X 126 -24.12 -52.93 5.28
CA GLY X 126 -23.63 -51.60 5.57
C GLY X 126 -22.38 -51.28 4.78
N GLY X 127 -21.74 -50.19 5.18
CA GLY X 127 -20.51 -49.76 4.55
C GLY X 127 -19.97 -48.48 5.15
N TYR X 128 -18.65 -48.30 5.08
CA TYR X 128 -18.04 -47.09 5.62
C TYR X 128 -16.71 -46.82 4.94
N GLN X 129 -16.38 -45.54 4.83
CA GLN X 129 -15.07 -45.07 4.39
C GLN X 129 -14.51 -44.13 5.44
N GLY X 130 -13.22 -44.24 5.68
CA GLY X 130 -12.53 -43.31 6.57
C GLY X 130 -11.29 -43.94 7.15
N GLN X 131 -10.78 -43.31 8.22
CA GLN X 131 -9.59 -43.79 8.88
C GLN X 131 -9.83 -45.14 9.53
N ALA X 132 -8.76 -45.93 9.63
CA ALA X 132 -8.88 -47.27 10.21
C ALA X 132 -9.50 -47.23 11.59
N THR X 133 -9.19 -46.20 12.38
CA THR X 133 -9.81 -46.07 13.70
C THR X 133 -11.32 -45.94 13.58
N ASP X 134 -11.80 -45.05 12.69
CA ASP X 134 -13.24 -44.92 12.50
C ASP X 134 -13.85 -46.20 11.96
N ILE X 135 -13.12 -46.92 11.11
CA ILE X 135 -13.64 -48.18 10.57
C ILE X 135 -13.92 -49.16 11.71
N GLU X 136 -12.99 -49.27 12.67
CA GLU X 136 -13.21 -50.18 13.79
C GLU X 136 -14.46 -49.79 14.57
N ILE X 137 -14.72 -48.49 14.70
CA ILE X 137 -15.89 -48.04 15.46
C ILE X 137 -17.18 -48.46 14.76
N HIS X 138 -17.28 -48.20 13.46
CA HIS X 138 -18.50 -48.50 12.73
C HIS X 138 -18.65 -49.99 12.47
N ALA X 139 -17.56 -50.70 12.22
CA ALA X 139 -17.63 -52.14 12.07
C ALA X 139 -18.05 -52.82 13.37
N ARG X 140 -17.69 -52.23 14.52
CA ARG X 140 -18.08 -52.82 15.80
C ARG X 140 -19.54 -52.55 16.11
N GLU X 141 -20.11 -51.47 15.58
CA GLU X 141 -21.52 -51.16 15.78
C GLU X 141 -22.42 -52.06 14.93
N ILE X 142 -22.07 -52.25 13.66
CA ILE X 142 -22.88 -53.10 12.79
C ILE X 142 -22.95 -54.51 13.35
N LEU X 143 -21.90 -54.94 14.04
CA LEU X 143 -21.91 -56.25 14.67
C LEU X 143 -22.81 -56.27 15.89
N LYS X 144 -22.84 -55.18 16.67
CA LYS X 144 -23.78 -55.09 17.79
C LYS X 144 -25.22 -55.13 17.28
N VAL X 145 -25.52 -54.37 16.24
CA VAL X 145 -26.87 -54.39 15.68
C VAL X 145 -27.23 -55.79 15.22
N LYS X 146 -26.33 -56.43 14.47
CA LYS X 146 -26.56 -57.80 14.04
C LYS X 146 -26.84 -58.72 15.23
N GLY X 147 -26.11 -58.52 16.32
CA GLY X 147 -26.34 -59.35 17.50
C GLY X 147 -27.70 -59.13 18.11
N ARG X 148 -28.11 -57.86 18.27
CA ARG X 148 -29.40 -57.58 18.88
C ARG X 148 -30.53 -57.97 17.94
N MET X 149 -30.37 -57.71 16.64
CA MET X 149 -31.39 -58.11 15.68
C MET X 149 -31.61 -59.62 15.71
N ASN X 150 -30.53 -60.40 15.78
CA ASN X 150 -30.68 -61.85 15.86
C ASN X 150 -31.36 -62.27 17.15
N GLU X 151 -31.01 -61.63 18.27
CA GLU X 151 -31.66 -61.97 19.54
C GLU X 151 -33.15 -61.68 19.48
N LEU X 152 -33.53 -60.50 18.98
CA LEU X 152 -34.94 -60.16 18.88
C LEU X 152 -35.66 -61.12 17.92
N MET X 153 -34.98 -61.53 16.85
CA MET X 153 -35.56 -62.51 15.94
C MET X 153 -35.80 -63.84 16.63
N ALA X 154 -34.80 -64.31 17.39
CA ALA X 154 -34.97 -65.56 18.11
C ALA X 154 -36.14 -65.48 19.09
N LEU X 155 -36.35 -64.30 19.70
CA LEU X 155 -37.43 -64.15 20.66
C LEU X 155 -38.79 -64.27 19.99
N HIS X 156 -38.97 -63.59 18.86
CA HIS X 156 -40.28 -63.54 18.23
C HIS X 156 -40.58 -64.79 17.40
N THR X 157 -39.57 -65.49 16.92
CA THR X 157 -39.79 -66.68 16.11
C THR X 157 -39.79 -67.97 16.93
N GLY X 158 -39.21 -67.97 18.12
CA GLY X 158 -39.06 -69.17 18.88
C GLY X 158 -37.86 -70.01 18.50
N GLN X 159 -37.14 -69.65 17.45
CA GLN X 159 -35.91 -70.34 17.12
C GLN X 159 -34.83 -69.96 18.12
N SER X 160 -33.83 -70.83 18.25
CA SER X 160 -32.71 -70.49 19.12
C SER X 160 -31.88 -69.38 18.49
N LEU X 161 -31.11 -68.69 19.31
CA LEU X 161 -30.22 -67.65 18.79
C LEU X 161 -29.24 -68.24 17.78
N GLU X 162 -28.68 -69.42 18.10
CA GLU X 162 -27.69 -70.02 17.21
C GLU X 162 -28.29 -70.37 15.85
N GLN X 163 -29.52 -70.88 15.84
CA GLN X 163 -30.17 -71.19 14.56
C GLN X 163 -30.37 -69.92 13.73
N ILE X 164 -30.82 -68.84 14.36
CA ILE X 164 -31.01 -67.58 13.63
C ILE X 164 -29.71 -67.15 12.98
N GLU X 165 -28.58 -67.32 13.67
CA GLU X 165 -27.29 -66.93 13.11
C GLU X 165 -26.98 -67.74 11.86
N ARG X 166 -27.16 -69.06 11.94
CA ARG X 166 -26.80 -69.92 10.82
C ARG X 166 -27.65 -69.63 9.59
N ASP X 167 -28.93 -69.32 9.81
CA ASP X 167 -29.87 -69.16 8.70
C ASP X 167 -29.87 -67.75 8.10
N THR X 168 -29.33 -66.76 8.80
CA THR X 168 -29.32 -65.39 8.30
C THR X 168 -27.97 -64.98 7.73
N GLU X 169 -26.95 -65.82 7.87
CA GLU X 169 -25.66 -65.49 7.28
C GLU X 169 -25.78 -65.24 5.78
N ARG X 170 -26.65 -65.98 5.12
CA ARG X 170 -26.89 -65.80 3.69
C ARG X 170 -28.38 -65.79 3.41
N ASP X 171 -28.74 -65.20 2.27
CA ASP X 171 -30.13 -65.08 1.87
C ASP X 171 -30.84 -66.42 1.99
N ARG X 172 -32.02 -66.40 2.61
CA ARG X 172 -32.83 -67.59 2.82
C ARG X 172 -34.27 -67.25 2.50
N PHE X 173 -34.83 -67.89 1.49
CA PHE X 173 -36.23 -67.70 1.13
C PHE X 173 -37.10 -68.71 1.84
N LEU X 174 -38.26 -68.26 2.31
CA LEU X 174 -39.22 -69.11 2.98
C LEU X 174 -40.58 -68.94 2.31
N SER X 175 -41.22 -70.06 1.98
CA SER X 175 -42.59 -69.99 1.49
C SER X 175 -43.53 -69.67 2.66
N ALA X 176 -44.79 -69.39 2.31
CA ALA X 176 -45.78 -69.09 3.35
C ALA X 176 -45.86 -70.20 4.38
N PRO X 177 -46.06 -71.47 4.02
CA PRO X 177 -46.06 -72.53 5.05
C PRO X 177 -44.72 -72.66 5.76
N GLU X 178 -43.60 -72.49 5.05
CA GLU X 178 -42.31 -72.56 5.69
C GLU X 178 -42.14 -71.47 6.74
N ALA X 179 -42.72 -70.29 6.48
CA ALA X 179 -42.64 -69.20 7.46
C ALA X 179 -43.44 -69.52 8.71
N VAL X 180 -44.47 -70.35 8.58
CA VAL X 180 -45.27 -70.73 9.75
C VAL X 180 -44.47 -71.67 10.66
N GLU X 181 -43.88 -72.72 10.08
CA GLU X 181 -43.14 -73.69 10.88
C GLU X 181 -41.88 -73.05 11.48
N TYR X 182 -41.25 -72.12 10.76
CA TYR X 182 -40.06 -71.45 11.27
C TYR X 182 -40.39 -70.54 12.45
N GLY X 183 -41.63 -70.05 12.54
CA GLY X 183 -42.07 -69.24 13.66
C GLY X 183 -42.26 -67.76 13.39
N LEU X 184 -41.95 -67.29 12.18
CA LEU X 184 -42.18 -65.88 11.84
C LEU X 184 -43.67 -65.54 11.84
N VAL X 185 -44.50 -66.44 11.40
CA VAL X 185 -45.91 -66.17 11.26
C VAL X 185 -46.72 -67.26 11.94
N ASP X 186 -47.98 -67.05 12.26
CA ASP X 186 -48.74 -68.12 12.86
C ASP X 186 -49.69 -68.83 11.99
N SER X 187 -50.21 -68.19 10.99
CA SER X 187 -51.17 -68.86 10.16
C SER X 187 -51.19 -68.29 8.79
N ILE X 188 -51.90 -68.94 7.91
CA ILE X 188 -52.06 -68.46 6.53
C ILE X 188 -53.51 -68.05 6.35
N LEU X 189 -53.72 -66.84 5.84
CA LEU X 189 -55.08 -66.37 5.54
C LEU X 189 -55.45 -66.79 4.11
N THR X 190 -56.45 -67.66 3.97
CA THR X 190 -56.98 -68.03 2.67
C THR X 190 -58.42 -67.55 2.54
N HIS X 191 -59.35 -68.15 3.30
CA HIS X 191 -60.76 -67.76 3.31
C HIS X 191 -61.24 -67.21 1.97
N VAL Y 3 -58.50 -37.65 -14.23
CA VAL Y 3 -58.24 -36.20 -14.17
C VAL Y 3 -59.54 -35.41 -14.33
N PRO Y 4 -60.45 -35.86 -15.20
CA PRO Y 4 -61.73 -35.16 -15.33
C PRO Y 4 -62.56 -35.27 -14.07
N MET Y 5 -63.58 -34.41 -13.97
CA MET Y 5 -64.39 -34.30 -12.77
C MET Y 5 -65.86 -34.46 -13.11
N VAL Y 6 -66.63 -34.85 -12.09
CA VAL Y 6 -68.08 -34.97 -12.21
C VAL Y 6 -68.72 -34.48 -10.91
N ASP Y 18 -63.83 -36.88 -9.30
CA ASP Y 18 -62.84 -37.61 -10.09
C ASP Y 18 -63.55 -38.70 -10.90
N ILE Y 19 -62.93 -39.16 -11.98
CA ILE Y 19 -63.56 -40.15 -12.85
C ILE Y 19 -63.25 -41.56 -12.41
N TYR Y 20 -62.00 -41.87 -12.07
CA TYR Y 20 -61.68 -43.19 -11.55
C TYR Y 20 -62.36 -43.43 -10.21
N SER Y 21 -62.62 -42.36 -9.45
CA SER Y 21 -63.31 -42.52 -8.18
C SER Y 21 -64.80 -42.79 -8.39
N ARG Y 22 -65.43 -42.04 -9.29
CA ARG Y 22 -66.83 -42.31 -9.62
C ARG Y 22 -67.02 -43.75 -10.08
N LEU Y 23 -66.09 -44.26 -10.88
CA LEU Y 23 -66.19 -45.64 -11.35
C LEU Y 23 -65.81 -46.65 -10.28
N LEU Y 24 -65.12 -46.23 -9.22
CA LEU Y 24 -64.83 -47.15 -8.12
C LEU Y 24 -66.10 -47.49 -7.34
N LYS Y 25 -66.98 -46.51 -7.12
CA LYS Y 25 -68.21 -46.80 -6.40
C LYS Y 25 -69.13 -47.71 -7.21
N GLU Y 26 -68.97 -47.75 -8.53
CA GLU Y 26 -69.62 -48.77 -9.36
C GLU Y 26 -68.85 -50.08 -9.35
N ARG Y 27 -67.87 -50.23 -8.46
CA ARG Y 27 -67.13 -51.48 -8.26
C ARG Y 27 -66.26 -51.82 -9.47
N VAL Y 28 -65.58 -50.82 -10.02
CA VAL Y 28 -64.70 -50.99 -11.16
C VAL Y 28 -63.30 -50.52 -10.76
N ILE Y 29 -62.32 -51.42 -10.88
CA ILE Y 29 -60.92 -51.12 -10.59
C ILE Y 29 -60.13 -51.29 -11.88
N PHE Y 30 -59.15 -50.42 -12.08
CA PHE Y 30 -58.33 -50.43 -13.29
C PHE Y 30 -56.90 -50.82 -12.93
N LEU Y 31 -56.40 -51.89 -13.55
CA LEU Y 31 -55.00 -52.30 -13.48
C LEU Y 31 -54.35 -51.90 -14.80
N THR Y 32 -53.56 -50.84 -14.78
CA THR Y 32 -53.05 -50.24 -16.00
C THR Y 32 -51.55 -50.05 -15.90
N GLY Y 33 -50.84 -50.37 -16.98
CA GLY Y 33 -49.41 -50.15 -17.04
C GLY Y 33 -48.63 -51.27 -16.39
N GLN Y 34 -47.39 -50.94 -16.02
CA GLN Y 34 -46.49 -51.93 -15.44
C GLN Y 34 -46.89 -52.25 -14.00
N VAL Y 35 -46.71 -53.51 -13.62
CA VAL Y 35 -47.06 -53.97 -12.29
C VAL Y 35 -45.87 -53.79 -11.36
N GLU Y 36 -46.11 -53.13 -10.22
CA GLU Y 36 -45.06 -52.91 -9.23
C GLU Y 36 -45.74 -52.74 -7.87
N ASP Y 37 -44.93 -52.78 -6.81
CA ASP Y 37 -45.48 -52.89 -5.46
C ASP Y 37 -46.51 -51.80 -5.18
N HIS Y 38 -46.27 -50.58 -5.67
CA HIS Y 38 -47.08 -49.45 -5.24
C HIS Y 38 -48.42 -49.38 -5.99
N MET Y 39 -48.38 -49.48 -7.32
CA MET Y 39 -49.65 -49.49 -8.06
C MET Y 39 -50.49 -50.69 -7.68
N ALA Y 40 -49.85 -51.82 -7.37
CA ALA Y 40 -50.59 -53.01 -6.99
C ALA Y 40 -51.21 -52.86 -5.61
N ASN Y 41 -50.48 -52.27 -4.66
CA ASN Y 41 -51.05 -52.04 -3.34
C ASN Y 41 -52.28 -51.15 -3.42
N LEU Y 42 -52.30 -50.20 -4.35
CA LEU Y 42 -53.49 -49.36 -4.53
C LEU Y 42 -54.67 -50.19 -5.00
N ILE Y 43 -54.43 -51.20 -5.84
CA ILE Y 43 -55.49 -52.10 -6.27
C ILE Y 43 -55.98 -52.94 -5.09
N VAL Y 44 -55.07 -53.39 -4.24
CA VAL Y 44 -55.46 -54.16 -3.07
C VAL Y 44 -56.37 -53.33 -2.17
N ALA Y 45 -56.03 -52.06 -1.98
CA ALA Y 45 -56.86 -51.20 -1.13
C ALA Y 45 -58.26 -51.05 -1.71
N GLN Y 46 -58.37 -50.90 -3.03
CA GLN Y 46 -59.68 -50.77 -3.65
C GLN Y 46 -60.49 -52.05 -3.49
N MET Y 47 -59.84 -53.20 -3.64
CA MET Y 47 -60.54 -54.48 -3.47
C MET Y 47 -61.01 -54.64 -2.03
N LEU Y 48 -60.15 -54.31 -1.06
CA LEU Y 48 -60.53 -54.39 0.34
C LEU Y 48 -61.66 -53.41 0.65
N PHE Y 49 -61.63 -52.23 0.05
CA PHE Y 49 -62.68 -51.26 0.27
C PHE Y 49 -64.02 -51.75 -0.28
N LEU Y 50 -64.03 -52.22 -1.53
CA LEU Y 50 -65.27 -52.70 -2.12
C LEU Y 50 -65.82 -53.88 -1.32
N GLU Y 51 -64.95 -54.75 -0.83
CA GLU Y 51 -65.40 -55.85 0.01
C GLU Y 51 -66.16 -55.32 1.22
N ALA Y 52 -65.63 -54.28 1.87
CA ALA Y 52 -66.30 -53.72 3.03
C ALA Y 52 -67.63 -53.08 2.66
N GLU Y 53 -67.70 -52.45 1.48
CA GLU Y 53 -68.94 -51.79 1.07
C GLU Y 53 -70.03 -52.80 0.74
N ASN Y 54 -69.68 -53.95 0.19
CA ASN Y 54 -70.66 -54.97 -0.15
C ASN Y 54 -69.93 -56.27 -0.44
N PRO Y 55 -69.91 -57.22 0.50
CA PRO Y 55 -69.12 -58.45 0.29
C PRO Y 55 -69.72 -59.41 -0.73
N GLU Y 56 -70.85 -59.08 -1.35
CA GLU Y 56 -71.50 -59.95 -2.32
C GLU Y 56 -71.36 -59.48 -3.75
N LYS Y 57 -71.63 -58.20 -4.02
CA LYS Y 57 -71.62 -57.71 -5.40
C LYS Y 57 -70.26 -57.91 -6.04
N ASP Y 58 -70.27 -58.26 -7.33
CA ASP Y 58 -69.04 -58.55 -8.05
C ASP Y 58 -68.16 -57.31 -8.15
N ILE Y 59 -66.86 -57.55 -8.30
CA ILE Y 59 -65.89 -56.50 -8.56
C ILE Y 59 -65.36 -56.67 -9.98
N TYR Y 60 -65.04 -55.55 -10.60
CA TYR Y 60 -64.69 -55.47 -12.02
C TYR Y 60 -63.29 -54.91 -12.15
N LEU Y 61 -62.34 -55.74 -12.61
CA LEU Y 61 -60.94 -55.35 -12.71
C LEU Y 61 -60.55 -55.34 -14.19
N TYR Y 62 -60.43 -54.14 -14.75
CA TYR Y 62 -59.90 -53.99 -16.09
C TYR Y 62 -58.38 -54.07 -16.07
N ILE Y 63 -57.82 -54.81 -17.04
CA ILE Y 63 -56.39 -55.10 -17.09
C ILE Y 63 -55.85 -54.69 -18.45
N ASN Y 64 -54.87 -53.78 -18.45
CA ASN Y 64 -54.11 -53.41 -19.65
C ASN Y 64 -52.67 -53.19 -19.19
N SER Y 65 -51.86 -54.25 -19.29
CA SER Y 65 -50.50 -54.22 -18.74
C SER Y 65 -49.52 -55.01 -19.59
N PRO Y 66 -48.30 -54.52 -19.77
CA PRO Y 66 -47.26 -55.27 -20.47
C PRO Y 66 -46.38 -56.15 -19.57
N GLY Y 67 -46.71 -56.28 -18.29
CA GLY Y 67 -45.98 -57.09 -17.36
C GLY Y 67 -45.49 -56.29 -16.17
N GLY Y 68 -44.77 -56.99 -15.30
CA GLY Y 68 -44.21 -56.34 -14.12
C GLY Y 68 -43.70 -57.38 -13.14
N VAL Y 69 -43.50 -56.92 -11.90
CA VAL Y 69 -42.92 -57.77 -10.88
C VAL Y 69 -43.91 -58.87 -10.51
N ILE Y 70 -43.38 -60.06 -10.23
CA ILE Y 70 -44.26 -61.17 -9.85
C ILE Y 70 -44.79 -60.94 -8.44
N THR Y 71 -43.89 -60.64 -7.50
CA THR Y 71 -44.30 -60.42 -6.12
C THR Y 71 -45.40 -59.36 -6.04
N ALA Y 72 -45.21 -58.23 -6.74
CA ALA Y 72 -46.23 -57.19 -6.74
C ALA Y 72 -47.55 -57.71 -7.29
N GLY Y 73 -47.50 -58.47 -8.38
CA GLY Y 73 -48.71 -59.02 -8.93
C GLY Y 73 -49.36 -60.04 -8.01
N MET Y 74 -48.55 -60.82 -7.31
CA MET Y 74 -49.10 -61.85 -6.43
C MET Y 74 -49.79 -61.28 -5.20
N SER Y 75 -49.42 -60.05 -4.78
CA SER Y 75 -50.19 -59.42 -3.72
C SER Y 75 -51.62 -59.17 -4.16
N ILE Y 76 -51.83 -58.91 -5.46
CA ILE Y 76 -53.18 -58.76 -5.99
C ILE Y 76 -53.87 -60.11 -6.07
N TYR Y 77 -53.16 -61.13 -6.58
CA TYR Y 77 -53.76 -62.44 -6.74
C TYR Y 77 -54.32 -62.96 -5.42
N ASP Y 78 -53.51 -62.94 -4.36
CA ASP Y 78 -53.97 -63.45 -3.06
C ASP Y 78 -55.13 -62.62 -2.52
N THR Y 79 -55.16 -61.32 -2.82
CA THR Y 79 -56.29 -60.50 -2.41
C THR Y 79 -57.54 -60.87 -3.20
N MET Y 80 -57.38 -61.15 -4.50
CA MET Y 80 -58.51 -61.56 -5.31
C MET Y 80 -59.19 -62.80 -4.75
N GLN Y 81 -58.39 -63.78 -4.32
CA GLN Y 81 -58.95 -65.03 -3.82
C GLN Y 81 -59.46 -64.89 -2.38
N PHE Y 82 -58.88 -63.97 -1.61
CA PHE Y 82 -59.19 -63.86 -0.19
C PHE Y 82 -60.54 -63.18 0.03
N ILE Y 83 -60.83 -62.12 -0.73
CA ILE Y 83 -62.05 -61.36 -0.51
C ILE Y 83 -63.27 -62.20 -0.87
N LYS Y 84 -64.40 -61.89 -0.25
CA LYS Y 84 -65.64 -62.61 -0.56
C LYS Y 84 -66.13 -62.34 -1.99
N PRO Y 85 -66.23 -61.07 -2.41
CA PRO Y 85 -66.78 -60.82 -3.77
C PRO Y 85 -65.98 -61.52 -4.85
N ASP Y 86 -66.71 -61.96 -5.88
CA ASP Y 86 -66.05 -62.46 -7.08
C ASP Y 86 -65.42 -61.28 -7.81
N VAL Y 87 -64.21 -61.48 -8.30
CA VAL Y 87 -63.49 -60.45 -9.05
C VAL Y 87 -63.56 -60.85 -10.53
N SER Y 88 -64.36 -60.12 -11.31
CA SER Y 88 -64.43 -60.31 -12.75
C SER Y 88 -63.33 -59.48 -13.40
N THR Y 89 -62.61 -60.11 -14.34
CA THR Y 89 -61.50 -59.47 -15.03
C THR Y 89 -61.85 -59.27 -16.49
N ILE Y 90 -61.54 -58.08 -17.02
CA ILE Y 90 -61.81 -57.74 -18.40
C ILE Y 90 -60.49 -57.24 -19.00
N CYS Y 91 -60.04 -57.89 -20.07
CA CYS Y 91 -58.80 -57.53 -20.74
C CYS Y 91 -59.11 -56.63 -21.93
N MET Y 92 -58.56 -55.41 -21.89
CA MET Y 92 -58.64 -54.45 -22.97
C MET Y 92 -57.23 -54.03 -23.36
N GLY Y 93 -56.96 -54.01 -24.66
CA GLY Y 93 -55.64 -53.70 -25.15
C GLY Y 93 -54.73 -54.91 -25.13
N GLN Y 94 -54.04 -55.16 -24.03
CA GLN Y 94 -53.20 -56.35 -23.91
C GLN Y 94 -53.08 -56.74 -22.45
N ALA Y 95 -52.70 -58.00 -22.23
CA ALA Y 95 -52.43 -58.52 -20.88
C ALA Y 95 -51.21 -59.42 -21.02
N ALA Y 96 -50.04 -58.89 -20.69
CA ALA Y 96 -48.80 -59.66 -20.82
C ALA Y 96 -48.28 -60.07 -19.43
N SER Y 97 -47.31 -60.99 -19.41
CA SER Y 97 -46.79 -61.57 -18.15
C SER Y 97 -47.75 -61.55 -16.91
N MET Y 98 -47.49 -60.72 -15.91
CA MET Y 98 -48.36 -60.70 -14.74
C MET Y 98 -49.79 -60.24 -15.03
N GLY Y 99 -49.95 -59.39 -16.05
CA GLY Y 99 -51.28 -58.99 -16.45
C GLY Y 99 -52.10 -60.16 -16.96
N ALA Y 100 -51.47 -61.06 -17.73
CA ALA Y 100 -52.17 -62.26 -18.18
C ALA Y 100 -52.45 -63.20 -17.03
N PHE Y 101 -51.53 -63.30 -16.06
CA PHE Y 101 -51.77 -64.15 -14.90
C PHE Y 101 -52.96 -63.67 -14.10
N LEU Y 102 -53.04 -62.37 -13.83
CA LEU Y 102 -54.16 -61.86 -13.05
C LEU Y 102 -55.46 -61.92 -13.85
N LEU Y 103 -55.39 -61.77 -15.17
CA LEU Y 103 -56.59 -61.93 -15.99
C LEU Y 103 -57.18 -63.32 -15.81
N THR Y 104 -56.35 -64.36 -15.93
CA THR Y 104 -56.83 -65.73 -15.84
C THR Y 104 -57.16 -66.13 -14.40
N ALA Y 105 -56.69 -65.38 -13.42
CA ALA Y 105 -57.01 -65.68 -12.02
C ALA Y 105 -58.40 -65.18 -11.61
N GLY Y 106 -59.12 -64.52 -12.50
CA GLY Y 106 -60.46 -64.06 -12.18
C GLY Y 106 -61.40 -65.20 -11.89
N ALA Y 107 -62.55 -64.85 -11.31
CA ALA Y 107 -63.57 -65.83 -10.99
C ALA Y 107 -64.02 -66.56 -12.25
N LYS Y 108 -64.09 -67.89 -12.17
CA LYS Y 108 -64.49 -68.70 -13.32
C LYS Y 108 -65.85 -68.23 -13.83
N GLY Y 109 -65.94 -68.04 -15.15
CA GLY Y 109 -67.15 -67.59 -15.79
C GLY Y 109 -67.29 -66.08 -15.89
N LYS Y 110 -66.37 -65.32 -15.28
CA LYS Y 110 -66.43 -63.87 -15.29
C LYS Y 110 -65.10 -63.28 -15.74
N ARG Y 111 -64.33 -64.03 -16.52
CA ARG Y 111 -63.10 -63.55 -17.13
C ARG Y 111 -63.38 -63.26 -18.61
N PHE Y 112 -62.96 -62.08 -19.08
CA PHE Y 112 -63.34 -61.64 -20.40
C PHE Y 112 -62.17 -61.00 -21.14
N CYS Y 113 -62.19 -61.13 -22.45
CA CYS Y 113 -61.32 -60.38 -23.36
C CYS Y 113 -62.19 -59.56 -24.30
N LEU Y 114 -61.67 -58.40 -24.72
CA LEU Y 114 -62.33 -57.65 -25.78
C LEU Y 114 -61.91 -58.23 -27.13
N PRO Y 115 -62.69 -57.97 -28.18
CA PRO Y 115 -62.48 -58.71 -29.43
C PRO Y 115 -61.06 -58.67 -29.95
N ASN Y 116 -60.38 -57.52 -29.83
CA ASN Y 116 -59.04 -57.35 -30.36
C ASN Y 116 -57.98 -57.18 -29.27
N SER Y 117 -58.24 -57.71 -28.08
CA SER Y 117 -57.21 -57.72 -27.05
C SER Y 117 -56.14 -58.74 -27.42
N ARG Y 118 -55.09 -58.82 -26.61
CA ARG Y 118 -53.87 -59.53 -26.99
C ARG Y 118 -53.19 -60.00 -25.72
N VAL Y 119 -53.10 -61.31 -25.53
CA VAL Y 119 -52.53 -61.90 -24.33
C VAL Y 119 -51.20 -62.54 -24.68
N MET Y 120 -50.20 -62.31 -23.83
CA MET Y 120 -48.88 -62.92 -23.96
C MET Y 120 -48.54 -63.61 -22.65
N ILE Y 121 -48.03 -64.84 -22.74
CA ILE Y 121 -47.58 -65.59 -21.58
C ILE Y 121 -46.14 -66.03 -21.83
N HIS Y 122 -45.36 -66.09 -20.76
CA HIS Y 122 -43.99 -66.59 -20.82
C HIS Y 122 -43.56 -66.95 -19.41
N GLN Y 123 -42.35 -67.49 -19.30
CA GLN Y 123 -41.81 -67.90 -18.02
C GLN Y 123 -41.24 -66.69 -17.29
N PRO Y 124 -40.92 -66.86 -16.00
CA PRO Y 124 -40.36 -65.72 -15.25
C PRO Y 124 -38.97 -65.34 -15.73
N LEU Y 125 -38.67 -64.05 -15.54
CA LEU Y 125 -37.34 -63.50 -15.75
C LEU Y 125 -36.79 -63.02 -14.42
N GLY Y 126 -35.47 -62.93 -14.35
CA GLY Y 126 -34.82 -62.48 -13.14
C GLY Y 126 -33.36 -62.26 -13.40
N GLY Y 127 -32.63 -62.00 -12.32
CA GLY Y 127 -31.20 -61.79 -12.40
C GLY Y 127 -30.57 -61.48 -11.06
N TYR Y 128 -29.28 -61.78 -10.91
CA TYR Y 128 -28.59 -61.55 -9.66
C TYR Y 128 -27.10 -61.46 -9.94
N GLN Y 129 -26.42 -60.66 -9.12
CA GLN Y 129 -24.96 -60.58 -9.13
C GLN Y 129 -24.47 -60.96 -7.74
N GLY Y 130 -23.36 -61.66 -7.66
CA GLY Y 130 -22.76 -61.97 -6.39
C GLY Y 130 -21.93 -63.24 -6.47
N GLN Y 131 -21.65 -63.76 -5.28
CA GLN Y 131 -20.85 -64.98 -5.14
C GLN Y 131 -21.60 -66.19 -5.66
N ALA Y 132 -20.83 -67.21 -6.04
CA ALA Y 132 -21.43 -68.43 -6.55
C ALA Y 132 -22.40 -69.04 -5.56
N THR Y 133 -22.07 -69.00 -4.27
CA THR Y 133 -22.97 -69.51 -3.25
C THR Y 133 -24.31 -68.78 -3.29
N ASP Y 134 -24.26 -67.45 -3.37
CA ASP Y 134 -25.49 -66.67 -3.47
C ASP Y 134 -26.22 -66.90 -4.78
N ILE Y 135 -25.49 -67.11 -5.88
CA ILE Y 135 -26.15 -67.35 -7.16
C ILE Y 135 -27.02 -68.60 -7.10
N GLU Y 136 -26.51 -69.66 -6.46
CA GLU Y 136 -27.30 -70.88 -6.33
C GLU Y 136 -28.57 -70.63 -5.53
N ILE Y 137 -28.46 -69.82 -4.47
CA ILE Y 137 -29.62 -69.55 -3.62
C ILE Y 137 -30.73 -68.89 -4.43
N HIS Y 138 -30.38 -67.86 -5.19
CA HIS Y 138 -31.37 -67.13 -5.96
C HIS Y 138 -31.81 -67.90 -7.21
N ALA Y 139 -30.91 -68.66 -7.83
CA ALA Y 139 -31.32 -69.51 -8.94
C ALA Y 139 -32.29 -70.58 -8.48
N ARG Y 140 -32.05 -71.15 -7.28
CA ARG Y 140 -33.00 -72.12 -6.74
C ARG Y 140 -34.35 -71.48 -6.48
N GLU Y 141 -34.36 -70.22 -6.02
CA GLU Y 141 -35.62 -69.59 -5.64
C GLU Y 141 -36.47 -69.27 -6.87
N ILE Y 142 -35.86 -68.69 -7.91
CA ILE Y 142 -36.62 -68.31 -9.08
C ILE Y 142 -37.15 -69.55 -9.80
N LEU Y 143 -36.46 -70.68 -9.68
CA LEU Y 143 -37.00 -71.93 -10.21
C LEU Y 143 -38.19 -72.39 -9.38
N LYS Y 144 -38.12 -72.20 -8.06
CA LYS Y 144 -39.27 -72.49 -7.22
C LYS Y 144 -40.46 -71.61 -7.58
N VAL Y 145 -40.19 -70.37 -8.03
CA VAL Y 145 -41.28 -69.49 -8.44
C VAL Y 145 -41.87 -69.95 -9.77
N LYS Y 146 -41.00 -70.23 -10.75
CA LYS Y 146 -41.46 -70.73 -12.04
C LYS Y 146 -42.35 -71.94 -11.85
N GLY Y 147 -41.99 -72.83 -10.93
CA GLY Y 147 -42.80 -74.01 -10.70
C GLY Y 147 -44.17 -73.68 -10.17
N ARG Y 148 -44.24 -72.79 -9.17
CA ARG Y 148 -45.53 -72.44 -8.59
C ARG Y 148 -46.40 -71.70 -9.61
N MET Y 149 -45.82 -70.73 -10.32
CA MET Y 149 -46.59 -69.94 -11.27
C MET Y 149 -47.23 -70.81 -12.34
N ASN Y 150 -46.48 -71.79 -12.87
CA ASN Y 150 -47.03 -72.70 -13.86
C ASN Y 150 -48.16 -73.53 -13.26
N GLU Y 151 -48.01 -73.96 -12.00
CA GLU Y 151 -49.08 -74.72 -11.36
C GLU Y 151 -50.37 -73.91 -11.30
N LEU Y 152 -50.30 -72.66 -10.84
CA LEU Y 152 -51.51 -71.84 -10.79
C LEU Y 152 -52.06 -71.60 -12.18
N MET Y 153 -51.17 -71.37 -13.15
CA MET Y 153 -51.63 -71.25 -14.54
C MET Y 153 -52.37 -72.50 -14.96
N ALA Y 154 -51.80 -73.68 -14.66
CA ALA Y 154 -52.49 -74.93 -14.97
C ALA Y 154 -53.80 -75.02 -14.21
N LEU Y 155 -53.83 -74.51 -13.00
CA LEU Y 155 -55.03 -74.58 -12.18
C LEU Y 155 -56.17 -73.78 -12.79
N HIS Y 156 -55.89 -72.56 -13.22
CA HIS Y 156 -56.93 -71.64 -13.69
C HIS Y 156 -57.31 -71.87 -15.15
N THR Y 157 -56.41 -72.37 -15.97
CA THR Y 157 -56.69 -72.56 -17.39
C THR Y 157 -57.31 -73.91 -17.70
N GLY Y 158 -57.10 -74.92 -16.85
CA GLY Y 158 -57.51 -76.26 -17.16
C GLY Y 158 -56.51 -77.06 -17.97
N GLN Y 159 -55.44 -76.41 -18.42
CA GLN Y 159 -54.36 -77.09 -19.11
C GLN Y 159 -53.61 -78.00 -18.15
N SER Y 160 -52.84 -78.93 -18.72
CA SER Y 160 -51.97 -79.77 -17.91
C SER Y 160 -50.76 -78.96 -17.49
N LEU Y 161 -50.16 -79.36 -16.37
CA LEU Y 161 -48.96 -78.68 -15.89
C LEU Y 161 -47.84 -78.76 -16.94
N GLU Y 162 -47.71 -79.92 -17.61
CA GLU Y 162 -46.68 -80.06 -18.62
C GLU Y 162 -47.00 -79.27 -19.89
N GLN Y 163 -48.28 -78.96 -20.14
CA GLN Y 163 -48.61 -78.10 -21.27
C GLN Y 163 -48.22 -76.65 -20.96
N ILE Y 164 -48.55 -76.18 -19.76
CA ILE Y 164 -48.14 -74.84 -19.35
C ILE Y 164 -46.63 -74.70 -19.43
N GLU Y 165 -45.91 -75.76 -19.07
CA GLU Y 165 -44.46 -75.73 -19.13
C GLU Y 165 -43.97 -75.54 -20.58
N ARG Y 166 -44.56 -76.28 -21.51
CA ARG Y 166 -44.14 -76.16 -22.91
C ARG Y 166 -44.39 -74.75 -23.43
N ASP Y 167 -45.59 -74.22 -23.17
CA ASP Y 167 -46.04 -73.01 -23.84
C ASP Y 167 -45.44 -71.73 -23.27
N THR Y 168 -44.83 -71.78 -22.08
CA THR Y 168 -44.25 -70.60 -21.46
C THR Y 168 -42.73 -70.56 -21.53
N GLU Y 169 -42.08 -71.62 -22.05
CA GLU Y 169 -40.63 -71.59 -22.18
C GLU Y 169 -40.17 -70.41 -23.01
N ARG Y 170 -40.94 -70.04 -24.03
CA ARG Y 170 -40.65 -68.88 -24.86
C ARG Y 170 -41.92 -68.06 -25.00
N ASP Y 171 -41.75 -66.77 -25.30
CA ASP Y 171 -42.89 -65.89 -25.46
C ASP Y 171 -43.91 -66.50 -26.42
N ARG Y 172 -45.17 -66.53 -25.98
CA ARG Y 172 -46.28 -66.99 -26.81
C ARG Y 172 -47.40 -65.96 -26.76
N PHE Y 173 -47.87 -65.54 -27.94
CA PHE Y 173 -49.00 -64.63 -28.07
C PHE Y 173 -50.27 -65.40 -28.35
N LEU Y 174 -51.37 -64.95 -27.76
CA LEU Y 174 -52.68 -65.55 -27.98
C LEU Y 174 -53.67 -64.44 -28.33
N SER Y 175 -54.45 -64.65 -29.39
CA SER Y 175 -55.51 -63.72 -29.71
C SER Y 175 -56.67 -63.89 -28.72
N ALA Y 176 -57.63 -62.97 -28.79
CA ALA Y 176 -58.79 -63.07 -27.91
C ALA Y 176 -59.50 -64.40 -28.05
N PRO Y 177 -59.87 -64.86 -29.26
CA PRO Y 177 -60.47 -66.20 -29.35
C PRO Y 177 -59.52 -67.32 -28.95
N GLU Y 178 -58.21 -67.16 -29.21
CA GLU Y 178 -57.26 -68.16 -28.76
C GLU Y 178 -57.18 -68.21 -27.24
N ALA Y 179 -57.48 -67.11 -26.55
CA ALA Y 179 -57.40 -67.09 -25.10
C ALA Y 179 -58.56 -67.83 -24.46
N VAL Y 180 -59.72 -67.88 -25.12
CA VAL Y 180 -60.83 -68.65 -24.57
C VAL Y 180 -60.61 -70.14 -24.80
N GLU Y 181 -60.07 -70.50 -25.96
CA GLU Y 181 -59.84 -71.90 -26.28
C GLU Y 181 -58.65 -72.49 -25.53
N TYR Y 182 -57.78 -71.63 -24.99
CA TYR Y 182 -56.69 -72.08 -24.13
C TYR Y 182 -57.11 -72.18 -22.68
N GLY Y 183 -58.17 -71.47 -22.28
CA GLY Y 183 -58.65 -71.48 -20.92
C GLY Y 183 -58.30 -70.24 -20.11
N LEU Y 184 -57.61 -69.27 -20.71
CA LEU Y 184 -57.26 -68.05 -19.98
C LEU Y 184 -58.49 -67.24 -19.63
N VAL Y 185 -59.47 -67.19 -20.54
CA VAL Y 185 -60.68 -66.41 -20.34
C VAL Y 185 -61.88 -67.25 -20.76
N ASP Y 186 -63.07 -66.81 -20.32
CA ASP Y 186 -64.29 -67.56 -20.54
C ASP Y 186 -65.00 -67.18 -21.84
N SER Y 187 -65.05 -65.89 -22.18
CA SER Y 187 -65.73 -65.47 -23.40
C SER Y 187 -65.18 -64.11 -23.83
N ILE Y 188 -65.73 -63.59 -24.92
CA ILE Y 188 -65.33 -62.30 -25.48
C ILE Y 188 -66.55 -61.38 -25.43
N LEU Y 189 -66.35 -60.16 -24.95
CA LEU Y 189 -67.38 -59.13 -25.01
C LEU Y 189 -67.38 -58.48 -26.39
N THR Y 190 -68.56 -58.36 -26.99
CA THR Y 190 -68.71 -57.76 -28.30
C THR Y 190 -69.53 -56.48 -28.27
N HIS Y 191 -70.74 -56.53 -27.72
CA HIS Y 191 -71.60 -55.36 -27.62
C HIS Y 191 -72.68 -55.66 -26.59
N ARG Y 192 -73.06 -54.64 -25.83
CA ARG Y 192 -74.12 -54.77 -24.84
C ARG Y 192 -75.46 -55.05 -25.52
N VAL Z 3 -55.27 -25.68 -17.34
CA VAL Z 3 -56.30 -26.07 -16.38
C VAL Z 3 -57.12 -24.84 -15.98
N PRO Z 4 -57.96 -24.36 -16.90
CA PRO Z 4 -58.84 -23.23 -16.58
C PRO Z 4 -60.13 -23.70 -15.89
N MET Z 5 -60.19 -23.51 -14.57
CA MET Z 5 -61.36 -23.93 -13.80
C MET Z 5 -62.51 -22.96 -14.04
N VAL Z 6 -63.66 -23.50 -14.45
CA VAL Z 6 -64.86 -22.68 -14.66
C VAL Z 6 -65.57 -22.43 -13.34
N ASP Z 18 -63.41 -27.22 -14.03
CA ASP Z 18 -62.53 -27.69 -15.10
C ASP Z 18 -63.25 -27.54 -16.44
N ILE Z 19 -62.55 -27.08 -17.47
CA ILE Z 19 -63.19 -26.94 -18.77
C ILE Z 19 -63.40 -28.30 -19.43
N TYR Z 20 -62.39 -29.18 -19.38
CA TYR Z 20 -62.56 -30.50 -19.96
C TYR Z 20 -63.67 -31.27 -19.26
N SER Z 21 -63.89 -30.98 -17.97
CA SER Z 21 -65.01 -31.60 -17.26
C SER Z 21 -66.33 -30.95 -17.66
N ARG Z 22 -66.32 -29.63 -17.87
CA ARG Z 22 -67.53 -28.94 -18.30
C ARG Z 22 -67.96 -29.38 -19.69
N LEU Z 23 -67.02 -29.81 -20.52
CA LEU Z 23 -67.36 -30.33 -21.84
C LEU Z 23 -67.66 -31.82 -21.81
N LEU Z 24 -67.24 -32.53 -20.75
CA LEU Z 24 -67.58 -33.94 -20.64
C LEU Z 24 -69.07 -34.11 -20.34
N LYS Z 25 -69.67 -33.18 -19.59
CA LYS Z 25 -71.11 -33.23 -19.36
C LYS Z 25 -71.89 -32.99 -20.63
N GLU Z 26 -71.27 -32.40 -21.66
CA GLU Z 26 -71.86 -32.34 -22.99
C GLU Z 26 -71.55 -33.58 -23.81
N ARG Z 27 -70.91 -34.59 -23.20
CA ARG Z 27 -70.56 -35.84 -23.88
C ARG Z 27 -69.48 -35.62 -24.93
N VAL Z 28 -68.48 -34.79 -24.60
CA VAL Z 28 -67.38 -34.49 -25.50
C VAL Z 28 -66.10 -34.95 -24.82
N ILE Z 29 -65.36 -35.82 -25.50
CA ILE Z 29 -64.08 -36.34 -25.01
C ILE Z 29 -63.00 -35.91 -25.99
N PHE Z 30 -61.82 -35.62 -25.46
CA PHE Z 30 -60.69 -35.13 -26.25
C PHE Z 30 -59.58 -36.17 -26.24
N LEU Z 31 -59.18 -36.61 -27.42
CA LEU Z 31 -58.04 -37.50 -27.61
C LEU Z 31 -56.92 -36.67 -28.22
N THR Z 32 -55.92 -36.33 -27.40
CA THR Z 32 -54.88 -35.40 -27.80
C THR Z 32 -53.51 -36.00 -27.56
N GLY Z 33 -52.60 -35.75 -28.50
CA GLY Z 33 -51.24 -36.19 -28.34
C GLY Z 33 -51.06 -37.65 -28.68
N GLN Z 34 -49.84 -38.14 -28.42
CA GLN Z 34 -49.52 -39.54 -28.66
C GLN Z 34 -50.47 -40.44 -27.88
N VAL Z 35 -50.68 -41.64 -28.39
CA VAL Z 35 -51.57 -42.62 -27.78
C VAL Z 35 -50.73 -43.57 -26.93
N GLU Z 36 -51.15 -43.80 -25.69
CA GLU Z 36 -50.42 -44.67 -24.79
C GLU Z 36 -51.39 -45.24 -23.76
N ASP Z 37 -50.90 -46.23 -23.00
CA ASP Z 37 -51.76 -46.98 -22.11
C ASP Z 37 -52.54 -46.07 -21.17
N HIS Z 38 -51.90 -45.03 -20.64
CA HIS Z 38 -52.52 -44.24 -19.58
C HIS Z 38 -53.53 -43.24 -20.14
N MET Z 39 -53.14 -42.45 -21.14
CA MET Z 39 -54.09 -41.51 -21.72
C MET Z 39 -55.27 -42.24 -22.37
N ALA Z 40 -55.01 -43.42 -22.93
CA ALA Z 40 -56.08 -44.20 -23.52
C ALA Z 40 -57.00 -44.78 -22.45
N ASN Z 41 -56.42 -45.27 -21.36
CA ASN Z 41 -57.23 -45.78 -20.26
C ASN Z 41 -58.15 -44.69 -19.72
N LEU Z 42 -57.67 -43.45 -19.68
CA LEU Z 42 -58.51 -42.35 -19.23
C LEU Z 42 -59.67 -42.11 -20.19
N ILE Z 43 -59.44 -42.24 -21.50
CA ILE Z 43 -60.52 -42.08 -22.46
C ILE Z 43 -61.54 -43.20 -22.32
N VAL Z 44 -61.06 -44.44 -22.12
CA VAL Z 44 -61.96 -45.57 -21.94
C VAL Z 44 -62.86 -45.32 -20.72
N ALA Z 45 -62.28 -44.82 -19.64
CA ALA Z 45 -63.08 -44.52 -18.45
C ALA Z 45 -64.16 -43.49 -18.75
N GLN Z 46 -63.84 -42.47 -19.55
CA GLN Z 46 -64.85 -41.45 -19.86
C GLN Z 46 -65.98 -42.04 -20.68
N MET Z 47 -65.65 -42.91 -21.65
CA MET Z 47 -66.70 -43.52 -22.47
C MET Z 47 -67.59 -44.42 -21.64
N LEU Z 48 -67.01 -45.24 -20.76
CA LEU Z 48 -67.83 -46.08 -19.89
C LEU Z 48 -68.70 -45.24 -18.96
N PHE Z 49 -68.16 -44.12 -18.48
CA PHE Z 49 -68.94 -43.26 -17.58
C PHE Z 49 -70.12 -42.63 -18.31
N LEU Z 50 -69.89 -42.10 -19.51
CA LEU Z 50 -70.98 -41.47 -20.24
C LEU Z 50 -72.06 -42.49 -20.59
N GLU Z 51 -71.65 -43.72 -20.92
CA GLU Z 51 -72.61 -44.79 -21.14
C GLU Z 51 -73.50 -45.01 -19.92
N ALA Z 52 -72.90 -45.00 -18.73
CA ALA Z 52 -73.67 -45.24 -17.51
C ALA Z 52 -74.67 -44.11 -17.26
N GLU Z 53 -74.27 -42.87 -17.54
CA GLU Z 53 -75.19 -41.75 -17.35
C GLU Z 53 -76.35 -41.83 -18.32
N ASN Z 54 -76.10 -42.23 -19.56
CA ASN Z 54 -77.15 -42.36 -20.57
C ASN Z 54 -76.65 -43.19 -21.75
N PRO Z 55 -77.08 -44.46 -21.86
CA PRO Z 55 -76.59 -45.30 -22.96
C PRO Z 55 -77.14 -44.94 -24.33
N GLU Z 56 -78.08 -43.99 -24.44
CA GLU Z 56 -78.72 -43.70 -25.72
C GLU Z 56 -78.17 -42.46 -26.42
N LYS Z 57 -77.83 -41.41 -25.67
CA LYS Z 57 -77.31 -40.20 -26.32
C LYS Z 57 -75.89 -40.44 -26.83
N ASP Z 58 -75.56 -39.80 -27.94
CA ASP Z 58 -74.27 -40.02 -28.58
C ASP Z 58 -73.12 -39.48 -27.76
N ILE Z 59 -71.92 -39.97 -28.07
CA ILE Z 59 -70.67 -39.49 -27.49
C ILE Z 59 -69.84 -38.89 -28.62
N TYR Z 60 -69.15 -37.79 -28.33
CA TYR Z 60 -68.37 -37.06 -29.32
C TYR Z 60 -66.90 -37.11 -28.93
N LEU Z 61 -66.07 -37.65 -29.81
CA LEU Z 61 -64.65 -37.85 -29.55
C LEU Z 61 -63.85 -37.01 -30.56
N TYR Z 62 -63.30 -35.90 -30.09
CA TYR Z 62 -62.40 -35.09 -30.90
C TYR Z 62 -61.02 -35.73 -30.91
N ILE Z 63 -60.38 -35.73 -32.08
CA ILE Z 63 -59.10 -36.42 -32.27
C ILE Z 63 -58.09 -35.46 -32.89
N ASN Z 64 -56.99 -35.22 -32.17
CA ASN Z 64 -55.82 -34.49 -32.68
C ASN Z 64 -54.60 -35.23 -32.15
N SER Z 65 -54.09 -36.20 -32.93
CA SER Z 65 -53.03 -37.08 -32.46
C SER Z 65 -52.08 -37.44 -33.58
N PRO Z 66 -50.77 -37.49 -33.31
CA PRO Z 66 -49.79 -37.94 -34.32
C PRO Z 66 -49.50 -39.44 -34.33
N GLY Z 67 -50.22 -40.23 -33.54
CA GLY Z 67 -50.03 -41.67 -33.52
C GLY Z 67 -49.73 -42.18 -32.12
N GLY Z 68 -49.43 -43.47 -32.04
CA GLY Z 68 -49.10 -44.07 -30.77
C GLY Z 68 -49.08 -45.58 -30.84
N VAL Z 69 -49.20 -46.20 -29.68
CA VAL Z 69 -49.13 -47.66 -29.56
C VAL Z 69 -50.42 -48.29 -30.05
N ILE Z 70 -50.30 -49.45 -30.71
CA ILE Z 70 -51.48 -50.15 -31.19
C ILE Z 70 -52.29 -50.69 -30.02
N THR Z 71 -51.62 -51.37 -29.10
CA THR Z 71 -52.29 -51.94 -27.95
C THR Z 71 -53.13 -50.90 -27.22
N ALA Z 72 -52.56 -49.72 -26.98
CA ALA Z 72 -53.31 -48.65 -26.33
C ALA Z 72 -54.49 -48.21 -27.18
N GLY Z 73 -54.29 -48.07 -28.48
CA GLY Z 73 -55.37 -47.64 -29.35
C GLY Z 73 -56.51 -48.64 -29.43
N MET Z 74 -56.20 -49.93 -29.36
CA MET Z 74 -57.26 -50.93 -29.49
C MET Z 74 -58.14 -51.00 -28.25
N SER Z 75 -57.61 -50.60 -27.09
CA SER Z 75 -58.47 -50.51 -25.90
C SER Z 75 -59.56 -49.46 -26.09
N ILE Z 76 -59.27 -48.40 -26.83
CA ILE Z 76 -60.29 -47.41 -27.15
C ILE Z 76 -61.25 -47.95 -28.21
N TYR Z 77 -60.70 -48.55 -29.26
CA TYR Z 77 -61.54 -49.09 -30.33
C TYR Z 77 -62.56 -50.08 -29.79
N ASP Z 78 -62.09 -51.09 -29.03
CA ASP Z 78 -63.00 -52.10 -28.51
C ASP Z 78 -64.03 -51.51 -27.56
N THR Z 79 -63.66 -50.47 -26.81
CA THR Z 79 -64.64 -49.82 -25.94
C THR Z 79 -65.67 -49.04 -26.76
N MET Z 80 -65.21 -48.32 -27.80
CA MET Z 80 -66.14 -47.60 -28.66
C MET Z 80 -67.17 -48.56 -29.26
N GLN Z 81 -66.70 -49.72 -29.74
CA GLN Z 81 -67.59 -50.67 -30.40
C GLN Z 81 -68.48 -51.39 -29.39
N PHE Z 82 -68.03 -51.49 -28.13
CA PHE Z 82 -68.73 -52.27 -27.13
C PHE Z 82 -69.89 -51.51 -26.51
N ILE Z 83 -69.68 -50.22 -26.23
CA ILE Z 83 -70.71 -49.45 -25.52
C ILE Z 83 -71.89 -49.19 -26.46
N LYS Z 84 -73.07 -49.10 -25.86
CA LYS Z 84 -74.27 -48.84 -26.64
C LYS Z 84 -74.21 -47.50 -27.36
N PRO Z 85 -73.84 -46.39 -26.71
CA PRO Z 85 -73.89 -45.09 -27.39
C PRO Z 85 -73.00 -45.09 -28.63
N ASP Z 86 -73.49 -44.42 -29.67
CA ASP Z 86 -72.68 -44.19 -30.85
C ASP Z 86 -71.55 -43.23 -30.52
N VAL Z 87 -70.37 -43.49 -31.05
CA VAL Z 87 -69.20 -42.65 -30.82
C VAL Z 87 -68.94 -41.90 -32.13
N SER Z 88 -69.30 -40.62 -32.15
CA SER Z 88 -68.98 -39.75 -33.27
C SER Z 88 -67.55 -39.24 -33.14
N THR Z 89 -66.80 -39.31 -34.23
CA THR Z 89 -65.41 -38.89 -34.25
C THR Z 89 -65.25 -37.63 -35.08
N ILE Z 90 -64.51 -36.66 -34.55
CA ILE Z 90 -64.21 -35.40 -35.23
C ILE Z 90 -62.70 -35.26 -35.25
N CYS Z 91 -62.14 -35.09 -36.45
CA CYS Z 91 -60.70 -34.92 -36.61
C CYS Z 91 -60.40 -33.44 -36.73
N MET Z 92 -59.62 -32.91 -35.79
CA MET Z 92 -59.16 -31.53 -35.81
C MET Z 92 -57.64 -31.53 -35.78
N GLY Z 93 -57.03 -30.72 -36.62
CA GLY Z 93 -55.59 -30.69 -36.74
C GLY Z 93 -55.10 -31.80 -37.64
N GLN Z 94 -54.86 -32.97 -37.05
CA GLN Z 94 -54.46 -34.14 -37.81
C GLN Z 94 -54.92 -35.38 -37.08
N ALA Z 95 -54.97 -36.49 -37.80
CA ALA Z 95 -55.28 -37.81 -37.24
C ALA Z 95 -54.38 -38.77 -38.00
N ALA Z 96 -53.23 -39.10 -37.42
CA ALA Z 96 -52.26 -39.98 -38.08
C ALA Z 96 -52.22 -41.34 -37.40
N SER Z 97 -51.24 -42.17 -37.74
CA SER Z 97 -51.23 -43.60 -37.42
C SER Z 97 -52.50 -44.14 -36.66
N MET Z 98 -52.43 -44.30 -35.35
CA MET Z 98 -53.55 -44.84 -34.57
C MET Z 98 -54.68 -43.82 -34.47
N GLY Z 99 -54.33 -42.54 -34.59
CA GLY Z 99 -55.34 -41.50 -34.59
C GLY Z 99 -56.25 -41.59 -35.81
N ALA Z 100 -55.70 -42.06 -36.92
CA ALA Z 100 -56.46 -42.18 -38.16
C ALA Z 100 -57.37 -43.39 -38.07
N PHE Z 101 -56.87 -44.46 -37.46
CA PHE Z 101 -57.62 -45.69 -37.30
C PHE Z 101 -58.82 -45.46 -36.39
N LEU Z 102 -58.60 -44.74 -35.29
CA LEU Z 102 -59.66 -44.44 -34.34
C LEU Z 102 -60.69 -43.51 -34.98
N LEU Z 103 -60.20 -42.56 -35.78
CA LEU Z 103 -61.08 -41.62 -36.46
C LEU Z 103 -62.09 -42.36 -37.33
N THR Z 104 -61.61 -43.31 -38.13
CA THR Z 104 -62.48 -44.02 -39.05
C THR Z 104 -63.32 -45.09 -38.37
N ALA Z 105 -62.98 -45.49 -37.15
CA ALA Z 105 -63.75 -46.48 -36.41
C ALA Z 105 -65.02 -45.90 -35.77
N GLY Z 106 -65.29 -44.61 -35.92
CA GLY Z 106 -66.48 -44.03 -35.37
C GLY Z 106 -67.74 -44.56 -36.03
N ALA Z 107 -68.88 -44.29 -35.38
CA ALA Z 107 -70.16 -44.74 -35.90
C ALA Z 107 -70.37 -44.23 -37.32
N LYS Z 108 -70.84 -45.12 -38.19
CA LYS Z 108 -71.05 -44.74 -39.59
C LYS Z 108 -72.10 -43.65 -39.67
N GLY Z 109 -72.02 -42.59 -40.42
CA GLY Z 109 -72.98 -41.46 -40.36
C GLY Z 109 -72.32 -40.27 -39.59
N LYS Z 110 -71.32 -40.57 -38.66
CA LYS Z 110 -70.97 -39.60 -37.64
C LYS Z 110 -69.46 -39.45 -37.51
N ARG Z 111 -68.73 -39.73 -38.58
CA ARG Z 111 -67.30 -39.48 -38.65
C ARG Z 111 -67.06 -38.20 -39.47
N PHE Z 112 -66.22 -37.31 -38.94
CA PHE Z 112 -66.05 -35.99 -39.54
C PHE Z 112 -64.59 -35.59 -39.55
N CYS Z 113 -64.23 -34.78 -40.54
CA CYS Z 113 -62.96 -34.08 -40.60
C CYS Z 113 -63.25 -32.58 -40.67
N LEU Z 114 -62.36 -31.78 -40.11
CA LEU Z 114 -62.45 -30.35 -40.32
C LEU Z 114 -61.84 -29.99 -41.66
N PRO Z 115 -62.18 -28.82 -42.21
CA PRO Z 115 -61.81 -28.53 -43.61
C PRO Z 115 -60.32 -28.66 -43.90
N ASN Z 116 -59.46 -28.28 -42.94
CA ASN Z 116 -58.01 -28.33 -43.14
C ASN Z 116 -57.36 -29.39 -42.27
N SER Z 117 -58.12 -30.44 -41.92
CA SER Z 117 -57.53 -31.57 -41.22
C SER Z 117 -56.62 -32.36 -42.16
N ARG Z 118 -55.78 -33.20 -41.56
CA ARG Z 118 -54.85 -34.03 -42.32
C ARG Z 118 -54.80 -35.41 -41.69
N VAL Z 119 -54.89 -36.44 -42.51
CA VAL Z 119 -54.88 -37.82 -42.07
C VAL Z 119 -53.70 -38.53 -42.72
N MET Z 120 -53.02 -39.36 -41.95
CA MET Z 120 -51.87 -40.11 -42.43
C MET Z 120 -52.04 -41.57 -42.04
N ILE Z 121 -51.84 -42.47 -43.00
CA ILE Z 121 -51.95 -43.91 -42.77
C ILE Z 121 -50.62 -44.54 -43.13
N HIS Z 122 -50.28 -45.60 -42.41
CA HIS Z 122 -49.08 -46.39 -42.66
C HIS Z 122 -49.20 -47.68 -41.88
N GLN Z 123 -48.34 -48.64 -42.23
CA GLN Z 123 -48.36 -49.95 -41.61
C GLN Z 123 -47.73 -49.89 -40.22
N PRO Z 124 -47.89 -50.94 -39.43
CA PRO Z 124 -47.33 -50.93 -38.07
C PRO Z 124 -45.82 -50.88 -38.06
N LEU Z 125 -45.27 -50.34 -36.97
CA LEU Z 125 -43.84 -50.35 -36.70
C LEU Z 125 -43.59 -51.15 -35.43
N GLY Z 126 -42.36 -51.65 -35.30
CA GLY Z 126 -42.01 -52.40 -34.12
C GLY Z 126 -40.53 -52.71 -34.08
N GLY Z 127 -40.17 -53.59 -33.14
CA GLY Z 127 -38.79 -54.02 -33.01
C GLY Z 127 -38.59 -54.99 -31.87
N TYR Z 128 -37.57 -55.84 -31.98
CA TYR Z 128 -37.24 -56.79 -30.93
C TYR Z 128 -35.77 -57.14 -31.01
N GLN Z 129 -35.18 -57.46 -29.86
CA GLN Z 129 -33.82 -57.94 -29.76
C GLN Z 129 -33.82 -59.26 -28.99
N GLY Z 130 -33.03 -60.22 -29.45
CA GLY Z 130 -32.88 -61.48 -28.74
C GLY Z 130 -32.46 -62.58 -29.70
N GLN Z 131 -32.67 -63.82 -29.24
CA GLN Z 131 -32.32 -64.98 -30.03
C GLN Z 131 -33.19 -65.06 -31.29
N ALA Z 132 -32.62 -65.66 -32.34
CA ALA Z 132 -33.34 -65.76 -33.61
C ALA Z 132 -34.71 -66.40 -33.43
N THR Z 133 -34.81 -67.39 -32.55
CA THR Z 133 -36.10 -68.01 -32.28
C THR Z 133 -37.09 -66.99 -31.75
N ASP Z 134 -36.68 -66.20 -30.75
CA ASP Z 134 -37.57 -65.17 -30.22
C ASP Z 134 -37.88 -64.12 -31.28
N ILE Z 135 -36.91 -63.81 -32.15
CA ILE Z 135 -37.14 -62.84 -33.22
C ILE Z 135 -38.26 -63.32 -34.13
N GLU Z 136 -38.22 -64.60 -34.52
CA GLU Z 136 -39.25 -65.13 -35.40
C GLU Z 136 -40.63 -65.02 -34.76
N ILE Z 137 -40.71 -65.19 -33.44
CA ILE Z 137 -41.98 -65.11 -32.74
C ILE Z 137 -42.55 -63.70 -32.82
N HIS Z 138 -41.72 -62.69 -32.52
CA HIS Z 138 -42.22 -61.32 -32.48
C HIS Z 138 -42.44 -60.77 -33.88
N ALA Z 139 -41.57 -61.13 -34.84
CA ALA Z 139 -41.82 -60.73 -36.22
C ALA Z 139 -43.08 -61.38 -36.76
N ARG Z 140 -43.38 -62.59 -36.30
CA ARG Z 140 -44.62 -63.26 -36.70
C ARG Z 140 -45.84 -62.59 -36.11
N GLU Z 141 -45.70 -62.03 -34.90
CA GLU Z 141 -46.84 -61.38 -34.26
C GLU Z 141 -47.13 -60.02 -34.88
N ILE Z 142 -46.10 -59.22 -35.15
CA ILE Z 142 -46.32 -57.90 -35.74
C ILE Z 142 -46.98 -58.03 -37.10
N LEU Z 143 -46.71 -59.13 -37.81
CA LEU Z 143 -47.36 -59.35 -39.10
C LEU Z 143 -48.83 -59.74 -38.91
N LYS Z 144 -49.11 -60.50 -37.85
CA LYS Z 144 -50.51 -60.80 -37.51
C LYS Z 144 -51.26 -59.50 -37.21
N VAL Z 145 -50.66 -58.61 -36.43
CA VAL Z 145 -51.27 -57.33 -36.12
C VAL Z 145 -51.53 -56.55 -37.40
N LYS Z 146 -50.52 -56.49 -38.28
CA LYS Z 146 -50.68 -55.82 -39.56
C LYS Z 146 -51.88 -56.38 -40.33
N GLY Z 147 -52.08 -57.70 -40.27
CA GLY Z 147 -53.20 -58.29 -40.97
C GLY Z 147 -54.54 -57.84 -40.41
N ARG Z 148 -54.68 -57.86 -39.08
CA ARG Z 148 -55.96 -57.48 -38.49
C ARG Z 148 -56.25 -55.99 -38.68
N MET Z 149 -55.25 -55.14 -38.52
CA MET Z 149 -55.48 -53.71 -38.71
C MET Z 149 -55.95 -53.43 -40.13
N ASN Z 150 -55.33 -54.07 -41.13
CA ASN Z 150 -55.74 -53.89 -42.51
C ASN Z 150 -57.16 -54.39 -42.72
N GLU Z 151 -57.50 -55.52 -42.11
CA GLU Z 151 -58.86 -56.07 -42.23
C GLU Z 151 -59.88 -55.10 -41.64
N LEU Z 152 -59.63 -54.60 -40.43
CA LEU Z 152 -60.55 -53.66 -39.81
C LEU Z 152 -60.64 -52.36 -40.59
N MET Z 153 -59.53 -51.91 -41.17
CA MET Z 153 -59.58 -50.71 -42.00
C MET Z 153 -60.47 -50.93 -43.21
N ALA Z 154 -60.32 -52.08 -43.87
CA ALA Z 154 -61.20 -52.39 -44.99
C ALA Z 154 -62.65 -52.43 -44.54
N LEU Z 155 -62.89 -52.89 -43.30
CA LEU Z 155 -64.27 -53.00 -42.82
C LEU Z 155 -64.90 -51.63 -42.63
N HIS Z 156 -64.20 -50.70 -41.97
CA HIS Z 156 -64.77 -49.41 -41.64
C HIS Z 156 -64.72 -48.41 -42.80
N THR Z 157 -63.79 -48.58 -43.74
CA THR Z 157 -63.70 -47.67 -44.87
C THR Z 157 -64.47 -48.15 -46.09
N GLY Z 158 -64.80 -49.43 -46.16
CA GLY Z 158 -65.42 -50.00 -47.34
C GLY Z 158 -64.44 -50.37 -48.44
N GLN Z 159 -63.17 -50.03 -48.30
CA GLN Z 159 -62.16 -50.41 -49.27
C GLN Z 159 -61.84 -51.89 -49.16
N SER Z 160 -61.30 -52.44 -50.23
CA SER Z 160 -60.90 -53.84 -50.25
C SER Z 160 -59.64 -54.04 -49.40
N LEU Z 161 -59.45 -55.29 -48.95
CA LEU Z 161 -58.25 -55.63 -48.21
C LEU Z 161 -57.00 -55.44 -49.07
N GLU Z 162 -57.09 -55.79 -50.35
CA GLU Z 162 -55.93 -55.64 -51.23
C GLU Z 162 -55.55 -54.18 -51.39
N GLN Z 163 -56.51 -53.26 -51.24
CA GLN Z 163 -56.20 -51.85 -51.45
C GLN Z 163 -55.63 -51.21 -50.19
N ILE Z 164 -56.21 -51.51 -49.02
CA ILE Z 164 -55.70 -50.96 -47.77
C ILE Z 164 -54.22 -51.30 -47.61
N GLU Z 165 -53.85 -52.54 -47.94
CA GLU Z 165 -52.44 -52.93 -47.81
C GLU Z 165 -51.56 -52.11 -48.76
N ARG Z 166 -51.99 -51.98 -50.01
CA ARG Z 166 -51.20 -51.22 -50.98
C ARG Z 166 -50.96 -49.79 -50.51
N ASP Z 167 -51.98 -49.15 -49.94
CA ASP Z 167 -51.88 -47.75 -49.56
C ASP Z 167 -51.18 -47.55 -48.22
N THR Z 168 -51.05 -48.60 -47.41
CA THR Z 168 -50.43 -48.48 -46.09
C THR Z 168 -48.99 -48.99 -46.04
N GLU Z 169 -48.50 -49.62 -47.11
CA GLU Z 169 -47.12 -50.08 -47.11
C GLU Z 169 -46.16 -48.94 -46.83
N ARG Z 170 -46.49 -47.75 -47.32
CA ARG Z 170 -45.70 -46.55 -47.09
C ARG Z 170 -46.60 -45.41 -46.65
N ASP Z 171 -45.99 -44.43 -46.01
CA ASP Z 171 -46.69 -43.24 -45.55
C ASP Z 171 -47.54 -42.64 -46.66
N ARG Z 172 -48.79 -42.34 -46.35
CA ARG Z 172 -49.72 -41.76 -47.31
C ARG Z 172 -50.57 -40.71 -46.61
N PHE Z 173 -50.58 -39.50 -47.15
CA PHE Z 173 -51.34 -38.39 -46.59
C PHE Z 173 -52.66 -38.23 -47.30
N LEU Z 174 -53.71 -37.91 -46.54
CA LEU Z 174 -55.04 -37.68 -47.08
C LEU Z 174 -55.55 -36.34 -46.59
N SER Z 175 -56.00 -35.50 -47.51
CA SER Z 175 -56.68 -34.27 -47.12
C SER Z 175 -58.08 -34.59 -46.60
N ALA Z 176 -58.73 -33.58 -46.03
CA ALA Z 176 -60.09 -33.78 -45.53
C ALA Z 176 -61.02 -34.30 -46.61
N PRO Z 177 -61.12 -33.68 -47.80
CA PRO Z 177 -61.97 -34.27 -48.85
C PRO Z 177 -61.49 -35.63 -49.31
N GLU Z 178 -60.17 -35.85 -49.38
CA GLU Z 178 -59.65 -37.17 -49.76
C GLU Z 178 -60.06 -38.23 -48.75
N ALA Z 179 -60.16 -37.87 -47.47
CA ALA Z 179 -60.60 -38.84 -46.47
C ALA Z 179 -62.08 -39.19 -46.65
N VAL Z 180 -62.87 -38.29 -47.21
CA VAL Z 180 -64.27 -38.58 -47.49
C VAL Z 180 -64.37 -39.56 -48.66
N GLU Z 181 -63.69 -39.24 -49.77
CA GLU Z 181 -63.72 -40.11 -50.94
C GLU Z 181 -63.18 -41.50 -50.60
N TYR Z 182 -62.06 -41.56 -49.89
CA TYR Z 182 -61.44 -42.85 -49.55
C TYR Z 182 -62.28 -43.65 -48.57
N GLY Z 183 -63.12 -42.99 -47.77
CA GLY Z 183 -64.01 -43.65 -46.84
C GLY Z 183 -63.61 -43.54 -45.38
N LEU Z 184 -62.50 -42.88 -45.07
CA LEU Z 184 -62.11 -42.73 -43.67
C LEU Z 184 -63.14 -41.94 -42.89
N VAL Z 185 -63.74 -40.93 -43.52
CA VAL Z 185 -64.67 -40.02 -42.89
C VAL Z 185 -65.88 -39.88 -43.79
N ASP Z 186 -67.09 -39.74 -43.21
CA ASP Z 186 -68.27 -39.48 -43.97
C ASP Z 186 -68.42 -38.09 -44.63
N SER Z 187 -68.20 -37.00 -43.92
CA SER Z 187 -68.41 -35.67 -44.50
C SER Z 187 -67.48 -34.69 -43.80
N ILE Z 188 -67.50 -33.45 -44.25
CA ILE Z 188 -66.67 -32.38 -43.69
C ILE Z 188 -67.58 -31.38 -42.98
N LEU Z 189 -67.20 -31.03 -41.75
CA LEU Z 189 -67.88 -30.00 -40.99
C LEU Z 189 -67.33 -28.64 -41.40
N THR Z 190 -68.20 -27.75 -41.86
CA THR Z 190 -67.79 -26.44 -42.33
C THR Z 190 -68.16 -25.33 -41.33
N HIS Z 191 -69.45 -25.06 -41.14
CA HIS Z 191 -69.89 -24.00 -40.25
C HIS Z 191 -71.03 -24.51 -39.36
N ARG Z 192 -71.50 -23.64 -38.47
CA ARG Z 192 -72.61 -23.94 -37.59
C ARG Z 192 -72.30 -25.16 -36.71
N VAL AA 3 -50.38 -19.31 -11.51
CA VAL AA 3 -51.66 -19.34 -10.82
C VAL AA 3 -51.77 -18.20 -9.83
N PRO AA 4 -52.45 -17.12 -10.22
CA PRO AA 4 -52.65 -15.98 -9.31
C PRO AA 4 -53.86 -16.07 -8.39
N MET AA 5 -54.68 -17.12 -8.51
CA MET AA 5 -55.88 -17.27 -7.67
C MET AA 5 -56.75 -16.02 -7.74
N ASP AA 18 -58.75 -18.67 -10.13
CA ASP AA 18 -57.64 -18.17 -10.93
C ASP AA 18 -58.10 -17.00 -11.80
N ILE AA 19 -57.13 -16.24 -12.34
CA ILE AA 19 -57.44 -15.03 -13.07
C ILE AA 19 -57.85 -15.35 -14.51
N TYR AA 20 -57.16 -16.31 -15.14
CA TYR AA 20 -57.53 -16.68 -16.50
C TYR AA 20 -58.97 -17.19 -16.57
N SER AA 21 -59.48 -17.75 -15.47
CA SER AA 21 -60.87 -18.20 -15.45
C SER AA 21 -61.83 -17.02 -15.35
N ARG AA 22 -61.59 -16.13 -14.39
CA ARG AA 22 -62.43 -14.93 -14.28
C ARG AA 22 -62.43 -14.15 -15.57
N LEU AA 23 -61.37 -14.27 -16.35
CA LEU AA 23 -61.28 -13.64 -17.66
C LEU AA 23 -61.92 -14.48 -18.76
N LEU AA 24 -62.14 -15.77 -18.53
CA LEU AA 24 -62.92 -16.57 -19.47
C LEU AA 24 -64.41 -16.23 -19.36
N LYS AA 25 -64.87 -15.92 -18.14
CA LYS AA 25 -66.26 -15.51 -17.95
C LYS AA 25 -66.59 -14.26 -18.77
N GLU AA 26 -65.60 -13.42 -19.02
CA GLU AA 26 -65.76 -12.29 -19.94
C GLU AA 26 -65.47 -12.68 -21.37
N ARG AA 27 -65.38 -13.98 -21.68
CA ARG AA 27 -65.24 -14.47 -23.05
C ARG AA 27 -63.90 -14.06 -23.66
N VAL AA 28 -62.83 -14.18 -22.87
CA VAL AA 28 -61.48 -13.83 -23.29
C VAL AA 28 -60.60 -15.06 -23.19
N ILE AA 29 -59.96 -15.43 -24.30
CA ILE AA 29 -59.06 -16.57 -24.38
C ILE AA 29 -57.65 -16.08 -24.70
N PHE AA 30 -56.65 -16.70 -24.10
CA PHE AA 30 -55.25 -16.33 -24.29
C PHE AA 30 -54.50 -17.44 -25.02
N LEU AA 31 -53.92 -17.09 -26.17
CA LEU AA 31 -53.03 -17.98 -26.91
C LEU AA 31 -51.60 -17.48 -26.68
N THR AA 32 -50.86 -18.18 -25.84
CA THR AA 32 -49.55 -17.72 -25.39
C THR AA 32 -48.51 -18.81 -25.52
N GLY AA 33 -47.33 -18.42 -26.02
CA GLY AA 33 -46.22 -19.34 -26.12
C GLY AA 33 -46.29 -20.21 -27.36
N GLN AA 34 -45.34 -21.15 -27.43
CA GLN AA 34 -45.33 -22.13 -28.51
C GLN AA 34 -46.70 -22.79 -28.64
N VAL AA 35 -47.25 -22.79 -29.85
CA VAL AA 35 -48.51 -23.48 -30.11
C VAL AA 35 -48.19 -24.95 -30.40
N GLU AA 36 -48.90 -25.83 -29.71
CA GLU AA 36 -48.68 -27.27 -29.84
C GLU AA 36 -50.00 -27.96 -29.51
N ASP AA 37 -50.03 -29.27 -29.78
CA ASP AA 37 -51.28 -30.01 -29.74
C ASP AA 37 -52.05 -29.78 -28.45
N HIS AA 38 -51.35 -29.69 -27.32
CA HIS AA 38 -52.05 -29.67 -26.04
C HIS AA 38 -52.56 -28.28 -25.69
N MET AA 39 -51.71 -27.27 -25.78
CA MET AA 39 -52.17 -25.91 -25.52
C MET AA 39 -53.22 -25.47 -26.54
N ALA AA 40 -53.12 -25.98 -27.78
CA ALA AA 40 -54.09 -25.59 -28.81
C ALA AA 40 -55.45 -26.23 -28.55
N ASN AA 41 -55.47 -27.51 -28.16
CA ASN AA 41 -56.73 -28.15 -27.82
C ASN AA 41 -57.39 -27.46 -26.63
N LEU AA 42 -56.59 -26.98 -25.68
CA LEU AA 42 -57.16 -26.22 -24.57
C LEU AA 42 -57.82 -24.94 -25.08
N ILE AA 43 -57.24 -24.32 -26.11
CA ILE AA 43 -57.87 -23.16 -26.73
C ILE AA 43 -59.14 -23.59 -27.45
N VAL AA 44 -59.11 -24.74 -28.13
CA VAL AA 44 -60.32 -25.24 -28.81
C VAL AA 44 -61.44 -25.47 -27.80
N ALA AA 45 -61.11 -26.05 -26.65
CA ALA AA 45 -62.12 -26.33 -25.63
C ALA AA 45 -62.78 -25.04 -25.15
N GLN AA 46 -61.98 -23.98 -24.96
CA GLN AA 46 -62.53 -22.72 -24.50
C GLN AA 46 -63.48 -22.13 -25.54
N MET AA 47 -63.11 -22.24 -26.83
CA MET AA 47 -64.00 -21.76 -27.87
C MET AA 47 -65.30 -22.56 -27.89
N LEU AA 48 -65.21 -23.89 -27.76
CA LEU AA 48 -66.42 -24.69 -27.71
C LEU AA 48 -67.27 -24.37 -26.48
N PHE AA 49 -66.61 -24.11 -25.35
CA PHE AA 49 -67.34 -23.77 -24.13
C PHE AA 49 -68.08 -22.46 -24.28
N LEU AA 50 -67.38 -21.42 -24.75
CA LEU AA 50 -68.03 -20.11 -24.91
C LEU AA 50 -69.17 -20.18 -25.92
N GLU AA 51 -68.98 -20.91 -27.02
CA GLU AA 51 -70.08 -21.09 -27.98
C GLU AA 51 -71.29 -21.70 -27.31
N ALA AA 52 -71.07 -22.71 -26.46
CA ALA AA 52 -72.20 -23.37 -25.82
C ALA AA 52 -72.95 -22.41 -24.90
N GLU AA 53 -72.22 -21.53 -24.21
CA GLU AA 53 -72.86 -20.59 -23.31
C GLU AA 53 -73.58 -19.47 -24.08
N ASN AA 54 -73.05 -19.05 -25.24
CA ASN AA 54 -73.67 -17.98 -26.00
C ASN AA 54 -73.10 -17.91 -27.42
N PRO AA 55 -73.81 -18.42 -28.42
CA PRO AA 55 -73.23 -18.46 -29.78
C PRO AA 55 -73.13 -17.11 -30.48
N GLU AA 56 -73.88 -16.09 -30.04
CA GLU AA 56 -73.80 -14.80 -30.71
C GLU AA 56 -72.69 -13.92 -30.14
N LYS AA 57 -72.64 -13.77 -28.81
CA LYS AA 57 -71.62 -12.95 -28.18
C LYS AA 57 -70.23 -13.32 -28.71
N ASP AA 58 -69.37 -12.33 -28.82
CA ASP AA 58 -68.09 -12.55 -29.40
C ASP AA 58 -67.07 -13.14 -28.52
N ILE AA 59 -66.08 -13.74 -29.13
CA ILE AA 59 -64.98 -14.31 -28.38
C ILE AA 59 -63.74 -13.47 -28.68
N TYR AA 60 -62.88 -13.33 -27.67
CA TYR AA 60 -61.73 -12.44 -27.71
C TYR AA 60 -60.48 -13.27 -27.49
N LEU AA 61 -59.64 -13.37 -28.52
CA LEU AA 61 -58.44 -14.21 -28.49
C LEU AA 61 -57.21 -13.33 -28.55
N TYR AA 62 -56.54 -13.17 -27.41
CA TYR AA 62 -55.26 -12.48 -27.37
C TYR AA 62 -54.16 -13.41 -27.86
N ILE AA 63 -53.27 -12.89 -28.70
CA ILE AA 63 -52.23 -13.70 -29.34
C ILE AA 63 -50.88 -13.08 -29.06
N ASN AA 64 -50.00 -13.82 -28.38
CA ASN AA 64 -48.61 -13.46 -28.18
C ASN AA 64 -47.82 -14.76 -28.27
N SER AA 65 -47.35 -15.09 -29.48
CA SER AA 65 -46.73 -16.38 -29.70
C SER AA 65 -45.60 -16.29 -30.71
N PRO AA 66 -44.50 -17.02 -30.51
CA PRO AA 66 -43.42 -17.05 -31.49
C PRO AA 66 -43.54 -18.15 -32.55
N GLY AA 67 -44.64 -18.88 -32.60
CA GLY AA 67 -44.83 -19.92 -33.59
C GLY AA 67 -45.10 -21.27 -32.95
N GLY AA 68 -45.22 -22.27 -33.81
CA GLY AA 68 -45.43 -23.63 -33.34
C GLY AA 68 -45.83 -24.54 -34.49
N VAL AA 69 -46.38 -25.70 -34.11
CA VAL AA 69 -46.72 -26.72 -35.09
C VAL AA 69 -47.90 -26.26 -35.94
N ILE AA 70 -47.89 -26.62 -37.21
CA ILE AA 70 -48.96 -26.19 -38.11
C ILE AA 70 -50.25 -26.92 -37.79
N THR AA 71 -50.20 -28.26 -37.70
CA THR AA 71 -51.41 -29.03 -37.41
C THR AA 71 -52.08 -28.53 -36.14
N ALA AA 72 -51.29 -28.30 -35.09
CA ALA AA 72 -51.88 -27.78 -33.85
C ALA AA 72 -52.56 -26.44 -34.10
N GLY AA 73 -51.92 -25.55 -34.87
CA GLY AA 73 -52.53 -24.27 -35.15
C GLY AA 73 -53.79 -24.39 -35.99
N MET AA 74 -53.80 -25.35 -36.92
CA MET AA 74 -54.97 -25.55 -37.76
C MET AA 74 -56.15 -26.13 -37.00
N SER AA 75 -55.89 -26.85 -35.90
CA SER AA 75 -57.01 -27.27 -35.05
C SER AA 75 -57.72 -26.06 -34.46
N ILE AA 76 -56.97 -24.99 -34.19
CA ILE AA 76 -57.60 -23.75 -33.71
C ILE AA 76 -58.29 -23.04 -34.86
N TYR AA 77 -57.61 -22.93 -36.01
CA TYR AA 77 -58.17 -22.19 -37.13
C TYR AA 77 -59.53 -22.75 -37.53
N ASP AA 78 -59.61 -24.07 -37.76
CA ASP AA 78 -60.88 -24.66 -38.14
C ASP AA 78 -61.92 -24.49 -37.04
N THR AA 79 -61.49 -24.45 -35.78
CA THR AA 79 -62.44 -24.24 -34.69
C THR AA 79 -62.99 -22.82 -34.70
N MET AA 80 -62.14 -21.82 -34.96
CA MET AA 80 -62.63 -20.45 -35.05
C MET AA 80 -63.65 -20.32 -36.18
N GLN AA 81 -63.39 -20.93 -37.32
CA GLN AA 81 -64.28 -20.77 -38.46
C GLN AA 81 -65.55 -21.61 -38.31
N PHE AA 82 -65.50 -22.70 -37.55
CA PHE AA 82 -66.66 -23.58 -37.43
C PHE AA 82 -67.70 -23.01 -36.49
N ILE AA 83 -67.28 -22.47 -35.35
CA ILE AA 83 -68.24 -22.01 -34.36
C ILE AA 83 -68.96 -20.76 -34.87
N LYS AA 84 -70.23 -20.63 -34.49
CA LYS AA 84 -71.02 -19.48 -34.94
C LYS AA 84 -70.45 -18.15 -34.47
N PRO AA 85 -70.12 -17.95 -33.19
CA PRO AA 85 -69.67 -16.62 -32.75
C PRO AA 85 -68.43 -16.16 -33.50
N ASP AA 86 -68.36 -14.84 -33.72
CA ASP AA 86 -67.17 -14.24 -34.29
C ASP AA 86 -66.01 -14.29 -33.30
N VAL AA 87 -64.82 -14.60 -33.79
CA VAL AA 87 -63.62 -14.64 -32.97
C VAL AA 87 -62.78 -13.41 -33.32
N SER AA 88 -62.75 -12.45 -32.40
CA SER AA 88 -61.90 -11.28 -32.53
C SER AA 88 -60.51 -11.60 -31.99
N THR AA 89 -59.48 -11.22 -32.72
CA THR AA 89 -58.10 -11.49 -32.36
C THR AA 89 -57.40 -10.18 -32.02
N ILE AA 90 -56.64 -10.18 -30.93
CA ILE AA 90 -55.88 -9.02 -30.48
C ILE AA 90 -54.44 -9.45 -30.33
N CYS AA 91 -53.54 -8.77 -31.02
CA CYS AA 91 -52.12 -9.09 -30.99
C CYS AA 91 -51.43 -8.18 -29.98
N MET AA 92 -50.82 -8.80 -28.98
CA MET AA 92 -50.04 -8.08 -27.97
C MET AA 92 -48.64 -8.69 -27.92
N GLY AA 93 -47.63 -7.83 -27.90
CA GLY AA 93 -46.26 -8.30 -27.91
C GLY AA 93 -45.80 -8.65 -29.31
N GLN AA 94 -46.05 -9.88 -29.74
CA GLN AA 94 -45.69 -10.32 -31.08
C GLN AA 94 -46.64 -11.42 -31.52
N ALA AA 95 -46.69 -11.62 -32.84
CA ALA AA 95 -47.48 -12.70 -33.44
C ALA AA 95 -46.62 -13.23 -34.59
N ALA AA 96 -45.90 -14.32 -34.33
CA ALA AA 96 -44.99 -14.88 -35.33
C ALA AA 96 -45.57 -16.15 -35.94
N SER AA 97 -44.76 -16.87 -36.72
CA SER AA 97 -45.23 -17.94 -37.61
C SER AA 97 -46.78 -18.21 -37.59
N MET AA 98 -47.22 -19.27 -36.92
CA MET AA 98 -48.64 -19.61 -36.85
C MET AA 98 -49.49 -18.64 -36.03
N GLY AA 99 -48.87 -17.94 -35.07
CA GLY AA 99 -49.61 -16.92 -34.34
C GLY AA 99 -50.10 -15.81 -35.23
N ALA AA 100 -49.28 -15.41 -36.21
CA ALA AA 100 -49.72 -14.42 -37.18
C ALA AA 100 -50.83 -14.98 -38.07
N PHE AA 101 -50.74 -16.27 -38.41
CA PHE AA 101 -51.77 -16.90 -39.23
C PHE AA 101 -53.11 -16.90 -38.51
N LEU AA 102 -53.11 -17.23 -37.22
CA LEU AA 102 -54.36 -17.23 -36.47
C LEU AA 102 -54.84 -15.80 -36.21
N LEU AA 103 -53.91 -14.85 -36.06
CA LEU AA 103 -54.30 -13.46 -35.91
C LEU AA 103 -55.10 -12.99 -37.14
N THR AA 104 -54.61 -13.31 -38.33
CA THR AA 104 -55.29 -12.90 -39.55
C THR AA 104 -56.57 -13.70 -39.82
N ALA AA 105 -56.74 -14.84 -39.16
CA ALA AA 105 -57.94 -15.65 -39.34
C ALA AA 105 -59.14 -15.14 -38.56
N GLY AA 106 -58.99 -14.07 -37.79
CA GLY AA 106 -60.11 -13.51 -37.04
C GLY AA 106 -61.19 -12.98 -37.96
N ALA AA 107 -62.35 -12.72 -37.36
CA ALA AA 107 -63.48 -12.19 -38.12
C ALA AA 107 -63.09 -10.91 -38.83
N LYS AA 108 -63.51 -10.79 -40.09
CA LYS AA 108 -63.27 -9.57 -40.85
C LYS AA 108 -63.72 -8.36 -40.03
N GLY AA 109 -62.87 -7.33 -40.03
CA GLY AA 109 -63.17 -6.10 -39.34
C GLY AA 109 -62.99 -6.14 -37.84
N LYS AA 110 -62.70 -7.30 -37.31
CA LYS AA 110 -62.53 -7.46 -35.89
C LYS AA 110 -61.20 -8.00 -35.48
N ARG AA 111 -60.20 -7.82 -36.30
CA ARG AA 111 -58.83 -8.19 -36.06
C ARG AA 111 -58.03 -6.94 -35.68
N PHE AA 112 -57.23 -7.04 -34.63
CA PHE AA 112 -56.57 -5.86 -34.09
C PHE AA 112 -55.12 -6.15 -33.72
N CYS AA 113 -54.28 -5.12 -33.85
CA CYS AA 113 -52.93 -5.09 -33.33
C CYS AA 113 -52.80 -3.94 -32.34
N LEU AA 114 -51.98 -4.12 -31.32
CA LEU AA 114 -51.70 -3.01 -30.43
C LEU AA 114 -50.55 -2.17 -31.00
N PRO AA 115 -50.42 -0.91 -30.56
CA PRO AA 115 -49.55 0.03 -31.28
C PRO AA 115 -48.14 -0.45 -31.51
N ASN AA 116 -47.55 -1.13 -30.54
CA ASN AA 116 -46.17 -1.61 -30.62
C ASN AA 116 -46.10 -3.12 -30.77
N SER AA 117 -47.12 -3.71 -31.39
CA SER AA 117 -47.06 -5.13 -31.70
C SER AA 117 -46.05 -5.38 -32.82
N ARG AA 118 -45.76 -6.66 -33.05
CA ARG AA 118 -44.84 -7.11 -34.08
C ARG AA 118 -45.42 -8.37 -34.71
N VAL AA 119 -45.30 -8.49 -36.03
CA VAL AA 119 -45.76 -9.67 -36.75
C VAL AA 119 -44.63 -10.16 -37.64
N MET AA 120 -44.41 -11.47 -37.64
CA MET AA 120 -43.41 -12.09 -38.51
C MET AA 120 -44.08 -13.23 -39.28
N ILE AA 121 -43.83 -13.27 -40.58
CA ILE AA 121 -44.36 -14.31 -41.45
C ILE AA 121 -43.20 -14.93 -42.23
N HIS AA 122 -43.33 -16.22 -42.52
CA HIS AA 122 -42.38 -16.91 -43.38
C HIS AA 122 -43.05 -18.20 -43.85
N GLN AA 123 -42.36 -18.95 -44.69
CA GLN AA 123 -42.91 -20.19 -45.21
C GLN AA 123 -42.74 -21.30 -44.19
N PRO AA 124 -43.38 -22.45 -44.42
CA PRO AA 124 -43.29 -23.56 -43.45
C PRO AA 124 -41.88 -24.11 -43.34
N LEU AA 125 -41.60 -24.69 -42.16
CA LEU AA 125 -40.38 -25.43 -41.89
C LEU AA 125 -40.72 -26.91 -41.69
N GLY AA 126 -39.74 -27.77 -41.91
CA GLY AA 126 -39.97 -29.19 -41.73
C GLY AA 126 -38.69 -29.97 -41.84
N GLY AA 127 -38.84 -31.29 -41.81
CA GLY AA 127 -37.70 -32.19 -41.92
C GLY AA 127 -38.06 -33.65 -41.83
N TYR AA 128 -37.25 -34.51 -42.44
CA TYR AA 128 -37.52 -35.95 -42.44
C TYR AA 128 -36.24 -36.72 -42.72
N GLN AA 129 -36.14 -37.90 -42.12
CA GLN AA 129 -35.09 -38.86 -42.41
C GLN AA 129 -35.73 -40.17 -42.87
N GLY AA 130 -35.11 -40.84 -43.83
CA GLY AA 130 -35.57 -42.14 -44.26
C GLY AA 130 -35.16 -42.40 -45.70
N GLN AA 131 -35.82 -43.40 -46.29
CA GLN AA 131 -35.54 -43.78 -47.66
C GLN AA 131 -35.97 -42.66 -48.61
N ALA AA 132 -35.34 -42.64 -49.79
CA ALA AA 132 -35.65 -41.61 -50.77
C ALA AA 132 -37.13 -41.61 -51.12
N THR AA 133 -37.72 -42.80 -51.25
CA THR AA 133 -39.15 -42.87 -51.53
C THR AA 133 -39.95 -42.18 -50.43
N ASP AA 134 -39.63 -42.48 -49.17
CA ASP AA 134 -40.32 -41.83 -48.06
C ASP AA 134 -40.03 -40.34 -48.05
N ILE AA 135 -38.83 -39.94 -48.45
CA ILE AA 135 -38.49 -38.52 -48.49
C ILE AA 135 -39.40 -37.79 -49.47
N GLU AA 136 -39.64 -38.38 -50.64
CA GLU AA 136 -40.51 -37.74 -51.62
C GLU AA 136 -41.93 -37.63 -51.09
N ILE AA 137 -42.40 -38.65 -50.38
CA ILE AA 137 -43.77 -38.63 -49.85
C ILE AA 137 -43.92 -37.46 -48.90
N HIS AA 138 -42.97 -37.31 -47.98
CA HIS AA 138 -43.04 -36.25 -46.98
C HIS AA 138 -42.68 -34.89 -47.56
N ALA AA 139 -41.76 -34.85 -48.52
CA ALA AA 139 -41.43 -33.59 -49.18
C ALA AA 139 -42.63 -33.07 -49.98
N ARG AA 140 -43.26 -33.93 -50.77
CA ARG AA 140 -44.41 -33.50 -51.55
C ARG AA 140 -45.57 -33.06 -50.65
N GLU AA 141 -45.55 -33.45 -49.37
CA GLU AA 141 -46.61 -33.04 -48.47
C GLU AA 141 -46.37 -31.65 -47.91
N ILE AA 142 -45.15 -31.35 -47.49
CA ILE AA 142 -44.89 -30.04 -46.91
C ILE AA 142 -45.12 -28.96 -47.96
N LEU AA 143 -44.90 -29.30 -49.23
CA LEU AA 143 -45.19 -28.35 -50.30
C LEU AA 143 -46.69 -28.15 -50.47
N LYS AA 144 -47.46 -29.24 -50.34
CA LYS AA 144 -48.91 -29.11 -50.34
C LYS AA 144 -49.37 -28.24 -49.17
N VAL AA 145 -48.84 -28.49 -47.98
CA VAL AA 145 -49.17 -27.67 -46.82
C VAL AA 145 -48.83 -26.21 -47.11
N LYS AA 146 -47.61 -25.97 -47.61
CA LYS AA 146 -47.21 -24.61 -47.96
C LYS AA 146 -48.21 -23.96 -48.92
N GLY AA 147 -48.73 -24.72 -49.87
CA GLY AA 147 -49.67 -24.16 -50.82
C GLY AA 147 -50.95 -23.67 -50.17
N ARG AA 148 -51.57 -24.52 -49.35
CA ARG AA 148 -52.85 -24.17 -48.73
C ARG AA 148 -52.70 -22.99 -47.77
N MET AA 149 -51.59 -22.94 -47.00
CA MET AA 149 -51.39 -21.80 -46.09
C MET AA 149 -51.27 -20.48 -46.85
N ASN AA 150 -50.49 -20.45 -47.91
CA ASN AA 150 -50.40 -19.22 -48.69
C ASN AA 150 -51.75 -18.89 -49.30
N GLU AA 151 -52.50 -19.91 -49.71
CA GLU AA 151 -53.84 -19.70 -50.24
C GLU AA 151 -54.77 -19.09 -49.19
N LEU AA 152 -54.79 -19.67 -47.99
CA LEU AA 152 -55.65 -19.17 -46.93
C LEU AA 152 -55.27 -17.77 -46.48
N MET AA 153 -53.98 -17.50 -46.34
CA MET AA 153 -53.56 -16.16 -45.95
C MET AA 153 -54.00 -15.13 -47.00
N ALA AA 154 -53.86 -15.46 -48.28
CA ALA AA 154 -54.28 -14.52 -49.32
C ALA AA 154 -55.77 -14.21 -49.22
N LEU AA 155 -56.57 -15.20 -48.83
CA LEU AA 155 -58.02 -14.96 -48.71
C LEU AA 155 -58.31 -14.00 -47.56
N HIS AA 156 -57.65 -14.17 -46.42
CA HIS AA 156 -57.95 -13.35 -45.26
C HIS AA 156 -57.33 -11.96 -45.36
N THR AA 157 -56.20 -11.82 -46.05
CA THR AA 157 -55.55 -10.53 -46.17
C THR AA 157 -56.03 -9.72 -47.38
N GLY AA 158 -56.52 -10.40 -48.41
CA GLY AA 158 -56.86 -9.73 -49.66
C GLY AA 158 -55.72 -9.61 -50.64
N GLN AA 159 -54.50 -9.98 -50.24
CA GLN AA 159 -53.37 -9.97 -51.17
C GLN AA 159 -53.55 -11.05 -52.23
N SER AA 160 -52.79 -10.92 -53.31
CA SER AA 160 -52.77 -11.94 -54.34
C SER AA 160 -51.96 -13.13 -53.87
N LEU AA 161 -52.27 -14.31 -54.42
CA LEU AA 161 -51.54 -15.52 -54.04
C LEU AA 161 -50.05 -15.38 -54.37
N GLU AA 162 -49.71 -14.73 -55.48
CA GLU AA 162 -48.31 -14.54 -55.82
C GLU AA 162 -47.63 -13.60 -54.83
N GLN AA 163 -48.38 -12.67 -54.24
CA GLN AA 163 -47.79 -11.74 -53.28
C GLN AA 163 -47.45 -12.46 -51.99
N ILE AA 164 -48.38 -13.26 -51.46
CA ILE AA 164 -48.11 -14.03 -50.25
C ILE AA 164 -46.92 -14.96 -50.48
N GLU AA 165 -46.83 -15.56 -51.67
CA GLU AA 165 -45.71 -16.43 -51.97
C GLU AA 165 -44.40 -15.66 -51.95
N ARG AA 166 -44.36 -14.48 -52.55
CA ARG AA 166 -43.12 -13.74 -52.65
C ARG AA 166 -42.66 -13.20 -51.30
N ASP AA 167 -43.60 -12.84 -50.43
CA ASP AA 167 -43.27 -12.20 -49.16
C ASP AA 167 -43.00 -13.19 -48.03
N THR AA 168 -43.35 -14.46 -48.20
CA THR AA 168 -43.13 -15.47 -47.17
C THR AA 168 -41.96 -16.40 -47.49
N GLU AA 169 -41.33 -16.25 -48.66
CA GLU AA 169 -40.19 -17.10 -48.99
C GLU AA 169 -39.08 -16.96 -47.94
N ARG AA 170 -38.95 -15.80 -47.36
CA ARG AA 170 -37.99 -15.60 -46.30
C ARG AA 170 -38.66 -14.85 -45.19
N ASP AA 171 -38.07 -14.82 -44.02
CA ASP AA 171 -38.62 -14.10 -42.88
C ASP AA 171 -38.87 -12.65 -43.24
N ARG AA 172 -40.04 -12.14 -42.86
CA ARG AA 172 -40.41 -10.75 -43.10
C ARG AA 172 -41.16 -10.23 -41.89
N PHE AA 173 -40.65 -9.17 -41.28
CA PHE AA 173 -41.29 -8.55 -40.13
C PHE AA 173 -42.22 -7.43 -40.58
N LEU AA 174 -43.36 -7.31 -39.88
CA LEU AA 174 -44.32 -6.26 -40.14
C LEU AA 174 -44.67 -5.59 -38.82
N SER AA 175 -44.62 -4.26 -38.81
CA SER AA 175 -45.07 -3.50 -37.66
C SER AA 175 -46.60 -3.45 -37.63
N ALA AA 176 -47.14 -2.93 -36.53
CA ALA AA 176 -48.59 -2.78 -36.42
C ALA AA 176 -49.16 -1.97 -37.57
N PRO AA 177 -48.64 -0.77 -37.89
CA PRO AA 177 -49.16 -0.06 -39.06
C PRO AA 177 -48.90 -0.80 -40.37
N GLU AA 178 -47.77 -1.50 -40.49
CA GLU AA 178 -47.52 -2.29 -41.68
C GLU AA 178 -48.52 -3.44 -41.79
N ALA AA 179 -49.00 -3.95 -40.67
CA ALA AA 179 -49.91 -5.09 -40.72
C ALA AA 179 -51.31 -4.70 -41.18
N VAL AA 180 -51.71 -3.44 -40.96
CA VAL AA 180 -53.01 -2.99 -41.43
C VAL AA 180 -52.96 -2.72 -42.93
N GLU AA 181 -51.91 -2.04 -43.39
CA GLU AA 181 -51.75 -1.81 -44.82
C GLU AA 181 -51.70 -3.12 -45.59
N TYR AA 182 -51.01 -4.12 -45.06
CA TYR AA 182 -50.86 -5.40 -45.75
C TYR AA 182 -52.15 -6.20 -45.76
N GLY AA 183 -53.05 -5.93 -44.81
CA GLY AA 183 -54.29 -6.65 -44.72
C GLY AA 183 -54.32 -7.71 -43.64
N LEU AA 184 -53.23 -7.86 -42.89
CA LEU AA 184 -53.23 -8.85 -41.83
C LEU AA 184 -54.23 -8.52 -40.74
N VAL AA 185 -54.42 -7.23 -40.46
CA VAL AA 185 -55.26 -6.76 -39.37
C VAL AA 185 -56.08 -5.59 -39.87
N ASP AA 186 -57.15 -5.28 -39.14
CA ASP AA 186 -58.10 -4.25 -39.55
C ASP AA 186 -57.76 -2.87 -39.02
N SER AA 187 -57.37 -2.76 -37.75
CA SER AA 187 -57.05 -1.46 -37.18
C SER AA 187 -56.13 -1.66 -35.98
N ILE AA 188 -55.72 -0.54 -35.38
CA ILE AA 188 -54.83 -0.54 -34.22
C ILE AA 188 -55.57 0.06 -33.04
N LEU AA 189 -55.52 -0.62 -31.90
CA LEU AA 189 -56.04 -0.08 -30.66
C LEU AA 189 -54.99 0.82 -30.01
N THR AA 190 -55.37 2.03 -29.65
CA THR AA 190 -54.48 2.95 -28.94
C THR AA 190 -54.91 3.20 -27.51
N HIS AA 191 -56.21 3.32 -27.25
CA HIS AA 191 -56.71 3.52 -25.89
C HIS AA 191 -58.12 2.95 -25.76
N VAL BA 3 -46.47 -19.86 -0.68
CA VAL BA 3 -47.45 -18.84 -1.02
C VAL BA 3 -48.58 -18.82 0.02
N PRO BA 4 -48.31 -18.23 1.19
CA PRO BA 4 -49.34 -18.20 2.26
C PRO BA 4 -50.74 -17.92 1.74
N MET BA 5 -51.71 -18.68 2.26
CA MET BA 5 -53.11 -18.53 1.86
C MET BA 5 -53.81 -17.62 2.88
N VAL BA 6 -53.58 -16.32 2.72
CA VAL BA 6 -54.19 -15.30 3.56
C VAL BA 6 -54.20 -15.72 5.03
N PHE BA 17 -57.86 -15.31 0.27
CA PHE BA 17 -57.19 -16.55 -0.12
C PHE BA 17 -56.05 -16.25 -1.07
N ASP BA 18 -54.90 -16.89 -0.83
CA ASP BA 18 -53.64 -16.55 -1.48
C ASP BA 18 -53.20 -15.14 -1.09
N ILE BA 19 -51.90 -14.86 -1.15
CA ILE BA 19 -51.40 -13.56 -0.73
C ILE BA 19 -51.36 -12.58 -1.89
N TYR BA 20 -50.84 -13.00 -3.04
CA TYR BA 20 -50.82 -12.12 -4.20
C TYR BA 20 -52.24 -11.81 -4.68
N SER BA 21 -53.19 -12.73 -4.45
CA SER BA 21 -54.57 -12.46 -4.82
C SER BA 21 -55.23 -11.50 -3.84
N ARG BA 22 -54.88 -11.60 -2.55
CA ARG BA 22 -55.43 -10.67 -1.58
C ARG BA 22 -54.92 -9.26 -1.82
N LEU BA 23 -53.63 -9.12 -2.13
CA LEU BA 23 -53.10 -7.82 -2.51
C LEU BA 23 -53.60 -7.37 -3.87
N LEU BA 24 -54.13 -8.28 -4.68
CA LEU BA 24 -54.68 -7.89 -5.97
C LEU BA 24 -55.98 -7.11 -5.82
N LYS BA 25 -56.83 -7.49 -4.87
CA LYS BA 25 -58.05 -6.71 -4.64
C LYS BA 25 -57.77 -5.40 -3.92
N GLU BA 26 -56.50 -5.10 -3.65
CA GLU BA 26 -56.06 -3.74 -3.34
C GLU BA 26 -55.42 -3.08 -4.55
N ARG BA 27 -55.52 -3.70 -5.74
CA ARG BA 27 -55.01 -3.12 -6.98
C ARG BA 27 -53.48 -3.04 -7.00
N VAL BA 28 -52.82 -4.11 -6.56
CA VAL BA 28 -51.37 -4.19 -6.52
C VAL BA 28 -50.94 -5.38 -7.39
N ILE BA 29 -50.11 -5.11 -8.38
CA ILE BA 29 -49.57 -6.14 -9.27
C ILE BA 29 -48.06 -6.17 -9.10
N PHE BA 30 -47.48 -7.36 -9.15
CA PHE BA 30 -46.05 -7.56 -8.98
C PHE BA 30 -45.43 -8.05 -10.28
N LEU BA 31 -44.46 -7.30 -10.79
CA LEU BA 31 -43.62 -7.73 -11.91
C LEU BA 31 -42.28 -8.12 -11.33
N THR BA 32 -42.02 -9.40 -11.24
CA THR BA 32 -40.85 -9.95 -10.56
C THR BA 32 -40.10 -10.91 -11.45
N GLY BA 33 -38.77 -10.81 -11.43
CA GLY BA 33 -37.95 -11.73 -12.17
C GLY BA 33 -37.81 -11.33 -13.63
N GLN BA 34 -37.27 -12.27 -14.40
CA GLN BA 34 -37.09 -12.05 -15.84
C GLN BA 34 -38.44 -11.98 -16.54
N VAL BA 35 -38.60 -11.01 -17.42
CA VAL BA 35 -39.85 -10.81 -18.14
C VAL BA 35 -39.86 -11.72 -19.38
N GLU BA 36 -40.94 -12.47 -19.54
CA GLU BA 36 -41.10 -13.41 -20.65
C GLU BA 36 -42.59 -13.58 -20.90
N ASP BA 37 -42.91 -14.25 -22.01
CA ASP BA 37 -44.29 -14.26 -22.50
C ASP BA 37 -45.29 -14.68 -21.43
N HIS BA 38 -44.92 -15.64 -20.59
CA HIS BA 38 -45.92 -16.20 -19.68
C HIS BA 38 -46.11 -15.33 -18.44
N MET BA 39 -45.02 -14.93 -17.78
CA MET BA 39 -45.16 -14.04 -16.63
C MET BA 39 -45.75 -12.70 -17.04
N ALA BA 40 -45.46 -12.25 -18.26
CA ALA BA 40 -46.01 -10.99 -18.73
C ALA BA 40 -47.50 -11.14 -19.04
N ASN BA 41 -47.90 -12.28 -19.62
CA ASN BA 41 -49.31 -12.51 -19.89
C ASN BA 41 -50.12 -12.50 -18.60
N LEU BA 42 -49.58 -13.08 -17.52
CA LEU BA 42 -50.29 -13.04 -16.25
C LEU BA 42 -50.42 -11.60 -15.78
N ILE BA 43 -49.38 -10.79 -16.01
CA ILE BA 43 -49.47 -9.38 -15.68
C ILE BA 43 -50.53 -8.71 -16.54
N VAL BA 44 -50.58 -9.05 -17.83
CA VAL BA 44 -51.62 -8.51 -18.70
C VAL BA 44 -52.99 -8.93 -18.20
N ALA BA 45 -53.13 -10.18 -17.76
CA ALA BA 45 -54.43 -10.65 -17.27
C ALA BA 45 -54.87 -9.86 -16.04
N GLN BA 46 -53.94 -9.56 -15.14
CA GLN BA 46 -54.29 -8.82 -13.93
C GLN BA 46 -54.73 -7.39 -14.25
N MET BA 47 -54.05 -6.73 -15.19
CA MET BA 47 -54.43 -5.37 -15.55
C MET BA 47 -55.82 -5.32 -16.18
N LEU BA 48 -56.13 -6.24 -17.10
CA LEU BA 48 -57.45 -6.27 -17.69
C LEU BA 48 -58.51 -6.56 -16.65
N PHE BA 49 -58.19 -7.42 -15.67
CA PHE BA 49 -59.14 -7.74 -14.61
C PHE BA 49 -59.47 -6.53 -13.76
N LEU BA 50 -58.44 -5.82 -13.29
CA LEU BA 50 -58.67 -4.65 -12.44
C LEU BA 50 -59.46 -3.58 -13.19
N GLU BA 51 -59.16 -3.39 -14.48
CA GLU BA 51 -59.95 -2.45 -15.27
C GLU BA 51 -61.42 -2.83 -15.26
N ALA BA 52 -61.71 -4.12 -15.42
CA ALA BA 52 -63.11 -4.56 -15.44
C ALA BA 52 -63.78 -4.32 -14.10
N GLU BA 53 -63.05 -4.51 -13.00
CA GLU BA 53 -63.63 -4.30 -11.67
C GLU BA 53 -63.85 -2.82 -11.39
N ASN BA 54 -62.99 -1.95 -11.90
CA ASN BA 54 -63.11 -0.52 -11.68
C ASN BA 54 -62.18 0.23 -12.63
N PRO BA 55 -62.70 0.79 -13.74
CA PRO BA 55 -61.81 1.44 -14.72
C PRO BA 55 -61.25 2.77 -14.26
N GLU BA 56 -61.61 3.25 -13.07
CA GLU BA 56 -61.20 4.57 -12.59
C GLU BA 56 -60.02 4.51 -11.63
N LYS BA 57 -60.12 3.71 -10.57
CA LYS BA 57 -59.07 3.67 -9.57
C LYS BA 57 -57.73 3.30 -10.19
N ASP BA 58 -56.66 3.78 -9.57
CA ASP BA 58 -55.31 3.53 -10.09
C ASP BA 58 -54.86 2.11 -9.81
N ILE BA 59 -53.94 1.63 -10.63
CA ILE BA 59 -53.30 0.34 -10.45
C ILE BA 59 -51.85 0.56 -10.07
N TYR BA 60 -51.33 -0.35 -9.25
CA TYR BA 60 -50.03 -0.22 -8.62
C TYR BA 60 -49.16 -1.39 -9.07
N LEU BA 61 -48.11 -1.09 -9.83
CA LEU BA 61 -47.25 -2.10 -10.43
C LEU BA 61 -45.87 -2.00 -9.78
N TYR BA 62 -45.57 -2.92 -8.87
CA TYR BA 62 -44.24 -3.04 -8.31
C TYR BA 62 -43.33 -3.78 -9.29
N ILE BA 63 -42.11 -3.27 -9.44
CA ILE BA 63 -41.17 -3.79 -10.43
C ILE BA 63 -39.87 -4.14 -9.72
N ASN BA 64 -39.47 -5.40 -9.80
CA ASN BA 64 -38.17 -5.87 -9.32
C ASN BA 64 -37.69 -6.91 -10.32
N SER BA 65 -36.95 -6.46 -11.34
CA SER BA 65 -36.59 -7.34 -12.45
C SER BA 65 -35.22 -7.00 -13.02
N PRO BA 66 -34.42 -8.00 -13.39
CA PRO BA 66 -33.14 -7.73 -14.06
C PRO BA 66 -33.21 -7.66 -15.58
N GLY BA 67 -34.40 -7.70 -16.17
CA GLY BA 67 -34.58 -7.62 -17.61
C GLY BA 67 -35.30 -8.82 -18.15
N GLY BA 68 -35.45 -8.83 -19.48
CA GLY BA 68 -36.09 -9.95 -20.13
C GLY BA 68 -36.43 -9.63 -21.58
N VAL BA 69 -37.31 -10.44 -22.15
CA VAL BA 69 -37.64 -10.33 -23.56
C VAL BA 69 -38.40 -9.04 -23.81
N ILE BA 70 -38.14 -8.41 -24.97
CA ILE BA 70 -38.77 -7.14 -25.29
C ILE BA 70 -40.25 -7.34 -25.64
N THR BA 71 -40.54 -8.29 -26.54
CA THR BA 71 -41.92 -8.50 -26.93
C THR BA 71 -42.80 -8.75 -25.71
N ALA BA 72 -42.33 -9.61 -24.79
CA ALA BA 72 -43.09 -9.85 -23.57
C ALA BA 72 -43.29 -8.55 -22.79
N GLY BA 73 -42.24 -7.74 -22.68
CA GLY BA 73 -42.36 -6.48 -21.97
C GLY BA 73 -43.28 -5.50 -22.69
N MET BA 74 -43.24 -5.49 -24.02
CA MET BA 74 -44.06 -4.56 -24.78
C MET BA 74 -45.54 -4.95 -24.73
N SER BA 75 -45.83 -6.23 -24.53
CA SER BA 75 -47.23 -6.62 -24.30
C SER BA 75 -47.75 -6.00 -23.01
N ILE BA 76 -46.86 -5.80 -22.03
CA ILE BA 76 -47.25 -5.10 -20.81
C ILE BA 76 -47.38 -3.60 -21.08
N TYR BA 77 -46.41 -3.03 -21.82
CA TYR BA 77 -46.44 -1.60 -22.09
C TYR BA 77 -47.74 -1.19 -22.78
N ASP BA 78 -48.08 -1.87 -23.89
CA ASP BA 78 -49.29 -1.49 -24.62
C ASP BA 78 -50.53 -1.67 -23.76
N THR BA 79 -50.51 -2.65 -22.84
CA THR BA 79 -51.65 -2.84 -21.96
C THR BA 79 -51.77 -1.68 -20.97
N MET BA 80 -50.64 -1.21 -20.44
CA MET BA 80 -50.70 -0.06 -19.52
C MET BA 80 -51.29 1.16 -20.21
N GLN BA 81 -50.91 1.41 -21.46
CA GLN BA 81 -51.39 2.59 -22.17
C GLN BA 81 -52.83 2.42 -22.64
N PHE BA 82 -53.25 1.18 -22.91
CA PHE BA 82 -54.57 0.95 -23.48
C PHE BA 82 -55.66 1.05 -22.42
N ILE BA 83 -55.46 0.45 -21.24
CA ILE BA 83 -56.52 0.43 -20.24
C ILE BA 83 -56.74 1.83 -19.69
N LYS BA 84 -57.99 2.11 -19.34
CA LYS BA 84 -58.34 3.44 -18.83
C LYS BA 84 -57.60 3.79 -17.55
N PRO BA 85 -57.61 2.97 -16.49
CA PRO BA 85 -56.96 3.38 -15.24
C PRO BA 85 -55.48 3.69 -15.43
N ASP BA 86 -55.01 4.67 -14.67
CA ASP BA 86 -53.58 4.98 -14.64
C ASP BA 86 -52.82 3.86 -13.93
N VAL BA 87 -51.66 3.52 -14.48
CA VAL BA 87 -50.78 2.50 -13.91
C VAL BA 87 -49.62 3.21 -13.24
N SER BA 88 -49.61 3.21 -11.91
CA SER BA 88 -48.49 3.75 -11.16
C SER BA 88 -47.42 2.68 -11.03
N THR BA 89 -46.16 3.07 -11.25
CA THR BA 89 -45.04 2.15 -11.22
C THR BA 89 -44.17 2.46 -10.02
N ILE BA 90 -43.77 1.40 -9.30
CA ILE BA 90 -42.94 1.50 -8.11
C ILE BA 90 -41.77 0.56 -8.28
N CYS BA 91 -40.56 1.10 -8.20
CA CYS BA 91 -39.35 0.29 -8.35
C CYS BA 91 -38.84 -0.09 -6.97
N MET BA 92 -38.75 -1.39 -6.70
CA MET BA 92 -38.19 -1.91 -5.48
C MET BA 92 -37.10 -2.90 -5.83
N GLY BA 93 -35.95 -2.78 -5.18
CA GLY BA 93 -34.81 -3.63 -5.50
C GLY BA 93 -34.03 -3.13 -6.69
N GLN BA 94 -34.46 -3.55 -7.89
CA GLN BA 94 -33.82 -3.09 -9.11
C GLN BA 94 -34.83 -3.15 -10.25
N ALA BA 95 -34.58 -2.35 -11.28
CA ALA BA 95 -35.37 -2.37 -12.50
C ALA BA 95 -34.40 -2.13 -13.66
N ALA BA 96 -33.95 -3.21 -14.29
CA ALA BA 96 -33.02 -3.10 -15.41
C ALA BA 96 -33.72 -3.44 -16.72
N SER BA 97 -32.99 -3.35 -17.83
CA SER BA 97 -33.58 -3.48 -19.18
C SER BA 97 -35.09 -3.12 -19.31
N MET BA 98 -35.96 -4.09 -19.50
CA MET BA 98 -37.37 -3.81 -19.76
C MET BA 98 -38.12 -3.39 -18.52
N GLY BA 99 -37.66 -3.86 -17.35
CA GLY BA 99 -38.26 -3.42 -16.11
C GLY BA 99 -38.11 -1.92 -15.92
N ALA BA 100 -36.95 -1.38 -16.33
CA ALA BA 100 -36.79 0.07 -16.33
C ALA BA 100 -37.67 0.71 -17.38
N PHE BA 101 -37.82 0.05 -18.54
CA PHE BA 101 -38.68 0.59 -19.58
C PHE BA 101 -40.12 0.69 -19.09
N LEU BA 102 -40.63 -0.38 -18.46
CA LEU BA 102 -42.00 -0.38 -17.95
C LEU BA 102 -42.12 0.52 -16.73
N LEU BA 103 -41.05 0.65 -15.93
CA LEU BA 103 -41.08 1.57 -14.80
C LEU BA 103 -41.37 2.99 -15.25
N THR BA 104 -40.62 3.46 -16.23
CA THR BA 104 -40.78 4.83 -16.70
C THR BA 104 -42.02 5.02 -17.57
N ALA BA 105 -42.61 3.94 -18.06
CA ALA BA 105 -43.82 4.05 -18.87
C ALA BA 105 -45.07 4.28 -18.03
N GLY BA 106 -44.94 4.33 -16.71
CA GLY BA 106 -46.09 4.61 -15.87
C GLY BA 106 -46.65 6.00 -16.09
N ALA BA 107 -47.87 6.20 -15.60
CA ALA BA 107 -48.53 7.49 -15.75
C ALA BA 107 -47.66 8.60 -15.16
N LYS BA 108 -47.58 9.71 -15.89
CA LYS BA 108 -46.75 10.83 -15.45
C LYS BA 108 -47.19 11.31 -14.08
N GLY BA 109 -46.22 11.52 -13.20
CA GLY BA 109 -46.48 11.95 -11.84
C GLY BA 109 -46.72 10.84 -10.85
N LYS BA 110 -46.81 9.59 -11.32
CA LYS BA 110 -47.08 8.46 -10.43
C LYS BA 110 -46.04 7.36 -10.62
N ARG BA 111 -44.84 7.74 -11.07
CA ARG BA 111 -43.72 6.82 -11.17
C ARG BA 111 -42.80 7.08 -9.98
N PHE BA 112 -42.41 6.02 -9.29
CA PHE BA 112 -41.70 6.16 -8.03
C PHE BA 112 -40.55 5.17 -7.95
N CYS BA 113 -39.51 5.57 -7.23
CA CYS BA 113 -38.43 4.70 -6.82
C CYS BA 113 -38.36 4.68 -5.30
N LEU BA 114 -37.97 3.55 -4.74
CA LEU BA 114 -37.70 3.48 -3.32
C LEU BA 114 -36.27 3.98 -3.07
N PRO BA 115 -35.98 4.41 -1.84
CA PRO BA 115 -34.73 5.17 -1.62
C PRO BA 115 -33.48 4.49 -2.14
N ASN BA 116 -33.35 3.17 -1.99
CA ASN BA 116 -32.15 2.46 -2.41
C ASN BA 116 -32.41 1.52 -3.58
N SER BA 117 -33.44 1.79 -4.38
CA SER BA 117 -33.65 1.02 -5.60
C SER BA 117 -32.60 1.40 -6.64
N ARG BA 118 -32.48 0.56 -7.67
CA ARG BA 118 -31.46 0.67 -8.69
C ARG BA 118 -32.10 0.57 -10.07
N VAL BA 119 -31.64 1.40 -11.00
CA VAL BA 119 -32.14 1.40 -12.36
C VAL BA 119 -30.95 1.33 -13.32
N MET BA 120 -31.04 0.43 -14.31
CA MET BA 120 -30.02 0.30 -15.34
C MET BA 120 -30.70 0.26 -16.70
N ILE BA 121 -30.14 1.01 -17.65
CA ILE BA 121 -30.67 1.10 -19.01
C ILE BA 121 -29.57 0.73 -19.99
N HIS BA 122 -29.96 0.13 -21.12
CA HIS BA 122 -29.00 -0.19 -22.17
C HIS BA 122 -29.78 -0.43 -23.45
N GLN BA 123 -29.05 -0.68 -24.53
CA GLN BA 123 -29.65 -0.94 -25.83
C GLN BA 123 -30.07 -2.41 -25.93
N PRO BA 124 -30.88 -2.75 -26.94
CA PRO BA 124 -31.34 -4.14 -27.06
C PRO BA 124 -30.20 -5.10 -27.38
N LEU BA 125 -30.41 -6.35 -26.96
CA LEU BA 125 -29.56 -7.48 -27.28
C LEU BA 125 -30.32 -8.47 -28.17
N GLY BA 126 -29.55 -9.26 -28.91
CA GLY BA 126 -30.15 -10.24 -29.78
C GLY BA 126 -29.10 -11.16 -30.36
N GLY BA 127 -29.54 -12.00 -31.30
CA GLY BA 127 -28.65 -12.91 -31.97
C GLY BA 127 -29.39 -13.79 -32.95
N TYR BA 128 -28.69 -14.24 -33.99
CA TYR BA 128 -29.33 -15.06 -35.01
C TYR BA 128 -28.25 -15.85 -35.74
N GLN BA 129 -28.61 -17.05 -36.18
CA GLN BA 129 -27.78 -17.87 -37.04
C GLN BA 129 -28.57 -18.18 -38.31
N GLY BA 130 -27.87 -18.19 -39.44
CA GLY BA 130 -28.48 -18.55 -40.70
C GLY BA 130 -27.72 -17.92 -41.86
N GLN BA 131 -28.37 -17.85 -43.00
CA GLN BA 131 -27.77 -17.30 -44.20
C GLN BA 131 -27.66 -15.81 -44.12
N ALA BA 132 -26.69 -15.24 -44.82
CA ALA BA 132 -26.44 -13.80 -44.78
C ALA BA 132 -27.69 -13.00 -45.10
N THR BA 133 -28.49 -13.48 -46.05
CA THR BA 133 -29.76 -12.81 -46.36
C THR BA 133 -30.65 -12.77 -45.13
N ASP BA 134 -30.78 -13.90 -44.44
CA ASP BA 134 -31.58 -13.92 -43.21
C ASP BA 134 -30.93 -13.07 -42.12
N ILE BA 135 -29.60 -13.03 -42.08
CA ILE BA 135 -28.93 -12.21 -41.08
C ILE BA 135 -29.29 -10.73 -41.27
N GLU BA 136 -29.33 -10.28 -42.52
CA GLU BA 136 -29.68 -8.89 -42.78
C GLU BA 136 -31.13 -8.61 -42.35
N ILE BA 137 -32.02 -9.58 -42.57
CA ILE BA 137 -33.42 -9.37 -42.21
C ILE BA 137 -33.55 -9.17 -40.70
N HIS BA 138 -32.93 -10.04 -39.92
CA HIS BA 138 -33.03 -9.96 -38.47
C HIS BA 138 -32.16 -8.87 -37.87
N ALA BA 139 -31.00 -8.60 -38.47
CA ALA BA 139 -30.16 -7.51 -37.99
C ALA BA 139 -30.84 -6.16 -38.20
N ARG BA 140 -31.50 -5.98 -39.35
CA ARG BA 140 -32.24 -4.75 -39.57
C ARG BA 140 -33.35 -4.59 -38.53
N GLU BA 141 -34.10 -5.66 -38.27
CA GLU BA 141 -35.26 -5.56 -37.40
C GLU BA 141 -34.85 -5.14 -35.99
N ILE BA 142 -33.78 -5.74 -35.45
CA ILE BA 142 -33.38 -5.39 -34.10
C ILE BA 142 -32.95 -3.93 -34.04
N LEU BA 143 -32.43 -3.40 -35.15
CA LEU BA 143 -32.11 -1.97 -35.17
C LEU BA 143 -33.38 -1.14 -35.24
N LYS BA 144 -34.40 -1.59 -35.97
CA LYS BA 144 -35.71 -0.95 -35.89
C LYS BA 144 -36.21 -0.96 -34.45
N VAL BA 145 -36.10 -2.11 -33.77
CA VAL BA 145 -36.52 -2.21 -32.38
C VAL BA 145 -35.76 -1.21 -31.53
N LYS BA 146 -34.43 -1.17 -31.68
CA LYS BA 146 -33.62 -0.21 -30.95
C LYS BA 146 -34.13 1.22 -31.15
N GLY BA 147 -34.52 1.55 -32.39
CA GLY BA 147 -35.03 2.89 -32.65
C GLY BA 147 -36.33 3.17 -31.91
N ARG BA 148 -37.26 2.22 -31.96
CA ARG BA 148 -38.54 2.39 -31.28
C ARG BA 148 -38.33 2.54 -29.77
N MET BA 149 -37.54 1.63 -29.19
CA MET BA 149 -37.29 1.68 -27.75
C MET BA 149 -36.75 3.04 -27.33
N ASN BA 150 -35.80 3.58 -28.09
CA ASN BA 150 -35.24 4.89 -27.77
C ASN BA 150 -36.29 5.98 -27.88
N GLU BA 151 -37.13 5.91 -28.92
CA GLU BA 151 -38.19 6.91 -29.08
C GLU BA 151 -39.14 6.87 -27.89
N LEU BA 152 -39.56 5.69 -27.49
CA LEU BA 152 -40.54 5.57 -26.40
C LEU BA 152 -39.97 6.09 -25.07
N MET BA 153 -38.71 5.76 -24.78
CA MET BA 153 -38.06 6.24 -23.55
C MET BA 153 -37.97 7.77 -23.57
N ALA BA 154 -37.54 8.35 -24.69
CA ALA BA 154 -37.45 9.80 -24.79
C ALA BA 154 -38.82 10.43 -24.62
N LEU BA 155 -39.87 9.76 -25.11
CA LEU BA 155 -41.22 10.27 -25.01
C LEU BA 155 -41.67 10.34 -23.55
N HIS BA 156 -41.39 9.28 -22.78
CA HIS BA 156 -41.86 9.22 -21.39
C HIS BA 156 -40.94 9.98 -20.43
N THR BA 157 -39.65 10.08 -20.74
CA THR BA 157 -38.70 10.74 -19.86
C THR BA 157 -38.57 12.24 -20.11
N GLY BA 158 -38.91 12.70 -21.31
CA GLY BA 158 -38.67 14.07 -21.69
C GLY BA 158 -37.30 14.34 -22.27
N GLN BA 159 -36.40 13.37 -22.25
CA GLN BA 159 -35.11 13.54 -22.89
C GLN BA 159 -35.29 13.57 -24.41
N SER BA 160 -34.28 14.09 -25.09
CA SER BA 160 -34.26 14.08 -26.55
C SER BA 160 -33.87 12.70 -27.05
N LEU BA 161 -34.30 12.39 -28.28
CA LEU BA 161 -33.91 11.13 -28.89
C LEU BA 161 -32.39 11.04 -29.02
N GLU BA 162 -31.74 12.17 -29.23
CA GLU BA 162 -30.27 12.17 -29.36
C GLU BA 162 -29.60 11.78 -28.05
N GLN BA 163 -30.17 12.22 -26.93
CA GLN BA 163 -29.55 11.94 -25.63
C GLN BA 163 -29.77 10.50 -25.20
N ILE BA 164 -30.99 9.99 -25.35
CA ILE BA 164 -31.27 8.60 -25.01
C ILE BA 164 -30.36 7.66 -25.79
N GLU BA 165 -30.14 7.97 -27.07
CA GLU BA 165 -29.29 7.14 -27.91
C GLU BA 165 -27.85 7.10 -27.41
N ARG BA 166 -27.38 8.19 -26.79
CA ARG BA 166 -26.00 8.24 -26.31
C ARG BA 166 -25.83 7.57 -24.95
N ASP BA 167 -26.90 7.52 -24.16
CA ASP BA 167 -26.83 6.97 -22.80
C ASP BA 167 -27.14 5.49 -22.74
N THR BA 168 -27.72 4.91 -23.79
CA THR BA 168 -28.08 3.50 -23.81
C THR BA 168 -27.14 2.64 -24.63
N GLU BA 169 -26.16 3.25 -25.32
CA GLU BA 169 -25.21 2.46 -26.09
C GLU BA 169 -24.51 1.43 -25.22
N ARG BA 170 -24.22 1.79 -23.97
CA ARG BA 170 -23.59 0.89 -23.02
C ARG BA 170 -24.35 0.94 -21.71
N ASP BA 171 -24.20 -0.12 -20.91
CA ASP BA 171 -24.86 -0.18 -19.62
C ASP BA 171 -24.63 1.11 -18.85
N ARG BA 172 -25.70 1.63 -18.25
CA ARG BA 172 -25.60 2.83 -17.41
C ARG BA 172 -26.52 2.64 -16.21
N PHE BA 173 -25.94 2.73 -15.01
CA PHE BA 173 -26.70 2.59 -13.77
C PHE BA 173 -27.14 3.96 -13.27
N LEU BA 174 -28.34 4.01 -12.70
CA LEU BA 174 -28.88 5.23 -12.12
C LEU BA 174 -29.35 4.94 -10.70
N SER BA 175 -28.94 5.79 -9.76
CA SER BA 175 -29.44 5.71 -8.40
C SER BA 175 -30.86 6.25 -8.34
N ALA BA 176 -31.49 6.10 -7.17
CA ALA BA 176 -32.85 6.61 -7.00
C ALA BA 176 -32.93 8.10 -7.30
N PRO BA 177 -32.10 8.96 -6.73
CA PRO BA 177 -32.16 10.39 -7.10
C PRO BA 177 -31.77 10.66 -8.54
N GLU BA 178 -30.81 9.91 -9.09
CA GLU BA 178 -30.44 10.10 -10.49
C GLU BA 178 -31.58 9.75 -11.43
N ALA BA 179 -32.45 8.82 -11.03
CA ALA BA 179 -33.57 8.44 -11.89
C ALA BA 179 -34.64 9.54 -11.90
N VAL BA 180 -34.73 10.32 -10.83
CA VAL BA 180 -35.67 11.43 -10.80
C VAL BA 180 -35.16 12.59 -11.64
N GLU BA 181 -33.86 12.87 -11.56
CA GLU BA 181 -33.26 13.90 -12.40
C GLU BA 181 -33.37 13.54 -13.88
N TYR BA 182 -32.93 12.34 -14.24
CA TYR BA 182 -32.94 11.92 -15.64
C TYR BA 182 -34.34 11.89 -16.22
N GLY BA 183 -35.37 11.76 -15.38
CA GLY BA 183 -36.74 11.73 -15.84
C GLY BA 183 -37.38 10.36 -15.87
N LEU BA 184 -36.68 9.32 -15.44
CA LEU BA 184 -37.28 7.99 -15.45
C LEU BA 184 -38.43 7.89 -14.46
N VAL BA 185 -38.32 8.57 -13.32
CA VAL BA 185 -39.32 8.53 -12.27
C VAL BA 185 -39.59 9.96 -11.81
N ASP BA 186 -40.72 10.15 -11.13
CA ASP BA 186 -41.14 11.47 -10.73
C ASP BA 186 -40.65 11.85 -9.33
N SER BA 187 -40.68 10.92 -8.39
CA SER BA 187 -40.24 11.22 -7.03
C SER BA 187 -39.82 9.90 -6.37
N ILE BA 188 -39.42 10.00 -5.11
CA ILE BA 188 -38.96 8.87 -4.32
C ILE BA 188 -39.93 8.67 -3.16
N LEU BA 189 -40.35 7.42 -2.96
CA LEU BA 189 -41.16 7.08 -1.80
C LEU BA 189 -40.25 6.88 -0.58
N THR BA 190 -40.69 7.39 0.56
CA THR BA 190 -39.86 7.30 1.77
C THR BA 190 -40.62 6.68 2.94
N HIS BA 191 -41.82 7.20 3.24
CA HIS BA 191 -42.60 6.67 4.35
C HIS BA 191 -44.09 6.82 4.02
N ARG BA 192 -44.92 6.21 4.87
CA ARG BA 192 -46.37 6.30 4.75
C ARG BA 192 -46.88 5.61 3.50
C1 MPD CA . -1.05 38.23 -8.00
C2 MPD CA . -1.31 39.63 -7.46
O2 MPD CA . -0.02 40.23 -7.18
CM MPD CA . -2.12 39.58 -6.17
C3 MPD CA . -2.01 40.47 -8.52
C4 MPD CA . -2.35 41.87 -8.00
O4 MPD CA . -1.20 42.41 -7.39
C5 MPD CA . -2.79 42.78 -9.15
H11 MPD CA . -1.43 38.15 -9.01
H12 MPD CA . 0.01 38.03 -7.99
H13 MPD CA . -1.56 37.49 -7.37
HO2 MPD CA . 0.11 41.02 -7.75
HM1 MPD CA . -2.07 40.54 -5.67
HM2 MPD CA . -3.16 39.37 -6.41
HM3 MPD CA . -1.72 38.79 -5.52
H31 MPD CA . -1.38 40.56 -9.40
H32 MPD CA . -2.93 39.98 -8.83
H4 MPD CA . -3.16 41.80 -7.28
HO4 MPD CA . -0.89 43.18 -7.91
H51 MPD CA . -3.73 42.42 -9.55
H52 MPD CA . -2.02 42.78 -9.92
H53 MPD CA . -2.93 43.79 -8.76
C1 MPD DA . -4.74 28.04 -9.08
C2 MPD DA . -5.75 27.56 -8.05
O2 MPD DA . -7.07 27.76 -8.59
CM MPD DA . -5.54 26.06 -7.80
C3 MPD DA . -5.60 28.30 -6.72
C4 MPD DA . -5.79 29.81 -6.85
O4 MPD DA . -6.71 30.12 -7.88
C5 MPD DA . -6.28 30.42 -5.54
H11 MPD DA . -4.09 28.80 -8.63
H12 MPD DA . -5.27 28.48 -9.93
H13 MPD DA . -4.12 27.21 -9.43
HO2 MPD DA . -7.62 28.26 -7.94
HM1 MPD DA . -4.90 25.93 -6.94
HM2 MPD DA . -5.11 25.58 -8.68
HM3 MPD DA . -6.51 25.61 -7.60
H31 MPD DA . -6.34 27.91 -6.02
H32 MPD DA . -4.62 28.11 -6.30
H4 MPD DA . -4.83 30.25 -7.09
HO4 MPD DA . -7.62 30.11 -7.52
H51 MPD DA . -7.25 30.90 -5.70
H52 MPD DA . -5.56 31.18 -5.21
H53 MPD DA . -6.38 29.66 -4.77
C ACT EA . -19.01 55.77 9.16
O ACT EA . -17.86 56.20 8.88
OXT ACT EA . -20.03 55.69 8.42
CH3 ACT EA . -19.23 55.24 10.59
H1 ACT EA . -19.92 55.77 11.04
H2 ACT EA . -18.42 55.36 11.11
H3 ACT EA . -19.50 54.30 10.60
C1 ZGV FA . 7.81 48.29 5.60
C2 ZGV FA . 6.81 47.56 6.47
C3 ZGV FA . 6.66 46.11 6.06
C4 ZGV FA . 6.65 45.66 4.80
C5 ZGV FA . 6.51 44.28 4.46
C6 ZGV FA . 6.47 43.75 3.22
C7 ZGV FA . 6.66 44.54 1.96
O1 ZGV FA . 5.57 39.45 2.75
O2 ZGV FA . 5.69 38.30 -0.14
O3 ZGV FA . 1.73 41.11 -2.00
O5 ZGV FA . 7.25 47.61 7.83
C8 ZGV FA . 6.16 42.33 3.08
C9 ZGV FA . 5.51 41.75 2.08
C10 ZGV FA . 5.20 40.31 1.94
C11 ZGV FA . 4.69 39.04 -0.14
C12 ZGV FA . 3.65 39.00 -1.19
C13 ZGV FA . 3.51 38.23 -2.25
C14 ZGV FA . 2.41 38.32 -3.19
C15 ZGV FA . 2.03 37.64 -4.29
C16 ZGV FA . 0.81 38.53 -4.47
C17 ZGV FA . 1.26 40.60 -2.98
C18 ZGV FA . 7.93 49.77 5.95
N1 ZGV FA . 1.25 39.22 -3.24
N2 ZGV FA . 4.46 40.00 0.83
H5 ZGV FA . 8.78 47.82 5.72
H4 ZGV FA . 7.51 48.21 4.57
H6 ZGV FA . 5.84 48.04 6.39
H8 ZGV FA . 5.90 45.62 6.65
H9 ZGV FA . 7.52 46.05 4.29
H10 ZGV FA . 7.13 43.68 5.10
H12 ZGV FA . 7.39 45.33 2.15
H11 ZGV FA . 5.72 44.99 1.67
H13 ZGV FA . 7.03 43.91 1.17
H7 ZGV FA . 7.04 48.46 8.20
H14 ZGV FA . 6.97 41.71 3.44
H15 ZGV FA . 5.89 42.11 1.13
H17 ZGV FA . 3.52 40.02 -1.51
H18 ZGV FA . 4.46 38.02 -2.75
H19 ZGV FA . 1.71 36.65 -4.01
H21 ZGV FA . 0.84 39.15 -5.35
H20 ZGV FA . -0.13 38.00 -4.34
H24 ZGV FA . 8.37 49.87 6.94
H3 ZGV FA . 6.94 50.23 5.95
H25 ZGV FA . 8.56 50.26 5.22
H16 ZGV FA . 4.15 40.83 0.38
C1 MPD GA . -0.35 14.50 5.22
C2 MPD GA . -1.28 13.34 5.12
O2 MPD GA . -1.13 12.73 3.88
CM MPD GA . -0.91 12.37 6.20
C3 MPD GA . -2.72 13.77 5.17
C4 MPD GA . -3.16 14.43 3.86
O4 MPD GA . -2.05 14.89 3.15
C5 MPD GA . -3.86 13.50 2.92
H11 MPD GA . -0.87 15.43 4.99
H12 MPD GA . 0.48 14.36 4.52
H13 MPD GA . 0.03 14.57 6.23
HO2 MPD GA . -1.21 13.39 3.15
HM1 MPD GA . -1.55 12.52 7.06
HM2 MPD GA . 0.13 12.49 6.48
HM3 MPD GA . -1.05 11.35 5.82
H31 MPD GA . -3.35 12.90 5.37
H32 MPD GA . -2.86 14.47 5.99
H4 MPD GA . -3.81 15.26 4.10
H51 MPD GA . -3.36 13.51 1.95
H52 MPD GA . -4.89 13.84 2.81
H53 MPD GA . -3.86 12.48 3.32
C1 MPD HA . -2.67 3.40 14.63
C2 MPD HA . -1.40 4.10 14.16
O2 MPD HA . -0.65 4.54 15.32
CM MPD HA . -0.53 3.12 13.37
C3 MPD HA . -1.74 5.30 13.28
C4 MPD HA . -2.34 6.48 14.05
O4 MPD HA . -1.38 6.99 14.96
C5 MPD HA . -2.76 7.60 13.10
H11 MPD HA . -3.54 3.98 14.33
H12 MPD HA . -2.66 3.30 15.72
H13 MPD HA . -2.74 2.40 14.19
HO2 MPD HA . -0.38 5.48 15.22
HM1 MPD HA . -0.69 3.29 12.31
HM2 MPD HA . -0.78 2.10 13.63
HM3 MPD HA . 0.52 3.32 13.62
H31 MPD HA . -0.85 5.62 12.76
H32 MPD HA . -2.46 4.98 12.52
H4 MPD HA . -3.22 6.14 14.60
HO4 MPD HA . -0.64 7.39 14.46
H51 MPD HA . -2.22 8.51 13.36
H52 MPD HA . -3.83 7.76 13.18
H53 MPD HA . -2.52 7.31 12.07
C ACT IA . 12.00 -1.59 7.64
O ACT IA . 11.71 -2.27 8.67
OXT ACT IA . 11.84 -1.88 6.43
CH3 ACT IA . 12.69 -0.23 7.89
H1 ACT IA . 12.78 -0.08 8.84
H2 ACT IA . 12.13 0.49 7.54
H3 ACT IA . 13.57 -0.19 7.47
O1 ZGV JA . 3.89 23.92 8.30
O2 ZGV JA . 5.56 20.61 8.97
O3 ZGV JA . 2.32 18.18 5.85
C9 ZGV JA . 5.73 23.10 7.00
C10 ZGV JA . 4.46 22.96 7.75
C11 ZGV JA . 4.48 20.57 8.34
C12 ZGV JA . 3.69 19.33 8.15
C13 ZGV JA . 3.97 18.10 8.58
C14 ZGV JA . 3.13 16.93 8.33
C15 ZGV JA . 3.16 15.60 8.61
C16 ZGV JA . 1.88 15.36 7.83
C17 ZGV JA . 1.50 17.60 6.54
N1 ZGV JA . 1.84 16.84 7.65
N2 ZGV JA . 3.94 21.69 7.75
H15 ZGV JA . 5.68 22.54 6.09
H17 ZGV JA . 2.63 19.53 8.13
H18 ZGV JA . 4.25 18.13 9.62
H19 ZGV JA . 4.01 15.13 8.13
H21 ZGV JA . 2.03 14.83 6.91
H20 ZGV JA . 1.05 15.00 8.42
H16 ZGV JA . 3.00 21.76 8.09
C1 MPD KA . 6.61 3.52 31.47
C2 MPD KA . 6.43 4.81 30.72
O2 MPD KA . 7.23 4.89 29.59
CM MPD KA . 5.05 4.81 30.15
C3 MPD KA . 6.73 6.00 31.61
C4 MPD KA . 8.16 6.18 32.06
O4 MPD KA . 8.75 4.92 32.28
C5 MPD KA . 8.98 6.93 31.06
H11 MPD KA . 6.73 3.73 32.53
H12 MPD KA . 7.49 3.01 31.10
H13 MPD KA . 5.74 2.88 31.34
HO2 MPD KA . 8.16 5.08 29.83
HM1 MPD KA . 4.34 5.16 30.91
HM2 MPD KA . 4.77 3.80 29.82
HM3 MPD KA . 5.02 5.48 29.30
H31 MPD KA . 6.41 6.90 31.09
H32 MPD KA . 6.10 5.93 32.50
H4 MPD KA . 8.15 6.75 32.99
HO4 MPD KA . 9.66 5.05 32.64
H51 MPD KA . 9.85 6.34 30.78
H52 MPD KA . 9.30 7.87 31.49
H53 MPD KA . 8.38 7.13 30.17
O1 ZGV LA . 9.93 16.42 24.95
O2 ZGV LA . 11.46 15.28 27.09
O3 ZGV LA . 8.26 11.83 29.30
C9 ZGV LA . 9.75 14.66 23.34
C10 ZGV LA . 9.89 15.20 24.71
C11 ZGV LA . 10.73 14.31 26.84
C12 ZGV LA . 10.60 13.15 27.75
C13 ZGV LA . 11.25 12.95 28.90
C14 ZGV LA . 11.08 11.81 29.77
C15 ZGV LA . 11.64 11.35 30.93
C16 ZGV LA . 10.73 10.15 30.95
C17 ZGV LA . 8.88 10.78 29.26
N1 ZGV LA . 10.20 10.66 29.66
N2 ZGV LA . 9.95 14.25 25.71
H15 ZGV LA . 10.39 15.21 22.67
H17 ZGV LA . 10.60 12.23 27.17
H18 ZGV LA . 12.27 13.32 28.87
H19 ZGV LA . 12.67 11.06 30.77
H21 ZGV LA . 10.01 10.17 31.76
H20 ZGV LA . 11.25 9.20 30.84
H16 ZGV LA . 9.84 13.32 25.36
C ACT MA . 25.73 1.05 39.95
O ACT MA . 26.69 0.23 39.89
OXT ACT MA . 24.54 0.85 40.34
CH3 ACT MA . 26.01 2.48 39.50
H1 ACT MA . 25.43 2.71 38.75
H2 ACT MA . 26.92 2.55 39.19
H3 ACT MA . 25.87 3.12 40.21
C1 MPD NA . 21.15 23.00 53.39
C2 MPD NA . 20.34 23.32 52.14
O2 MPD NA . 21.25 23.86 51.16
CM MPD NA . 19.31 24.41 52.45
C3 MPD NA . 19.66 22.11 51.50
C4 MPD NA . 18.50 21.50 52.28
O4 MPD NA . 17.89 20.52 51.46
C5 MPD NA . 18.92 20.80 53.57
H11 MPD NA . 20.49 22.71 54.20
H12 MPD NA . 21.72 23.89 53.68
H13 MPD NA . 21.85 22.19 53.16
HO2 MPD NA . 21.23 23.31 50.35
HM1 MPD NA . 18.61 24.46 51.62
HM2 MPD NA . 19.82 25.36 52.59
HM3 MPD NA . 18.77 24.11 53.35
H31 MPD NA . 20.38 21.33 51.32
H32 MPD NA . 19.28 22.41 50.54
H4 MPD NA . 17.78 22.27 52.52
HO4 MPD NA . 16.94 20.75 51.33
H51 MPD NA . 18.57 21.36 54.43
H52 MPD NA . 18.47 19.80 53.59
H53 MPD NA . 20.01 20.68 53.60
C1 MPD OA . 21.05 32.78 56.02
C2 MPD OA . 21.50 32.64 57.48
O2 MPD OA . 20.49 33.30 58.29
CM MPD OA . 21.50 31.17 57.86
C3 MPD OA . 22.88 33.25 57.69
C4 MPD OA . 23.00 34.12 58.95
O4 MPD OA . 22.37 33.44 60.01
C5 MPD OA . 24.46 34.38 59.31
H11 MPD OA . 21.38 33.74 55.62
H12 MPD OA . 19.97 32.71 55.96
H13 MPD OA . 21.50 31.99 55.42
HO2 MPD OA . 20.80 33.39 59.22
HM1 MPD OA . 22.37 30.95 58.48
HM2 MPD OA . 21.52 30.54 56.97
HM3 MPD OA . 20.59 30.94 58.44
H31 MPD OA . 23.63 32.45 57.75
H32 MPD OA . 23.14 33.86 56.83
H4 MPD OA . 22.50 35.07 58.76
HO4 MPD OA . 22.44 33.99 60.83
H51 MPD OA . 24.68 33.93 60.28
H52 MPD OA . 24.63 35.45 59.35
H53 MPD OA . 25.10 33.93 58.55
C1 MPD PA . -3.91 17.89 54.07
C2 MPD PA . -5.42 17.78 54.04
O2 MPD PA . -5.80 16.69 53.17
CM MPD PA . -5.93 17.49 55.45
C3 MPD PA . -6.06 19.08 53.54
C4 MPD PA . -5.74 19.40 52.08
O4 MPD PA . -5.72 18.22 51.30
C5 MPD PA . -6.76 20.37 51.47
H11 MPD PA . -3.59 18.81 53.58
H12 MPD PA . -3.48 17.03 53.53
H13 MPD PA . -3.54 17.89 55.09
HO2 MPD PA . -6.43 17.00 52.50
HM1 MPD PA . -6.25 18.41 55.93
HM2 MPD PA . -5.15 17.01 56.05
HM3 MPD PA . -6.78 16.81 55.38
H31 MPD PA . -7.14 19.01 53.65
H32 MPD PA . -5.72 19.91 54.15
H4 MPD PA . -4.76 19.87 52.03
HO4 MPD PA . -5.37 18.41 50.41
H51 MPD PA . -7.27 19.89 50.64
H52 MPD PA . -6.24 21.25 51.11
H53 MPD PA . -7.49 20.65 52.23
O1 ZGV QA . 18.57 27.15 40.15
O2 ZGV QA . 20.23 27.65 42.29
O3 ZGV QA . 18.31 25.10 46.28
C9 ZGV QA . 17.88 24.86 40.03
C10 ZGV QA . 18.48 26.04 40.70
C11 ZGV QA . 19.74 26.61 42.74
C12 ZGV QA . 20.00 26.12 44.10
C13 ZGV QA . 20.78 26.69 45.04
C14 ZGV QA . 20.99 26.19 46.38
C15 ZGV QA . 21.72 26.57 47.48
C16 ZGV QA . 21.19 25.40 48.28
C17 ZGV QA . 19.17 24.53 46.91
N1 ZGV QA . 20.47 24.99 47.04
N2 ZGV QA . 18.89 25.81 42.00
H15 ZGV QA . 17.25 24.33 40.73
H17 ZGV QA . 20.18 25.05 44.09
H18 ZGV QA . 20.57 27.76 45.08
H19 ZGV QA . 21.30 27.49 47.87
H21 ZGV QA . 21.97 24.70 48.57
H20 ZGV QA . 20.53 25.67 49.09
H16 ZGV QA . 18.73 24.89 42.35
C1 MPD RA . 26.67 52.69 51.82
C2 MPD RA . 25.68 51.74 51.16
O2 MPD RA . 24.41 52.42 51.00
CM MPD RA . 26.21 51.39 49.78
C3 MPD RA . 25.44 50.43 51.92
C4 MPD RA . 25.61 50.51 53.44
O4 MPD RA . 25.27 51.79 53.94
C5 MPD RA . 24.73 49.47 54.12
H11 MPD RA . 27.39 52.12 52.41
H12 MPD RA . 26.15 53.39 52.45
H13 MPD RA . 27.21 53.25 51.05
HO2 MPD RA . 23.71 51.94 51.47
HM1 MPD RA . 25.69 51.99 49.04
HM2 MPD RA . 27.28 51.60 49.72
HM3 MPD RA . 26.04 50.34 49.56
H31 MPD RA . 24.42 50.08 51.71
H32 MPD RA . 26.11 49.66 51.54
H4 MPD RA . 26.64 50.29 53.68
HO4 MPD RA . 24.95 51.69 54.86
H51 MPD RA . 23.74 49.90 54.31
H52 MPD RA . 25.18 49.21 55.07
H53 MPD RA . 24.64 48.59 53.49
O1 ZGV SA . 22.06 44.01 42.18
O2 ZGV SA . 23.74 46.45 42.08
O3 ZGV SA . 22.91 48.55 46.96
C9 ZGV SA . 23.54 42.61 43.45
C10 ZGV SA . 22.92 43.91 43.07
C11 ZGV SA . 23.76 46.21 43.29
C12 ZGV SA . 24.20 47.19 44.31
C13 ZGV SA . 24.62 48.43 44.06
C14 ZGV SA . 25.02 49.40 45.08
C15 ZGV SA . 25.50 50.67 45.09
C16 ZGV SA . 25.54 50.69 46.61
C17 ZGV SA . 24.07 48.65 47.30
N1 ZGV SA . 25.04 49.29 46.54
N2 ZGV SA . 23.37 44.98 43.80
H15 ZGV SA . 23.76 42.05 42.55
H17 ZGV SA . 23.55 47.16 45.17
H18 ZGV SA . 23.96 48.91 43.35
H19 ZGV SA . 26.50 50.70 44.68
H21 ZGV SA . 24.81 51.37 47.03
H20 ZGV SA . 26.54 50.77 47.02
H16 ZGV SA . 23.98 44.70 44.53
C1 MPD TA . 23.82 60.96 48.60
C2 MPD TA . 23.51 62.43 48.42
O2 MPD TA . 23.21 62.68 47.03
CM MPD TA . 22.25 62.78 49.22
C3 MPD TA . 24.67 63.33 48.90
C4 MPD TA . 25.14 64.31 47.84
O4 MPD TA . 24.10 65.23 47.60
C5 MPD TA . 26.38 65.05 48.30
H11 MPD TA . 24.65 60.82 49.31
H12 MPD TA . 24.10 60.54 47.64
H13 MPD TA . 22.95 60.43 48.98
HO2 MPD TA . 23.11 63.64 46.86
HM1 MPD TA . 22.50 62.92 50.27
HM2 MPD TA . 21.54 61.96 49.12
HM3 MPD TA . 21.82 63.69 48.83
H31 MPD TA . 24.36 63.88 49.77
H32 MPD TA . 25.51 62.71 49.19
H4 MPD TA . 25.38 63.77 46.93
HO4 MPD TA . 24.40 65.88 46.93
H51 MPD TA . 26.18 66.11 48.33
H52 MPD TA . 27.21 64.85 47.62
H53 MPD TA . 26.65 64.71 49.30
C1 MPD UA . 20.89 68.94 29.85
C2 MPD UA . 20.44 70.29 29.42
O2 MPD UA . 21.58 71.07 29.15
CM MPD UA . 19.63 70.29 28.16
C3 MPD UA . 19.69 70.89 30.55
C4 MPD UA . 20.64 71.25 31.60
O4 MPD UA . 20.65 72.64 31.71
C5 MPD UA . 20.18 70.73 32.91
H11 MPD UA . 20.76 68.81 30.92
H12 MPD UA . 21.94 68.80 29.59
H13 MPD UA . 20.29 68.18 29.34
HO2 MPD UA . 22.32 70.82 29.74
HM1 MPD UA . 18.59 70.50 28.40
HM2 MPD UA . 19.72 69.34 27.65
HM3 MPD UA . 20.01 71.08 27.49
H31 MPD UA . 19.15 71.77 30.21
H32 MPD UA . 18.96 70.16 30.91
H4 MPD UA . 21.65 70.87 31.44
HO4 MPD UA . 20.95 73.03 30.87
H51 MPD UA . 20.46 71.42 33.70
H52 MPD UA . 20.62 69.75 33.10
H53 MPD UA . 19.09 70.64 32.92
C ACT VA . 29.95 75.85 12.64
O ACT VA . 31.19 75.74 12.77
OXT ACT VA . 29.25 76.86 12.32
CH3 ACT VA . 29.11 74.58 12.94
H1 ACT VA . 29.69 73.85 13.19
H2 ACT VA . 28.63 74.31 12.14
H3 ACT VA . 28.47 74.74 13.66
C1 MPD WA . 13.57 76.30 18.65
C2 MPD WA . 14.99 75.77 18.63
O2 MPD WA . 15.22 75.19 17.32
CM MPD WA . 15.94 76.97 18.79
C3 MPD WA . 15.32 74.74 19.72
C4 MPD WA . 14.21 74.37 20.70
O4 MPD WA . 13.54 73.24 20.21
C5 MPD WA . 14.78 74.06 22.09
H11 MPD WA . 12.85 75.48 18.80
H12 MPD WA . 13.35 76.78 17.70
H13 MPD WA . 13.45 77.03 19.45
HO2 MPD WA . 15.55 74.27 17.40
HM1 MPD WA . 16.22 77.10 19.83
HM2 MPD WA . 15.44 77.87 18.42
HM3 MPD WA . 16.84 76.79 18.19
H31 MPD WA . 15.64 73.82 19.23
H32 MPD WA . 16.18 75.09 20.28
H4 MPD WA . 13.51 75.20 20.83
HO4 MPD WA . 12.73 73.07 20.74
H51 MPD WA . 14.34 73.12 22.45
H52 MPD WA . 14.51 74.87 22.78
H53 MPD WA . 15.86 73.96 22.05
C6 ZGV XA . 20.80 56.26 32.24
O1 ZGV XA . 20.00 57.68 28.15
O2 ZGV XA . 20.24 59.92 26.63
O3 ZGV XA . 19.20 64.19 29.53
C8 ZGV XA . 20.52 56.73 30.88
C9 ZGV XA . 20.57 57.98 30.46
C10 ZGV XA . 20.31 58.45 29.08
C11 ZGV XA . 20.39 60.49 27.71
C12 ZGV XA . 20.54 61.96 27.84
C13 ZGV XA . 20.53 62.84 26.85
C14 ZGV XA . 20.68 64.27 27.01
C15 ZGV XA . 20.71 65.37 26.20
C16 ZGV XA . 20.89 66.29 27.41
C17 ZGV XA . 20.18 64.87 29.41
N1 ZGV XA . 20.87 65.06 28.22
N2 ZGV XA . 20.42 59.81 28.91
H14 ZGV XA . 19.63 56.24 30.51
H15 ZGV XA . 21.46 58.46 30.84
H17 ZGV XA . 20.02 62.31 28.71
H18 ZGV XA . 19.71 62.63 26.18
H19 ZGV XA . 19.74 65.53 25.77
H21 ZGV XA . 21.85 66.79 27.42
H20 ZGV XA . 20.04 66.94 27.58
H16 ZGV XA . 20.67 60.34 29.72
C1 MPD YA . 7.77 63.58 2.71
C2 MPD YA . 8.46 64.90 3.06
O2 MPD YA . 9.78 64.56 3.55
CM MPD YA . 8.58 65.76 1.80
C3 MPD YA . 7.67 65.62 4.14
C4 MPD YA . 8.32 66.95 4.50
O4 MPD YA . 7.75 67.99 3.72
C5 MPD YA . 8.13 67.31 5.96
H11 MPD YA . 6.81 63.79 2.25
H12 MPD YA . 7.61 63.01 3.61
H13 MPD YA . 8.40 63.01 2.01
HO2 MPD YA . 9.86 64.83 4.48
HM1 MPD YA . 7.83 66.56 1.84
HM2 MPD YA . 8.41 65.15 0.92
HM3 MPD YA . 9.57 66.20 1.76
H31 MPD YA . 6.65 65.80 3.78
H32 MPD YA . 7.60 65.00 5.02
H4 MPD YA . 9.38 66.89 4.29
HO4 MPD YA . 6.83 68.17 4.03
H51 MPD YA . 7.86 68.36 6.05
H52 MPD YA . 7.33 66.70 6.38
H53 MPD YA . 9.05 67.11 6.50
C ACT ZA . -8.88 70.36 26.01
O ACT ZA . -7.65 70.70 26.07
OXT ACT ZA . -9.56 69.72 26.85
CH3 ACT ZA . -9.59 70.79 24.70
H1 ACT ZA . -10.34 71.37 24.92
H2 ACT ZA . -9.95 70.02 24.26
H3 ACT ZA . -8.99 71.27 24.10
O1 ZGV AB . 11.68 56.38 11.24
O2 ZGV AB . 11.77 56.58 8.33
O3 ZGV AB . 8.90 60.98 7.50
C9 ZGV AB . 13.01 58.24 11.96
C10 ZGV AB . 12.10 57.53 11.03
C11 ZGV AB . 11.59 57.78 8.63
C12 ZGV AB . 11.17 58.80 7.64
C13 ZGV AB . 10.96 58.62 6.34
C14 ZGV AB . 10.52 59.67 5.42
C15 ZGV AB . 10.26 59.79 4.09
C16 ZGV AB . 9.87 61.25 4.27
C17 ZGV AB . 9.69 61.59 6.83
N1 ZGV AB . 10.26 61.07 5.68
N2 ZGV AB . 11.73 58.25 9.92
H15 ZGV AB . 12.68 59.28 12.06
H17 ZGV AB . 11.73 59.71 7.80
H18 ZGV AB . 10.35 57.75 6.18
H19 ZGV AB . 9.39 59.20 3.85
H21 ZGV AB . 8.80 61.39 4.13
H20 ZGV AB . 10.50 61.96 3.73
H16 ZGV AB . 12.09 59.19 9.94
C1 MPD BB . 21.62 12.83 -11.58
C2 MPD BB . 22.91 13.54 -11.16
O2 MPD BB . 23.87 13.44 -12.23
CM MPD BB . 22.62 15.02 -10.95
C3 MPD BB . 23.53 12.95 -9.89
C4 MPD BB . 24.36 11.68 -10.12
O4 MPD BB . 24.54 11.05 -8.86
C5 MPD BB . 23.77 10.67 -11.07
H11 MPD BB . 21.43 11.99 -10.92
H12 MPD BB . 20.79 13.53 -11.53
H13 MPD BB . 21.74 12.47 -12.59
HO2 MPD BB . 24.78 13.37 -11.88
HM1 MPD BB . 23.43 15.47 -10.39
HM2 MPD BB . 21.70 15.14 -10.38
HM3 MPD BB . 22.52 15.51 -11.92
H31 MPD BB . 24.17 13.70 -9.43
H32 MPD BB . 22.75 12.72 -9.18
H4 MPD BB . 25.34 11.99 -10.50
HO4 MPD BB . 25.50 10.87 -8.72
H51 MPD BB . 23.65 11.09 -12.06
H52 MPD BB . 22.79 10.34 -10.69
H53 MPD BB . 24.43 9.81 -11.13
C6 ZGV CB . 26.70 16.87 1.86
O1 ZGV CB . 25.92 20.46 -0.64
O2 ZGV CB . 23.38 20.32 -2.50
O3 ZGV CB . 25.75 16.50 -5.20
C8 ZGV CB . 26.45 18.07 1.08
C9 ZGV CB . 25.99 18.10 -0.16
C10 ZGV CB . 25.71 19.29 -1.01
C11 ZGV CB . 24.15 19.45 -2.94
C12 ZGV CB . 23.98 18.81 -4.27
C13 ZGV CB . 23.12 18.91 -5.27
C14 ZGV CB . 23.24 18.10 -6.47
C15 ZGV CB . 22.60 18.02 -7.67
C16 ZGV CB . 23.47 16.83 -8.10
C17 ZGV CB . 24.95 16.15 -6.03
N1 ZGV CB . 24.20 17.04 -6.83
N2 ZGV CB . 25.24 18.97 -2.26
H14 ZGV CB . 26.00 18.84 1.69
H15 ZGV CB . 26.48 17.34 -0.76
H17 ZGV CB . 24.17 17.75 -4.12
H18 ZGV CB . 23.01 19.95 -5.55
H19 ZGV CB . 21.58 17.70 -7.49
H21 ZGV CB . 22.93 15.88 -8.13
H20 ZGV CB . 24.08 17.02 -8.98
H16 ZGV CB . 25.29 17.98 -2.38
C1 MPD DB . 29.92 1.23 3.39
C2 MPD DB . 29.15 -0.09 3.25
O2 MPD DB . 30.00 -0.98 2.50
CM MPD DB . 28.89 -0.69 4.63
C3 MPD DB . 27.84 0.17 2.49
C4 MPD DB . 27.28 -1.07 1.80
O4 MPD DB . 26.75 -1.94 2.76
C5 MPD DB . 26.18 -0.68 0.81
H11 MPD DB . 29.77 1.84 2.51
H12 MPD DB . 30.98 1.01 3.50
H13 MPD DB . 29.56 1.77 4.27
HO2 MPD DB . 29.85 -0.86 1.54
HM1 MPD DB . 27.83 -0.92 4.72
HM2 MPD DB . 29.18 0.02 5.41
HM3 MPD DB . 29.47 -1.60 4.74
H31 MPD DB . 27.09 0.55 3.19
H32 MPD DB . 28.00 0.94 1.74
H4 MPD DB . 28.07 -1.58 1.25
HO4 MPD DB . 26.36 -2.73 2.32
H51 MPD DB . 25.26 -1.18 1.09
H52 MPD DB . 26.48 -0.98 -0.19
H53 MPD DB . 26.04 0.40 0.84
C1 MPD EB . 30.11 1.29 13.15
C2 MPD EB . 30.22 0.32 14.32
O2 MPD EB . 29.74 1.07 15.49
CM MPD EB . 29.34 -0.90 14.09
C3 MPD EB . 31.67 -0.09 14.55
C4 MPD EB . 31.86 -0.79 15.88
O4 MPD EB . 31.91 -2.19 15.68
C5 MPD EB . 33.15 -0.36 16.58
H11 MPD EB . 29.22 1.91 13.26
H12 MPD EB . 30.05 0.73 12.22
H13 MPD EB . 30.99 1.92 13.12
HO2 MPD EB . 30.51 1.35 16.03
HM1 MPD EB . 29.95 -1.79 14.04
HM2 MPD EB . 28.79 -0.79 13.15
HM3 MPD EB . 28.63 -0.99 14.90
H31 MPD EB . 31.98 -0.75 13.74
H32 MPD EB . 32.30 0.80 14.51
H4 MPD EB . 31.03 -0.56 16.54
HO4 MPD EB . 31.82 -2.65 16.54
H51 MPD EB . 33.63 -1.23 17.00
H52 MPD EB . 32.91 0.35 17.37
H53 MPD EB . 33.81 0.12 15.86
O1 ZGV FB . 31.46 12.46 17.09
O2 ZGV FB . 29.55 10.91 15.62
O3 ZGV FB . 32.13 6.41 14.93
C8 ZGV FB . 32.30 12.27 19.92
C9 ZGV FB . 31.92 11.28 19.12
C10 ZGV FB . 31.49 11.39 17.71
C11 ZGV FB . 30.22 9.98 16.12
C12 ZGV FB . 30.09 8.57 15.68
C13 ZGV FB . 29.29 8.06 14.75
C14 ZGV FB . 29.25 6.66 14.38
C15 ZGV FB . 28.54 5.86 13.52
C16 ZGV FB . 29.35 4.64 13.92
C17 ZGV FB . 31.33 5.59 15.33
N1 ZGV FB . 30.01 5.54 14.90
N2 ZGV FB . 31.14 10.19 17.11
H14 ZGV FB . 32.99 12.91 19.39
H15 ZGV FB . 32.58 10.44 19.24
H17 ZGV FB . 30.10 7.92 16.55
H18 ZGV FB . 29.34 8.68 13.86
H19 ZGV FB . 27.54 5.83 13.89
H21 ZGV FB . 30.01 4.30 13.14
H20 ZGV FB . 28.77 3.86 14.41
H16 ZGV FB . 31.28 9.39 17.71
C1 MPD GB . 39.32 1.01 33.16
C2 MPD GB . 39.90 1.05 31.75
O2 MPD GB . 41.15 0.30 31.75
CM MPD GB . 38.93 0.36 30.79
C3 MPD GB . 40.14 2.48 31.27
C4 MPD GB . 41.30 3.18 31.97
O4 MPD GB . 42.53 2.73 31.43
C5 MPD GB . 41.19 4.69 31.76
H11 MPD GB . 39.38 2.00 33.61
H12 MPD GB . 39.88 0.30 33.77
H13 MPD GB . 38.27 0.70 33.13
HO2 MPD GB . 41.85 0.83 31.34
HM1 MPD GB . 38.37 1.12 30.25
HM2 MPD GB . 38.25 -0.29 31.32
HM3 MPD GB . 39.50 -0.23 30.08
H31 MPD GB . 40.33 2.46 30.20
H32 MPD GB . 39.24 3.05 31.44
H4 MPD GB . 41.27 2.97 33.03
HO4 MPD GB . 42.55 2.91 30.47
H51 MPD GB . 42.10 5.05 31.27
H52 MPD GB . 41.09 5.19 32.73
H53 MPD GB . 40.34 4.92 31.13
C1 MPD HB . 42.32 13.60 38.22
C2 MPD HB . 42.97 12.24 38.40
O2 MPD HB . 42.27 11.55 39.47
CM MPD HB . 42.79 11.43 37.13
C3 MPD HB . 44.47 12.38 38.70
C4 MPD HB . 44.78 12.86 40.11
O4 MPD HB . 44.97 11.77 40.97
C5 MPD HB . 46.05 13.70 40.14
H11 MPD HB . 42.87 14.35 38.79
H12 MPD HB . 41.28 13.57 38.56
H13 MPD HB . 42.34 13.88 37.16
HO2 MPD HB . 42.91 11.21 40.13
HM1 MPD HB . 43.72 11.39 36.58
HM2 MPD HB . 42.01 11.87 36.51
HM3 MPD HB . 42.50 10.41 37.40
H31 MPD HB . 44.95 11.43 38.53
H32 MPD HB . 44.88 13.09 37.99
H4 MPD HB . 43.95 13.47 40.47
HO4 MPD HB . 44.79 10.93 40.50
H51 MPD HB . 46.66 13.39 40.99
H52 MPD HB . 46.61 13.55 39.22
H53 MPD HB . 45.79 14.76 40.24
C6 ZGV IB . 41.39 24.84 33.69
O1 ZGV IB . 39.17 21.73 31.48
O2 ZGV IB . 38.11 19.23 31.96
O3 ZGV IB . 41.94 16.49 34.08
C8 ZGV IB . 40.65 23.83 32.95
C9 ZGV IB . 40.53 22.54 33.27
C10 ZGV IB . 39.79 21.50 32.52
C11 ZGV IB . 39.02 19.17 32.80
C12 ZGV IB . 39.34 17.95 33.57
C13 ZGV IB . 38.75 16.75 33.51
C14 ZGV IB . 39.16 15.60 34.28
C15 ZGV IB . 38.76 14.30 34.45
C16 ZGV IB . 39.92 14.03 35.40
C17 ZGV IB . 41.50 16.08 35.12
N1 ZGV IB . 40.25 15.47 35.26
N2 ZGV IB . 39.84 20.25 33.09
H14 ZGV IB . 39.71 24.22 32.58
H15 ZGV IB . 41.50 22.15 33.56
H17 ZGV IB . 39.56 18.20 34.59
H18 ZGV IB . 37.67 16.83 33.43
H19 ZGV IB . 38.92 13.76 33.52
H21 ZGV IB . 39.60 13.77 36.41
H20 ZGV IB . 40.68 13.37 34.99
H16 ZGV IB . 40.39 20.16 33.92
C1 MPD JB . 51.97 26.18 46.59
C2 MPD JB . 52.11 27.56 47.25
O2 MPD JB . 51.31 27.58 48.45
CM MPD JB . 53.56 27.84 47.64
C3 MPD JB . 51.59 28.65 46.33
C4 MPD JB . 52.27 28.63 44.95
O4 MPD JB . 51.34 28.25 43.96
C5 MPD JB . 52.85 30.00 44.61
H11 MPD JB . 51.23 26.24 45.79
H12 MPD JB . 51.64 25.46 47.34
H13 MPD JB . 52.92 25.86 46.17
HO2 MPD JB . 50.64 28.29 48.38
HM1 MPD JB . 53.92 28.70 47.09
HM2 MPD JB . 54.19 26.98 47.43
HM3 MPD JB . 53.59 28.05 48.71
H31 MPD JB . 50.52 28.53 46.19
H32 MPD JB . 51.75 29.62 46.80
H4 MPD JB . 53.08 27.91 44.97
HO4 MPD JB . 51.80 28.16 43.10
H51 MPD JB . 52.69 30.20 43.55
H52 MPD JB . 53.92 30.00 44.83
H53 MPD JB . 52.36 30.78 45.19
C1 MPD KB . 52.44 41.96 44.77
C2 MPD KB . 52.16 41.89 43.27
O2 MPD KB . 51.03 42.75 42.93
CM MPD KB . 53.38 42.42 42.52
C3 MPD KB . 51.86 40.46 42.83
C4 MPD KB . 50.51 39.93 43.31
O4 MPD KB . 50.09 38.93 42.39
C5 MPD KB . 50.62 39.31 44.69
H11 MPD KB . 51.58 41.58 45.33
H12 MPD KB . 52.63 42.99 45.05
H13 MPD KB . 53.31 41.35 44.99
HO2 MPD KB . 50.46 42.29 42.27
HM1 MPD KB . 53.74 41.68 41.81
HM2 MPD KB . 54.17 42.64 43.24
HM3 MPD KB . 53.11 43.33 41.99
H31 MPD KB . 51.87 40.42 41.74
H32 MPD KB . 52.66 39.80 43.18
H4 MPD KB . 49.78 40.73 43.32
HO4 MPD KB . 49.22 38.58 42.67
H51 MPD KB . 50.28 38.27 44.65
H52 MPD KB . 49.98 39.86 45.38
H53 MPD KB . 51.65 39.33 45.04
O1 ZGV LB . 43.37 39.99 33.09
O2 ZGV LB . 43.34 38.64 35.52
O3 ZGV LB . 48.10 39.47 37.66
C9 ZGV LB . 44.18 42.23 33.36
C10 ZGV LB . 44.00 40.82 33.78
C11 ZGV LB . 44.26 39.43 35.79
C12 ZGV LB . 45.09 39.32 37.01
C13 ZGV LB . 44.99 38.39 37.96
C14 ZGV LB . 45.82 38.30 39.14
C15 ZGV LB . 45.94 37.50 40.24
C16 ZGV LB . 47.14 38.28 40.75
C17 ZGV LB . 47.80 39.84 38.76
N1 ZGV LB . 46.90 39.16 39.58
N2 ZGV LB . 44.59 40.49 34.97
H15 ZGV LB . 45.19 42.53 33.56
H17 ZGV LB . 45.22 40.30 37.47
H18 ZGV LB . 43.96 38.09 38.16
H19 ZGV LB . 45.06 37.68 40.83
H21 ZGV LB . 48.05 37.72 40.69
H20 ZGV LB . 46.97 38.81 41.69
H16 ZGV LB . 45.11 41.22 35.41
C1 MPD MB . 53.12 59.34 36.55
C2 MPD MB . 53.19 57.88 36.10
O2 MPD MB . 54.58 57.57 35.85
CM MPD MB . 52.71 56.96 37.21
C3 MPD MB . 52.37 57.69 34.82
C4 MPD MB . 53.16 57.84 33.53
O4 MPD MB . 54.49 58.20 33.84
C5 MPD MB . 53.17 56.54 32.72
H11 MPD MB . 52.91 59.97 35.69
H12 MPD MB . 54.06 59.63 37.01
H13 MPD MB . 52.30 59.46 37.28
HO2 MPD MB . 54.65 56.88 35.15
HM1 MPD MB . 51.85 56.38 36.87
HM2 MPD MB . 52.43 57.54 38.10
HM3 MPD MB . 53.52 56.28 37.48
H31 MPD MB . 51.90 56.70 34.83
H32 MPD MB . 51.56 58.42 34.81
H4 MPD MB . 52.71 58.62 32.93
HO4 MPD MB . 54.99 58.38 33.01
H51 MPD MB . 54.04 55.95 32.98
H52 MPD MB . 53.22 56.79 31.66
H53 MPD MB . 52.26 55.97 32.91
C ACT NB . 40.43 62.94 44.18
O ACT NB . 40.04 63.67 45.12
OXT ACT NB . 41.61 62.72 43.78
CH3 ACT NB . 39.34 62.17 43.39
H1 ACT NB . 39.36 62.45 42.46
H2 ACT NB . 38.46 62.40 43.74
H3 ACT NB . 39.47 61.21 43.44
C1 MPD OB . 48.88 65.52 24.87
C2 MPD OB . 48.50 64.45 23.83
O2 MPD OB . 47.10 64.60 23.50
CM MPD OB . 49.31 64.64 22.56
C3 MPD OB . 48.78 63.06 24.40
C4 MPD OB . 47.82 62.71 25.53
O4 MPD OB . 46.71 62.02 24.99
C5 MPD OB . 48.48 61.82 26.58
H11 MPD OB . 49.72 65.16 25.47
H12 MPD OB . 48.03 65.69 25.51
H13 MPD OB . 49.14 66.45 24.38
HO2 MPD OB . 46.64 63.73 23.58
HM1 MPD OB . 50.04 63.83 22.48
HM2 MPD OB . 49.82 65.59 22.56
HM3 MPD OB . 48.63 64.58 21.70
H31 MPD OB . 48.68 62.32 23.61
H32 MPD OB . 49.81 63.03 24.76
H4 MPD OB . 47.47 63.62 26.02
HO4 MPD OB . 45.90 62.54 25.15
H51 MPD OB . 48.06 60.82 26.51
H52 MPD OB . 48.26 62.23 27.56
H53 MPD OB . 49.56 61.78 26.43
C4 ZGV PB . 39.68 54.82 14.02
C5 ZGV PB . 40.08 54.46 15.34
C6 ZGV PB . 40.29 55.28 16.41
C7 ZGV PB . 40.14 56.77 16.33
O1 ZGV PB . 41.43 53.41 20.18
O2 ZGV PB . 41.55 54.40 22.89
O3 ZGV PB . 43.55 59.15 22.23
C8 ZGV PB . 40.70 54.70 17.67
C9 ZGV PB . 41.24 55.31 18.73
C10 ZGV PB . 41.62 54.62 19.99
C11 ZGV PB . 42.16 55.31 22.31
C12 ZGV PB . 42.96 56.34 23.01
C13 ZGV PB . 43.17 56.60 24.29
C14 ZGV PB . 44.04 57.67 24.77
C15 ZGV PB . 44.40 58.21 25.97
C16 ZGV PB . 45.31 59.22 25.29
C17 ZGV PB . 44.61 59.21 22.79
N1 ZGV PB . 44.89 58.59 24.01
N2 ZGV PB . 42.21 55.42 20.93
H9 ZGV PB . 38.86 54.19 13.70
H10 ZGV PB . 39.50 53.61 15.67
H12 ZGV PB . 39.08 57.01 16.30
H11 ZGV PB . 40.60 57.15 15.42
H13 ZGV PB . 40.58 57.26 17.19
H14 ZGV PB . 41.19 53.75 17.50
H15 ZGV PB . 42.06 55.95 18.41
H17 ZGV PB . 42.68 57.27 22.54
H18 ZGV PB . 43.41 55.68 24.83
H19 ZGV PB . 43.56 58.70 26.43
H21 ZGV PB . 44.97 60.25 25.38
H20 ZGV PB . 46.36 59.09 25.51
H16 ZGV PB . 42.37 56.36 20.62
C1 MPD QB . 36.67 65.42 -4.17
C2 MPD QB . 36.76 63.90 -4.04
O2 MPD QB . 35.42 63.35 -4.07
CM MPD QB . 37.53 63.31 -5.22
C3 MPD QB . 37.43 63.51 -2.71
C4 MPD QB . 36.60 63.99 -1.53
O4 MPD QB . 36.41 62.93 -0.62
C5 MPD QB . 37.26 65.18 -0.84
H11 MPD QB . 37.40 65.88 -3.51
H12 MPD QB . 35.68 65.74 -3.88
H13 MPD QB . 36.86 65.74 -5.20
HO2 MPD QB . 35.29 62.75 -3.30
HM1 MPD QB . 38.46 62.89 -4.86
HM2 MPD QB . 37.74 64.07 -5.97
HM3 MPD QB . 36.93 62.53 -5.67
H31 MPD QB . 37.51 62.43 -2.67
H32 MPD QB . 38.43 63.92 -2.68
H4 MPD QB . 35.64 64.33 -1.90
HO4 MPD QB . 35.83 63.24 0.13
H51 MPD QB . 37.20 65.05 0.24
H52 MPD QB . 36.75 66.10 -1.11
H53 MPD QB . 38.31 65.26 -1.12
C5 ZGV RB . 31.97 49.14 -0.38
C6 ZGV RB . 31.99 50.49 -0.39
C7 ZGV RB . 31.47 51.31 -1.54
O1 ZGV RB . 33.48 52.55 3.18
O2 ZGV RB . 33.80 55.09 4.17
O3 ZGV RB . 36.26 57.76 0.54
C8 ZGV RB . 32.51 51.21 0.78
C9 ZGV RB . 32.84 52.49 0.88
C10 ZGV RB . 33.35 53.14 2.10
C11 ZGV RB . 33.90 55.39 2.97
C12 ZGV RB . 34.27 56.75 2.51
C13 ZGV RB . 34.55 57.81 3.26
C14 ZGV RB . 34.93 59.11 2.73
C15 ZGV RB . 35.26 60.33 3.25
C16 ZGV RB . 35.52 60.89 1.86
C17 ZGV RB . 35.66 58.78 0.35
N1 ZGV RB . 35.10 59.56 1.37
N2 ZGV RB . 33.67 54.48 1.96
H10 ZGV RB . 31.54 48.79 0.54
H12 ZGV RB . 32.05 51.09 -2.43
H11 ZGV RB . 31.52 52.37 -1.32
H13 ZGV RB . 30.43 51.03 -1.73
H14 ZGV RB . 33.23 50.59 1.29
H15 ZGV RB . 33.45 52.77 0.03
H17 ZGV RB . 33.63 57.03 1.68
H18 ZGV RB . 35.22 57.52 4.06
H19 ZGV RB . 36.20 60.25 3.78
H21 ZGV RB . 34.84 61.68 1.59
H20 ZGV RB . 36.56 61.12 1.66
H16 ZGV RB . 33.57 54.86 1.04
C1 MPD SB . 24.85 42.55 -16.65
C2 MPD SB . 25.93 41.94 -17.54
O2 MPD SB . 25.89 42.61 -18.82
CM MPD SB . 27.30 42.22 -16.92
C3 MPD SB . 25.73 40.44 -17.68
C4 MPD SB . 25.32 39.99 -19.08
O4 MPD SB . 25.58 40.98 -20.05
C5 MPD SB . 26.05 38.70 -19.46
H11 MPD SB . 23.88 42.46 -17.13
H12 MPD SB . 25.07 43.61 -16.49
H13 MPD SB . 24.83 42.03 -15.69
HO2 MPD SB . 26.45 42.13 -19.46
HM1 MPD SB . 27.58 41.40 -16.25
HM2 MPD SB . 27.26 43.15 -16.34
HM3 MPD SB . 28.03 42.31 -17.71
H31 MPD SB . 26.64 39.92 -17.41
H32 MPD SB . 24.95 40.12 -16.98
H4 MPD SB . 24.26 39.77 -19.09
HO4 MPD SB . 25.30 40.66 -20.94
H51 MPD SB . 25.91 38.51 -20.53
H52 MPD SB . 25.67 37.87 -18.88
H53 MPD SB . 27.12 38.83 -19.28
C1 MPD TB . 22.31 23.89 -19.85
C2 MPD TB . 23.01 22.56 -20.10
O2 MPD TB . 22.16 21.49 -19.63
CM MPD TB . 23.18 22.36 -21.60
C3 MPD TB . 24.37 22.53 -19.41
C4 MPD TB . 24.33 21.86 -18.04
O4 MPD TB . 24.59 20.48 -18.20
C5 MPD TB . 25.38 22.45 -17.09
H11 MPD TB . 22.75 24.37 -18.98
H12 MPD TB . 21.25 23.71 -19.65
H13 MPD TB . 22.42 24.54 -20.72
HO2 MPD TB . 22.70 20.72 -19.36
HM1 MPD TB . 24.14 22.75 -21.92
HM2 MPD TB . 22.38 22.86 -22.14
HM3 MPD TB . 23.13 21.29 -21.82
H31 MPD TB . 25.08 21.99 -20.04
H32 MPD TB . 24.74 23.54 -19.30
H4 MPD TB . 23.35 22.00 -17.60
HO4 MPD TB . 24.26 19.99 -17.42
H51 MPD TB . 25.93 21.64 -16.63
H52 MPD TB . 24.87 23.03 -16.32
H53 MPD TB . 26.06 23.08 -17.64
O1 ZGV UB . 27.65 37.16 -6.03
O2 ZGV UB . 26.65 39.52 -7.05
O3 ZGV UB . 27.50 39.41 -12.15
C9 ZGV UB . 26.85 35.27 -7.27
C10 ZGV UB . 27.15 36.70 -7.08
C11 ZGV UB . 26.59 38.87 -8.11
C12 ZGV UB . 26.27 39.49 -9.41
C13 ZGV UB . 25.99 40.77 -9.63
C14 ZGV UB . 25.69 41.35 -10.94
C15 ZGV UB . 25.36 42.58 -11.42
C16 ZGV UB . 25.30 42.05 -12.85
C17 ZGV UB . 26.48 39.72 -12.70
N1 ZGV UB . 25.64 40.73 -12.25
N2 ZGV UB . 26.82 37.51 -8.15
H15 ZGV UB . 27.13 34.97 -8.27
H17 ZGV UB . 25.56 38.87 -9.95
H18 ZGV UB . 26.72 41.39 -9.13
H19 ZGV UB . 24.37 42.86 -11.08
H21 ZGV UB . 26.09 42.44 -13.47
H20 ZGV UB . 24.32 42.08 -13.29
H16 ZGV UB . 26.45 37.04 -8.94
C1 MPD VB . -6.18 -4.45 -27.83
C2 MPD VB . -6.03 -5.92 -28.19
O2 MPD VB . -7.34 -6.46 -28.48
CM MPD VB . -5.48 -6.69 -26.99
C3 MPD VB . -5.12 -6.13 -29.40
C4 MPD VB . -5.74 -5.66 -30.72
O4 MPD VB . -7.12 -5.98 -30.72
C5 MPD VB . -5.56 -4.16 -30.95
H11 MPD VB . -6.63 -3.91 -28.65
H12 MPD VB . -5.20 -4.04 -27.61
H13 MPD VB . -6.82 -4.36 -26.94
HO2 MPD VB . -7.31 -6.98 -29.31
HM1 MPD VB . -4.94 -7.58 -27.33
HM2 MPD VB . -4.79 -6.05 -26.44
HM3 MPD VB . -6.30 -6.99 -26.33
H31 MPD VB . -4.18 -5.60 -29.24
H32 MPD VB . -4.88 -7.19 -29.49
H4 MPD VB . -5.25 -6.20 -31.53
HO4 MPD VB . -7.33 -6.50 -31.53
H51 MPD VB . -6.54 -3.68 -30.95
H52 MPD VB . -5.08 -4.01 -31.91
H53 MPD VB . -4.95 -3.74 -30.16
C1 MPD WB . 0.82 -2.73 -17.08
C2 MPD WB . 1.57 -3.79 -17.89
O2 MPD WB . 1.77 -4.98 -17.08
CM MPD WB . 2.93 -3.24 -18.31
C3 MPD WB . 0.72 -4.16 -19.11
C4 MPD WB . 1.43 -5.14 -20.04
O4 MPD WB . 1.73 -6.32 -19.33
C5 MPD WB . 0.55 -5.48 -21.25
H11 MPD WB . -0.22 -2.68 -17.42
H12 MPD WB . 1.29 -1.77 -17.20
H13 MPD WB . 0.83 -3.01 -16.02
HO2 MPD WB . 1.31 -5.73 -17.48
HM1 MPD WB . 2.85 -2.81 -19.31
HM2 MPD WB . 3.65 -4.05 -18.32
HM3 MPD WB . 3.26 -2.47 -17.61
H31 MPD WB . 0.48 -3.26 -19.66
H32 MPD WB . -0.21 -4.60 -18.77
H4 MPD WB . 2.35 -4.69 -20.40
HO4 MPD WB . 2.55 -6.72 -19.70
H51 MPD WB . 0.64 -6.53 -21.49
H52 MPD WB . 0.87 -4.87 -22.09
H53 MPD WB . -0.49 -5.25 -21.01
C1 ZGV XB . -15.36 -12.55 -35.48
C2 ZGV XB . -14.23 -13.56 -35.36
C3 ZGV XB . -13.93 -13.88 -33.93
C4 ZGV XB . -13.71 -15.12 -33.45
C5 ZGV XB . -13.43 -15.41 -32.07
C6 ZGV XB . -13.18 -16.62 -31.52
C7 ZGV XB . -13.18 -17.90 -32.31
O1 ZGV XB . -11.98 -16.82 -27.22
O2 ZGV XB . -11.82 -14.26 -25.66
O3 ZGV XB . -7.99 -12.27 -28.64
O5 ZGV XB . -14.60 -14.76 -36.06
C8 ZGV XB . -12.88 -16.70 -30.10
C9 ZGV XB . -12.05 -15.92 -29.43
C10 ZGV XB . -11.65 -15.93 -28.01
C11 ZGV XB . -10.96 -14.06 -26.55
C12 ZGV XB . -10.00 -12.94 -26.52
C13 ZGV XB . -9.79 -11.96 -25.66
C14 ZGV XB . -8.81 -10.90 -25.87
C15 ZGV XB . -8.34 -9.83 -25.17
C16 ZGV XB . -7.46 -9.39 -26.35
C17 ZGV XB . -7.91 -11.10 -28.31
C18 ZGV XB . -16.56 -13.06 -36.28
N1 ZGV XB . -7.87 -10.67 -26.97
N2 ZGV XB . -10.84 -14.87 -27.66
H5 ZGV XB . -15.69 -12.29 -34.49
H4 ZGV XB . -14.98 -11.66 -35.96
H6 ZGV XB . -13.34 -13.15 -35.82
H8 ZGV XB . -13.15 -13.22 -33.56
H9 ZGV XB . -12.99 -15.61 -34.07
H10 ZGV XB . -12.72 -14.69 -31.70
H12 ZGV XB . -12.63 -18.66 -31.76
H11 ZGV XB . -12.71 -17.73 -33.27
H13 ZGV XB . -14.21 -18.22 -32.46
H7 ZGV XB . -13.84 -15.30 -36.18
H14 ZGV XB . -13.80 -16.84 -29.52
H15 ZGV XB . -11.18 -15.71 -30.05
H17 ZGV XB . -9.06 -13.28 -26.93
H18 ZGV XB . -9.69 -12.36 -24.66
H19 ZGV XB . -9.13 -9.11 -25.07
H21 ZGV XB . -6.41 -9.35 -26.10
H20 ZGV XB . -7.84 -8.52 -26.87
H24 ZGV XB . -17.01 -13.90 -35.76
H3 ZGV XB . -17.28 -12.27 -36.38
H25 ZGV XB . -16.23 -13.39 -37.26
H16 ZGV XB . -10.66 -14.30 -28.47
C1 MPD YB . 1.40 -17.50 -2.18
C2 MPD YB . 2.77 -17.29 -2.82
O2 MPD YB . 3.64 -16.74 -1.81
CM MPD YB . 3.36 -18.64 -3.21
C3 MPD YB . 2.72 -16.40 -4.07
C4 MPD YB . 3.39 -15.04 -3.89
O4 MPD YB . 4.19 -15.03 -2.72
C5 MPD YB . 4.26 -14.69 -5.09
H11 MPD YB . 1.17 -18.57 -2.19
H12 MPD YB . 1.42 -17.14 -1.15
H13 MPD YB . 0.62 -16.99 -2.74
HO2 MPD YB . 4.49 -16.46 -2.22
HM1 MPD YB . 4.31 -18.48 -3.73
HM2 MPD YB . 2.67 -19.15 -3.88
HM3 MPD YB . 3.50 -19.23 -2.31
H31 MPD YB . 3.20 -16.93 -4.89
H32 MPD YB . 1.68 -16.24 -4.37
H4 MPD YB . 2.61 -14.28 -3.80
HO4 MPD YB . 3.74 -14.51 -2.02
H51 MPD YB . 3.62 -14.34 -5.91
H52 MPD YB . 4.94 -13.89 -4.82
H53 MPD YB . 4.83 -15.56 -5.41
C1 MPD ZB . 7.02 -24.82 7.44
C2 MPD ZB . 7.03 -25.73 6.22
O2 MPD ZB . 6.01 -26.75 6.41
CM MPD ZB . 8.39 -26.42 6.16
C3 MPD ZB . 6.72 -24.93 4.96
C4 MPD ZB . 7.40 -25.45 3.69
O4 MPD ZB . 7.12 -26.82 3.50
C5 MPD ZB . 6.94 -24.68 2.46
H11 MPD ZB . 6.53 -23.88 7.20
H12 MPD ZB . 8.04 -24.62 7.75
H13 MPD ZB . 6.48 -25.31 8.25
HO2 MPD ZB . 5.39 -26.74 5.65
HM1 MPD ZB . 9.12 -25.76 5.71
HM2 MPD ZB . 8.30 -27.33 5.57
HM3 MPD ZB . 8.71 -26.68 7.16
H31 MPD ZB . 7.03 -23.90 5.11
H32 MPD ZB . 5.64 -24.92 4.79
H4 MPD ZB . 8.47 -25.30 3.78
HO4 MPD ZB . 7.56 -27.13 2.69
H51 MPD ZB . 6.50 -25.37 1.74
H52 MPD ZB . 7.79 -24.17 2.00
H53 MPD ZB . 6.20 -23.94 2.75
O1 ZGV AC . -4.41 -22.37 -11.60
O2 ZGV AC . -5.00 -22.27 -7.86
O3 ZGV AC . -1.39 -18.82 -7.26
C9 ZGV AC . -5.99 -20.90 -10.58
C10 ZGV AC . -4.71 -21.61 -10.67
C11 ZGV AC . -3.99 -21.69 -8.30
C12 ZGV AC . -2.86 -21.27 -7.44
C13 ZGV AC . -2.70 -21.43 -6.12
C14 ZGV AC . -1.54 -20.97 -5.39
C15 ZGV AC . -1.13 -21.00 -4.09
C16 ZGV AC . 0.14 -20.26 -4.43
C17 ZGV AC . -0.38 -19.16 -6.69
N1 ZGV AC . -0.32 -20.28 -5.84
N2 ZGV AC . -3.83 -21.37 -9.63
H15 ZGV AC . -6.80 -21.56 -10.86
H17 ZGV AC . -1.95 -21.04 -7.98
H18 ZGV AC . -3.62 -21.30 -5.57
H19 ZGV AC . -0.90 -22.02 -3.80
H21 ZGV AC . 1.04 -20.86 -4.27
H20 ZGV AC . 0.19 -19.26 -4.02
H16 ZGV AC . -2.94 -21.74 -9.90
C ACT BC . -5.65 -21.64 14.42
O ACT BC . -4.43 -21.88 14.69
OXT ACT BC . -6.50 -20.98 15.07
CH3 ACT BC . -6.14 -22.29 13.10
H1 ACT BC . -6.45 -21.59 12.51
H2 ACT BC . -6.89 -22.87 13.29
H3 ACT BC . -5.43 -22.79 12.67
C1 MPD CC . -0.16 -44.15 5.22
C2 MPD CC . 0.59 -45.04 6.17
O2 MPD CC . -0.01 -44.96 7.43
CM MPD CC . 0.41 -46.47 5.78
C3 MPD CC . 2.07 -44.74 6.39
C4 MPD CC . 2.41 -43.28 6.53
O4 MPD CC . 1.27 -42.54 6.85
C5 MPD CC . 3.40 -43.03 7.65
H11 MPD CC . -0.33 -44.70 4.29
H12 MPD CC . 0.41 -43.25 4.96
H13 MPD CC . -1.11 -43.86 5.66
HO2 MPD CC . 0.65 -44.66 8.09
HM1 MPD CC . 1.08 -46.68 4.95
HM2 MPD CC . -0.63 -46.63 5.48
HM3 MPD CC . 0.66 -47.12 6.62
H31 MPD CC . 2.40 -45.28 7.27
H32 MPD CC . 2.63 -45.14 5.54
H4 MPD CC . 2.84 -42.92 5.60
HO4 MPD CC . 1.27 -41.71 6.34
H51 MPD CC . 2.86 -42.65 8.51
H52 MPD CC . 4.12 -42.28 7.32
H53 MPD CC . 3.92 -43.94 7.90
C1 MPD DC . 23.30 -34.60 -10.75
C2 MPD DC . 22.93 -35.96 -10.16
O2 MPD DC . 24.07 -36.85 -10.22
CM MPD DC . 21.79 -36.58 -10.97
C3 MPD DC . 22.51 -35.79 -8.70
C4 MPD DC . 21.84 -37.04 -8.14
O4 MPD DC . 22.54 -38.18 -8.59
C5 MPD DC . 21.80 -37.02 -6.62
H11 MPD DC . 23.38 -33.86 -9.94
H12 MPD DC . 22.55 -34.27 -11.45
H13 MPD DC . 24.27 -34.68 -11.25
HO2 MPD DC . 24.31 -37.14 -9.32
HM1 MPD DC . 20.83 -36.27 -10.55
HM2 MPD DC . 21.87 -37.66 -10.93
HM3 MPD DC . 21.85 -36.23 -12.01
H31 MPD DC . 21.82 -34.95 -8.62
H32 MPD DC . 23.39 -35.56 -8.10
H4 MPD DC . 20.81 -37.09 -8.51
HO4 MPD DC . 22.14 -38.99 -8.19
H51 MPD DC . 22.37 -37.86 -6.23
H52 MPD DC . 20.77 -37.10 -6.28
H53 MPD DC . 22.24 -36.09 -6.25
O1 ZGV EC . -4.83 -39.94 -3.63
O2 ZGV EC . -6.02 -41.94 -1.56
O3 ZGV EC . -1.35 -43.31 0.80
C9 ZGV EC . -4.98 -38.15 -2.04
C10 ZGV EC . -4.71 -39.55 -2.45
C11 ZGV EC . -4.97 -41.53 -1.02
C12 ZGV EC . -4.31 -42.24 0.10
C13 ZGV EC . -4.73 -43.37 0.66
C14 ZGV EC . -4.06 -44.05 1.75
C15 ZGV EC . -4.25 -45.19 2.49
C16 ZGV EC . -2.95 -44.95 3.26
C17 ZGV EC . -1.73 -43.08 1.91
N1 ZGV EC . -2.85 -43.69 2.48
N2 ZGV EC . -4.34 -40.39 -1.43
H15 ZGV EC . -4.22 -37.82 -1.36
H17 ZGV EC . -4.03 -41.53 0.86
H18 ZGV EC . -5.81 -43.44 0.74
H19 ZGV EC . -5.11 -45.05 3.13
H21 ZGV EC . -3.11 -44.78 4.32
H20 ZGV EC . -2.16 -45.66 3.03
H16 ZGV EC . -4.17 -39.82 -0.61
C1 MPD FC . -1.27 -59.07 5.97
C2 MPD FC . -0.17 -58.02 5.82
O2 MPD FC . 1.11 -58.65 5.97
CM MPD FC . -0.32 -56.99 6.94
C3 MPD FC . -0.24 -57.38 4.43
C4 MPD FC . 0.28 -55.94 4.38
O4 MPD FC . 1.58 -55.86 4.91
C5 MPD FC . 0.29 -55.42 2.93
H11 MPD FC . -1.69 -59.31 4.99
H12 MPD FC . -2.06 -58.69 6.61
H13 MPD FC . -0.85 -59.98 6.41
HO2 MPD FC . 1.67 -58.48 5.19
HM1 MPD FC . -1.09 -56.27 6.68
HM2 MPD FC . 0.63 -56.48 7.09
HM3 MPD FC . -0.60 -57.50 7.86
H31 MPD FC . -1.28 -57.39 4.09
H32 MPD FC . 0.34 -57.99 3.74
H4 MPD FC . -0.39 -55.30 4.94
HO4 MPD FC . 1.86 -54.93 4.94
H51 MPD FC . 1.15 -54.77 2.80
H52 MPD FC . -0.64 -54.87 2.74
H53 MPD FC . 0.36 -56.26 2.24
C1 MPD GC . -10.95 -67.65 -9.18
C2 MPD GC . -10.86 -67.91 -7.71
O2 MPD GC . -11.54 -66.86 -7.07
CM MPD GC . -11.51 -69.22 -7.38
C3 MPD GC . -9.39 -67.83 -7.36
C4 MPD GC . -9.20 -67.59 -5.90
O4 MPD GC . -9.96 -68.59 -5.29
C5 MPD GC . -7.77 -67.78 -5.51
H11 MPD GC . -11.96 -67.83 -9.52
H12 MPD GC . -10.27 -68.32 -9.70
H13 MPD GC . -10.67 -66.61 -9.38
HO2 MPD GC . -11.44 -66.93 -6.11
HM1 MPD GC . -10.75 -69.94 -7.07
HM2 MPD GC . -12.03 -69.61 -8.26
HM3 MPD GC . -12.23 -69.08 -6.57
H31 MPD GC . -8.90 -68.76 -7.65
H32 MPD GC . -8.93 -67.01 -7.92
H4 MPD GC . -9.54 -66.59 -5.62
HO4 MPD GC . -10.59 -68.18 -4.66
H51 MPD GC . -7.70 -68.63 -4.82
H52 MPD GC . -7.40 -66.89 -5.02
H53 MPD GC . -7.18 -67.98 -6.40
C ACT HC . -29.10 -75.75 -9.43
O ACT HC . -28.71 -75.96 -8.24
OXT ACT HC . -29.71 -76.53 -10.22
CH3 ACT HC . -28.77 -74.34 -9.97
H1 ACT HC . -29.58 -73.91 -10.26
H2 ACT HC . -28.19 -74.42 -10.74
H3 ACT HC . -28.35 -73.80 -9.29
O1 ZGV IC . -13.95 -56.37 -6.99
O2 ZGV IC . -14.79 -58.39 -8.58
O3 ZGV IC . -10.84 -61.94 -9.83
C9 ZGV IC . -12.13 -56.89 -5.52
C10 ZGV IC . -13.11 -57.18 -6.60
C11 ZGV IC . -13.82 -59.01 -8.10
C12 ZGV IC . -13.45 -60.39 -8.49
C13 ZGV IC . -14.08 -61.15 -9.38
C14 ZGV IC . -13.69 -62.50 -9.73
C15 ZGV IC . -14.17 -63.48 -10.56
C16 ZGV IC . -13.03 -64.41 -10.18
C17 ZGV IC . -11.29 -62.81 -9.13
N1 ZGV IC . -12.58 -63.33 -9.26
N2 ZGV IC . -13.00 -58.44 -7.14
H15 ZGV IC . -12.63 -56.36 -4.72
H17 ZGV IC . -13.21 -60.96 -7.61
H18 ZGV IC . -14.27 -60.58 -10.28
H19 ZGV IC . -15.12 -63.86 -10.18
H21 ZGV IC . -13.36 -65.29 -9.66
H20 ZGV IC . -12.33 -64.60 -10.98
H16 ZGV IC . -12.28 -59.03 -6.77
C1 MPD JC . -15.51 -77.71 -16.89
C2 MPD JC . -15.40 -76.20 -16.76
O2 MPD JC . -16.03 -75.80 -15.51
CM MPD JC . -16.12 -75.50 -17.92
C3 MPD JC . -13.92 -75.81 -16.72
C4 MPD JC . -13.70 -74.32 -16.56
O4 MPD JC . -13.42 -74.03 -15.21
C5 MPD JC . -12.53 -73.82 -17.41
H11 MPD JC . -14.66 -78.09 -17.46
H12 MPD JC . -16.45 -77.98 -17.40
H13 MPD JC . -15.50 -78.16 -15.91
HO2 MPD JC . -15.37 -75.41 -14.91
HM1 MPD JC . -15.38 -75.08 -18.60
HM2 MPD JC . -16.74 -74.70 -17.52
HM3 MPD JC . -16.74 -76.21 -18.46
H31 MPD JC . -13.45 -76.16 -17.64
H32 MPD JC . -13.43 -76.34 -15.89
H4 MPD JC . -14.60 -73.78 -16.87
HO4 MPD JC . -13.43 -73.05 -15.08
H51 MPD JC . -11.90 -73.18 -16.80
H52 MPD JC . -12.91 -73.27 -18.27
H53 MPD JC . -11.95 -74.68 -17.75
C1 MPD KC . -24.51 -70.16 -34.28
C2 MPD KC . -23.32 -69.22 -34.05
O2 MPD KC . -23.08 -68.55 -35.32
CM MPD KC . -23.66 -68.14 -33.02
C3 MPD KC . -22.05 -69.97 -33.65
C4 MPD KC . -22.34 -71.09 -32.66
O4 MPD KC . -22.79 -72.25 -33.31
C5 MPD KC . -21.10 -71.47 -31.84
H11 MPD KC . -24.16 -71.07 -34.75
H12 MPD KC . -25.24 -69.67 -34.92
H13 MPD KC . -24.98 -70.41 -33.34
HO2 MPD KC . -22.28 -68.93 -35.74
HM1 MPD KC . -22.89 -68.12 -32.24
HM2 MPD KC . -24.62 -68.34 -32.58
HM3 MPD KC . -23.68 -67.18 -33.54
H31 MPD KC . -21.59 -70.40 -34.54
H32 MPD KC . -21.33 -69.27 -33.22
H4 MPD KC . -23.10 -70.74 -31.96
HO4 MPD KC . -23.24 -72.84 -32.67
H51 MPD KC . -20.96 -72.54 -31.88
H52 MPD KC . -21.24 -71.15 -30.81
H53 MPD KC . -20.22 -70.97 -32.26
O1 ZGV LC . -20.58 -58.95 -26.82
O2 ZGV LC . -22.70 -59.61 -28.73
O3 ZGV LC . -20.75 -64.08 -30.79
C9 ZGV LC . -20.93 -60.62 -25.13
C10 ZGV LC . -20.94 -60.09 -26.52
C11 ZGV LC . -22.22 -60.74 -28.53
C12 ZGV LC . -22.50 -61.91 -29.39
C13 ZGV LC . -23.27 -61.95 -30.48
C14 ZGV LC . -23.49 -63.13 -31.29
C15 ZGV LC . -24.19 -63.43 -32.41
C16 ZGV LC . -23.72 -64.88 -32.38
C17 ZGV LC . -21.68 -64.85 -30.79
N1 ZGV LC . -22.98 -64.49 -31.16
N2 ZGV LC . -21.38 -60.99 -27.47
H15 ZGV LC . -21.30 -59.87 -24.47
H17 ZGV LC . -22.68 -62.78 -28.78
H18 ZGV LC . -24.16 -61.34 -30.39
H19 ZGV LC . -23.76 -62.93 -33.26
H21 ZGV LC . -23.07 -65.11 -33.22
H20 ZGV LC . -24.51 -65.60 -32.21
H16 ZGV LC . -21.54 -61.90 -27.08
C1 MPD MC . -23.58 -64.79 -43.40
C2 MPD MC . -24.17 -66.01 -44.11
O2 MPD MC . -24.76 -66.88 -43.13
CM MPD MC . -23.05 -66.77 -44.82
C3 MPD MC . -25.23 -65.53 -45.10
C4 MPD MC . -25.82 -66.66 -45.93
O4 MPD MC . -27.11 -66.98 -45.45
C5 MPD MC . -25.94 -66.29 -47.41
H11 MPD MC . -24.22 -63.92 -43.55
H12 MPD MC . -22.59 -64.56 -43.80
H13 MPD MC . -23.51 -64.99 -42.33
HO2 MPD MC . -25.73 -66.97 -43.31
HM1 MPD MC . -23.03 -66.51 -45.87
HM2 MPD MC . -23.25 -67.85 -44.73
HM3 MPD MC . -22.10 -66.55 -44.35
H31 MPD MC . -24.79 -64.79 -45.76
H32 MPD MC . -26.03 -65.04 -44.55
H4 MPD MC . -25.19 -67.55 -45.86
HO4 MPD MC . -27.43 -67.81 -45.87
H51 MPD MC . -26.93 -66.57 -47.77
H52 MPD MC . -25.18 -66.84 -47.98
H53 MPD MC . -25.80 -65.22 -47.54
C1 MPD NC . -27.14 -47.45 -51.38
C2 MPD NC . -27.03 -47.73 -52.86
O2 MPD NC . -28.33 -48.05 -53.42
CM MPD NC . -26.54 -46.46 -53.54
C3 MPD NC . -26.03 -48.85 -53.17
C4 MPD NC . -26.56 -50.25 -52.90
O4 MPD NC . -27.71 -50.17 -52.09
C5 MPD NC . -26.91 -51.00 -54.18
H11 MPD NC . -26.75 -48.31 -50.81
H12 MPD NC . -28.19 -47.28 -51.11
H13 MPD NC . -26.55 -46.57 -51.11
HO2 MPD NC . -28.26 -48.83 -54.02
HM1 MPD NC . -25.47 -46.53 -53.70
HM2 MPD NC . -26.77 -45.58 -52.94
HM3 MPD NC . -27.03 -46.36 -54.51
H31 MPD NC . -25.71 -48.76 -54.20
H32 MPD NC . -25.14 -48.69 -52.54
H4 MPD NC . -25.79 -50.82 -52.38
HO4 MPD NC . -27.49 -50.45 -51.17
H51 MPD NC . -26.79 -50.36 -55.06
H52 MPD NC . -27.95 -51.32 -54.13
H53 MPD NC . -26.27 -51.87 -54.23
C6 ZGV OC . -23.00 -50.65 -39.49
O1 ZGV OC . -24.22 -46.54 -40.49
O2 ZGV OC . -25.26 -45.06 -42.41
O3 ZGV OC . -24.35 -47.09 -47.22
C8 ZGV OC . -23.41 -49.29 -39.82
C9 ZGV OC . -23.86 -48.86 -41.00
C10 ZGV OC . -24.27 -47.47 -41.32
C11 ZGV OC . -25.18 -46.09 -43.12
C12 ZGV OC . -25.58 -46.12 -44.54
C13 ZGV OC . -26.06 -45.08 -45.24
C14 ZGV OC . -26.44 -45.11 -46.64
C15 ZGV OC . -26.94 -44.21 -47.54
C16 ZGV OC . -26.91 -45.25 -48.66
C17 ZGV OC . -25.45 -47.19 -47.70
N1 ZGV OC . -26.41 -46.19 -47.63
N2 ZGV OC . -24.71 -47.27 -42.61
H14 ZGV OC . -22.67 -48.59 -39.46
H15 ZGV OC . -24.61 -49.55 -41.37
H17 ZGV OC . -24.85 -46.67 -45.11
H18 ZGV OC . -26.68 -44.42 -44.65
H19 ZGV OC . -27.95 -43.94 -47.30
H21 ZGV OC . -26.16 -45.01 -49.42
H20 ZGV OC . -27.89 -45.51 -49.05
H16 ZGV OC . -24.71 -48.06 -43.22
C1 MPD PC . -19.00 -18.30 -50.81
C2 MPD PC . -19.28 -19.65 -50.16
O2 MPD PC . -18.09 -20.07 -49.45
CM MPD PC . -20.38 -19.45 -49.13
C3 MPD PC . -19.70 -20.74 -51.14
C4 MPD PC . -19.22 -20.61 -52.58
O4 MPD PC . -19.37 -21.88 -53.20
C5 MPD PC . -20.02 -19.59 -53.39
H11 MPD PC . -18.30 -18.40 -51.64
H12 MPD PC . -18.58 -17.63 -50.06
H13 MPD PC . -19.93 -17.88 -51.17
HO2 MPD PC . -17.75 -20.91 -49.82
HM1 MPD PC . -21.32 -19.25 -49.63
HM2 MPD PC . -20.13 -18.62 -48.48
HM3 MPD PC . -20.49 -20.35 -48.53
H31 MPD PC . -19.32 -21.69 -50.77
H32 MPD PC . -20.78 -20.84 -51.14
H4 MPD PC . -18.17 -20.31 -52.59
HO4 MPD PC . -18.74 -22.51 -52.80
H51 MPD PC . -21.08 -19.70 -53.15
H52 MPD PC . -19.89 -19.82 -54.46
H53 MPD PC . -19.69 -18.58 -53.21
O1 ZGV QC . -19.63 -28.51 -40.92
O2 ZGV QC . -19.80 -25.66 -41.01
O3 ZGV QC . -18.58 -24.55 -45.88
C9 ZGV QC . -21.20 -29.36 -42.51
C10 ZGV QC . -20.29 -28.34 -41.95
C11 ZGV QC . -19.98 -25.89 -42.21
C12 ZGV QC . -19.95 -24.85 -43.25
C13 ZGV QC . -19.74 -23.54 -43.06
C14 ZGV QC . -19.70 -22.54 -44.13
C15 ZGV QC . -19.48 -21.19 -44.20
C16 ZGV QC . -19.64 -21.21 -45.72
C17 ZGV QC . -19.33 -23.70 -46.32
N1 ZGV QC . -19.89 -22.66 -45.57
N2 ZGV QC . -20.22 -27.18 -42.68
H15 ZGV QC . -21.76 -29.82 -41.69
H17 ZGV QC . -20.77 -24.98 -43.94
H18 ZGV QC . -18.89 -23.40 -42.41
H19 ZGV QC . -20.30 -20.66 -43.73
H21 ZGV QC . -20.52 -20.67 -46.05
H20 ZGV QC . -18.74 -20.97 -46.26
H16 ZGV QC . -20.76 -27.19 -43.53
C1 MPD RC . -24.64 -6.99 2.39
C2 MPD RC . -23.28 -6.62 2.90
O2 MPD RC . -22.58 -7.82 2.97
CM MPD RC . -22.66 -5.69 1.90
C3 MPD RC . -23.31 -5.92 4.24
C4 MPD RC . -23.75 -6.84 5.33
O4 MPD RC . -23.25 -8.13 5.05
C5 MPD RC . -23.18 -6.38 6.64
H11 MPD RC . -25.41 -6.40 2.89
H12 MPD RC . -24.82 -8.05 2.61
H13 MPD RC . -24.70 -6.84 1.31
HO2 MPD RC . -22.08 -7.88 3.81
HM1 MPD RC . -22.05 -4.94 2.41
HM2 MPD RC . -23.43 -5.17 1.34
HM3 MPD RC . -22.03 -6.26 1.22
H31 MPD RC . -22.31 -5.54 4.45
H32 MPD RC . -23.98 -5.06 4.19
H4 MPD RC . -24.83 -6.85 5.40
HO4 MPD RC . -23.59 -8.77 5.73
H51 MPD RC . -22.64 -7.22 7.09
H52 MPD RC . -22.50 -5.55 6.50
H53 MPD RC . -23.98 -6.09 7.31
O3 ZGV SC . -23.93 -13.26 0.81
C13 ZGV SC . -23.88 -12.90 -2.25
C14 ZGV SC . -23.84 -11.63 -1.55
C15 ZGV SC . -23.37 -10.37 -1.81
C16 ZGV SC . -23.83 -9.89 -0.44
C17 ZGV SC . -24.25 -12.09 0.88
N1 ZGV SC . -24.36 -11.26 -0.24
H18 ZGV SC . -24.21 -12.74 -3.27
H19 ZGV SC . -22.29 -10.39 -1.86
H21 ZGV SC . -23.02 -9.64 0.24
H20 ZGV SC . -24.60 -9.14 -0.47
C1 MPD TC . -21.96 -18.98 19.95
C2 MPD TC . -21.42 -19.06 18.52
O2 MPD TC . -21.32 -17.70 18.06
CM MPD TC . -20.01 -19.64 18.56
C3 MPD TC . -22.27 -19.86 17.55
C4 MPD TC . -23.31 -20.79 18.16
O4 MPD TC . -24.15 -21.27 17.12
C5 MPD TC . -22.69 -22.01 18.83
H11 MPD TC . -22.17 -19.97 20.35
H12 MPD TC . -22.87 -18.39 19.96
H13 MPD TC . -21.22 -18.50 20.59
HO2 MPD TC . -21.67 -17.62 17.14
HM1 MPD TC . -20.00 -20.65 18.15
HM2 MPD TC . -19.35 -19.00 17.97
HM3 MPD TC . -19.66 -19.67 19.59
H31 MPD TC . -22.81 -19.17 16.90
H32 MPD TC . -21.62 -20.46 16.89
H4 MPD TC . -23.91 -20.25 18.89
HO4 MPD TC . -25.02 -20.82 17.18
H51 MPD TC . -21.68 -21.78 19.17
H52 MPD TC . -22.63 -22.82 18.10
H53 MPD TC . -23.32 -22.32 19.66
C1 MPD UC . -21.33 -31.88 16.43
C2 MPD UC . -22.51 -31.93 17.39
O2 MPD UC . -22.03 -31.43 18.66
CM MPD UC . -23.61 -31.01 16.90
C3 MPD UC . -23.05 -33.35 17.52
C4 MPD UC . -22.92 -33.93 18.93
O4 MPD UC . -22.66 -32.89 19.85
C5 MPD UC . -24.18 -34.68 19.35
H11 MPD UC . -21.27 -32.79 15.84
H12 MPD UC . -20.41 -31.77 17.01
H13 MPD UC . -21.43 -31.03 15.77
HO2 MPD UC . -21.43 -32.08 19.09
HM1 MPD UC . -24.15 -31.50 16.08
HM2 MPD UC . -23.20 -30.07 16.55
HM3 MPD UC . -24.31 -30.82 17.71
H31 MPD UC . -24.11 -33.35 17.26
H32 MPD UC . -22.56 -34.02 16.82
H4 MPD UC . -22.08 -34.63 18.94
HO4 MPD UC . -23.44 -32.30 19.91
H51 MPD UC . -24.60 -35.19 18.49
H52 MPD UC . -24.90 -33.97 19.75
H53 MPD UC . -23.92 -35.41 20.12
C1 ZGV VC . -30.35 -42.40 2.71
C2 ZGV VC . -30.32 -41.85 4.14
C3 ZGV VC . -29.68 -40.50 4.19
C4 ZGV VC . -28.64 -40.18 4.97
C5 ZGV VC . -28.04 -38.88 5.00
C6 ZGV VC . -27.00 -38.45 5.76
C7 ZGV VC . -26.27 -39.35 6.72
O1 ZGV VC . -25.76 -34.25 5.50
O2 ZGV VC . -23.20 -33.44 7.03
O3 ZGV VC . -24.39 -34.51 11.68
O5 ZGV VC . -31.67 -41.76 4.61
C8 ZGV VC . -26.62 -37.06 5.70
C9 ZGV VC . -26.07 -36.32 6.67
C10 ZGV VC . -25.69 -34.90 6.56
C11 ZGV VC . -24.04 -33.63 7.93
C12 ZGV VC . -23.86 -33.18 9.31
C13 ZGV VC . -22.89 -32.45 9.87
C14 ZGV VC . -22.85 -32.07 11.27
C15 ZGV VC . -22.05 -31.29 12.06
C16 ZGV VC . -22.90 -31.61 13.28
C17 ZGV VC . -24.22 -33.71 12.56
C18 ZGV VC . -28.99 -42.39 2.04
N1 ZGV VC . -23.75 -32.41 12.37
N2 ZGV VC . -25.20 -34.35 7.72
H5 ZGV VC . -30.72 -43.42 2.74
H4 ZGV VC . -31.03 -41.81 2.12
H6 ZGV VC . -29.77 -42.54 4.77
H8 ZGV VC . -29.58 -40.05 3.20
H9 ZGV VC . -28.83 -40.51 5.97
H10 ZGV VC . -27.91 -38.51 3.98
H12 ZGV VC . -25.31 -38.91 6.95
H11 ZGV VC . -26.85 -39.46 7.63
H13 ZGV VC . -26.12 -40.32 6.26
H7 ZGV VC . -32.16 -42.51 4.33
H14 ZGV VC . -26.22 -36.79 4.73
H15 ZGV VC . -26.63 -36.47 7.60
H17 ZGV VC . -24.79 -33.06 9.84
H18 ZGV VC . -21.90 -32.69 9.48
H19 ZGV VC . -22.18 -30.26 11.79
H21 ZGV VC . -22.38 -32.22 14.02
H20 ZGV VC . -23.41 -30.75 13.70
H24 ZGV VC . -28.68 -41.37 1.82
H3 ZGV VC . -29.05 -42.96 1.11
H25 ZGV VC . -28.26 -42.87 2.69
H16 ZGV VC . -25.34 -34.98 8.49
C1 MPD WC . -31.36 -57.55 9.28
C2 MPD WC . -32.57 -58.21 9.93
O2 MPD WC . -32.17 -59.56 10.30
CM MPD WC . -32.95 -57.48 11.21
C3 MPD WC . -33.74 -58.22 8.94
C4 MPD WC . -34.15 -59.64 8.51
O4 MPD WC . -32.98 -60.33 8.15
C5 MPD WC . -34.87 -60.36 9.64
H11 MPD WC . -31.68 -56.68 8.72
H12 MPD WC . -30.87 -58.25 8.61
H13 MPD WC . -30.65 -57.25 10.05
HO2 MPD WC . -32.06 -60.12 9.50
HM1 MPD WC . -33.84 -56.86 11.06
HM2 MPD WC . -32.12 -56.84 11.53
HM3 MPD WC . -33.16 -58.21 11.98
H31 MPD WC . -33.47 -57.66 8.05
H32 MPD WC . -34.61 -57.74 9.38
H4 MPD WC . -34.82 -59.57 7.65
HO4 MPD WC . -32.44 -59.78 7.55
H51 MPD WC . -34.33 -61.26 9.90
H52 MPD WC . -34.92 -59.71 10.52
H53 MPD WC . -35.88 -60.60 9.32
C ACT XC . -13.59 -55.94 15.35
O ACT XC . -14.04 -54.91 14.75
OXT ACT XC . -13.34 -57.09 14.89
CH3 ACT XC . -13.31 -55.78 16.86
H1 ACT XC . -13.85 -56.39 17.36
H2 ACT XC . -13.54 -54.89 17.15
H3 ACT XC . -12.37 -55.95 17.06
O2 ZGV YC . -29.68 -51.55 1.36
O3 ZGV YC . -33.20 -54.63 3.67
C11 ZGV YC . -30.43 -52.55 1.35
C12 ZGV YC . -30.74 -53.33 2.56
C13 ZGV YC . -30.28 -53.11 3.78
C14 ZGV YC . -30.60 -53.91 4.96
C15 ZGV YC . -30.23 -53.92 6.27
C16 ZGV YC . -31.13 -55.10 6.58
C17 ZGV YC . -32.73 -55.30 4.55
N1 ZGV YC . -31.48 -55.06 5.13
N2 ZGV YC . -31.05 -52.98 0.20
H17 ZGV YC . -31.82 -53.45 2.60
H18 ZGV YC . -29.25 -52.75 3.80
H19 ZGV YC . -30.60 -53.03 6.75
H21 ZGV YC . -31.96 -54.82 7.22
H20 ZGV YC . -30.61 -56.00 6.87
H16 ZGV YC . -30.89 -52.50 -0.66
C1 MPD ZC . -44.88 -64.48 -16.21
C2 MPD ZC . -45.79 -65.60 -15.73
O2 MPD ZC . -45.44 -66.83 -16.41
CM MPD ZC . -45.56 -65.84 -14.24
C3 MPD ZC . -47.27 -65.29 -16.00
C4 MPD ZC . -47.68 -65.44 -17.46
O4 MPD ZC . -46.52 -65.63 -18.25
C5 MPD ZC . -48.66 -66.60 -17.66
H11 MPD ZC . -45.46 -63.74 -16.77
H12 MPD ZC . -44.09 -64.88 -16.85
H13 MPD ZC . -44.43 -64.00 -15.34
HO2 MPD ZC . -46.25 -67.29 -16.70
HM1 MPD ZC . -46.39 -66.44 -13.84
HM2 MPD ZC . -45.53 -64.89 -13.71
HM3 MPD ZC . -44.63 -66.38 -14.10
H31 MPD ZC . -47.88 -65.92 -15.36
H32 MPD ZC . -47.46 -64.26 -15.69
H4 MPD ZC . -48.18 -64.52 -17.77
HO4 MPD ZC . -46.17 -64.76 -18.51
H51 MPD ZC . -48.20 -67.35 -18.29
H52 MPD ZC . -49.55 -66.22 -18.15
H53 MPD ZC . -48.93 -67.04 -16.71
C5 ZGV AD . -41.86 -52.24 -21.64
C6 ZGV AD . -42.12 -53.41 -21.02
C7 ZGV AD . -42.64 -54.61 -21.73
O1 ZGV AD . -41.41 -53.85 -16.63
O2 ZGV AD . -39.93 -56.44 -15.82
O3 ZGV AD . -42.93 -60.19 -17.67
C8 ZGV AD . -41.86 -53.52 -19.59
C9 ZGV AD . -41.97 -54.62 -18.84
C10 ZGV AD . -41.73 -54.78 -17.38
C11 ZGV AD . -41.04 -56.84 -16.20
C12 ZGV AD . -41.55 -58.20 -15.92
C13 ZGV AD . -40.99 -59.21 -15.27
C14 ZGV AD . -41.61 -60.51 -15.08
C15 ZGV AD . -41.30 -61.69 -14.48
C16 ZGV AD . -42.58 -62.32 -14.96
C17 ZGV AD . -43.52 -60.69 -16.75
N1 ZGV AD . -42.92 -60.99 -15.51
N2 ZGV AD . -41.91 -56.07 -16.92
H10 ZGV AD . -40.88 -51.89 -21.37
H12 ZGV AD . -43.62 -54.39 -22.14
H11 ZGV AD . -42.73 -55.48 -21.07
H13 ZGV AD . -41.97 -54.86 -22.54
H14 ZGV AD . -42.27 -52.66 -19.06
H15 ZGV AD . -41.48 -55.43 -19.35
H17 ZGV AD . -41.94 -58.55 -16.85
H18 ZGV AD . -40.59 -58.86 -14.32
H19 ZGV AD . -40.44 -62.12 -14.98
H21 ZGV AD . -43.24 -62.63 -14.16
H20 ZGV AD . -42.43 -63.07 -15.74
H16 ZGV AD . -42.27 -56.61 -17.68
C1 MPD BD . -54.32 -56.27 -32.40
C2 MPD BD . -54.60 -57.77 -32.34
O2 MPD BD . -54.04 -58.26 -31.08
CM MPD BD . -56.10 -58.02 -32.34
C3 MPD BD . -53.95 -58.49 -33.52
C4 MPD BD . -53.70 -59.96 -33.20
O4 MPD BD . -54.17 -60.24 -31.90
C5 MPD BD . -54.41 -60.87 -34.20
H11 MPD BD . -53.69 -56.04 -33.25
H12 MPD BD . -53.83 -55.95 -31.48
H13 MPD BD . -55.26 -55.73 -32.50
HO2 MPD BD . -53.16 -58.65 -31.24
HM1 MPD BD . -56.49 -57.97 -33.36
HM2 MPD BD . -56.59 -57.29 -31.71
HM3 MPD BD . -56.30 -59.02 -31.94
H31 MPD BD . -54.58 -58.38 -34.40
H32 MPD BD . -53.00 -58.02 -33.74
H4 MPD BD . -52.63 -60.16 -33.26
HO4 MPD BD . -54.18 -61.21 -31.76
H51 MPD BD . -55.31 -61.29 -33.73
H52 MPD BD . -53.74 -61.68 -34.48
H53 MPD BD . -54.69 -60.32 -35.10
C1 MPD CD . -50.80 -47.22 -38.34
C2 MPD CD . -51.90 -48.24 -38.60
O2 MPD CD . -51.77 -48.75 -39.94
CM MPD CD . -51.73 -49.43 -37.65
C3 MPD CD . -53.27 -47.61 -38.37
C4 MPD CD . -53.85 -46.79 -39.51
O4 MPD CD . -52.88 -45.94 -40.09
C5 MPD CD . -54.47 -47.66 -40.60
H11 MPD CD . -51.02 -46.29 -38.83
H12 MPD CD . -49.84 -47.61 -38.70
H13 MPD CD . -50.74 -47.06 -37.27
HO2 MPD CD . -50.83 -48.88 -40.15
HM1 MPD CD . -52.53 -49.44 -36.91
HM2 MPD CD . -51.75 -50.36 -38.22
HM3 MPD CD . -50.78 -49.35 -37.14
H31 MPD CD . -53.98 -48.40 -38.13
H32 MPD CD . -53.21 -46.97 -37.49
H4 MPD CD . -54.64 -46.16 -39.10
HO4 MPD CD . -52.83 -45.11 -39.57
H51 MPD CD . -53.89 -47.56 -41.52
H52 MPD CD . -55.48 -47.32 -40.79
H53 MPD CD . -54.48 -48.70 -40.28
C1 MPD DD . -52.35 -30.05 -47.35
C2 MPD DD . -53.31 -30.80 -46.41
O2 MPD DD . -54.66 -30.39 -46.76
CM MPD DD . -53.16 -32.30 -46.67
C3 MPD DD . -53.05 -30.51 -44.94
C4 MPD DD . -53.26 -29.07 -44.49
O4 MPD DD . -54.62 -28.78 -44.31
C5 MPD DD . -52.51 -28.81 -43.18
H11 MPD DD . -51.67 -29.45 -46.75
H12 MPD DD . -52.92 -29.41 -48.01
H13 MPD DD . -51.76 -30.75 -47.93
HO2 MPD DD . -55.12 -30.08 -45.95
HM1 MPD DD . -52.44 -32.71 -45.95
HM2 MPD DD . -52.82 -32.49 -47.69
HM3 MPD DD . -54.13 -32.77 -46.52
H31 MPD DD . -53.71 -31.15 -44.35
H32 MPD DD . -52.03 -30.81 -44.70
H4 MPD DD . -52.86 -28.40 -45.26
HO4 MPD DD . -55.00 -29.43 -43.67
H51 MPD DD . -53.20 -28.36 -42.46
H52 MPD DD . -51.69 -28.12 -43.37
H53 MPD DD . -52.13 -29.74 -42.78
C ACT ED . -41.87 -65.30 -40.61
O ACT ED . -41.01 -64.38 -40.52
OXT ACT ED . -42.37 -66.01 -39.69
CH3 ACT ED . -42.37 -65.65 -42.03
H1 ACT ED . -43.35 -65.53 -42.07
H2 ACT ED . -41.99 -65.05 -42.68
H3 ACT ED . -42.17 -66.57 -42.28
O3 ZGV FD . -48.50 -44.64 -34.51
C13 ZGV FD . -46.11 -46.63 -33.93
C14 ZGV FD . -47.21 -47.26 -34.63
C15 ZGV FD . -47.73 -48.50 -34.74
C16 ZGV FD . -48.85 -48.01 -35.65
C17 ZGV FD . -48.75 -45.41 -35.41
N1 ZGV FD . -48.19 -46.68 -35.56
H18 ZGV FD . -46.11 -46.97 -32.89
H19 ZGV FD . -47.06 -49.16 -35.28
H21 ZGV FD . -48.80 -48.43 -36.65
H20 ZGV FD . -49.83 -48.03 -35.21
C1 MPD GD . -47.12 -20.88 -41.08
C2 MPD GD . -46.43 -19.87 -41.98
O2 MPD GD . -45.28 -20.57 -42.55
CM MPD GD . -47.32 -19.52 -43.16
C3 MPD GD . -45.92 -18.70 -41.14
C4 MPD GD . -46.64 -17.36 -41.24
O4 MPD GD . -46.38 -16.71 -42.47
C5 MPD GD . -48.15 -17.46 -41.02
H11 MPD GD . -46.60 -20.96 -40.13
H12 MPD GD . -47.13 -21.85 -41.56
H13 MPD GD . -48.15 -20.56 -40.90
HO2 MPD GD . -44.45 -20.26 -42.12
HM1 MPD GD . -47.02 -20.13 -44.02
HM2 MPD GD . -47.21 -18.48 -43.46
HM3 MPD GD . -48.36 -19.73 -42.93
H31 MPD GD . -45.95 -19.01 -40.09
H32 MPD GD . -44.87 -18.53 -41.36
H4 MPD GD . -46.25 -16.74 -40.43
HO4 MPD GD . -45.67 -17.20 -42.94
H51 MPD GD . -48.53 -16.49 -40.73
H52 MPD GD . -48.35 -18.20 -40.24
H53 MPD GD . -48.65 -17.76 -41.94
O3 ZGV HD . -44.53 -21.77 -36.49
C13 ZGV HD . -42.24 -23.92 -37.42
C14 ZGV HD . -43.30 -23.61 -38.38
C15 ZGV HD . -44.01 -24.29 -39.32
C16 ZGV HD . -44.80 -23.02 -39.65
C17 ZGV HD . -44.34 -21.46 -37.63
N1 ZGV HD . -43.96 -22.35 -38.64
H18 ZGV HD . -42.49 -24.84 -36.90
H19 ZGV HD . -44.65 -25.00 -38.83
H21 ZGV HD . -44.64 -22.67 -40.66
H20 ZGV HD . -45.85 -23.08 -39.37
C1 MPD ID . -42.63 -3.08 -31.09
C2 MPD ID . -41.47 -3.14 -32.08
O2 MPD ID . -41.09 -4.52 -32.26
CM MPD ID . -40.28 -2.37 -31.50
C3 MPD ID . -41.92 -2.54 -33.41
C4 MPD ID . -40.88 -2.77 -34.50
O4 MPD ID . -41.36 -3.77 -35.38
C5 MPD ID . -40.57 -1.50 -35.29
H11 MPD ID . -43.53 -2.76 -31.63
H12 MPD ID . -42.43 -2.36 -30.30
H13 MPD ID . -42.79 -4.07 -30.66
HO2 MPD ID . -41.33 -4.82 -33.16
HM1 MPD ID . -40.21 -1.40 -32.00
HM2 MPD ID . -39.37 -2.94 -31.70
HM3 MPD ID . -40.38 -2.23 -30.43
H31 MPD ID . -42.10 -1.48 -33.28
H32 MPD ID . -42.86 -3.00 -33.72
H4 MPD ID . -39.96 -3.11 -34.04
HO4 MPD ID . -40.67 -4.44 -35.53
H51 MPD ID . -40.59 -1.72 -36.35
H52 MPD ID . -39.58 -1.14 -35.02
H53 MPD ID . -41.31 -0.73 -35.07
C1 MPD JD . -35.13 -2.55 -24.06
C2 MPD JD . -34.23 -1.37 -23.66
O2 MPD JD . -33.03 -1.92 -23.05
CM MPD JD . -33.79 -0.65 -24.94
C3 MPD JD . -34.98 -0.42 -22.74
C4 MPD JD . -34.16 0.01 -21.51
O4 MPD JD . -32.91 -0.65 -21.50
C5 MPD JD . -33.93 1.52 -21.49
H11 MPD JD . -36.16 -2.21 -24.10
H12 MPD JD . -35.05 -3.34 -23.30
H13 MPD JD . -34.82 -2.95 -25.02
HO2 MPD JD . -32.41 -1.18 -22.86
HM1 MPD JD . -33.76 0.43 -24.76
HM2 MPD JD . -34.50 -0.86 -25.73
HM3 MPD JD . -32.80 -1.01 -25.23
H31 MPD JD . -35.30 0.45 -23.31
H32 MPD JD . -35.88 -0.91 -22.40
H4 MPD JD . -34.72 -0.26 -20.62
HO4 MPD JD . -33.03 -1.57 -21.18
H51 MPD JD . -32.94 1.73 -21.86
H52 MPD JD . -34.03 1.87 -20.47
H53 MPD JD . -34.67 2.03 -22.12
C1 MPD KD . -29.22 -0.98 -4.33
C2 MPD KD . -28.31 0.23 -4.18
O2 MPD KD . -29.05 1.23 -3.45
CM MPD KD . -27.08 -0.12 -3.36
C3 MPD KD . -27.92 0.78 -5.56
C4 MPD KD . -27.61 2.28 -5.56
O4 MPD KD . -26.44 2.51 -4.80
C5 MPD KD . -27.38 2.76 -6.99
H11 MPD KD . -29.83 -0.87 -5.22
H12 MPD KD . -29.86 -1.06 -3.45
H13 MPD KD . -28.62 -1.88 -4.42
HO2 MPD KD . -29.63 1.74 -4.05
HM1 MPD KD . -26.18 0.10 -3.93
HM2 MPD KD . -27.09 -1.18 -3.10
HM3 MPD KD . -27.07 0.48 -2.44
H31 MPD KD . -27.06 0.24 -5.93
H32 MPD KD . -28.75 0.61 -6.26
H4 MPD KD . -28.44 2.83 -5.14
HO4 MPD KD . -26.15 3.43 -4.92
H51 MPD KD . -26.32 2.96 -7.14
H52 MPD KD . -27.93 3.70 -7.13
H53 MPD KD . -27.72 2.01 -7.69
O2 ZGV LD . -30.98 -11.66 -21.98
O3 ZGV LD . -33.39 -7.36 -20.60
C11 ZGV LD . -30.99 -10.62 -21.28
C12 ZGV LD . -31.57 -9.34 -21.76
C13 ZGV LD . -32.12 -9.12 -22.95
C14 ZGV LD . -32.67 -7.84 -23.38
C15 ZGV LD . -33.25 -7.35 -24.51
C16 ZGV LD . -33.48 -5.99 -23.85
C17 ZGV LD . -33.14 -6.43 -21.32
N1 ZGV LD . -32.79 -6.56 -22.67
N2 ZGV LD . -30.49 -10.59 -20.00
H17 ZGV LD . -30.91 -8.53 -21.49
H18 ZGV LD . -32.80 -9.91 -23.20
H19 ZGV LD . -34.20 -7.83 -24.66
H21 ZGV LD . -32.92 -5.20 -24.34
H20 ZGV LD . -34.52 -5.75 -23.67
H16 ZGV LD . -30.52 -9.74 -19.48
#